data_4MHJ
#
_entry.id   4MHJ
#
_cell.length_a   199.552
_cell.length_b   199.552
_cell.length_c   466.886
_cell.angle_alpha   90.00
_cell.angle_beta   90.00
_cell.angle_gamma   120.00
#
_symmetry.space_group_name_H-M   'P 31 2 1'
#
loop_
_entity.id
_entity.type
_entity.pdbx_description
1 polymer 'Hemagglutinin HA1 chain'
2 polymer 'Hemagglutinin HA2 chain'
3 polymer 'H5M9 antibody, light chain (kappa)'
4 polymer 'H5M9 antibody, heavy chain (IgG1)'
5 branched alpha-D-mannopyranose-(1-4)-2-acetamido-2-deoxy-beta-D-glucopyranose-(1-4)-2-acetamido-2-deoxy-beta-D-glucopyranose
6 branched alpha-D-mannopyranose-(1-2)-alpha-D-mannopyranose-(1-3)-[alpha-D-mannopyranose-(1-2)-alpha-D-mannopyranose-(1-6)]alpha-D-mannopyranose-(1-6)-beta-D-mannopyranose-(1-4)-2-acetamido-2-deoxy-beta-D-glucopyranose-(1-4)-2-acetamido-2-deoxy-beta-D-glucopyranose
7 branched 2-acetamido-2-deoxy-beta-D-glucopyranose-(1-4)-2-acetamido-2-deoxy-beta-D-glucopyranose
8 branched beta-D-mannopyranose-(1-4)-2-acetamido-2-deoxy-beta-D-glucopyranose-(1-4)-2-acetamido-2-deoxy-beta-D-glucopyranose
9 branched alpha-D-mannopyranose-(1-3)-beta-D-mannopyranose-(1-4)-2-acetamido-2-deoxy-beta-D-glucopyranose-(1-4)-2-acetamido-2-deoxy-beta-D-glucopyranose
10 non-polymer 2-acetamido-2-deoxy-beta-D-glucopyranose
#
loop_
_entity_poly.entity_id
_entity_poly.type
_entity_poly.pdbx_seq_one_letter_code
_entity_poly.pdbx_strand_id
1 'polypeptide(L)'
;ADPGDQICIGYHANNSTEQVDTIMEKNVTVTHAQDILEKTHNGKLCDLNGVKPLILRDCSVAGWLLGNPMCDEFINVPEW
SYIVEKASPANDLCYPGDFNDYEELKHLLSRTNHFEKIQIIPKSSWSNHDASSGVSSACPYHGRSSFFRNVVWLIKKNSA
YPTIKRSYNNTNQEDLLVLWGIHHPNDAAEQTKLYQNPTTYISVGTSTLNQRLVPEIATRPKVNGQSGRMEFFWTILKPN
DAINFESNGNFIAPEYAYKIVKKGDSAIMKSELEYGNCNTKCQTPMGAINSSMPFHNIHPLTIGECPKYVKSNRLVLATG
LRNTPQRERRRKKR
;
A,C,G,M,O,S
2 'polypeptide(L)'
;GLFGAIAGFIEGGWQGMVDGWYGYHHSNEQGSGYAADKESTQKAIDGVTNKVNSIIDKMNTQFEAVGREFNNLERRIENL
NKQMEDGFLDVWTYNAELLVLMENERTLDFHDSNVKNLYDKVRLQLRDNAKELGNGCFEFYHKCDNECMESVKNGTYDYP
QYSEEARLNREEISGSGRLVPR
;
B,D,N,P,I,U
3 'polypeptide(L)'
;DIVLTQSPGSLTVSLGQRATISCRASESVDNFGKSFMHWYQQKPGQSPKLLIYRASNREFGIPARFNGSGSGTDFALTIN
PVEADDVATYFCQQSNEDPRTFGGGTKLEIKRADAAPTVSIFPPSSEQLTSGGASVVCFLNNFYPKDINVKWKIDGSERQ
NGVLNSWTDQDSKDSTYSMSSTLTLTKDEYERHNSYTCEATHKTSTSPIVKSFNRNEC
;
L,E,J,X,Q,V
4 'polypeptide(L)'
;EVHLQQSGPELVKPGASVKMSCKTSGYTFTEYTIHWMKQSHGKSLEWIGGIFPNNGDTTYNQKFKVRATLTVGRSSSTAY
MDLRSLTSEDSAVYYCVRNYGSSYGYFDVWGAGTTVTVSSAKTTPPSVYPLAPGSAAQTNSMVTLGCLVKGYFPEPVTVT
WNSGSLSSGVHTFPAVLQSDLYTLSSSVTVPSSTWPSETVTCNVAHPASSTKVDKKIVPRDC
;
H,F,K,T,R,W
#
# COMPACT_ATOMS: atom_id res chain seq x y z
N PRO A 3 -15.37 -6.99 87.12
CA PRO A 3 -16.12 -7.85 88.03
C PRO A 3 -15.83 -9.32 87.76
N GLY A 4 -15.47 -9.65 86.52
CA GLY A 4 -15.34 -11.06 86.13
C GLY A 4 -13.93 -11.47 85.62
N ASP A 5 -13.62 -12.76 85.74
CA ASP A 5 -12.36 -13.29 85.28
C ASP A 5 -12.23 -13.11 83.77
N GLN A 6 -11.04 -12.75 83.33
CA GLN A 6 -10.86 -12.57 81.89
C GLN A 6 -9.50 -13.04 81.35
N ILE A 7 -9.49 -13.38 80.07
CA ILE A 7 -8.25 -13.74 79.42
C ILE A 7 -8.06 -12.89 78.17
N CYS A 8 -6.82 -12.46 77.95
CA CYS A 8 -6.53 -11.57 76.83
C CYS A 8 -5.50 -12.16 75.87
N ILE A 9 -5.72 -11.95 74.57
CA ILE A 9 -4.75 -12.35 73.57
C ILE A 9 -4.01 -11.10 73.17
N GLY A 10 -2.69 -11.20 73.11
CA GLY A 10 -1.88 -10.06 72.75
C GLY A 10 -0.52 -10.44 72.22
N TYR A 11 0.28 -9.44 71.89
CA TYR A 11 1.55 -9.71 71.24
C TYR A 11 2.71 -8.88 71.81
N HIS A 12 3.94 -9.34 71.57
CA HIS A 12 5.15 -8.75 72.14
C HIS A 12 5.43 -7.30 71.71
N ALA A 13 6.08 -6.58 72.61
CA ALA A 13 6.53 -5.23 72.30
C ALA A 13 7.76 -4.94 73.14
N ASN A 14 8.65 -4.08 72.63
CA ASN A 14 9.86 -3.72 73.36
C ASN A 14 10.38 -2.33 73.01
N ASN A 15 11.55 -2.00 73.53
CA ASN A 15 12.16 -0.69 73.39
C ASN A 15 13.03 -0.54 72.10
N SER A 16 12.77 -1.40 71.13
CA SER A 16 13.49 -1.40 69.87
C SER A 16 13.20 -0.20 68.98
N THR A 17 14.21 0.26 68.27
CA THR A 17 14.05 1.43 67.42
C THR A 17 14.38 1.00 66.00
N GLU A 18 14.75 -0.26 65.85
CA GLU A 18 15.08 -0.83 64.56
C GLU A 18 13.89 -0.67 63.61
N GLN A 19 14.18 -0.14 62.43
CA GLN A 19 13.18 0.12 61.39
C GLN A 19 13.43 -0.77 60.17
N VAL A 20 12.40 -0.97 59.36
CA VAL A 20 12.45 -1.92 58.28
C VAL A 20 11.58 -1.36 57.15
N ASP A 21 11.83 -1.74 55.89
CA ASP A 21 11.01 -1.20 54.80
C ASP A 21 10.15 -2.25 54.08
N THR A 22 9.03 -1.80 53.52
CA THR A 22 8.15 -2.69 52.75
C THR A 22 7.64 -1.98 51.53
N ILE A 23 6.83 -2.67 50.74
CA ILE A 23 6.28 -2.08 49.53
C ILE A 23 5.38 -0.89 49.81
N MET A 24 4.48 -1.07 50.78
CA MET A 24 3.48 -0.06 51.05
C MET A 24 3.96 0.95 52.10
N GLU A 25 4.94 0.57 52.92
CA GLU A 25 5.34 1.46 54.01
C GLU A 25 6.86 1.51 54.24
N LYS A 26 7.36 2.69 54.58
CA LYS A 26 8.79 2.85 54.88
C LYS A 26 9.03 3.25 56.34
N ASN A 27 10.20 2.88 56.87
CA ASN A 27 10.56 3.17 58.25
C ASN A 27 9.54 2.62 59.26
N VAL A 28 9.40 1.30 59.24
CA VAL A 28 8.47 0.62 60.14
C VAL A 28 9.25 0.10 61.33
N THR A 29 9.01 0.69 62.48
CA THR A 29 9.67 0.24 63.68
C THR A 29 9.13 -1.12 64.00
N VAL A 30 10.03 -1.98 64.39
CA VAL A 30 9.77 -3.40 64.42
C VAL A 30 10.45 -3.92 65.69
N THR A 31 10.02 -5.07 66.21
CA THR A 31 10.61 -5.52 67.48
C THR A 31 11.97 -6.18 67.30
N HIS A 32 12.15 -6.86 66.18
CA HIS A 32 13.39 -7.58 65.89
C HIS A 32 13.70 -7.56 64.41
N ALA A 33 14.92 -7.23 64.05
CA ALA A 33 15.28 -7.23 62.64
C ALA A 33 16.69 -7.79 62.41
N GLN A 34 16.97 -8.29 61.22
CA GLN A 34 18.31 -8.80 60.92
C GLN A 34 18.97 -8.04 59.77
N ASP A 35 20.11 -7.41 60.06
CA ASP A 35 20.87 -6.74 59.01
C ASP A 35 21.59 -7.81 58.20
N ILE A 36 21.50 -7.72 56.88
CA ILE A 36 22.13 -8.72 56.04
C ILE A 36 23.11 -8.15 55.02
N LEU A 37 23.52 -6.90 55.26
CA LEU A 37 24.45 -6.17 54.42
C LEU A 37 25.67 -5.72 55.19
N GLU A 38 26.82 -6.25 54.80
CA GLU A 38 28.10 -5.88 55.40
C GLU A 38 28.62 -4.63 54.75
N LYS A 39 29.01 -3.66 55.57
CA LYS A 39 29.44 -2.34 55.06
C LYS A 39 30.82 -1.88 55.54
N THR A 40 31.62 -2.78 56.12
CA THR A 40 32.92 -2.36 56.64
C THR A 40 34.02 -3.31 56.21
N HIS A 41 35.19 -2.73 56.00
CA HIS A 41 36.39 -3.45 55.63
C HIS A 41 37.55 -2.83 56.38
N ASN A 42 38.67 -3.54 56.47
CA ASN A 42 39.83 -3.05 57.23
C ASN A 42 40.78 -2.08 56.48
N GLY A 43 40.43 -1.69 55.26
CA GLY A 43 41.16 -0.68 54.50
C GLY A 43 42.59 -1.08 54.15
N LYS A 44 42.81 -2.38 54.16
CA LYS A 44 44.13 -2.93 53.96
C LYS A 44 44.15 -4.12 52.99
N LEU A 45 45.29 -4.32 52.34
CA LEU A 45 45.48 -5.50 51.49
C LEU A 45 46.06 -6.58 52.37
N CYS A 46 45.49 -7.78 52.33
CA CYS A 46 45.94 -8.78 53.27
C CYS A 46 46.22 -10.10 52.62
N ASP A 47 46.87 -10.93 53.41
CA ASP A 47 47.19 -12.29 53.05
C ASP A 47 45.87 -13.06 52.94
N LEU A 48 45.80 -14.04 52.04
CA LEU A 48 44.56 -14.83 51.84
C LEU A 48 44.72 -16.27 52.25
N ASN A 49 44.18 -16.62 53.42
CA ASN A 49 44.28 -17.98 53.96
C ASN A 49 45.71 -18.47 54.06
N GLY A 50 46.56 -17.66 54.67
CA GLY A 50 47.95 -18.05 54.90
C GLY A 50 48.82 -18.05 53.65
N VAL A 51 48.31 -17.48 52.54
CA VAL A 51 49.10 -17.37 51.31
C VAL A 51 49.24 -15.90 50.90
N PRO A 53 49.85 -12.30 49.16
CA PRO A 53 49.74 -11.85 47.77
C PRO A 53 51.07 -11.34 47.21
N LEU A 54 51.19 -11.28 45.89
CA LEU A 54 52.37 -10.70 45.26
C LEU A 54 52.09 -9.23 45.03
N ILE A 55 52.70 -8.36 45.83
CA ILE A 55 52.49 -6.93 45.66
C ILE A 55 53.55 -6.29 44.77
N LEU A 56 53.15 -5.78 43.62
CA LEU A 56 54.12 -5.30 42.63
C LEU A 56 54.71 -3.92 42.95
N ARG A 57 54.20 -3.28 44.02
CA ARG A 57 54.55 -1.90 44.34
C ARG A 57 54.48 -1.01 43.10
N ASP A 58 55.63 -0.48 42.71
CA ASP A 58 55.66 0.46 41.61
C ASP A 58 56.02 -0.24 40.30
N CYS A 59 56.04 -1.58 40.34
CA CYS A 59 56.28 -2.35 39.12
C CYS A 59 55.00 -2.84 38.44
N SER A 60 55.08 -2.96 37.11
CA SER A 60 54.01 -3.53 36.33
C SER A 60 54.32 -5.00 36.07
N VAL A 61 53.34 -5.75 35.60
CA VAL A 61 53.55 -7.15 35.28
C VAL A 61 54.62 -7.34 34.21
N ALA A 62 54.60 -6.48 33.19
CA ALA A 62 55.62 -6.50 32.15
C ALA A 62 57.00 -6.31 32.79
N GLY A 63 57.12 -5.26 33.59
CA GLY A 63 58.36 -4.90 34.26
C GLY A 63 58.88 -6.04 35.09
N TRP A 64 57.96 -6.71 35.76
CA TRP A 64 58.29 -7.86 36.57
C TRP A 64 58.80 -8.99 35.68
N LEU A 65 57.99 -9.40 34.71
CA LEU A 65 58.32 -10.60 33.95
C LEU A 65 59.55 -10.39 33.05
N LEU A 66 59.65 -9.23 32.39
CA LEU A 66 60.81 -8.95 31.52
C LEU A 66 62.05 -8.70 32.39
N GLY A 67 61.84 -8.24 33.62
CA GLY A 67 62.94 -8.01 34.54
C GLY A 67 63.53 -6.60 34.50
N ASN A 68 62.66 -5.61 34.57
CA ASN A 68 63.11 -4.24 34.71
C ASN A 68 64.06 -4.14 35.89
N PRO A 69 65.25 -3.57 35.65
CA PRO A 69 66.26 -3.47 36.72
C PRO A 69 65.73 -2.77 37.96
N MET A 70 64.75 -1.87 37.81
CA MET A 70 64.15 -1.22 38.98
C MET A 70 63.17 -2.15 39.73
N CYS A 71 63.04 -3.37 39.24
CA CYS A 71 62.13 -4.36 39.81
C CYS A 71 62.86 -5.56 40.43
N ASP A 72 63.99 -5.32 41.07
CA ASP A 72 64.80 -6.44 41.56
C ASP A 72 64.15 -7.18 42.71
N GLU A 73 63.18 -6.57 43.37
CA GLU A 73 62.52 -7.19 44.49
C GLU A 73 61.90 -8.54 44.10
N PHE A 74 61.55 -8.66 42.82
CA PHE A 74 60.79 -9.80 42.34
C PHE A 74 61.60 -10.77 41.49
N ILE A 75 62.92 -10.82 41.73
CA ILE A 75 63.77 -11.72 40.95
C ILE A 75 63.38 -13.18 41.17
N ASN A 76 62.98 -13.51 42.40
CA ASN A 76 62.51 -14.86 42.69
C ASN A 76 61.41 -14.84 43.76
N VAL A 77 60.19 -14.62 43.28
CA VAL A 77 59.02 -14.45 44.14
C VAL A 77 58.38 -15.79 44.51
N PRO A 78 57.90 -15.88 45.76
CA PRO A 78 57.27 -17.14 46.17
C PRO A 78 55.84 -17.25 45.66
N GLU A 79 55.23 -18.40 45.94
CA GLU A 79 53.85 -18.64 45.55
C GLU A 79 52.97 -17.50 46.04
N TRP A 80 51.97 -17.12 45.24
CA TRP A 80 51.09 -16.06 45.67
C TRP A 80 49.62 -16.52 45.68
N SER A 81 48.79 -15.77 46.41
CA SER A 81 47.37 -16.04 46.43
C SER A 81 46.73 -15.24 45.32
N TYR A 82 46.87 -13.92 45.40
CA TYR A 82 46.41 -13.03 44.34
C TYR A 82 47.53 -12.05 44.00
N ILE A 83 47.34 -11.25 42.96
CA ILE A 83 48.38 -10.29 42.57
C ILE A 83 47.84 -8.87 42.67
N VAL A 84 48.65 -7.97 43.21
CA VAL A 84 48.26 -6.58 43.31
C VAL A 84 49.13 -5.70 42.42
N GLU A 85 48.49 -4.92 41.55
CA GLU A 85 49.19 -4.00 40.64
C GLU A 85 48.53 -2.63 40.72
N LYS A 86 49.33 -1.57 40.77
CA LYS A 86 48.81 -0.22 40.79
C LYS A 86 48.16 0.14 39.46
N ALA A 87 47.43 1.25 39.43
CA ALA A 87 46.73 1.63 38.21
C ALA A 87 47.71 1.95 37.12
N SER A 88 48.63 2.85 37.43
CA SER A 88 49.60 3.31 36.45
C SER A 88 51.00 3.23 37.02
N PRO A 89 51.56 2.02 37.11
CA PRO A 89 52.87 1.77 37.72
C PRO A 89 53.97 2.53 36.98
N ALA A 90 54.98 3.03 37.70
CA ALA A 90 56.05 3.83 37.05
C ALA A 90 57.00 2.94 36.28
N ASN A 91 57.35 1.81 36.89
CA ASN A 91 58.32 0.88 36.33
C ASN A 91 57.64 -0.12 35.42
N ASP A 92 57.46 0.26 34.16
CA ASP A 92 56.91 -0.64 33.17
C ASP A 92 58.02 -1.09 32.22
N LEU A 93 57.91 -0.73 30.93
CA LEU A 93 58.96 -1.00 29.97
C LEU A 93 59.95 0.16 30.02
N CYS A 94 61.09 -0.01 30.71
CA CYS A 94 62.09 1.05 30.87
C CYS A 94 62.60 1.57 29.50
N TYR A 95 62.90 0.64 28.59
CA TYR A 95 63.11 0.97 27.19
C TYR A 95 61.76 0.89 26.50
N PRO A 96 61.34 1.97 25.83
CA PRO A 96 59.99 2.05 25.26
C PRO A 96 59.71 1.04 24.14
N GLY A 97 58.45 0.61 24.10
CA GLY A 97 57.96 -0.34 23.12
C GLY A 97 56.65 -0.99 23.51
N ASP A 98 56.38 -2.19 23.02
CA ASP A 98 55.10 -2.83 23.20
C ASP A 98 55.24 -4.25 23.69
N PHE A 99 54.19 -4.73 24.34
CA PHE A 99 54.16 -6.11 24.79
C PHE A 99 52.95 -6.73 24.12
N ASN A 100 53.16 -7.54 23.09
CA ASN A 100 52.04 -8.08 22.31
C ASN A 100 51.15 -9.01 23.10
N ASP A 101 49.84 -8.88 22.90
CA ASP A 101 48.90 -9.73 23.60
C ASP A 101 49.15 -9.68 25.09
N TYR A 102 49.46 -8.49 25.58
CA TYR A 102 49.79 -8.28 26.97
C TYR A 102 48.60 -8.66 27.84
N GLU A 103 47.42 -8.18 27.45
CA GLU A 103 46.24 -8.42 28.25
C GLU A 103 45.99 -9.91 28.35
N GLU A 104 46.15 -10.61 27.23
CA GLU A 104 45.98 -12.06 27.25
C GLU A 104 47.02 -12.71 28.19
N LEU A 105 48.17 -12.06 28.35
CA LEU A 105 49.19 -12.58 29.25
C LEU A 105 48.84 -12.31 30.70
N LYS A 106 48.30 -11.13 30.99
CA LYS A 106 47.83 -10.86 32.35
C LYS A 106 46.71 -11.86 32.72
N HIS A 107 45.88 -12.20 31.73
CA HIS A 107 44.81 -13.14 31.99
C HIS A 107 45.37 -14.49 32.39
N LEU A 108 46.39 -14.94 31.68
CA LEU A 108 47.02 -16.21 31.98
C LEU A 108 47.60 -16.21 33.39
N LEU A 109 48.10 -15.06 33.81
CA LEU A 109 48.68 -14.89 35.12
C LEU A 109 47.63 -15.10 36.18
N SER A 110 46.49 -14.47 35.94
CA SER A 110 45.38 -14.50 36.88
C SER A 110 44.86 -15.91 37.06
N ARG A 111 45.26 -16.83 36.20
CA ARG A 111 44.89 -18.24 36.37
C ARG A 111 46.09 -19.01 36.91
N THR A 112 47.01 -18.29 37.56
CA THR A 112 48.28 -18.84 38.00
C THR A 112 48.74 -18.37 39.39
N ASN A 113 49.35 -19.28 40.17
CA ASN A 113 49.80 -18.97 41.54
C ASN A 113 51.30 -19.00 41.76
N HIS A 114 52.01 -19.76 40.92
CA HIS A 114 53.44 -19.96 41.13
C HIS A 114 54.29 -20.07 39.87
N PHE A 115 55.22 -19.13 39.74
CA PHE A 115 56.25 -19.12 38.71
C PHE A 115 57.57 -19.48 39.35
N GLU A 116 58.25 -20.43 38.74
CA GLU A 116 59.62 -20.73 39.12
C GLU A 116 60.51 -20.28 37.96
N LYS A 117 61.35 -19.26 38.17
CA LYS A 117 62.20 -18.75 37.08
C LYS A 117 63.32 -19.74 36.76
N ILE A 118 63.56 -20.00 35.48
CA ILE A 118 64.68 -20.88 35.09
C ILE A 118 65.50 -20.35 33.90
N GLN A 119 66.81 -20.53 33.99
CA GLN A 119 67.69 -20.06 32.92
C GLN A 119 67.57 -21.02 31.75
N ILE A 120 67.11 -20.49 30.61
CA ILE A 120 66.78 -21.31 29.46
C ILE A 120 67.87 -21.19 28.41
N ILE A 121 68.46 -20.00 28.32
CA ILE A 121 69.64 -19.74 27.54
C ILE A 121 70.60 -18.86 28.30
N PRO A 122 71.71 -19.46 28.78
CA PRO A 122 72.73 -18.79 29.59
C PRO A 122 73.34 -17.58 28.87
N LYS A 123 73.49 -16.44 29.54
CA LYS A 123 74.06 -15.27 28.91
C LYS A 123 75.51 -15.59 28.47
N SER A 124 76.15 -16.48 29.21
CA SER A 124 77.54 -16.88 28.97
C SER A 124 77.74 -17.58 27.62
N SER A 125 76.67 -18.16 27.07
CA SER A 125 76.79 -18.96 25.87
C SER A 125 76.85 -18.10 24.61
N TRP A 126 76.83 -16.79 24.76
CA TRP A 126 76.90 -15.92 23.58
C TRP A 126 78.36 -15.58 23.28
N SER A 127 79.05 -16.53 22.67
CA SER A 127 80.48 -16.41 22.40
C SER A 127 80.79 -15.46 21.24
N ASN A 128 79.97 -15.50 20.18
CA ASN A 128 80.24 -14.69 19.00
C ASN A 128 79.35 -13.48 18.83
N HIS A 129 78.69 -13.06 19.90
CA HIS A 129 77.93 -11.83 19.90
C HIS A 129 78.25 -11.14 21.23
N ASP A 130 77.96 -9.86 21.31
CA ASP A 130 78.16 -9.08 22.54
C ASP A 130 76.89 -9.06 23.41
N ALA A 131 76.93 -9.74 24.55
CA ALA A 131 75.79 -9.80 25.46
C ALA A 131 76.01 -8.88 26.64
N SER A 132 76.90 -7.90 26.46
CA SER A 132 77.33 -7.06 27.56
C SER A 132 77.07 -5.59 27.27
N SER A 133 77.06 -5.26 25.98
CA SER A 133 76.79 -3.89 25.55
C SER A 133 75.32 -3.61 25.28
N GLY A 134 74.50 -4.67 25.34
CA GLY A 134 73.06 -4.52 25.19
C GLY A 134 72.49 -3.83 26.42
N VAL A 135 72.69 -2.53 26.49
CA VAL A 135 72.45 -1.79 27.73
C VAL A 135 72.08 -0.36 27.35
N SER A 136 71.24 0.27 28.16
CA SER A 136 70.74 1.60 27.83
C SER A 136 70.57 2.46 29.07
N SER A 137 70.62 3.77 28.91
CA SER A 137 70.44 4.68 30.05
C SER A 137 68.96 4.81 30.35
N ALA A 138 68.13 4.29 29.45
CA ALA A 138 66.69 4.28 29.68
C ALA A 138 66.37 3.23 30.70
N CYS A 139 67.25 2.25 30.83
CA CYS A 139 67.05 1.16 31.79
C CYS A 139 68.12 1.16 32.85
N PRO A 140 68.12 2.21 33.71
CA PRO A 140 69.17 2.32 34.72
C PRO A 140 69.01 1.32 35.85
N TYR A 141 70.14 0.77 36.25
CA TYR A 141 70.20 -0.10 37.41
C TYR A 141 70.54 0.78 38.62
N HIS A 142 71.72 0.62 39.17
CA HIS A 142 72.16 1.47 40.28
C HIS A 142 72.84 2.69 39.68
N GLY A 143 72.07 3.52 38.99
CA GLY A 143 72.59 4.71 38.35
C GLY A 143 73.34 4.44 37.05
N ARG A 144 73.71 3.19 36.83
CA ARG A 144 74.50 2.80 35.66
C ARG A 144 73.56 2.24 34.60
N SER A 145 73.85 2.48 33.33
CA SER A 145 73.01 1.98 32.25
C SER A 145 72.94 0.46 32.29
N SER A 146 71.74 -0.07 32.10
CA SER A 146 71.53 -1.50 32.22
C SER A 146 70.43 -1.91 31.26
N PHE A 147 69.71 -2.99 31.57
CA PHE A 147 68.70 -3.54 30.69
C PHE A 147 67.85 -4.57 31.40
N PHE A 148 66.74 -4.98 30.78
CA PHE A 148 65.88 -6.04 31.32
C PHE A 148 66.73 -7.24 31.68
N ARG A 149 66.44 -7.88 32.81
CA ARG A 149 67.31 -8.91 33.33
C ARG A 149 67.09 -10.33 32.81
N ASN A 150 65.92 -10.61 32.26
CA ASN A 150 65.59 -12.00 31.92
C ASN A 150 65.72 -12.22 30.45
N VAL A 151 66.15 -11.17 29.80
CA VAL A 151 66.13 -11.14 28.37
C VAL A 151 67.41 -10.41 27.92
N VAL A 152 68.02 -10.84 26.82
CA VAL A 152 69.36 -10.35 26.47
C VAL A 152 69.41 -9.57 25.17
N TRP A 153 69.90 -8.33 25.23
CA TRP A 153 70.02 -7.49 24.04
C TRP A 153 71.34 -7.79 23.34
N LEU A 154 71.33 -8.80 22.47
CA LEU A 154 72.53 -9.19 21.74
C LEU A 154 72.96 -8.13 20.74
N ILE A 155 74.24 -7.79 20.78
CA ILE A 155 74.83 -6.79 19.88
C ILE A 155 76.03 -7.36 19.11
N LYS A 156 76.30 -6.82 17.91
CA LYS A 156 77.38 -7.33 17.06
C LYS A 156 78.72 -7.34 17.80
N LYS A 157 79.57 -8.26 17.39
CA LYS A 157 80.90 -8.41 18.00
C LYS A 157 81.91 -8.45 16.87
N ASN A 158 82.99 -7.67 16.98
CA ASN A 158 84.00 -7.59 15.92
C ASN A 158 83.36 -7.22 14.59
N SER A 159 82.45 -6.26 14.64
CA SER A 159 81.74 -5.77 13.46
C SER A 159 81.07 -6.92 12.69
N ALA A 160 80.63 -7.93 13.42
CA ALA A 160 79.95 -9.06 12.82
C ALA A 160 78.83 -9.54 13.71
N TYR A 161 77.71 -9.84 13.09
CA TYR A 161 76.57 -10.45 13.78
C TYR A 161 76.20 -11.73 13.04
N PRO A 162 76.89 -12.83 13.39
CA PRO A 162 76.65 -14.14 12.79
C PRO A 162 75.21 -14.56 13.03
N THR A 163 74.66 -15.37 12.13
CA THR A 163 73.33 -15.89 12.31
C THR A 163 73.23 -16.78 13.55
N ILE A 164 72.24 -16.48 14.38
CA ILE A 164 71.94 -17.20 15.61
C ILE A 164 70.94 -18.32 15.37
N LYS A 165 71.26 -19.50 15.88
CA LYS A 165 70.34 -20.61 15.85
C LYS A 165 70.39 -21.29 17.20
N ARG A 166 69.50 -20.88 18.10
CA ARG A 166 69.41 -21.51 19.40
C ARG A 166 68.06 -22.18 19.45
N SER A 167 68.00 -23.27 20.20
CA SER A 167 66.83 -24.11 20.29
C SER A 167 66.73 -24.57 21.73
N TYR A 168 65.52 -24.57 22.27
CA TYR A 168 65.33 -25.08 23.61
C TYR A 168 64.14 -26.06 23.71
N ASN A 169 64.41 -27.25 24.25
CA ASN A 169 63.42 -28.29 24.43
C ASN A 169 62.97 -28.29 25.88
N ASN A 170 61.69 -27.99 26.10
CA ASN A 170 61.14 -28.03 27.45
C ASN A 170 61.09 -29.47 27.96
N THR A 171 61.96 -29.76 28.92
CA THR A 171 62.04 -31.11 29.47
C THR A 171 61.29 -31.17 30.77
N ASN A 172 60.74 -30.05 31.21
CA ASN A 172 60.01 -30.06 32.46
C ASN A 172 58.64 -30.71 32.31
N GLN A 173 57.90 -30.81 33.39
CA GLN A 173 56.60 -31.45 33.33
C GLN A 173 55.53 -30.39 33.24
N GLU A 174 55.95 -29.12 33.32
CA GLU A 174 55.04 -27.98 33.33
C GLU A 174 55.04 -27.22 32.00
N ASP A 175 54.00 -26.42 31.79
CA ASP A 175 53.98 -25.48 30.68
C ASP A 175 55.11 -24.52 31.03
N LEU A 176 55.76 -23.93 30.03
CA LEU A 176 56.79 -22.95 30.35
C LEU A 176 56.56 -21.64 29.59
N LEU A 177 56.59 -20.52 30.31
CA LEU A 177 56.36 -19.21 29.67
C LEU A 177 57.67 -18.60 29.17
N VAL A 178 57.81 -18.50 27.85
CA VAL A 178 59.03 -17.91 27.28
C VAL A 178 58.80 -16.55 26.64
N LEU A 179 59.64 -15.58 27.00
CA LEU A 179 59.58 -14.22 26.51
C LEU A 179 60.78 -13.87 25.64
N TRP A 180 60.53 -13.13 24.56
CA TRP A 180 61.60 -12.64 23.73
C TRP A 180 61.23 -11.31 23.08
N GLY A 181 62.15 -10.76 22.30
CA GLY A 181 61.88 -9.46 21.72
C GLY A 181 62.63 -9.12 20.45
N ILE A 182 62.18 -8.03 19.84
CA ILE A 182 62.77 -7.52 18.64
C ILE A 182 63.06 -6.04 18.85
N HIS A 183 64.15 -5.56 18.27
CA HIS A 183 64.49 -4.15 18.40
C HIS A 183 64.18 -3.43 17.10
N HIS A 184 63.47 -2.32 17.22
CA HIS A 184 63.13 -1.47 16.08
C HIS A 184 63.95 -0.17 16.17
N PRO A 185 65.03 -0.06 15.39
CA PRO A 185 65.95 1.10 15.42
C PRO A 185 65.39 2.37 14.78
N ASN A 186 66.14 3.46 14.89
CA ASN A 186 65.74 4.76 14.36
C ASN A 186 66.00 4.95 12.89
N ASP A 187 67.14 4.42 12.44
CA ASP A 187 67.60 4.60 11.08
C ASP A 187 68.50 3.46 10.65
N ALA A 188 68.83 3.43 9.36
CA ALA A 188 69.64 2.37 8.83
C ALA A 188 71.02 2.42 9.46
N ALA A 189 71.42 3.61 9.89
CA ALA A 189 72.71 3.79 10.55
C ALA A 189 72.76 3.01 11.87
N GLU A 190 71.80 3.29 12.77
CA GLU A 190 71.73 2.64 14.07
C GLU A 190 71.68 1.16 13.86
N GLN A 191 70.92 0.76 12.83
CA GLN A 191 70.83 -0.65 12.47
C GLN A 191 72.23 -1.20 12.31
N THR A 192 73.03 -0.53 11.47
CA THR A 192 74.39 -0.99 11.18
C THR A 192 75.32 -0.99 12.39
N LYS A 193 75.20 0.04 13.22
CA LYS A 193 76.06 0.21 14.39
C LYS A 193 75.88 -0.96 15.37
N LEU A 194 74.64 -1.43 15.54
CA LEU A 194 74.34 -2.45 16.55
C LEU A 194 74.47 -3.87 16.05
N TYR A 195 73.88 -4.15 14.89
CA TYR A 195 73.94 -5.46 14.28
C TYR A 195 74.48 -5.15 12.91
N GLN A 196 75.52 -5.84 12.47
CA GLN A 196 76.24 -5.37 11.28
C GLN A 196 75.30 -5.38 10.07
N ASN A 197 74.56 -6.48 9.96
CA ASN A 197 73.73 -6.77 8.80
C ASN A 197 72.55 -5.80 8.64
N PRO A 198 72.32 -5.34 7.41
CA PRO A 198 71.35 -4.29 7.11
C PRO A 198 69.89 -4.73 7.09
N THR A 199 69.62 -5.95 6.63
CA THR A 199 68.24 -6.47 6.62
C THR A 199 68.20 -7.74 7.44
N THR A 200 67.33 -7.74 8.44
CA THR A 200 67.34 -8.80 9.42
C THR A 200 65.95 -9.36 9.67
N TYR A 201 65.94 -10.46 10.41
CA TYR A 201 64.73 -11.17 10.69
C TYR A 201 64.91 -11.90 12.02
N ILE A 202 63.80 -12.31 12.61
CA ILE A 202 63.80 -13.20 13.76
C ILE A 202 62.70 -14.22 13.54
N SER A 203 63.04 -15.49 13.47
CA SER A 203 62.03 -16.49 13.26
C SER A 203 61.99 -17.37 14.50
N VAL A 204 60.78 -17.64 14.97
CA VAL A 204 60.54 -18.48 16.13
C VAL A 204 59.64 -19.61 15.69
N GLY A 205 59.96 -20.83 16.13
CA GLY A 205 59.24 -22.02 15.74
C GLY A 205 58.88 -22.89 16.92
N THR A 206 57.67 -23.44 16.88
CA THR A 206 57.13 -24.27 17.94
C THR A 206 56.16 -25.23 17.25
N SER A 207 55.68 -26.27 17.95
CA SER A 207 54.64 -27.13 17.41
C SER A 207 53.48 -26.32 16.90
N THR A 208 53.18 -25.26 17.62
CA THR A 208 52.02 -24.46 17.31
C THR A 208 52.42 -23.08 16.82
N LEU A 209 53.56 -22.58 17.27
CA LEU A 209 53.93 -21.22 16.93
C LEU A 209 54.78 -21.18 15.66
N ASN A 210 54.51 -20.19 14.81
CA ASN A 210 55.33 -19.93 13.64
C ASN A 210 55.27 -18.45 13.33
N GLN A 211 56.38 -17.76 13.56
CA GLN A 211 56.48 -16.36 13.20
C GLN A 211 57.84 -15.95 12.70
N ARG A 212 57.83 -14.93 11.85
CA ARG A 212 59.05 -14.33 11.35
C ARG A 212 58.87 -12.82 11.41
N LEU A 213 59.59 -12.20 12.32
CA LEU A 213 59.49 -10.78 12.54
C LEU A 213 60.60 -10.04 11.81
N VAL A 214 60.23 -8.92 11.20
CA VAL A 214 61.22 -8.07 10.57
C VAL A 214 61.13 -6.72 11.21
N PRO A 215 62.28 -6.20 11.66
CA PRO A 215 62.30 -4.92 12.35
C PRO A 215 61.83 -3.79 11.42
N GLU A 216 60.96 -2.95 11.97
CA GLU A 216 60.39 -1.83 11.25
C GLU A 216 61.06 -0.54 11.66
N ILE A 217 62.07 -0.15 10.87
CA ILE A 217 62.83 1.08 11.13
C ILE A 217 62.00 2.33 10.81
N ALA A 218 61.98 3.26 11.76
CA ALA A 218 61.27 4.53 11.61
C ALA A 218 61.82 5.50 12.63
N THR A 219 61.55 6.77 12.45
CA THR A 219 61.95 7.74 13.43
C THR A 219 60.75 8.09 14.29
N ARG A 220 60.88 7.85 15.58
CA ARG A 220 59.78 8.05 16.52
C ARG A 220 60.19 9.03 17.57
N PRO A 221 59.20 9.65 18.22
CA PRO A 221 59.55 10.56 19.31
C PRO A 221 60.35 9.85 20.40
N LYS A 222 61.11 10.65 21.15
CA LYS A 222 61.93 10.11 22.22
C LYS A 222 61.01 9.87 23.40
N VAL A 223 61.11 8.66 23.96
CA VAL A 223 60.40 8.29 25.17
C VAL A 223 61.49 7.76 26.09
N ASN A 224 61.65 8.35 27.27
CA ASN A 224 62.80 8.06 28.12
C ASN A 224 64.12 8.20 27.37
N GLY A 225 64.21 9.21 26.52
CA GLY A 225 65.45 9.46 25.79
C GLY A 225 65.60 8.64 24.52
N GLN A 226 64.95 7.47 24.49
CA GLN A 226 65.10 6.55 23.37
C GLN A 226 64.03 6.82 22.32
N SER A 227 64.43 6.71 21.06
CA SER A 227 63.55 6.92 19.92
C SER A 227 63.37 5.65 19.10
N GLY A 228 64.08 4.59 19.51
CA GLY A 228 63.89 3.27 18.95
C GLY A 228 62.78 2.64 19.78
N ARG A 229 62.38 1.43 19.42
CA ARG A 229 61.31 0.74 20.16
C ARG A 229 61.66 -0.72 20.29
N MET A 230 61.20 -1.35 21.36
CA MET A 230 61.38 -2.78 21.51
C MET A 230 60.00 -3.43 21.60
N GLU A 231 59.80 -4.53 20.87
CA GLU A 231 58.51 -5.19 20.84
C GLU A 231 58.70 -6.58 21.41
N PHE A 232 57.93 -6.91 22.44
CA PHE A 232 58.11 -8.20 23.13
C PHE A 232 57.01 -9.19 22.84
N PHE A 233 57.37 -10.47 22.84
CA PHE A 233 56.45 -11.54 22.50
C PHE A 233 56.56 -12.64 23.52
N TRP A 234 55.53 -13.49 23.58
CA TRP A 234 55.56 -14.60 24.51
C TRP A 234 54.83 -15.77 23.91
N THR A 235 55.08 -16.94 24.47
CA THR A 235 54.37 -18.12 24.03
C THR A 235 54.46 -19.10 25.17
N ILE A 236 53.62 -20.12 25.13
CA ILE A 236 53.72 -21.13 26.14
C ILE A 236 54.31 -22.35 25.50
N LEU A 237 55.38 -22.86 26.09
CA LEU A 237 56.01 -24.00 25.51
C LEU A 237 55.53 -25.21 26.31
N LYS A 238 54.77 -26.07 25.64
CA LYS A 238 54.25 -27.32 26.22
C LYS A 238 55.40 -28.30 26.57
N PRO A 239 55.19 -29.15 27.59
CA PRO A 239 56.16 -30.07 28.20
C PRO A 239 57.10 -30.95 27.37
N ASN A 240 56.81 -31.30 26.13
CA ASN A 240 57.85 -32.03 25.38
C ASN A 240 58.11 -31.37 24.06
N ASP A 241 57.71 -30.11 23.98
CA ASP A 241 57.83 -29.32 22.78
C ASP A 241 59.13 -28.55 22.85
N ALA A 242 59.53 -27.94 21.74
CA ALA A 242 60.76 -27.17 21.73
C ALA A 242 60.54 -25.85 20.99
N ILE A 243 61.29 -24.83 21.37
CA ILE A 243 61.19 -23.54 20.71
C ILE A 243 62.49 -23.29 19.94
N ASN A 244 62.36 -22.85 18.69
CA ASN A 244 63.51 -22.62 17.80
C ASN A 244 63.64 -21.18 17.40
N PHE A 245 64.73 -20.54 17.82
CA PHE A 245 65.01 -19.18 17.41
C PHE A 245 66.04 -19.18 16.31
N GLU A 246 65.81 -18.39 15.27
CA GLU A 246 66.85 -18.14 14.29
C GLU A 246 66.83 -16.68 13.96
N SER A 247 67.97 -16.02 14.14
CA SER A 247 68.07 -14.59 13.89
C SER A 247 69.43 -14.12 13.45
N ASN A 248 69.46 -13.07 12.64
CA ASN A 248 70.71 -12.49 12.20
C ASN A 248 70.78 -11.01 12.64
N GLY A 249 69.93 -10.62 13.59
CA GLY A 249 69.99 -9.27 14.15
C GLY A 249 68.71 -8.75 14.82
N ASN A 250 68.87 -7.69 15.60
CA ASN A 250 67.76 -7.04 16.31
C ASN A 250 67.04 -7.96 17.30
N PHE A 251 67.69 -9.07 17.67
CA PHE A 251 67.08 -10.10 18.49
C PHE A 251 67.22 -9.79 19.96
N ILE A 252 66.11 -9.76 20.71
CA ILE A 252 66.27 -9.63 22.16
C ILE A 252 65.97 -10.97 22.79
N ALA A 253 67.04 -11.65 23.19
CA ALA A 253 66.98 -13.07 23.45
C ALA A 253 66.51 -13.46 24.83
N PRO A 254 65.79 -14.58 24.91
CA PRO A 254 65.48 -14.99 26.27
C PRO A 254 66.73 -15.52 26.94
N GLU A 255 66.90 -15.21 28.23
CA GLU A 255 67.85 -15.88 29.11
C GLU A 255 67.04 -16.70 30.12
N TYR A 256 66.11 -16.05 30.82
CA TYR A 256 65.27 -16.73 31.81
C TYR A 256 63.82 -16.89 31.34
N ALA A 257 63.26 -18.07 31.57
CA ALA A 257 61.84 -18.31 31.32
C ALA A 257 61.14 -18.73 32.63
N TYR A 258 59.82 -18.85 32.59
CA TYR A 258 59.06 -19.13 33.80
C TYR A 258 58.26 -20.44 33.72
N LYS A 259 58.57 -21.35 34.62
CA LYS A 259 57.79 -22.57 34.76
C LYS A 259 56.47 -22.26 35.47
N ILE A 260 55.36 -22.64 34.85
CA ILE A 260 54.05 -22.46 35.48
C ILE A 260 53.88 -23.66 36.42
N VAL A 261 54.20 -23.45 37.68
CA VAL A 261 54.20 -24.50 38.70
C VAL A 261 52.81 -24.77 39.27
N LYS A 262 52.18 -23.71 39.75
CA LYS A 262 50.85 -23.85 40.26
C LYS A 262 49.84 -23.01 39.48
N LYS A 263 48.92 -23.69 38.79
CA LYS A 263 47.76 -23.03 38.20
C LYS A 263 46.64 -23.11 39.24
N GLY A 264 45.93 -22.01 39.44
CA GLY A 264 44.79 -22.03 40.35
C GLY A 264 43.88 -20.85 40.07
N ASP A 265 42.98 -20.54 40.99
CA ASP A 265 42.17 -19.36 40.73
C ASP A 265 42.79 -18.23 41.51
N SER A 266 43.15 -17.20 40.76
CA SER A 266 43.80 -16.03 41.30
C SER A 266 43.28 -14.81 40.56
N ALA A 267 43.96 -13.69 40.73
CA ALA A 267 43.49 -12.45 40.14
C ALA A 267 44.55 -11.37 40.15
N ILE A 268 44.41 -10.40 39.26
CA ILE A 268 45.26 -9.23 39.32
C ILE A 268 44.38 -8.08 39.76
N MET A 269 44.51 -7.73 41.01
CA MET A 269 43.68 -6.69 41.62
C MET A 269 44.33 -5.34 41.36
N LYS A 270 43.59 -4.42 40.78
CA LYS A 270 44.14 -3.08 40.58
C LYS A 270 43.87 -2.30 41.86
N SER A 271 44.93 -1.98 42.60
CA SER A 271 44.81 -1.23 43.84
C SER A 271 46.03 -0.38 44.12
N GLU A 272 45.84 0.70 44.87
CA GLU A 272 46.94 1.62 45.12
C GLU A 272 47.54 1.39 46.47
N LEU A 273 47.00 0.41 47.18
CA LEU A 273 47.39 0.21 48.57
C LEU A 273 48.50 -0.84 48.67
N GLU A 274 49.11 -0.96 49.84
CA GLU A 274 50.12 -1.98 50.06
C GLU A 274 49.84 -2.89 51.24
N TYR A 275 50.74 -3.84 51.47
CA TYR A 275 50.56 -4.91 52.44
C TYR A 275 50.15 -4.43 53.84
N GLY A 276 49.53 -5.30 54.62
CA GLY A 276 49.06 -4.92 55.95
C GLY A 276 49.43 -5.89 57.07
N ASN A 277 50.09 -6.99 56.68
CA ASN A 277 50.60 -8.02 57.60
C ASN A 277 49.51 -8.77 58.30
N CYS A 278 48.29 -8.59 57.82
CA CYS A 278 47.10 -9.22 58.36
C CYS A 278 46.73 -10.41 57.50
N ASN A 279 45.64 -11.07 57.87
CA ASN A 279 45.14 -12.21 57.11
C ASN A 279 43.65 -12.03 56.93
N THR A 280 43.10 -12.59 55.86
CA THR A 280 41.66 -12.52 55.63
C THR A 280 41.22 -13.69 54.77
N LYS A 281 39.91 -13.87 54.69
CA LYS A 281 39.27 -14.96 53.97
C LYS A 281 38.58 -14.41 52.73
N CYS A 282 38.49 -13.09 52.69
CA CYS A 282 37.84 -12.38 51.60
C CYS A 282 38.51 -11.03 51.41
N GLN A 283 38.99 -10.78 50.20
CA GLN A 283 39.74 -9.55 49.92
C GLN A 283 39.16 -8.73 48.78
N THR A 284 39.19 -7.41 48.93
CA THR A 284 38.71 -6.47 47.90
C THR A 284 39.80 -5.44 47.73
N PRO A 285 39.83 -4.76 46.57
CA PRO A 285 40.82 -3.72 46.29
C PRO A 285 40.79 -2.52 47.24
N MET A 286 39.79 -2.43 48.13
CA MET A 286 39.71 -1.31 49.08
C MET A 286 40.09 -1.76 50.46
N GLY A 287 40.07 -3.08 50.64
CA GLY A 287 40.35 -3.68 51.93
C GLY A 287 39.74 -5.07 52.06
N ALA A 288 40.01 -5.73 53.17
CA ALA A 288 39.56 -7.09 53.40
C ALA A 288 38.25 -7.11 54.19
N ILE A 289 37.52 -8.22 54.10
CA ILE A 289 36.20 -8.31 54.72
C ILE A 289 36.12 -9.39 55.80
N ASN A 290 35.73 -8.99 57.02
CA ASN A 290 35.52 -9.98 58.07
C ASN A 290 34.03 -9.96 58.44
N SER A 291 33.27 -10.83 57.80
CA SER A 291 31.83 -10.77 57.90
C SER A 291 31.14 -12.11 57.70
N SER A 292 29.94 -12.20 58.25
CA SER A 292 29.10 -13.38 58.12
C SER A 292 27.83 -12.98 57.37
N MET A 293 27.73 -11.69 57.07
CA MET A 293 26.63 -11.20 56.27
C MET A 293 26.63 -11.91 54.93
N PRO A 294 25.44 -12.10 54.36
CA PRO A 294 25.34 -12.75 53.05
C PRO A 294 25.54 -11.71 51.95
N PHE A 295 25.55 -10.44 52.31
CA PHE A 295 25.72 -9.40 51.31
C PHE A 295 26.75 -8.37 51.74
N HIS A 296 27.38 -7.72 50.77
CA HIS A 296 28.26 -6.60 51.10
C HIS A 296 28.19 -5.59 49.96
N ASN A 297 28.62 -4.37 50.26
CA ASN A 297 28.57 -3.31 49.31
C ASN A 297 29.91 -2.60 49.23
N ILE A 298 30.97 -3.32 49.56
CA ILE A 298 32.30 -2.72 49.64
C ILE A 298 32.84 -2.40 48.25
N HIS A 299 32.92 -3.43 47.41
CA HIS A 299 33.43 -3.36 46.06
C HIS A 299 33.09 -4.64 45.27
N PRO A 300 32.73 -4.52 43.98
CA PRO A 300 32.29 -5.70 43.22
C PRO A 300 33.39 -6.75 42.99
N LEU A 301 34.63 -6.32 42.86
CA LEU A 301 35.66 -7.26 42.46
C LEU A 301 36.33 -7.82 43.70
N THR A 302 36.03 -9.06 44.06
CA THR A 302 36.59 -9.63 45.29
C THR A 302 37.22 -11.01 45.03
N ILE A 303 37.99 -11.53 45.98
CA ILE A 303 38.53 -12.87 45.84
C ILE A 303 38.50 -13.57 47.19
N GLY A 304 38.13 -14.84 47.18
CA GLY A 304 38.03 -15.61 48.41
C GLY A 304 36.57 -15.90 48.72
N GLU A 305 36.31 -16.53 49.87
CA GLU A 305 34.93 -16.78 50.30
C GLU A 305 34.28 -15.46 50.72
N CYS A 306 33.41 -14.90 49.87
CA CYS A 306 32.90 -13.54 50.08
C CYS A 306 31.41 -13.42 50.12
N PRO A 307 30.94 -12.36 50.77
CA PRO A 307 29.51 -12.12 50.67
C PRO A 307 29.21 -11.69 49.26
N LYS A 308 27.94 -11.77 48.86
CA LYS A 308 27.60 -11.36 47.52
C LYS A 308 27.49 -9.85 47.47
N TYR A 309 28.18 -9.26 46.51
CA TYR A 309 28.17 -7.82 46.36
C TYR A 309 26.84 -7.33 45.85
N VAL A 310 26.45 -6.16 46.33
CA VAL A 310 25.18 -5.56 45.95
C VAL A 310 25.32 -4.03 46.02
N LYS A 311 24.56 -3.27 45.24
CA LYS A 311 24.71 -1.82 45.28
C LYS A 311 23.82 -1.12 46.34
N SER A 312 23.43 -1.83 47.38
CA SER A 312 22.54 -1.21 48.34
C SER A 312 23.30 -0.50 49.44
N ASN A 313 22.70 0.55 49.97
CA ASN A 313 23.18 1.18 51.18
C ASN A 313 22.66 0.44 52.41
N ARG A 314 21.61 -0.37 52.23
CA ARG A 314 20.89 -0.98 53.34
C ARG A 314 20.10 -2.20 52.92
N LEU A 315 20.26 -3.31 53.65
CA LEU A 315 19.41 -4.48 53.45
C LEU A 315 19.10 -5.06 54.86
N VAL A 316 17.91 -4.76 55.33
CA VAL A 316 17.51 -5.24 56.65
C VAL A 316 16.16 -5.91 56.58
N LEU A 317 16.15 -7.18 56.99
CA LEU A 317 14.93 -7.99 57.04
C LEU A 317 14.15 -7.79 58.36
N ALA A 318 12.84 -7.65 58.26
CA ALA A 318 12.00 -7.71 59.44
C ALA A 318 12.01 -9.13 59.88
N THR A 319 12.25 -9.37 61.18
CA THR A 319 12.10 -10.72 61.73
C THR A 319 11.03 -10.77 62.82
N GLY A 320 11.03 -9.74 63.66
CA GLY A 320 10.04 -9.59 64.70
C GLY A 320 8.77 -9.01 64.09
N LEU A 321 7.97 -8.35 64.91
CA LEU A 321 6.70 -7.83 64.40
C LEU A 321 6.67 -6.33 64.58
N ARG A 322 5.62 -5.69 64.08
CA ARG A 322 5.48 -4.24 64.19
C ARG A 322 5.47 -3.81 65.66
N ASN A 323 6.39 -2.93 66.01
CA ASN A 323 6.51 -2.51 67.40
C ASN A 323 5.54 -1.40 67.67
N THR A 324 5.00 -1.37 68.88
CA THR A 324 4.04 -0.35 69.28
C THR A 324 4.78 0.72 70.11
N PRO A 325 4.48 2.01 69.83
CA PRO A 325 5.16 3.19 70.40
C PRO A 325 4.99 3.34 71.91
N GLY B 1 -3.23 -4.39 59.54
CA GLY B 1 -2.66 -5.25 58.53
C GLY B 1 -3.68 -6.08 57.80
N LEU B 2 -3.21 -7.08 57.07
CA LEU B 2 -4.07 -7.87 56.18
C LEU B 2 -5.16 -8.65 56.90
N PHE B 3 -4.91 -8.98 58.15
CA PHE B 3 -5.79 -9.87 58.87
C PHE B 3 -6.54 -9.23 60.04
N GLY B 4 -6.36 -7.92 60.21
CA GLY B 4 -7.12 -7.13 61.17
C GLY B 4 -6.80 -7.29 62.65
N ALA B 5 -5.82 -8.12 62.99
CA ALA B 5 -5.44 -8.36 64.40
C ALA B 5 -4.38 -7.41 64.97
N ILE B 6 -3.13 -7.62 64.59
CA ILE B 6 -2.04 -6.73 65.05
C ILE B 6 -2.37 -5.30 64.62
N ALA B 7 -2.39 -4.39 65.61
CA ALA B 7 -2.80 -3.00 65.39
C ALA B 7 -4.17 -2.92 64.72
N GLY B 8 -5.04 -3.86 65.09
CA GLY B 8 -6.35 -3.94 64.51
C GLY B 8 -7.36 -4.04 65.62
N PHE B 9 -8.09 -5.15 65.69
CA PHE B 9 -9.05 -5.29 66.76
C PHE B 9 -8.36 -5.49 68.10
N ILE B 10 -7.12 -5.98 68.05
CA ILE B 10 -6.26 -5.95 69.23
C ILE B 10 -5.36 -4.73 69.13
N GLU B 11 -5.79 -3.60 69.68
CA GLU B 11 -5.06 -2.34 69.49
C GLU B 11 -3.82 -2.17 70.37
N GLY B 12 -2.75 -2.86 70.05
CA GLY B 12 -1.52 -2.68 70.81
C GLY B 12 -0.93 -3.99 71.28
N GLY B 13 0.38 -4.00 71.43
CA GLY B 13 1.07 -5.16 71.94
C GLY B 13 1.39 -4.99 73.41
N TRP B 14 1.87 -6.06 74.02
CA TRP B 14 2.15 -6.05 75.44
C TRP B 14 3.65 -6.05 75.69
N GLN B 15 4.16 -4.98 76.30
CA GLN B 15 5.53 -4.97 76.77
C GLN B 15 5.70 -6.13 77.77
N GLY B 16 4.60 -6.48 78.46
CA GLY B 16 4.62 -7.45 79.56
C GLY B 16 4.90 -8.89 79.16
N MET B 17 4.44 -9.30 77.98
CA MET B 17 4.74 -10.66 77.54
C MET B 17 6.10 -10.69 76.88
N VAL B 18 7.03 -11.43 77.44
CA VAL B 18 8.41 -11.32 76.98
C VAL B 18 9.00 -12.65 76.58
N ASP B 19 8.29 -13.74 76.86
CA ASP B 19 8.80 -15.06 76.57
C ASP B 19 8.32 -15.57 75.20
N GLY B 20 7.77 -14.68 74.39
CA GLY B 20 7.27 -15.07 73.08
C GLY B 20 6.64 -13.92 72.32
N TRP B 21 6.21 -14.20 71.10
CA TRP B 21 5.60 -13.21 70.19
C TRP B 21 4.10 -13.08 70.40
N TYR B 22 3.43 -14.22 70.52
CA TYR B 22 1.98 -14.27 70.71
C TYR B 22 1.67 -15.00 71.99
N GLY B 23 0.59 -14.59 72.65
CA GLY B 23 0.19 -15.30 73.86
C GLY B 23 -1.07 -14.75 74.53
N TYR B 24 -1.17 -15.02 75.83
CA TYR B 24 -2.39 -14.72 76.56
C TYR B 24 -2.11 -13.82 77.77
N HIS B 26 -4.26 -13.65 81.23
CA HIS B 26 -5.45 -14.09 81.94
C HIS B 26 -5.69 -13.24 83.17
N SER B 27 -6.89 -13.35 83.72
CA SER B 27 -7.28 -12.64 84.93
C SER B 27 -8.41 -13.37 85.65
N ASN B 28 -8.05 -14.07 86.71
CA ASN B 28 -9.03 -14.70 87.58
C ASN B 28 -8.84 -14.33 89.07
N GLU B 29 -9.47 -15.11 89.95
CA GLU B 29 -9.43 -14.87 91.39
C GLU B 29 -8.07 -15.19 91.98
N GLN B 30 -7.43 -16.21 91.43
CA GLN B 30 -6.09 -16.62 91.86
C GLN B 30 -5.01 -15.60 91.45
N GLY B 31 -5.36 -14.72 90.52
CA GLY B 31 -4.47 -13.67 90.09
C GLY B 31 -4.27 -13.62 88.59
N SER B 32 -3.62 -12.56 88.11
CA SER B 32 -3.40 -12.34 86.67
C SER B 32 -1.93 -12.51 86.28
N GLY B 33 -1.66 -12.57 84.98
CA GLY B 33 -0.30 -12.70 84.47
C GLY B 33 -0.24 -12.99 82.97
N TYR B 34 0.91 -12.70 82.34
CA TYR B 34 1.14 -12.98 80.92
C TYR B 34 1.74 -14.36 80.69
N ALA B 35 1.44 -14.96 79.54
CA ALA B 35 2.07 -16.23 79.15
C ALA B 35 2.05 -16.35 77.65
N ALA B 36 3.13 -16.88 77.10
CA ALA B 36 3.27 -16.99 75.67
C ALA B 36 2.70 -18.30 75.20
N ASP B 37 2.03 -18.31 74.05
CA ASP B 37 1.62 -19.58 73.45
C ASP B 37 2.84 -20.17 72.77
N LYS B 38 3.41 -21.20 73.41
CA LYS B 38 4.66 -21.78 72.94
C LYS B 38 4.53 -22.37 71.54
N GLU B 39 3.38 -22.97 71.28
CA GLU B 39 3.18 -23.66 70.03
C GLU B 39 3.15 -22.70 68.84
N SER B 40 2.33 -21.66 68.92
CA SER B 40 2.17 -20.78 67.79
C SER B 40 3.44 -19.93 67.64
N THR B 41 4.12 -19.71 68.75
CA THR B 41 5.35 -18.93 68.71
C THR B 41 6.43 -19.75 68.01
N GLN B 42 6.54 -21.02 68.39
CA GLN B 42 7.59 -21.84 67.78
C GLN B 42 7.33 -22.00 66.28
N LYS B 43 6.06 -22.17 65.90
CA LYS B 43 5.72 -22.28 64.50
C LYS B 43 6.20 -21.05 63.72
N ALA B 44 6.00 -19.87 64.28
CA ALA B 44 6.35 -18.64 63.62
C ALA B 44 7.86 -18.51 63.52
N ILE B 45 8.55 -18.84 64.61
CA ILE B 45 9.99 -18.84 64.65
C ILE B 45 10.57 -19.76 63.59
N ASP B 46 10.01 -20.95 63.47
CA ASP B 46 10.45 -21.90 62.45
C ASP B 46 10.21 -21.33 61.05
N GLY B 47 9.06 -20.67 60.87
CA GLY B 47 8.67 -20.16 59.56
C GLY B 47 9.57 -19.03 59.11
N VAL B 48 9.82 -18.10 60.03
CA VAL B 48 10.64 -16.94 59.74
C VAL B 48 12.09 -17.34 59.58
N THR B 49 12.53 -18.28 60.38
CA THR B 49 13.91 -18.75 60.29
C THR B 49 14.17 -19.47 58.96
N ASN B 50 13.25 -20.34 58.57
CA ASN B 50 13.34 -20.99 57.26
C ASN B 50 13.30 -19.98 56.13
N LYS B 51 12.51 -18.92 56.33
CA LYS B 51 12.38 -17.85 55.33
C LYS B 51 13.71 -17.13 55.18
N VAL B 52 14.30 -16.76 56.30
CA VAL B 52 15.57 -16.07 56.25
C VAL B 52 16.63 -16.97 55.61
N ASN B 53 16.67 -18.21 56.05
CA ASN B 53 17.63 -19.16 55.50
C ASN B 53 17.37 -19.45 54.02
N SER B 54 16.11 -19.47 53.60
CA SER B 54 15.77 -19.65 52.18
C SER B 54 16.20 -18.47 51.31
N ILE B 55 16.14 -17.26 51.85
CA ILE B 55 16.52 -16.09 51.08
C ILE B 55 18.03 -16.08 50.81
N ILE B 56 18.79 -16.31 51.86
CA ILE B 56 20.25 -16.45 51.81
C ILE B 56 20.69 -17.63 50.95
N ASP B 57 19.90 -18.70 50.95
CA ASP B 57 20.19 -19.89 50.14
C ASP B 57 20.00 -19.61 48.63
N LYS B 58 18.87 -18.99 48.28
CA LYS B 58 18.55 -18.71 46.88
C LYS B 58 19.58 -17.80 46.19
N MET B 59 20.43 -17.17 46.99
CA MET B 59 21.40 -16.22 46.47
C MET B 59 22.82 -16.75 46.30
N ASN B 60 23.04 -18.06 46.45
CA ASN B 60 24.40 -18.59 46.38
C ASN B 60 24.95 -18.67 44.95
N THR B 61 24.05 -18.78 43.99
CA THR B 61 24.46 -18.78 42.60
C THR B 61 24.38 -17.38 42.00
N GLN B 62 24.68 -16.36 42.80
CA GLN B 62 24.64 -14.98 42.32
C GLN B 62 25.86 -14.63 41.46
N PHE B 63 25.77 -13.58 40.65
CA PHE B 63 26.90 -13.14 39.82
C PHE B 63 28.10 -12.65 40.65
N GLU B 64 29.31 -12.98 40.21
CA GLU B 64 30.55 -12.54 40.85
C GLU B 64 31.47 -11.87 39.80
N ALA B 65 31.70 -10.58 39.99
CA ALA B 65 32.46 -9.78 39.05
C ALA B 65 33.92 -10.19 39.06
N VAL B 66 34.53 -10.17 37.87
CA VAL B 66 35.91 -10.57 37.68
C VAL B 66 36.71 -9.43 37.05
N GLY B 67 37.91 -9.19 37.54
CA GLY B 67 38.78 -8.20 36.94
C GLY B 67 39.20 -8.64 35.55
N ARG B 68 38.99 -7.78 34.56
CA ARG B 68 39.49 -8.04 33.22
C ARG B 68 40.06 -6.79 32.60
N GLU B 69 41.19 -6.96 31.93
CA GLU B 69 41.88 -5.82 31.37
C GLU B 69 41.82 -5.74 29.86
N PHE B 70 41.78 -4.53 29.35
CA PHE B 70 41.72 -4.30 27.91
C PHE B 70 42.57 -3.10 27.46
N ASN B 71 43.04 -3.11 26.21
CA ASN B 71 43.86 -2.01 25.71
C ASN B 71 43.08 -0.97 24.89
N ASN B 72 43.78 0.07 24.40
CA ASN B 72 43.13 1.20 23.72
C ASN B 72 42.42 0.83 22.46
N LEU B 73 42.68 -0.36 21.93
CA LEU B 73 41.96 -0.74 20.73
C LEU B 73 40.95 -1.85 20.97
N GLU B 74 40.64 -2.02 22.25
CA GLU B 74 39.65 -2.98 22.72
C GLU B 74 38.58 -2.25 23.54
N ARG B 75 38.29 -1.01 23.16
CA ARG B 75 37.35 -0.21 23.91
C ARG B 75 35.93 -0.75 23.86
N ARG B 76 35.60 -1.37 22.73
CA ARG B 76 34.27 -1.94 22.52
C ARG B 76 33.99 -3.09 23.43
N ILE B 77 34.90 -4.07 23.49
CA ILE B 77 34.63 -5.21 24.33
C ILE B 77 34.87 -4.81 25.77
N GLU B 78 35.64 -3.75 25.99
CA GLU B 78 35.84 -3.26 27.36
C GLU B 78 34.49 -2.79 27.90
N ASN B 79 33.80 -2.03 27.07
CA ASN B 79 32.53 -1.42 27.38
C ASN B 79 31.47 -2.50 27.46
N LEU B 80 31.51 -3.46 26.52
CA LEU B 80 30.60 -4.60 26.56
C LEU B 80 30.74 -5.32 27.89
N ASN B 81 31.98 -5.57 28.29
CA ASN B 81 32.31 -6.25 29.53
C ASN B 81 31.81 -5.45 30.74
N LYS B 82 31.91 -4.13 30.66
CA LYS B 82 31.47 -3.30 31.76
C LYS B 82 29.95 -3.37 31.86
N GLN B 83 29.26 -3.31 30.72
CA GLN B 83 27.81 -3.29 30.67
C GLN B 83 27.31 -4.63 31.16
N MET B 84 28.07 -5.68 30.87
CA MET B 84 27.69 -7.00 31.29
C MET B 84 27.77 -7.07 32.79
N GLU B 85 28.87 -6.56 33.35
CA GLU B 85 29.06 -6.62 34.80
C GLU B 85 28.05 -5.77 35.55
N ASP B 86 27.89 -4.53 35.12
CA ASP B 86 26.91 -3.66 35.74
C ASP B 86 25.53 -4.25 35.54
N GLY B 87 25.34 -4.90 34.39
CA GLY B 87 24.07 -5.46 34.02
C GLY B 87 23.61 -6.46 35.05
N PHE B 88 24.51 -7.38 35.39
CA PHE B 88 24.18 -8.41 36.36
C PHE B 88 24.15 -7.85 37.77
N LEU B 89 25.02 -6.89 38.05
CA LEU B 89 25.05 -6.28 39.37
C LEU B 89 23.72 -5.57 39.63
N ASP B 90 23.17 -4.92 38.61
CA ASP B 90 21.91 -4.22 38.76
C ASP B 90 20.75 -5.20 38.90
N VAL B 91 20.81 -6.32 38.19
CA VAL B 91 19.76 -7.32 38.27
C VAL B 91 19.71 -7.93 39.67
N TRP B 92 20.87 -8.35 40.16
CA TRP B 92 20.92 -9.00 41.45
C TRP B 92 20.65 -8.07 42.62
N THR B 93 20.92 -6.78 42.42
CA THR B 93 20.62 -5.80 43.45
C THR B 93 19.10 -5.63 43.51
N TYR B 94 18.46 -5.55 42.36
CA TYR B 94 17.02 -5.55 42.28
C TYR B 94 16.47 -6.81 42.96
N ASN B 95 16.99 -7.97 42.60
CA ASN B 95 16.47 -9.20 43.15
C ASN B 95 16.55 -9.29 44.69
N ALA B 96 17.61 -8.76 45.26
CA ALA B 96 17.81 -8.80 46.70
C ALA B 96 16.91 -7.77 47.37
N GLU B 97 16.90 -6.56 46.83
CA GLU B 97 16.06 -5.51 47.37
C GLU B 97 14.57 -5.85 47.35
N LEU B 98 14.13 -6.43 46.23
CA LEU B 98 12.72 -6.71 46.02
C LEU B 98 12.27 -7.87 46.85
N LEU B 99 13.15 -8.87 46.94
CA LEU B 99 12.84 -10.05 47.69
C LEU B 99 12.65 -9.67 49.14
N VAL B 100 13.53 -8.81 49.64
CA VAL B 100 13.44 -8.37 51.02
C VAL B 100 12.19 -7.56 51.25
N LEU B 101 11.89 -6.61 50.35
CA LEU B 101 10.67 -5.83 50.46
C LEU B 101 9.39 -6.71 50.45
N MET B 102 9.35 -7.68 49.53
CA MET B 102 8.16 -8.52 49.38
C MET B 102 7.97 -9.45 50.56
N GLU B 103 9.06 -10.09 51.00
CA GLU B 103 8.93 -11.02 52.09
C GLU B 103 8.77 -10.33 53.47
N ASN B 104 9.21 -9.07 53.55
CA ASN B 104 8.97 -8.29 54.74
C ASN B 104 7.49 -8.07 54.91
N GLU B 105 6.85 -7.67 53.82
CA GLU B 105 5.43 -7.41 53.82
C GLU B 105 4.68 -8.70 54.18
N ARG B 106 5.11 -9.82 53.62
CA ARG B 106 4.42 -11.06 53.93
C ARG B 106 4.66 -11.47 55.38
N THR B 107 5.82 -11.14 55.91
CA THR B 107 6.17 -11.49 57.28
C THR B 107 5.33 -10.76 58.28
N LEU B 108 5.12 -9.46 58.06
CA LEU B 108 4.29 -8.68 58.95
C LEU B 108 2.84 -9.25 58.94
N ASP B 109 2.34 -9.57 57.76
CA ASP B 109 1.00 -10.12 57.62
C ASP B 109 0.93 -11.56 58.17
N PHE B 110 2.07 -12.25 58.15
CA PHE B 110 2.18 -13.61 58.70
C PHE B 110 1.97 -13.60 60.20
N HIS B 111 2.59 -12.62 60.86
CA HIS B 111 2.42 -12.47 62.29
C HIS B 111 0.95 -12.11 62.57
N ASP B 112 0.41 -11.18 61.78
CA ASP B 112 -0.97 -10.75 61.91
C ASP B 112 -1.88 -11.98 61.83
N SER B 113 -1.59 -12.85 60.88
CA SER B 113 -2.38 -14.06 60.68
C SER B 113 -2.23 -15.07 61.84
N ASN B 114 -1.04 -15.15 62.45
CA ASN B 114 -0.83 -16.10 63.53
C ASN B 114 -1.65 -15.65 64.74
N VAL B 115 -1.71 -14.32 64.92
CA VAL B 115 -2.43 -13.77 66.04
C VAL B 115 -3.93 -14.00 65.85
N LYS B 116 -4.44 -13.62 64.68
CA LYS B 116 -5.85 -13.78 64.39
C LYS B 116 -6.26 -15.26 64.51
N ASN B 117 -5.36 -16.18 64.17
CA ASN B 117 -5.65 -17.61 64.31
C ASN B 117 -5.68 -18.02 65.80
N LEU B 118 -4.82 -17.38 66.60
CA LEU B 118 -4.75 -17.72 68.01
C LEU B 118 -6.02 -17.27 68.69
N TYR B 119 -6.46 -16.08 68.33
CA TYR B 119 -7.70 -15.54 68.87
C TYR B 119 -8.85 -16.45 68.49
N ASP B 120 -8.88 -16.88 67.23
CA ASP B 120 -9.93 -17.76 66.77
C ASP B 120 -9.88 -19.13 67.45
N LYS B 121 -8.68 -19.58 67.81
CA LYS B 121 -8.47 -20.88 68.48
C LYS B 121 -9.19 -20.92 69.84
N VAL B 122 -9.10 -19.81 70.54
CA VAL B 122 -9.74 -19.63 71.83
C VAL B 122 -11.23 -19.43 71.66
N ARG B 123 -11.59 -18.52 70.76
CA ARG B 123 -12.99 -18.22 70.47
C ARG B 123 -13.75 -19.48 70.11
N LEU B 124 -13.17 -20.33 69.27
CA LEU B 124 -13.92 -21.50 68.80
C LEU B 124 -14.07 -22.54 69.89
N GLN B 125 -13.23 -22.44 70.92
CA GLN B 125 -13.34 -23.30 72.06
C GLN B 125 -14.41 -22.76 73.00
N LEU B 126 -14.37 -21.48 73.30
CA LEU B 126 -15.23 -20.92 74.33
C LEU B 126 -16.68 -20.84 73.90
N ARG B 127 -16.94 -20.48 72.65
CA ARG B 127 -18.31 -20.37 72.13
C ARG B 127 -19.16 -19.48 73.05
N ASP B 128 -20.34 -19.99 73.42
CA ASP B 128 -21.22 -19.20 74.29
C ASP B 128 -20.84 -19.27 75.77
N ASN B 129 -19.79 -20.02 76.11
CA ASN B 129 -19.29 -20.05 77.48
C ASN B 129 -18.54 -18.77 77.91
N ALA B 130 -18.38 -17.84 76.97
CA ALA B 130 -17.71 -16.57 77.23
C ALA B 130 -18.19 -15.52 76.24
N LYS B 131 -17.96 -14.26 76.60
CA LYS B 131 -18.43 -13.10 75.84
C LYS B 131 -17.26 -12.44 75.09
N GLU B 132 -17.42 -12.18 73.80
CA GLU B 132 -16.37 -11.49 73.06
C GLU B 132 -16.34 -10.00 73.40
N LEU B 133 -15.35 -9.55 74.15
CA LEU B 133 -15.29 -8.14 74.48
C LEU B 133 -14.97 -7.31 73.25
N GLY B 134 -14.29 -7.92 72.28
CA GLY B 134 -14.03 -7.27 71.01
C GLY B 134 -12.69 -6.54 70.94
N ASN B 135 -11.79 -6.89 71.85
CA ASN B 135 -10.48 -6.27 71.95
C ASN B 135 -9.42 -7.34 72.14
N GLY B 136 -9.79 -8.58 71.82
CA GLY B 136 -8.86 -9.68 71.97
C GLY B 136 -9.15 -10.42 73.27
N CYS B 137 -10.09 -9.87 74.05
CA CYS B 137 -10.45 -10.47 75.34
C CYS B 137 -11.82 -11.13 75.33
N PHE B 138 -11.89 -12.24 76.04
CA PHE B 138 -13.13 -12.95 76.21
C PHE B 138 -13.44 -12.89 77.69
N GLU B 139 -14.64 -12.39 78.04
CA GLU B 139 -15.12 -12.41 79.43
C GLU B 139 -15.90 -13.67 79.62
N PHE B 140 -15.48 -14.47 80.59
CA PHE B 140 -16.10 -15.78 80.86
C PHE B 140 -17.46 -15.68 81.52
N TYR B 141 -18.35 -16.59 81.15
CA TYR B 141 -19.65 -16.72 81.81
C TYR B 141 -19.61 -17.75 82.95
N HIS B 142 -18.40 -18.14 83.35
CA HIS B 142 -18.25 -19.09 84.46
C HIS B 142 -16.93 -18.88 85.20
N LYS B 143 -16.63 -19.76 86.13
CA LYS B 143 -15.42 -19.59 86.91
C LYS B 143 -14.33 -20.30 86.18
N CYS B 144 -13.25 -19.59 85.93
CA CYS B 144 -12.14 -20.21 85.26
C CYS B 144 -10.92 -20.12 86.14
N ASP B 145 -10.62 -21.19 86.86
CA ASP B 145 -9.43 -21.19 87.69
C ASP B 145 -8.18 -21.32 86.81
N ASN B 146 -7.03 -21.27 87.46
CA ASN B 146 -5.76 -21.40 86.77
C ASN B 146 -5.69 -22.67 85.90
N GLU B 147 -6.24 -23.78 86.37
CA GLU B 147 -6.19 -25.00 85.57
C GLU B 147 -7.09 -24.92 84.34
N CYS B 148 -8.20 -24.20 84.51
CA CYS B 148 -9.13 -23.93 83.41
C CYS B 148 -8.45 -22.99 82.41
N MET B 149 -7.78 -21.96 82.93
CA MET B 149 -7.01 -21.07 82.07
C MET B 149 -6.01 -21.87 81.25
N GLU B 150 -5.35 -22.83 81.91
CA GLU B 150 -4.37 -23.65 81.22
C GLU B 150 -5.02 -24.53 80.14
N SER B 151 -6.28 -24.92 80.32
CA SER B 151 -6.94 -25.77 79.32
C SER B 151 -7.29 -24.94 78.08
N VAL B 152 -7.56 -23.66 78.29
CA VAL B 152 -7.89 -22.85 77.14
C VAL B 152 -6.60 -22.67 76.38
N LYS B 153 -5.51 -22.42 77.11
CA LYS B 153 -4.22 -22.14 76.49
C LYS B 153 -3.65 -23.37 75.74
N ASN B 154 -3.91 -24.60 76.22
CA ASN B 154 -3.37 -25.77 75.49
C ASN B 154 -4.40 -26.56 74.65
N GLY B 155 -5.54 -25.92 74.38
CA GLY B 155 -6.54 -26.47 73.48
C GLY B 155 -7.30 -27.69 74.00
N THR B 156 -7.50 -27.77 75.33
CA THR B 156 -8.19 -28.89 75.94
C THR B 156 -9.39 -28.43 76.79
N TYR B 157 -9.93 -27.27 76.45
CA TYR B 157 -11.09 -26.72 77.13
C TYR B 157 -12.23 -27.73 77.04
N ASP B 158 -12.84 -28.05 78.19
CA ASP B 158 -13.97 -28.96 78.19
C ASP B 158 -15.22 -28.11 78.17
N TYR B 159 -15.66 -27.73 76.97
CA TYR B 159 -16.83 -26.86 76.86
C TYR B 159 -18.05 -27.34 77.66
N PRO B 160 -18.48 -28.61 77.47
CA PRO B 160 -19.71 -28.99 78.17
C PRO B 160 -19.61 -29.00 79.70
N GLN B 161 -18.41 -29.17 80.26
CA GLN B 161 -18.21 -29.15 81.71
C GLN B 161 -18.67 -27.84 82.35
N TYR B 162 -18.49 -26.75 81.62
CA TYR B 162 -18.83 -25.44 82.13
C TYR B 162 -20.09 -24.94 81.45
N SER B 163 -20.60 -25.74 80.53
CA SER B 163 -21.73 -25.34 79.70
C SER B 163 -22.93 -24.90 80.54
N GLU B 164 -23.26 -25.72 81.55
CA GLU B 164 -24.44 -25.44 82.36
C GLU B 164 -24.24 -24.19 83.21
N GLU B 165 -23.12 -24.11 83.94
CA GLU B 165 -22.96 -22.93 84.77
C GLU B 165 -22.81 -21.70 83.89
N ALA B 166 -22.35 -21.87 82.65
CA ALA B 166 -22.26 -20.71 81.78
C ALA B 166 -23.66 -20.27 81.38
N ARG B 167 -24.45 -21.23 80.87
CA ARG B 167 -25.80 -20.95 80.41
C ARG B 167 -26.65 -20.28 81.49
N LEU B 168 -26.54 -20.76 82.72
CA LEU B 168 -27.30 -20.15 83.79
C LEU B 168 -26.87 -18.69 83.98
N ASN B 169 -25.57 -18.41 83.93
CA ASN B 169 -25.08 -17.04 84.12
C ASN B 169 -25.44 -16.14 82.98
N ARG B 170 -25.65 -16.71 81.79
CA ARG B 170 -26.03 -15.88 80.64
C ARG B 170 -27.46 -15.42 80.83
N GLU B 171 -28.30 -16.33 81.31
CA GLU B 171 -29.72 -16.07 81.36
C GLU B 171 -30.21 -15.14 82.50
N GLU B 172 -29.44 -14.96 83.59
CA GLU B 172 -29.90 -13.96 84.59
C GLU B 172 -29.53 -12.60 83.99
N ILE B 173 -28.64 -12.60 82.99
CA ILE B 173 -28.31 -11.43 82.18
C ILE B 173 -29.29 -11.34 80.98
N PRO C 3 -38.53 -2.26 57.96
CA PRO C 3 -39.17 -1.74 59.14
C PRO C 3 -38.17 -0.99 60.04
N GLY C 4 -36.89 -1.37 59.96
CA GLY C 4 -35.90 -0.82 60.90
C GLY C 4 -34.73 -0.08 60.23
N ASP C 5 -34.11 0.83 61.00
CA ASP C 5 -32.96 1.58 60.52
C ASP C 5 -31.81 0.65 60.20
N ILE C 7 -27.61 0.20 58.35
CA ILE C 7 -26.42 0.74 57.75
C ILE C 7 -25.72 -0.32 56.90
N CYS C 8 -25.23 0.09 55.74
CA CYS C 8 -24.61 -0.86 54.81
C CYS C 8 -23.17 -0.52 54.51
N ILE C 9 -22.33 -1.56 54.41
CA ILE C 9 -20.95 -1.38 53.99
C ILE C 9 -20.89 -1.78 52.54
N GLY C 10 -20.23 -0.95 51.74
CA GLY C 10 -20.12 -1.25 50.32
C GLY C 10 -18.95 -0.55 49.68
N TYR C 11 -18.81 -0.75 48.37
CA TYR C 11 -17.64 -0.23 47.69
C TYR C 11 -17.96 0.41 46.33
N HIS C 12 -17.04 1.25 45.85
CA HIS C 12 -17.25 2.05 44.64
C HIS C 12 -17.44 1.24 43.35
N ALA C 13 -18.19 1.83 42.44
CA ALA C 13 -18.36 1.26 41.12
C ALA C 13 -18.63 2.38 40.14
N ASN C 14 -18.24 2.19 38.87
CA ASN C 14 -18.46 3.20 37.84
C ASN C 14 -18.59 2.62 36.44
N ASN C 15 -18.66 3.51 35.45
CA ASN C 15 -18.87 3.14 34.05
C ASN C 15 -17.56 2.82 33.29
N SER C 16 -16.52 2.48 34.04
CA SER C 16 -15.22 2.15 33.47
C SER C 16 -15.19 0.84 32.71
N THR C 17 -14.40 0.80 31.64
CA THR C 17 -14.32 -0.40 30.84
C THR C 17 -12.87 -0.87 30.84
N GLU C 18 -12.03 -0.09 31.51
CA GLU C 18 -10.63 -0.41 31.64
C GLU C 18 -10.46 -1.80 32.24
N GLN C 19 -9.64 -2.61 31.58
CA GLN C 19 -9.36 -3.99 31.99
C GLN C 19 -7.88 -4.15 32.40
N VAL C 20 -7.61 -5.17 33.18
CA VAL C 20 -6.30 -5.34 33.78
C VAL C 20 -6.04 -6.84 33.87
N ASP C 21 -4.77 -7.27 33.91
CA ASP C 21 -4.50 -8.71 33.98
C ASP C 21 -3.84 -9.17 35.29
N THR C 22 -4.06 -10.42 35.66
CA THR C 22 -3.43 -10.99 36.85
C THR C 22 -3.01 -12.41 36.59
N ILE C 23 -2.42 -13.05 37.59
CA ILE C 23 -1.96 -14.42 37.42
C ILE C 23 -3.10 -15.40 37.17
N MET C 24 -4.16 -15.26 37.96
CA MET C 24 -5.26 -16.21 37.88
C MET C 24 -6.33 -15.76 36.89
N GLU C 25 -6.39 -14.48 36.56
CA GLU C 25 -7.48 -14.00 35.72
C GLU C 25 -7.03 -12.95 34.69
N LYS C 26 -7.62 -13.01 33.49
CA LYS C 26 -7.32 -12.04 32.44
C LYS C 26 -8.54 -11.19 32.08
N ASN C 27 -8.30 -9.97 31.62
CA ASN C 27 -9.37 -9.03 31.25
C ASN C 27 -10.34 -8.78 32.41
N VAL C 28 -9.80 -8.22 33.49
CA VAL C 28 -10.59 -7.90 34.66
C VAL C 28 -10.97 -6.43 34.61
N THR C 29 -12.25 -6.17 34.41
CA THR C 29 -12.70 -4.81 34.37
C THR C 29 -12.58 -4.28 35.78
N VAL C 30 -12.11 -3.05 35.85
CA VAL C 30 -11.61 -2.48 37.08
C VAL C 30 -12.08 -1.04 37.11
N THR C 31 -12.17 -0.40 38.26
CA THR C 31 -12.70 0.96 38.30
C THR C 31 -11.70 2.02 37.87
N HIS C 32 -10.43 1.77 38.18
CA HIS C 32 -9.37 2.72 37.87
C HIS C 32 -8.08 1.98 37.56
N ALA C 33 -7.42 2.35 36.48
CA ALA C 33 -6.16 1.71 36.14
C ALA C 33 -5.14 2.72 35.61
N GLN C 34 -3.85 2.40 35.71
CA GLN C 34 -2.83 3.30 35.18
C GLN C 34 -1.97 2.62 34.10
N ASP C 35 -2.00 3.18 32.90
CA ASP C 35 -1.16 2.67 31.83
C ASP C 35 0.28 3.15 32.09
N ILE C 36 1.23 2.24 32.00
CA ILE C 36 2.61 2.61 32.28
C ILE C 36 3.57 2.31 31.12
N LEU C 37 2.99 2.09 29.94
CA LEU C 37 3.72 1.79 28.72
C LEU C 37 3.43 2.79 27.63
N GLU C 38 4.46 3.52 27.23
CA GLU C 38 4.37 4.49 26.15
C GLU C 38 4.53 3.79 24.83
N LYS C 39 3.62 4.05 23.90
CA LYS C 39 3.61 3.36 22.61
C LYS C 39 3.62 4.27 21.36
N THR C 40 3.90 5.55 21.54
CA THR C 40 3.85 6.47 20.40
C THR C 40 5.09 7.34 20.35
N HIS C 41 5.49 7.66 19.12
CA HIS C 41 6.61 8.52 18.84
C HIS C 41 6.23 9.40 17.65
N ASN C 42 6.96 10.50 17.44
CA ASN C 42 6.63 11.42 16.37
C ASN C 42 7.18 11.08 14.95
N GLY C 43 7.82 9.91 14.82
CA GLY C 43 8.28 9.39 13.52
C GLY C 43 9.34 10.26 12.85
N LYS C 44 10.01 11.05 13.68
CA LYS C 44 10.98 12.02 13.20
C LYS C 44 12.28 12.02 14.01
N LEU C 45 13.36 12.41 13.36
CA LEU C 45 14.63 12.60 14.05
C LEU C 45 14.67 14.03 14.53
N CYS C 46 15.01 14.24 15.79
CA CYS C 46 14.90 15.60 16.30
C CYS C 46 16.13 16.02 17.06
N ASP C 47 16.16 17.32 17.30
CA ASP C 47 17.18 17.97 18.07
C ASP C 47 17.05 17.47 19.51
N LEU C 48 18.16 17.36 20.23
CA LEU C 48 18.15 16.86 21.62
C LEU C 48 18.54 17.92 22.63
N ASN C 49 17.55 18.49 23.32
CA ASN C 49 17.77 19.55 24.30
C ASN C 49 18.52 20.73 23.72
N GLY C 50 18.05 21.23 22.59
CA GLY C 50 18.62 22.41 21.98
C GLY C 50 19.99 22.19 21.32
N VAL C 51 20.39 20.91 21.16
CA VAL C 51 21.64 20.59 20.46
C VAL C 51 21.35 19.69 19.25
N PRO C 53 21.38 17.22 16.04
CA PRO C 53 22.22 16.08 15.70
C PRO C 53 22.99 16.30 14.40
N LEU C 54 24.06 15.54 14.18
CA LEU C 54 24.80 15.59 12.93
C LEU C 54 24.19 14.55 12.01
N ILE C 55 23.44 14.99 11.00
CA ILE C 55 22.83 14.03 10.07
C ILE C 55 23.70 13.84 8.82
N LEU C 56 24.21 12.63 8.64
CA LEU C 56 25.17 12.38 7.58
C LEU C 56 24.56 12.25 6.17
N ARG C 57 23.22 12.29 6.11
CA ARG C 57 22.49 12.00 4.86
C ARG C 57 23.04 10.77 4.17
N ASP C 58 23.60 10.97 2.99
CA ASP C 58 24.06 9.85 2.20
C ASP C 58 25.55 9.61 2.40
N CYS C 59 26.13 10.31 3.38
CA CYS C 59 27.53 10.10 3.71
C CYS C 59 27.75 9.13 4.88
N SER C 60 28.88 8.43 4.82
CA SER C 60 29.31 7.57 5.91
C SER C 60 30.29 8.34 6.79
N VAL C 61 30.58 7.81 7.96
CA VAL C 61 31.56 8.44 8.85
C VAL C 61 32.94 8.54 8.21
N ALA C 62 33.34 7.47 7.51
CA ALA C 62 34.61 7.47 6.77
C ALA C 62 34.61 8.62 5.76
N GLY C 63 33.55 8.66 4.95
CA GLY C 63 33.39 9.66 3.91
C GLY C 63 33.47 11.06 4.47
N TRP C 64 32.85 11.22 5.62
CA TRP C 64 32.87 12.49 6.30
C TRP C 64 34.29 12.82 6.76
N LEU C 65 34.90 11.95 7.54
CA LEU C 65 36.18 12.26 8.15
C LEU C 65 37.31 12.36 7.12
N LEU C 66 37.35 11.45 6.15
CA LEU C 66 38.40 11.49 5.10
C LEU C 66 38.14 12.67 4.15
N GLY C 67 36.86 13.06 4.04
CA GLY C 67 36.50 14.18 3.19
C GLY C 67 36.15 13.83 1.74
N ASN C 68 35.28 12.85 1.58
CA ASN C 68 34.75 12.53 0.29
C ASN C 68 34.17 13.78 -0.34
N PRO C 69 34.61 14.10 -1.57
CA PRO C 69 34.16 15.32 -2.24
C PRO C 69 32.64 15.40 -2.33
N MET C 70 31.95 14.27 -2.36
CA MET C 70 30.48 14.30 -2.37
C MET C 70 29.89 14.60 -0.98
N CYS C 71 30.77 14.83 -0.02
CA CYS C 71 30.37 15.11 1.37
C CYS C 71 30.73 16.54 1.82
N ASP C 72 30.60 17.50 0.92
CA ASP C 72 31.05 18.86 1.25
C ASP C 72 30.21 19.54 2.31
N GLU C 73 29.01 19.03 2.54
CA GLU C 73 28.11 19.63 3.52
C GLU C 73 28.78 19.67 4.91
N PHE C 74 29.69 18.74 5.15
CA PHE C 74 30.25 18.54 6.47
C PHE C 74 31.70 19.00 6.59
N ILE C 75 32.09 19.97 5.77
CA ILE C 75 33.47 20.46 5.82
C ILE C 75 33.79 21.08 7.18
N ASN C 76 32.81 21.75 7.78
CA ASN C 76 32.98 22.32 9.11
C ASN C 76 31.66 22.28 9.90
N VAL C 77 31.42 21.14 10.53
CA VAL C 77 30.17 20.85 11.22
C VAL C 77 30.21 21.35 12.66
N PRO C 78 29.06 21.86 13.14
CA PRO C 78 29.04 22.35 14.52
C PRO C 78 28.88 21.22 15.52
N GLU C 79 28.92 21.58 16.81
CA GLU C 79 28.76 20.62 17.87
C GLU C 79 27.48 19.80 17.64
N TRP C 80 27.52 18.52 17.96
CA TRP C 80 26.32 17.70 17.80
C TRP C 80 25.90 17.03 19.11
N SER C 81 24.66 16.60 19.16
CA SER C 81 24.15 15.87 20.30
C SER C 81 24.39 14.41 20.05
N TYR C 82 23.80 13.89 18.98
CA TYR C 82 24.03 12.51 18.56
C TYR C 82 24.34 12.51 17.07
N ILE C 83 24.73 11.36 16.53
CA ILE C 83 25.04 11.29 15.10
C ILE C 83 24.09 10.31 14.41
N VAL C 84 23.61 10.69 13.24
CA VAL C 84 22.73 9.82 12.46
C VAL C 84 23.41 9.37 11.17
N GLU C 85 23.48 8.07 10.96
CA GLU C 85 24.07 7.48 9.76
C GLU C 85 23.12 6.46 9.17
N LYS C 86 22.95 6.45 7.86
CA LYS C 86 22.10 5.47 7.20
C LYS C 86 22.72 4.07 7.27
N ALA C 87 21.93 3.05 6.93
CA ALA C 87 22.42 1.69 7.03
C ALA C 87 23.55 1.47 6.07
N SER C 88 23.30 1.78 4.81
CA SER C 88 24.28 1.55 3.76
C SER C 88 24.45 2.79 2.93
N PRO C 89 25.17 3.80 3.46
CA PRO C 89 25.35 5.10 2.81
C PRO C 89 26.05 4.95 1.47
N ALA C 90 25.70 5.75 0.47
CA ALA C 90 26.30 5.63 -0.87
C ALA C 90 27.71 6.18 -0.89
N ASN C 91 27.88 7.32 -0.25
CA ASN C 91 29.15 8.04 -0.24
C ASN C 91 30.03 7.56 0.89
N ASP C 92 30.77 6.48 0.65
CA ASP C 92 31.72 5.99 1.63
C ASP C 92 33.15 6.31 1.15
N LEU C 93 33.95 5.27 0.88
CA LEU C 93 35.27 5.47 0.33
C LEU C 93 35.14 5.53 -1.21
N CYS C 94 35.15 6.74 -1.77
CA CYS C 94 34.97 6.92 -3.23
C CYS C 94 36.03 6.14 -4.03
N TYR C 95 37.28 6.23 -3.62
CA TYR C 95 38.34 5.33 -4.09
C TYR C 95 38.33 4.12 -3.17
N PRO C 96 38.21 2.92 -3.75
CA PRO C 96 38.05 1.70 -2.94
C PRO C 96 39.26 1.34 -2.08
N GLY C 97 38.96 0.76 -0.92
CA GLY C 97 39.95 0.33 0.04
C GLY C 97 39.36 0.07 1.43
N ASP C 98 40.19 0.21 2.46
CA ASP C 98 39.78 -0.16 3.80
C ASP C 98 40.10 0.94 4.79
N PHE C 99 39.35 0.93 5.89
CA PHE C 99 39.61 1.87 6.96
C PHE C 99 39.89 1.01 8.19
N ASN C 100 41.16 0.91 8.58
CA ASN C 100 41.54 0.02 9.68
C ASN C 100 40.95 0.42 11.01
N ASP C 101 40.51 -0.58 11.78
CA ASP C 101 39.93 -0.31 13.09
C ASP C 101 38.85 0.73 12.98
N TYR C 102 38.06 0.62 11.91
CA TYR C 102 37.01 1.59 11.64
C TYR C 102 35.99 1.58 12.76
N GLU C 103 35.58 0.38 13.17
CA GLU C 103 34.55 0.25 14.19
C GLU C 103 35.04 0.89 15.47
N GLU C 104 36.30 0.66 15.81
CA GLU C 104 36.86 1.28 17.00
C GLU C 104 36.87 2.81 16.85
N LEU C 105 36.93 3.31 15.61
CA LEU C 105 36.90 4.75 15.38
C LEU C 105 35.47 5.29 15.51
N LYS C 106 34.49 4.55 15.02
CA LYS C 106 33.10 4.96 15.22
C LYS C 106 32.79 4.99 16.74
N HIS C 107 33.36 4.05 17.46
CA HIS C 107 33.13 4.00 18.90
C HIS C 107 33.65 5.27 19.55
N LEU C 108 34.84 5.68 19.16
CA LEU C 108 35.45 6.89 19.70
C LEU C 108 34.59 8.10 19.42
N LEU C 109 33.96 8.09 18.26
CA LEU C 109 33.09 9.18 17.83
C LEU C 109 31.91 9.28 18.75
N SER C 110 31.33 8.12 19.03
CA SER C 110 30.13 8.03 19.85
C SER C 110 30.40 8.52 21.26
N ARG C 111 31.66 8.69 21.62
CA ARG C 111 31.99 9.27 22.91
C ARG C 111 32.43 10.72 22.73
N THR C 112 31.98 11.32 21.63
CA THR C 112 32.43 12.65 21.23
C THR C 112 31.31 13.55 20.66
N ASN C 113 31.36 14.86 20.98
CA ASN C 113 30.34 15.82 20.54
C ASN C 113 30.82 16.89 19.59
N HIS C 114 32.11 17.20 19.63
CA HIS C 114 32.65 18.29 18.83
C HIS C 114 34.05 18.09 18.27
N PHE C 115 34.12 18.13 16.94
CA PHE C 115 35.36 18.13 16.18
C PHE C 115 35.59 19.51 15.61
N GLU C 116 36.77 20.03 15.82
CA GLU C 116 37.20 21.25 15.16
C GLU C 116 38.28 20.86 14.17
N LYS C 117 38.02 21.00 12.87
CA LYS C 117 39.00 20.61 11.85
C LYS C 117 40.17 21.59 11.82
N ILE C 118 41.40 21.08 11.77
CA ILE C 118 42.57 21.96 11.65
C ILE C 118 43.62 21.48 10.63
N GLN C 119 44.20 22.42 9.89
CA GLN C 119 45.20 22.08 8.90
C GLN C 119 46.49 21.76 9.61
N ILE C 120 46.97 20.53 9.44
CA ILE C 120 48.09 20.01 10.21
C ILE C 120 49.33 19.98 9.32
N ILE C 121 49.10 19.70 8.04
CA ILE C 121 50.12 19.82 7.01
C ILE C 121 49.52 20.45 5.77
N PRO C 122 49.88 21.72 5.50
CA PRO C 122 49.38 22.51 4.37
C PRO C 122 49.67 21.84 3.04
N LYS C 123 48.68 21.79 2.13
CA LYS C 123 48.90 21.17 0.83
C LYS C 123 50.00 21.95 0.08
N SER C 124 50.11 23.25 0.37
CA SER C 124 51.05 24.14 -0.28
C SER C 124 52.52 23.78 0.02
N SER C 125 52.74 23.08 1.12
CA SER C 125 54.10 22.82 1.56
C SER C 125 54.75 21.65 0.80
N TRP C 126 54.02 21.07 -0.15
CA TRP C 126 54.59 19.97 -0.92
C TRP C 126 55.28 20.51 -2.17
N SER C 127 56.49 21.04 -1.96
CA SER C 127 57.24 21.69 -3.01
C SER C 127 57.87 20.70 -4.00
N ASN C 128 58.37 19.57 -3.50
CA ASN C 128 59.06 18.62 -4.36
C ASN C 128 58.27 17.36 -4.69
N HIS C 129 56.96 17.41 -4.48
CA HIS C 129 56.09 16.33 -4.90
C HIS C 129 54.88 16.99 -5.53
N ASP C 130 54.10 16.23 -6.29
CA ASP C 130 52.88 16.73 -6.92
C ASP C 130 51.64 16.46 -6.03
N ALA C 131 51.07 17.53 -5.48
CA ALA C 131 49.89 17.41 -4.62
C ALA C 131 48.64 17.81 -5.37
N SER C 132 48.73 17.77 -6.69
CA SER C 132 47.66 18.30 -7.54
C SER C 132 47.13 17.23 -8.48
N SER C 133 47.98 16.25 -8.80
CA SER C 133 47.59 15.16 -9.68
C SER C 133 47.06 13.95 -8.92
N GLY C 134 47.13 14.01 -7.60
CA GLY C 134 46.58 12.96 -6.76
C GLY C 134 45.07 13.02 -6.81
N VAL C 135 44.50 12.54 -7.90
CA VAL C 135 43.11 12.79 -8.21
C VAL C 135 42.60 11.61 -9.05
N SER C 136 41.32 11.28 -8.91
CA SER C 136 40.78 10.11 -9.58
C SER C 136 39.35 10.35 -10.03
N SER C 137 38.90 9.62 -11.05
CA SER C 137 37.52 9.77 -11.53
C SER C 137 36.60 8.98 -10.63
N ALA C 138 37.19 8.18 -9.75
CA ALA C 138 36.41 7.43 -8.77
C ALA C 138 35.93 8.37 -7.71
N CYS C 139 36.65 9.48 -7.57
CA CYS C 139 36.30 10.49 -6.55
C CYS C 139 35.92 11.80 -7.19
N PRO C 140 34.77 11.81 -7.92
CA PRO C 140 34.37 13.02 -8.64
C PRO C 140 33.85 14.10 -7.71
N TYR C 141 34.27 15.32 -8.01
CA TYR C 141 33.77 16.50 -7.33
C TYR C 141 32.57 17.01 -8.13
N HIS C 142 32.71 18.16 -8.76
CA HIS C 142 31.64 18.68 -9.61
C HIS C 142 31.86 18.14 -11.01
N GLY C 143 31.70 16.83 -11.16
CA GLY C 143 31.89 16.16 -12.44
C GLY C 143 33.34 15.96 -12.82
N ARG C 144 34.25 16.68 -12.15
CA ARG C 144 35.67 16.63 -12.47
C ARG C 144 36.36 15.68 -11.49
N SER C 145 37.38 14.97 -11.96
CA SER C 145 38.10 14.03 -11.09
C SER C 145 38.72 14.76 -9.91
N SER C 146 38.59 14.17 -8.72
CA SER C 146 39.05 14.83 -7.51
C SER C 146 39.54 13.76 -6.54
N PHE C 147 39.46 14.06 -5.24
CA PHE C 147 39.97 13.15 -4.21
C PHE C 147 39.51 13.59 -2.83
N PHE C 148 39.71 12.73 -1.83
CA PHE C 148 39.40 13.05 -0.44
C PHE C 148 40.02 14.38 -0.08
N ARG C 149 39.29 15.21 0.65
CA ARG C 149 39.72 16.58 0.87
C ARG C 149 40.66 16.83 2.04
N ASN C 150 40.73 15.91 3.00
CA ASN C 150 41.48 16.19 4.23
C ASN C 150 42.79 15.48 4.21
N VAL C 151 43.02 14.82 3.10
CA VAL C 151 44.12 13.92 2.99
C VAL C 151 44.68 14.07 1.56
N VAL C 152 46.00 13.99 1.42
CA VAL C 152 46.62 14.35 0.13
C VAL C 152 47.32 13.19 -0.57
N TRP C 153 46.92 12.92 -1.81
CA TRP C 153 47.53 11.85 -2.59
C TRP C 153 48.78 12.37 -3.29
N LEU C 154 49.91 12.34 -2.60
CA LEU C 154 51.17 12.81 -3.14
C LEU C 154 51.66 11.95 -4.29
N ILE C 155 52.02 12.59 -5.39
CA ILE C 155 52.54 11.91 -6.59
C ILE C 155 53.91 12.46 -7.01
N LYS C 156 54.72 11.63 -7.66
CA LYS C 156 56.07 12.02 -8.08
C LYS C 156 56.07 13.30 -8.90
N LYS C 157 57.16 14.03 -8.81
CA LYS C 157 57.31 15.29 -9.53
C LYS C 157 58.64 15.24 -10.26
N ASN C 158 58.67 15.59 -11.55
CA ASN C 158 59.89 15.51 -12.36
C ASN C 158 60.50 14.13 -12.29
N SER C 159 59.64 13.12 -12.39
CA SER C 159 60.07 11.73 -12.36
C SER C 159 60.89 11.40 -11.12
N ALA C 160 60.58 12.08 -10.02
CA ALA C 160 61.28 11.86 -8.77
C ALA C 160 60.32 11.95 -7.62
N TYR C 161 60.45 11.02 -6.67
CA TYR C 161 59.72 11.05 -5.42
C TYR C 161 60.71 11.01 -4.28
N PRO C 162 61.21 12.18 -3.89
CA PRO C 162 62.18 12.31 -2.79
C PRO C 162 61.57 11.79 -1.50
N THR C 163 62.41 11.31 -0.60
CA THR C 163 61.94 10.85 0.69
C THR C 163 61.31 11.99 1.50
N ILE C 164 60.10 11.74 1.98
CA ILE C 164 59.34 12.67 2.80
C ILE C 164 59.60 12.46 4.28
N LYS C 165 59.87 13.55 4.98
CA LYS C 165 60.01 13.51 6.42
C LYS C 165 59.26 14.71 6.98
N ARG C 166 57.99 14.51 7.32
CA ARG C 166 57.21 15.56 7.94
C ARG C 166 56.90 15.10 9.34
N SER C 167 56.77 16.07 10.24
CA SER C 167 56.58 15.81 11.64
C SER C 167 55.61 16.85 12.15
N TYR C 168 54.67 16.45 13.00
CA TYR C 168 53.77 17.40 13.59
C TYR C 168 53.63 17.22 15.11
N ASN C 169 53.85 18.30 15.84
CA ASN C 169 53.75 18.33 17.30
C ASN C 169 52.43 18.93 17.70
N ASN C 170 51.57 18.14 18.34
CA ASN C 170 50.30 18.65 18.82
C ASN C 170 50.51 19.64 19.95
N THR C 171 50.27 20.91 19.67
CA THR C 171 50.48 21.96 20.64
C THR C 171 49.15 22.33 21.28
N ASN C 172 48.08 21.70 20.84
CA ASN C 172 46.78 22.02 21.42
C ASN C 172 46.62 21.41 22.81
N GLN C 173 45.49 21.67 23.44
CA GLN C 173 45.28 21.15 24.77
C GLN C 173 44.42 19.91 24.68
N GLU C 174 43.97 19.59 23.48
CA GLU C 174 43.06 18.47 23.24
C GLU C 174 43.77 17.29 22.57
N ASP C 175 43.14 16.11 22.65
CA ASP C 175 43.58 14.96 21.89
C ASP C 175 43.35 15.40 20.45
N LEU C 176 44.14 14.89 19.52
CA LEU C 176 43.90 15.22 18.12
C LEU C 176 43.80 13.97 17.25
N LEU C 177 42.75 13.87 16.44
CA LEU C 177 42.56 12.69 15.58
C LEU C 177 43.24 12.89 14.22
N VAL C 178 44.29 12.12 13.95
CA VAL C 178 45.00 12.23 12.68
C VAL C 178 44.79 11.02 11.78
N LEU C 179 44.43 11.29 10.52
CA LEU C 179 44.18 10.27 9.51
C LEU C 179 45.22 10.29 8.40
N TRP C 180 45.63 9.12 7.95
CA TRP C 180 46.52 9.02 6.81
C TRP C 180 46.28 7.74 6.03
N GLY C 181 47.04 7.55 4.96
CA GLY C 181 46.80 6.39 4.13
C GLY C 181 47.96 5.90 3.29
N ILE C 182 47.76 4.72 2.75
CA ILE C 182 48.72 4.08 1.89
C ILE C 182 48.01 3.66 0.61
N HIS C 183 48.72 3.75 -0.51
CA HIS C 183 48.13 3.32 -1.78
C HIS C 183 48.70 1.99 -2.19
N HIS C 184 47.81 1.07 -2.54
CA HIS C 184 48.17 -0.26 -3.03
C HIS C 184 47.87 -0.34 -4.53
N PRO C 185 48.90 -0.21 -5.38
CA PRO C 185 48.75 -0.20 -6.84
C PRO C 185 48.44 -1.56 -7.48
N ASN C 186 48.19 -1.57 -8.77
CA ASN C 186 47.84 -2.79 -9.50
C ASN C 186 49.03 -3.63 -9.93
N ASP C 187 50.11 -2.93 -10.31
CA ASP C 187 51.29 -3.58 -10.84
C ASP C 187 52.52 -2.73 -10.62
N ALA C 188 53.68 -3.30 -10.90
CA ALA C 188 54.93 -2.59 -10.69
C ALA C 188 54.99 -1.38 -11.60
N ALA C 189 54.29 -1.46 -12.72
CA ALA C 189 54.24 -0.35 -13.68
C ALA C 189 53.56 0.87 -13.04
N GLU C 190 52.33 0.69 -12.55
CA GLU C 190 51.56 1.77 -11.93
C GLU C 190 52.38 2.34 -10.80
N GLN C 191 53.03 1.45 -10.08
CA GLN C 191 53.92 1.86 -8.99
C GLN C 191 54.89 2.89 -9.53
N THR C 192 55.58 2.55 -10.60
CA THR C 192 56.59 3.43 -11.19
C THR C 192 56.04 4.75 -11.73
N LYS C 193 54.87 4.68 -12.36
CA LYS C 193 54.24 5.83 -12.98
C LYS C 193 53.91 6.90 -11.93
N LEU C 194 53.46 6.47 -10.75
CA LEU C 194 53.00 7.42 -9.72
C LEU C 194 54.09 7.90 -8.77
N TYR C 195 54.86 6.96 -8.24
CA TYR C 195 55.98 7.27 -7.35
C TYR C 195 57.14 6.61 -8.03
N GLN C 196 58.24 7.31 -8.24
CA GLN C 196 59.26 6.80 -9.15
C GLN C 196 59.81 5.48 -8.59
N ASN C 197 60.08 5.50 -7.30
CA ASN C 197 60.77 4.43 -6.61
C ASN C 197 59.97 3.13 -6.55
N PRO C 198 60.64 2.00 -6.82
CA PRO C 198 59.99 0.69 -6.98
C PRO C 198 59.58 0.00 -5.68
N THR C 199 60.37 0.16 -4.62
CA THR C 199 60.04 -0.44 -3.32
C THR C 199 59.94 0.66 -2.30
N THR C 200 58.78 0.74 -1.65
CA THR C 200 58.49 1.88 -0.80
C THR C 200 57.96 1.46 0.55
N TYR C 201 57.87 2.44 1.42
CA TYR C 201 57.45 2.23 2.79
C TYR C 201 56.81 3.52 3.28
N ILE C 202 56.06 3.40 4.37
CA ILE C 202 55.55 4.54 5.11
C ILE C 202 55.71 4.22 6.58
N SER C 203 56.48 5.02 7.30
CA SER C 203 56.66 4.77 8.70
C SER C 203 56.08 5.94 9.46
N VAL C 204 55.31 5.61 10.50
CA VAL C 204 54.67 6.60 11.36
C VAL C 204 55.14 6.33 12.78
N GLY C 205 55.47 7.40 13.49
CA GLY C 205 56.01 7.31 14.84
C GLY C 205 55.32 8.25 15.80
N THR C 206 55.08 7.75 17.01
CA THR C 206 54.40 8.48 18.06
C THR C 206 54.96 7.95 19.37
N SER C 207 54.67 8.59 20.51
CA SER C 207 55.05 8.05 21.80
C SER C 207 54.58 6.62 21.95
N THR C 208 53.41 6.35 21.40
CA THR C 208 52.81 5.04 21.55
C THR C 208 52.75 4.30 20.23
N LEU C 209 52.66 5.04 19.13
CA LEU C 209 52.47 4.39 17.84
C LEU C 209 53.81 4.10 17.16
N ASN C 210 53.92 2.93 16.56
CA ASN C 210 55.07 2.59 15.73
C ASN C 210 54.63 1.63 14.67
N GLN C 211 54.61 2.12 13.43
CA GLN C 211 54.30 1.25 12.29
C GLN C 211 55.10 1.58 11.05
N ARG C 212 55.31 0.55 10.24
CA ARG C 212 55.93 0.70 8.95
C ARG C 212 55.13 -0.12 7.95
N LEU C 213 54.45 0.57 7.06
CA LEU C 213 53.59 -0.05 6.09
C LEU C 213 54.32 -0.19 4.76
N VAL C 214 54.13 -1.34 4.13
CA VAL C 214 54.68 -1.54 2.79
C VAL C 214 53.51 -1.87 1.89
N PRO C 215 53.42 -1.14 0.78
CA PRO C 215 52.32 -1.35 -0.15
C PRO C 215 52.34 -2.77 -0.74
N GLU C 216 51.16 -3.38 -0.75
CA GLU C 216 50.97 -4.73 -1.25
C GLU C 216 50.36 -4.71 -2.63
N ILE C 217 51.23 -4.75 -3.64
CA ILE C 217 50.80 -4.74 -5.04
C ILE C 217 50.14 -6.06 -5.44
N ALA C 218 48.97 -5.96 -6.07
CA ALA C 218 48.22 -7.10 -6.54
C ALA C 218 47.22 -6.63 -7.57
N THR C 219 46.68 -7.54 -8.35
CA THR C 219 45.64 -7.17 -9.28
C THR C 219 44.30 -7.55 -8.68
N ARG C 220 43.44 -6.56 -8.49
CA ARG C 220 42.16 -6.77 -7.84
C ARG C 220 41.06 -6.35 -8.79
N PRO C 221 39.85 -6.87 -8.55
CA PRO C 221 38.73 -6.43 -9.39
C PRO C 221 38.52 -4.91 -9.32
N LYS C 222 37.90 -4.38 -10.36
CA LYS C 222 37.65 -2.96 -10.43
C LYS C 222 36.44 -2.68 -9.57
N VAL C 223 36.58 -1.69 -8.70
CA VAL C 223 35.50 -1.19 -7.87
C VAL C 223 35.47 0.31 -8.14
N ASN C 224 34.34 0.84 -8.62
CA ASN C 224 34.29 2.22 -9.10
C ASN C 224 35.38 2.50 -10.12
N GLY C 225 35.64 1.53 -11.00
CA GLY C 225 36.62 1.71 -12.06
C GLY C 225 38.04 1.43 -11.63
N GLN C 226 38.32 1.60 -10.33
CA GLN C 226 39.68 1.45 -9.83
C GLN C 226 39.93 0.02 -9.38
N SER C 227 41.14 -0.45 -9.63
CA SER C 227 41.57 -1.79 -9.29
C SER C 227 42.72 -1.78 -8.28
N GLY C 228 43.16 -0.57 -7.94
CA GLY C 228 44.12 -0.37 -6.87
C GLY C 228 43.28 -0.24 -5.61
N ARG C 229 43.93 -0.10 -4.46
CA ARG C 229 43.21 0.04 -3.19
C ARG C 229 43.91 1.06 -2.33
N MET C 230 43.15 1.74 -1.48
CA MET C 230 43.75 2.64 -0.53
C MET C 230 43.39 2.18 0.88
N GLU C 231 44.36 2.15 1.78
CA GLU C 231 44.15 1.67 3.14
C GLU C 231 44.40 2.82 4.08
N PHE C 232 43.42 3.15 4.90
CA PHE C 232 43.52 4.30 5.78
C PHE C 232 43.72 3.94 7.24
N PHE C 233 44.44 4.80 7.95
CA PHE C 233 44.81 4.55 9.34
C PHE C 233 44.55 5.79 10.17
N TRP C 234 44.46 5.62 11.47
CA TRP C 234 44.22 6.76 12.34
C TRP C 234 44.91 6.52 13.65
N THR C 235 45.10 7.60 14.40
CA THR C 235 45.68 7.47 15.72
C THR C 235 45.25 8.72 16.47
N ILE C 236 45.39 8.67 17.78
CA ILE C 236 45.09 9.86 18.53
C ILE C 236 46.38 10.43 19.01
N LEU C 237 46.60 11.70 18.71
CA LEU C 237 47.84 12.30 19.10
C LEU C 237 47.56 13.09 20.38
N LYS C 238 48.14 12.63 21.48
CA LYS C 238 48.02 13.29 22.79
C LYS C 238 48.68 14.71 22.78
N PRO C 239 48.17 15.62 23.62
CA PRO C 239 48.51 17.05 23.70
C PRO C 239 49.95 17.55 23.68
N ASN C 240 50.97 16.78 24.06
CA ASN C 240 52.33 17.32 23.85
C ASN C 240 53.17 16.36 23.09
N ASP C 241 52.51 15.44 22.42
CA ASP C 241 53.15 14.37 21.67
C ASP C 241 53.30 14.85 20.24
N ALA C 242 54.06 14.11 19.44
CA ALA C 242 54.26 14.47 18.05
C ALA C 242 54.16 13.23 17.17
N ILE C 243 53.72 13.43 15.93
CA ILE C 243 53.61 12.32 15.00
C ILE C 243 54.66 12.52 13.89
N ASN C 244 55.39 11.46 13.58
CA ASN C 244 56.47 11.50 12.58
C ASN C 244 56.19 10.63 11.39
N PHE C 245 56.04 11.25 10.22
CA PHE C 245 55.87 10.48 9.00
C PHE C 245 57.18 10.45 8.24
N GLU C 246 57.54 9.27 7.74
CA GLU C 246 58.64 9.19 6.79
C GLU C 246 58.23 8.25 5.70
N SER C 247 58.29 8.74 4.46
CA SER C 247 57.88 7.94 3.32
C SER C 247 58.59 8.28 2.03
N ASN C 248 58.77 7.28 1.18
CA ASN C 248 59.38 7.49 -0.11
C ASN C 248 58.41 7.07 -1.24
N GLY C 249 57.12 6.93 -0.90
CA GLY C 249 56.10 6.64 -1.90
C GLY C 249 54.81 6.01 -1.40
N ASN C 250 53.78 6.06 -2.24
CA ASN C 250 52.45 5.49 -1.94
C ASN C 250 51.79 6.12 -0.71
N PHE C 251 52.27 7.28 -0.30
CA PHE C 251 51.83 7.93 0.94
C PHE C 251 50.58 8.76 0.71
N ILE C 252 49.52 8.52 1.46
CA ILE C 252 48.38 9.44 1.36
C ILE C 252 48.37 10.31 2.60
N ALA C 253 48.80 11.55 2.43
CA ALA C 253 49.21 12.38 3.54
C ALA C 253 48.09 13.13 4.24
N PRO C 254 48.23 13.29 5.55
CA PRO C 254 47.21 14.13 6.15
C PRO C 254 47.46 15.58 5.76
N GLU C 255 46.37 16.31 5.50
CA GLU C 255 46.39 17.77 5.42
C GLU C 255 45.62 18.30 6.65
N TYR C 256 44.38 17.84 6.83
CA TYR C 256 43.54 18.27 7.96
C TYR C 256 43.38 17.17 9.00
N ALA C 257 43.48 17.55 10.27
CA ALA C 257 43.19 16.64 11.37
C ALA C 257 42.04 17.22 12.23
N TYR C 258 41.57 16.44 13.20
CA TYR C 258 40.42 16.85 14.00
C TYR C 258 40.73 16.95 15.49
N LYS C 259 40.56 18.15 16.04
CA LYS C 259 40.68 18.35 17.47
C LYS C 259 39.42 17.82 18.16
N ILE C 260 39.60 16.95 19.14
CA ILE C 260 38.47 16.45 19.92
C ILE C 260 38.20 17.51 20.99
N VAL C 261 37.24 18.38 20.70
CA VAL C 261 36.92 19.52 21.55
C VAL C 261 36.00 19.15 22.70
N LYS C 262 34.88 18.53 22.37
CA LYS C 262 33.99 18.10 23.40
C LYS C 262 33.79 16.59 23.40
N LYS C 263 34.25 15.93 24.47
CA LYS C 263 33.92 14.53 24.71
C LYS C 263 32.67 14.52 25.57
N GLY C 264 31.71 13.66 25.24
CA GLY C 264 30.53 13.52 26.07
C GLY C 264 29.84 12.22 25.78
N ASP C 265 28.58 12.06 26.21
CA ASP C 265 27.92 10.82 25.85
C ASP C 265 27.06 11.13 24.65
N SER C 266 27.34 10.36 23.59
CA SER C 266 26.67 10.53 22.32
C SER C 266 26.49 9.15 21.72
N ALA C 267 26.13 9.11 20.45
CA ALA C 267 25.85 7.86 19.80
C ALA C 267 25.79 7.98 18.29
N ILE C 268 26.01 6.86 17.60
CA ILE C 268 25.80 6.84 16.16
C ILE C 268 24.56 6.00 15.92
N MET C 269 23.47 6.68 15.65
CA MET C 269 22.18 6.03 15.49
C MET C 269 22.05 5.60 14.03
N LYS C 270 21.78 4.33 13.80
CA LYS C 270 21.57 3.88 12.42
C LYS C 270 20.11 4.12 12.10
N SER C 271 19.83 5.06 11.20
CA SER C 271 18.45 5.37 10.81
C SER C 271 18.37 5.87 9.39
N GLU C 272 17.22 5.69 8.75
CA GLU C 272 17.08 6.07 7.36
C GLU C 272 16.37 7.38 7.22
N LEU C 273 16.03 7.96 8.35
CA LEU C 273 15.19 9.15 8.33
C LEU C 273 16.05 10.42 8.39
N GLU C 274 15.43 11.57 8.15
CA GLU C 274 16.16 12.83 8.25
C GLU C 274 15.51 13.83 9.19
N TYR C 275 16.14 14.99 9.32
CA TYR C 275 15.77 16.01 10.30
C TYR C 275 14.29 16.39 10.30
N GLY C 276 13.79 16.91 11.42
CA GLY C 276 12.38 17.25 11.53
C GLY C 276 12.11 18.64 12.07
N ASN C 277 13.17 19.35 12.44
CA ASN C 277 13.13 20.74 12.92
C ASN C 277 12.45 20.87 14.26
N CYS C 278 12.23 19.72 14.90
CA CYS C 278 11.58 19.64 16.19
C CYS C 278 12.64 19.47 17.28
N ASN C 279 12.18 19.37 18.51
CA ASN C 279 13.08 19.16 19.64
C ASN C 279 12.50 18.05 20.49
N THR C 280 13.37 17.32 21.19
CA THR C 280 12.90 16.26 22.08
C THR C 280 13.93 16.05 23.20
N LYS C 281 13.51 15.27 24.19
CA LYS C 281 14.29 14.98 25.39
C LYS C 281 14.73 13.52 25.35
N CYS C 282 14.13 12.79 24.41
CA CYS C 282 14.39 11.37 24.26
C CYS C 282 14.23 11.00 22.79
N GLN C 283 15.27 10.41 22.20
CA GLN C 283 15.25 10.11 20.78
C GLN C 283 15.54 8.64 20.48
N THR C 284 14.84 8.10 19.48
CA THR C 284 15.03 6.71 19.04
C THR C 284 15.17 6.76 17.53
N PRO C 285 15.78 5.73 16.94
CA PRO C 285 15.96 5.65 15.47
C PRO C 285 14.66 5.63 14.67
N MET C 286 13.50 5.51 15.32
CA MET C 286 12.22 5.50 14.60
C MET C 286 11.49 6.80 14.78
N GLY C 287 11.93 7.55 15.78
CA GLY C 287 11.29 8.81 16.14
C GLY C 287 11.56 9.20 17.58
N ALA C 288 11.09 10.38 17.97
CA ALA C 288 11.34 10.91 19.30
C ALA C 288 10.17 10.60 20.24
N ILE C 289 10.43 10.65 21.55
CA ILE C 289 9.42 10.25 22.53
C ILE C 289 9.02 11.41 23.44
N ASN C 290 7.73 11.71 23.49
CA ASN C 290 7.24 12.71 24.44
C ASN C 290 6.32 12.03 25.43
N SER C 291 6.89 11.59 26.55
CA SER C 291 6.17 10.73 27.46
C SER C 291 6.63 10.85 28.91
N SER C 292 5.73 10.49 29.82
CA SER C 292 6.01 10.48 31.23
C SER C 292 5.88 9.05 31.73
N MET C 293 5.50 8.16 30.81
CA MET C 293 5.44 6.75 31.14
C MET C 293 6.81 6.27 31.58
N PRO C 294 6.85 5.29 32.48
CA PRO C 294 8.13 4.74 32.93
C PRO C 294 8.61 3.68 31.96
N PHE C 295 7.76 3.28 31.02
CA PHE C 295 8.16 2.26 30.07
C PHE C 295 7.79 2.65 28.64
N HIS C 296 8.53 2.12 27.68
CA HIS C 296 8.14 2.30 26.29
C HIS C 296 8.56 1.06 25.50
N ASN C 297 7.95 0.91 24.34
CA ASN C 297 8.21 -0.24 23.52
C ASN C 297 8.52 0.19 22.08
N ILE C 298 9.02 1.40 21.94
CA ILE C 298 9.26 1.97 20.62
C ILE C 298 10.45 1.30 19.93
N HIS C 299 11.60 1.34 20.59
CA HIS C 299 12.85 0.79 20.10
C HIS C 299 13.90 0.73 21.23
N PRO C 300 14.71 -0.35 21.30
CA PRO C 300 15.65 -0.49 22.42
C PRO C 300 16.77 0.56 22.45
N LEU C 301 17.21 1.03 21.29
CA LEU C 301 18.38 1.89 21.29
C LEU C 301 17.94 3.34 21.34
N THR C 302 18.08 3.99 22.49
CA THR C 302 17.61 5.38 22.62
C THR C 302 18.69 6.28 23.21
N ILE C 303 18.50 7.59 23.14
CA ILE C 303 19.44 8.51 23.78
C ILE C 303 18.67 9.65 24.41
N GLY C 304 19.10 10.06 25.60
CA GLY C 304 18.44 11.13 26.33
C GLY C 304 17.70 10.58 27.53
N GLU C 305 16.98 11.43 28.25
CA GLU C 305 16.16 10.96 29.38
C GLU C 305 14.96 10.16 28.86
N CYS C 306 15.01 8.83 28.96
CA CYS C 306 14.02 7.97 28.30
C CYS C 306 13.30 7.02 29.20
N PRO C 307 12.11 6.60 28.78
CA PRO C 307 11.48 5.54 29.54
C PRO C 307 12.27 4.28 29.33
N LYS C 308 12.09 3.30 30.20
CA LYS C 308 12.81 2.07 30.04
C LYS C 308 12.12 1.22 28.98
N TYR C 309 12.92 0.75 28.02
CA TYR C 309 12.37 -0.05 26.95
C TYR C 309 11.99 -1.43 27.43
N VAL C 310 10.93 -1.95 26.84
CA VAL C 310 10.42 -3.26 27.22
C VAL C 310 9.75 -3.89 25.99
N LYS C 311 9.68 -5.21 25.88
CA LYS C 311 9.07 -5.82 24.71
C LYS C 311 7.55 -6.06 24.84
N SER C 312 6.89 -5.30 25.70
CA SER C 312 5.47 -5.58 25.89
C SER C 312 4.61 -4.78 24.93
N ASN C 313 3.47 -5.34 24.59
CA ASN C 313 2.44 -4.62 23.88
C ASN C 313 1.58 -3.83 24.86
N ARG C 314 1.64 -4.18 26.15
CA ARG C 314 0.73 -3.63 27.15
C ARG C 314 1.28 -3.78 28.56
N LEU C 315 1.27 -2.69 29.31
CA LEU C 315 1.59 -2.74 30.75
C LEU C 315 0.61 -1.79 31.48
N VAL C 316 -0.41 -2.37 32.08
CA VAL C 316 -1.40 -1.57 32.79
C VAL C 316 -1.61 -2.11 34.18
N LEU C 317 -1.37 -1.25 35.16
CA LEU C 317 -1.56 -1.56 36.58
C LEU C 317 -3.02 -1.33 37.03
N ALA C 318 -3.55 -2.27 37.80
CA ALA C 318 -4.82 -2.03 38.46
C ALA C 318 -4.52 -1.06 39.56
N THR C 319 -5.33 0.00 39.65
CA THR C 319 -5.22 0.91 40.80
C THR C 319 -6.51 0.95 41.61
N GLY C 320 -7.63 0.96 40.91
CA GLY C 320 -8.95 0.91 41.52
C GLY C 320 -9.26 -0.52 41.89
N LEU C 321 -10.54 -0.85 41.99
CA LEU C 321 -10.91 -2.20 42.40
C LEU C 321 -11.74 -2.84 41.32
N ARG C 322 -12.08 -4.11 41.51
CA ARG C 322 -12.87 -4.84 40.54
C ARG C 322 -14.22 -4.17 40.33
N ASN C 323 -14.51 -3.83 39.08
CA ASN C 323 -15.74 -3.10 38.77
C ASN C 323 -16.86 -4.09 38.61
N THR C 324 -18.05 -3.70 39.02
CA THR C 324 -19.23 -4.54 38.93
C THR C 324 -20.05 -4.12 37.70
N PRO C 325 -20.53 -5.10 36.92
CA PRO C 325 -21.22 -4.92 35.64
C PRO C 325 -22.55 -4.16 35.73
N GLY D 1 -12.67 -13.01 46.28
CA GLY D 1 -11.26 -12.84 46.47
C GLY D 1 -10.74 -13.51 47.71
N LEU D 2 -9.52 -13.17 48.10
CA LEU D 2 -8.83 -13.85 49.20
C LEU D 2 -9.50 -13.69 50.55
N PHE D 3 -10.24 -12.61 50.71
CA PHE D 3 -10.77 -12.27 52.02
C PHE D 3 -12.30 -12.34 52.11
N GLY D 4 -12.95 -12.78 51.03
CA GLY D 4 -14.38 -13.06 51.01
C GLY D 4 -15.34 -11.88 51.01
N ALA D 5 -14.83 -10.65 51.00
CA ALA D 5 -15.68 -9.43 51.02
C ALA D 5 -16.11 -8.91 49.65
N ILE D 6 -15.20 -8.26 48.94
CA ILE D 6 -15.49 -7.76 47.60
C ILE D 6 -15.93 -8.92 46.73
N ALA D 7 -17.12 -8.79 46.13
CA ALA D 7 -17.74 -9.87 45.34
C ALA D 7 -17.83 -11.16 46.15
N GLY D 8 -18.06 -11.00 47.45
CA GLY D 8 -18.13 -12.14 48.35
C GLY D 8 -19.38 -12.03 49.17
N PHE D 9 -19.24 -11.88 50.48
CA PHE D 9 -20.42 -11.76 51.30
C PHE D 9 -21.10 -10.42 51.08
N ILE D 10 -20.32 -9.44 50.62
CA ILE D 10 -20.92 -8.21 50.10
C ILE D 10 -21.00 -8.31 48.58
N GLU D 11 -22.12 -8.80 48.07
CA GLU D 11 -22.23 -9.10 46.64
C GLU D 11 -22.48 -7.89 45.74
N GLY D 12 -21.47 -7.07 45.52
CA GLY D 12 -21.64 -5.94 44.63
C GLY D 12 -21.17 -4.65 45.24
N GLY D 13 -20.74 -3.73 44.38
CA GLY D 13 -20.32 -2.41 44.82
C GLY D 13 -21.44 -1.42 44.58
N TRP D 14 -21.24 -0.21 45.09
CA TRP D 14 -22.25 0.82 45.00
C TRP D 14 -21.82 1.91 44.02
N GLN D 15 -22.56 2.04 42.93
CA GLN D 15 -22.36 3.17 42.03
C GLN D 15 -22.57 4.47 42.85
N GLY D 16 -23.42 4.40 43.89
CA GLY D 16 -23.84 5.55 44.66
C GLY D 16 -22.77 6.19 45.53
N MET D 17 -21.85 5.40 46.06
CA MET D 17 -20.76 5.99 46.84
C MET D 17 -19.66 6.44 45.90
N VAL D 18 -19.38 7.74 45.87
CA VAL D 18 -18.49 8.24 44.86
C VAL D 18 -17.33 9.03 45.43
N ASP D 19 -17.37 9.30 46.72
CA ASP D 19 -16.33 10.11 47.33
C ASP D 19 -15.23 9.23 47.95
N GLY D 20 -15.21 7.95 47.60
CA GLY D 20 -14.22 7.03 48.14
C GLY D 20 -14.38 5.61 47.65
N TRP D 21 -13.48 4.74 48.07
CA TRP D 21 -13.45 3.32 47.67
C TRP D 21 -14.31 2.45 48.59
N TYR D 22 -14.18 2.68 49.89
CA TYR D 22 -14.91 1.92 50.91
C TYR D 22 -15.73 2.88 51.74
N GLY D 23 -16.89 2.42 52.19
CA GLY D 23 -17.69 3.25 53.07
C GLY D 23 -18.99 2.61 53.55
N TYR D 24 -19.94 3.48 53.89
CA TYR D 24 -21.17 3.02 54.53
C TYR D 24 -22.41 3.47 53.77
N HIS D 26 -26.12 4.17 55.30
CA HIS D 26 -26.98 4.09 56.47
C HIS D 26 -28.44 4.27 56.07
N SER D 27 -29.32 3.92 57.00
CA SER D 27 -30.76 4.06 56.80
C SER D 27 -31.47 4.16 58.14
N ASN D 28 -31.86 5.39 58.50
CA ASN D 28 -32.68 5.62 59.69
C ASN D 28 -33.93 6.46 59.38
N GLU D 29 -34.55 6.99 60.43
CA GLU D 29 -35.78 7.77 60.33
C GLU D 29 -35.53 9.13 59.70
N GLN D 30 -34.37 9.71 59.98
CA GLN D 30 -33.96 10.99 59.44
C GLN D 30 -33.65 10.91 57.93
N GLY D 31 -33.45 9.68 57.45
CA GLY D 31 -33.21 9.44 56.05
C GLY D 31 -31.95 8.64 55.78
N SER D 32 -31.78 8.22 54.53
CA SER D 32 -30.65 7.38 54.12
C SER D 32 -29.65 8.13 53.24
N GLY D 33 -28.48 7.52 53.01
CA GLY D 33 -27.44 8.11 52.17
C GLY D 33 -26.10 7.39 52.25
N TYR D 34 -25.26 7.57 51.23
CA TYR D 34 -23.91 6.98 51.18
C TYR D 34 -22.86 7.91 51.80
N ALA D 35 -21.81 7.32 52.35
CA ALA D 35 -20.68 8.09 52.86
C ALA D 35 -19.44 7.23 52.87
N ALA D 36 -18.32 7.82 52.50
CA ALA D 36 -17.08 7.09 52.40
C ALA D 36 -16.36 7.11 53.72
N ASP D 37 -15.73 6.00 54.09
CA ASP D 37 -14.86 6.02 55.27
C ASP D 37 -13.55 6.66 54.86
N LYS D 38 -13.34 7.90 55.29
CA LYS D 38 -12.19 8.69 54.85
C LYS D 38 -10.89 8.05 55.28
N GLU D 39 -10.90 7.48 56.47
CA GLU D 39 -9.68 6.93 57.04
C GLU D 39 -9.18 5.71 56.26
N SER D 40 -10.06 4.73 56.04
CA SER D 40 -9.62 3.51 55.41
C SER D 40 -9.34 3.77 53.94
N THR D 41 -10.04 4.77 53.39
CA THR D 41 -9.82 5.12 52.00
C THR D 41 -8.47 5.77 51.84
N GLN D 42 -8.15 6.69 52.73
CA GLN D 42 -6.88 7.38 52.60
C GLN D 42 -5.72 6.38 52.79
N LYS D 43 -5.87 5.46 53.73
CA LYS D 43 -4.86 4.45 53.95
C LYS D 43 -4.58 3.65 52.66
N ALA D 44 -5.65 3.28 51.96
CA ALA D 44 -5.52 2.49 50.77
C ALA D 44 -4.86 3.30 49.66
N ILE D 45 -5.31 4.55 49.52
CA ILE D 45 -4.72 5.47 48.56
C ILE D 45 -3.23 5.63 48.78
N ASP D 46 -2.84 5.81 50.04
CA ASP D 46 -1.43 5.93 50.38
C ASP D 46 -0.68 4.64 50.03
N GLY D 47 -1.31 3.50 50.29
CA GLY D 47 -0.67 2.20 50.09
C GLY D 47 -0.44 1.92 48.61
N VAL D 48 -1.47 2.17 47.81
CA VAL D 48 -1.42 1.92 46.39
C VAL D 48 -0.50 2.92 45.71
N THR D 49 -0.52 4.16 46.17
CA THR D 49 0.33 5.17 45.59
C THR D 49 1.82 4.89 45.87
N ASN D 50 2.12 4.52 47.11
CA ASN D 50 3.48 4.11 47.43
C ASN D 50 3.90 2.88 46.64
N LYS D 51 2.95 1.98 46.39
CA LYS D 51 3.20 0.77 45.62
C LYS D 51 3.56 1.14 44.19
N VAL D 52 2.75 2.00 43.59
CA VAL D 52 3.02 2.41 42.22
C VAL D 52 4.37 3.11 42.14
N ASN D 53 4.60 4.04 43.07
CA ASN D 53 5.85 4.76 43.10
C ASN D 53 7.04 3.83 43.38
N SER D 54 6.85 2.81 44.22
CA SER D 54 7.92 1.84 44.48
C SER D 54 8.27 0.99 43.26
N ILE D 55 7.27 0.68 42.44
CA ILE D 55 7.51 -0.14 41.27
C ILE D 55 8.35 0.61 40.24
N ILE D 56 7.95 1.85 39.96
CA ILE D 56 8.66 2.78 39.09
C ILE D 56 10.06 3.11 39.62
N ASP D 57 10.20 3.16 40.95
CA ASP D 57 11.50 3.44 41.58
C ASP D 57 12.48 2.27 41.40
N LYS D 58 12.01 1.05 41.66
CA LYS D 58 12.87 -0.14 41.57
C LYS D 58 13.42 -0.38 40.17
N MET D 59 12.87 0.33 39.19
CA MET D 59 13.26 0.12 37.80
C MET D 59 14.23 1.17 37.25
N ASN D 60 14.79 2.05 38.08
CA ASN D 60 15.64 3.11 37.56
C ASN D 60 17.04 2.62 37.16
N THR D 61 17.47 1.53 37.78
CA THR D 61 18.75 0.94 37.42
C THR D 61 18.55 -0.18 36.38
N GLN D 62 17.60 0.00 35.48
CA GLN D 62 17.34 -1.02 34.45
C GLN D 62 18.39 -0.96 33.31
N PHE D 63 18.51 -2.04 32.55
CA PHE D 63 19.45 -2.06 31.40
C PHE D 63 19.08 -1.05 30.30
N GLU D 64 20.08 -0.42 29.71
CA GLU D 64 19.90 0.52 28.60
C GLU D 64 20.81 0.11 27.42
N ALA D 65 20.18 -0.27 26.32
CA ALA D 65 20.89 -0.76 25.16
C ALA D 65 21.67 0.34 24.49
N VAL D 66 22.86 -0.02 23.99
CA VAL D 66 23.77 0.92 23.35
C VAL D 66 24.10 0.46 21.94
N GLY D 67 24.10 1.40 20.99
CA GLY D 67 24.50 1.07 19.64
C GLY D 67 25.97 0.70 19.59
N ARG D 68 26.28 -0.47 19.03
CA ARG D 68 27.67 -0.84 18.79
C ARG D 68 27.85 -1.49 17.45
N GLU D 69 28.91 -1.11 16.77
CA GLU D 69 29.15 -1.60 15.43
C GLU D 69 30.28 -2.60 15.31
N PHE D 70 30.12 -3.54 14.39
CA PHE D 70 31.13 -4.56 14.17
C PHE D 70 31.30 -4.91 12.68
N ASN D 71 32.49 -5.38 12.31
CA ASN D 71 32.74 -5.73 10.90
C ASN D 71 32.61 -7.23 10.59
N ASN D 72 32.81 -7.60 9.32
CA ASN D 72 32.57 -8.98 8.87
C ASN D 72 33.44 -10.00 9.53
N LEU D 73 34.50 -9.57 10.20
CA LEU D 73 35.31 -10.56 10.88
C LEU D 73 35.19 -10.48 12.40
N GLU D 74 34.13 -9.81 12.83
CA GLU D 74 33.77 -9.66 14.22
C GLU D 74 32.36 -10.18 14.45
N ARG D 75 31.97 -11.21 13.70
CA ARG D 75 30.62 -11.73 13.77
C ARG D 75 30.32 -12.37 15.13
N ARG D 76 31.35 -12.95 15.73
CA ARG D 76 31.21 -13.63 17.02
C ARG D 76 30.89 -12.66 18.13
N ILE D 77 31.65 -11.58 18.26
CA ILE D 77 31.38 -10.66 19.33
C ILE D 77 30.18 -9.84 18.97
N GLU D 78 29.84 -9.76 17.69
CA GLU D 78 28.63 -9.05 17.29
C GLU D 78 27.43 -9.78 17.87
N ASN D 79 27.46 -11.09 17.70
CA ASN D 79 26.41 -12.00 18.11
C ASN D 79 26.37 -12.07 19.62
N LEU D 80 27.57 -12.13 20.25
CA LEU D 80 27.67 -12.11 21.71
C LEU D 80 26.99 -10.84 22.24
N ASN D 81 27.31 -9.71 21.63
CA ASN D 81 26.77 -8.42 21.99
C ASN D 81 25.25 -8.38 21.81
N LYS D 82 24.76 -9.03 20.76
CA LYS D 82 23.35 -9.04 20.51
C LYS D 82 22.65 -9.88 21.58
N GLN D 83 23.24 -11.03 21.91
CA GLN D 83 22.66 -11.98 22.87
C GLN D 83 22.66 -11.31 24.24
N MET D 84 23.68 -10.51 24.48
CA MET D 84 23.77 -9.83 25.74
C MET D 84 22.67 -8.82 25.84
N GLU D 85 22.45 -8.05 24.77
CA GLU D 85 21.41 -7.03 24.79
C GLU D 85 20.01 -7.61 24.87
N ASP D 86 19.73 -8.60 24.03
CA ASP D 86 18.45 -9.25 24.08
C ASP D 86 18.29 -9.93 25.43
N GLY D 87 19.41 -10.42 25.96
CA GLY D 87 19.41 -11.16 27.19
C GLY D 87 18.86 -10.31 28.31
N PHE D 88 19.38 -9.10 28.42
CA PHE D 88 18.93 -8.20 29.47
C PHE D 88 17.55 -7.64 29.17
N LEU D 89 17.26 -7.41 27.89
CA LEU D 89 15.96 -6.89 27.51
C LEU D 89 14.89 -7.91 27.88
N ASP D 90 15.17 -9.19 27.68
CA ASP D 90 14.20 -10.23 28.03
C ASP D 90 14.05 -10.37 29.54
N VAL D 91 15.14 -10.21 30.28
CA VAL D 91 15.07 -10.31 31.73
C VAL D 91 14.23 -9.18 32.31
N TRP D 92 14.50 -7.96 31.88
CA TRP D 92 13.81 -6.82 32.42
C TRP D 92 12.36 -6.74 31.97
N THR D 93 12.04 -7.34 30.84
CA THR D 93 10.66 -7.39 30.38
C THR D 93 9.90 -8.36 31.27
N TYR D 94 10.51 -9.50 31.55
CA TYR D 94 9.96 -10.44 32.50
C TYR D 94 9.77 -9.74 33.86
N ASN D 95 10.79 -9.06 34.35
CA ASN D 95 10.68 -8.43 35.65
C ASN D 95 9.54 -7.41 35.76
N ALA D 96 9.30 -6.65 34.69
CA ALA D 96 8.26 -5.64 34.69
C ALA D 96 6.89 -6.30 34.56
N GLU D 97 6.77 -7.24 33.63
CA GLU D 97 5.52 -7.94 33.45
C GLU D 97 5.07 -8.72 34.69
N LEU D 98 6.03 -9.38 35.34
CA LEU D 98 5.73 -10.23 36.47
C LEU D 98 5.40 -9.43 37.70
N LEU D 99 6.15 -8.35 37.87
CA LEU D 99 5.96 -7.49 39.00
C LEU D 99 4.56 -6.90 38.94
N VAL D 100 4.15 -6.48 37.75
CA VAL D 100 2.82 -5.92 37.57
C VAL D 100 1.75 -6.97 37.81
N LEU D 101 1.92 -8.16 37.25
CA LEU D 101 0.97 -9.24 37.50
C LEU D 101 0.84 -9.59 39.00
N MET D 102 1.97 -9.70 39.69
CA MET D 102 1.98 -10.11 41.09
C MET D 102 1.37 -9.04 41.97
N GLU D 103 1.76 -7.79 41.77
CA GLU D 103 1.26 -6.73 42.62
C GLU D 103 -0.19 -6.34 42.29
N ASN D 104 -0.64 -6.64 41.08
CA ASN D 104 -2.04 -6.46 40.74
C ASN D 104 -2.88 -7.37 41.57
N GLU D 105 -2.47 -8.63 41.62
CA GLU D 105 -3.18 -9.64 42.38
C GLU D 105 -3.20 -9.24 43.85
N ARG D 106 -2.08 -8.76 44.36
CA ARG D 106 -2.06 -8.39 45.76
C ARG D 106 -2.93 -7.15 46.01
N THR D 107 -3.00 -6.27 45.02
CA THR D 107 -3.78 -5.05 45.15
C THR D 107 -5.25 -5.33 45.23
N LEU D 108 -5.73 -6.23 44.39
CA LEU D 108 -7.15 -6.58 44.43
C LEU D 108 -7.49 -7.21 45.81
N ASP D 109 -6.63 -8.08 46.30
CA ASP D 109 -6.83 -8.71 47.60
C ASP D 109 -6.65 -7.70 48.74
N PHE D 110 -5.84 -6.67 48.51
CA PHE D 110 -5.63 -5.60 49.48
C PHE D 110 -6.91 -4.82 49.70
N HIS D 111 -7.60 -4.52 48.61
CA HIS D 111 -8.88 -3.82 48.72
C HIS D 111 -9.87 -4.74 49.44
N ASP D 112 -9.89 -6.01 49.06
CA ASP D 112 -10.77 -7.01 49.65
C ASP D 112 -10.54 -7.00 51.17
N SER D 113 -9.27 -6.97 51.56
CA SER D 113 -8.90 -6.96 52.98
C SER D 113 -9.31 -5.67 53.70
N ASN D 114 -9.25 -4.53 53.01
CA ASN D 114 -9.60 -3.26 53.65
C ASN D 114 -11.10 -3.26 53.94
N VAL D 115 -11.86 -3.84 53.01
CA VAL D 115 -13.29 -3.89 53.15
C VAL D 115 -13.67 -4.81 54.31
N LYS D 116 -13.13 -6.02 54.29
CA LYS D 116 -13.41 -6.99 55.33
C LYS D 116 -13.03 -6.44 56.71
N ASN D 117 -11.97 -5.63 56.77
CA ASN D 117 -11.56 -5.01 58.03
C ASN D 117 -12.57 -3.92 58.45
N LEU D 118 -13.13 -3.23 57.47
CA LEU D 118 -14.06 -2.15 57.76
C LEU D 118 -15.32 -2.74 58.32
N TYR D 119 -15.77 -3.83 57.70
CA TYR D 119 -16.95 -4.53 58.17
C TYR D 119 -16.72 -5.02 59.59
N ASP D 120 -15.55 -5.60 59.84
CA ASP D 120 -15.23 -6.09 61.17
C ASP D 120 -15.14 -4.96 62.19
N LYS D 121 -14.73 -3.77 61.75
CA LYS D 121 -14.57 -2.59 62.62
C LYS D 121 -15.93 -2.19 63.22
N VAL D 122 -16.96 -2.25 62.39
CA VAL D 122 -18.32 -1.96 62.76
C VAL D 122 -18.89 -3.08 63.59
N ARG D 123 -18.74 -4.30 63.09
CA ARG D 123 -19.23 -5.49 63.79
C ARG D 123 -18.71 -5.55 65.21
N LEU D 124 -17.42 -5.29 65.40
CA LEU D 124 -16.84 -5.45 66.73
C LEU D 124 -17.30 -4.35 67.68
N GLN D 125 -17.80 -3.27 67.11
CA GLN D 125 -18.36 -2.20 67.91
C GLN D 125 -19.80 -2.57 68.29
N LEU D 126 -20.59 -2.99 67.31
CA LEU D 126 -22.01 -3.17 67.54
C LEU D 126 -22.33 -4.37 68.43
N ARG D 127 -21.60 -5.47 68.23
CA ARG D 127 -21.82 -6.69 69.04
C ARG D 127 -23.30 -7.11 69.01
N ASP D 128 -23.86 -7.35 70.19
CA ASP D 128 -25.27 -7.75 70.24
C ASP D 128 -26.25 -6.58 70.14
N ASN D 129 -25.74 -5.37 70.03
CA ASN D 129 -26.60 -4.21 69.81
C ASN D 129 -27.20 -4.11 68.40
N ALA D 130 -26.81 -5.04 67.53
CA ALA D 130 -27.29 -5.11 66.16
C ALA D 130 -27.19 -6.54 65.63
N LYS D 131 -27.93 -6.80 64.56
CA LYS D 131 -28.05 -8.13 63.96
C LYS D 131 -27.26 -8.19 62.64
N GLU D 132 -26.42 -9.21 62.47
CA GLU D 132 -25.69 -9.36 61.20
C GLU D 132 -26.62 -9.87 60.10
N LEU D 133 -27.00 -9.02 59.16
CA LEU D 133 -27.88 -9.49 58.09
C LEU D 133 -27.13 -10.45 57.18
N GLY D 134 -25.81 -10.32 57.11
CA GLY D 134 -24.99 -11.26 56.36
C GLY D 134 -24.70 -10.83 54.94
N ASN D 135 -24.88 -9.55 54.66
CA ASN D 135 -24.70 -9.00 53.34
C ASN D 135 -23.91 -7.69 53.44
N GLY D 136 -23.27 -7.49 54.58
CA GLY D 136 -22.50 -6.28 54.79
C GLY D 136 -23.32 -5.31 55.62
N CYS D 137 -24.58 -5.68 55.89
CA CYS D 137 -25.47 -4.82 56.66
C CYS D 137 -25.76 -5.34 58.06
N PHE D 138 -25.85 -4.40 58.98
CA PHE D 138 -26.18 -4.71 60.35
C PHE D 138 -27.51 -4.03 60.61
N GLU D 139 -28.52 -4.80 61.05
CA GLU D 139 -29.81 -4.25 61.48
C GLU D 139 -29.72 -3.97 62.95
N PHE D 140 -29.95 -2.73 63.34
CA PHE D 140 -29.84 -2.30 64.74
C PHE D 140 -30.98 -2.78 65.61
N TYR D 141 -30.65 -3.11 66.86
CA TYR D 141 -31.65 -3.45 67.87
C TYR D 141 -32.08 -2.21 68.66
N HIS D 142 -31.72 -1.02 68.18
CA HIS D 142 -32.11 0.21 68.87
C HIS D 142 -32.23 1.36 67.89
N LYS D 143 -32.45 2.56 68.40
CA LYS D 143 -32.64 3.70 67.52
C LYS D 143 -31.28 4.28 67.27
N CYS D 144 -30.95 4.45 66.01
CA CYS D 144 -29.68 5.03 65.69
C CYS D 144 -29.91 6.27 64.88
N ASP D 145 -29.86 7.43 65.52
CA ASP D 145 -30.02 8.67 64.78
C ASP D 145 -28.75 8.97 63.98
N ASN D 146 -28.80 10.05 63.22
CA ASN D 146 -27.66 10.48 62.44
C ASN D 146 -26.39 10.62 63.27
N GLU D 147 -26.49 11.13 64.49
CA GLU D 147 -25.29 11.27 65.32
C GLU D 147 -24.74 9.93 65.76
N CYS D 148 -25.64 8.99 65.98
CA CYS D 148 -25.30 7.61 66.34
C CYS D 148 -24.64 6.95 65.11
N MET D 149 -25.23 7.17 63.94
CA MET D 149 -24.63 6.67 62.70
C MET D 149 -23.20 7.21 62.57
N GLU D 150 -23.01 8.48 62.90
CA GLU D 150 -21.69 9.07 62.81
C GLU D 150 -20.71 8.46 63.82
N SER D 151 -21.21 7.98 64.96
CA SER D 151 -20.32 7.39 65.97
C SER D 151 -19.86 6.01 65.50
N VAL D 152 -20.71 5.32 64.73
CA VAL D 152 -20.30 4.03 64.27
C VAL D 152 -19.24 4.26 63.23
N LYS D 153 -19.47 5.27 62.38
CA LYS D 153 -18.55 5.54 61.27
C LYS D 153 -17.19 6.05 61.76
N ASN D 154 -17.12 6.80 62.87
CA ASN D 154 -15.81 7.26 63.33
C ASN D 154 -15.22 6.51 64.55
N GLY D 155 -15.75 5.33 64.81
CA GLY D 155 -15.22 4.43 65.83
C GLY D 155 -15.41 4.89 67.28
N THR D 156 -16.50 5.61 67.56
CA THR D 156 -16.78 6.12 68.89
C THR D 156 -18.15 5.66 69.40
N TYR D 157 -18.64 4.54 68.89
CA TYR D 157 -19.90 3.96 69.29
C TYR D 157 -19.86 3.71 70.79
N ASP D 158 -20.89 4.19 71.50
CA ASP D 158 -20.95 3.96 72.93
C ASP D 158 -21.83 2.75 73.14
N TYR D 159 -21.24 1.55 73.06
CA TYR D 159 -22.03 0.33 73.18
C TYR D 159 -22.96 0.30 74.42
N PRO D 160 -22.43 0.56 75.64
CA PRO D 160 -23.32 0.41 76.78
C PRO D 160 -24.49 1.42 76.83
N GLN D 161 -24.36 2.57 76.18
CA GLN D 161 -25.42 3.58 76.14
C GLN D 161 -26.71 3.03 75.51
N TYR D 162 -26.54 2.15 74.54
CA TYR D 162 -27.68 1.60 73.81
C TYR D 162 -27.89 0.15 74.23
N SER D 163 -27.02 -0.32 75.12
CA SER D 163 -27.01 -1.73 75.52
C SER D 163 -28.38 -2.16 76.05
N GLU D 164 -28.96 -1.35 76.94
CA GLU D 164 -30.20 -1.73 77.57
C GLU D 164 -31.36 -1.70 76.56
N GLU D 165 -31.49 -0.61 75.81
CA GLU D 165 -32.61 -0.59 74.87
C GLU D 165 -32.41 -1.65 73.81
N ALA D 166 -31.16 -2.03 73.54
CA ALA D 166 -30.95 -3.09 72.56
C ALA D 166 -31.41 -4.42 73.14
N ARG D 167 -30.92 -4.73 74.35
CA ARG D 167 -31.24 -5.99 75.01
C ARG D 167 -32.75 -6.20 75.15
N LEU D 168 -33.46 -5.14 75.52
CA LEU D 168 -34.90 -5.25 75.64
C LEU D 168 -35.52 -5.59 74.29
N ASN D 169 -35.06 -4.97 73.20
CA ASN D 169 -35.62 -5.23 71.87
C ASN D 169 -35.26 -6.60 71.36
N ARG D 170 -34.17 -7.17 71.84
CA ARG D 170 -33.79 -8.52 71.41
C ARG D 170 -34.74 -9.51 72.03
N GLU D 171 -35.06 -9.29 73.29
CA GLU D 171 -35.82 -10.26 74.06
C GLU D 171 -37.34 -10.33 73.77
N GLU D 172 -37.96 -9.29 73.19
CA GLU D 172 -39.39 -9.45 72.82
C GLU D 172 -39.36 -10.27 71.52
N ILE D 173 -38.19 -10.33 70.87
CA ILE D 173 -37.94 -11.21 69.72
C ILE D 173 -37.44 -12.57 70.22
N PRO E 3 -27.20 -35.43 68.44
CA PRO E 3 -28.65 -35.33 68.56
C PRO E 3 -29.25 -34.53 67.40
N GLY E 4 -28.47 -33.63 66.81
CA GLY E 4 -29.03 -32.71 65.80
C GLY E 4 -28.35 -32.79 64.41
N ASP E 5 -29.09 -32.40 63.39
CA ASP E 5 -28.58 -32.37 62.02
C ASP E 5 -27.41 -31.43 61.92
N GLN E 6 -26.40 -31.83 61.17
CA GLN E 6 -25.25 -30.95 61.01
C GLN E 6 -24.62 -30.94 59.63
N ILE E 7 -23.96 -29.84 59.30
CA ILE E 7 -23.22 -29.76 58.05
C ILE E 7 -21.79 -29.36 58.32
N CYS E 8 -20.87 -29.99 57.60
CA CYS E 8 -19.44 -29.73 57.83
C CYS E 8 -18.74 -29.22 56.59
N ILE E 9 -17.82 -28.27 56.78
CA ILE E 9 -16.99 -27.79 55.69
C ILE E 9 -15.65 -28.46 55.84
N GLY E 10 -15.12 -28.97 54.74
CA GLY E 10 -13.85 -29.65 54.79
C GLY E 10 -13.17 -29.71 53.46
N TYR E 11 -12.00 -30.33 53.41
CA TYR E 11 -11.20 -30.32 52.19
C TYR E 11 -10.60 -31.68 51.85
N HIS E 12 -10.21 -31.84 50.58
CA HIS E 12 -9.73 -33.12 50.06
C HIS E 12 -8.44 -33.65 50.70
N ALA E 13 -8.33 -34.97 50.70
CA ALA E 13 -7.11 -35.62 51.16
C ALA E 13 -6.98 -36.95 50.43
N ASN E 14 -5.75 -37.41 50.24
CA ASN E 14 -5.51 -38.70 49.57
C ASN E 14 -4.21 -39.37 49.99
N ASN E 15 -3.89 -40.46 49.31
CA ASN E 15 -2.72 -41.28 49.65
C ASN E 15 -1.42 -40.82 48.94
N SER E 16 -1.40 -39.56 48.54
CA SER E 16 -0.24 -38.97 47.87
C SER E 16 0.97 -38.78 48.77
N THR E 17 2.15 -38.95 48.20
CA THR E 17 3.36 -38.82 48.98
C THR E 17 4.20 -37.72 48.34
N GLU E 18 3.68 -37.17 47.25
CA GLU E 18 4.33 -36.09 46.54
C GLU E 18 4.57 -34.92 47.49
N GLN E 19 5.82 -34.43 47.50
CA GLN E 19 6.26 -33.34 48.35
C GLN E 19 6.65 -32.12 47.50
N VAL E 20 6.64 -30.95 48.12
CA VAL E 20 6.81 -29.71 47.40
C VAL E 20 7.55 -28.75 48.34
N ASP E 21 8.26 -27.75 47.80
CA ASP E 21 8.99 -26.83 48.69
C ASP E 21 8.47 -25.39 48.66
N THR E 22 8.67 -24.67 49.76
CA THR E 22 8.28 -23.25 49.83
C THR E 22 9.33 -22.47 50.57
N ILE E 23 9.10 -21.17 50.71
CA ILE E 23 10.06 -20.32 51.40
C ILE E 23 10.21 -20.69 52.87
N MET E 24 9.08 -20.89 53.54
CA MET E 24 9.11 -21.14 54.98
C MET E 24 9.22 -22.63 55.30
N GLU E 25 8.84 -23.50 54.36
CA GLU E 25 8.81 -24.92 54.70
C GLU E 25 9.32 -25.82 53.56
N LYS E 26 10.03 -26.89 53.92
CA LYS E 26 10.51 -27.85 52.93
C LYS E 26 9.88 -29.23 53.12
N ASN E 27 9.78 -29.98 52.02
CA ASN E 27 9.16 -31.32 52.02
C ASN E 27 7.73 -31.30 52.56
N VAL E 28 6.87 -30.58 51.85
CA VAL E 28 5.47 -30.46 52.24
C VAL E 28 4.67 -31.45 51.40
N THR E 29 4.16 -32.47 52.06
CA THR E 29 3.35 -33.45 51.36
C THR E 29 2.08 -32.75 50.97
N VAL E 30 1.66 -33.04 49.76
CA VAL E 30 0.65 -32.24 49.10
C VAL E 30 -0.24 -33.23 48.35
N THR E 31 -1.47 -32.86 48.01
CA THR E 31 -2.36 -33.83 47.38
C THR E 31 -2.08 -34.01 45.89
N HIS E 32 -1.66 -32.94 45.24
CA HIS E 32 -1.40 -32.96 43.81
C HIS E 32 -0.27 -32.02 43.46
N ALA E 33 0.69 -32.48 42.68
CA ALA E 33 1.79 -31.62 42.28
C ALA E 33 2.17 -31.85 40.80
N GLN E 34 2.79 -30.85 40.18
CA GLN E 34 3.22 -31.01 38.79
C GLN E 34 4.74 -30.83 38.65
N ASP E 35 5.40 -31.88 38.17
CA ASP E 35 6.83 -31.80 37.91
C ASP E 35 7.02 -31.01 36.62
N ILE E 36 7.93 -30.05 36.63
CA ILE E 36 8.13 -29.23 35.45
C ILE E 36 9.58 -29.23 34.95
N LEU E 37 10.34 -30.20 35.42
CA LEU E 37 11.75 -30.38 35.07
C LEU E 37 12.01 -31.73 34.46
N GLU E 38 12.41 -31.72 33.20
CA GLU E 38 12.77 -32.94 32.47
C GLU E 38 14.19 -33.33 32.80
N LYS E 39 14.40 -34.59 33.15
CA LYS E 39 15.72 -35.06 33.58
C LYS E 39 16.25 -36.29 32.83
N THR E 40 15.65 -36.64 31.70
CA THR E 40 16.09 -37.83 30.99
C THR E 40 16.25 -37.55 29.50
N HIS E 41 17.24 -38.24 28.92
CA HIS E 41 17.54 -38.18 27.52
C HIS E 41 17.89 -39.58 27.05
N ASN E 42 17.86 -39.81 25.74
CA ASN E 42 18.12 -41.15 25.21
C ASN E 42 19.61 -41.54 24.99
N GLY E 43 20.53 -40.65 25.41
CA GLY E 43 21.97 -40.94 25.40
C GLY E 43 22.55 -41.15 24.00
N LYS E 44 21.84 -40.61 23.02
CA LYS E 44 22.17 -40.82 21.63
C LYS E 44 22.10 -39.53 20.81
N LEU E 45 22.89 -39.47 19.74
CA LEU E 45 22.81 -38.37 18.79
C LEU E 45 21.80 -38.75 17.75
N CYS E 46 20.86 -37.86 17.45
CA CYS E 46 19.79 -38.27 16.55
C CYS E 46 19.53 -37.27 15.46
N ASP E 47 18.76 -37.75 14.50
CA ASP E 47 18.30 -36.97 13.39
C ASP E 47 17.36 -35.89 13.94
N LEU E 48 17.33 -34.70 13.31
CA LEU E 48 16.47 -33.61 13.78
C LEU E 48 15.38 -33.26 12.81
N ASN E 49 14.15 -33.70 13.10
CA ASN E 49 12.99 -33.48 12.24
C ASN E 49 13.23 -33.98 10.82
N GLY E 50 13.66 -35.22 10.70
CA GLY E 50 13.84 -35.84 9.41
C GLY E 50 15.04 -35.32 8.61
N VAL E 51 15.93 -34.56 9.26
CA VAL E 51 17.15 -34.08 8.62
C VAL E 51 18.38 -34.56 9.39
N PRO E 53 22.02 -35.35 10.98
CA PRO E 53 23.18 -34.48 11.23
C PRO E 53 24.42 -34.96 10.46
N LEU E 54 25.39 -34.07 10.29
CA LEU E 54 26.67 -34.44 9.67
C LEU E 54 27.60 -34.87 10.79
N ILE E 55 27.86 -36.16 10.91
CA ILE E 55 28.76 -36.65 11.95
C ILE E 55 30.19 -36.81 11.43
N LEU E 56 31.11 -36.02 11.97
CA LEU E 56 32.46 -35.99 11.42
C LEU E 56 33.34 -37.18 11.85
N ARG E 57 32.81 -38.04 12.71
CA ARG E 57 33.59 -39.11 13.34
C ARG E 57 34.93 -38.60 13.84
N ASP E 58 35.99 -39.11 13.22
CA ASP E 58 37.33 -38.79 13.68
C ASP E 58 37.92 -37.65 12.87
N CYS E 59 37.09 -37.03 12.02
CA CYS E 59 37.53 -35.87 11.26
C CYS E 59 37.17 -34.52 11.90
N SER E 60 38.01 -33.53 11.66
CA SER E 60 37.76 -32.17 12.07
C SER E 60 37.15 -31.40 10.90
N VAL E 61 36.60 -30.23 11.17
CA VAL E 61 36.04 -29.40 10.11
C VAL E 61 37.09 -29.02 9.07
N ALA E 62 38.29 -28.69 9.53
CA ALA E 62 39.41 -28.39 8.64
C ALA E 62 39.66 -29.59 7.73
N GLY E 63 39.82 -30.76 8.35
CA GLY E 63 40.10 -32.00 7.66
C GLY E 63 39.05 -32.30 6.62
N TRP E 64 37.81 -32.03 6.98
CA TRP E 64 36.71 -32.21 6.07
C TRP E 64 36.81 -31.24 4.90
N LEU E 65 36.88 -29.94 5.20
CA LEU E 65 36.80 -28.95 4.15
C LEU E 65 38.04 -28.96 3.23
N LEU E 66 39.23 -29.10 3.81
CA LEU E 66 40.47 -29.14 3.01
C LEU E 66 40.55 -30.49 2.26
N GLY E 67 39.91 -31.51 2.82
CA GLY E 67 39.90 -32.82 2.18
C GLY E 67 41.02 -33.76 2.58
N ASN E 68 41.23 -33.89 3.88
CA ASN E 68 42.17 -34.88 4.39
C ASN E 68 41.83 -36.23 3.80
N PRO E 69 42.82 -36.90 3.21
CA PRO E 69 42.58 -38.20 2.56
C PRO E 69 41.95 -39.20 3.52
N MET E 70 42.20 -39.09 4.83
CA MET E 70 41.56 -39.99 5.79
C MET E 70 40.09 -39.61 6.05
N CYS E 71 39.61 -38.60 5.35
CA CYS E 71 38.25 -38.11 5.51
C CYS E 71 37.39 -38.32 4.24
N ASP E 72 37.58 -39.43 3.56
CA ASP E 72 36.90 -39.62 2.28
C ASP E 72 35.40 -39.79 2.42
N GLU E 73 34.94 -40.12 3.62
CA GLU E 73 33.51 -40.34 3.84
C GLU E 73 32.70 -39.09 3.46
N PHE E 74 33.34 -37.93 3.54
CA PHE E 74 32.65 -36.67 3.40
C PHE E 74 32.96 -35.95 2.09
N ILE E 75 33.32 -36.70 1.06
CA ILE E 75 33.65 -36.09 -0.23
C ILE E 75 32.44 -35.35 -0.80
N ASN E 76 31.24 -35.91 -0.60
CA ASN E 76 30.02 -35.24 -1.04
C ASN E 76 28.86 -35.52 -0.08
N VAL E 77 28.81 -34.71 0.97
CA VAL E 77 27.86 -34.87 2.07
C VAL E 77 26.53 -34.18 1.76
N PRO E 78 25.43 -34.83 2.19
CA PRO E 78 24.12 -34.23 1.94
C PRO E 78 23.80 -33.14 2.95
N GLU E 79 22.66 -32.49 2.74
CA GLU E 79 22.21 -31.43 3.64
C GLU E 79 22.21 -31.95 5.07
N TRP E 80 22.57 -31.08 6.02
CA TRP E 80 22.56 -31.51 7.41
C TRP E 80 21.68 -30.60 8.27
N SER E 81 21.30 -31.12 9.44
CA SER E 81 20.54 -30.34 10.39
C SER E 81 21.51 -29.62 11.29
N TYR E 82 22.32 -30.39 12.00
CA TYR E 82 23.39 -29.83 12.83
C TYR E 82 24.68 -30.59 12.52
N ILE E 83 25.80 -30.13 13.07
CA ILE E 83 27.08 -30.80 12.83
C ILE E 83 27.65 -31.32 14.13
N VAL E 84 28.17 -32.54 14.10
CA VAL E 84 28.80 -33.12 15.28
C VAL E 84 30.30 -33.30 15.05
N GLU E 85 31.10 -32.75 15.97
CA GLU E 85 32.56 -32.86 15.92
C GLU E 85 33.09 -33.29 17.29
N LYS E 86 34.03 -34.22 17.31
CA LYS E 86 34.63 -34.66 18.57
C LYS E 86 35.49 -33.55 19.17
N ALA E 87 35.88 -33.73 20.44
CA ALA E 87 36.64 -32.70 21.11
C ALA E 87 37.98 -32.52 20.45
N SER E 88 38.71 -33.61 20.31
CA SER E 88 40.05 -33.57 19.76
C SER E 88 40.19 -34.60 18.66
N PRO E 89 39.61 -34.33 17.48
CA PRO E 89 39.60 -35.27 16.36
C PRO E 89 41.02 -35.62 15.91
N ALA E 90 41.26 -36.86 15.49
CA ALA E 90 42.61 -37.28 15.09
C ALA E 90 42.99 -36.71 13.72
N ASN E 91 42.03 -36.77 12.81
CA ASN E 91 42.24 -36.35 11.44
C ASN E 91 41.95 -34.88 11.27
N ASP E 92 42.96 -34.06 11.54
CA ASP E 92 42.84 -32.62 11.33
C ASP E 92 43.68 -32.22 10.11
N LEU E 93 44.71 -31.41 10.31
CA LEU E 93 45.62 -31.05 9.24
C LEU E 93 46.72 -32.12 9.18
N CYS E 94 46.61 -33.07 8.25
CA CYS E 94 47.56 -34.18 8.13
C CYS E 94 49.01 -33.67 7.94
N TYR E 95 49.19 -32.69 7.05
CA TYR E 95 50.42 -31.91 6.98
C TYR E 95 50.28 -30.74 7.93
N PRO E 96 51.22 -30.58 8.86
CA PRO E 96 51.10 -29.57 9.92
C PRO E 96 51.11 -28.12 9.42
N GLY E 97 50.35 -27.30 10.14
CA GLY E 97 50.23 -25.88 9.85
C GLY E 97 49.02 -25.23 10.52
N ASP E 98 48.51 -24.16 9.94
CA ASP E 98 47.47 -23.38 10.57
C ASP E 98 46.32 -23.10 9.62
N PHE E 99 45.15 -22.86 10.20
CA PHE E 99 44.00 -22.49 9.40
C PHE E 99 43.56 -21.13 9.92
N ASN E 100 43.86 -20.07 9.17
CA ASN E 100 43.58 -18.72 9.64
C ASN E 100 42.11 -18.43 9.84
N ASP E 101 41.78 -17.72 10.91
CA ASP E 101 40.40 -17.38 11.20
C ASP E 101 39.54 -18.62 11.15
N TYR E 102 40.07 -19.70 11.69
CA TYR E 102 39.39 -20.99 11.66
C TYR E 102 38.08 -20.89 12.44
N GLU E 103 38.14 -20.28 13.62
CA GLU E 103 36.98 -20.20 14.47
C GLU E 103 35.90 -19.43 13.76
N GLU E 104 36.28 -18.33 13.10
CA GLU E 104 35.32 -17.56 12.34
C GLU E 104 34.72 -18.41 11.20
N LEU E 105 35.47 -19.39 10.72
CA LEU E 105 34.97 -20.27 9.67
C LEU E 105 34.01 -21.30 10.23
N LYS E 106 34.31 -21.84 11.41
CA LYS E 106 33.37 -22.75 12.06
C LYS E 106 32.05 -22.01 12.35
N HIS E 107 32.16 -20.74 12.70
CA HIS E 107 30.96 -19.96 12.98
C HIS E 107 30.11 -19.85 11.74
N LEU E 108 30.73 -19.59 10.61
CA LEU E 108 30.01 -19.48 9.35
C LEU E 108 29.30 -20.78 9.02
N LEU E 109 29.94 -21.88 9.38
CA LEU E 109 29.39 -23.21 9.13
C LEU E 109 28.12 -23.39 9.91
N SER E 110 28.20 -22.99 11.18
CA SER E 110 27.08 -23.16 12.09
C SER E 110 25.88 -22.34 11.66
N ARG E 111 26.06 -21.45 10.70
CA ARG E 111 24.94 -20.72 10.14
C ARG E 111 24.59 -21.28 8.76
N THR E 112 24.98 -22.54 8.54
CA THR E 112 24.87 -23.19 7.23
C THR E 112 24.41 -24.66 7.29
N ASN E 113 23.58 -25.07 6.32
CA ASN E 113 23.03 -26.43 6.27
C ASN E 113 23.49 -27.28 5.09
N HIS E 114 23.87 -26.63 4.00
CA HIS E 114 24.21 -27.34 2.79
C HIS E 114 25.34 -26.75 1.95
N PHE E 115 26.38 -27.56 1.78
CA PHE E 115 27.51 -27.29 0.90
C PHE E 115 27.40 -28.20 -0.30
N GLU E 116 27.51 -27.61 -1.48
CA GLU E 116 27.65 -28.38 -2.70
C GLU E 116 29.06 -28.16 -3.22
N LYS E 117 29.88 -29.20 -3.22
CA LYS E 117 31.27 -29.05 -3.66
C LYS E 117 31.35 -28.86 -5.17
N ILE E 118 32.15 -27.89 -5.63
CA ILE E 118 32.34 -27.70 -7.09
C ILE E 118 33.81 -27.47 -7.49
N GLN E 119 34.19 -28.04 -8.63
CA GLN E 119 35.55 -27.90 -9.11
C GLN E 119 35.70 -26.52 -9.71
N ILE E 120 36.61 -25.73 -9.12
CA ILE E 120 36.74 -24.32 -9.45
C ILE E 120 37.96 -24.12 -10.33
N ILE E 121 38.98 -24.92 -10.05
CA ILE E 121 40.17 -25.02 -10.88
C ILE E 121 40.59 -26.46 -11.03
N PRO E 122 40.36 -27.04 -12.23
CA PRO E 122 40.65 -28.44 -12.55
C PRO E 122 42.13 -28.78 -12.34
N LYS E 123 42.43 -29.92 -11.70
CA LYS E 123 43.83 -30.30 -11.47
C LYS E 123 44.52 -30.49 -12.83
N SER E 124 43.73 -30.89 -13.84
CA SER E 124 44.23 -31.16 -15.18
C SER E 124 44.79 -29.93 -15.88
N SER E 125 44.36 -28.74 -15.45
CA SER E 125 44.73 -27.51 -16.14
C SER E 125 46.13 -27.04 -15.76
N TRP E 126 46.83 -27.78 -14.91
CA TRP E 126 48.19 -27.38 -14.54
C TRP E 126 49.19 -28.01 -15.49
N SER E 127 49.31 -27.41 -16.67
CA SER E 127 50.14 -27.94 -17.74
C SER E 127 51.64 -27.70 -17.48
N ASN E 128 51.99 -26.53 -16.96
CA ASN E 128 53.40 -26.18 -16.78
C ASN E 128 53.89 -26.25 -15.34
N HIS E 129 53.14 -26.91 -14.48
CA HIS E 129 53.59 -27.17 -13.13
C HIS E 129 53.25 -28.64 -12.84
N ASP E 130 53.86 -29.19 -11.81
CA ASP E 130 53.60 -30.57 -11.39
C ASP E 130 52.50 -30.62 -10.30
N ALA E 131 51.33 -31.16 -10.67
CA ALA E 131 50.21 -31.26 -9.74
C ALA E 131 50.07 -32.69 -9.24
N SER E 132 51.16 -33.45 -9.35
CA SER E 132 51.11 -34.87 -9.06
C SER E 132 52.11 -35.25 -7.99
N SER E 133 53.16 -34.47 -7.87
CA SER E 133 54.18 -34.71 -6.86
C SER E 133 53.93 -33.96 -5.57
N GLY E 134 52.91 -33.10 -5.56
CA GLY E 134 52.51 -32.39 -4.36
C GLY E 134 51.87 -33.36 -3.39
N VAL E 135 52.70 -34.15 -2.72
CA VAL E 135 52.22 -35.31 -1.99
C VAL E 135 53.19 -35.57 -0.84
N SER E 136 52.69 -36.09 0.27
CA SER E 136 53.52 -36.25 1.45
C SER E 136 53.15 -37.52 2.21
N SER E 137 54.08 -38.07 2.98
CA SER E 137 53.80 -39.26 3.78
C SER E 137 53.06 -38.86 5.04
N ALA E 138 53.01 -37.56 5.28
CA ALA E 138 52.26 -37.04 6.43
C ALA E 138 50.79 -37.13 6.12
N CYS E 139 50.47 -37.15 4.83
CA CYS E 139 49.08 -37.23 4.40
C CYS E 139 48.80 -38.51 3.65
N PRO E 140 48.87 -39.65 4.36
CA PRO E 140 48.69 -40.95 3.70
C PRO E 140 47.25 -41.20 3.30
N TYR E 141 47.10 -41.76 2.11
CA TYR E 141 45.82 -42.21 1.63
C TYR E 141 45.68 -43.69 2.01
N HIS E 142 45.70 -44.57 1.02
CA HIS E 142 45.66 -46.00 1.30
C HIS E 142 47.09 -46.49 1.45
N GLY E 143 47.74 -46.03 2.53
CA GLY E 143 49.12 -46.38 2.81
C GLY E 143 50.14 -45.65 1.95
N ARG E 144 49.67 -45.04 0.86
CA ARG E 144 50.55 -44.35 -0.10
C ARG E 144 50.52 -42.86 0.21
N SER E 145 51.66 -42.19 0.03
CA SER E 145 51.73 -40.75 0.28
C SER E 145 50.74 -40.00 -0.60
N SER E 146 50.03 -39.04 -0.01
CA SER E 146 49.00 -38.32 -0.71
C SER E 146 48.94 -36.90 -0.19
N PHE E 147 47.77 -36.27 -0.28
CA PHE E 147 47.61 -34.87 0.12
C PHE E 147 46.14 -34.50 0.20
N PHE E 148 45.84 -33.32 0.77
CA PHE E 148 44.48 -32.79 0.83
C PHE E 148 43.84 -32.86 -0.55
N ARG E 149 42.59 -33.24 -0.62
CA ARG E 149 41.97 -33.53 -1.90
C ARG E 149 41.34 -32.34 -2.64
N ASN E 150 41.07 -31.24 -1.95
CA ASN E 150 40.30 -30.17 -2.58
C ASN E 150 41.21 -29.03 -2.94
N VAL E 151 42.47 -29.27 -2.67
CA VAL E 151 43.44 -28.23 -2.76
C VAL E 151 44.72 -28.86 -3.35
N VAL E 152 45.45 -28.13 -4.19
CA VAL E 152 46.54 -28.73 -4.97
C VAL E 152 47.92 -28.18 -4.62
N TRP E 153 48.83 -29.06 -4.24
CA TRP E 153 50.20 -28.65 -3.91
C TRP E 153 51.04 -28.61 -5.18
N LEU E 154 51.00 -27.48 -5.87
CA LEU E 154 51.75 -27.30 -7.11
C LEU E 154 53.24 -27.29 -6.88
N ILE E 155 53.96 -28.08 -7.67
CA ILE E 155 55.42 -28.19 -7.59
C ILE E 155 56.08 -27.90 -8.94
N LYS E 156 57.32 -27.41 -8.92
CA LYS E 156 58.04 -27.04 -10.15
C LYS E 156 58.09 -28.20 -11.15
N LYS E 157 58.15 -27.86 -12.42
CA LYS E 157 58.19 -28.84 -13.49
C LYS E 157 59.35 -28.47 -14.40
N ASN E 158 60.20 -29.44 -14.75
CA ASN E 158 61.39 -29.16 -15.58
C ASN E 158 62.24 -28.07 -14.97
N SER E 159 62.41 -28.16 -13.65
CA SER E 159 63.22 -27.20 -12.90
C SER E 159 62.75 -25.76 -13.14
N ALA E 160 61.46 -25.59 -13.36
CA ALA E 160 60.90 -24.28 -13.59
C ALA E 160 59.54 -24.18 -12.93
N TYR E 161 59.30 -23.04 -12.28
CA TYR E 161 57.99 -22.72 -11.72
C TYR E 161 57.56 -21.39 -12.29
N PRO E 162 56.92 -21.41 -13.46
CA PRO E 162 56.43 -20.21 -14.13
C PRO E 162 55.41 -19.50 -13.25
N THR E 163 55.30 -18.19 -13.40
CA THR E 163 54.31 -17.45 -12.66
C THR E 163 52.88 -17.87 -13.03
N ILE E 164 52.11 -18.18 -12.00
CA ILE E 164 50.70 -18.58 -12.12
C ILE E 164 49.77 -17.40 -12.04
N LYS E 165 48.84 -17.32 -12.98
CA LYS E 165 47.80 -16.32 -12.94
C LYS E 165 46.49 -17.01 -13.29
N ARG E 166 45.78 -17.46 -12.26
CA ARG E 166 44.47 -18.06 -12.47
C ARG E 166 43.46 -17.14 -11.83
N SER E 167 42.27 -17.13 -12.40
CA SER E 167 41.21 -16.23 -11.99
C SER E 167 39.92 -17.02 -12.06
N TYR E 168 39.06 -16.85 -11.08
CA TYR E 168 37.75 -17.49 -11.14
C TYR E 168 36.60 -16.54 -10.80
N ASN E 169 35.63 -16.47 -11.71
CA ASN E 169 34.45 -15.63 -11.56
C ASN E 169 33.28 -16.48 -11.09
N ASN E 170 32.79 -16.19 -9.88
CA ASN E 170 31.64 -16.91 -9.37
C ASN E 170 30.39 -16.56 -10.16
N THR E 171 29.92 -17.52 -10.95
CA THR E 171 28.76 -17.30 -11.80
C THR E 171 27.53 -17.88 -11.15
N ASN E 172 27.70 -18.49 -9.98
CA ASN E 172 26.55 -19.07 -9.31
C ASN E 172 25.69 -17.99 -8.66
N GLN E 173 24.58 -18.40 -8.05
CA GLN E 173 23.71 -17.44 -7.44
C GLN E 173 23.97 -17.39 -5.95
N GLU E 174 24.87 -18.26 -5.49
CA GLU E 174 25.18 -18.41 -4.07
C GLU E 174 26.55 -17.81 -3.72
N ASP E 175 26.76 -17.56 -2.43
CA ASP E 175 28.08 -17.20 -1.93
C ASP E 175 28.89 -18.46 -2.19
N LEU E 176 30.19 -18.32 -2.41
CA LEU E 176 31.01 -19.51 -2.58
C LEU E 176 32.22 -19.49 -1.66
N LEU E 177 32.44 -20.59 -0.92
CA LEU E 177 33.58 -20.65 0.01
C LEU E 177 34.83 -21.20 -0.68
N VAL E 178 35.84 -20.35 -0.84
CA VAL E 178 37.09 -20.79 -1.49
C VAL E 178 38.26 -20.87 -0.50
N LEU E 179 38.96 -22.02 -0.54
CA LEU E 179 40.11 -22.29 0.31
C LEU E 179 41.39 -22.38 -0.48
N TRP E 180 42.47 -21.84 0.07
CA TRP E 180 43.78 -21.97 -0.52
C TRP E 180 44.87 -21.97 0.52
N GLY E 181 46.12 -22.10 0.09
CA GLY E 181 47.20 -22.19 1.05
C GLY E 181 48.57 -21.78 0.57
N ILE E 182 49.46 -21.65 1.54
CA ILE E 182 50.82 -21.29 1.30
C ILE E 182 51.71 -22.32 2.00
N HIS E 183 52.85 -22.63 1.39
CA HIS E 183 53.77 -23.58 2.01
C HIS E 183 54.96 -22.83 2.58
N HIS E 184 55.26 -23.13 3.84
CA HIS E 184 56.41 -22.57 4.54
C HIS E 184 57.48 -23.65 4.71
N PRO E 185 58.52 -23.63 3.86
CA PRO E 185 59.58 -24.65 3.86
C PRO E 185 60.57 -24.55 5.03
N ASN E 186 61.48 -25.52 5.12
CA ASN E 186 62.46 -25.58 6.20
C ASN E 186 63.69 -24.72 5.99
N ASP E 187 64.12 -24.66 4.73
CA ASP E 187 65.34 -23.96 4.38
C ASP E 187 65.31 -23.50 2.93
N ALA E 188 66.29 -22.69 2.55
CA ALA E 188 66.34 -22.15 1.21
C ALA E 188 66.51 -23.29 0.21
N ALA E 189 67.12 -24.38 0.67
CA ALA E 189 67.31 -25.56 -0.17
C ALA E 189 65.97 -26.17 -0.58
N GLU E 190 65.14 -26.51 0.42
CA GLU E 190 63.84 -27.12 0.18
C GLU E 190 63.04 -26.21 -0.72
N GLN E 191 63.18 -24.91 -0.46
CA GLN E 191 62.52 -23.91 -1.28
C GLN E 191 62.88 -24.16 -2.73
N THR E 192 64.17 -24.26 -3.02
CA THR E 192 64.65 -24.45 -4.38
C THR E 192 64.22 -25.78 -5.01
N LYS E 193 64.25 -26.83 -4.22
CA LYS E 193 63.92 -28.17 -4.68
C LYS E 193 62.47 -28.24 -5.18
N LEU E 194 61.56 -27.56 -4.49
CA LEU E 194 60.12 -27.66 -4.80
C LEU E 194 59.64 -26.63 -5.82
N TYR E 195 60.00 -25.38 -5.62
CA TYR E 195 59.64 -24.31 -6.54
C TYR E 195 60.97 -23.72 -6.88
N GLN E 196 61.27 -23.53 -8.16
CA GLN E 196 62.66 -23.23 -8.53
C GLN E 196 63.08 -21.90 -7.90
N ASN E 197 62.17 -20.94 -8.00
CA ASN E 197 62.43 -19.56 -7.63
C ASN E 197 62.65 -19.36 -6.13
N PRO E 198 63.66 -18.57 -5.77
CA PRO E 198 64.11 -18.42 -4.38
C PRO E 198 63.25 -17.50 -3.51
N THR E 199 62.69 -16.44 -4.09
CA THR E 199 61.82 -15.53 -3.34
C THR E 199 60.48 -15.49 -4.02
N THR E 200 59.44 -15.81 -3.25
CA THR E 200 58.13 -16.03 -3.83
C THR E 200 57.05 -15.28 -3.07
N TYR E 201 55.87 -15.27 -3.69
CA TYR E 201 54.74 -14.57 -3.16
C TYR E 201 53.48 -15.27 -3.65
N ILE E 202 52.37 -14.99 -2.97
CA ILE E 202 51.05 -15.39 -3.42
C ILE E 202 50.12 -14.22 -3.21
N SER E 203 49.53 -13.71 -4.27
CA SER E 203 48.64 -12.58 -4.12
C SER E 203 47.24 -13.04 -4.53
N VAL E 204 46.26 -12.69 -3.70
CA VAL E 204 44.87 -13.02 -3.93
C VAL E 204 44.10 -11.71 -3.96
N GLY E 205 43.19 -11.59 -4.93
CA GLY E 205 42.42 -10.39 -5.14
C GLY E 205 40.94 -10.65 -5.30
N THR E 206 40.13 -9.79 -4.69
CA THR E 206 38.69 -9.91 -4.69
C THR E 206 38.16 -8.47 -4.60
N SER E 207 36.86 -8.26 -4.79
CA SER E 207 36.26 -6.94 -4.57
C SER E 207 36.62 -6.43 -3.19
N THR E 208 36.66 -7.34 -2.24
CA THR E 208 36.88 -6.97 -0.87
C THR E 208 38.23 -7.47 -0.36
N LEU E 209 38.70 -8.58 -0.92
CA LEU E 209 39.92 -9.18 -0.40
C LEU E 209 41.15 -8.66 -1.13
N ASN E 210 42.21 -8.39 -0.39
CA ASN E 210 43.50 -8.05 -0.96
C ASN E 210 44.59 -8.51 -0.04
N GLN E 211 45.32 -9.55 -0.46
CA GLN E 211 46.47 -10.01 0.31
C GLN E 211 47.61 -10.48 -0.55
N ARG E 212 48.81 -10.35 0.02
CA ARG E 212 50.01 -10.86 -0.60
C ARG E 212 50.83 -11.56 0.48
N LEU E 213 50.89 -12.87 0.37
CA LEU E 213 51.58 -13.69 1.34
C LEU E 213 52.98 -14.01 0.87
N VAL E 214 53.93 -13.96 1.79
CA VAL E 214 55.27 -14.36 1.49
C VAL E 214 55.64 -15.47 2.46
N PRO E 215 56.13 -16.59 1.92
CA PRO E 215 56.47 -17.74 2.75
C PRO E 215 57.59 -17.39 3.74
N GLU E 216 57.37 -17.80 4.98
CA GLU E 216 58.31 -17.56 6.06
C GLU E 216 59.11 -18.80 6.37
N ILE E 217 60.28 -18.90 5.75
CA ILE E 217 61.18 -20.03 5.94
C ILE E 217 61.82 -20.03 7.33
N ALA E 218 61.75 -21.18 8.00
CA ALA E 218 62.32 -21.36 9.32
C ALA E 218 62.46 -22.85 9.57
N THR E 219 63.25 -23.21 10.56
CA THR E 219 63.36 -24.61 10.92
C THR E 219 62.50 -24.84 12.15
N ARG E 220 61.53 -25.74 12.01
CA ARG E 220 60.58 -25.99 13.07
C ARG E 220 60.64 -27.46 13.44
N PRO E 221 60.17 -27.78 14.65
CA PRO E 221 60.14 -29.19 15.02
C PRO E 221 59.31 -30.02 14.06
N LYS E 222 59.60 -31.31 14.02
CA LYS E 222 58.88 -32.21 13.14
C LYS E 222 57.56 -32.53 13.80
N VAL E 223 56.49 -32.40 13.03
CA VAL E 223 55.16 -32.77 13.45
C VAL E 223 54.66 -33.70 12.35
N ASN E 224 54.29 -34.94 12.68
CA ASN E 224 54.02 -35.96 11.67
C ASN E 224 55.15 -36.08 10.66
N GLY E 225 56.38 -35.99 11.14
CA GLY E 225 57.54 -36.16 10.28
C GLY E 225 57.95 -34.89 9.55
N GLN E 226 56.99 -34.00 9.33
CA GLN E 226 57.24 -32.78 8.56
C GLN E 226 57.67 -31.64 9.47
N SER E 227 58.60 -30.85 8.98
CA SER E 227 59.14 -29.71 9.70
C SER E 227 58.83 -28.40 8.99
N GLY E 228 58.22 -28.51 7.82
CA GLY E 228 57.71 -27.37 7.10
C GLY E 228 56.30 -27.14 7.65
N ARG E 229 55.63 -26.10 7.19
CA ARG E 229 54.27 -25.80 7.66
C ARG E 229 53.43 -25.34 6.49
N MET E 230 52.14 -25.60 6.56
CA MET E 230 51.22 -25.08 5.55
C MET E 230 50.19 -24.20 6.23
N GLU E 231 49.94 -23.03 5.65
CA GLU E 231 49.02 -22.07 6.24
C GLU E 231 47.86 -21.90 5.28
N PHE E 232 46.65 -22.14 5.76
CA PHE E 232 45.47 -22.09 4.89
C PHE E 232 44.59 -20.88 5.12
N PHE E 233 43.95 -20.41 4.05
CA PHE E 233 43.15 -19.20 4.08
C PHE E 233 41.83 -19.46 3.39
N TRP E 234 40.85 -18.61 3.67
CA TRP E 234 39.55 -18.76 3.04
C TRP E 234 38.94 -17.41 2.85
N THR E 235 37.94 -17.35 1.98
CA THR E 235 37.23 -16.12 1.76
C THR E 235 35.88 -16.52 1.19
N ILE E 236 34.94 -15.59 1.21
CA ILE E 236 33.69 -15.89 0.59
C ILE E 236 33.61 -15.09 -0.68
N LEU E 237 33.34 -15.78 -1.77
CA LEU E 237 33.30 -15.07 -3.03
C LEU E 237 31.82 -14.84 -3.33
N LYS E 238 31.43 -13.57 -3.31
CA LYS E 238 30.06 -13.15 -3.64
C LYS E 238 29.70 -13.46 -5.11
N PRO E 239 28.41 -13.68 -5.39
CA PRO E 239 27.82 -14.13 -6.66
C PRO E 239 28.23 -13.53 -8.01
N ASN E 240 28.72 -12.31 -8.11
CA ASN E 240 29.22 -11.88 -9.43
C ASN E 240 30.61 -11.37 -9.34
N ASP E 241 31.28 -11.74 -8.26
CA ASP E 241 32.62 -11.29 -7.96
C ASP E 241 33.57 -12.34 -8.50
N ALA E 242 34.86 -12.02 -8.52
CA ALA E 242 35.87 -12.95 -9.02
C ALA E 242 37.08 -12.95 -8.09
N ILE E 243 37.76 -14.09 -8.02
CA ILE E 243 38.94 -14.19 -7.19
C ILE E 243 40.16 -14.35 -8.12
N ASN E 244 41.21 -13.60 -7.85
CA ASN E 244 42.43 -13.60 -8.68
C ASN E 244 43.63 -14.07 -7.92
N PHE E 245 44.19 -15.19 -8.35
CA PHE E 245 45.42 -15.70 -7.75
C PHE E 245 46.59 -15.37 -8.66
N GLU E 246 47.67 -14.88 -8.08
CA GLU E 246 48.92 -14.78 -8.82
C GLU E 246 50.03 -15.24 -7.92
N SER E 247 50.79 -16.23 -8.40
CA SER E 247 51.87 -16.79 -7.61
C SER E 247 53.02 -17.34 -8.43
N ASN E 248 54.22 -17.27 -7.86
CA ASN E 248 55.38 -17.82 -8.52
C ASN E 248 56.03 -18.91 -7.63
N GLY E 249 55.29 -19.40 -6.64
CA GLY E 249 55.75 -20.50 -5.80
C GLY E 249 55.10 -20.66 -4.43
N ASN E 250 55.29 -21.83 -3.83
CA ASN E 250 54.75 -22.15 -2.50
C ASN E 250 53.22 -22.09 -2.43
N PHE E 251 52.57 -22.11 -3.59
CA PHE E 251 51.12 -21.93 -3.69
C PHE E 251 50.38 -23.23 -3.48
N ILE E 252 49.44 -23.28 -2.53
CA ILE E 252 48.61 -24.48 -2.45
C ILE E 252 47.24 -24.14 -3.00
N ALA E 253 46.99 -24.59 -4.22
CA ALA E 253 45.92 -24.06 -5.03
C ALA E 253 44.56 -24.67 -4.78
N PRO E 254 43.51 -23.84 -4.91
CA PRO E 254 42.22 -24.49 -4.79
C PRO E 254 41.96 -25.30 -6.05
N GLU E 255 41.36 -26.49 -5.88
CA GLU E 255 40.75 -27.24 -6.97
C GLU E 255 39.23 -27.20 -6.76
N TYR E 256 38.77 -27.61 -5.58
CA TYR E 256 37.33 -27.61 -5.25
C TYR E 256 36.96 -26.50 -4.26
N ALA E 257 35.84 -25.84 -4.54
CA ALA E 257 35.28 -24.87 -3.59
C ALA E 257 33.86 -25.30 -3.19
N TYR E 258 33.26 -24.59 -2.24
CA TYR E 258 31.96 -24.99 -1.71
C TYR E 258 30.90 -23.91 -1.90
N LYS E 259 29.84 -24.27 -2.63
CA LYS E 259 28.68 -23.40 -2.77
C LYS E 259 27.86 -23.46 -1.47
N ILE E 260 27.58 -22.30 -0.90
CA ILE E 260 26.72 -22.24 0.28
C ILE E 260 25.28 -22.26 -0.24
N VAL E 261 24.70 -23.45 -0.26
CA VAL E 261 23.36 -23.68 -0.83
C VAL E 261 22.25 -23.32 0.15
N LYS E 262 22.32 -23.90 1.33
CA LYS E 262 21.33 -23.57 2.33
C LYS E 262 21.95 -22.95 3.57
N LYS E 263 21.62 -21.68 3.82
CA LYS E 263 21.93 -21.04 5.08
C LYS E 263 20.74 -21.24 5.99
N GLY E 264 20.97 -21.59 7.24
CA GLY E 264 19.89 -21.73 8.20
C GLY E 264 20.42 -21.67 9.61
N ASP E 265 19.63 -22.08 10.59
CA ASP E 265 20.18 -22.09 11.93
C ASP E 265 20.62 -23.52 12.20
N SER E 266 21.90 -23.63 12.51
CA SER E 266 22.52 -24.90 12.76
C SER E 266 23.55 -24.72 13.85
N ALA E 267 24.40 -25.72 14.03
CA ALA E 267 25.37 -25.66 15.11
C ALA E 267 26.45 -26.71 14.96
N ILE E 268 27.60 -26.46 15.58
CA ILE E 268 28.63 -27.48 15.65
C ILE E 268 28.68 -27.96 17.08
N MET E 269 28.10 -29.12 17.30
CA MET E 269 27.98 -29.69 18.64
C MET E 269 29.24 -30.46 18.95
N LYS E 270 29.90 -30.15 20.05
CA LYS E 270 31.08 -30.91 20.43
C LYS E 270 30.60 -32.12 21.23
N SER E 271 30.74 -33.31 20.65
CA SER E 271 30.30 -34.54 21.33
C SER E 271 31.15 -35.72 20.91
N GLU E 272 31.22 -36.73 21.78
CA GLU E 272 32.08 -37.87 21.51
C GLU E 272 31.27 -39.03 21.02
N LEU E 273 29.98 -38.82 20.89
CA LEU E 273 29.07 -39.92 20.58
C LEU E 273 28.82 -40.00 19.07
N GLU E 274 28.20 -41.08 18.62
CA GLU E 274 27.86 -41.21 17.22
C GLU E 274 26.38 -41.50 16.97
N GLY E 276 22.50 -42.65 16.01
CA GLY E 276 21.65 -43.60 16.72
C GLY E 276 20.46 -44.11 15.92
N ASN E 277 20.32 -43.60 14.70
CA ASN E 277 19.27 -44.00 13.75
C ASN E 277 17.88 -43.63 14.19
N CYS E 278 17.82 -42.81 15.23
CA CYS E 278 16.58 -42.34 15.80
C CYS E 278 16.27 -40.94 15.28
N ASN E 279 15.17 -40.38 15.76
CA ASN E 279 14.78 -39.03 15.38
C ASN E 279 14.38 -38.29 16.64
N THR E 280 14.54 -36.98 16.64
CA THR E 280 14.14 -36.17 17.79
C THR E 280 13.82 -34.76 17.34
N LYS E 281 13.23 -34.00 18.25
CA LYS E 281 12.78 -32.63 18.02
C LYS E 281 13.66 -31.67 18.80
N CYS E 282 14.47 -32.25 19.67
CA CYS E 282 15.35 -31.49 20.54
C CYS E 282 16.59 -32.33 20.82
N GLN E 283 17.77 -31.79 20.51
CA GLN E 283 19.02 -32.54 20.65
C GLN E 283 20.04 -31.83 21.52
N THR E 284 20.77 -32.61 22.32
CA THR E 284 21.83 -32.09 23.18
C THR E 284 23.04 -32.98 22.96
N PRO E 285 24.24 -32.48 23.26
CA PRO E 285 25.49 -33.24 23.11
C PRO E 285 25.57 -34.52 23.96
N MET E 286 24.62 -34.75 24.86
CA MET E 286 24.63 -35.96 25.69
C MET E 286 23.57 -36.93 25.23
N GLY E 287 22.64 -36.41 24.44
CA GLY E 287 21.52 -37.19 23.97
C GLY E 287 20.33 -36.31 23.60
N ALA E 288 19.28 -36.94 23.07
CA ALA E 288 18.11 -36.22 22.60
C ALA E 288 17.02 -36.18 23.68
N ILE E 289 16.10 -35.23 23.56
CA ILE E 289 15.09 -35.02 24.59
C ILE E 289 13.66 -35.26 24.07
N ASN E 290 12.93 -36.16 24.72
CA ASN E 290 11.53 -36.35 24.37
C ASN E 290 10.68 -35.94 25.57
N SER E 291 10.26 -34.69 25.57
CA SER E 291 9.63 -34.12 26.75
C SER E 291 8.66 -32.99 26.44
N SER E 292 7.73 -32.79 27.38
CA SER E 292 6.76 -31.71 27.30
C SER E 292 6.98 -30.77 28.46
N MET E 293 7.94 -31.14 29.32
CA MET E 293 8.31 -30.27 30.42
C MET E 293 8.78 -28.95 29.87
N PRO E 294 8.56 -27.87 30.62
CA PRO E 294 9.01 -26.55 30.20
C PRO E 294 10.46 -26.33 30.60
N PHE E 295 11.01 -27.24 31.39
CA PHE E 295 12.38 -27.09 31.82
C PHE E 295 13.15 -28.40 31.69
N HIS E 296 14.46 -28.31 31.52
CA HIS E 296 15.29 -29.50 31.56
C HIS E 296 16.65 -29.13 32.13
N ASN E 297 17.36 -30.16 32.57
CA ASN E 297 18.66 -29.95 33.19
C ASN E 297 19.69 -30.87 32.58
N ILE E 298 19.46 -31.25 31.33
CA ILE E 298 20.33 -32.22 30.67
C ILE E 298 21.68 -31.62 30.32
N HIS E 299 21.64 -30.52 29.55
CA HIS E 299 22.82 -29.80 29.08
C HIS E 299 22.42 -28.43 28.50
N PRO E 300 23.21 -27.38 28.75
CA PRO E 300 22.81 -26.04 28.29
C PRO E 300 22.78 -25.87 26.77
N LEU E 301 23.65 -26.56 26.06
CA LEU E 301 23.76 -26.29 24.64
C LEU E 301 22.86 -27.23 23.87
N THR E 302 21.73 -26.75 23.37
CA THR E 302 20.78 -27.63 22.67
C THR E 302 20.37 -27.05 21.32
N ILE E 303 19.73 -27.86 20.47
CA ILE E 303 19.22 -27.35 19.20
C ILE E 303 17.88 -27.98 18.92
N GLY E 304 16.94 -27.18 18.41
CA GLY E 304 15.59 -27.65 18.13
C GLY E 304 14.61 -27.06 19.10
N GLU E 305 13.35 -27.46 19.02
CA GLU E 305 12.33 -27.02 19.98
C GLU E 305 12.59 -27.67 21.35
N CYS E 306 13.15 -26.92 22.30
CA CYS E 306 13.64 -27.49 23.55
C CYS E 306 13.07 -26.89 24.80
N PRO E 307 13.08 -27.68 25.88
CA PRO E 307 12.70 -27.06 27.13
C PRO E 307 13.80 -26.08 27.52
N LYS E 308 13.49 -25.17 28.42
CA LYS E 308 14.50 -24.23 28.83
C LYS E 308 15.42 -24.89 29.85
N TYR E 309 16.72 -24.78 29.60
CA TYR E 309 17.70 -25.39 30.47
C TYR E 309 17.79 -24.63 31.78
N VAL E 310 18.03 -25.37 32.85
CA VAL E 310 18.13 -24.80 34.18
C VAL E 310 19.08 -25.66 35.01
N LYS E 311 19.75 -25.11 36.01
CA LYS E 311 20.68 -25.92 36.80
C LYS E 311 20.02 -26.63 38.01
N SER E 312 18.73 -26.87 37.96
CA SER E 312 18.10 -27.47 39.13
C SER E 312 18.10 -28.98 39.05
N ASN E 313 18.14 -29.60 40.21
CA ASN E 313 17.92 -31.03 40.33
C ASN E 313 16.41 -31.32 40.39
N ARG E 314 15.61 -30.30 40.70
CA ARG E 314 14.19 -30.48 40.97
C ARG E 314 13.40 -29.20 40.80
N LEU E 315 12.30 -29.27 40.05
CA LEU E 315 11.35 -28.15 39.98
C LEU E 315 9.93 -28.75 39.98
N VAL E 316 9.29 -28.70 41.14
CA VAL E 316 7.95 -29.24 41.26
C VAL E 316 7.03 -28.23 41.89
N LEU E 317 5.97 -27.90 41.15
CA LEU E 317 4.93 -26.97 41.62
C LEU E 317 3.85 -27.67 42.45
N ALA E 318 3.47 -27.05 43.56
CA ALA E 318 2.28 -27.51 44.28
C ALA E 318 1.12 -27.14 43.43
N THR E 319 0.20 -28.08 43.20
CA THR E 319 -1.06 -27.75 42.53
C THR E 319 -2.26 -28.03 43.42
N GLY E 320 -2.20 -29.15 44.13
CA GLY E 320 -3.22 -29.53 45.09
C GLY E 320 -2.98 -28.78 46.39
N LEU E 321 -3.45 -29.32 47.50
CA LEU E 321 -3.31 -28.62 48.76
C LEU E 321 -2.53 -29.47 49.72
N ARG E 322 -2.23 -28.93 50.90
CA ARG E 322 -1.48 -29.66 51.91
C ARG E 322 -2.21 -30.94 52.31
N ASN E 323 -1.52 -32.06 52.17
CA ASN E 323 -2.15 -33.36 52.44
C ASN E 323 -2.05 -33.64 53.91
N THR E 324 -3.07 -34.30 54.45
CA THR E 324 -3.10 -34.64 55.86
C THR E 324 -2.70 -36.12 56.02
N PRO E 325 -1.85 -36.41 57.02
CA PRO E 325 -1.23 -37.72 57.27
C PRO E 325 -2.22 -38.83 57.61
N PRO F 3 25.80 44.31 -65.83
CA PRO F 3 27.18 44.73 -65.69
C PRO F 3 27.79 44.28 -64.36
N GLY F 4 26.95 44.11 -63.34
CA GLY F 4 27.46 43.85 -62.00
C GLY F 4 26.98 42.51 -61.37
N ASP F 5 27.77 42.00 -60.43
CA ASP F 5 27.43 40.78 -59.72
C ASP F 5 26.13 40.96 -58.94
N GLN F 6 25.30 39.94 -58.95
CA GLN F 6 24.04 40.05 -58.22
C GLN F 6 23.59 38.77 -57.51
N ILE F 7 22.80 38.95 -56.46
CA ILE F 7 22.21 37.82 -55.78
C ILE F 7 20.71 37.98 -55.68
N CYS F 8 19.98 36.89 -55.90
CA CYS F 8 18.53 36.95 -55.91
C CYS F 8 17.90 36.04 -54.85
N ILE F 9 16.83 36.52 -54.23
CA ILE F 9 16.06 35.72 -53.31
C ILE F 9 14.85 35.25 -54.05
N GLY F 10 14.54 33.97 -53.94
CA GLY F 10 13.39 33.42 -54.62
C GLY F 10 12.89 32.15 -54.00
N TYR F 11 11.85 31.57 -54.60
CA TYR F 11 11.20 30.42 -53.98
C TYR F 11 10.87 29.32 -55.00
N HIS F 12 10.66 28.11 -54.48
CA HIS F 12 10.46 26.91 -55.30
C HIS F 12 9.20 26.94 -56.18
N ALA F 13 9.31 26.25 -57.31
CA ALA F 13 8.16 26.06 -58.18
C ALA F 13 8.34 24.75 -58.93
N ASN F 14 7.22 24.13 -59.31
CA ASN F 14 7.27 22.85 -60.05
C ASN F 14 6.05 22.63 -60.92
N ASN F 15 5.98 21.43 -61.50
CA ASN F 15 4.94 21.07 -62.46
C ASN F 15 3.67 20.48 -61.80
N SER F 16 3.49 20.79 -60.52
CA SER F 16 2.34 20.32 -59.74
C SER F 16 1.02 20.95 -60.16
N THR F 17 -0.04 20.17 -60.08
CA THR F 17 -1.34 20.66 -60.47
C THR F 17 -2.26 20.54 -59.27
N GLU F 18 -1.71 20.02 -58.19
CA GLU F 18 -2.45 19.85 -56.95
C GLU F 18 -2.98 21.21 -56.48
N GLN F 19 -4.27 21.24 -56.18
CA GLN F 19 -4.99 22.44 -55.74
C GLN F 19 -5.45 22.29 -54.29
N VAL F 20 -5.71 23.41 -53.63
CA VAL F 20 -5.98 23.41 -52.22
C VAL F 20 -6.97 24.55 -51.96
N ASP F 21 -7.77 24.49 -50.88
CA ASP F 21 -8.73 25.58 -50.63
C ASP F 21 -8.45 26.39 -49.36
N THR F 22 -8.88 27.64 -49.37
CA THR F 22 -8.73 28.51 -48.19
C THR F 22 -9.97 29.33 -48.00
N ILE F 23 -9.97 30.17 -46.97
CA ILE F 23 -11.13 31.00 -46.69
C ILE F 23 -11.40 32.02 -47.80
N MET F 24 -10.33 32.68 -48.25
CA MET F 24 -10.50 33.75 -49.21
C MET F 24 -10.39 33.23 -50.65
N GLU F 25 -9.78 32.08 -50.86
CA GLU F 25 -9.56 31.62 -52.23
C GLU F 25 -9.78 30.10 -52.41
N LYS F 26 -10.35 29.73 -53.56
CA LYS F 26 -10.56 28.31 -53.88
C LYS F 26 -9.74 27.87 -55.09
N ASN F 27 -9.39 26.59 -55.12
CA ASN F 27 -8.58 26.02 -56.21
C ASN F 27 -7.23 26.74 -56.38
N VAL F 28 -6.43 26.69 -55.33
CA VAL F 28 -5.11 27.31 -55.34
C VAL F 28 -4.08 26.26 -55.67
N THR F 29 -3.49 26.37 -56.84
CA THR F 29 -2.47 25.43 -57.22
C THR F 29 -1.28 25.71 -56.34
N VAL F 30 -0.68 24.62 -55.91
CA VAL F 30 0.26 24.65 -54.80
C VAL F 30 1.37 23.69 -55.17
N THR F 31 2.55 23.82 -54.59
CA THR F 31 3.66 22.96 -55.01
C THR F 31 3.59 21.57 -54.38
N HIS F 32 3.09 21.49 -53.16
CA HIS F 32 3.01 20.24 -52.43
C HIS F 32 1.79 20.23 -51.53
N ALA F 33 1.01 19.15 -51.57
CA ALA F 33 -0.16 19.06 -50.71
C ALA F 33 -0.32 17.64 -50.14
N GLN F 34 -1.01 17.52 -49.01
CA GLN F 34 -1.25 16.20 -48.43
C GLN F 34 -2.75 15.89 -48.33
N ASP F 35 -3.18 14.83 -48.99
CA ASP F 35 -4.56 14.39 -48.89
C ASP F 35 -4.71 13.68 -47.55
N ILE F 36 -5.77 14.03 -46.81
CA ILE F 36 -5.95 13.42 -45.50
C ILE F 36 -7.32 12.74 -45.34
N LEU F 37 -7.97 12.49 -46.47
CA LEU F 37 -9.28 11.85 -46.53
C LEU F 37 -9.24 10.59 -47.37
N GLU F 38 -9.49 9.46 -46.71
CA GLU F 38 -9.56 8.16 -47.38
C GLU F 38 -10.93 7.96 -47.97
N LYS F 39 -10.97 7.58 -49.24
CA LYS F 39 -12.24 7.46 -49.97
C LYS F 39 -12.49 6.09 -50.63
N THR F 40 -11.71 5.08 -50.29
CA THR F 40 -11.87 3.78 -50.93
C THR F 40 -11.90 2.65 -49.92
N HIS F 41 -12.68 1.64 -50.26
CA HIS F 41 -12.82 0.44 -49.47
C HIS F 41 -12.88 -0.75 -50.43
N ASN F 42 -12.66 -1.95 -49.92
CA ASN F 42 -12.65 -3.14 -50.78
C ASN F 42 -14.03 -3.79 -51.10
N GLY F 43 -15.11 -3.15 -50.65
CA GLY F 43 -16.48 -3.58 -50.98
C GLY F 43 -16.85 -4.96 -50.46
N LYS F 44 -16.12 -5.37 -49.43
CA LYS F 44 -16.25 -6.70 -48.89
C LYS F 44 -16.29 -6.71 -47.34
N LEU F 45 -16.95 -7.72 -46.79
CA LEU F 45 -16.94 -7.93 -45.35
C LEU F 45 -15.75 -8.82 -45.04
N CYS F 46 -14.95 -8.44 -44.05
CA CYS F 46 -13.73 -9.20 -43.86
C CYS F 46 -13.51 -9.54 -42.41
N ASP F 47 -12.56 -10.46 -42.24
CA ASP F 47 -12.10 -10.90 -40.95
C ASP F 47 -11.41 -9.70 -40.27
N LEU F 48 -11.51 -9.62 -38.95
CA LEU F 48 -10.89 -8.50 -38.20
C LEU F 48 -9.76 -8.93 -37.31
N ASN F 49 -8.52 -8.69 -37.75
CA ASN F 49 -7.32 -9.09 -37.01
C ASN F 49 -7.30 -10.57 -36.69
N GLY F 50 -7.52 -11.39 -37.71
CA GLY F 50 -7.44 -12.83 -37.55
C GLY F 50 -8.60 -13.45 -36.77
N VAL F 51 -9.67 -12.67 -36.55
CA VAL F 51 -10.87 -13.19 -35.88
C VAL F 51 -12.10 -13.02 -36.79
N PRO F 53 -15.72 -12.76 -38.57
CA PRO F 53 -17.02 -12.32 -38.06
C PRO F 53 -18.07 -13.43 -38.14
N LEU F 54 -19.15 -13.31 -37.37
CA LEU F 54 -20.28 -14.24 -37.44
C LEU F 54 -21.26 -13.70 -38.46
N ILE F 55 -21.30 -14.31 -39.64
CA ILE F 55 -22.24 -13.86 -40.67
C ILE F 55 -23.55 -14.64 -40.63
N LEU F 56 -24.64 -13.95 -40.32
CA LEU F 56 -25.91 -14.64 -40.10
C LEU F 56 -26.63 -15.06 -41.39
N ARG F 57 -26.08 -14.68 -42.54
CA ARG F 57 -26.74 -14.87 -43.83
C ARG F 57 -28.20 -14.44 -43.77
N ASP F 58 -29.09 -15.40 -43.95
CA ASP F 58 -30.49 -15.08 -44.02
C ASP F 58 -31.16 -15.29 -42.67
N CYS F 59 -30.36 -15.52 -41.64
CA CYS F 59 -30.88 -15.65 -40.28
C CYS F 59 -30.82 -14.35 -39.46
N SER F 60 -31.77 -14.20 -38.56
CA SER F 60 -31.79 -13.10 -37.62
C SER F 60 -31.16 -13.57 -36.30
N VAL F 61 -30.85 -12.64 -35.43
CA VAL F 61 -30.31 -12.99 -34.12
C VAL F 61 -31.28 -13.86 -33.32
N ALA F 62 -32.56 -13.52 -33.37
CA ALA F 62 -33.60 -14.33 -32.72
C ALA F 62 -33.55 -15.75 -33.26
N GLY F 63 -33.59 -15.87 -34.60
CA GLY F 63 -33.59 -17.14 -35.28
C GLY F 63 -32.39 -17.97 -34.90
N TRP F 64 -31.26 -17.30 -34.77
CA TRP F 64 -30.05 -17.95 -34.36
C TRP F 64 -30.16 -18.45 -32.93
N LEU F 65 -30.47 -17.54 -32.00
CA LEU F 65 -30.42 -17.90 -30.60
C LEU F 65 -31.54 -18.89 -30.21
N LEU F 66 -32.75 -18.70 -30.72
CA LEU F 66 -33.86 -19.62 -30.42
C LEU F 66 -33.64 -20.95 -31.16
N GLY F 67 -32.92 -20.90 -32.27
CA GLY F 67 -32.62 -22.10 -33.03
C GLY F 67 -33.62 -22.47 -34.12
N ASN F 68 -33.96 -21.48 -34.94
CA ASN F 68 -34.77 -21.74 -36.11
C ASN F 68 -34.15 -22.86 -36.91
N PRO F 69 -34.96 -23.89 -37.22
CA PRO F 69 -34.44 -25.06 -37.95
C PRO F 69 -33.77 -24.65 -39.26
N MET F 70 -34.19 -23.55 -39.88
CA MET F 70 -33.53 -23.09 -41.12
C MET F 70 -32.18 -22.41 -40.83
N CYS F 71 -31.79 -22.39 -39.57
CA CYS F 71 -30.56 -21.75 -39.14
C CYS F 71 -29.53 -22.75 -38.57
N ASP F 72 -29.46 -23.94 -39.17
CA ASP F 72 -28.61 -24.98 -38.59
C ASP F 72 -27.13 -24.68 -38.69
N GLU F 73 -26.76 -23.77 -39.58
CA GLU F 73 -25.36 -23.42 -39.78
C GLU F 73 -24.71 -22.96 -38.46
N PHE F 74 -25.54 -22.40 -37.59
CA PHE F 74 -25.06 -21.74 -36.40
C PHE F 74 -25.31 -22.52 -35.11
N ILE F 75 -25.43 -23.85 -35.22
CA ILE F 75 -25.68 -24.66 -34.04
C ILE F 75 -24.56 -24.54 -33.01
N ASN F 76 -23.32 -24.43 -33.51
CA ASN F 76 -22.18 -24.24 -32.63
C ASN F 76 -21.11 -23.36 -33.28
N VAL F 77 -21.31 -22.05 -33.17
CA VAL F 77 -20.48 -21.05 -33.82
C VAL F 77 -19.25 -20.70 -32.99
N PRO F 78 -18.11 -20.47 -33.68
CA PRO F 78 -16.90 -20.13 -32.94
C PRO F 78 -16.88 -18.66 -32.53
N GLU F 79 -15.84 -18.29 -31.80
CA GLU F 79 -15.67 -16.92 -31.35
C GLU F 79 -15.76 -15.98 -32.56
N TRP F 80 -16.36 -14.81 -32.36
CA TRP F 80 -16.45 -13.86 -33.46
C TRP F 80 -15.83 -12.52 -33.10
N SER F 81 -15.51 -11.73 -34.13
CA SER F 81 -15.00 -10.40 -33.93
C SER F 81 -16.17 -9.46 -33.88
N TYR F 82 -16.93 -9.41 -34.96
CA TYR F 82 -18.16 -8.63 -35.02
C TYR F 82 -19.27 -9.50 -35.59
N ILE F 83 -20.51 -9.01 -35.57
CA ILE F 83 -21.61 -9.80 -36.10
C ILE F 83 -22.25 -9.08 -37.27
N VAL F 84 -22.57 -9.84 -38.32
CA VAL F 84 -23.23 -9.27 -39.48
C VAL F 84 -24.64 -9.81 -39.62
N GLU F 85 -25.62 -8.91 -39.71
CA GLU F 85 -27.04 -9.28 -39.88
C GLU F 85 -27.63 -8.46 -41.01
N LYS F 86 -28.42 -9.09 -41.88
CA LYS F 86 -29.08 -8.38 -42.96
C LYS F 86 -30.17 -7.45 -42.41
N ALA F 87 -30.67 -6.57 -43.27
CA ALA F 87 -31.67 -5.60 -42.83
C ALA F 87 -32.92 -6.31 -42.41
N SER F 88 -33.45 -7.13 -43.31
CA SER F 88 -34.71 -7.81 -43.07
C SER F 88 -34.56 -9.29 -43.37
N PRO F 89 -33.90 -10.03 -42.47
CA PRO F 89 -33.60 -11.47 -42.66
C PRO F 89 -34.87 -12.27 -42.81
N ALA F 90 -34.87 -13.31 -43.64
CA ALA F 90 -36.09 -14.11 -43.88
C ALA F 90 -36.38 -15.03 -42.71
N ASN F 91 -35.33 -15.65 -42.20
CA ASN F 91 -35.43 -16.62 -41.12
C ASN F 91 -35.37 -15.95 -39.77
N ASP F 92 -36.52 -15.47 -39.30
CA ASP F 92 -36.61 -14.89 -37.98
C ASP F 92 -37.35 -15.86 -37.04
N LEU F 93 -38.51 -15.46 -36.54
CA LEU F 93 -39.34 -16.34 -35.73
C LEU F 93 -40.24 -17.14 -36.68
N CYS F 94 -39.87 -18.39 -36.97
CA CYS F 94 -40.62 -19.24 -37.92
C CYS F 94 -42.09 -19.40 -37.49
N TYR F 95 -42.32 -19.67 -36.20
CA TYR F 95 -43.65 -19.56 -35.60
C TYR F 95 -43.80 -18.13 -35.11
N PRO F 96 -44.86 -17.43 -35.54
CA PRO F 96 -45.02 -16.01 -35.25
C PRO F 96 -45.20 -15.68 -33.76
N GLY F 97 -44.68 -14.51 -33.40
CA GLY F 97 -44.75 -14.01 -32.04
C GLY F 97 -43.75 -12.89 -31.77
N ASP F 98 -43.35 -12.73 -30.51
CA ASP F 98 -42.52 -11.60 -30.12
C ASP F 98 -41.33 -12.04 -29.30
N PHE F 99 -40.30 -11.22 -29.31
CA PHE F 99 -39.13 -11.48 -28.50
C PHE F 99 -38.99 -10.28 -27.60
N ASN F 100 -39.35 -10.41 -26.32
CA ASN F 100 -39.34 -9.25 -25.42
C ASN F 100 -37.97 -8.69 -25.17
N ASP F 101 -37.89 -7.35 -25.13
CA ASP F 101 -36.62 -6.68 -24.89
C ASP F 101 -35.57 -7.21 -25.85
N TYR F 102 -35.99 -7.42 -27.09
CA TYR F 102 -35.11 -7.97 -28.10
C TYR F 102 -33.94 -7.03 -28.35
N GLU F 103 -34.24 -5.75 -28.47
CA GLU F 103 -33.20 -4.77 -28.78
C GLU F 103 -32.18 -4.77 -27.66
N GLU F 104 -32.66 -4.83 -26.41
CA GLU F 104 -31.75 -4.88 -25.28
C GLU F 104 -30.90 -6.17 -25.35
N LEU F 105 -31.41 -7.21 -25.97
CA LEU F 105 -30.66 -8.46 -26.11
C LEU F 105 -29.62 -8.34 -27.22
N LYS F 106 -29.97 -7.69 -28.32
CA LYS F 106 -28.99 -7.45 -29.36
C LYS F 106 -27.84 -6.58 -28.80
N HIS F 107 -28.19 -5.65 -27.92
CA HIS F 107 -27.18 -4.79 -27.33
C HIS F 107 -26.21 -5.62 -26.52
N LEU F 108 -26.73 -6.54 -25.74
CA LEU F 108 -25.89 -7.40 -24.91
C LEU F 108 -24.95 -8.22 -25.78
N LEU F 109 -25.44 -8.61 -26.95
CA LEU F 109 -24.66 -9.40 -27.89
C LEU F 109 -23.49 -8.60 -28.37
N SER F 110 -23.76 -7.36 -28.72
CA SER F 110 -22.76 -6.47 -29.27
C SER F 110 -21.66 -6.19 -28.27
N ARG F 111 -21.86 -6.56 -27.01
CA ARG F 111 -20.81 -6.45 -26.01
C ARG F 111 -20.22 -7.82 -25.73
N THR F 112 -20.38 -8.73 -26.69
CA THR F 112 -20.01 -10.14 -26.54
C THR F 112 -19.34 -10.78 -27.77
N ASN F 113 -18.34 -11.64 -27.53
CA ASN F 113 -17.58 -12.29 -28.62
C ASN F 113 -17.75 -13.79 -28.74
N HIS F 114 -18.11 -14.44 -27.62
CA HIS F 114 -18.18 -15.89 -27.60
C HIS F 114 -19.28 -16.50 -26.74
N PHE F 115 -20.17 -17.24 -27.41
CA PHE F 115 -21.20 -18.05 -26.80
C PHE F 115 -20.82 -19.50 -26.90
N GLU F 116 -20.87 -20.19 -25.79
CA GLU F 116 -20.73 -21.64 -25.79
C GLU F 116 -22.10 -22.22 -25.43
N LYS F 117 -22.74 -22.91 -26.36
CA LYS F 117 -24.08 -23.46 -26.11
C LYS F 117 -24.01 -24.64 -25.13
N ILE F 118 -24.89 -24.67 -24.14
CA ILE F 118 -24.93 -25.82 -23.21
C ILE F 118 -26.37 -26.31 -22.91
N GLN F 119 -26.51 -27.64 -22.81
CA GLN F 119 -27.81 -28.22 -22.53
C GLN F 119 -28.11 -28.02 -21.06
N ILE F 120 -29.19 -27.30 -20.78
CA ILE F 120 -29.50 -26.87 -19.42
C ILE F 120 -30.64 -27.73 -18.87
N ILE F 121 -31.55 -28.09 -19.76
CA ILE F 121 -32.59 -29.06 -19.48
C ILE F 121 -32.76 -30.00 -20.66
N PRO F 122 -32.30 -31.26 -20.49
CA PRO F 122 -32.33 -32.31 -21.52
C PRO F 122 -33.74 -32.58 -22.02
N LYS F 123 -33.93 -32.67 -23.34
CA LYS F 123 -35.26 -32.94 -23.87
C LYS F 123 -35.76 -34.31 -23.37
N SER F 124 -34.81 -35.21 -23.11
CA SER F 124 -35.09 -36.56 -22.65
C SER F 124 -35.75 -36.62 -21.27
N SER F 125 -35.57 -35.57 -20.48
CA SER F 125 -36.05 -35.59 -19.11
C SER F 125 -37.54 -35.28 -19.01
N TRP F 126 -38.21 -35.08 -20.14
CA TRP F 126 -39.64 -34.80 -20.10
C TRP F 126 -40.42 -36.12 -20.20
N SER F 127 -40.48 -36.81 -19.07
CA SER F 127 -41.10 -38.13 -19.00
C SER F 127 -42.64 -38.08 -19.04
N ASN F 128 -43.22 -37.10 -18.36
CA ASN F 128 -44.68 -37.02 -18.27
C ASN F 128 -45.33 -35.94 -19.13
N HIS F 129 -44.58 -35.43 -20.10
CA HIS F 129 -45.14 -34.52 -21.08
C HIS F 129 -44.61 -34.97 -22.43
N ASP F 130 -45.24 -34.51 -23.50
CA ASP F 130 -44.80 -34.82 -24.87
C ASP F 130 -43.86 -33.73 -25.41
N ALA F 131 -42.58 -34.10 -25.58
CA ALA F 131 -41.58 -33.16 -26.09
C ALA F 131 -41.27 -33.46 -27.54
N SER F 132 -42.20 -34.14 -28.20
CA SER F 132 -41.96 -34.63 -29.55
C SER F 132 -43.01 -34.11 -30.52
N SER F 133 -44.18 -33.80 -30.00
CA SER F 133 -45.27 -33.28 -30.81
C SER F 133 -45.29 -31.75 -30.86
N GLY F 134 -44.41 -31.12 -30.07
CA GLY F 134 -44.27 -29.68 -30.08
C GLY F 134 -43.60 -29.24 -31.37
N VAL F 135 -44.38 -29.25 -32.46
CA VAL F 135 -43.81 -29.14 -33.78
C VAL F 135 -44.87 -28.49 -34.69
N SER F 136 -44.42 -27.74 -35.68
CA SER F 136 -45.34 -26.99 -36.52
C SER F 136 -44.86 -26.93 -37.96
N SER F 137 -45.79 -26.75 -38.90
CA SER F 137 -45.40 -26.66 -40.31
C SER F 137 -44.90 -25.26 -40.59
N ALA F 138 -45.08 -24.37 -39.62
CA ALA F 138 -44.57 -23.01 -39.76
C ALA F 138 -43.08 -23.04 -39.55
N CYS F 139 -42.60 -24.07 -38.85
CA CYS F 139 -41.17 -24.21 -38.59
C CYS F 139 -40.61 -25.45 -39.25
N PRO F 140 -40.58 -25.46 -40.60
CA PRO F 140 -40.12 -26.64 -41.31
C PRO F 140 -38.62 -26.85 -41.22
N TYR F 141 -38.24 -28.10 -41.03
CA TYR F 141 -36.86 -28.50 -41.07
C TYR F 141 -36.53 -28.91 -42.49
N HIS F 142 -36.30 -30.20 -42.71
CA HIS F 142 -36.06 -30.70 -44.07
C HIS F 142 -37.41 -31.08 -44.67
N GLY F 143 -38.25 -30.07 -44.89
CA GLY F 143 -39.58 -30.28 -45.44
C GLY F 143 -40.59 -30.81 -44.44
N ARG F 144 -40.09 -31.31 -43.31
CA ARG F 144 -40.95 -31.93 -42.29
C ARG F 144 -41.21 -30.90 -41.19
N SER F 145 -42.40 -30.91 -40.61
CA SER F 145 -42.73 -29.96 -39.54
C SER F 145 -41.77 -30.13 -38.36
N SER F 146 -41.31 -29.01 -37.83
CA SER F 146 -40.32 -29.03 -36.77
C SER F 146 -40.55 -27.86 -35.85
N PHE F 147 -39.50 -27.39 -35.18
CA PHE F 147 -39.60 -26.30 -34.21
C PHE F 147 -38.24 -25.77 -33.83
N PHE F 148 -38.21 -24.64 -33.12
CA PHE F 148 -36.95 -24.07 -32.61
C PHE F 148 -36.16 -25.13 -31.88
N ARG F 149 -34.86 -25.16 -32.08
CA ARG F 149 -34.05 -26.26 -31.58
C ARG F 149 -33.54 -26.16 -30.15
N ASN F 150 -33.52 -24.97 -29.57
CA ASN F 150 -32.88 -24.79 -28.28
C ASN F 150 -33.90 -24.67 -27.19
N VAL F 151 -35.13 -24.80 -27.63
CA VAL F 151 -36.24 -24.53 -26.78
C VAL F 151 -37.32 -25.57 -27.08
N VAL F 152 -38.06 -26.03 -26.07
CA VAL F 152 -38.93 -27.19 -26.24
C VAL F 152 -40.42 -26.88 -26.06
N TRP F 153 -41.22 -27.17 -27.08
CA TRP F 153 -42.67 -26.94 -27.01
C TRP F 153 -43.34 -28.14 -26.34
N LEU F 154 -43.41 -28.13 -25.02
CA LEU F 154 -44.02 -29.21 -24.27
C LEU F 154 -45.51 -29.28 -24.49
N ILE F 155 -46.00 -30.49 -24.79
CA ILE F 155 -47.42 -30.74 -25.02
C ILE F 155 -47.96 -31.85 -24.11
N LYS F 156 -49.26 -31.81 -23.80
CA LYS F 156 -49.87 -32.78 -22.89
C LYS F 156 -49.62 -34.21 -23.32
N LYS F 157 -49.59 -35.11 -22.36
CA LYS F 157 -49.34 -36.52 -22.62
C LYS F 157 -50.43 -37.30 -21.91
N ASN F 158 -51.07 -38.26 -22.59
CA ASN F 158 -52.18 -39.02 -22.00
C ASN F 158 -53.26 -38.11 -21.47
N SER F 159 -53.58 -37.08 -22.26
CA SER F 159 -54.59 -36.11 -21.92
C SER F 159 -54.36 -35.48 -20.54
N ALA F 160 -53.08 -35.34 -20.19
CA ALA F 160 -52.71 -34.75 -18.92
C ALA F 160 -51.47 -33.89 -19.09
N TYR F 161 -51.49 -32.72 -18.47
CA TYR F 161 -50.33 -31.84 -18.40
C TYR F 161 -50.06 -31.54 -16.94
N PRO F 162 -49.29 -32.43 -16.29
CA PRO F 162 -48.92 -32.29 -14.88
C PRO F 162 -48.13 -30.99 -14.69
N THR F 163 -48.21 -30.42 -13.50
CA THR F 163 -47.45 -29.23 -13.19
C THR F 163 -45.94 -29.50 -13.25
N ILE F 164 -45.24 -28.65 -14.00
CA ILE F 164 -43.80 -28.70 -14.18
C ILE F 164 -43.08 -27.85 -13.15
N LYS F 165 -42.06 -28.43 -12.53
CA LYS F 165 -41.20 -27.69 -11.62
C LYS F 165 -39.78 -28.09 -11.92
N ARG F 166 -39.12 -27.34 -12.79
CA ARG F 166 -37.72 -27.59 -13.09
C ARG F 166 -36.96 -26.40 -12.59
N SER F 167 -35.73 -26.64 -12.19
CA SER F 167 -34.88 -25.64 -11.58
C SER F 167 -33.48 -25.87 -12.11
N TYR F 168 -32.77 -24.80 -12.42
CA TYR F 168 -31.39 -24.94 -12.84
C TYR F 168 -30.45 -23.95 -12.14
N ASN F 169 -29.41 -24.50 -11.53
CA ASN F 169 -28.40 -23.73 -10.81
C ASN F 169 -27.18 -23.56 -11.70
N ASN F 170 -26.88 -22.31 -12.07
CA ASN F 170 -25.69 -22.04 -12.86
C ASN F 170 -24.44 -22.30 -12.04
N THR F 171 -23.73 -23.36 -12.40
CA THR F 171 -22.53 -23.75 -11.67
C THR F 171 -21.31 -23.27 -12.42
N ASN F 172 -21.51 -22.64 -13.57
CA ASN F 172 -20.37 -22.17 -14.33
C ASN F 172 -19.78 -20.91 -13.72
N GLN F 173 -18.70 -20.41 -14.31
CA GLN F 173 -18.06 -19.24 -13.76
C GLN F 173 -18.50 -18.02 -14.54
N GLU F 174 -19.30 -18.24 -15.58
CA GLU F 174 -19.75 -17.19 -16.48
C GLU F 174 -21.23 -16.84 -16.27
N ASP F 175 -21.63 -15.67 -16.77
CA ASP F 175 -23.03 -15.31 -16.83
C ASP F 175 -23.60 -16.32 -17.80
N LEU F 176 -24.87 -16.67 -17.67
CA LEU F 176 -25.46 -17.58 -18.64
C LEU F 176 -26.76 -17.02 -19.19
N LEU F 177 -26.89 -17.02 -20.54
CA LEU F 177 -28.10 -16.48 -21.17
C LEU F 177 -29.17 -17.57 -21.35
N VAL F 178 -30.27 -17.44 -20.62
CA VAL F 178 -31.35 -18.44 -20.73
C VAL F 178 -32.60 -17.88 -21.42
N LEU F 179 -33.09 -18.63 -22.41
CA LEU F 179 -34.28 -18.27 -23.18
C LEU F 179 -35.44 -19.23 -22.93
N TRP F 180 -36.64 -18.67 -22.85
CA TRP F 180 -37.83 -19.48 -22.72
C TRP F 180 -39.03 -18.81 -23.37
N GLY F 181 -40.17 -19.46 -23.33
CA GLY F 181 -41.33 -18.91 -24.00
C GLY F 181 -42.68 -19.35 -23.49
N ILE F 182 -43.69 -18.63 -23.98
CA ILE F 182 -45.06 -18.91 -23.64
C ILE F 182 -45.85 -19.00 -24.94
N HIS F 183 -46.84 -19.89 -24.97
CA HIS F 183 -47.66 -20.02 -26.16
C HIS F 183 -49.01 -19.38 -25.93
N HIS F 184 -49.41 -18.54 -26.88
CA HIS F 184 -50.71 -17.88 -26.85
C HIS F 184 -51.61 -18.49 -27.93
N PRO F 185 -52.54 -19.38 -27.55
CA PRO F 185 -53.42 -20.10 -28.48
C PRO F 185 -54.54 -19.26 -29.09
N ASN F 186 -55.28 -19.84 -30.02
CA ASN F 186 -56.36 -19.15 -30.72
C ASN F 186 -57.67 -19.12 -29.97
N ASP F 187 -57.97 -20.21 -29.28
CA ASP F 187 -59.22 -20.38 -28.59
C ASP F 187 -59.09 -21.34 -27.42
N ALA F 188 -60.14 -21.42 -26.62
CA ALA F 188 -60.12 -22.28 -25.46
C ALA F 188 -59.98 -23.73 -25.88
N ALA F 189 -60.46 -24.02 -27.09
CA ALA F 189 -60.38 -25.37 -27.65
C ALA F 189 -58.91 -25.77 -27.84
N GLU F 190 -58.16 -24.96 -28.62
CA GLU F 190 -56.75 -25.24 -28.90
C GLU F 190 -56.02 -25.37 -27.59
N GLN F 191 -56.39 -24.50 -26.65
CA GLN F 191 -55.81 -24.56 -25.31
C GLN F 191 -55.94 -25.97 -24.78
N THR F 192 -57.17 -26.49 -24.80
CA THR F 192 -57.44 -27.82 -24.26
C THR F 192 -56.74 -28.96 -25.01
N LYS F 193 -56.69 -28.83 -26.33
CA LYS F 193 -56.09 -29.86 -27.18
C LYS F 193 -54.61 -30.05 -26.87
N LEU F 194 -53.90 -28.95 -26.60
CA LEU F 194 -52.45 -29.00 -26.41
C LEU F 194 -52.00 -29.24 -24.96
N TYR F 195 -52.59 -28.49 -24.05
CA TYR F 195 -52.29 -28.63 -22.63
C TYR F 195 -53.66 -28.86 -22.04
N GLN F 196 -53.84 -29.89 -21.23
CA GLN F 196 -55.20 -30.30 -20.88
C GLN F 196 -55.89 -29.16 -20.12
N ASN F 197 -55.14 -28.58 -19.19
CA ASN F 197 -55.67 -27.61 -18.25
C ASN F 197 -56.08 -26.29 -18.89
N PRO F 198 -57.25 -25.77 -18.50
CA PRO F 198 -57.87 -24.61 -19.15
C PRO F 198 -57.28 -23.26 -18.78
N THR F 199 -56.84 -23.08 -17.54
CA THR F 199 -56.21 -21.83 -17.11
C THR F 199 -54.81 -22.13 -16.62
N THR F 200 -53.83 -21.47 -17.23
CA THR F 200 -52.46 -21.82 -17.00
C THR F 200 -51.60 -20.61 -16.70
N TYR F 201 -50.39 -20.89 -16.28
CA TYR F 201 -49.44 -19.88 -15.89
C TYR F 201 -48.05 -20.42 -16.13
N ILE F 202 -47.08 -19.51 -16.17
CA ILE F 202 -45.67 -19.85 -16.17
C ILE F 202 -44.97 -18.89 -15.23
N SER F 203 -44.35 -19.40 -14.19
CA SER F 203 -43.67 -18.53 -13.26
C SER F 203 -42.18 -18.85 -13.32
N VAL F 204 -41.38 -17.80 -13.40
CA VAL F 204 -39.92 -17.92 -13.44
C VAL F 204 -39.37 -17.12 -12.28
N GLY F 205 -38.39 -17.70 -11.60
CA GLY F 205 -37.80 -17.11 -10.41
C GLY F 205 -36.29 -17.11 -10.44
N THR F 206 -35.71 -16.01 -9.98
CA THR F 206 -34.27 -15.80 -9.98
C THR F 206 -33.99 -14.89 -8.79
N SER F 207 -32.72 -14.70 -8.40
CA SER F 207 -32.38 -13.72 -7.37
C SER F 207 -32.96 -12.37 -7.70
N THR F 208 -32.98 -12.06 -8.98
CA THR F 208 -33.43 -10.76 -9.41
C THR F 208 -34.72 -10.85 -10.21
N LEU F 209 -34.94 -11.97 -10.88
CA LEU F 209 -36.10 -12.07 -11.75
C LEU F 209 -37.30 -12.64 -11.00
N ASN F 210 -38.47 -12.06 -11.25
CA ASN F 210 -39.72 -12.61 -10.75
C ASN F 210 -40.82 -12.28 -11.73
N GLN F 211 -41.32 -13.29 -12.42
CA GLN F 211 -42.47 -13.11 -13.30
C GLN F 211 -43.42 -14.28 -13.32
N ARG F 212 -44.68 -13.96 -13.60
CA ARG F 212 -45.70 -14.96 -13.79
C ARG F 212 -46.51 -14.57 -15.01
N LEU F 213 -46.35 -15.35 -16.06
CA LEU F 213 -47.01 -15.08 -17.32
C LEU F 213 -48.28 -15.91 -17.45
N VAL F 214 -49.32 -15.27 -17.96
CA VAL F 214 -50.56 -15.98 -18.24
C VAL F 214 -50.84 -15.81 -19.71
N PRO F 215 -51.08 -16.94 -20.39
CA PRO F 215 -51.32 -16.89 -21.84
C PRO F 215 -52.60 -16.08 -22.15
N GLU F 216 -52.47 -15.23 -23.16
CA GLU F 216 -53.54 -14.38 -23.59
C GLU F 216 -54.16 -14.91 -24.87
N ILE F 217 -55.23 -15.68 -24.70
CA ILE F 217 -55.95 -16.28 -25.82
C ILE F 217 -56.75 -15.23 -26.61
N ALA F 218 -56.57 -15.25 -27.93
CA ALA F 218 -57.27 -14.34 -28.83
C ALA F 218 -57.19 -14.93 -30.22
N THR F 219 -58.04 -14.43 -31.12
CA THR F 219 -57.96 -14.86 -32.49
C THR F 219 -57.21 -13.80 -33.29
N ARG F 220 -56.11 -14.20 -33.89
CA ARG F 220 -55.25 -13.28 -34.61
C ARG F 220 -55.12 -13.72 -36.04
N PRO F 221 -54.76 -12.80 -36.92
CA PRO F 221 -54.55 -13.21 -38.31
C PRO F 221 -53.48 -14.30 -38.43
N LYS F 222 -53.55 -15.05 -39.52
CA LYS F 222 -52.61 -16.12 -39.75
C LYS F 222 -51.34 -15.48 -40.28
N VAL F 223 -50.23 -15.86 -39.68
CA VAL F 223 -48.90 -15.46 -40.12
C VAL F 223 -48.14 -16.77 -40.28
N ASN F 224 -47.63 -17.05 -41.47
CA ASN F 224 -47.08 -18.38 -41.77
C ASN F 224 -48.04 -19.49 -41.42
N GLY F 225 -49.32 -19.28 -41.69
CA GLY F 225 -50.33 -20.29 -41.45
C GLY F 225 -50.85 -20.33 -40.02
N GLN F 226 -50.02 -19.87 -39.08
CA GLN F 226 -50.38 -19.94 -37.67
C GLN F 226 -51.08 -18.67 -37.22
N SER F 227 -52.06 -18.84 -36.37
CA SER F 227 -52.86 -17.74 -35.83
C SER F 227 -52.69 -17.61 -34.31
N GLY F 228 -51.93 -18.53 -33.75
CA GLY F 228 -51.51 -18.45 -32.36
C GLY F 228 -50.24 -17.61 -32.36
N ARG F 229 -49.69 -17.33 -31.19
CA ARG F 229 -48.47 -16.54 -31.09
C ARG F 229 -47.58 -17.13 -30.02
N MET F 230 -46.27 -16.97 -30.18
CA MET F 230 -45.34 -17.38 -29.14
C MET F 230 -44.56 -16.16 -28.69
N GLU F 231 -44.42 -15.99 -27.37
CA GLU F 231 -43.74 -14.83 -26.82
C GLU F 231 -42.52 -15.33 -26.07
N PHE F 232 -41.35 -14.83 -26.44
CA PHE F 232 -40.10 -15.32 -25.85
C PHE F 232 -39.47 -14.34 -24.89
N PHE F 233 -38.79 -14.88 -23.88
CA PHE F 233 -38.20 -14.09 -22.81
C PHE F 233 -36.78 -14.54 -22.57
N TRP F 234 -35.98 -13.70 -21.93
CA TRP F 234 -34.61 -14.06 -21.63
C TRP F 234 -34.21 -13.42 -20.34
N THR F 235 -33.13 -13.94 -19.76
CA THR F 235 -32.61 -13.34 -18.55
C THR F 235 -31.17 -13.78 -18.48
N ILE F 236 -30.39 -13.12 -17.65
CA ILE F 236 -29.04 -13.56 -17.48
C ILE F 236 -28.94 -14.19 -16.12
N LEU F 237 -28.44 -15.41 -16.09
CA LEU F 237 -28.36 -16.09 -14.83
C LEU F 237 -26.91 -15.95 -14.36
N LYS F 238 -26.74 -15.21 -13.27
CA LYS F 238 -25.42 -15.01 -12.65
C LYS F 238 -24.84 -16.34 -12.09
N PRO F 239 -23.50 -16.45 -12.03
CA PRO F 239 -22.72 -17.64 -11.69
C PRO F 239 -23.05 -18.52 -10.49
N ASN F 240 -23.73 -18.07 -9.44
CA ASN F 240 -24.11 -19.05 -8.42
C ASN F 240 -25.58 -18.96 -8.14
N ASP F 241 -26.30 -18.37 -9.08
CA ASP F 241 -27.71 -18.14 -8.96
C ASP F 241 -28.43 -19.31 -9.62
N ALA F 242 -29.74 -19.39 -9.42
CA ALA F 242 -30.51 -20.48 -10.02
C ALA F 242 -31.81 -19.92 -10.61
N ILE F 243 -32.30 -20.57 -11.65
CA ILE F 243 -33.55 -20.16 -12.27
C ILE F 243 -34.60 -21.23 -11.99
N ASN F 244 -35.80 -20.81 -11.57
CA ASN F 244 -36.88 -21.73 -11.21
C ASN F 244 -38.07 -21.57 -12.11
N PHE F 245 -38.39 -22.61 -12.87
CA PHE F 245 -39.59 -22.59 -13.70
C PHE F 245 -40.69 -23.39 -13.02
N GLU F 246 -41.90 -22.86 -13.01
CA GLU F 246 -43.05 -23.66 -12.61
C GLU F 246 -44.16 -23.34 -13.55
N SER F 247 -44.69 -24.40 -14.18
CA SER F 247 -45.76 -24.22 -15.17
C SER F 247 -46.70 -25.41 -15.27
N ASN F 248 -47.95 -25.11 -15.61
CA ASN F 248 -48.93 -26.16 -15.80
C ASN F 248 -49.49 -26.09 -17.23
N GLY F 249 -48.80 -25.39 -18.12
CA GLY F 249 -49.18 -25.34 -19.54
C GLY F 249 -48.68 -24.15 -20.35
N ASN F 250 -48.74 -24.29 -21.67
CA ASN F 250 -48.33 -23.24 -22.61
C ASN F 250 -46.85 -22.87 -22.49
N PHE F 251 -46.06 -23.74 -21.85
CA PHE F 251 -44.67 -23.46 -21.53
C PHE F 251 -43.76 -23.82 -22.68
N ILE F 252 -42.94 -22.88 -23.16
CA ILE F 252 -41.94 -23.28 -24.17
C ILE F 252 -40.59 -23.31 -23.48
N ALA F 253 -40.12 -24.52 -23.19
CA ALA F 253 -39.07 -24.73 -22.23
C ALA F 253 -37.66 -24.58 -22.77
N PRO F 254 -36.77 -24.06 -21.93
CA PRO F 254 -35.41 -24.07 -22.45
C PRO F 254 -34.87 -25.49 -22.45
N GLU F 255 -34.11 -25.85 -23.48
CA GLU F 255 -33.27 -27.04 -23.49
C GLU F 255 -31.80 -26.56 -23.45
N TYR F 256 -31.43 -25.69 -24.40
CA TYR F 256 -30.06 -25.16 -24.47
C TYR F 256 -29.99 -23.70 -24.04
N ALA F 257 -28.96 -23.36 -23.26
CA ALA F 257 -28.68 -21.98 -22.91
C ALA F 257 -27.26 -21.61 -23.38
N TYR F 258 -26.91 -20.33 -23.26
CA TYR F 258 -25.63 -19.86 -23.78
C TYR F 258 -24.73 -19.27 -22.69
N LYS F 259 -23.56 -19.87 -22.52
CA LYS F 259 -22.54 -19.32 -21.64
C LYS F 259 -21.87 -18.12 -22.32
N ILE F 260 -21.85 -16.99 -21.63
CA ILE F 260 -21.16 -15.82 -22.15
C ILE F 260 -19.68 -16.00 -21.79
N VAL F 261 -18.92 -16.52 -22.73
CA VAL F 261 -17.51 -16.86 -22.53
C VAL F 261 -16.58 -15.66 -22.67
N LYS F 262 -16.71 -14.98 -23.79
CA LYS F 262 -15.91 -13.79 -23.98
C LYS F 262 -16.76 -12.55 -24.16
N LYS F 263 -16.66 -11.63 -23.20
CA LYS F 263 -17.22 -10.30 -23.35
C LYS F 263 -16.13 -9.41 -23.93
N GLY F 264 -16.45 -8.59 -24.92
CA GLY F 264 -15.47 -7.67 -25.46
C GLY F 264 -16.17 -6.55 -26.21
N ASP F 265 -15.44 -5.80 -27.02
CA ASP F 265 -16.14 -4.79 -27.79
C ASP F 265 -16.37 -5.37 -29.16
N SER F 266 -17.65 -5.42 -29.51
CA SER F 266 -18.08 -5.98 -30.76
C SER F 266 -19.24 -5.15 -31.27
N ALA F 267 -19.95 -5.68 -32.27
CA ALA F 267 -21.03 -4.92 -32.88
C ALA F 267 -21.91 -5.80 -33.75
N ILE F 268 -23.14 -5.35 -33.96
CA ILE F 268 -24.00 -6.01 -34.92
C ILE F 268 -24.14 -5.07 -36.10
N MET F 269 -23.42 -5.37 -37.15
CA MET F 269 -23.36 -4.54 -38.33
C MET F 269 -24.52 -4.90 -39.25
N LYS F 270 -25.34 -3.94 -39.62
CA LYS F 270 -26.43 -4.23 -40.54
C LYS F 270 -25.85 -4.09 -41.95
N SER F 271 -25.73 -5.22 -42.66
CA SER F 271 -25.19 -5.21 -44.02
C SER F 271 -25.77 -6.32 -44.86
N GLU F 272 -25.79 -6.13 -46.18
CA GLU F 272 -26.41 -7.10 -47.06
C GLU F 272 -25.38 -7.95 -47.71
N LEU F 273 -24.13 -7.73 -47.37
CA LEU F 273 -23.04 -8.39 -48.05
C LEU F 273 -22.60 -9.64 -47.30
N GLU F 274 -21.76 -10.46 -47.93
CA GLU F 274 -21.24 -11.64 -47.26
C GLU F 274 -19.72 -11.73 -47.27
N TYR F 275 -19.21 -12.79 -46.65
CA TYR F 275 -17.78 -12.94 -46.42
C TYR F 275 -16.89 -12.75 -47.66
N GLY F 276 -15.62 -12.41 -47.44
CA GLY F 276 -14.72 -12.16 -48.56
C GLY F 276 -13.38 -12.87 -48.47
N ASN F 277 -13.17 -13.59 -47.38
CA ASN F 277 -11.98 -14.41 -47.13
C ASN F 277 -10.73 -13.59 -46.96
N CYS F 278 -10.92 -12.29 -46.81
CA CYS F 278 -9.84 -11.34 -46.63
C CYS F 278 -9.70 -10.99 -45.16
N ASN F 279 -8.76 -10.10 -44.86
CA ASN F 279 -8.55 -9.65 -43.50
C ASN F 279 -8.43 -8.14 -43.53
N THR F 280 -8.80 -7.50 -42.43
CA THR F 280 -8.68 -6.04 -42.33
C THR F 280 -8.53 -5.63 -40.88
N LYS F 281 -8.17 -4.36 -40.69
CA LYS F 281 -7.92 -3.77 -39.37
C LYS F 281 -9.03 -2.79 -39.04
N CYS F 282 -9.83 -2.50 -40.06
CA CYS F 282 -10.93 -1.56 -39.96
C CYS F 282 -12.04 -1.98 -40.90
N GLN F 283 -13.24 -2.17 -40.36
CA GLN F 283 -14.36 -2.67 -41.16
C GLN F 283 -15.58 -1.77 -41.11
N THR F 284 -16.27 -1.63 -42.24
CA THR F 284 -17.50 -0.84 -42.34
C THR F 284 -18.50 -1.71 -43.06
N PRO F 285 -19.80 -1.40 -42.88
CA PRO F 285 -20.88 -2.17 -43.54
C PRO F 285 -20.85 -2.14 -45.07
N MET F 286 -20.00 -1.32 -45.68
CA MET F 286 -19.90 -1.26 -47.15
C MET F 286 -18.67 -1.95 -47.64
N GLY F 287 -17.74 -2.17 -46.72
CA GLY F 287 -16.46 -2.76 -47.04
C GLY F 287 -15.39 -2.39 -46.01
N ALA F 288 -14.20 -2.96 -46.19
CA ALA F 288 -13.11 -2.77 -45.23
C ALA F 288 -12.17 -1.64 -45.70
N ILE F 289 -11.41 -1.09 -44.77
CA ILE F 289 -10.58 0.07 -45.07
C ILE F 289 -9.08 -0.23 -44.89
N ASN F 290 -8.29 -0.01 -45.95
CA ASN F 290 -6.85 -0.15 -45.82
C ASN F 290 -6.22 1.22 -46.04
N SER F 291 -6.01 1.96 -44.98
CA SER F 291 -5.63 3.35 -45.07
C SER F 291 -4.82 3.85 -43.89
N SER F 292 -4.05 4.90 -44.15
CA SER F 292 -3.26 5.57 -43.14
C SER F 292 -3.76 6.99 -42.99
N MET F 293 -4.74 7.34 -43.82
CA MET F 293 -5.37 8.63 -43.71
C MET F 293 -5.98 8.77 -42.32
N PRO F 294 -6.02 10.01 -41.82
CA PRO F 294 -6.62 10.26 -40.50
C PRO F 294 -8.12 10.43 -40.64
N PHE F 295 -8.61 10.53 -41.88
CA PHE F 295 -10.04 10.72 -42.08
C PHE F 295 -10.57 9.78 -43.16
N HIS F 296 -11.85 9.44 -43.09
CA HIS F 296 -12.47 8.71 -44.16
C HIS F 296 -13.93 9.13 -44.27
N ASN F 297 -14.52 8.84 -45.42
CA ASN F 297 -15.89 9.22 -45.67
C ASN F 297 -16.68 8.05 -46.19
N ILE F 298 -16.26 6.85 -45.83
CA ILE F 298 -16.87 5.63 -46.36
C ILE F 298 -18.25 5.41 -45.76
N HIS F 299 -18.31 5.33 -44.42
CA HIS F 299 -19.51 5.09 -43.65
C HIS F 299 -19.27 5.39 -42.16
N PRO F 300 -20.24 6.00 -41.46
CA PRO F 300 -20.01 6.38 -40.06
C PRO F 300 -19.83 5.20 -39.10
N LEU F 301 -20.48 4.09 -39.36
CA LEU F 301 -20.47 3.02 -38.37
C LEU F 301 -19.35 2.05 -38.70
N THR F 302 -18.26 2.09 -37.93
CA THR F 302 -17.11 1.23 -38.24
C THR F 302 -16.64 0.46 -37.00
N ILE F 303 -15.78 -0.53 -37.17
CA ILE F 303 -15.22 -1.23 -36.03
C ILE F 303 -13.76 -1.55 -36.31
N GLY F 304 -12.91 -1.39 -35.30
CA GLY F 304 -11.50 -1.63 -35.45
C GLY F 304 -10.74 -0.33 -35.41
N GLU F 305 -9.42 -0.38 -35.60
CA GLU F 305 -8.62 0.85 -35.67
C GLU F 305 -8.92 1.61 -36.97
N CYS F 306 -9.70 2.69 -36.89
CA CYS F 306 -10.24 3.35 -38.08
C CYS F 306 -9.91 4.80 -38.20
N PRO F 307 -9.93 5.31 -39.43
CA PRO F 307 -9.81 6.75 -39.56
C PRO F 307 -11.07 7.36 -39.03
N LYS F 308 -11.03 8.65 -38.71
CA LYS F 308 -12.21 9.29 -38.22
C LYS F 308 -13.13 9.63 -39.38
N TYR F 309 -14.39 9.23 -39.25
CA TYR F 309 -15.35 9.49 -40.30
C TYR F 309 -15.73 10.95 -40.37
N VAL F 310 -15.96 11.41 -41.59
CA VAL F 310 -16.30 12.80 -41.81
C VAL F 310 -17.19 12.88 -43.07
N LYS F 311 -18.06 13.88 -43.19
CA LYS F 311 -18.94 13.95 -44.36
C LYS F 311 -18.32 14.71 -45.56
N SER F 312 -17.01 14.80 -45.64
CA SER F 312 -16.44 15.58 -46.71
C SER F 312 -16.19 14.73 -47.94
N ASN F 313 -16.27 15.38 -49.10
CA ASN F 313 -15.84 14.77 -50.33
C ASN F 313 -14.32 14.95 -50.51
N ARG F 314 -13.73 15.89 -49.76
CA ARG F 314 -12.35 16.28 -49.96
C ARG F 314 -11.75 16.94 -48.73
N LEU F 315 -10.57 16.48 -48.31
CA LEU F 315 -9.81 17.17 -47.26
C LEU F 315 -8.32 17.12 -47.66
N VAL F 316 -7.85 18.24 -48.18
CA VAL F 316 -6.45 18.31 -48.62
C VAL F 316 -5.78 19.53 -48.03
N LEU F 317 -4.71 19.27 -47.29
CA LEU F 317 -3.91 20.33 -46.67
C LEU F 317 -2.83 20.86 -47.63
N ALA F 318 -2.68 22.18 -47.67
CA ALA F 318 -1.53 22.77 -48.36
C ALA F 318 -0.34 22.47 -47.51
N THR F 319 0.72 21.95 -48.10
CA THR F 319 1.99 21.80 -47.38
C THR F 319 3.11 22.62 -48.01
N GLY F 320 3.14 22.62 -49.34
CA GLY F 320 4.08 23.42 -50.09
C GLY F 320 3.59 24.84 -50.17
N LEU F 321 4.00 25.57 -51.19
CA LEU F 321 3.61 26.97 -51.29
C LEU F 321 2.86 27.19 -52.59
N ARG F 322 2.34 28.40 -52.77
CA ARG F 322 1.60 28.73 -53.98
C ARG F 322 2.47 28.55 -55.21
N ASN F 323 2.00 27.71 -56.14
CA ASN F 323 2.79 27.39 -57.33
C ASN F 323 2.55 28.46 -58.36
N THR F 324 3.60 28.75 -59.13
CA THR F 324 3.53 29.76 -60.17
C THR F 324 3.35 29.06 -61.53
N PRO F 325 2.44 29.60 -62.37
CA PRO F 325 2.01 29.01 -63.66
C PRO F 325 3.12 28.90 -64.70
N GLY G 1 -0.35 38.01 -50.60
CA GLY G 1 -0.75 37.51 -49.31
C GLY G 1 -0.60 38.54 -48.20
N LEU G 2 -0.68 38.07 -46.97
CA LEU G 2 -0.72 38.96 -45.80
C LEU G 2 0.54 39.78 -45.61
N PHE G 3 1.66 39.27 -46.10
CA PHE G 3 2.95 39.88 -45.82
C PHE G 3 3.64 40.48 -47.04
N GLY G 4 2.97 40.46 -48.18
CA GLY G 4 3.42 41.12 -49.39
C GLY G 4 4.59 40.53 -50.16
N ALA G 5 5.13 39.39 -49.70
CA ALA G 5 6.28 38.74 -50.36
C ALA G 5 5.92 37.74 -51.46
N ILE G 6 5.46 36.56 -51.07
CA ILE G 6 5.05 35.54 -52.05
C ILE G 6 3.95 36.13 -52.93
N ALA G 7 4.19 36.09 -54.25
CA ALA G 7 3.30 36.72 -55.24
C ALA G 7 3.04 38.19 -54.90
N GLY G 8 4.07 38.84 -54.36
CA GLY G 8 3.97 40.22 -53.95
C GLY G 8 5.13 40.98 -54.55
N PHE G 9 5.99 41.53 -53.70
CA PHE G 9 7.12 42.25 -54.23
C PHE G 9 8.12 41.31 -54.87
N ILE G 10 8.09 40.04 -54.46
CA ILE G 10 8.80 39.00 -55.20
C ILE G 10 7.80 38.30 -56.11
N GLU G 11 7.67 38.78 -57.34
CA GLU G 11 6.61 38.28 -58.23
C GLU G 11 6.92 36.94 -58.90
N GLY G 12 6.83 35.84 -58.15
CA GLY G 12 7.04 34.55 -58.76
C GLY G 12 8.03 33.71 -58.00
N GLY G 13 7.86 32.39 -58.08
CA GLY G 13 8.78 31.47 -57.44
C GLY G 13 9.75 30.93 -58.48
N GLN G 15 11.36 27.71 -60.21
CA GLN G 15 11.41 26.28 -60.52
C GLN G 15 12.84 25.78 -60.20
N GLY G 16 13.83 26.67 -60.33
CA GLY G 16 15.23 26.32 -60.22
C GLY G 16 15.71 25.94 -58.83
N MET G 17 15.14 26.54 -57.79
CA MET G 17 15.53 26.14 -56.44
C MET G 17 14.73 24.93 -56.02
N VAL G 18 15.38 23.82 -55.77
CA VAL G 18 14.64 22.58 -55.57
C VAL G 18 14.98 21.90 -54.27
N ASP G 19 16.00 22.39 -53.57
CA ASP G 19 16.43 21.75 -52.34
C ASP G 19 15.79 22.40 -51.12
N GLY G 20 14.75 23.21 -51.35
CA GLY G 20 14.08 23.88 -50.24
C GLY G 20 12.96 24.79 -50.69
N TRP G 21 12.26 25.39 -49.73
CA TRP G 21 11.12 26.27 -49.97
C TRP G 21 11.55 27.73 -50.21
N TYR G 22 12.46 28.20 -49.37
CA TYR G 22 12.96 29.57 -49.45
C TYR G 22 14.46 29.53 -49.64
N GLY G 23 14.98 30.52 -50.36
CA GLY G 23 16.42 30.61 -50.52
C GLY G 23 16.91 31.77 -51.35
N TYR G 24 18.10 31.60 -51.93
CA TYR G 24 18.77 32.70 -52.62
C TYR G 24 19.11 32.34 -54.05
N ASN G 28 27.56 36.47 -59.24
CA ASN G 28 28.83 37.19 -59.27
C ASN G 28 29.72 36.78 -60.46
N GLU G 29 31.01 37.13 -60.37
CA GLU G 29 31.98 36.87 -61.42
C GLU G 29 32.32 35.39 -61.52
N GLN G 30 32.34 34.71 -60.38
CA GLN G 30 32.61 33.28 -60.30
C GLN G 30 31.45 32.44 -60.88
N GLY G 31 30.29 33.07 -61.02
CA GLY G 31 29.14 32.43 -61.60
C GLY G 31 27.90 32.52 -60.73
N SER G 32 26.76 32.10 -61.29
CA SER G 32 25.46 32.18 -60.60
C SER G 32 24.92 30.79 -60.24
N GLY G 33 23.89 30.76 -59.40
CA GLY G 33 23.25 29.52 -58.98
C GLY G 33 22.25 29.68 -57.85
N TYR G 34 21.33 28.71 -57.70
CA TYR G 34 20.33 28.72 -56.62
C TYR G 34 20.83 27.98 -55.38
N ALA G 35 20.35 28.40 -54.22
CA ALA G 35 20.65 27.68 -52.97
C ALA G 35 19.58 27.96 -51.97
N ALA G 36 19.20 26.94 -51.22
CA ALA G 36 18.12 27.05 -50.26
C ALA G 36 18.65 27.51 -48.93
N ASP G 37 17.92 28.37 -48.23
CA ASP G 37 18.29 28.70 -46.86
C ASP G 37 17.84 27.55 -45.97
N LYS G 38 18.80 26.74 -45.53
CA LYS G 38 18.50 25.51 -44.79
C LYS G 38 17.79 25.82 -43.49
N GLU G 39 18.19 26.90 -42.85
CA GLU G 39 17.67 27.23 -41.55
C GLU G 39 16.19 27.61 -41.59
N SER G 40 15.83 28.55 -42.47
CA SER G 40 14.47 29.01 -42.49
C SER G 40 13.57 27.93 -43.07
N THR G 41 14.15 27.09 -43.92
CA THR G 41 13.38 26.01 -44.51
C THR G 41 13.07 24.98 -43.44
N GLN G 42 14.09 24.62 -42.65
CA GLN G 42 13.86 23.59 -41.65
C GLN G 42 12.85 24.10 -40.61
N LYS G 43 12.94 25.37 -40.24
CA LYS G 43 11.99 25.95 -39.31
C LYS G 43 10.55 25.79 -39.82
N ALA G 44 10.34 26.05 -41.10
CA ALA G 44 9.02 25.99 -41.69
C ALA G 44 8.54 24.56 -41.72
N ILE G 45 9.43 23.65 -42.13
CA ILE G 45 9.13 22.23 -42.15
C ILE G 45 8.71 21.73 -40.78
N ASP G 46 9.45 22.14 -39.75
CA ASP G 46 9.10 21.77 -38.39
C ASP G 46 7.74 22.34 -38.00
N GLY G 47 7.47 23.57 -38.41
CA GLY G 47 6.24 24.26 -38.02
C GLY G 47 5.02 23.63 -38.66
N VAL G 48 5.13 23.34 -39.95
CA VAL G 48 4.05 22.75 -40.71
C VAL G 48 3.81 21.32 -40.28
N THR G 49 4.90 20.59 -40.02
CA THR G 49 4.79 19.22 -39.59
C THR G 49 4.13 19.11 -38.21
N ASN G 50 4.54 19.95 -37.29
CA ASN G 50 3.89 20.01 -35.98
C ASN G 50 2.42 20.40 -36.11
N LYS G 51 2.13 21.29 -37.06
CA LYS G 51 0.76 21.72 -37.31
C LYS G 51 -0.09 20.56 -37.80
N VAL G 52 0.44 19.82 -38.78
CA VAL G 52 -0.31 18.70 -39.30
C VAL G 52 -0.51 17.66 -38.20
N ASN G 53 0.55 17.36 -37.46
CA ASN G 53 0.46 16.40 -36.38
C ASN G 53 -0.46 16.89 -35.25
N SER G 54 -0.49 18.20 -34.99
CA SER G 54 -1.40 18.74 -33.99
C SER G 54 -2.87 18.65 -34.40
N ILE G 55 -3.15 18.77 -35.69
CA ILE G 55 -4.52 18.71 -36.17
C ILE G 55 -5.08 17.29 -36.01
N ILE G 56 -4.30 16.32 -36.46
CA ILE G 56 -4.59 14.89 -36.32
C ILE G 56 -4.67 14.46 -34.86
N ASP G 57 -3.86 15.08 -34.00
CA ASP G 57 -3.86 14.78 -32.56
C ASP G 57 -5.15 15.28 -31.88
N LYS G 58 -5.53 16.52 -32.17
CA LYS G 58 -6.71 17.12 -31.54
C LYS G 58 -8.01 16.37 -31.85
N MET G 59 -7.95 15.49 -32.84
CA MET G 59 -9.14 14.77 -33.29
C MET G 59 -9.27 13.34 -32.76
N ASN G 60 -8.44 12.93 -31.80
CA ASN G 60 -8.50 11.54 -31.35
C ASN G 60 -9.69 11.25 -30.42
N THR G 61 -10.15 12.28 -29.75
CA THR G 61 -11.33 12.15 -28.91
C THR G 61 -12.61 12.52 -29.67
N GLN G 62 -12.64 12.22 -30.97
CA GLN G 62 -13.82 12.53 -31.77
C GLN G 62 -14.99 11.54 -31.53
N PHE G 63 -16.20 11.93 -31.88
CA PHE G 63 -17.37 11.04 -31.74
C PHE G 63 -17.27 9.79 -32.63
N GLU G 64 -17.70 8.64 -32.10
CA GLU G 64 -17.75 7.37 -32.84
C GLU G 64 -19.16 6.76 -32.74
N ALA G 65 -19.82 6.68 -33.89
CA ALA G 65 -21.19 6.21 -33.96
C ALA G 65 -21.27 4.74 -33.64
N VAL G 66 -22.35 4.37 -32.93
CA VAL G 66 -22.57 2.99 -32.51
C VAL G 66 -23.92 2.50 -33.03
N GLY G 67 -23.93 1.26 -33.52
CA GLY G 67 -25.19 0.67 -33.94
C GLY G 67 -26.11 0.44 -32.76
N ARG G 68 -27.33 0.95 -32.85
CA ARG G 68 -28.34 0.66 -31.83
C ARG G 68 -29.68 0.39 -32.45
N GLU G 69 -30.35 -0.62 -31.92
CA GLU G 69 -31.62 -1.03 -32.49
C GLU G 69 -32.82 -0.69 -31.64
N PHE G 70 -33.93 -0.38 -32.31
CA PHE G 70 -35.16 -0.04 -31.63
C PHE G 70 -36.41 -0.62 -32.30
N ASN G 71 -37.48 -0.84 -31.54
CA ASN G 71 -38.71 -1.40 -32.12
C ASN G 71 -39.79 -0.36 -32.46
N ASN G 72 -40.93 -0.81 -33.00
CA ASN G 72 -41.97 0.10 -33.48
C ASN G 72 -42.56 0.97 -32.44
N LEU G 73 -42.35 0.65 -31.16
CA LEU G 73 -42.90 1.52 -30.14
C LEU G 73 -41.83 2.30 -29.39
N GLU G 74 -40.66 2.36 -30.03
CA GLU G 74 -39.50 3.10 -29.55
C GLU G 74 -39.06 4.09 -30.62
N ARG G 75 -40.01 4.62 -31.38
CA ARG G 75 -39.68 5.51 -32.48
C ARG G 75 -39.08 6.82 -32.00
N ARG G 76 -39.52 7.27 -30.83
CA ARG G 76 -39.06 8.52 -30.25
C ARG G 76 -37.60 8.47 -29.88
N ILE G 77 -37.19 7.45 -29.14
CA ILE G 77 -35.80 7.39 -28.74
C ILE G 77 -34.97 6.95 -29.93
N GLU G 78 -35.60 6.31 -30.90
CA GLU G 78 -34.87 5.94 -32.12
C GLU G 78 -34.41 7.20 -32.82
N ASN G 79 -35.35 8.14 -32.93
CA ASN G 79 -35.18 9.41 -33.60
C ASN G 79 -34.25 10.27 -32.79
N LEU G 80 -34.42 10.28 -31.46
CA LEU G 80 -33.53 11.00 -30.56
C LEU G 80 -32.09 10.52 -30.78
N ASN G 81 -31.92 9.21 -30.83
CA ASN G 81 -30.63 8.57 -31.05
C ASN G 81 -30.05 8.94 -32.40
N LYS G 82 -30.90 9.05 -33.40
CA LYS G 82 -30.44 9.38 -34.73
C LYS G 82 -29.96 10.84 -34.74
N GLN G 83 -30.74 11.72 -34.10
CA GLN G 83 -30.46 13.16 -34.08
C GLN G 83 -29.18 13.36 -33.31
N MET G 84 -28.97 12.53 -32.30
CA MET G 84 -27.78 12.66 -31.51
C MET G 84 -26.59 12.28 -32.34
N GLU G 85 -26.70 11.18 -33.08
CA GLU G 85 -25.58 10.73 -33.91
C GLU G 85 -25.27 11.69 -35.05
N ASP G 86 -26.29 12.09 -35.78
CA ASP G 86 -26.09 13.05 -36.84
C ASP G 86 -25.60 14.36 -36.25
N GLY G 87 -26.06 14.66 -35.04
CA GLY G 87 -25.72 15.89 -34.38
C GLY G 87 -24.24 16.00 -34.19
N PHE G 88 -23.64 14.95 -33.66
CA PHE G 88 -22.21 14.96 -33.42
C PHE G 88 -21.43 14.81 -34.73
N LEU G 89 -21.98 14.04 -35.67
CA LEU G 89 -21.31 13.85 -36.95
C LEU G 89 -21.23 15.21 -37.66
N ASP G 90 -22.28 16.00 -37.58
CA ASP G 90 -22.28 17.31 -38.21
C ASP G 90 -21.34 18.28 -37.53
N VAL G 91 -21.25 18.19 -36.20
CA VAL G 91 -20.36 19.06 -35.45
C VAL G 91 -18.91 18.77 -35.80
N TRP G 92 -18.54 17.50 -35.78
CA TRP G 92 -17.17 17.13 -36.01
C TRP G 92 -16.75 17.31 -37.47
N THR G 93 -17.72 17.26 -38.37
CA THR G 93 -17.42 17.50 -39.78
C THR G 93 -17.12 18.99 -39.95
N TYR G 94 -17.93 19.83 -39.32
CA TYR G 94 -17.66 21.25 -39.29
C TYR G 94 -16.27 21.49 -38.68
N ASN G 95 -15.99 20.89 -37.54
CA ASN G 95 -14.71 21.13 -36.89
C ASN G 95 -13.49 20.77 -37.75
N ALA G 96 -13.59 19.69 -38.51
CA ALA G 96 -12.49 19.24 -39.35
C ALA G 96 -12.38 20.13 -40.57
N GLU G 97 -13.50 20.40 -41.21
CA GLU G 97 -13.51 21.26 -42.38
C GLU G 97 -12.99 22.68 -42.09
N LEU G 98 -13.42 23.23 -40.96
CA LEU G 98 -13.09 24.60 -40.60
C LEU G 98 -11.66 24.73 -40.18
N LEU G 99 -11.21 23.73 -39.44
CA LEU G 99 -9.86 23.73 -38.94
C LEU G 99 -8.91 23.70 -40.12
N VAL G 100 -9.23 22.86 -41.11
CA VAL G 100 -8.40 22.77 -42.29
C VAL G 100 -8.41 24.06 -43.08
N LEU G 101 -9.60 24.63 -43.28
CA LEU G 101 -9.69 25.92 -43.98
C LEU G 101 -8.89 27.04 -43.27
N MET G 102 -9.04 27.12 -41.94
CA MET G 102 -8.39 28.18 -41.18
C MET G 102 -6.89 28.02 -41.16
N GLU G 103 -6.41 26.81 -40.90
CA GLU G 103 -4.98 26.61 -40.83
C GLU G 103 -4.30 26.61 -42.20
N ASN G 104 -5.07 26.34 -43.25
CA ASN G 104 -4.54 26.47 -44.59
C ASN G 104 -4.20 27.91 -44.87
N GLU G 105 -5.14 28.78 -44.53
CA GLU G 105 -4.97 30.21 -44.75
C GLU G 105 -3.77 30.68 -43.93
N ARG G 106 -3.65 30.21 -42.70
CA ARG G 106 -2.53 30.66 -41.90
C ARG G 106 -1.20 30.12 -42.45
N THR G 107 -1.25 28.92 -43.03
CA THR G 107 -0.06 28.30 -43.57
C THR G 107 0.48 29.03 -44.76
N LEU G 108 -0.40 29.46 -45.66
CA LEU G 108 0.03 30.21 -46.82
C LEU G 108 0.67 31.54 -46.36
N ASP G 109 0.06 32.20 -45.40
CA ASP G 109 0.58 33.45 -44.87
C ASP G 109 1.86 33.21 -44.05
N PHE G 110 2.00 32.02 -43.48
CA PHE G 110 3.19 31.63 -42.74
C PHE G 110 4.40 31.57 -43.65
N HIS G 111 4.20 30.98 -44.82
CA HIS G 111 5.27 30.92 -45.80
C HIS G 111 5.60 32.33 -46.26
N ASP G 112 4.57 33.13 -46.53
CA ASP G 112 4.73 34.51 -46.96
C ASP G 112 5.60 35.24 -45.92
N SER G 113 5.30 35.01 -44.65
CA SER G 113 6.04 35.64 -43.56
C SER G 113 7.49 35.16 -43.46
N ASN G 114 7.74 33.88 -43.76
CA ASN G 114 9.10 33.35 -43.65
C ASN G 114 9.96 33.99 -44.75
N VAL G 115 9.33 34.19 -45.91
CA VAL G 115 10.03 34.78 -47.03
C VAL G 115 10.37 36.24 -46.73
N LYS G 116 9.36 37.00 -46.33
CA LYS G 116 9.54 38.40 -46.02
C LYS G 116 10.60 38.58 -44.92
N ASN G 117 10.67 37.64 -43.98
CA ASN G 117 11.68 37.69 -42.93
C ASN G 117 13.09 37.40 -43.49
N LEU G 118 13.14 36.51 -44.48
CA LEU G 118 14.41 36.13 -45.06
C LEU G 118 14.97 37.31 -45.82
N TYR G 119 14.09 37.96 -46.57
CA TYR G 119 14.48 39.15 -47.32
C TYR G 119 14.98 40.21 -46.36
N ASP G 120 14.25 40.41 -45.26
CA ASP G 120 14.65 41.41 -44.27
C ASP G 120 15.97 41.04 -43.60
N LYS G 121 16.25 39.74 -43.47
CA LYS G 121 17.48 39.25 -42.82
C LYS G 121 18.72 39.69 -43.60
N VAL G 122 18.59 39.63 -44.92
CA VAL G 122 19.64 40.04 -45.85
C VAL G 122 19.72 41.56 -45.89
N ARG G 123 18.57 42.19 -46.07
CA ARG G 123 18.49 43.64 -46.15
C ARG G 123 19.12 44.28 -44.92
N LEU G 124 18.83 43.76 -43.73
CA LEU G 124 19.33 44.41 -42.52
C LEU G 124 20.83 44.21 -42.35
N GLN G 125 21.36 43.22 -43.05
CA GLN G 125 22.78 43.00 -43.04
C GLN G 125 23.45 43.96 -44.04
N LEU G 126 22.91 44.03 -45.25
CA LEU G 126 23.59 44.76 -46.31
C LEU G 126 23.54 46.26 -46.12
N ARG G 127 22.41 46.78 -45.65
CA ARG G 127 22.25 48.23 -45.43
C ARG G 127 22.64 49.02 -46.69
N ASP G 128 23.49 50.03 -46.51
CA ASP G 128 23.90 50.84 -47.66
C ASP G 128 25.01 50.19 -48.51
N ASN G 129 25.48 49.01 -48.10
CA ASN G 129 26.44 48.27 -48.91
C ASN G 129 25.86 47.63 -50.18
N ALA G 130 24.55 47.77 -50.37
CA ALA G 130 23.85 47.25 -51.54
C ALA G 130 22.57 48.05 -51.78
N LYS G 131 22.05 47.92 -53.00
CA LYS G 131 20.89 48.67 -53.46
C LYS G 131 19.66 47.76 -53.54
N GLU G 132 18.54 48.18 -52.97
CA GLU G 132 17.31 47.39 -53.07
C GLU G 132 16.70 47.51 -54.45
N LEU G 133 16.80 46.47 -55.28
CA LEU G 133 16.21 46.54 -56.61
C LEU G 133 14.69 46.57 -56.52
N GLY G 134 14.15 45.98 -55.45
CA GLY G 134 12.73 46.06 -55.22
C GLY G 134 11.94 44.87 -55.76
N ASN G 135 12.65 43.78 -56.01
CA ASN G 135 12.06 42.58 -56.57
C ASN G 135 12.59 41.36 -55.83
N GLY G 136 13.15 41.61 -54.65
CA GLY G 136 13.71 40.52 -53.87
C GLY G 136 15.22 40.48 -54.06
N CYS G 137 15.72 41.33 -54.97
CA CYS G 137 17.15 41.35 -55.26
C CYS G 137 17.84 42.60 -54.73
N PHE G 138 19.06 42.39 -54.27
CA PHE G 138 19.89 43.47 -53.81
C PHE G 138 21.08 43.52 -54.74
N GLU G 139 21.33 44.68 -55.36
CA GLU G 139 22.52 44.90 -56.18
C GLU G 139 23.60 45.45 -55.28
N PHE G 140 24.73 44.76 -55.23
CA PHE G 140 25.84 45.12 -54.35
C PHE G 140 26.60 46.35 -54.83
N TYR G 141 27.05 47.17 -53.87
CA TYR G 141 27.94 48.30 -54.17
C TYR G 141 29.42 47.89 -54.04
N HIS G 142 29.69 46.60 -53.97
CA HIS G 142 31.07 46.12 -53.88
C HIS G 142 31.22 44.73 -54.49
N LYS G 143 32.40 44.15 -54.35
CA LYS G 143 32.62 42.86 -54.96
C LYS G 143 32.23 41.83 -53.95
N CYS G 144 31.37 40.91 -54.37
CA CYS G 144 30.96 39.88 -53.46
C CYS G 144 31.32 38.54 -54.07
N ASP G 145 32.44 37.98 -53.64
CA ASP G 145 32.81 36.66 -54.14
C ASP G 145 31.93 35.59 -53.52
N ASN G 146 32.14 34.35 -53.95
CA ASN G 146 31.39 33.22 -53.42
C ASN G 146 31.43 33.14 -51.89
N GLU G 147 32.58 33.45 -51.29
CA GLU G 147 32.67 33.38 -49.82
C GLU G 147 31.86 34.48 -49.16
N CYS G 148 31.83 35.63 -49.82
CA CYS G 148 31.03 36.77 -49.39
C CYS G 148 29.54 36.43 -49.54
N MET G 149 29.19 35.81 -50.66
CA MET G 149 27.83 35.35 -50.86
C MET G 149 27.43 34.40 -49.73
N GLU G 150 28.35 33.51 -49.36
CA GLU G 150 28.08 32.57 -48.28
C GLU G 150 27.90 33.27 -46.93
N SER G 151 28.55 34.42 -46.73
CA SER G 151 28.43 35.12 -45.45
C SER G 151 27.06 35.80 -45.37
N VAL G 152 26.53 36.20 -46.51
CA VAL G 152 25.24 36.85 -46.47
C VAL G 152 24.25 35.74 -46.16
N LYS G 153 24.42 34.58 -46.79
CA LYS G 153 23.48 33.48 -46.63
C LYS G 153 23.50 32.90 -45.21
N ASN G 154 24.65 32.89 -44.52
CA ASN G 154 24.65 32.34 -43.15
C ASN G 154 24.69 33.38 -42.01
N GLY G 155 24.35 34.63 -42.36
CA GLY G 155 24.21 35.69 -41.37
C GLY G 155 25.51 36.17 -40.71
N THR G 156 26.62 36.12 -41.45
CA THR G 156 27.92 36.52 -40.92
C THR G 156 28.58 37.60 -41.80
N TYR G 157 27.76 38.35 -42.52
CA TYR G 157 28.23 39.43 -43.37
C TYR G 157 29.01 40.42 -42.52
N ASP G 158 30.22 40.76 -42.95
CA ASP G 158 31.02 41.73 -42.22
C ASP G 158 30.79 43.07 -42.88
N TYR G 159 29.73 43.77 -42.48
CA TYR G 159 29.39 45.05 -43.10
C TYR G 159 30.57 46.03 -43.19
N PRO G 160 31.27 46.31 -42.07
CA PRO G 160 32.32 47.33 -42.18
C PRO G 160 33.50 46.95 -43.10
N GLN G 161 33.75 45.67 -43.30
CA GLN G 161 34.82 45.20 -44.19
C GLN G 161 34.66 45.71 -45.62
N TYR G 162 33.41 45.83 -46.05
CA TYR G 162 33.12 46.24 -47.41
C TYR G 162 32.58 47.66 -47.40
N SER G 163 32.45 48.22 -46.20
CA SER G 163 31.83 49.53 -46.02
C SER G 163 32.50 50.59 -46.87
N GLU G 164 33.83 50.63 -46.84
CA GLU G 164 34.56 51.66 -47.55
C GLU G 164 34.46 51.48 -49.06
N GLU G 165 34.72 50.28 -49.55
CA GLU G 165 34.64 50.12 -51.00
C GLU G 165 33.19 50.31 -51.45
N ALA G 166 32.23 50.07 -50.57
CA ALA G 166 30.84 50.29 -50.97
C ALA G 166 30.59 51.79 -51.08
N ARG G 167 30.94 52.51 -50.02
CA ARG G 167 30.73 53.96 -49.94
C ARG G 167 31.36 54.69 -51.14
N LEU G 168 32.58 54.29 -51.48
CA LEU G 168 33.23 54.91 -52.63
C LEU G 168 32.42 54.66 -53.90
N ASN G 169 31.91 53.44 -54.10
CA ASN G 169 31.15 53.11 -55.31
C ASN G 169 29.81 53.80 -55.33
N ARG G 170 29.27 54.14 -54.17
CA ARG G 170 27.97 54.83 -54.14
C ARG G 170 28.18 56.25 -54.61
N GLU G 171 29.28 56.86 -54.18
CA GLU G 171 29.48 58.27 -54.42
C GLU G 171 29.94 58.66 -55.84
N GLU G 172 30.50 57.75 -56.65
CA GLU G 172 30.81 58.14 -58.04
C GLU G 172 29.45 58.08 -58.77
N ILE G 173 28.47 57.40 -58.16
CA ILE G 173 27.08 57.39 -58.62
C ILE G 173 26.32 58.55 -57.96
N ILE H 7 2.24 62.32 -53.61
CA ILE H 7 1.18 61.34 -53.66
C ILE H 7 0.99 60.70 -52.31
N CYS H 8 -0.27 60.49 -51.92
CA CYS H 8 -0.58 59.95 -50.61
C CYS H 8 -1.35 58.64 -50.68
N ILE H 9 -1.03 57.71 -49.79
CA ILE H 9 -1.78 56.48 -49.67
C ILE H 9 -2.68 56.63 -48.47
N GLY H 10 -3.93 56.27 -48.64
CA GLY H 10 -4.88 56.39 -47.55
C GLY H 10 -6.07 55.48 -47.71
N TYR H 11 -7.00 55.56 -46.76
CA TYR H 11 -8.12 54.62 -46.75
C TYR H 11 -9.46 55.29 -46.46
N HIS H 12 -10.54 54.61 -46.82
CA HIS H 12 -11.91 55.16 -46.73
C HIS H 12 -12.37 55.48 -45.32
N ALA H 13 -13.26 56.47 -45.24
CA ALA H 13 -13.90 56.81 -43.99
C ALA H 13 -15.26 57.41 -44.29
N ASN H 14 -16.20 57.25 -43.36
CA ASN H 14 -17.56 57.81 -43.56
C ASN H 14 -18.26 58.12 -42.25
N ASN H 15 -19.54 58.49 -42.36
CA ASN H 15 -20.34 58.92 -41.22
C ASN H 15 -21.06 57.76 -40.49
N SER H 16 -20.53 56.56 -40.67
CA SER H 16 -21.09 55.35 -40.06
C SER H 16 -20.91 55.30 -38.55
N THR H 17 -21.89 54.73 -37.87
CA THR H 17 -21.84 54.65 -36.43
C THR H 17 -21.91 53.17 -36.05
N GLU H 18 -22.02 52.32 -37.07
CA GLU H 18 -22.09 50.89 -36.89
C GLU H 18 -20.85 50.43 -36.14
N GLN H 19 -21.06 49.64 -35.08
CA GLN H 19 -20.01 49.10 -34.22
C GLN H 19 -19.95 47.57 -34.34
N VAL H 20 -18.80 47.01 -33.98
CA VAL H 20 -18.55 45.60 -34.22
C VAL H 20 -17.66 45.11 -33.06
N ASP H 21 -17.69 43.82 -32.74
CA ASP H 21 -16.84 43.34 -31.63
C ASP H 21 -15.72 42.38 -32.05
N THR H 22 -14.65 42.36 -31.28
CA THR H 22 -13.53 41.44 -31.54
C THR H 22 -13.01 40.88 -30.24
N ILE H 23 -12.00 40.03 -30.33
CA ILE H 23 -11.43 39.43 -29.13
C ILE H 23 -10.79 40.46 -28.22
N MET H 24 -9.99 41.35 -28.80
CA MET H 24 -9.24 42.30 -28.01
C MET H 24 -10.02 43.59 -27.77
N GLU H 25 -11.01 43.88 -28.61
CA GLU H 25 -11.69 45.18 -28.49
C GLU H 25 -13.21 45.09 -28.69
N LYS H 26 -13.96 45.88 -27.93
CA LYS H 26 -15.41 45.93 -28.07
C LYS H 26 -15.90 47.30 -28.53
N ASN H 27 -17.03 47.33 -29.22
CA ASN H 27 -17.61 48.56 -29.76
C ASN H 27 -16.64 49.31 -30.67
N VAL H 28 -16.26 48.66 -31.76
CA VAL H 28 -15.35 49.24 -32.74
C VAL H 28 -16.16 49.82 -33.87
N THR H 29 -16.17 51.14 -33.96
CA THR H 29 -16.89 51.78 -35.04
C THR H 29 -16.15 51.45 -36.31
N VAL H 30 -16.93 51.16 -37.33
CA VAL H 30 -16.42 50.51 -38.51
C VAL H 30 -17.15 51.17 -39.69
N THR H 31 -16.60 51.11 -40.89
CA THR H 31 -17.24 51.81 -42.00
C THR H 31 -18.43 51.06 -42.59
N HIS H 32 -18.34 49.74 -42.56
CA HIS H 32 -19.40 48.90 -43.12
C HIS H 32 -19.51 47.61 -42.34
N ALA H 33 -20.72 47.22 -41.98
CA ALA H 33 -20.91 45.97 -41.24
C ALA H 33 -22.15 45.23 -41.74
N GLN H 34 -22.19 43.91 -41.54
CA GLN H 34 -23.37 43.14 -41.91
C GLN H 34 -24.00 42.43 -40.72
N ASP H 35 -25.26 42.76 -40.45
CA ASP H 35 -26.00 42.08 -39.39
C ASP H 35 -26.41 40.71 -39.92
N ILE H 36 -26.18 39.67 -39.12
CA ILE H 36 -26.51 38.33 -39.59
C ILE H 36 -27.45 37.59 -38.63
N LEU H 37 -28.10 38.34 -37.75
CA LEU H 37 -29.03 37.83 -36.77
C LEU H 37 -30.40 38.45 -36.91
N GLU H 38 -31.38 37.62 -37.25
CA GLU H 38 -32.76 38.06 -37.36
C GLU H 38 -33.41 38.06 -36.01
N LYS H 39 -34.08 39.17 -35.67
CA LYS H 39 -34.66 39.33 -34.33
C LYS H 39 -36.16 39.69 -34.31
N THR H 40 -36.84 39.55 -35.44
CA THR H 40 -38.26 39.94 -35.48
C THR H 40 -39.10 38.88 -36.14
N HIS H 41 -40.33 38.77 -35.65
CA HIS H 41 -41.33 37.85 -36.16
C HIS H 41 -42.66 38.58 -36.14
N ASN H 42 -43.65 38.06 -36.88
CA ASN H 42 -44.95 38.71 -36.97
C ASN H 42 -45.97 38.40 -35.84
N GLY H 43 -45.54 37.65 -34.83
CA GLY H 43 -46.34 37.38 -33.63
C GLY H 43 -47.62 36.59 -33.90
N LYS H 44 -47.60 35.89 -35.03
CA LYS H 44 -48.78 35.18 -35.51
C LYS H 44 -48.46 33.76 -35.99
N LEU H 45 -49.44 32.89 -35.91
CA LEU H 45 -49.33 31.54 -36.46
C LEU H 45 -49.81 31.61 -37.89
N CYS H 46 -49.03 31.08 -38.81
CA CYS H 46 -49.40 31.26 -40.20
C CYS H 46 -49.36 29.98 -41.00
N ASP H 47 -49.95 30.09 -42.17
CA ASP H 47 -49.98 29.03 -43.16
C ASP H 47 -48.53 28.81 -43.63
N LEU H 48 -48.17 27.57 -43.96
CA LEU H 48 -46.81 27.26 -44.41
C LEU H 48 -46.75 26.83 -45.86
N ASN H 49 -46.31 27.73 -46.73
CA ASN H 49 -46.22 27.47 -48.17
C ASN H 49 -47.55 27.02 -48.75
N GLY H 50 -48.60 27.76 -48.47
CA GLY H 50 -49.91 27.49 -49.05
C GLY H 50 -50.61 26.26 -48.45
N VAL H 51 -50.08 25.74 -47.34
CA VAL H 51 -50.72 24.60 -46.65
C VAL H 51 -51.06 24.99 -45.21
N PRO H 53 -52.10 25.25 -41.31
CA PRO H 53 -51.89 24.33 -40.18
C PRO H 53 -53.21 23.87 -39.57
N LEU H 54 -53.18 22.77 -38.82
CA LEU H 54 -54.36 22.30 -38.08
C LEU H 54 -54.32 22.92 -36.71
N ILE H 55 -55.17 23.90 -36.46
CA ILE H 55 -55.20 24.54 -35.15
C ILE H 55 -56.24 23.92 -34.23
N LEU H 56 -55.79 23.29 -33.15
CA LEU H 56 -56.70 22.52 -32.30
C LEU H 56 -57.56 23.38 -31.36
N ARG H 57 -57.32 24.69 -31.36
CA ARG H 57 -57.95 25.60 -30.39
C ARG H 57 -57.88 25.03 -28.98
N ASP H 58 -59.05 24.75 -28.43
CA ASP H 58 -59.12 24.31 -27.06
C ASP H 58 -59.18 22.78 -26.98
N CYS H 59 -58.97 22.11 -28.11
CA CYS H 59 -58.92 20.66 -28.14
C CYS H 59 -57.49 20.09 -28.06
N SER H 60 -57.39 18.91 -27.47
CA SER H 60 -56.15 18.17 -27.43
C SER H 60 -56.15 17.15 -28.57
N VAL H 61 -55.00 16.56 -28.85
CA VAL H 61 -54.91 15.53 -29.89
C VAL H 61 -55.80 14.34 -29.56
N ALA H 62 -55.80 13.93 -28.29
CA ALA H 62 -56.67 12.84 -27.84
C ALA H 62 -58.13 13.20 -28.14
N GLY H 63 -58.54 14.39 -27.69
CA GLY H 63 -59.89 14.88 -27.86
C GLY H 63 -60.30 14.89 -29.31
N TRP H 64 -59.36 15.29 -30.15
CA TRP H 64 -59.58 15.31 -31.57
C TRP H 64 -59.76 13.89 -32.10
N LEU H 65 -58.78 13.03 -31.86
CA LEU H 65 -58.80 11.71 -32.47
C LEU H 65 -59.93 10.82 -31.93
N LEU H 66 -60.15 10.84 -30.62
CA LEU H 66 -61.23 10.03 -30.02
C LEU H 66 -62.59 10.63 -30.38
N GLY H 67 -62.61 11.95 -30.63
CA GLY H 67 -63.84 12.62 -31.01
C GLY H 67 -64.67 13.19 -29.87
N ASN H 68 -64.00 13.92 -28.99
CA ASN H 68 -64.70 14.66 -27.95
C ASN H 68 -65.79 15.50 -28.58
N PRO H 69 -67.03 15.36 -28.09
CA PRO H 69 -68.15 16.10 -28.66
C PRO H 69 -67.91 17.60 -28.68
N MET H 70 -67.11 18.13 -27.77
CA MET H 70 -66.79 19.56 -27.79
C MET H 70 -65.74 19.91 -28.89
N CYS H 71 -65.34 18.90 -29.64
CA CYS H 71 -64.35 19.05 -30.69
C CYS H 71 -64.92 18.81 -32.10
N ASP H 72 -66.14 19.25 -32.34
CA ASP H 72 -66.80 18.92 -33.61
C ASP H 72 -66.18 19.62 -34.80
N GLU H 73 -65.42 20.69 -34.54
CA GLU H 73 -64.79 21.45 -35.61
C GLU H 73 -63.91 20.54 -36.49
N PHE H 74 -63.39 19.48 -35.88
CA PHE H 74 -62.38 18.65 -36.50
C PHE H 74 -62.90 17.29 -36.94
N ILE H 75 -64.20 17.20 -37.21
CA ILE H 75 -64.78 15.91 -37.63
C ILE H 75 -64.16 15.43 -38.95
N ASN H 76 -63.87 16.37 -39.85
CA ASN H 76 -63.20 16.02 -41.10
C ASN H 76 -62.26 17.14 -41.56
N VAL H 77 -61.05 17.09 -41.01
CA VAL H 77 -60.05 18.13 -41.23
C VAL H 77 -59.23 17.88 -42.49
N PRO H 78 -58.89 18.97 -43.20
CA PRO H 78 -58.11 18.80 -44.42
C PRO H 78 -56.64 18.61 -44.12
N GLU H 79 -55.86 18.37 -45.18
CA GLU H 79 -54.42 18.19 -45.06
C GLU H 79 -53.82 19.36 -44.28
N TRP H 80 -52.82 19.08 -43.45
CA TRP H 80 -52.20 20.17 -42.71
C TRP H 80 -50.69 20.23 -42.97
N SER H 81 -50.10 21.38 -42.67
CA SER H 81 -48.67 21.55 -42.78
C SER H 81 -48.06 21.15 -41.46
N TYR H 82 -48.43 21.86 -40.40
CA TYR H 82 -48.00 21.53 -39.05
C TYR H 82 -49.23 21.52 -38.15
N ILE H 83 -49.07 21.09 -36.89
CA ILE H 83 -50.20 21.06 -35.97
C ILE H 83 -49.95 21.97 -34.78
N VAL H 84 -50.96 22.72 -34.39
CA VAL H 84 -50.84 23.60 -33.24
C VAL H 84 -51.74 23.12 -32.09
N GLU H 85 -51.15 22.93 -30.92
CA GLU H 85 -51.88 22.50 -29.71
C GLU H 85 -51.49 23.40 -28.55
N LYS H 86 -52.48 23.82 -27.76
CA LYS H 86 -52.21 24.64 -26.59
C LYS H 86 -51.48 23.82 -25.52
N ALA H 87 -50.95 24.51 -24.50
CA ALA H 87 -50.18 23.83 -23.47
C ALA H 87 -51.07 22.89 -22.71
N SER H 88 -52.17 23.42 -22.20
CA SER H 88 -53.07 22.64 -21.37
C SER H 88 -54.50 22.81 -21.86
N PRO H 89 -54.84 22.15 -22.97
CA PRO H 89 -56.15 22.27 -23.63
C PRO H 89 -57.27 21.83 -22.68
N ALA H 90 -58.43 22.48 -22.72
CA ALA H 90 -59.53 22.14 -21.82
C ALA H 90 -60.22 20.85 -22.23
N ASN H 91 -60.43 20.71 -23.53
CA ASN H 91 -61.14 19.58 -24.10
C ASN H 91 -60.19 18.44 -24.40
N ASP H 92 -59.92 17.62 -23.39
CA ASP H 92 -59.09 16.43 -23.57
C ASP H 92 -60.00 15.19 -23.52
N LEU H 93 -59.79 14.32 -22.53
CA LEU H 93 -60.64 13.17 -22.34
C LEU H 93 -61.83 13.60 -21.48
N CYS H 94 -62.99 13.87 -22.09
CA CYS H 94 -64.18 14.35 -21.37
C CYS H 94 -64.59 13.36 -20.25
N TYR H 95 -64.63 12.07 -20.57
CA TYR H 95 -64.71 11.02 -19.55
C TYR H 95 -63.29 10.68 -19.14
N PRO H 96 -62.99 10.74 -17.83
CA PRO H 96 -61.63 10.58 -17.35
C PRO H 96 -61.03 9.19 -17.58
N GLY H 97 -59.71 9.18 -17.81
CA GLY H 97 -58.96 7.97 -18.04
C GLY H 97 -57.59 8.23 -18.68
N ASP H 98 -57.08 7.26 -19.41
CA ASP H 98 -55.72 7.35 -19.92
C ASP H 98 -55.67 6.99 -21.39
N PHE H 99 -54.63 7.49 -22.06
CA PHE H 99 -54.41 7.17 -23.46
C PHE H 99 -53.04 6.54 -23.51
N ASN H 100 -52.98 5.22 -23.65
CA ASN H 100 -51.69 4.52 -23.60
C ASN H 100 -50.75 4.89 -24.73
N ASP H 101 -49.48 5.03 -24.40
CA ASP H 101 -48.48 5.38 -25.40
C ASP H 101 -48.92 6.59 -26.18
N TYR H 102 -49.50 7.54 -25.46
CA TYR H 102 -50.03 8.76 -26.06
C TYR H 102 -48.90 9.54 -26.74
N GLU H 103 -47.79 9.68 -26.04
CA GLU H 103 -46.69 10.47 -26.56
C GLU H 103 -46.19 9.84 -27.83
N GLU H 104 -46.09 8.51 -27.85
CA GLU H 104 -45.67 7.82 -29.05
C GLU H 104 -46.68 8.06 -30.19
N LEU H 105 -47.94 8.31 -29.83
CA LEU H 105 -48.96 8.59 -30.84
C LEU H 105 -48.84 10.01 -31.36
N LYS H 106 -48.55 10.96 -30.49
CA LYS H 106 -48.31 12.32 -30.94
C LYS H 106 -47.08 12.34 -31.88
N HIS H 107 -46.10 11.52 -31.57
CA HIS H 107 -44.91 11.46 -32.41
C HIS H 107 -45.27 10.99 -33.80
N LEU H 108 -46.10 9.98 -33.88
CA LEU H 108 -46.53 9.44 -35.17
C LEU H 108 -47.26 10.51 -35.98
N LEU H 109 -48.01 11.34 -35.26
CA LEU H 109 -48.76 12.41 -35.89
C LEU H 109 -47.84 13.41 -36.52
N SER H 110 -46.80 13.76 -35.77
CA SER H 110 -45.83 14.74 -36.21
C SER H 110 -45.09 14.28 -37.45
N ARG H 111 -45.20 13.01 -37.79
CA ARG H 111 -44.62 12.50 -39.03
C ARG H 111 -45.72 12.32 -40.08
N THR H 112 -46.82 13.05 -39.89
CA THR H 112 -48.03 12.88 -40.71
C THR H 112 -48.73 14.20 -41.10
N ASN H 113 -49.25 14.26 -42.32
CA ASN H 113 -49.92 15.48 -42.84
C ASN H 113 -51.40 15.34 -43.11
N HIS H 114 -51.85 14.12 -43.36
CA HIS H 114 -53.24 13.91 -43.76
C HIS H 114 -53.89 12.62 -43.25
N PHE H 115 -54.96 12.81 -42.48
CA PHE H 115 -55.84 11.76 -42.01
C PHE H 115 -57.15 11.84 -42.77
N GLU H 116 -57.57 10.72 -43.30
CA GLU H 116 -58.89 10.60 -43.87
C GLU H 116 -59.70 9.68 -42.95
N LYS H 117 -60.72 10.21 -42.28
CA LYS H 117 -61.51 9.40 -41.35
C LYS H 117 -62.39 8.41 -42.10
N ILE H 118 -62.41 7.15 -41.66
CA ILE H 118 -63.31 6.16 -42.29
C ILE H 118 -64.06 5.27 -41.28
N GLN H 119 -65.32 4.98 -41.58
CA GLN H 119 -66.13 4.16 -40.70
C GLN H 119 -65.70 2.71 -40.87
N ILE H 120 -65.22 2.12 -39.78
CA ILE H 120 -64.59 0.81 -39.82
C ILE H 120 -65.56 -0.23 -39.25
N ILE H 121 -66.32 0.19 -38.26
CA ILE H 121 -67.43 -0.57 -37.72
C ILE H 121 -68.62 0.33 -37.48
N PRO H 122 -69.65 0.21 -38.33
CA PRO H 122 -70.87 1.02 -38.28
C PRO H 122 -71.59 0.91 -36.94
N LYS H 123 -72.01 2.04 -36.36
CA LYS H 123 -72.71 1.99 -35.08
C LYS H 123 -74.02 1.18 -35.23
N SER H 124 -74.58 1.20 -36.44
CA SER H 124 -75.83 0.52 -36.76
C SER H 124 -75.73 -1.00 -36.65
N SER H 125 -74.52 -1.54 -36.75
CA SER H 125 -74.34 -2.98 -36.79
C SER H 125 -74.41 -3.61 -35.41
N TRP H 126 -74.63 -2.81 -34.37
CA TRP H 126 -74.71 -3.37 -33.02
C TRP H 126 -76.16 -3.72 -32.70
N SER H 127 -76.59 -4.86 -33.24
CA SER H 127 -77.97 -5.31 -33.12
C SER H 127 -78.31 -5.86 -31.72
N ASN H 128 -77.37 -6.59 -31.12
CA ASN H 128 -77.65 -7.22 -29.83
C ASN H 128 -76.96 -6.57 -28.63
N HIS H 129 -76.51 -5.34 -28.82
CA HIS H 129 -76.00 -4.55 -27.70
C HIS H 129 -76.60 -3.16 -27.87
N ASP H 130 -76.55 -2.37 -26.80
CA ASP H 130 -77.04 -0.99 -26.83
C ASP H 130 -75.90 0.00 -27.16
N ALA H 131 -75.98 0.61 -28.35
CA ALA H 131 -74.95 1.56 -28.78
C ALA H 131 -75.48 2.97 -28.65
N SER H 132 -76.50 3.15 -27.82
CA SER H 132 -77.20 4.41 -27.74
C SER H 132 -77.18 4.96 -26.33
N SER H 133 -77.06 4.07 -25.35
CA SER H 133 -77.01 4.45 -23.96
C SER H 133 -75.59 4.66 -23.45
N GLY H 134 -74.60 4.34 -24.29
CA GLY H 134 -73.21 4.57 -23.97
C GLY H 134 -72.92 6.07 -23.99
N VAL H 135 -73.35 6.76 -22.95
CA VAL H 135 -73.41 8.21 -22.97
C VAL H 135 -73.25 8.70 -21.54
N SER H 136 -72.65 9.87 -21.37
CA SER H 136 -72.35 10.37 -20.04
C SER H 136 -72.50 11.89 -19.96
N SER H 137 -72.76 12.41 -18.76
CA SER H 137 -72.88 13.86 -18.60
C SER H 137 -71.50 14.47 -18.53
N ALA H 138 -70.48 13.61 -18.41
CA ALA H 138 -69.11 14.09 -18.41
C ALA H 138 -68.72 14.47 -19.81
N CYS H 139 -69.44 13.90 -20.78
CA CYS H 139 -69.16 14.19 -22.19
C CYS H 139 -70.33 14.86 -22.85
N PRO H 140 -70.62 16.11 -22.43
CA PRO H 140 -71.80 16.81 -22.97
C PRO H 140 -71.59 17.27 -24.39
N TYR H 141 -72.65 17.10 -25.18
CA TYR H 141 -72.69 17.62 -26.53
C TYR H 141 -73.32 19.01 -26.46
N HIS H 142 -74.53 19.16 -26.99
CA HIS H 142 -75.24 20.43 -26.91
C HIS H 142 -76.06 20.41 -25.63
N GLY H 143 -75.36 20.42 -24.49
CA GLY H 143 -76.01 20.39 -23.19
C GLY H 143 -76.53 19.02 -22.79
N ARG H 144 -76.63 18.11 -23.76
CA ARG H 144 -77.19 16.79 -23.53
C ARG H 144 -76.05 15.80 -23.35
N SER H 145 -76.22 14.80 -22.49
CA SER H 145 -75.18 13.81 -22.27
C SER H 145 -74.84 13.07 -23.56
N SER H 146 -73.56 12.89 -23.81
CA SER H 146 -73.10 12.29 -25.04
C SER H 146 -71.84 11.49 -24.79
N PHE H 147 -71.00 11.35 -25.81
CA PHE H 147 -69.78 10.53 -25.70
C PHE H 147 -68.86 10.77 -26.87
N PHE H 148 -67.63 10.27 -26.80
CA PHE H 148 -66.66 10.35 -27.91
C PHE H 148 -67.32 9.87 -29.18
N ARG H 149 -67.08 10.54 -30.28
CA ARG H 149 -67.80 10.28 -31.51
C ARG H 149 -67.27 9.16 -32.40
N ASN H 150 -66.01 8.78 -32.24
CA ASN H 150 -65.39 7.86 -33.20
C ASN H 150 -65.30 6.48 -32.62
N VAL H 151 -65.83 6.40 -31.42
CA VAL H 151 -65.64 5.23 -30.63
C VAL H 151 -66.97 4.97 -29.88
N VAL H 152 -67.35 3.71 -29.72
CA VAL H 152 -68.70 3.40 -29.24
C VAL H 152 -68.73 2.70 -27.88
N TRP H 153 -69.43 3.29 -26.92
CA TRP H 153 -69.55 2.69 -25.58
C TRP H 153 -70.70 1.69 -25.57
N LEU H 154 -70.41 0.45 -25.96
CA LEU H 154 -71.41 -0.59 -26.00
C LEU H 154 -71.90 -0.97 -24.62
N ILE H 155 -73.23 -1.02 -24.46
CA ILE H 155 -73.87 -1.39 -23.19
C ILE H 155 -74.85 -2.56 -23.36
N LYS H 156 -75.05 -3.33 -22.30
CA LYS H 156 -75.92 -4.52 -22.35
C LYS H 156 -77.31 -4.18 -22.87
N LYS H 157 -77.94 -5.16 -23.50
CA LYS H 157 -79.27 -4.98 -24.07
C LYS H 157 -80.12 -6.15 -23.58
N ASN H 158 -81.32 -5.87 -23.08
CA ASN H 158 -82.19 -6.92 -22.53
C ASN H 158 -81.47 -7.72 -21.46
N SER H 159 -80.76 -7.00 -20.60
CA SER H 159 -80.01 -7.60 -19.50
C SER H 159 -79.06 -8.69 -19.99
N ALA H 160 -78.54 -8.52 -21.20
CA ALA H 160 -77.60 -9.46 -21.77
C ALA H 160 -76.53 -8.73 -22.54
N TYR H 161 -75.30 -9.18 -22.38
CA TYR H 161 -74.16 -8.69 -23.16
C TYR H 161 -73.50 -9.89 -23.80
N PRO H 162 -74.00 -10.30 -24.98
CA PRO H 162 -73.46 -11.43 -25.73
C PRO H 162 -72.01 -11.16 -26.10
N THR H 163 -71.23 -12.22 -26.24
CA THR H 163 -69.85 -12.06 -26.66
C THR H 163 -69.74 -11.46 -28.07
N ILE H 164 -68.93 -10.41 -28.17
CA ILE H 164 -68.66 -9.70 -29.41
C ILE H 164 -67.46 -10.27 -30.14
N LYS H 165 -67.62 -10.51 -31.43
CA LYS H 165 -66.51 -10.93 -32.27
C LYS H 165 -66.61 -10.15 -33.56
N ARG H 166 -65.93 -9.01 -33.62
CA ARG H 166 -65.89 -8.22 -34.84
C ARG H 166 -64.46 -8.26 -35.32
N SER H 167 -64.30 -8.18 -36.63
CA SER H 167 -63.02 -8.30 -37.28
C SER H 167 -63.01 -7.30 -38.42
N TYR H 168 -61.89 -6.62 -38.61
CA TYR H 168 -61.79 -5.72 -39.74
C TYR H 168 -60.46 -5.90 -40.51
N ASN H 169 -60.59 -6.12 -41.82
CA ASN H 169 -59.45 -6.30 -42.70
C ASN H 169 -59.19 -4.99 -43.45
N ASN H 170 -58.02 -4.41 -43.20
CA ASN H 170 -57.65 -3.20 -43.91
C ASN H 170 -57.41 -3.48 -45.38
N THR H 171 -58.31 -3.01 -46.22
CA THR H 171 -58.22 -3.25 -47.65
C THR H 171 -57.63 -2.05 -48.34
N ASN H 172 -57.35 -1.00 -47.57
CA ASN H 172 -56.79 0.18 -48.19
C ASN H 172 -55.32 0.00 -48.54
N GLN H 173 -54.71 1.01 -49.14
CA GLN H 173 -53.32 0.89 -49.54
C GLN H 173 -52.45 1.57 -48.50
N GLU H 174 -53.10 2.19 -47.52
CA GLU H 174 -52.41 2.96 -46.48
C GLU H 174 -52.39 2.24 -45.13
N ASP H 175 -51.49 2.67 -44.25
CA ASP H 175 -51.51 2.23 -42.86
C ASP H 175 -52.83 2.79 -42.35
N LEU H 176 -53.45 2.14 -41.38
CA LEU H 176 -54.66 2.70 -40.80
C LEU H 176 -54.57 2.77 -39.28
N LEU H 177 -54.89 3.95 -38.72
CA LEU H 177 -54.82 4.13 -37.26
C LEU H 177 -56.15 3.76 -36.59
N VAL H 178 -56.14 2.69 -35.81
CA VAL H 178 -57.37 2.25 -35.12
C VAL H 178 -57.30 2.47 -33.61
N LEU H 179 -58.35 3.10 -33.08
CA LEU H 179 -58.47 3.40 -31.64
C LEU H 179 -59.59 2.61 -31.00
N TRP H 180 -59.35 2.14 -29.78
CA TRP H 180 -60.38 1.48 -29.01
C TRP H 180 -60.18 1.69 -27.53
N GLY H 181 -61.07 1.14 -26.72
CA GLY H 181 -60.98 1.37 -25.29
C GLY H 181 -61.62 0.33 -24.40
N ILE H 182 -61.29 0.47 -23.12
CA ILE H 182 -61.82 -0.39 -22.10
C ILE H 182 -62.38 0.48 -20.98
N HIS H 183 -63.47 0.03 -20.37
CA HIS H 183 -64.06 0.79 -19.28
C HIS H 183 -63.73 0.13 -17.96
N HIS H 184 -63.25 0.92 -17.02
CA HIS H 184 -62.93 0.49 -15.67
C HIS H 184 -63.97 1.07 -14.70
N PRO H 185 -64.95 0.24 -14.28
CA PRO H 185 -66.05 0.69 -13.40
C PRO H 185 -65.66 0.91 -11.94
N ASN H 186 -66.61 1.41 -11.15
CA ASN H 186 -66.37 1.72 -9.74
C ASN H 186 -66.49 0.53 -8.81
N ASP H 187 -67.45 -0.35 -9.12
CA ASP H 187 -67.76 -1.48 -8.28
C ASP H 187 -68.38 -2.61 -9.09
N ALA H 188 -68.54 -3.75 -8.45
CA ALA H 188 -69.08 -4.91 -9.13
C ALA H 188 -70.52 -4.63 -9.55
N ALA H 189 -71.17 -3.74 -8.82
CA ALA H 189 -72.55 -3.36 -9.12
C ALA H 189 -72.61 -2.66 -10.49
N GLU H 190 -71.84 -1.57 -10.64
CA GLU H 190 -71.81 -0.79 -11.89
C GLU H 190 -71.47 -1.73 -13.02
N GLN H 191 -70.54 -2.64 -12.74
CA GLN H 191 -70.15 -3.64 -13.72
C GLN H 191 -71.40 -4.34 -14.21
N THR H 192 -72.20 -4.85 -13.28
CA THR H 192 -73.41 -5.60 -13.62
C THR H 192 -74.47 -4.78 -14.35
N LYS H 193 -74.64 -3.54 -13.92
CA LYS H 193 -75.64 -2.64 -14.47
C LYS H 193 -75.38 -2.37 -15.96
N LEU H 194 -74.11 -2.22 -16.35
CA LEU H 194 -73.75 -1.85 -17.71
C LEU H 194 -73.57 -3.02 -18.67
N TYR H 195 -72.80 -4.01 -18.22
CA TYR H 195 -72.54 -5.22 -19.00
C TYR H 195 -72.97 -6.30 -18.06
N GLN H 196 -73.81 -7.24 -18.49
CA GLN H 196 -74.44 -8.13 -17.51
C GLN H 196 -73.37 -8.95 -16.80
N ASN H 197 -72.44 -9.46 -17.60
CA ASN H 197 -71.44 -10.41 -17.15
C ASN H 197 -70.44 -9.82 -16.16
N PRO H 198 -70.15 -10.57 -15.08
CA PRO H 198 -69.35 -10.08 -13.95
C PRO H 198 -67.84 -10.04 -14.20
N THR H 199 -67.30 -10.99 -14.95
CA THR H 199 -65.87 -11.00 -15.27
C THR H 199 -65.70 -10.95 -16.77
N THR H 200 -64.97 -9.95 -17.21
CA THR H 200 -64.92 -9.66 -18.64
C THR H 200 -63.49 -9.47 -19.12
N TYR H 201 -63.37 -9.42 -20.44
CA TYR H 201 -62.10 -9.29 -21.09
C TYR H 201 -62.31 -8.61 -22.42
N ILE H 202 -61.22 -8.09 -22.99
CA ILE H 202 -61.21 -7.58 -24.35
C ILE H 202 -59.92 -8.07 -24.99
N SER H 203 -60.03 -8.84 -26.05
CA SER H 203 -58.83 -9.33 -26.70
C SER H 203 -58.78 -8.74 -28.10
N VAL H 204 -57.61 -8.25 -28.46
CA VAL H 204 -57.37 -7.65 -29.78
C VAL H 204 -56.23 -8.42 -30.42
N GLY H 205 -56.38 -8.73 -31.69
CA GLY H 205 -55.43 -9.53 -32.43
C GLY H 205 -55.05 -8.92 -33.77
N THR H 206 -53.77 -8.99 -34.10
CA THR H 206 -53.23 -8.42 -35.31
C THR H 206 -52.03 -9.30 -35.68
N SER H 207 -51.47 -9.14 -36.88
CA SER H 207 -50.23 -9.84 -37.22
C SER H 207 -49.17 -9.61 -36.18
N THR H 208 -49.16 -8.41 -35.64
CA THR H 208 -48.14 -8.03 -34.70
C THR H 208 -48.71 -7.82 -33.31
N LEU H 209 -49.97 -7.41 -33.23
CA LEU H 209 -50.54 -7.08 -31.93
C LEU H 209 -51.21 -8.29 -31.29
N ASN H 210 -51.01 -8.44 -29.98
CA ASN H 210 -51.72 -9.44 -29.21
C ASN H 210 -51.90 -8.93 -27.81
N GLN H 211 -53.13 -8.61 -27.44
CA GLN H 211 -53.42 -8.22 -26.07
C GLN H 211 -54.77 -8.69 -25.57
N ARG H 212 -54.84 -8.89 -24.27
CA ARG H 212 -56.07 -9.23 -23.60
C ARG H 212 -56.17 -8.37 -22.36
N LEU H 213 -57.10 -7.43 -22.38
CA LEU H 213 -57.29 -6.51 -21.29
C LEU H 213 -58.41 -6.97 -20.38
N VAL H 214 -58.18 -6.83 -19.08
CA VAL H 214 -59.21 -7.12 -18.11
C VAL H 214 -59.44 -5.87 -17.31
N PRO H 215 -60.71 -5.46 -17.21
CA PRO H 215 -61.05 -4.24 -16.50
C PRO H 215 -60.67 -4.33 -15.01
N GLU H 216 -60.04 -3.27 -14.53
CA GLU H 216 -59.60 -3.19 -13.16
C GLU H 216 -60.53 -2.33 -12.34
N ILE H 217 -61.49 -2.98 -11.69
CA ILE H 217 -62.48 -2.29 -10.87
C ILE H 217 -61.86 -1.75 -9.57
N ALA H 218 -62.12 -0.48 -9.29
CA ALA H 218 -61.63 0.19 -8.08
C ALA H 218 -62.48 1.42 -7.85
N THR H 219 -62.41 1.97 -6.66
CA THR H 219 -63.11 3.21 -6.40
C THR H 219 -62.09 4.34 -6.47
N ARG H 220 -62.33 5.28 -7.37
CA ARG H 220 -61.41 6.37 -7.61
C ARG H 220 -62.11 7.68 -7.39
N PRO H 221 -61.34 8.74 -7.12
CA PRO H 221 -61.98 10.05 -6.97
C PRO H 221 -62.78 10.44 -8.22
N LYS H 222 -63.75 11.32 -8.03
CA LYS H 222 -64.58 11.77 -9.12
C LYS H 222 -63.78 12.82 -9.87
N VAL H 223 -63.72 12.65 -11.18
CA VAL H 223 -63.13 13.61 -12.08
C VAL H 223 -64.21 13.90 -13.13
N ASN H 224 -64.62 15.16 -13.26
CA ASN H 224 -65.80 15.49 -14.06
C ASN H 224 -67.01 14.67 -13.67
N GLY H 225 -67.18 14.46 -12.37
CA GLY H 225 -68.33 13.73 -11.87
C GLY H 225 -68.17 12.23 -11.90
N GLN H 226 -67.34 11.73 -12.81
CA GLN H 226 -67.18 10.29 -12.99
C GLN H 226 -66.05 9.76 -12.12
N SER H 227 -66.27 8.57 -11.58
CA SER H 227 -65.31 7.90 -10.71
C SER H 227 -64.80 6.59 -11.33
N GLY H 228 -65.36 6.27 -12.48
CA GLY H 228 -64.88 5.16 -13.29
C GLY H 228 -63.77 5.75 -14.16
N ARG H 229 -63.12 4.91 -14.96
CA ARG H 229 -62.06 5.38 -15.83
C ARG H 229 -62.15 4.68 -17.16
N MET H 230 -61.72 5.35 -18.22
CA MET H 230 -61.65 4.70 -19.53
C MET H 230 -60.20 4.73 -20.00
N GLU H 231 -59.73 3.60 -20.51
CA GLU H 231 -58.35 3.47 -20.94
C GLU H 231 -58.35 3.21 -22.43
N PHE H 232 -57.67 4.06 -23.20
CA PHE H 232 -57.70 3.93 -24.65
C PHE H 232 -56.41 3.41 -25.24
N PHE H 233 -56.52 2.69 -26.35
CA PHE H 233 -55.40 2.03 -26.99
C PHE H 233 -55.42 2.30 -28.47
N TRP H 234 -54.29 2.11 -29.12
CA TRP H 234 -54.23 2.33 -30.56
C TRP H 234 -53.23 1.37 -31.16
N THR H 235 -53.34 1.19 -32.46
CA THR H 235 -52.38 0.36 -33.16
C THR H 235 -52.43 0.80 -34.61
N ILE H 236 -51.44 0.41 -35.37
CA ILE H 236 -51.47 0.71 -36.76
C ILE H 236 -51.75 -0.56 -37.50
N LEU H 237 -52.77 -0.54 -38.33
CA LEU H 237 -53.12 -1.73 -39.04
C LEU H 237 -52.53 -1.59 -40.44
N LYS H 238 -51.54 -2.44 -40.73
CA LYS H 238 -50.90 -2.48 -42.05
C LYS H 238 -51.88 -2.92 -43.16
N PRO H 239 -51.65 -2.47 -44.40
CA PRO H 239 -52.51 -2.61 -45.59
C PRO H 239 -53.16 -3.95 -45.97
N ASN H 240 -52.67 -5.11 -45.59
CA ASN H 240 -53.46 -6.31 -45.88
C ASN H 240 -53.67 -7.12 -44.65
N ASP H 241 -53.50 -6.48 -43.51
CA ASP H 241 -53.60 -7.10 -42.21
C ASP H 241 -55.03 -6.89 -41.72
N ALA H 242 -55.39 -7.59 -40.64
CA ALA H 242 -56.73 -7.47 -40.08
C ALA H 242 -56.65 -7.37 -38.57
N ILE H 243 -57.62 -6.67 -37.98
CA ILE H 243 -57.67 -6.53 -36.54
C ILE H 243 -58.89 -7.31 -36.02
N ASN H 244 -58.69 -8.12 -34.98
CA ASN H 244 -59.73 -8.96 -34.40
C ASN H 244 -60.08 -8.58 -33.00
N PHE H 245 -61.31 -8.12 -32.78
CA PHE H 245 -61.76 -7.83 -31.43
C PHE H 245 -62.64 -8.96 -30.93
N GLU H 246 -62.43 -9.37 -29.69
CA GLU H 246 -63.37 -10.26 -29.06
C GLU H 246 -63.57 -9.80 -27.64
N SER H 247 -64.82 -9.54 -27.28
CA SER H 247 -65.15 -9.03 -25.96
C SER H 247 -66.51 -9.43 -25.45
N ASN H 248 -66.61 -9.57 -24.13
CA ASN H 248 -67.89 -9.89 -23.53
C ASN H 248 -68.28 -8.79 -22.52
N GLY H 249 -67.63 -7.63 -22.62
CA GLY H 249 -67.99 -6.48 -21.79
C GLY H 249 -66.93 -5.40 -21.60
N ASN H 250 -67.37 -4.23 -21.13
CA ASN H 250 -66.48 -3.09 -20.87
C ASN H 250 -65.74 -2.59 -22.12
N PHE H 251 -66.22 -2.98 -23.29
CA PHE H 251 -65.55 -2.70 -24.56
C PHE H 251 -65.92 -1.33 -25.09
N ILE H 252 -64.94 -0.47 -25.37
CA ILE H 252 -65.29 0.78 -26.05
C ILE H 252 -64.84 0.68 -27.49
N ALA H 253 -65.81 0.45 -28.37
CA ALA H 253 -65.53 -0.05 -29.70
C ALA H 253 -65.16 1.00 -30.72
N PRO H 254 -64.27 0.65 -31.64
CA PRO H 254 -64.06 1.64 -32.68
C PRO H 254 -65.27 1.67 -33.60
N GLU H 255 -65.65 2.88 -34.03
CA GLU H 255 -66.57 3.07 -35.15
C GLU H 255 -65.75 3.65 -36.32
N TYR H 256 -65.04 4.77 -36.07
CA TYR H 256 -64.22 5.42 -37.09
C TYR H 256 -62.73 5.22 -36.86
N ALA H 257 -61.99 4.94 -37.92
CA ALA H 257 -60.53 4.88 -37.86
C ALA H 257 -59.95 5.91 -38.85
N TYR H 258 -58.62 6.06 -38.82
CA TYR H 258 -57.98 7.09 -39.64
C TYR H 258 -56.96 6.51 -40.61
N LYS H 259 -57.21 6.73 -41.90
CA LYS H 259 -56.23 6.37 -42.93
C LYS H 259 -55.09 7.40 -42.94
N ILE H 260 -53.86 6.90 -42.82
CA ILE H 260 -52.70 7.78 -42.91
C ILE H 260 -52.43 7.99 -44.39
N VAL H 261 -52.94 9.09 -44.93
CA VAL H 261 -52.88 9.40 -46.36
C VAL H 261 -51.55 10.02 -46.76
N LYS H 262 -51.18 11.08 -46.07
CA LYS H 262 -49.91 11.70 -46.34
C LYS H 262 -48.98 11.68 -45.14
N LYS H 263 -47.88 10.94 -45.27
CA LYS H 263 -46.79 11.01 -44.30
C LYS H 263 -45.81 12.06 -44.82
N GLY H 264 -45.34 12.93 -43.94
CA GLY H 264 -44.34 13.91 -44.34
C GLY H 264 -43.63 14.46 -43.13
N ASP H 265 -42.92 15.58 -43.28
CA ASP H 265 -42.31 16.12 -42.08
C ASP H 265 -43.21 17.22 -41.59
N SER H 266 -43.64 17.05 -40.35
CA SER H 266 -44.55 17.96 -39.72
C SER H 266 -44.18 18.07 -38.26
N ALA H 267 -45.06 18.66 -37.46
CA ALA H 267 -44.74 18.89 -36.06
C ALA H 267 -45.97 19.24 -35.26
N ILE H 268 -45.91 19.02 -33.95
CA ILE H 268 -46.95 19.49 -33.07
C ILE H 268 -46.36 20.63 -32.26
N MET H 269 -46.69 21.83 -32.65
CA MET H 269 -46.14 23.04 -32.03
C MET H 269 -46.99 23.38 -30.82
N LYS H 270 -46.36 23.51 -29.66
CA LYS H 270 -47.11 23.92 -28.47
C LYS H 270 -47.15 25.45 -28.49
N SER H 271 -48.33 26.01 -28.70
CA SER H 271 -48.49 27.47 -28.72
C SER H 271 -49.87 27.89 -28.26
N GLU H 272 -49.98 29.11 -27.74
CA GLU H 272 -51.24 29.56 -27.20
C GLU H 272 -51.95 30.46 -28.16
N LEU H 273 -51.34 30.65 -29.31
CA LEU H 273 -51.85 31.63 -30.26
C LEU H 273 -52.76 30.97 -31.29
N GLU H 274 -53.47 31.77 -32.08
CA GLU H 274 -54.31 31.22 -33.14
C GLU H 274 -54.01 31.80 -34.51
N TYR H 275 -54.75 31.32 -35.50
CA TYR H 275 -54.51 31.63 -36.90
C TYR H 275 -54.37 33.12 -37.21
N GLY H 276 -53.69 33.46 -38.31
CA GLY H 276 -53.48 34.85 -38.66
C GLY H 276 -53.80 35.21 -40.11
N ASN H 277 -54.19 34.20 -40.88
CA ASN H 277 -54.62 34.34 -42.28
C ASN H 277 -53.50 34.77 -43.20
N CYS H 278 -52.29 34.70 -42.67
CA CYS H 278 -51.08 35.06 -43.39
C CYS H 278 -50.39 33.81 -43.91
N ASN H 279 -49.27 33.99 -44.57
CA ASN H 279 -48.49 32.88 -45.07
C ASN H 279 -47.04 33.12 -44.70
N THR H 280 -46.27 32.05 -44.55
CA THR H 280 -44.85 32.17 -44.24
C THR H 280 -44.11 30.94 -44.73
N LYS H 281 -42.79 31.04 -44.72
CA LYS H 281 -41.87 30.01 -45.20
C LYS H 281 -41.14 29.39 -44.02
N CYS H 282 -41.30 30.05 -42.87
CA CYS H 282 -40.65 29.64 -41.64
C CYS H 282 -41.52 30.02 -40.46
N GLN H 283 -41.88 29.05 -39.63
CA GLN H 283 -42.81 29.30 -38.53
C GLN H 283 -42.24 28.87 -37.18
N THR H 284 -42.52 29.67 -36.15
CA THR H 284 -42.11 29.38 -34.77
C THR H 284 -43.33 29.54 -33.91
N PRO H 285 -43.33 28.93 -32.72
CA PRO H 285 -44.46 29.02 -31.78
C PRO H 285 -44.76 30.45 -31.27
N MET H 286 -43.91 31.43 -31.58
CA MET H 286 -44.15 32.81 -31.15
C MET H 286 -44.61 33.66 -32.31
N GLY H 287 -44.38 33.15 -33.50
CA GLY H 287 -44.69 33.86 -34.72
C GLY H 287 -43.87 33.37 -35.90
N ALA H 288 -44.15 33.92 -37.08
CA ALA H 288 -43.50 33.50 -38.31
C ALA H 288 -42.30 34.42 -38.63
N ILE H 289 -41.39 33.91 -39.46
CA ILE H 289 -40.15 34.65 -39.74
C ILE H 289 -40.03 35.02 -41.23
N ASN H 290 -39.86 36.32 -41.50
CA ASN H 290 -39.61 36.73 -42.88
C ASN H 290 -38.21 37.34 -42.93
N SER H 291 -37.23 36.52 -43.26
CA SER H 291 -35.84 36.91 -43.13
C SER H 291 -34.91 36.20 -44.08
N SER H 292 -33.78 36.86 -44.36
CA SER H 292 -32.74 36.31 -45.20
C SER H 292 -31.49 36.15 -44.36
N MET H 293 -31.58 36.56 -43.10
CA MET H 293 -30.49 36.36 -42.17
C MET H 293 -30.20 34.88 -42.05
N PRO H 294 -28.93 34.53 -41.81
CA PRO H 294 -28.56 33.14 -41.63
C PRO H 294 -28.80 32.70 -40.20
N PHE H 295 -29.10 33.66 -39.33
CA PHE H 295 -29.31 33.31 -37.92
C PHE H 295 -30.56 34.00 -37.38
N HIS H 296 -31.17 33.41 -36.38
CA HIS H 296 -32.26 34.06 -35.69
C HIS H 296 -32.24 33.65 -34.22
N ASN H 297 -32.91 34.44 -33.40
CA ASN H 297 -32.95 34.19 -31.98
C ASN H 297 -34.37 34.23 -31.45
N ILE H 298 -35.31 33.92 -32.34
CA ILE H 298 -36.73 34.03 -31.98
C ILE H 298 -37.14 32.92 -31.03
N HIS H 299 -36.93 31.68 -31.46
CA HIS H 299 -37.28 30.48 -30.71
C HIS H 299 -36.61 29.23 -31.33
N PRO H 300 -36.13 28.29 -30.51
CA PRO H 300 -35.40 27.14 -31.07
C PRO H 300 -36.25 26.19 -31.92
N LEU H 301 -37.53 26.05 -31.59
CA LEU H 301 -38.32 25.04 -32.27
C LEU H 301 -39.02 25.65 -33.46
N THR H 302 -38.56 25.38 -34.66
CA THR H 302 -39.16 26.01 -35.85
C THR H 302 -39.48 24.97 -36.92
N ILE H 303 -40.26 25.34 -37.93
CA ILE H 303 -40.53 24.43 -39.04
C ILE H 303 -40.54 25.21 -40.33
N GLY H 304 -39.96 24.62 -41.37
CA GLY H 304 -39.86 25.28 -42.67
C GLY H 304 -38.43 25.68 -42.96
N GLU H 305 -38.20 26.36 -44.08
CA GLU H 305 -36.87 26.88 -44.39
C GLU H 305 -36.52 28.04 -43.45
N CYS H 306 -35.67 27.78 -42.46
CA CYS H 306 -35.44 28.75 -41.37
C CYS H 306 -34.00 29.14 -41.16
N PRO H 307 -33.81 30.33 -40.58
CA PRO H 307 -32.44 30.64 -40.20
C PRO H 307 -32.05 29.75 -39.06
N LYS H 308 -30.76 29.62 -38.81
CA LYS H 308 -30.33 28.79 -37.72
C LYS H 308 -30.49 29.54 -36.40
N TYR H 309 -31.15 28.89 -35.46
CA TYR H 309 -31.38 29.50 -34.17
C TYR H 309 -30.11 29.59 -33.37
N VAL H 310 -29.99 30.67 -32.60
CA VAL H 310 -28.82 30.91 -31.79
C VAL H 310 -29.24 31.71 -30.55
N LYS H 311 -28.53 31.61 -29.44
CA LYS H 311 -28.94 32.36 -28.24
C LYS H 311 -28.33 33.77 -28.15
N SER H 312 -27.95 34.36 -29.27
CA SER H 312 -27.31 35.66 -29.17
C SER H 312 -28.32 36.78 -29.24
N ASN H 313 -27.98 37.89 -28.59
CA ASN H 313 -28.71 39.12 -28.75
C ASN H 313 -28.21 39.88 -29.98
N ARG H 314 -27.02 39.52 -30.47
CA ARG H 314 -26.36 40.29 -31.52
C ARG H 314 -25.31 39.46 -32.25
N LEU H 315 -25.36 39.47 -33.58
CA LEU H 315 -24.30 38.88 -34.39
C LEU H 315 -24.07 39.81 -35.60
N VAL H 316 -23.01 40.61 -35.50
CA VAL H 316 -22.69 41.54 -36.58
C VAL H 316 -21.26 41.41 -36.99
N LEU H 317 -21.06 41.11 -38.27
CA LEU H 317 -19.74 40.97 -38.87
C LEU H 317 -19.17 42.34 -39.35
N ALA H 318 -17.90 42.58 -39.06
CA ALA H 318 -17.22 43.71 -39.67
C ALA H 318 -17.03 43.35 -41.10
N THR H 319 -17.38 44.25 -42.01
CA THR H 319 -17.06 44.06 -43.44
C THR H 319 -16.15 45.15 -43.96
N GLY H 320 -16.43 46.39 -43.54
CA GLY H 320 -15.62 47.53 -43.89
C GLY H 320 -14.41 47.57 -42.98
N LEU H 321 -13.83 48.75 -42.78
CA LEU H 321 -12.64 48.84 -41.96
C LEU H 321 -12.90 49.77 -40.80
N ARG H 322 -11.92 49.88 -39.89
CA ARG H 322 -12.06 50.75 -38.72
C ARG H 322 -12.30 52.19 -39.15
N ASN H 323 -13.40 52.76 -38.68
CA ASN H 323 -13.77 54.11 -39.08
C ASN H 323 -13.05 55.10 -38.20
N THR H 324 -12.68 56.23 -38.78
CA THR H 324 -11.98 57.27 -38.04
C THR H 324 -12.98 58.37 -37.66
N PRO H 325 -12.89 58.85 -36.39
CA PRO H 325 -13.83 59.80 -35.77
C PRO H 325 -13.88 61.17 -36.44
N GLY I 1 -2.90 48.40 -35.61
CA GLY I 1 -3.18 47.01 -35.85
C GLY I 1 -1.94 46.18 -36.06
N LEU I 2 -2.12 44.96 -36.57
CA LEU I 2 -1.02 43.99 -36.68
C LEU I 2 0.08 44.41 -37.61
N PHE I 3 -0.24 45.25 -38.58
CA PHE I 3 0.71 45.57 -39.63
C PHE I 3 1.17 47.03 -39.64
N GLY I 4 0.74 47.80 -38.64
CA GLY I 4 1.21 49.15 -38.41
C GLY I 4 0.75 50.25 -39.36
N ALA I 5 -0.09 49.92 -40.33
CA ALA I 5 -0.57 50.92 -41.32
C ALA I 5 -1.86 51.67 -40.91
N ILE I 6 -2.99 51.00 -41.01
CA ILE I 6 -4.27 51.60 -40.61
C ILE I 6 -4.17 52.03 -39.16
N ALA I 7 -4.44 53.32 -38.91
CA ALA I 7 -4.27 53.92 -37.58
C ALA I 7 -2.87 53.67 -37.02
N GLY I 8 -1.90 53.69 -37.92
CA GLY I 8 -0.52 53.42 -37.57
C GLY I 8 0.34 54.50 -38.14
N PHE I 9 1.25 54.15 -39.04
CA PHE I 9 2.09 55.16 -39.62
C PHE I 9 1.29 56.05 -40.57
N ILE I 10 0.18 55.51 -41.08
CA ILE I 10 -0.80 56.35 -41.77
C ILE I 10 -1.90 56.71 -40.76
N GLU I 11 -1.75 57.82 -40.06
CA GLU I 11 -2.67 58.15 -38.98
C GLU I 11 -4.02 58.73 -39.42
N GLY I 12 -4.90 57.91 -39.94
CA GLY I 12 -6.22 58.39 -40.30
C GLY I 12 -6.61 58.00 -41.71
N GLY I 13 -7.90 57.86 -41.93
CA GLY I 13 -8.42 57.56 -43.25
C GLY I 13 -8.93 58.82 -43.91
N TRP I 14 -9.28 58.70 -45.18
CA TRP I 14 -9.73 59.84 -45.95
C TRP I 14 -11.21 59.76 -46.23
N GLN I 15 -11.98 60.70 -45.70
CA GLN I 15 -13.37 60.83 -46.07
C GLN I 15 -13.45 61.06 -47.59
N GLY I 16 -12.40 61.68 -48.15
CA GLY I 16 -12.37 62.10 -49.54
C GLY I 16 -12.31 60.99 -50.57
N MET I 17 -11.65 59.88 -50.25
CA MET I 17 -11.64 58.76 -51.19
C MET I 17 -12.88 57.93 -50.99
N VAL I 18 -13.72 57.84 -52.01
CA VAL I 18 -15.03 57.23 -51.81
C VAL I 18 -15.30 56.10 -52.78
N ASP I 19 -14.44 55.93 -53.77
CA ASP I 19 -14.67 54.91 -54.78
C ASP I 19 -13.93 53.61 -54.44
N GLY I 20 -13.47 53.49 -53.20
CA GLY I 20 -12.75 52.29 -52.79
C GLY I 20 -12.27 52.35 -51.36
N TRP I 21 -11.64 51.27 -50.91
CA TRP I 21 -11.13 51.13 -49.54
C TRP I 21 -9.71 51.67 -49.39
N TYR I 22 -8.85 51.33 -50.35
CA TYR I 22 -7.46 51.75 -50.35
C TYR I 22 -7.18 52.53 -51.62
N GLY I 23 -6.29 53.50 -51.52
CA GLY I 23 -5.90 54.23 -52.71
C GLY I 23 -4.86 55.31 -52.49
N TYR I 24 -4.87 56.29 -53.39
CA TYR I 24 -3.82 57.31 -53.42
C TYR I 24 -4.40 58.72 -53.32
N HIS I 26 -2.75 62.14 -54.80
CA HIS I 26 -1.59 62.74 -55.44
C HIS I 26 -1.67 64.26 -55.35
N SER I 27 -0.53 64.91 -55.62
CA SER I 27 -0.43 66.36 -55.63
C SER I 27 0.72 66.82 -56.51
N ASN I 28 0.38 67.28 -57.70
CA ASN I 28 1.35 67.90 -58.59
C ASN I 28 0.91 69.29 -59.09
N GLU I 29 1.58 69.76 -60.15
CA GLU I 29 1.33 71.09 -60.72
C GLU I 29 -0.02 71.15 -61.42
N GLN I 30 -0.40 70.05 -62.05
CA GLN I 30 -1.66 69.92 -62.76
C GLN I 30 -2.87 69.89 -61.78
N GLY I 31 -2.57 69.62 -60.52
CA GLY I 31 -3.58 69.62 -59.48
C GLY I 31 -3.61 68.34 -58.68
N SER I 32 -4.39 68.35 -57.60
CA SER I 32 -4.47 67.21 -56.67
C SER I 32 -5.84 66.50 -56.74
N GLY I 33 -5.92 65.32 -56.12
CA GLY I 33 -7.16 64.55 -56.10
C GLY I 33 -6.99 63.13 -55.56
N TYR I 34 -8.10 62.53 -55.10
CA TYR I 34 -8.10 61.15 -54.59
C TYR I 34 -8.40 60.13 -55.70
N ALA I 35 -7.87 58.93 -55.56
CA ALA I 35 -8.19 57.83 -56.49
C ALA I 35 -7.96 56.52 -55.80
N ALA I 36 -8.86 55.58 -56.04
CA ALA I 36 -8.80 54.29 -55.39
C ALA I 36 -7.95 53.34 -56.20
N ASP I 37 -7.16 52.51 -55.53
CA ASP I 37 -6.45 51.44 -56.24
C ASP I 37 -7.45 50.33 -56.51
N LYS I 38 -7.89 50.23 -57.76
CA LYS I 38 -8.95 49.30 -58.12
C LYS I 38 -8.55 47.86 -57.87
N GLU I 39 -7.28 47.56 -58.12
CA GLU I 39 -6.81 46.20 -58.02
C GLU I 39 -6.82 45.70 -56.57
N SER I 40 -6.22 46.45 -55.67
CA SER I 40 -6.10 45.97 -54.31
C SER I 40 -7.47 46.02 -53.64
N THR I 41 -8.31 46.94 -54.11
CA THR I 41 -9.65 47.04 -53.55
C THR I 41 -10.46 45.83 -53.97
N GLN I 42 -10.37 45.48 -55.25
CA GLN I 42 -11.18 44.36 -55.72
C GLN I 42 -10.72 43.06 -55.03
N LYS I 43 -9.40 42.92 -54.86
CA LYS I 43 -8.88 41.74 -54.18
C LYS I 43 -9.49 41.61 -52.76
N ALA I 44 -9.57 42.73 -52.06
CA ALA I 44 -10.07 42.72 -50.70
C ALA I 44 -11.56 42.41 -50.69
N ILE I 45 -12.29 43.02 -51.61
CA ILE I 45 -13.71 42.76 -51.78
C ILE I 45 -13.97 41.29 -52.04
N ASP I 46 -13.19 40.70 -52.93
CA ASP I 46 -13.33 39.28 -53.22
C ASP I 46 -13.02 38.45 -51.98
N GLY I 47 -12.01 38.85 -51.22
CA GLY I 47 -11.56 38.09 -50.07
C GLY I 47 -12.60 38.10 -48.95
N VAL I 48 -13.13 39.29 -48.68
CA VAL I 48 -14.11 39.48 -47.63
C VAL I 48 -15.43 38.84 -48.02
N THR I 49 -15.79 38.96 -49.28
CA THR I 49 -17.03 38.36 -49.75
C THR I 49 -16.99 36.83 -49.70
N ASN I 50 -15.88 36.25 -50.13
CA ASN I 50 -15.70 34.82 -50.00
C ASN I 50 -15.71 34.38 -48.53
N LYS I 51 -15.16 35.23 -47.67
CA LYS I 51 -15.11 34.96 -46.24
C LYS I 51 -16.52 34.93 -45.67
N VAL I 52 -17.31 35.95 -46.01
CA VAL I 52 -18.67 35.99 -45.52
C VAL I 52 -19.45 34.79 -46.03
N ASN I 53 -19.32 34.52 -47.33
CA ASN I 53 -20.01 33.40 -47.92
C ASN I 53 -19.53 32.07 -47.35
N SER I 54 -18.24 31.96 -47.03
CA SER I 54 -17.72 30.73 -46.41
C SER I 54 -18.25 30.51 -44.99
N ILE I 55 -18.48 31.59 -44.25
CA ILE I 55 -18.98 31.46 -42.89
C ILE I 55 -20.41 30.94 -42.88
N ILE I 56 -21.25 31.55 -43.71
CA ILE I 56 -22.63 31.14 -43.94
C ILE I 56 -22.74 29.73 -44.52
N ASP I 57 -21.76 29.36 -45.35
CA ASP I 57 -21.74 28.01 -45.95
C ASP I 57 -21.42 26.93 -44.90
N LYS I 58 -20.40 27.17 -44.08
CA LYS I 58 -19.97 26.20 -43.07
C LYS I 58 -21.06 25.88 -42.04
N MET I 59 -22.11 26.70 -42.02
CA MET I 59 -23.16 26.55 -41.02
C MET I 59 -24.43 25.85 -41.53
N ASN I 60 -24.42 25.28 -42.73
CA ASN I 60 -25.64 24.68 -43.27
C ASN I 60 -25.99 23.34 -42.63
N THR I 61 -24.97 22.64 -42.13
CA THR I 61 -25.20 21.40 -41.44
C THR I 61 -25.32 21.62 -39.92
N GLN I 62 -25.90 22.74 -39.52
CA GLN I 62 -26.06 23.05 -38.10
C GLN I 62 -27.21 22.25 -37.47
N PHE I 63 -27.22 22.13 -36.14
CA PHE I 63 -28.31 21.43 -35.43
C PHE I 63 -29.66 22.13 -35.59
N GLU I 64 -30.73 21.35 -35.74
CA GLU I 64 -32.10 21.86 -35.82
C GLU I 64 -33.00 21.15 -34.80
N ALA I 65 -33.48 21.92 -33.84
CA ALA I 65 -34.27 21.37 -32.74
C ALA I 65 -35.62 20.88 -33.23
N VAL I 66 -36.06 19.78 -32.64
CA VAL I 66 -37.33 19.15 -33.01
C VAL I 66 -38.24 19.02 -31.79
N GLY I 67 -39.51 19.33 -31.98
CA GLY I 67 -40.47 19.15 -30.90
C GLY I 67 -40.64 17.67 -30.58
N ARG I 68 -40.46 17.32 -29.30
CA ARG I 68 -40.75 15.95 -28.86
C ARG I 68 -41.48 15.95 -27.54
N GLU I 69 -42.47 15.08 -27.44
CA GLU I 69 -43.28 15.05 -26.24
C GLU I 69 -43.05 13.83 -25.37
N PHE I 70 -43.18 14.03 -24.07
CA PHE I 70 -42.99 12.95 -23.11
C PHE I 70 -43.99 13.01 -21.94
N ASN I 71 -44.29 11.85 -21.33
CA ASN I 71 -45.25 11.83 -20.22
C ASN I 71 -44.58 11.82 -18.83
N ASN I 72 -45.40 11.80 -17.77
CA ASN I 72 -44.89 11.93 -16.40
C ASN I 72 -43.98 10.82 -15.98
N LEU I 73 -43.96 9.73 -16.71
CA LEU I 73 -43.04 8.67 -16.32
C LEU I 73 -41.88 8.51 -17.30
N GLU I 74 -41.69 9.56 -18.09
CA GLU I 74 -40.60 9.66 -19.06
C GLU I 74 -39.80 10.92 -18.76
N ARG I 75 -39.69 11.29 -17.49
CA ARG I 75 -39.02 12.53 -17.12
C ARG I 75 -37.52 12.48 -17.41
N ARG I 76 -36.94 11.29 -17.31
CA ARG I 76 -35.52 11.09 -17.55
C ARG I 76 -35.15 11.32 -18.98
N ILE I 77 -35.85 10.71 -19.92
CA ILE I 77 -35.49 10.89 -21.29
C ILE I 77 -35.96 12.26 -21.75
N GLU I 78 -36.94 12.82 -21.05
CA GLU I 78 -37.38 14.18 -21.38
C GLU I 78 -36.22 15.14 -21.15
N ASN I 79 -35.59 14.96 -19.99
CA ASN I 79 -34.50 15.78 -19.52
C ASN I 79 -33.27 15.52 -20.37
N LEU I 80 -33.03 14.24 -20.68
CA LEU I 80 -31.92 13.87 -21.57
C LEU I 80 -32.09 14.59 -22.91
N ASN I 81 -33.30 14.55 -23.45
CA ASN I 81 -33.64 15.20 -24.70
C ASN I 81 -33.46 16.71 -24.62
N LYS I 82 -33.79 17.29 -23.48
CA LYS I 82 -33.64 18.71 -23.32
C LYS I 82 -32.15 19.07 -23.29
N GLN I 83 -31.36 18.28 -22.56
CA GLN I 83 -29.94 18.53 -22.39
C GLN I 83 -29.26 18.38 -23.74
N MET I 84 -29.77 17.45 -24.52
CA MET I 84 -29.21 17.21 -25.82
C MET I 84 -29.46 18.41 -26.68
N GLU I 85 -30.70 18.92 -26.66
CA GLU I 85 -31.03 20.07 -27.50
C GLU I 85 -30.30 21.34 -27.09
N ASP I 86 -30.32 21.64 -25.80
CA ASP I 86 -29.60 22.79 -25.30
C ASP I 86 -28.12 22.59 -25.56
N GLY I 87 -27.68 21.34 -25.47
CA GLY I 87 -26.29 21.00 -25.63
C GLY I 87 -25.79 21.46 -26.97
N PHE I 88 -26.53 21.08 -28.01
CA PHE I 88 -26.12 21.44 -29.37
C PHE I 88 -26.37 22.93 -29.64
N LEU I 89 -27.44 23.48 -29.05
CA LEU I 89 -27.73 24.89 -29.25
C LEU I 89 -26.60 25.72 -28.66
N ASP I 90 -26.06 25.31 -27.51
CA ASP I 90 -24.97 26.03 -26.89
C ASP I 90 -23.68 25.90 -27.67
N VAL I 91 -23.44 24.71 -28.24
CA VAL I 91 -22.24 24.48 -29.04
C VAL I 91 -22.25 25.36 -30.28
N TRP I 92 -23.36 25.34 -31.00
CA TRP I 92 -23.44 26.07 -32.25
C TRP I 92 -23.49 27.58 -32.04
N THR I 93 -23.96 28.01 -30.88
CA THR I 93 -23.97 29.43 -30.58
C THR I 93 -22.53 29.87 -30.32
N TYR I 94 -21.79 29.07 -29.57
CA TYR I 94 -20.38 29.30 -29.39
C TYR I 94 -19.69 29.33 -30.77
N ASN I 95 -19.94 28.34 -31.60
CA ASN I 95 -19.26 28.29 -32.88
C ASN I 95 -19.50 29.52 -33.77
N ALA I 96 -20.71 30.06 -33.74
CA ALA I 96 -21.07 31.20 -34.57
C ALA I 96 -20.46 32.47 -33.95
N GLU I 97 -20.62 32.63 -32.65
CA GLU I 97 -20.05 33.78 -31.97
C GLU I 97 -18.54 33.88 -32.09
N LEU I 98 -17.87 32.75 -31.96
CA LEU I 98 -16.42 32.70 -31.94
C LEU I 98 -15.86 32.90 -33.32
N LEU I 99 -16.53 32.30 -34.29
CA LEU I 99 -16.11 32.38 -35.66
C LEU I 99 -16.16 33.85 -36.09
N VAL I 100 -17.24 34.51 -35.71
CA VAL I 100 -17.40 35.92 -36.06
C VAL I 100 -16.35 36.76 -35.37
N LEU I 101 -16.14 36.54 -34.08
CA LEU I 101 -15.09 37.28 -33.35
C LEU I 101 -13.69 37.08 -33.98
N MET I 102 -13.35 35.83 -34.30
CA MET I 102 -12.03 35.51 -34.81
C MET I 102 -11.82 36.07 -36.20
N GLU I 103 -12.80 35.90 -37.07
CA GLU I 103 -12.64 36.38 -38.43
C GLU I 103 -12.77 37.91 -38.55
N ASN I 104 -13.44 38.52 -37.59
CA ASN I 104 -13.49 39.97 -37.53
C ASN I 104 -12.11 40.52 -37.30
N GLU I 105 -11.44 39.93 -36.31
CA GLU I 105 -10.10 40.35 -35.96
C GLU I 105 -9.17 40.15 -37.17
N ARG I 106 -9.32 39.02 -37.85
CA ARG I 106 -8.45 38.79 -38.99
C ARG I 106 -8.77 39.77 -40.13
N THR I 107 -10.04 40.14 -40.24
CA THR I 107 -10.47 41.04 -41.30
C THR I 107 -9.91 42.42 -41.13
N LEU I 108 -9.92 42.93 -39.90
CA LEU I 108 -9.36 44.24 -39.65
C LEU I 108 -7.85 44.23 -39.98
N ASP I 109 -7.15 43.17 -39.56
CA ASP I 109 -5.73 43.05 -39.83
C ASP I 109 -5.46 42.79 -41.33
N PHE I 110 -6.44 42.20 -42.02
CA PHE I 110 -6.35 41.96 -43.46
C PHE I 110 -6.33 43.27 -44.22
N HIS I 111 -7.19 44.19 -43.81
CA HIS I 111 -7.23 45.50 -44.42
C HIS I 111 -5.89 46.21 -44.12
N ASP I 112 -5.44 46.12 -42.87
CA ASP I 112 -4.20 46.73 -42.45
C ASP I 112 -3.09 46.22 -43.35
N SER I 113 -3.08 44.92 -43.61
CA SER I 113 -2.07 44.30 -44.45
C SER I 113 -2.16 44.73 -45.93
N ASN I 114 -3.36 44.97 -46.43
CA ASN I 114 -3.54 45.35 -47.83
C ASN I 114 -2.96 46.76 -48.00
N VAL I 115 -3.18 47.60 -46.98
CA VAL I 115 -2.70 48.96 -47.04
C VAL I 115 -1.18 48.98 -46.99
N LYS I 116 -0.61 48.30 -46.00
CA LYS I 116 0.83 48.24 -45.84
C LYS I 116 1.50 47.68 -47.11
N ASN I 117 0.84 46.76 -47.79
CA ASN I 117 1.35 46.21 -49.05
C ASN I 117 1.29 47.25 -50.18
N LEU I 118 0.24 48.08 -50.14
CA LEU I 118 0.05 49.08 -51.18
C LEU I 118 1.13 50.12 -51.05
N TYR I 119 1.38 50.53 -49.81
CA TYR I 119 2.43 51.49 -49.53
C TYR I 119 3.77 50.94 -49.99
N ASP I 120 4.02 49.66 -49.66
CA ASP I 120 5.28 49.04 -50.06
C ASP I 120 5.40 48.92 -51.58
N LYS I 121 4.26 48.76 -52.27
CA LYS I 121 4.22 48.61 -53.74
C LYS I 121 4.78 49.88 -54.42
N VAL I 122 4.39 51.03 -53.87
CA VAL I 122 4.83 52.32 -54.34
C VAL I 122 6.27 52.57 -53.94
N ARG I 123 6.55 52.34 -52.65
CA ARG I 123 7.89 52.53 -52.12
C ARG I 123 8.92 51.74 -52.92
N LEU I 124 8.62 50.49 -53.24
CA LEU I 124 9.62 49.65 -53.91
C LEU I 124 9.82 50.07 -55.35
N GLN I 125 8.86 50.82 -55.88
CA GLN I 125 9.00 51.36 -57.21
C GLN I 125 9.83 52.64 -57.16
N LEU I 126 9.51 53.53 -56.23
CA LEU I 126 10.13 54.85 -56.23
C LEU I 126 11.58 54.83 -55.79
N ARG I 127 11.91 54.00 -54.80
CA ARG I 127 13.29 53.90 -54.30
C ARG I 127 13.85 55.28 -53.96
N ASP I 128 15.04 55.58 -54.46
CA ASP I 128 15.65 56.88 -54.18
C ASP I 128 15.12 58.02 -55.05
N ASN I 129 14.20 57.71 -55.96
CA ASN I 129 13.56 58.75 -56.76
C ASN I 129 12.53 59.60 -55.99
N ALA I 130 12.31 59.25 -54.73
CA ALA I 130 11.40 59.98 -53.86
C ALA I 130 11.79 59.78 -52.40
N LYS I 131 11.27 60.66 -51.54
CA LYS I 131 11.62 60.70 -50.11
C LYS I 131 10.43 60.17 -49.28
N GLU I 132 10.70 59.25 -48.36
CA GLU I 132 9.63 58.76 -47.49
C GLU I 132 9.30 59.80 -46.41
N LEU I 133 8.15 60.47 -46.53
CA LEU I 133 7.79 61.45 -45.52
C LEU I 133 7.46 60.76 -44.21
N GLY I 134 7.03 59.51 -44.28
CA GLY I 134 6.80 58.73 -43.08
C GLY I 134 5.37 58.76 -42.56
N ASN I 135 4.46 59.18 -43.42
CA ASN I 135 3.06 59.31 -43.07
C ASN I 135 2.20 58.71 -44.18
N GLY I 136 2.82 57.90 -45.01
CA GLY I 136 2.10 57.28 -46.11
C GLY I 136 2.37 58.06 -47.39
N CYS I 137 3.10 59.18 -47.26
CA CYS I 137 3.40 60.02 -48.40
C CYS I 137 4.86 59.96 -48.83
N PHE I 138 5.05 60.01 -50.13
CA PHE I 138 6.38 60.04 -50.70
C PHE I 138 6.50 61.38 -51.41
N GLU I 139 7.52 62.16 -51.06
CA GLU I 139 7.83 63.42 -51.75
C GLU I 139 8.80 63.08 -52.85
N PHE I 140 8.44 63.42 -54.09
CA PHE I 140 9.24 63.10 -55.26
C PHE I 140 10.48 63.98 -55.39
N TYR I 141 11.56 63.38 -55.88
CA TYR I 141 12.78 64.13 -56.22
C TYR I 141 12.77 64.56 -57.69
N HIS I 142 11.63 64.47 -58.35
CA HIS I 142 11.53 64.89 -59.75
C HIS I 142 10.12 65.35 -60.08
N LYS I 143 9.88 65.63 -61.35
CA LYS I 143 8.57 66.13 -61.74
C LYS I 143 7.72 64.94 -62.06
N CYS I 144 6.57 64.88 -61.43
CA CYS I 144 5.68 63.77 -61.71
C CYS I 144 4.38 64.32 -62.21
N ASP I 145 4.20 64.32 -63.54
CA ASP I 145 2.93 64.78 -64.08
C ASP I 145 1.84 63.73 -63.85
N ASN I 146 0.63 64.07 -64.26
CA ASN I 146 -0.50 63.17 -64.13
C ASN I 146 -0.23 61.79 -64.73
N GLU I 147 0.47 61.73 -65.87
CA GLU I 147 0.74 60.43 -66.49
C GLU I 147 1.74 59.63 -65.68
N CYS I 148 2.67 60.34 -65.05
CA CYS I 148 3.67 59.75 -64.16
C CYS I 148 2.95 59.24 -62.89
N MET I 149 2.04 60.07 -62.37
CA MET I 149 1.23 59.65 -61.23
C MET I 149 0.49 58.35 -61.57
N GLU I 150 -0.05 58.29 -62.79
CA GLU I 150 -0.77 57.09 -63.21
C GLU I 150 0.15 55.88 -63.33
N SER I 151 1.43 56.08 -63.62
CA SER I 151 2.35 54.94 -63.74
C SER I 151 2.68 54.39 -62.36
N VAL I 152 2.68 55.27 -61.36
CA VAL I 152 2.99 54.78 -60.05
C VAL I 152 1.79 53.98 -59.61
N LYS I 153 0.60 54.50 -59.90
CA LYS I 153 -0.64 53.85 -59.46
C LYS I 153 -0.87 52.50 -60.16
N ASN I 154 -0.46 52.34 -61.42
CA ASN I 154 -0.67 51.03 -62.06
C ASN I 154 0.57 50.13 -62.18
N GLY I 155 1.60 50.44 -61.40
CA GLY I 155 2.79 49.61 -61.28
C GLY I 155 3.70 49.58 -62.52
N THR I 156 3.74 50.69 -63.26
CA THR I 156 4.55 50.79 -64.47
C THR I 156 5.54 51.97 -64.42
N TYR I 157 5.90 52.37 -63.20
CA TYR I 157 6.84 53.45 -62.99
C TYR I 157 8.15 53.10 -63.68
N ASP I 158 8.67 54.02 -64.49
CA ASP I 158 9.93 53.79 -65.16
C ASP I 158 11.01 54.44 -64.32
N TYR I 159 11.49 53.71 -63.31
CA TYR I 159 12.49 54.29 -62.41
C TYR I 159 13.68 54.96 -63.12
N PRO I 160 14.36 54.25 -64.05
CA PRO I 160 15.54 54.89 -64.63
C PRO I 160 15.27 56.16 -65.46
N GLN I 161 14.06 56.30 -66.00
CA GLN I 161 13.69 57.49 -66.78
C GLN I 161 13.81 58.78 -65.97
N TYR I 162 13.53 58.68 -64.68
CA TYR I 162 13.55 59.84 -63.81
C TYR I 162 14.77 59.77 -62.91
N SER I 163 15.53 58.68 -63.05
CA SER I 163 16.66 58.43 -62.16
C SER I 163 17.64 59.59 -62.13
N GLU I 164 18.00 60.10 -63.32
CA GLU I 164 19.00 61.15 -63.39
C GLU I 164 18.47 62.46 -62.81
N GLU I 165 17.28 62.88 -63.24
CA GLU I 165 16.80 64.15 -62.70
C GLU I 165 16.53 64.00 -61.21
N ALA I 166 16.27 62.78 -60.74
CA ALA I 166 16.07 62.61 -59.31
C ALA I 166 17.39 62.77 -58.60
N ARG I 167 18.39 62.03 -59.06
CA ARG I 167 19.72 62.04 -58.45
C ARG I 167 20.30 63.46 -58.37
N LEU I 168 20.14 64.22 -59.44
CA LEU I 168 20.64 65.58 -59.43
C LEU I 168 19.92 66.40 -58.33
N ASN I 169 18.60 66.23 -58.19
CA ASN I 169 17.84 66.99 -57.18
C ASN I 169 18.17 66.55 -55.79
N ARG I 170 18.62 65.32 -55.61
CA ARG I 170 18.98 64.85 -54.28
C ARG I 170 20.25 65.52 -53.85
N GLU I 171 21.19 65.62 -54.78
CA GLU I 171 22.53 66.08 -54.45
C GLU I 171 22.68 67.60 -54.24
N GLU I 172 21.78 68.46 -54.73
CA GLU I 172 21.92 69.90 -54.38
C GLU I 172 21.38 70.01 -52.94
N ILE I 173 20.64 68.98 -52.51
CA ILE I 173 20.19 68.84 -51.12
C ILE I 173 21.27 68.07 -50.32
N PRO J 3 31.06 55.60 -31.09
CA PRO J 3 31.43 56.99 -31.25
C PRO J 3 30.21 57.90 -31.18
N GLY J 4 29.04 57.38 -31.56
CA GLY J 4 27.86 58.23 -31.68
C GLY J 4 26.66 57.82 -30.79
N ASP J 5 25.80 58.79 -30.49
CA ASP J 5 24.61 58.54 -29.68
C ASP J 5 23.69 57.56 -30.39
N GLN J 6 23.12 56.66 -29.62
CA GLN J 6 22.22 55.69 -30.23
C GLN J 6 20.98 55.33 -29.41
N ILE J 7 19.93 54.91 -30.09
CA ILE J 7 18.75 54.43 -29.41
C ILE J 7 18.38 53.04 -29.90
N CYS J 8 17.97 52.18 -28.97
CA CYS J 8 17.68 50.78 -29.33
C CYS J 8 16.24 50.41 -28.99
N ILE J 9 15.63 49.63 -29.86
CA ILE J 9 14.30 49.08 -29.60
C ILE J 9 14.51 47.66 -29.16
N GLY J 10 13.83 47.27 -28.10
CA GLY J 10 13.97 45.91 -27.60
C GLY J 10 12.80 45.50 -26.74
N TYR J 11 12.87 44.28 -26.23
CA TYR J 11 11.72 43.73 -25.51
C TYR J 11 12.11 43.00 -24.22
N HIS J 12 11.13 42.83 -23.34
CA HIS J 12 11.36 42.27 -21.99
C HIS J 12 11.85 40.83 -21.97
N ALA J 13 12.61 40.53 -20.92
CA ALA J 13 13.05 39.17 -20.67
C ALA J 13 13.25 38.99 -19.18
N ASN J 14 13.08 37.75 -18.70
CA ASN J 14 13.26 37.46 -17.27
C ASN J 14 13.67 36.03 -17.00
N ASN J 15 13.70 35.67 -15.72
CA ASN J 15 14.17 34.37 -15.27
C ASN J 15 13.06 33.30 -15.23
N SER J 16 12.00 33.53 -15.98
CA SER J 16 10.87 32.61 -16.06
C SER J 16 11.17 31.29 -16.76
N THR J 17 10.55 30.23 -16.29
CA THR J 17 10.80 28.92 -16.85
C THR J 17 9.47 28.39 -17.36
N GLU J 18 8.42 29.16 -17.16
CA GLU J 18 7.09 28.81 -17.59
C GLU J 18 7.09 28.57 -19.09
N GLN J 19 6.53 27.43 -19.49
CA GLN J 19 6.44 27.00 -20.89
C GLN J 19 4.99 26.96 -21.35
N VAL J 20 4.78 27.02 -22.65
CA VAL J 20 3.46 27.17 -23.22
C VAL J 20 3.45 26.42 -24.55
N ASP J 21 2.29 25.96 -25.03
CA ASP J 21 2.27 25.23 -26.31
C ASP J 21 1.52 25.95 -27.43
N THR J 22 1.92 25.66 -28.67
CA THR J 22 1.25 26.22 -29.84
C THR J 22 1.12 25.19 -30.92
N ILE J 23 0.53 25.57 -32.04
CA ILE J 23 0.34 24.62 -33.14
C ILE J 23 1.66 24.16 -33.73
N MET J 24 2.57 25.11 -33.97
CA MET J 24 3.81 24.78 -34.63
C MET J 24 4.91 24.41 -33.63
N GLU J 25 4.78 24.82 -32.39
CA GLU J 25 5.88 24.58 -31.44
C GLU J 25 5.40 24.17 -30.03
N LYS J 26 6.14 23.26 -29.40
CA LYS J 26 5.82 22.83 -28.05
C LYS J 26 6.92 23.22 -27.05
N ASN J 27 6.52 23.40 -25.79
CA ASN J 27 7.44 23.80 -24.73
C ASN J 27 8.19 25.11 -25.06
N VAL J 28 7.42 26.17 -25.21
CA VAL J 28 7.97 27.48 -25.51
C VAL J 28 8.09 28.26 -24.22
N THR J 29 9.31 28.50 -23.79
CA THR J 29 9.52 29.26 -22.59
C THR J 29 9.11 30.69 -22.91
N VAL J 30 8.43 31.27 -21.95
CA VAL J 30 7.69 32.49 -22.18
C VAL J 30 7.89 33.34 -20.93
N THR J 31 7.69 34.65 -21.02
CA THR J 31 7.98 35.49 -19.85
C THR J 31 6.86 35.47 -18.82
N HIS J 32 5.62 35.33 -19.29
CA HIS J 32 4.47 35.34 -18.42
C HIS J 32 3.39 34.44 -18.96
N ALA J 33 2.82 33.58 -18.13
CA ALA J 33 1.75 32.71 -18.58
C ALA J 33 0.65 32.58 -17.53
N GLN J 34 -0.57 32.24 -17.95
CA GLN J 34 -1.65 32.03 -16.98
C GLN J 34 -2.21 30.61 -17.04
N ASP J 35 -2.13 29.90 -15.92
CA ASP J 35 -2.71 28.58 -15.84
C ASP J 35 -4.22 28.74 -15.69
N ILE J 36 -4.98 27.99 -16.49
CA ILE J 36 -6.44 28.13 -16.42
C ILE J 36 -7.16 26.81 -16.13
N LEU J 37 -6.40 25.84 -15.63
CA LEU J 37 -6.89 24.51 -15.30
C LEU J 37 -6.64 24.18 -13.85
N GLU J 38 -7.73 24.01 -13.11
CA GLU J 38 -7.66 23.62 -11.69
C GLU J 38 -7.51 22.13 -11.59
N LYS J 39 -6.55 21.68 -10.80
CA LYS J 39 -6.23 20.25 -10.69
C LYS J 39 -6.24 19.69 -9.25
N THR J 40 -6.76 20.43 -8.30
CA THR J 40 -6.73 19.96 -6.91
C THR J 40 -8.08 20.12 -6.23
N HIS J 41 -8.36 19.16 -5.35
CA HIS J 41 -9.56 19.14 -4.56
C HIS J 41 -9.19 18.68 -3.16
N ASN J 42 -10.06 18.91 -2.19
CA ASN J 42 -9.77 18.56 -0.80
C ASN J 42 -10.05 17.10 -0.37
N GLY J 43 -10.45 16.25 -1.33
CA GLY J 43 -10.63 14.82 -1.10
C GLY J 43 -11.72 14.48 -0.10
N LYS J 44 -12.63 15.43 0.07
CA LYS J 44 -13.68 15.33 1.07
C LYS J 44 -15.06 15.73 0.53
N LEU J 45 -16.10 15.17 1.13
CA LEU J 45 -17.46 15.57 0.81
C LEU J 45 -17.82 16.69 1.75
N CYS J 46 -18.35 17.79 1.22
CA CYS J 46 -18.56 18.93 2.09
C CYS J 46 -19.93 19.53 1.95
N ASP J 47 -20.22 20.38 2.92
CA ASP J 47 -21.45 21.15 2.97
C ASP J 47 -21.42 22.12 1.77
N LEU J 48 -22.59 22.43 1.20
CA LEU J 48 -22.67 23.34 0.05
C LEU J 48 -23.38 24.63 0.37
N ASN J 49 -22.60 25.70 0.55
CA ASN J 49 -23.14 27.02 0.90
C ASN J 49 -24.01 26.98 2.14
N GLY J 50 -23.47 26.39 3.21
CA GLY J 50 -24.17 26.37 4.49
C GLY J 50 -25.36 25.42 4.54
N VAL J 51 -25.50 24.55 3.53
CA VAL J 51 -26.57 23.54 3.53
C VAL J 51 -25.98 22.14 3.44
N PRO J 53 -25.13 18.20 3.09
CA PRO J 53 -25.70 17.15 2.25
C PRO J 53 -26.31 16.02 3.08
N LEU J 54 -27.19 15.23 2.47
CA LEU J 54 -27.75 14.04 3.12
C LEU J 54 -26.85 12.88 2.79
N ILE J 55 -26.06 12.42 3.76
CA ILE J 55 -25.17 11.28 3.51
C ILE J 55 -25.81 9.97 3.95
N LEU J 56 -26.07 9.08 2.99
CA LEU J 56 -26.82 7.87 3.28
C LEU J 56 -26.00 6.77 3.97
N ARG J 57 -24.70 7.00 4.15
CA ARG J 57 -23.78 5.98 4.63
C ARG J 57 -24.00 4.65 3.92
N ASP J 58 -24.41 3.65 4.68
CA ASP J 58 -24.56 2.33 4.14
C ASP J 58 -26.00 2.06 3.71
N CYS J 59 -26.83 3.10 3.73
CA CYS J 59 -28.20 2.99 3.25
C CYS J 59 -28.40 3.41 1.80
N SER J 60 -29.37 2.79 1.15
CA SER J 60 -29.77 3.15 -0.19
C SER J 60 -31.00 4.07 -0.10
N VAL J 61 -31.34 4.72 -1.19
CA VAL J 61 -32.52 5.58 -1.22
C VAL J 61 -33.79 4.79 -0.90
N ALA J 62 -33.91 3.59 -1.45
CA ALA J 62 -35.04 2.71 -1.15
C ALA J 62 -35.11 2.46 0.35
N GLY J 63 -33.97 2.03 0.92
CA GLY J 63 -33.85 1.71 2.32
C GLY J 63 -34.25 2.87 3.19
N TRP J 64 -33.84 4.05 2.76
CA TRP J 64 -34.18 5.26 3.46
C TRP J 64 -35.68 5.51 3.38
N LEU J 65 -36.22 5.58 2.17
CA LEU J 65 -37.61 5.99 2.01
C LEU J 65 -38.60 4.95 2.56
N LEU J 66 -38.33 3.66 2.31
CA LEU J 66 -39.23 2.60 2.82
C LEU J 66 -39.05 2.46 4.35
N GLY J 67 -37.86 2.83 4.84
CA GLY J 67 -37.60 2.78 6.26
C GLY J 67 -36.99 1.47 6.77
N ASN J 68 -35.96 1.01 6.09
CA ASN J 68 -35.20 -0.12 6.57
C ASN J 68 -34.78 0.12 8.01
N PRO J 69 -35.10 -0.83 8.90
CA PRO J 69 -34.78 -0.68 10.32
C PRO J 69 -33.30 -0.38 10.56
N MET J 70 -32.41 -0.85 9.68
CA MET J 70 -30.99 -0.53 9.82
C MET J 70 -30.66 0.90 9.37
N CYS J 71 -31.69 1.65 8.98
CA CYS J 71 -31.53 3.01 8.51
C CYS J 71 -32.20 4.05 9.43
N ASP J 72 -32.13 3.83 10.73
CA ASP J 72 -32.85 4.70 11.65
C ASP J 72 -32.30 6.11 11.72
N GLU J 73 -31.07 6.29 11.27
CA GLU J 73 -30.43 7.60 11.31
C GLU J 73 -31.27 8.65 10.56
N PHE J 74 -32.03 8.17 9.57
CA PHE J 74 -32.72 9.04 8.64
C PHE J 74 -34.23 9.08 8.85
N ILE J 75 -34.67 8.82 10.09
CA ILE J 75 -36.11 8.83 10.36
C ILE J 75 -36.71 10.22 10.12
N ASN J 76 -35.95 11.26 10.45
CA ASN J 76 -36.39 12.62 10.19
C ASN J 76 -35.22 13.54 9.84
N VAL J 77 -34.86 13.51 8.55
CA VAL J 77 -33.70 14.22 8.04
C VAL J 77 -34.02 15.66 7.68
N PRO J 78 -33.05 16.55 7.95
CA PRO J 78 -33.30 17.97 7.61
C PRO J 78 -33.08 18.24 6.15
N GLU J 79 -33.35 19.49 5.76
CA GLU J 79 -33.17 19.91 4.38
C GLU J 79 -31.75 19.57 3.92
N TRP J 80 -31.60 19.18 2.66
CA TRP J 80 -30.28 18.87 2.16
C TRP J 80 -29.92 19.71 0.93
N SER J 81 -28.63 19.79 0.65
CA SER J 81 -28.16 20.46 -0.53
C SER J 81 -28.11 19.46 -1.66
N TYR J 82 -27.29 18.43 -1.48
CA TYR J 82 -27.23 17.32 -2.43
C TYR J 82 -27.32 16.01 -1.65
N ILE J 83 -27.42 14.89 -2.35
CA ILE J 83 -27.52 13.60 -1.67
C ILE J 83 -26.32 12.72 -2.04
N VAL J 84 -25.76 12.05 -1.06
CA VAL J 84 -24.65 11.15 -1.30
C VAL J 84 -25.06 9.69 -1.04
N GLU J 85 -24.86 8.82 -2.03
CA GLU J 85 -25.18 7.40 -1.91
C GLU J 85 -23.98 6.59 -2.40
N LYS J 86 -23.65 5.53 -1.68
CA LYS J 86 -22.55 4.66 -2.08
C LYS J 86 -22.91 3.87 -3.34
N ALA J 87 -21.93 3.23 -3.95
CA ALA J 87 -22.18 2.51 -5.20
C ALA J 87 -23.10 1.37 -4.94
N SER J 88 -22.74 0.52 -3.99
CA SER J 88 -23.51 -0.68 -3.71
C SER J 88 -23.79 -0.77 -2.21
N PRO J 89 -24.74 0.05 -1.72
CA PRO J 89 -25.06 0.13 -0.29
C PRO J 89 -25.54 -1.21 0.25
N ALA J 90 -25.19 -1.55 1.48
CA ALA J 90 -25.58 -2.85 2.05
C ALA J 90 -27.06 -2.89 2.43
N ASN J 91 -27.51 -1.80 3.03
CA ASN J 91 -28.87 -1.70 3.52
C ASN J 91 -29.80 -1.18 2.44
N ASP J 92 -30.29 -2.08 1.61
CA ASP J 92 -31.27 -1.72 0.59
C ASP J 92 -32.65 -2.25 1.00
N LEU J 93 -33.21 -3.18 0.22
CA LEU J 93 -34.47 -3.83 0.57
C LEU J 93 -34.14 -5.03 1.46
N CYS J 94 -34.29 -4.89 2.78
CA CYS J 94 -33.94 -5.96 3.74
C CYS J 94 -34.73 -7.26 3.43
N TYR J 95 -36.03 -7.13 3.18
CA TYR J 95 -36.84 -8.20 2.60
C TYR J 95 -36.74 -8.06 1.09
N PRO J 96 -36.32 -9.14 0.39
CA PRO J 96 -36.06 -9.05 -1.04
C PRO J 96 -37.30 -8.77 -1.91
N GLY J 97 -37.05 -8.05 -2.99
CA GLY J 97 -38.08 -7.67 -3.95
C GLY J 97 -37.64 -6.53 -4.86
N ASP J 98 -38.61 -5.77 -5.37
CA ASP J 98 -38.33 -4.75 -6.37
C ASP J 98 -38.96 -3.43 -6.01
N PHE J 99 -38.39 -2.37 -6.54
CA PHE J 99 -38.95 -1.04 -6.36
C PHE J 99 -39.24 -0.52 -7.74
N ASN J 100 -40.52 -0.51 -8.14
CA ASN J 100 -40.88 -0.13 -9.51
C ASN J 100 -40.55 1.30 -9.84
N ASP J 101 -40.05 1.52 -11.06
CA ASP J 101 -39.71 2.86 -11.50
C ASP J 101 -38.82 3.54 -10.47
N TYR J 102 -37.89 2.77 -9.92
CA TYR J 102 -37.00 3.25 -8.89
C TYR J 102 -36.14 4.39 -9.43
N GLU J 103 -35.60 4.20 -10.62
CA GLU J 103 -34.72 5.19 -11.19
C GLU J 103 -35.47 6.48 -11.38
N GLU J 104 -36.71 6.40 -11.85
CA GLU J 104 -37.53 7.58 -12.02
C GLU J 104 -37.78 8.24 -10.65
N LEU J 105 -37.76 7.46 -9.57
CA LEU J 105 -37.95 8.01 -8.24
C LEU J 105 -36.68 8.69 -7.75
N LYS J 106 -35.52 8.10 -8.02
CA LYS J 106 -34.27 8.77 -7.69
C LYS J 106 -34.18 10.12 -8.45
N HIS J 107 -34.66 10.12 -9.67
CA HIS J 107 -34.62 11.35 -10.46
C HIS J 107 -35.45 12.43 -9.79
N LEU J 108 -36.63 12.06 -9.32
CA LEU J 108 -37.51 13.00 -8.65
C LEU J 108 -36.84 13.58 -7.42
N LEU J 109 -36.07 12.73 -6.74
CA LEU J 109 -35.36 13.11 -5.54
C LEU J 109 -34.35 14.17 -5.86
N SER J 110 -33.61 13.94 -6.93
CA SER J 110 -32.54 14.83 -7.35
C SER J 110 -33.08 16.19 -7.72
N ARG J 111 -34.40 16.32 -7.87
CA ARG J 111 -35.00 17.62 -8.11
C ARG J 111 -35.65 18.13 -6.83
N THR J 112 -35.18 17.60 -5.70
CA THR J 112 -35.79 17.87 -4.39
C THR J 112 -34.79 18.09 -3.24
N ASN J 113 -35.10 19.01 -2.33
CA ASN J 113 -34.23 19.35 -1.20
C ASN J 113 -34.75 19.01 0.17
N HIS J 114 -36.07 18.92 0.30
CA HIS J 114 -36.68 18.71 1.61
C HIS J 114 -37.94 17.85 1.64
N PHE J 115 -37.83 16.76 2.37
CA PHE J 115 -38.94 15.86 2.69
C PHE J 115 -39.32 16.04 4.13
N GLU J 116 -40.60 16.24 4.36
CA GLU J 116 -41.14 16.22 5.72
C GLU J 116 -42.01 14.97 5.84
N LYS J 117 -41.59 14.02 6.68
CA LYS J 117 -42.34 12.77 6.81
C LYS J 117 -43.65 13.00 7.57
N ILE J 118 -44.76 12.44 7.06
CA ILE J 118 -46.03 12.55 7.78
C ILE J 118 -46.83 11.23 7.84
N GLN J 119 -47.46 10.99 8.98
CA GLN J 119 -48.24 9.77 9.15
C GLN J 119 -49.54 9.93 8.39
N ILE J 120 -49.76 9.06 7.42
CA ILE J 120 -50.87 9.19 6.49
C ILE J 120 -51.96 8.19 6.84
N ILE J 121 -51.51 7.02 7.31
CA ILE J 121 -52.38 6.01 7.88
C ILE J 121 -51.74 5.43 9.13
N PRO J 122 -52.28 5.79 10.30
CA PRO J 122 -51.79 5.36 11.61
C PRO J 122 -51.76 3.83 11.75
N LYS J 123 -50.68 3.27 12.27
CA LYS J 123 -50.60 1.81 12.43
C LYS J 123 -51.71 1.36 13.41
N SER J 124 -52.07 2.24 14.33
CA SER J 124 -53.07 1.97 15.35
C SER J 124 -54.47 1.73 14.77
N SER J 125 -54.73 2.24 13.58
CA SER J 125 -56.07 2.18 13.01
C SER J 125 -56.38 0.83 12.39
N TRP J 126 -55.44 -0.12 12.48
CA TRP J 126 -55.70 -1.45 11.91
C TRP J 126 -56.31 -2.35 12.99
N SER J 127 -57.60 -2.15 13.23
CA SER J 127 -58.32 -2.86 14.28
C SER J 127 -58.61 -4.32 13.93
N ASN J 128 -58.96 -4.58 12.68
CA ASN J 128 -59.35 -5.95 12.28
C ASN J 128 -58.32 -6.70 11.46
N HIS J 129 -57.08 -6.22 11.49
CA HIS J 129 -55.97 -6.95 10.88
C HIS J 129 -54.82 -6.87 11.87
N ASP J 130 -53.83 -7.74 11.69
CA ASP J 130 -52.64 -7.75 12.55
C ASP J 130 -51.51 -6.89 11.95
N ALA J 131 -51.21 -5.76 12.60
CA ALA J 131 -50.17 -4.86 12.12
C ALA J 131 -48.92 -5.02 12.96
N SER J 132 -48.81 -6.16 13.63
CA SER J 132 -47.75 -6.38 14.60
C SER J 132 -46.92 -7.59 14.26
N SER J 133 -47.53 -8.53 13.55
CA SER J 133 -46.84 -9.74 13.13
C SER J 133 -46.21 -9.62 11.76
N GLY J 134 -46.48 -8.50 11.08
CA GLY J 134 -45.86 -8.23 9.79
C GLY J 134 -44.39 -7.93 9.99
N VAL J 135 -43.60 -8.96 10.21
CA VAL J 135 -42.24 -8.80 10.70
C VAL J 135 -41.43 -10.00 10.21
N SER J 136 -40.14 -9.79 9.95
CA SER J 136 -39.31 -10.84 9.38
C SER J 136 -37.90 -10.79 9.92
N SER J 137 -37.20 -11.92 9.90
CA SER J 137 -35.81 -11.95 10.38
C SER J 137 -34.91 -11.42 9.31
N ALA J 138 -35.46 -11.22 8.12
CA ALA J 138 -34.69 -10.63 7.02
C ALA J 138 -34.54 -9.16 7.28
N CYS J 139 -35.46 -8.61 8.09
CA CYS J 139 -35.42 -7.19 8.41
C CYS J 139 -35.19 -6.96 9.88
N PRO J 140 -33.99 -7.32 10.36
CA PRO J 140 -33.71 -7.22 11.81
C PRO J 140 -33.53 -5.78 12.25
N TYR J 141 -34.10 -5.49 13.41
CA TYR J 141 -33.92 -4.22 14.07
C TYR J 141 -32.73 -4.37 15.01
N HIS J 142 -32.99 -4.34 16.32
CA HIS J 142 -31.92 -4.56 17.29
C HIS J 142 -31.85 -6.05 17.58
N GLY J 143 -31.44 -6.81 16.57
CA GLY J 143 -31.34 -8.25 16.68
C GLY J 143 -32.67 -8.98 16.61
N ARG J 144 -33.76 -8.24 16.78
CA ARG J 144 -35.11 -8.82 16.80
C ARG J 144 -35.74 -8.65 15.42
N SER J 145 -36.54 -9.61 14.99
CA SER J 145 -37.19 -9.52 13.68
C SER J 145 -38.09 -8.29 13.61
N SER J 146 -38.01 -7.58 12.50
CA SER J 146 -38.75 -6.34 12.35
C SER J 146 -39.16 -6.17 10.90
N PHE J 147 -39.32 -4.93 10.45
CA PHE J 147 -39.80 -4.63 9.10
C PHE J 147 -39.60 -3.17 8.76
N PHE J 148 -39.78 -2.82 7.49
CA PHE J 148 -39.72 -1.42 7.04
C PHE J 148 -40.62 -0.58 7.91
N ARG J 149 -40.15 0.60 8.28
CA ARG J 149 -40.84 1.41 9.26
C ARG J 149 -41.96 2.32 8.78
N ASN J 150 -42.00 2.63 7.49
CA ASN J 150 -42.94 3.63 7.00
C ASN J 150 -44.08 2.98 6.31
N VAL J 151 -44.04 1.67 6.33
CA VAL J 151 -44.94 0.89 5.55
C VAL J 151 -45.33 -0.34 6.40
N VAL J 152 -46.58 -0.78 6.31
CA VAL J 152 -47.08 -1.79 7.25
C VAL J 152 -47.46 -3.12 6.61
N TRP J 153 -46.84 -4.20 7.07
CA TRP J 153 -47.15 -5.53 6.54
C TRP J 153 -48.37 -6.10 7.26
N LEU J 154 -49.56 -5.78 6.77
CA LEU J 154 -50.80 -6.26 7.37
C LEU J 154 -50.97 -7.75 7.22
N ILE J 155 -51.29 -8.42 8.33
CA ILE J 155 -51.51 -9.87 8.35
C ILE J 155 -52.87 -10.22 8.93
N LYS J 156 -53.43 -11.37 8.52
CA LYS J 156 -54.77 -11.79 8.96
C LYS J 156 -54.88 -11.82 10.49
N LYS J 157 -56.09 -11.60 10.97
CA LYS J 157 -56.36 -11.58 12.41
C LYS J 157 -57.56 -12.50 12.65
N ASN J 158 -57.46 -13.40 13.63
CA ASN J 158 -58.54 -14.36 13.90
C ASN J 158 -58.89 -15.14 12.65
N SER J 159 -57.86 -15.57 11.93
CA SER J 159 -58.02 -16.35 10.71
C SER J 159 -58.94 -15.65 9.70
N ALA J 160 -58.91 -14.32 9.71
CA ALA J 160 -59.73 -13.54 8.80
C ALA J 160 -58.95 -12.33 8.33
N TYR J 161 -59.06 -12.04 7.03
CA TYR J 161 -58.50 -10.84 6.44
C TYR J 161 -59.62 -10.12 5.72
N PRO J 162 -60.38 -9.29 6.46
CA PRO J 162 -61.49 -8.52 5.90
C PRO J 162 -60.97 -7.59 4.82
N THR J 163 -61.83 -7.26 3.85
CA THR J 163 -61.46 -6.32 2.81
C THR J 163 -61.16 -4.93 3.39
N ILE J 164 -60.00 -4.40 3.01
CA ILE J 164 -59.54 -3.08 3.41
C ILE J 164 -59.96 -2.02 2.42
N LYS J 165 -60.51 -0.93 2.94
CA LYS J 165 -60.82 0.23 2.12
C LYS J 165 -60.39 1.46 2.88
N ARG J 166 -59.16 1.91 2.64
CA ARG J 166 -58.67 3.13 3.26
C ARG J 166 -58.48 4.12 2.13
N SER J 167 -58.64 5.39 2.47
CA SER J 167 -58.61 6.47 1.52
C SER J 167 -57.90 7.62 2.20
N TYR J 168 -57.04 8.32 1.47
CA TYR J 168 -56.40 9.49 2.03
C TYR J 168 -56.43 10.69 1.07
N ASN J 169 -56.95 11.81 1.57
CA ASN J 169 -57.05 13.05 0.81
C ASN J 169 -55.92 13.98 1.22
N ASN J 170 -55.03 14.27 0.27
CA ASN J 170 -53.95 15.20 0.54
C ASN J 170 -54.49 16.61 0.75
N THR J 171 -54.43 17.08 1.99
CA THR J 171 -54.95 18.38 2.32
C THR J 171 -53.81 19.39 2.40
N ASN J 172 -52.59 18.92 2.19
CA ASN J 172 -51.47 19.83 2.25
C ASN J 172 -51.39 20.71 1.01
N GLN J 173 -50.42 21.60 0.97
CA GLN J 173 -50.29 22.49 -0.16
C GLN J 173 -49.23 21.97 -1.09
N GLU J 174 -48.57 20.89 -0.68
CA GLU J 174 -47.46 20.29 -1.42
C GLU J 174 -47.85 18.99 -2.11
N ASP J 175 -47.04 18.58 -3.09
CA ASP J 175 -47.16 17.27 -3.68
C ASP J 175 -46.82 16.34 -2.53
N LEU J 176 -47.38 15.14 -2.51
CA LEU J 176 -47.00 14.20 -1.47
C LEU J 176 -46.58 12.86 -2.04
N LEU J 177 -45.42 12.35 -1.61
CA LEU J 177 -44.91 11.07 -2.11
C LEU J 177 -45.43 9.90 -1.27
N VAL J 178 -46.28 9.06 -1.86
CA VAL J 178 -46.82 7.91 -1.14
C VAL J 178 -46.28 6.57 -1.66
N LEU J 179 -45.80 5.75 -0.73
CA LEU J 179 -45.24 4.43 -1.02
C LEU J 179 -46.11 3.30 -0.48
N TRP J 180 -46.24 2.24 -1.26
CA TRP J 180 -46.93 1.06 -0.80
C TRP J 180 -46.37 -0.20 -1.44
N GLY J 181 -46.92 -1.35 -1.08
CA GLY J 181 -46.37 -2.59 -1.59
C GLY J 181 -47.31 -3.77 -1.64
N ILE J 182 -46.83 -4.79 -2.33
CA ILE J 182 -47.54 -6.03 -2.47
C ILE J 182 -46.61 -7.17 -2.09
N HIS J 183 -47.16 -8.20 -1.47
CA HIS J 183 -46.34 -9.35 -1.10
C HIS J 183 -46.61 -10.50 -2.05
N HIS J 184 -45.52 -11.07 -2.56
CA HIS J 184 -45.58 -12.23 -3.44
C HIS J 184 -45.06 -13.47 -2.68
N PRO J 185 -45.97 -14.32 -2.19
CA PRO J 185 -45.62 -15.51 -1.38
C PRO J 185 -45.00 -16.66 -2.17
N ASN J 186 -44.58 -17.70 -1.46
CA ASN J 186 -43.93 -18.86 -2.06
C ASN J 186 -44.88 -19.89 -2.62
N ASP J 187 -46.00 -20.07 -1.93
CA ASP J 187 -46.97 -21.09 -2.27
C ASP J 187 -48.35 -20.73 -1.76
N ALA J 188 -49.34 -21.51 -2.20
CA ALA J 188 -50.71 -21.23 -1.82
C ALA J 188 -50.87 -21.37 -0.31
N ALA J 189 -50.01 -22.21 0.28
CA ALA J 189 -50.03 -22.42 1.73
C ALA J 189 -49.68 -21.12 2.46
N GLU J 190 -48.50 -20.55 2.15
CA GLU J 190 -48.04 -19.32 2.78
C GLU J 190 -49.08 -18.26 2.60
N GLN J 191 -49.67 -18.24 1.40
CA GLN J 191 -50.74 -17.31 1.09
C GLN J 191 -51.80 -17.43 2.18
N THR J 192 -52.27 -18.65 2.41
CA THR J 192 -53.33 -18.90 3.38
C THR J 192 -52.95 -18.56 4.82
N LYS J 193 -51.71 -18.88 5.18
CA LYS J 193 -51.22 -18.67 6.54
C LYS J 193 -51.23 -17.18 6.91
N LEU J 194 -50.88 -16.32 5.95
CA LEU J 194 -50.74 -14.88 6.22
C LEU J 194 -52.01 -14.07 6.03
N TYR J 195 -52.67 -14.28 4.90
CA TYR J 195 -53.92 -13.61 4.59
C TYR J 195 -54.85 -14.76 4.32
N GLN J 196 -56.03 -14.80 4.94
CA GLN J 196 -56.80 -16.03 4.92
C GLN J 196 -57.19 -16.36 3.46
N ASN J 197 -57.62 -15.33 2.77
CA ASN J 197 -58.20 -15.45 1.44
C ASN J 197 -57.20 -15.89 0.38
N PRO J 198 -57.61 -16.84 -0.48
CA PRO J 198 -56.72 -17.51 -1.44
C PRO J 198 -56.39 -16.70 -2.68
N THR J 199 -57.33 -15.90 -3.18
CA THR J 199 -57.07 -15.06 -4.35
C THR J 199 -57.30 -13.61 -3.97
N THR J 200 -56.28 -12.80 -4.16
CA THR J 200 -56.30 -11.44 -3.65
C THR J 200 -55.90 -10.43 -4.69
N TYR J 201 -56.11 -9.17 -4.33
CA TYR J 201 -55.85 -8.06 -5.19
C TYR J 201 -55.52 -6.85 -4.34
N ILE J 202 -54.90 -5.85 -4.96
CA ILE J 202 -54.71 -4.54 -4.35
C ILE J 202 -55.01 -3.51 -5.42
N SER J 203 -56.00 -2.66 -5.20
CA SER J 203 -56.33 -1.67 -6.18
C SER J 203 -56.06 -0.31 -5.56
N VAL J 204 -55.40 0.55 -6.33
CA VAL J 204 -55.06 1.90 -5.91
C VAL J 204 -55.66 2.85 -6.94
N GLY J 205 -56.28 3.92 -6.45
CA GLY J 205 -56.98 4.87 -7.29
C GLY J 205 -56.59 6.32 -6.96
N THR J 206 -56.44 7.12 -8.02
CA THR J 206 -56.03 8.50 -7.92
C THR J 206 -56.67 9.20 -9.11
N SER J 207 -56.66 10.53 -9.16
CA SER J 207 -57.10 11.26 -10.35
C SER J 207 -56.42 10.75 -11.58
N THR J 208 -55.16 10.39 -11.42
CA THR J 208 -54.36 9.98 -12.55
C THR J 208 -53.98 8.51 -12.46
N LEU J 209 -53.88 7.99 -11.24
CA LEU J 209 -53.41 6.62 -11.09
C LEU J 209 -54.57 5.64 -11.06
N ASN J 210 -54.39 4.51 -11.73
CA ASN J 210 -55.33 3.40 -11.66
C ASN J 210 -54.59 2.12 -11.86
N GLN J 211 -54.49 1.33 -10.78
CA GLN J 211 -53.89 0.01 -10.87
C GLN J 211 -54.55 -1.03 -10.00
N ARG J 212 -54.46 -2.27 -10.44
CA ARG J 212 -54.93 -3.40 -9.67
C ARG J 212 -53.87 -4.49 -9.76
N LEU J 213 -53.20 -4.72 -8.65
CA LEU J 213 -52.12 -5.68 -8.59
C LEU J 213 -52.62 -7.00 -8.04
N VAL J 214 -52.17 -8.08 -8.65
CA VAL J 214 -52.47 -9.41 -8.15
C VAL J 214 -51.16 -10.09 -7.85
N PRO J 215 -51.04 -10.63 -6.63
CA PRO J 215 -49.81 -11.27 -6.23
C PRO J 215 -49.49 -12.49 -7.11
N GLU J 216 -48.23 -12.57 -7.51
CA GLU J 216 -47.76 -13.63 -8.36
C GLU J 216 -46.98 -14.65 -7.55
N ILE J 217 -47.68 -15.69 -7.12
CA ILE J 217 -47.08 -16.77 -6.33
C ILE J 217 -46.13 -17.64 -7.17
N ALA J 218 -44.93 -17.86 -6.65
CA ALA J 218 -43.93 -18.69 -7.31
C ALA J 218 -42.91 -19.09 -6.27
N THR J 219 -42.10 -20.09 -6.58
CA THR J 219 -41.03 -20.46 -5.68
C THR J 219 -39.73 -19.87 -6.23
N ARG J 220 -39.11 -19.04 -5.42
CA ARG J 220 -37.90 -18.33 -5.85
C ARG J 220 -36.77 -18.67 -4.90
N PRO J 221 -35.54 -18.49 -5.37
CA PRO J 221 -34.41 -18.73 -4.47
C PRO J 221 -34.49 -17.85 -3.22
N LYS J 222 -33.84 -18.32 -2.15
CA LYS J 222 -33.83 -17.60 -0.91
C LYS J 222 -32.82 -16.48 -1.05
N VAL J 223 -33.25 -15.28 -0.68
CA VAL J 223 -32.40 -14.11 -0.63
C VAL J 223 -32.60 -13.55 0.78
N ASN J 224 -31.52 -13.45 1.57
CA ASN J 224 -31.66 -13.13 2.99
C ASN J 224 -32.63 -14.07 3.69
N GLY J 225 -32.59 -15.34 3.33
CA GLY J 225 -33.43 -16.34 3.97
C GLY J 225 -34.84 -16.42 3.39
N GLN J 226 -35.31 -15.32 2.81
CA GLN J 226 -36.67 -15.25 2.31
C GLN J 226 -36.72 -15.66 0.85
N SER J 227 -37.79 -16.38 0.50
CA SER J 227 -38.02 -16.87 -0.85
C SER J 227 -39.28 -16.25 -1.47
N GLY J 228 -39.97 -15.45 -0.66
CA GLY J 228 -41.08 -14.65 -1.15
C GLY J 228 -40.46 -13.36 -1.65
N ARG J 229 -41.27 -12.47 -2.20
CA ARG J 229 -40.77 -11.19 -2.71
C ARG J 229 -41.74 -10.09 -2.38
N MET J 230 -41.24 -8.88 -2.20
CA MET J 230 -42.12 -7.74 -2.00
C MET J 230 -41.86 -6.73 -3.11
N GLU J 231 -42.94 -6.21 -3.70
CA GLU J 231 -42.82 -5.28 -4.82
C GLU J 231 -43.40 -3.96 -4.38
N PHE J 232 -42.61 -2.90 -4.46
CA PHE J 232 -43.04 -1.59 -3.97
C PHE J 232 -43.36 -0.61 -5.08
N PHE J 233 -44.32 0.27 -4.80
CA PHE J 233 -44.82 1.22 -5.78
C PHE J 233 -44.89 2.60 -5.16
N TRP J 234 -44.95 3.62 -6.01
CA TRP J 234 -45.04 4.98 -5.50
C TRP J 234 -45.84 5.81 -6.44
N THR J 235 -46.33 6.94 -5.97
CA THR J 235 -47.05 7.84 -6.82
C THR J 235 -46.95 9.20 -6.14
N ILE J 236 -47.26 10.24 -6.90
CA ILE J 236 -47.28 11.54 -6.27
C ILE J 236 -48.70 11.96 -6.15
N LEU J 237 -49.10 12.32 -4.95
CA LEU J 237 -50.47 12.70 -4.75
C LEU J 237 -50.50 14.23 -4.75
N LYS J 238 -51.14 14.78 -5.76
CA LYS J 238 -51.32 16.24 -5.91
C LYS J 238 -52.20 16.81 -4.77
N PRO J 239 -51.99 18.09 -4.41
CA PRO J 239 -52.58 18.82 -3.29
C PRO J 239 -54.07 18.75 -2.97
N ASN J 240 -54.98 18.47 -3.89
CA ASN J 240 -56.37 18.29 -3.44
C ASN J 240 -56.92 16.99 -3.91
N ASP J 241 -56.01 16.09 -4.26
CA ASP J 241 -56.36 14.80 -4.81
C ASP J 241 -56.38 13.81 -3.65
N ALA J 242 -56.90 12.62 -3.90
CA ALA J 242 -56.96 11.60 -2.86
C ALA J 242 -56.53 10.24 -3.42
N ILE J 243 -55.96 9.41 -2.56
CA ILE J 243 -55.54 8.09 -2.99
C ILE J 243 -56.45 7.05 -2.30
N ASN J 244 -56.93 6.08 -3.09
CA ASN J 244 -57.85 5.07 -2.60
C ASN J 244 -57.27 3.68 -2.66
N PHE J 245 -57.06 3.05 -1.51
CA PHE J 245 -56.60 1.68 -1.48
C PHE J 245 -57.77 0.75 -1.21
N GLU J 246 -57.84 -0.34 -1.95
CA GLU J 246 -58.78 -1.40 -1.59
C GLU J 246 -58.07 -2.71 -1.76
N SER J 247 -58.04 -3.50 -0.70
CA SER J 247 -57.34 -4.78 -0.72
C SER J 247 -57.93 -5.82 0.20
N ASN J 248 -57.81 -7.08 -0.20
CA ASN J 248 -58.27 -8.18 0.63
C ASN J 248 -57.09 -9.13 0.96
N GLY J 249 -55.86 -8.64 0.76
CA GLY J 249 -54.67 -9.41 1.13
C GLY J 249 -53.37 -9.05 0.43
N ASN J 250 -52.26 -9.52 1.01
CA ASN J 250 -50.92 -9.28 0.47
C ASN J 250 -50.53 -7.80 0.39
N PHE J 251 -51.28 -6.95 1.11
CA PHE J 251 -51.12 -5.51 1.03
C PHE J 251 -50.03 -5.01 1.94
N ILE J 252 -49.05 -4.27 1.42
CA ILE J 252 -48.08 -3.66 2.34
C ILE J 252 -48.40 -2.17 2.40
N ALA J 253 -49.02 -1.77 3.50
CA ALA J 253 -49.71 -0.50 3.57
C ALA J 253 -48.85 0.69 3.91
N PRO J 254 -49.19 1.83 3.33
CA PRO J 254 -48.43 2.98 3.78
C PRO J 254 -48.86 3.35 5.20
N GLU J 255 -47.90 3.74 6.04
CA GLU J 255 -48.17 4.42 7.31
C GLU J 255 -47.68 5.87 7.15
N TYR J 256 -46.41 6.04 6.77
CA TYR J 256 -45.82 7.37 6.57
C TYR J 256 -45.62 7.72 5.11
N ALA J 257 -45.95 8.95 4.74
CA ALA J 257 -45.65 9.46 3.41
C ALA J 257 -44.76 10.71 3.52
N TYR J 258 -44.29 11.22 2.38
CA TYR J 258 -43.35 12.33 2.39
C TYR J 258 -43.87 13.56 1.65
N LYS J 259 -44.00 14.66 2.38
CA LYS J 259 -44.33 15.94 1.77
C LYS J 259 -43.10 16.51 1.06
N ILE J 260 -43.27 16.83 -0.22
CA ILE J 260 -42.19 17.46 -0.97
C ILE J 260 -42.25 18.95 -0.64
N VAL J 261 -41.43 19.36 0.33
CA VAL J 261 -41.43 20.72 0.86
C VAL J 261 -40.62 21.68 -0.01
N LYS J 262 -39.38 21.32 -0.26
CA LYS J 262 -38.57 22.14 -1.11
C LYS J 262 -38.11 21.40 -2.36
N LYS J 263 -38.58 21.86 -3.52
CA LYS J 263 -38.04 21.42 -4.80
C LYS J 263 -36.94 22.39 -5.18
N GLY J 264 -35.81 21.87 -5.65
CA GLY J 264 -34.74 22.74 -6.11
C GLY J 264 -33.80 21.97 -7.00
N ASP J 265 -32.61 22.51 -7.26
CA ASP J 265 -31.69 21.72 -8.06
C ASP J 265 -30.75 21.05 -7.10
N SER J 266 -30.75 19.72 -7.19
CA SER J 266 -29.95 18.88 -6.32
C SER J 266 -29.45 17.72 -7.13
N ALA J 267 -28.92 16.71 -6.45
CA ALA J 267 -28.33 15.58 -7.14
C ALA J 267 -28.10 14.41 -6.22
N ILE J 268 -28.02 13.21 -6.80
CA ILE J 268 -27.61 12.05 -6.04
C ILE J 268 -26.23 11.67 -6.51
N MET J 269 -25.24 12.03 -5.72
CA MET J 269 -23.85 11.83 -6.06
C MET J 269 -23.45 10.42 -5.64
N LYS J 270 -22.93 9.62 -6.56
CA LYS J 270 -22.45 8.30 -6.19
C LYS J 270 -21.03 8.45 -5.69
N SER J 271 -20.81 8.25 -4.39
CA SER J 271 -19.46 8.37 -3.82
C SER J 271 -19.28 7.46 -2.62
N GLU J 272 -18.05 7.08 -2.35
CA GLU J 272 -17.79 6.14 -1.27
C GLU J 272 -17.30 6.85 -0.05
N LEU J 273 -17.23 8.16 -0.13
CA LEU J 273 -16.62 8.93 0.94
C LEU J 273 -17.69 9.45 1.92
N GLU J 274 -17.25 9.97 3.05
CA GLU J 274 -18.20 10.55 4.00
C GLU J 274 -17.88 11.98 4.39
N TYR J 275 -18.72 12.54 5.25
CA TYR J 275 -18.67 13.96 5.60
C TYR J 275 -17.29 14.47 6.03
N GLY J 276 -17.06 15.77 5.90
CA GLY J 276 -15.76 16.33 6.25
C GLY J 276 -15.81 17.56 7.14
N ASN J 277 -17.02 18.00 7.46
CA ASN J 277 -17.28 19.12 8.37
C ASN J 277 -16.83 20.45 7.82
N CYS J 278 -16.50 20.44 6.53
CA CYS J 278 -16.03 21.61 5.82
C CYS J 278 -17.17 22.21 5.01
N ASN J 279 -16.88 23.28 4.29
CA ASN J 279 -17.87 23.91 3.44
C ASN J 279 -17.22 24.17 2.09
N THR J 280 -18.03 24.21 1.04
CA THR J 280 -17.52 24.49 -0.30
C THR J 280 -18.62 25.10 -1.16
N LYS J 281 -18.22 25.62 -2.31
CA LYS J 281 -19.09 26.30 -3.26
C LYS J 281 -19.26 25.43 -4.50
N CYS J 282 -18.41 24.40 -4.56
CA CYS J 282 -18.39 23.49 -5.69
C CYS J 282 -17.96 22.12 -5.20
N GLN J 283 -18.80 21.11 -5.45
CA GLN J 283 -18.54 19.76 -4.94
C GLN J 283 -18.52 18.71 -6.03
N THR J 284 -17.61 17.74 -5.91
CA THR J 284 -17.49 16.63 -6.85
C THR J 284 -17.42 15.37 -6.00
N PRO J 285 -17.75 14.21 -6.60
CA PRO J 285 -17.72 12.92 -5.90
C PRO J 285 -16.33 12.50 -5.39
N MET J 286 -15.27 13.23 -5.73
CA MET J 286 -13.92 12.90 -5.26
C MET J 286 -13.47 13.86 -4.21
N GLY J 287 -14.17 14.98 -4.15
CA GLY J 287 -13.82 16.06 -3.23
C GLY J 287 -14.35 17.41 -3.71
N ALA J 288 -14.15 18.43 -2.88
CA ALA J 288 -14.66 19.77 -3.16
C ALA J 288 -13.59 20.63 -3.85
N ILE J 289 -14.03 21.69 -4.53
CA ILE J 289 -13.11 22.51 -5.31
C ILE J 289 -13.04 23.96 -4.80
N ASN J 290 -11.85 24.42 -4.47
CA ASN J 290 -11.69 25.82 -4.10
C ASN J 290 -10.79 26.49 -5.13
N SER J 291 -11.42 27.07 -6.14
CA SER J 291 -10.70 27.56 -7.31
C SER J 291 -11.36 28.71 -8.01
N SER J 292 -10.55 29.48 -8.73
CA SER J 292 -11.01 30.59 -9.54
C SER J 292 -10.68 30.30 -10.99
N MET J 293 -10.04 29.16 -11.22
CA MET J 293 -9.77 28.72 -12.56
C MET J 293 -11.08 28.55 -13.30
N PRO J 294 -11.07 28.79 -14.62
CA PRO J 294 -12.28 28.62 -15.42
C PRO J 294 -12.43 27.16 -15.83
N PHE J 295 -11.41 26.36 -15.60
CA PHE J 295 -11.49 24.96 -15.98
C PHE J 295 -11.01 24.05 -14.85
N HIS J 296 -11.49 22.82 -14.83
CA HIS J 296 -10.97 21.84 -13.91
C HIS J 296 -11.05 20.46 -14.56
N ASN J 297 -10.27 19.54 -14.01
CA ASN J 297 -10.21 18.21 -14.55
C ASN J 297 -10.38 17.17 -13.45
N ILE J 298 -11.08 17.56 -12.40
CA ILE J 298 -11.24 16.70 -11.22
C ILE J 298 -12.17 15.55 -11.51
N HIS J 299 -13.39 15.88 -11.92
CA HIS J 299 -14.46 14.92 -12.22
C HIS J 299 -15.62 15.61 -12.96
N PRO J 300 -16.22 14.95 -13.96
CA PRO J 300 -17.27 15.62 -14.76
C PRO J 300 -18.54 15.95 -13.98
N LEU J 301 -18.90 15.13 -13.00
CA LEU J 301 -20.19 15.33 -12.37
C LEU J 301 -20.03 16.20 -11.14
N THR J 302 -20.43 17.46 -11.23
CA THR J 302 -20.24 18.38 -10.09
C THR J 302 -21.54 19.12 -9.74
N ILE J 303 -21.58 19.77 -8.58
CA ILE J 303 -22.74 20.57 -8.23
C ILE J 303 -22.28 21.84 -7.55
N GLY J 304 -22.93 22.95 -7.87
CA GLY J 304 -22.56 24.25 -7.32
C GLY J 304 -21.92 25.11 -8.38
N GLU J 305 -21.46 26.30 -7.99
CA GLU J 305 -20.73 27.17 -8.92
C GLU J 305 -19.35 26.58 -9.22
N CYS J 306 -19.18 25.98 -10.40
CA CYS J 306 -17.97 25.19 -10.69
C CYS J 306 -17.22 25.61 -11.91
N PRO J 307 -15.93 25.28 -11.94
CA PRO J 307 -15.23 25.51 -13.19
C PRO J 307 -15.75 24.52 -14.20
N LYS J 308 -15.51 24.78 -15.48
CA LYS J 308 -15.97 23.87 -16.48
C LYS J 308 -15.02 22.68 -16.58
N TYR J 309 -15.57 21.49 -16.51
CA TYR J 309 -14.76 20.29 -16.56
C TYR J 309 -14.21 20.06 -17.95
N VAL J 310 -13.00 19.54 -18.00
CA VAL J 310 -12.33 19.27 -19.26
C VAL J 310 -11.39 18.07 -19.07
N LYS J 311 -11.09 17.32 -20.12
CA LYS J 311 -10.22 16.16 -19.95
C LYS J 311 -8.71 16.46 -20.10
N SER J 312 -8.31 17.70 -19.88
CA SER J 312 -6.91 18.01 -20.10
C SER J 312 -6.09 17.81 -18.85
N ASN J 313 -4.83 17.47 -19.06
CA ASN J 313 -3.86 17.47 -17.97
C ASN J 313 -3.29 18.87 -17.77
N ARG J 314 -3.45 19.74 -18.77
CA ARG J 314 -2.81 21.05 -18.78
C ARG J 314 -3.50 22.04 -19.70
N LEU J 315 -3.79 23.24 -19.19
CA LEU J 315 -4.28 24.33 -20.02
C LEU J 315 -3.60 25.62 -19.53
N VAL J 316 -2.58 26.04 -20.28
CA VAL J 316 -1.86 27.25 -19.91
C VAL J 316 -1.74 28.17 -21.09
N LEU J 317 -2.26 29.38 -20.91
CA LEU J 317 -2.21 30.44 -21.92
C LEU J 317 -0.90 31.24 -21.85
N ALA J 318 -0.31 31.51 -23.01
CA ALA J 318 0.79 32.46 -23.07
C ALA J 318 0.18 33.80 -22.86
N THR J 319 0.77 34.59 -21.97
CA THR J 319 0.35 36.00 -21.82
C THR J 319 1.49 36.95 -22.12
N GLY J 320 2.67 36.60 -21.65
CA GLY J 320 3.88 37.37 -21.92
C GLY J 320 4.40 37.01 -23.30
N LEU J 321 5.68 37.19 -23.53
CA LEU J 321 6.22 36.92 -24.85
C LEU J 321 7.29 35.86 -24.75
N ARG J 322 7.83 35.43 -25.89
CA ARG J 322 8.86 34.41 -25.92
C ARG J 322 10.08 34.86 -25.14
N ASN J 323 10.47 34.07 -24.15
CA ASN J 323 11.58 34.44 -23.28
C ASN J 323 12.87 34.02 -23.94
N THR J 324 13.92 34.83 -23.74
CA THR J 324 15.22 34.55 -24.30
C THR J 324 16.12 33.92 -23.22
N PRO J 325 16.87 32.87 -23.59
CA PRO J 325 17.68 32.04 -22.70
C PRO J 325 18.82 32.78 -22.01
N ASP K 1 51.57 -24.12 73.01
CA ASP K 1 52.76 -24.39 72.21
C ASP K 1 52.60 -25.65 71.37
N ILE K 2 52.95 -25.58 70.09
CA ILE K 2 52.92 -26.74 69.20
C ILE K 2 54.32 -27.35 69.15
N VAL K 3 54.59 -28.34 69.99
CA VAL K 3 55.92 -28.90 70.04
C VAL K 3 56.26 -29.66 68.75
N LEU K 4 57.34 -29.22 68.11
CA LEU K 4 57.84 -29.85 66.90
C LEU K 4 59.04 -30.72 67.24
N THR K 5 58.95 -32.00 66.84
CA THR K 5 59.98 -33.01 67.09
C THR K 5 60.47 -33.65 65.80
N GLN K 6 61.73 -33.38 65.41
CA GLN K 6 62.28 -33.94 64.17
C GLN K 6 62.95 -35.28 64.41
N SER K 7 62.93 -36.14 63.39
CA SER K 7 63.56 -37.43 63.54
C SER K 7 64.06 -37.95 62.19
N PRO K 8 65.30 -38.48 62.15
CA PRO K 8 66.20 -38.69 63.30
C PRO K 8 67.06 -37.47 63.62
N GLY K 9 67.77 -37.51 64.74
CA GLY K 9 68.58 -36.37 65.14
C GLY K 9 69.76 -36.10 64.23
N SER K 10 70.41 -37.18 63.83
CA SER K 10 71.55 -37.12 62.92
C SER K 10 71.41 -38.21 61.88
N LEU K 11 71.74 -37.85 60.66
CA LEU K 11 71.52 -38.74 59.56
C LEU K 11 72.73 -38.70 58.71
N THR K 12 73.30 -39.89 58.47
CA THR K 12 74.43 -40.01 57.55
C THR K 12 73.95 -40.81 56.36
N VAL K 13 74.06 -40.19 55.19
CA VAL K 13 73.60 -40.81 53.97
C VAL K 13 74.70 -40.78 52.92
N SER K 14 74.75 -41.85 52.11
CA SER K 14 75.80 -42.01 51.10
C SER K 14 75.61 -40.95 50.03
N LEU K 15 76.68 -40.53 49.37
CA LEU K 15 76.55 -39.53 48.32
C LEU K 15 75.66 -40.07 47.20
N GLY K 16 74.87 -39.21 46.54
CA GLY K 16 74.03 -39.64 45.44
C GLY K 16 72.84 -40.52 45.83
N GLN K 17 72.52 -40.56 47.11
CA GLN K 17 71.36 -41.34 47.59
C GLN K 17 70.18 -40.46 48.06
N ARG K 18 69.38 -40.98 48.99
CA ARG K 18 68.23 -40.22 49.46
C ARG K 18 68.28 -39.97 50.96
N ALA K 19 68.23 -38.70 51.33
CA ALA K 19 68.08 -38.32 52.73
C ALA K 19 66.59 -38.11 52.96
N THR K 20 66.10 -38.63 54.09
CA THR K 20 64.69 -38.54 54.44
C THR K 20 64.55 -38.13 55.90
N ILE K 21 64.32 -36.83 56.12
CA ILE K 21 64.14 -36.25 57.45
C ILE K 21 62.67 -36.00 57.83
N SER K 22 62.27 -36.44 59.00
CA SER K 22 60.88 -36.33 59.38
C SER K 22 60.62 -35.23 60.41
N CYS K 23 59.37 -34.80 60.44
CA CYS K 23 58.89 -33.82 61.42
C CYS K 23 57.56 -34.33 61.97
N ARG K 24 57.32 -34.10 63.25
CA ARG K 24 56.08 -34.53 63.89
C ARG K 24 55.54 -33.42 64.79
N ALA K 25 54.31 -32.99 64.55
CA ALA K 25 53.75 -31.91 65.36
C ALA K 25 52.86 -32.45 66.48
N SER K 26 52.95 -31.84 67.66
CA SER K 26 52.14 -32.28 68.80
C SER K 26 50.64 -32.18 68.47
N GLU K 27 50.21 -31.04 67.95
CA GLU K 27 48.86 -30.90 67.44
C GLU K 27 48.97 -30.55 65.95
N SER K 28 47.87 -30.58 65.21
CA SER K 28 47.95 -30.32 63.78
C SER K 28 48.44 -28.91 63.51
N VAL K 29 49.01 -28.73 62.33
CA VAL K 29 49.55 -27.46 61.85
C VAL K 29 48.95 -27.20 60.45
N ASP K 30 47.64 -27.40 60.36
CA ASP K 30 47.08 -27.72 59.07
C ASP K 30 45.66 -27.26 58.96
N ASN K 31 45.39 -25.97 58.96
CA ASN K 31 44.02 -25.61 58.58
C ASN K 31 43.98 -24.70 57.35
N PHE K 32 42.79 -24.30 56.91
CA PHE K 32 42.59 -23.62 55.62
C PHE K 32 42.93 -24.52 54.46
N GLY K 33 43.10 -25.81 54.75
CA GLY K 33 43.42 -26.77 53.72
C GLY K 33 44.88 -26.87 53.38
N LYS K 34 45.69 -25.91 53.85
CA LYS K 34 47.13 -25.93 53.62
C LYS K 34 47.89 -26.27 54.92
N SER K 35 49.10 -26.81 54.79
CA SER K 35 49.94 -27.13 55.94
C SER K 35 50.85 -25.93 56.22
N PHE K 36 50.91 -25.43 57.46
CA PHE K 36 51.78 -24.27 57.70
C PHE K 36 53.12 -24.66 58.34
N MET K 37 53.83 -25.51 57.61
CA MET K 37 55.13 -26.05 57.98
C MET K 37 56.20 -25.44 57.11
N HIS K 38 57.39 -25.28 57.64
CA HIS K 38 58.45 -24.73 56.79
C HIS K 38 59.76 -25.41 57.02
N TRP K 39 60.51 -25.63 55.96
CA TRP K 39 61.79 -26.23 56.17
C TRP K 39 62.91 -25.20 55.98
N TYR K 40 63.90 -25.28 56.88
CA TYR K 40 65.06 -24.42 56.83
C TYR K 40 66.39 -25.19 56.82
N GLN K 41 67.32 -24.64 56.05
CA GLN K 41 68.65 -25.23 55.93
C GLN K 41 69.75 -24.34 56.51
N GLN K 42 70.48 -24.88 57.47
CA GLN K 42 71.61 -24.16 58.01
C GLN K 42 72.89 -24.86 57.63
N LYS K 43 73.49 -24.39 56.53
CA LYS K 43 74.82 -24.85 56.17
C LYS K 43 75.76 -24.36 57.29
N PRO K 44 76.76 -25.18 57.68
CA PRO K 44 77.59 -24.87 58.85
C PRO K 44 78.20 -23.50 58.78
N GLY K 45 78.25 -22.82 59.92
CA GLY K 45 78.96 -21.58 59.98
C GLY K 45 78.26 -20.39 59.33
N GLN K 46 76.97 -20.53 59.06
CA GLN K 46 76.22 -19.38 58.55
C GLN K 46 74.76 -19.49 58.99
N SER K 47 74.04 -18.39 58.79
CA SER K 47 72.64 -18.27 59.18
C SER K 47 71.79 -19.29 58.43
N PRO K 48 70.63 -19.65 58.98
CA PRO K 48 69.71 -20.55 58.30
C PRO K 48 69.17 -19.97 57.00
N LYS K 49 68.65 -20.86 56.17
CA LYS K 49 68.22 -20.56 54.81
C LYS K 49 66.83 -21.16 54.60
N LEU K 50 66.01 -20.48 53.81
CA LEU K 50 64.65 -20.95 53.60
C LEU K 50 64.59 -21.96 52.45
N LEU K 51 64.10 -23.16 52.72
CA LEU K 51 63.94 -24.14 51.64
C LEU K 51 62.49 -24.22 51.14
N ILE K 52 61.61 -24.70 52.03
CA ILE K 52 60.22 -24.97 51.67
C ILE K 52 59.27 -24.13 52.50
N TYR K 53 58.29 -23.50 51.84
CA TYR K 53 57.17 -22.88 52.56
C TYR K 53 55.91 -23.69 52.39
N ARG K 54 55.03 -23.55 53.37
CA ARG K 54 53.80 -24.33 53.60
C ARG K 54 53.96 -25.78 53.14
N ALA K 55 55.04 -26.39 53.62
CA ALA K 55 55.28 -27.82 53.65
C ALA K 55 55.57 -28.49 52.32
N SER K 56 55.29 -27.84 51.19
CA SER K 56 55.42 -28.53 49.92
C SER K 56 56.10 -27.73 48.82
N ASN K 57 56.02 -26.39 48.84
CA ASN K 57 56.54 -25.61 47.70
C ASN K 57 57.93 -25.03 47.94
N ARG K 58 58.79 -25.17 46.92
CA ARG K 58 60.16 -24.70 47.02
C ARG K 58 60.24 -23.17 46.88
N GLU K 59 61.11 -22.57 47.69
CA GLU K 59 61.42 -21.16 47.56
C GLU K 59 62.27 -20.98 46.33
N GLY K 61 64.90 -20.49 43.69
CA GLY K 61 66.33 -20.70 43.73
C GLY K 61 66.66 -21.91 44.58
N ILE K 62 65.73 -22.84 44.68
CA ILE K 62 66.03 -24.05 45.42
C ILE K 62 65.94 -25.18 44.42
N PRO K 63 66.99 -26.02 44.35
CA PRO K 63 67.00 -27.16 43.42
C PRO K 63 65.92 -28.19 43.73
N ALA K 64 65.51 -28.92 42.70
CA ALA K 64 64.39 -29.82 42.81
C ALA K 64 64.67 -31.02 43.70
N ARG K 65 65.94 -31.24 44.01
CA ARG K 65 66.39 -32.35 44.85
C ARG K 65 65.68 -32.38 46.20
N PHE K 66 65.10 -31.23 46.58
CA PHE K 66 64.38 -31.11 47.84
C PHE K 66 62.88 -31.34 47.68
N ASN K 67 62.43 -32.43 48.29
CA ASN K 67 61.03 -32.77 48.19
C ASN K 67 60.37 -32.51 49.52
N GLY K 68 59.55 -31.48 49.50
CA GLY K 68 58.71 -31.16 50.63
C GLY K 68 57.45 -31.99 50.56
N SER K 69 57.13 -32.71 51.62
CA SER K 69 55.96 -33.55 51.62
C SER K 69 55.41 -33.63 53.02
N GLY K 70 54.14 -34.00 53.08
CA GLY K 70 53.44 -34.18 54.34
C GLY K 70 52.12 -33.43 54.50
N SER K 71 51.39 -33.75 55.57
CA SER K 71 50.13 -33.11 55.86
C SER K 71 49.71 -33.38 57.29
N GLY K 72 49.23 -32.34 57.96
CA GLY K 72 48.65 -32.53 59.28
C GLY K 72 49.56 -32.55 60.49
N THR K 73 49.92 -33.74 60.92
CA THR K 73 50.69 -33.85 62.13
C THR K 73 52.14 -34.19 61.81
N ASP K 74 52.38 -34.88 60.68
CA ASP K 74 53.75 -35.30 60.32
C ASP K 74 54.13 -34.98 58.91
N PHE K 75 55.37 -34.57 58.71
CA PHE K 75 55.86 -34.19 57.39
C PHE K 75 57.23 -34.77 57.13
N ALA K 76 57.76 -34.44 55.97
CA ALA K 76 59.06 -34.97 55.59
C ALA K 76 59.74 -34.18 54.51
N LEU K 77 60.97 -33.81 54.80
CA LEU K 77 61.84 -33.21 53.82
C LEU K 77 62.67 -34.33 53.22
N THR K 78 62.57 -34.48 51.90
CA THR K 78 63.30 -35.51 51.19
C THR K 78 64.35 -34.89 50.28
N ILE K 79 65.61 -35.19 50.57
CA ILE K 79 66.68 -34.73 49.71
C ILE K 79 67.17 -35.90 48.90
N ASN K 80 67.01 -35.80 47.58
CA ASN K 80 67.32 -36.90 46.71
C ASN K 80 67.33 -36.45 45.23
N PRO K 81 68.52 -36.52 44.58
CA PRO K 81 69.79 -37.07 45.06
C PRO K 81 70.57 -36.18 46.03
N VAL K 82 71.27 -36.79 47.00
CA VAL K 82 72.09 -36.03 47.96
C VAL K 82 73.37 -35.56 47.29
N GLU K 83 73.67 -34.26 47.38
CA GLU K 83 74.89 -33.77 46.78
C GLU K 83 75.94 -33.45 47.84
N ALA K 84 77.06 -32.88 47.42
CA ALA K 84 78.15 -32.64 48.34
C ALA K 84 77.83 -31.51 49.30
N ASP K 85 77.39 -30.38 48.73
CA ASP K 85 77.02 -29.15 49.44
C ASP K 85 75.62 -29.19 50.11
N ASP K 86 75.39 -30.27 50.83
CA ASP K 86 74.11 -30.50 51.49
C ASP K 86 74.38 -30.76 52.95
N VAL K 87 75.65 -30.71 53.34
CA VAL K 87 75.94 -30.81 54.76
C VAL K 87 75.39 -29.60 55.41
N ALA K 88 74.46 -29.86 56.29
CA ALA K 88 73.81 -28.80 57.02
C ALA K 88 72.94 -29.44 58.07
N THR K 89 72.42 -28.58 58.94
CA THR K 89 71.39 -28.98 59.87
C THR K 89 70.09 -28.40 59.34
N TYR K 90 69.08 -29.27 59.24
CA TYR K 90 67.79 -28.90 58.66
C TYR K 90 66.71 -28.71 59.74
N PHE K 91 65.95 -27.61 59.62
CA PHE K 91 64.95 -27.31 60.61
C PHE K 91 63.55 -27.19 60.02
N CYS K 92 62.58 -27.77 60.71
CA CYS K 92 61.19 -27.52 60.38
C CYS K 92 60.61 -26.62 61.48
N GLN K 93 59.79 -25.66 61.04
CA GLN K 93 59.15 -24.70 61.91
C GLN K 93 57.72 -24.44 61.46
N GLN K 94 56.80 -24.40 62.42
CA GLN K 94 55.39 -24.20 62.11
C GLN K 94 54.94 -22.72 62.29
N SER K 95 53.95 -22.28 61.50
CA SER K 95 53.46 -20.89 61.59
C SER K 95 51.96 -20.89 61.85
N ASN K 96 51.40 -22.08 61.95
CA ASN K 96 49.99 -22.30 62.20
C ASN K 96 49.49 -21.57 63.44
N GLU K 97 50.35 -21.42 64.44
CA GLU K 97 49.90 -20.88 65.70
C GLU K 97 51.05 -20.40 66.61
N ASP K 98 51.06 -19.11 66.95
CA ASP K 98 52.04 -18.60 67.90
C ASP K 98 51.93 -19.38 69.20
N PRO K 99 53.04 -19.55 69.92
CA PRO K 99 54.30 -18.94 69.54
C PRO K 99 55.04 -19.80 68.50
N ARG K 100 55.62 -19.16 67.48
CA ARG K 100 56.32 -19.86 66.41
C ARG K 100 57.29 -20.81 67.03
N THR K 101 57.21 -22.05 66.63
CA THR K 101 58.07 -23.04 67.23
C THR K 101 58.86 -23.78 66.11
N PHE K 102 60.11 -24.12 66.43
CA PHE K 102 61.01 -24.84 65.52
C PHE K 102 61.20 -26.30 65.95
N GLY K 103 61.75 -27.09 65.06
CA GLY K 103 62.16 -28.44 65.41
C GLY K 103 63.51 -28.47 66.15
N GLY K 104 63.92 -29.64 66.62
CA GLY K 104 65.21 -29.75 67.26
C GLY K 104 66.24 -29.44 66.20
N GLY K 105 66.02 -29.99 65.01
CA GLY K 105 66.93 -29.81 63.91
C GLY K 105 67.55 -31.15 63.62
N THR K 106 67.87 -31.40 62.36
CA THR K 106 68.53 -32.65 61.97
C THR K 106 69.83 -32.37 61.22
N LYS K 107 70.94 -32.91 61.73
CA LYS K 107 72.24 -32.74 61.08
C LYS K 107 72.50 -33.86 60.08
N LEU K 108 72.83 -33.45 58.87
CA LEU K 108 73.07 -34.35 57.75
C LEU K 108 74.55 -34.51 57.46
N GLU K 109 74.99 -35.77 57.34
CA GLU K 109 76.41 -36.06 57.05
C GLU K 109 76.50 -36.89 55.78
N ILE K 110 77.56 -36.64 55.01
CA ILE K 110 77.76 -37.35 53.74
C ILE K 110 78.76 -38.52 53.92
N LYS K 111 78.37 -39.72 53.48
CA LYS K 111 79.29 -40.86 53.49
C LYS K 111 80.07 -40.82 52.18
N ARG K 112 81.39 -40.78 52.30
CA ARG K 112 82.27 -40.77 51.14
C ARG K 112 83.37 -41.81 51.29
N ALA K 113 84.33 -41.72 50.38
CA ALA K 113 85.45 -42.62 50.33
C ALA K 113 86.38 -42.39 51.52
N ASP K 114 86.72 -43.46 52.23
CA ASP K 114 87.61 -43.34 53.38
C ASP K 114 88.89 -42.70 52.96
N ALA K 115 89.16 -41.51 53.48
CA ALA K 115 90.39 -40.82 53.16
C ALA K 115 91.31 -40.89 54.38
N ALA K 116 92.62 -40.81 54.14
CA ALA K 116 93.62 -40.88 55.21
C ALA K 116 94.10 -39.49 55.64
N PRO K 117 94.32 -39.33 56.94
CA PRO K 117 94.69 -38.04 57.56
C PRO K 117 96.07 -37.53 57.15
N THR K 118 96.12 -36.34 56.59
CA THR K 118 97.42 -35.80 56.24
C THR K 118 98.07 -35.07 57.45
N VAL K 119 98.70 -35.89 58.30
CA VAL K 119 99.31 -35.44 59.55
C VAL K 119 100.50 -34.54 59.29
N SER K 120 100.74 -33.61 60.19
CA SER K 120 101.91 -32.76 60.07
C SER K 120 102.17 -32.15 61.44
N ILE K 121 103.38 -32.36 61.99
CA ILE K 121 103.73 -31.91 63.36
C ILE K 121 104.57 -30.63 63.38
N PHE K 122 104.35 -29.79 64.37
CA PHE K 122 104.99 -28.50 64.41
C PHE K 122 105.56 -28.20 65.79
N PRO K 123 106.81 -27.75 65.84
CA PRO K 123 107.44 -27.30 67.06
C PRO K 123 106.94 -25.92 67.42
N PRO K 124 107.02 -25.59 68.71
CA PRO K 124 106.63 -24.29 69.23
C PRO K 124 107.43 -23.15 68.66
N SER K 125 106.80 -21.98 68.52
CA SER K 125 107.50 -20.85 67.95
C SER K 125 108.58 -20.36 68.87
N SER K 126 109.62 -19.79 68.28
CA SER K 126 110.70 -19.19 69.06
C SER K 126 110.18 -17.97 69.82
N GLU K 127 109.29 -17.21 69.18
CA GLU K 127 108.70 -16.02 69.76
C GLU K 127 107.85 -16.36 70.97
N GLN K 128 107.16 -17.49 70.89
CA GLN K 128 106.35 -17.98 71.99
C GLN K 128 107.23 -18.44 73.15
N LEU K 129 108.36 -19.08 72.81
CA LEU K 129 109.28 -19.63 73.82
C LEU K 129 109.96 -18.54 74.62
N THR K 130 110.21 -17.39 73.98
CA THR K 130 110.75 -16.23 74.69
C THR K 130 109.70 -15.62 75.63
N SER K 131 108.43 -15.97 75.40
CA SER K 131 107.34 -15.54 76.24
C SER K 131 107.12 -16.52 77.40
N GLY K 132 107.62 -17.75 77.24
CA GLY K 132 107.67 -18.70 78.35
C GLY K 132 106.97 -20.04 78.21
N GLY K 133 106.22 -20.20 77.13
CA GLY K 133 105.42 -21.39 76.92
C GLY K 133 105.72 -22.09 75.62
N ALA K 134 105.43 -23.38 75.63
CA ALA K 134 105.64 -24.24 74.49
C ALA K 134 104.33 -24.75 73.94
N SER K 135 104.23 -24.87 72.63
CA SER K 135 102.99 -25.33 72.04
C SER K 135 103.27 -26.20 70.84
N VAL K 136 103.09 -27.49 71.03
CA VAL K 136 103.24 -28.44 69.96
C VAL K 136 101.94 -28.70 69.23
N VAL K 137 101.84 -28.18 68.00
CA VAL K 137 100.62 -28.31 67.19
C VAL K 137 100.69 -29.44 66.20
N CYS K 138 99.56 -30.07 65.94
CA CYS K 138 99.62 -31.23 65.09
C CYS K 138 98.29 -31.36 64.33
N PHE K 139 98.28 -30.93 63.06
CA PHE K 139 97.10 -30.95 62.22
C PHE K 139 96.86 -32.33 61.64
N LEU K 140 95.60 -32.66 61.44
CA LEU K 140 95.18 -33.93 60.87
C LEU K 140 94.09 -33.64 59.84
N ASN K 141 94.50 -33.17 58.68
CA ASN K 141 93.55 -32.63 57.71
C ASN K 141 92.97 -33.66 56.74
N ASN K 142 91.77 -33.34 56.26
CA ASN K 142 91.12 -34.03 55.17
C ASN K 142 91.08 -35.56 55.33
N PHE K 143 90.10 -36.02 56.09
CA PHE K 143 89.89 -37.45 56.27
C PHE K 143 88.41 -37.82 56.43
N TYR K 144 88.15 -39.11 56.45
CA TYR K 144 86.82 -39.66 56.60
C TYR K 144 87.06 -41.13 56.88
N PRO K 145 86.28 -41.75 57.79
CA PRO K 145 85.18 -41.27 58.61
C PRO K 145 85.61 -40.23 59.64
N LYS K 146 84.65 -39.72 60.40
CA LYS K 146 84.87 -38.60 61.33
C LYS K 146 85.82 -39.01 62.45
N ASP K 147 85.59 -40.22 62.94
CA ASP K 147 86.27 -40.76 64.11
C ASP K 147 87.72 -40.94 63.83
N ILE K 148 88.53 -40.42 64.73
CA ILE K 148 89.97 -40.48 64.65
C ILE K 148 90.44 -40.52 66.09
N ASN K 149 91.68 -40.88 66.32
CA ASN K 149 92.20 -40.96 67.68
C ASN K 149 93.64 -40.45 67.80
N VAL K 150 93.85 -39.23 68.26
CA VAL K 150 95.21 -38.71 68.41
C VAL K 150 95.80 -39.12 69.76
N LYS K 151 97.07 -39.53 69.75
CA LYS K 151 97.87 -39.84 70.95
C LYS K 151 99.09 -38.92 70.96
N TRP K 152 99.49 -38.44 72.12
CA TRP K 152 100.73 -37.70 72.18
C TRP K 152 101.78 -38.51 72.92
N LYS K 153 103.00 -38.55 72.41
CA LYS K 153 104.06 -39.24 73.13
C LYS K 153 105.26 -38.31 73.30
N ILE K 154 105.74 -38.19 74.54
CA ILE K 154 106.95 -37.42 74.78
C ILE K 154 108.00 -38.41 75.27
N ASP K 155 109.01 -38.65 74.43
CA ASP K 155 110.09 -39.60 74.68
C ASP K 155 109.55 -40.99 75.02
N GLY K 156 108.66 -41.48 74.15
CA GLY K 156 108.10 -42.80 74.27
C GLY K 156 106.94 -42.91 75.26
N SER K 157 106.88 -42.02 76.24
CA SER K 157 105.80 -42.08 77.24
C SER K 157 104.63 -41.16 76.86
N GLU K 158 103.43 -41.73 76.94
CA GLU K 158 102.18 -41.08 76.53
C GLU K 158 101.88 -39.85 77.41
N ARG K 159 100.98 -38.98 76.95
CA ARG K 159 100.54 -37.80 77.71
C ARG K 159 99.18 -37.28 77.23
N GLN K 160 98.28 -36.94 78.15
CA GLN K 160 96.97 -36.37 77.76
C GLN K 160 96.83 -34.91 78.25
N ASN K 161 97.42 -34.64 79.40
CA ASN K 161 97.21 -33.36 80.03
C ASN K 161 97.95 -32.24 79.34
N GLY K 162 97.19 -31.25 78.85
CA GLY K 162 97.73 -30.14 78.06
C GLY K 162 97.24 -30.11 76.62
N VAL K 163 96.51 -31.17 76.27
CA VAL K 163 95.95 -31.38 74.93
C VAL K 163 94.60 -30.65 74.71
N LEU K 164 94.47 -30.00 73.55
CA LEU K 164 93.23 -29.34 73.09
C LEU K 164 92.94 -29.73 71.63
N ASN K 165 91.81 -30.41 71.41
CA ASN K 165 91.43 -30.87 70.07
C ASN K 165 90.31 -30.03 69.46
N SER K 166 90.25 -29.98 68.14
CA SER K 166 89.29 -29.13 67.47
C SER K 166 88.97 -29.67 66.07
N TRP K 167 87.76 -30.11 65.82
CA TRP K 167 87.45 -30.62 64.48
C TRP K 167 86.72 -29.57 63.65
N THR K 168 86.87 -29.54 62.34
CA THR K 168 86.00 -28.65 61.55
C THR K 168 84.79 -29.43 61.17
N ASP K 169 83.75 -28.73 60.72
CA ASP K 169 82.59 -29.45 60.21
C ASP K 169 82.94 -30.08 58.89
N GLN K 170 82.24 -31.17 58.55
CA GLN K 170 82.40 -31.83 57.28
C GLN K 170 82.41 -30.79 56.15
N ASP K 171 83.49 -30.73 55.38
CA ASP K 171 83.63 -29.67 54.37
C ASP K 171 82.54 -29.81 53.31
N SER K 172 81.87 -28.69 53.01
CA SER K 172 80.75 -28.71 52.07
C SER K 172 81.20 -29.17 50.69
N LYS K 173 82.47 -28.95 50.36
CA LYS K 173 82.96 -29.19 49.01
C LYS K 173 83.49 -30.64 48.79
N ASP K 174 84.30 -31.19 49.71
CA ASP K 174 84.91 -32.53 49.50
C ASP K 174 84.43 -33.58 50.50
N SER K 175 83.61 -33.17 51.45
CA SER K 175 83.05 -34.04 52.49
C SER K 175 84.07 -34.73 53.41
N THR K 176 85.13 -33.99 53.73
CA THR K 176 86.22 -34.46 54.59
C THR K 176 86.41 -33.59 55.83
N TYR K 177 86.64 -34.25 56.98
CA TYR K 177 86.87 -33.53 58.24
C TYR K 177 88.32 -33.12 58.35
N SER K 178 88.62 -32.23 59.28
CA SER K 178 89.99 -31.86 59.57
C SER K 178 90.08 -31.74 61.08
N MET K 179 91.28 -31.82 61.64
CA MET K 179 91.44 -31.73 63.09
C MET K 179 92.73 -31.02 63.56
N SER K 180 92.63 -30.18 64.58
CA SER K 180 93.79 -29.58 65.22
C SER K 180 94.08 -30.38 66.50
N SER K 181 95.30 -30.33 67.03
CA SER K 181 95.58 -31.00 68.30
C SER K 181 96.78 -30.39 68.97
N THR K 182 96.55 -29.30 69.67
CA THR K 182 97.61 -28.55 70.29
C THR K 182 98.00 -29.18 71.61
N LEU K 183 99.29 -29.10 71.95
CA LEU K 183 99.78 -29.59 73.24
C LEU K 183 100.59 -28.48 73.92
N THR K 184 100.04 -27.84 74.97
CA THR K 184 100.70 -26.69 75.59
C THR K 184 101.49 -27.07 76.86
N LEU K 185 102.72 -26.56 76.94
CA LEU K 185 103.65 -26.74 78.06
C LEU K 185 104.41 -25.44 78.37
N THR K 186 105.08 -25.39 79.51
CA THR K 186 105.96 -24.24 79.77
C THR K 186 107.39 -24.54 79.32
N LYS K 187 108.13 -23.47 79.01
CA LYS K 187 109.47 -23.58 78.45
C LYS K 187 110.30 -24.61 79.18
N ASP K 188 110.30 -24.49 80.52
CA ASP K 188 111.06 -25.37 81.41
C ASP K 188 110.55 -26.82 81.42
N GLU K 189 109.23 -27.01 81.40
CA GLU K 189 108.59 -28.34 81.30
C GLU K 189 108.91 -29.02 80.01
N TYR K 190 109.17 -28.17 79.02
CA TYR K 190 109.44 -28.55 77.63
C TYR K 190 110.89 -28.92 77.40
N GLU K 191 111.79 -28.11 77.96
CA GLU K 191 113.22 -28.30 77.79
C GLU K 191 113.77 -29.46 78.61
N ARG K 192 112.88 -30.25 79.16
CA ARG K 192 113.30 -31.35 79.99
C ARG K 192 112.96 -32.64 79.28
N HIS K 193 112.90 -32.58 77.95
CA HIS K 193 112.62 -33.76 77.12
C HIS K 193 113.20 -33.58 75.72
N ASN K 194 112.98 -34.56 74.85
CA ASN K 194 113.55 -34.49 73.51
C ASN K 194 112.56 -34.74 72.38
N SER K 195 112.02 -35.95 72.30
CA SER K 195 111.20 -36.35 71.14
C SER K 195 109.68 -36.14 71.35
N TYR K 196 109.06 -35.43 70.43
CA TYR K 196 107.65 -35.18 70.51
C TYR K 196 106.89 -35.79 69.35
N THR K 197 106.00 -36.73 69.67
CA THR K 197 105.34 -37.59 68.69
C THR K 197 103.81 -37.36 68.63
N CYS K 198 103.15 -37.92 67.61
CA CYS K 198 101.77 -37.60 67.38
C CYS K 198 101.06 -38.73 66.67
N GLU K 199 100.75 -39.81 67.40
CA GLU K 199 100.22 -41.05 66.80
C GLU K 199 98.72 -41.10 66.51
N ALA K 200 98.35 -40.95 65.24
CA ALA K 200 96.93 -40.95 64.87
C ALA K 200 96.49 -42.32 64.42
N THR K 201 95.41 -42.82 65.01
CA THR K 201 94.99 -44.17 64.70
C THR K 201 93.67 -44.13 63.96
N HIS K 202 93.73 -44.36 62.65
CA HIS K 202 92.54 -44.32 61.82
C HIS K 202 92.09 -45.72 61.38
N LYS K 203 90.87 -45.83 60.88
CA LYS K 203 90.38 -47.08 60.30
C LYS K 203 91.03 -47.26 58.92
N THR K 204 91.53 -46.16 58.37
CA THR K 204 92.20 -46.19 57.08
C THR K 204 93.47 -47.06 57.15
N SER K 205 94.45 -46.63 57.94
CA SER K 205 95.70 -47.39 58.14
C SER K 205 95.53 -48.38 59.29
N THR K 206 95.90 -49.63 59.07
CA THR K 206 95.77 -50.60 60.16
C THR K 206 96.86 -50.41 61.23
N PRO K 208 99.31 -47.27 63.18
CA PRO K 208 99.32 -45.84 63.52
C PRO K 208 100.20 -44.93 62.64
N ILE K 209 99.59 -43.87 62.12
CA ILE K 209 100.30 -42.83 61.38
C ILE K 209 101.02 -41.99 62.41
N VAL K 210 102.29 -41.74 62.17
CA VAL K 210 103.12 -41.04 63.13
C VAL K 210 103.81 -39.86 62.47
N LYS K 211 104.01 -38.79 63.23
CA LYS K 211 104.89 -37.74 62.78
C LYS K 211 105.47 -37.20 64.04
N SER K 212 106.78 -37.06 64.09
CA SER K 212 107.43 -36.57 65.30
C SER K 212 108.60 -35.66 64.97
N PHE K 213 109.13 -35.00 65.98
CA PHE K 213 110.28 -34.16 65.79
C PHE K 213 111.12 -34.15 67.07
N ASN K 214 112.42 -34.01 66.95
CA ASN K 214 113.29 -33.97 68.12
C ASN K 214 113.71 -32.56 68.47
N ARG K 215 113.78 -32.30 69.77
CA ARG K 215 113.96 -30.94 70.27
C ARG K 215 115.19 -30.24 69.73
N ASN K 216 116.34 -30.90 69.87
CA ASN K 216 117.58 -30.33 69.39
C ASN K 216 117.96 -30.97 68.05
N GLU K 217 118.11 -30.12 67.03
CA GLU K 217 118.47 -30.53 65.66
C GLU K 217 119.58 -29.61 65.12
N ASP L 1 6.82 38.57 25.36
CA ASP L 1 8.07 39.04 24.79
C ASP L 1 9.18 39.08 25.87
N ILE L 2 10.36 38.55 25.55
CA ILE L 2 11.51 38.62 26.45
C ILE L 2 12.38 39.80 26.04
N VAL L 3 12.17 40.96 26.67
CA VAL L 3 12.90 42.14 26.26
C VAL L 3 14.40 42.01 26.60
N LEU L 4 15.22 42.12 25.57
CA LEU L 4 16.67 42.07 25.72
C LEU L 4 17.23 43.49 25.63
N THR L 5 17.99 43.86 26.67
CA THR L 5 18.61 45.18 26.81
C THR L 5 20.13 45.09 26.97
N GLN L 6 20.88 45.55 25.96
CA GLN L 6 22.34 45.48 26.01
C GLN L 6 22.93 46.73 26.64
N SER L 7 24.08 46.58 27.28
CA SER L 7 24.72 47.73 27.90
C SER L 7 26.24 47.54 27.95
N PRO L 8 26.99 48.59 27.58
CA PRO L 8 26.51 49.94 27.20
C PRO L 8 26.16 50.07 25.73
N GLY L 9 25.55 51.19 25.34
CA GLY L 9 25.14 51.36 23.96
C GLY L 9 26.29 51.47 22.98
N SER L 10 27.30 52.22 23.40
CA SER L 10 28.51 52.42 22.60
C SER L 10 29.73 52.28 23.52
N LEU L 11 30.74 51.63 22.99
CA LEU L 11 31.87 51.30 23.79
C LEU L 11 33.09 51.58 22.98
N THR L 12 33.96 52.42 23.54
CA THR L 12 35.25 52.69 22.90
C THR L 12 36.32 52.11 23.78
N VAL L 13 37.11 51.21 23.19
CA VAL L 13 38.14 50.52 23.94
C VAL L 13 39.47 50.63 23.19
N SER L 14 40.56 50.75 23.96
CA SER L 14 41.90 50.93 23.40
C SER L 14 42.29 49.67 22.67
N LEU L 15 43.14 49.78 21.66
CA LEU L 15 43.56 48.59 20.93
C LEU L 15 44.32 47.65 21.88
N GLY L 16 44.20 46.33 21.68
CA GLY L 16 44.91 45.38 22.52
C GLY L 16 44.41 45.27 23.96
N GLN L 17 43.24 45.81 24.23
CA GLN L 17 42.64 45.73 25.58
C GLN L 17 41.41 44.78 25.64
N ARG L 18 40.51 45.05 26.58
CA ARG L 18 39.34 44.18 26.73
C ARG L 18 38.02 44.95 26.55
N ALA L 19 37.23 44.48 25.60
CA ALA L 19 35.87 44.98 25.44
C ALA L 19 34.97 44.03 26.22
N THR L 20 34.03 44.61 26.97
CA THR L 20 33.10 43.85 27.79
C THR L 20 31.69 44.38 27.60
N ILE L 21 30.92 43.71 26.75
CA ILE L 21 29.52 44.05 26.44
C ILE L 21 28.51 43.17 27.19
N SER L 22 27.53 43.81 27.82
CA SER L 22 26.57 43.07 28.61
C SER L 22 25.21 42.93 27.95
N CYS L 23 24.49 41.91 28.40
CA CYS L 23 23.12 41.66 27.98
C CYS L 23 22.29 41.36 29.22
N ARG L 24 21.05 41.81 29.23
CA ARG L 24 20.16 41.59 30.36
C ARG L 24 18.77 41.19 29.86
N ALA L 25 18.27 40.03 30.29
CA ALA L 25 16.96 39.58 29.83
C ALA L 25 15.86 39.93 30.84
N SER L 26 14.69 40.33 30.35
CA SER L 26 13.58 40.69 31.23
C SER L 26 13.18 39.48 32.08
N GLU L 27 13.00 38.33 31.46
CA GLU L 27 12.78 37.08 32.19
C GLU L 27 13.93 36.14 31.80
N SER L 28 14.08 35.02 32.50
CA SER L 28 15.19 34.12 32.20
C SER L 28 15.09 33.58 30.79
N VAL L 29 16.25 33.19 30.25
CA VAL L 29 16.39 32.63 28.92
C VAL L 29 17.18 31.31 29.06
N ASP L 30 16.78 30.51 30.04
CA ASP L 30 17.72 29.57 30.61
C ASP L 30 17.03 28.34 31.14
N ASN L 31 16.44 27.52 30.30
CA ASN L 31 16.03 26.24 30.87
C ASN L 31 16.67 25.05 30.15
N PHE L 32 16.38 23.83 30.58
CA PHE L 32 17.12 22.62 30.14
C PHE L 32 18.56 22.64 30.60
N GLY L 33 18.87 23.57 31.49
CA GLY L 33 20.21 23.67 32.02
C GLY L 33 21.15 24.49 31.16
N LYS L 34 20.75 24.79 29.93
CA LYS L 34 21.55 25.61 29.02
C LYS L 34 20.94 27.02 28.85
N SER L 35 21.77 27.99 28.50
CA SER L 35 21.29 29.35 28.26
C SER L 35 21.00 29.51 26.77
N PHE L 36 19.82 29.98 26.37
CA PHE L 36 19.55 30.11 24.92
C PHE L 36 19.75 31.53 24.41
N MET L 37 20.97 32.01 24.60
CA MET L 37 21.42 33.33 24.20
C MET L 37 22.37 33.23 23.04
N HIS L 38 22.38 34.22 22.17
CA HIS L 38 23.33 34.15 21.06
C HIS L 38 23.94 35.49 20.78
N TRP L 39 25.23 35.47 20.44
CA TRP L 39 25.82 36.73 20.10
C TRP L 39 26.08 36.83 18.59
N TYR L 40 25.79 38.02 18.06
CA TYR L 40 25.99 38.31 16.66
C TYR L 40 26.85 39.55 16.42
N GLN L 41 27.69 39.45 15.39
CA GLN L 41 28.57 40.54 15.01
C GLN L 41 28.23 41.14 13.63
N GLN L 42 27.95 42.43 13.62
CA GLN L 42 27.72 43.10 12.37
C GLN L 42 28.84 44.07 12.10
N LYS L 43 29.82 43.60 11.32
CA LYS L 43 30.85 44.49 10.84
C LYS L 43 30.15 45.49 9.89
N PRO L 44 30.57 46.77 9.92
CA PRO L 44 29.85 47.82 9.18
C PRO L 44 29.65 47.48 7.73
N GLY L 45 28.48 47.82 7.21
CA GLY L 45 28.27 47.69 5.79
C GLY L 45 28.06 46.27 5.30
N GLN L 46 27.77 45.35 6.20
CA GLN L 46 27.45 43.99 5.78
C GLN L 46 26.51 43.34 6.79
N SER L 47 25.94 42.21 6.38
CA SER L 47 24.98 41.46 7.17
C SER L 47 25.62 40.99 8.49
N PRO L 48 24.81 40.74 9.51
CA PRO L 48 25.31 40.21 10.77
C PRO L 48 25.94 38.82 10.62
N LYS L 49 26.73 38.46 11.62
CA LYS L 49 27.55 37.26 11.61
C LYS L 49 27.36 36.54 12.94
N LEU L 50 27.39 35.22 12.92
CA LEU L 50 27.18 34.45 14.14
C LEU L 50 28.48 34.28 14.93
N LEU L 51 28.49 34.72 16.18
CA LEU L 51 29.69 34.50 17.00
C LEU L 51 29.50 33.31 17.97
N ILE L 52 28.58 33.48 18.91
CA ILE L 52 28.38 32.52 19.99
C ILE L 52 26.97 31.95 19.96
N TYR L 53 26.87 30.61 20.07
CA TYR L 53 25.57 29.99 20.31
C TYR L 53 25.48 29.48 21.72
N ARG L 54 24.23 29.38 22.20
CA ARG L 54 23.82 29.12 23.58
C ARG L 54 24.80 29.69 24.60
N ALA L 55 25.10 30.97 24.40
CA ALA L 55 25.72 31.87 25.37
C ALA L 55 27.20 31.64 25.68
N SER L 56 27.75 30.49 25.32
CA SER L 56 29.11 30.20 25.72
C SER L 56 30.00 29.62 24.64
N ASN L 57 29.45 28.90 23.66
CA ASN L 57 30.32 28.19 22.70
C ASN L 57 30.50 28.94 21.37
N ARG L 58 31.75 29.01 20.92
CA ARG L 58 32.09 29.70 19.69
C ARG L 58 31.67 28.91 18.45
N GLU L 59 31.14 29.63 17.45
CA GLU L 59 30.85 29.04 16.15
C GLU L 59 32.16 28.80 15.45
N GLY L 61 35.26 28.77 13.34
CA GLY L 61 35.92 29.83 12.61
C GLY L 61 35.82 31.13 13.36
N ILE L 62 35.69 31.05 14.67
CA ILE L 62 35.67 32.28 15.43
C ILE L 62 36.87 32.22 16.35
N PRO L 63 37.68 33.28 16.34
CA PRO L 63 38.89 33.36 17.20
C PRO L 63 38.57 33.34 18.68
N ALA L 64 39.52 32.87 19.48
CA ALA L 64 39.27 32.66 20.89
C ALA L 64 39.11 33.95 21.66
N ARG L 65 39.48 35.06 21.04
CA ARG L 65 39.40 36.39 21.65
C ARG L 65 37.99 36.70 22.16
N PHE L 66 37.01 35.97 21.63
CA PHE L 66 35.62 36.15 22.04
C PHE L 66 35.20 35.20 23.16
N ASN L 67 34.91 35.80 24.30
CA ASN L 67 34.53 35.02 25.44
C ASN L 67 33.04 35.21 25.69
N GLY L 68 32.32 34.14 25.41
CA GLY L 68 30.91 34.09 25.72
C GLY L 68 30.76 33.64 27.16
N SER L 69 30.02 34.41 27.95
CA SER L 69 29.83 34.06 29.34
C SER L 69 28.47 34.53 29.78
N GLY L 70 28.02 33.94 30.88
CA GLY L 70 26.75 34.29 31.49
C GLY L 70 25.77 33.14 31.73
N SER L 71 24.71 33.44 32.48
CA SER L 71 23.69 32.46 32.79
C SER L 71 22.43 33.13 33.29
N GLY L 72 21.29 32.68 32.80
CA GLY L 72 20.02 33.14 33.36
C GLY L 72 19.42 34.43 32.82
N THR L 73 19.66 35.51 33.55
CA THR L 73 19.04 36.75 33.17
C THR L 73 20.06 37.69 32.53
N ASP L 74 21.34 37.55 32.87
CA ASP L 74 22.38 38.44 32.32
C ASP L 74 23.59 37.73 31.80
N PHE L 75 24.12 38.22 30.69
CA PHE L 75 25.28 37.60 30.06
C PHE L 75 26.29 38.63 29.64
N ALA L 76 27.35 38.15 29.02
CA ALA L 76 28.42 39.04 28.60
C ALA L 76 29.30 38.47 27.53
N LEU L 77 29.45 39.26 26.47
CA LEU L 77 30.40 38.96 25.43
C LEU L 77 31.66 39.72 25.77
N THR L 78 32.76 38.98 25.90
CA THR L 78 34.04 39.58 26.22
C THR L 78 35.01 39.44 25.06
N ILE L 79 35.42 40.57 24.50
CA ILE L 79 36.42 40.55 23.45
C ILE L 79 37.73 41.00 24.03
N ASN L 80 38.71 40.09 24.01
CA ASN L 80 39.98 40.35 24.65
C ASN L 80 41.02 39.30 24.24
N PRO L 81 42.09 39.72 23.54
CA PRO L 81 42.44 41.11 23.19
C PRO L 81 41.65 41.71 22.02
N VAL L 82 41.38 43.03 22.08
CA VAL L 82 40.65 43.72 21.01
C VAL L 82 41.57 43.92 19.82
N GLU L 83 41.14 43.53 18.62
CA GLU L 83 41.97 43.71 17.45
C GLU L 83 41.43 44.84 16.58
N ALA L 84 42.04 45.04 15.42
CA ALA L 84 41.65 46.16 14.56
C ALA L 84 40.31 45.92 13.93
N ASP L 85 40.16 44.74 13.31
CA ASP L 85 38.94 44.28 12.60
C ASP L 85 37.83 43.78 13.53
N ASP L 86 37.54 44.58 14.54
CA ASP L 86 36.53 44.23 15.54
C ASP L 86 35.54 45.37 15.62
N VAL L 87 35.74 46.39 14.78
CA VAL L 87 34.74 47.43 14.71
C VAL L 87 33.52 46.84 14.14
N ALA L 88 32.48 46.86 14.97
CA ALA L 88 31.22 46.32 14.57
C ALA L 88 30.22 46.67 15.63
N THR L 89 28.96 46.39 15.32
CA THR L 89 27.91 46.46 16.31
C THR L 89 27.57 45.01 16.66
N TYR L 90 27.55 44.73 17.97
CA TYR L 90 27.34 43.39 18.47
C TYR L 90 25.92 43.20 19.03
N PHE L 91 25.28 42.09 18.66
CA PHE L 91 23.92 41.84 19.09
C PHE L 91 23.77 40.54 19.85
N CYS L 92 23.00 40.61 20.93
CA CYS L 92 22.58 39.39 21.62
C CYS L 92 21.10 39.17 21.30
N GLN L 93 20.75 37.91 21.06
CA GLN L 93 19.40 37.49 20.74
C GLN L 93 19.06 36.18 21.43
N GLN L 94 17.87 36.11 22.00
CA GLN L 94 17.44 34.91 22.73
C GLN L 94 16.55 33.97 21.85
N SER L 95 16.61 32.66 22.12
CA SER L 95 15.81 31.69 21.35
C SER L 95 14.95 30.86 22.30
N ASN L 96 15.08 31.16 23.58
CA ASN L 96 14.35 30.49 24.65
C ASN L 96 12.84 30.51 24.44
N GLU L 97 12.34 31.56 23.81
CA GLU L 97 10.90 31.71 23.70
C GLU L 97 10.46 32.72 22.63
N ASP L 98 9.71 32.28 21.63
CA ASP L 98 9.15 33.19 20.64
C ASP L 98 8.33 34.26 21.36
N PRO L 99 8.27 35.46 20.82
CA PRO L 99 8.89 35.76 19.53
C PRO L 99 10.38 36.08 19.71
N ARG L 100 11.23 35.56 18.82
CA ARG L 100 12.67 35.76 18.88
C ARG L 100 12.93 37.22 19.03
N THR L 101 13.70 37.58 20.04
CA THR L 101 13.94 38.97 20.27
C THR L 101 15.47 39.22 20.32
N PHE L 102 15.88 40.40 19.81
CA PHE L 102 17.27 40.82 19.79
C PHE L 102 17.54 41.93 20.80
N GLY L 103 18.82 42.19 21.05
CA GLY L 103 19.21 43.33 21.85
C GLY L 103 19.19 44.63 21.04
N GLY L 104 19.41 45.76 21.71
CA GLY L 104 19.48 47.03 21.00
C GLY L 104 20.68 46.94 20.08
N GLY L 105 21.76 46.39 20.61
CA GLY L 105 22.99 46.28 19.87
C GLY L 105 23.99 47.19 20.52
N THR L 106 25.27 46.81 20.47
CA THR L 106 26.33 47.64 21.01
C THR L 106 27.40 47.92 19.96
N LYS L 107 27.66 49.20 19.69
CA LYS L 107 28.68 49.59 18.73
C LYS L 107 30.03 49.77 19.41
N LEU L 108 31.02 49.09 18.84
CA LEU L 108 32.38 49.06 19.36
C LEU L 108 33.31 49.95 18.54
N GLU L 109 34.07 50.79 19.24
CA GLU L 109 35.02 51.69 18.56
C GLU L 109 36.42 51.45 19.12
N ILE L 110 37.42 51.58 18.24
CA ILE L 110 38.81 51.36 18.62
C ILE L 110 39.52 52.68 18.91
N LYS L 111 40.17 52.80 20.07
CA LYS L 111 40.98 53.97 20.39
C LYS L 111 42.38 53.72 19.83
N ARG L 112 42.83 54.63 18.97
CA ARG L 112 44.16 54.53 18.38
C ARG L 112 44.90 55.86 18.49
N ALA L 113 46.02 55.91 17.79
CA ALA L 113 46.87 57.08 17.78
C ALA L 113 46.21 58.24 17.05
N ASP L 114 46.16 59.40 17.68
CA ASP L 114 45.56 60.57 17.08
C ASP L 114 46.20 60.84 15.75
N ALA L 115 45.45 60.71 14.68
CA ALA L 115 45.98 60.99 13.36
C ALA L 115 45.39 62.31 12.86
N ALA L 116 46.11 62.98 11.97
CA ALA L 116 45.69 64.27 11.43
C ALA L 116 45.01 64.12 10.05
N PRO L 117 43.99 64.93 9.82
CA PRO L 117 43.15 64.87 8.62
C PRO L 117 43.87 65.27 7.34
N THR L 118 43.92 64.38 6.37
CA THR L 118 44.56 64.75 5.12
C THR L 118 43.56 65.49 4.18
N VAL L 119 43.43 66.79 4.44
CA VAL L 119 42.51 67.67 3.75
C VAL L 119 42.90 67.85 2.30
N SER L 120 41.91 68.04 1.43
CA SER L 120 42.17 68.30 0.04
C SER L 120 40.93 68.94 -0.56
N ILE L 121 41.07 70.14 -1.14
CA ILE L 121 39.92 70.92 -1.68
C ILE L 121 39.79 70.84 -3.20
N PHE L 122 38.56 70.84 -3.68
CA PHE L 122 38.32 70.61 -5.09
C PHE L 122 37.31 71.61 -5.64
N PRO L 123 37.64 72.22 -6.77
CA PRO L 123 36.73 73.10 -7.49
C PRO L 123 35.69 72.29 -8.24
N PRO L 124 34.55 72.90 -8.51
CA PRO L 124 33.47 72.27 -9.26
C PRO L 124 33.86 71.90 -10.67
N SER L 125 33.26 70.82 -11.17
CA SER L 125 33.60 70.38 -12.50
C SER L 125 33.12 71.36 -13.55
N SER L 126 33.84 71.41 -14.67
CA SER L 126 33.44 72.25 -15.78
C SER L 126 32.13 71.73 -16.38
N GLU L 127 31.99 70.41 -16.43
CA GLU L 127 30.81 69.75 -16.97
C GLU L 127 29.58 70.05 -16.14
N GLN L 128 29.78 70.13 -14.83
CA GLN L 128 28.71 70.48 -13.90
C GLN L 128 28.30 71.94 -14.07
N LEU L 129 29.31 72.80 -14.29
CA LEU L 129 29.08 74.24 -14.41
C LEU L 129 28.30 74.59 -15.68
N THR L 130 28.50 73.81 -16.73
CA THR L 130 27.71 73.98 -17.96
C THR L 130 26.27 73.52 -17.75
N SER L 131 26.04 72.75 -16.69
CA SER L 131 24.71 72.29 -16.30
C SER L 131 24.04 73.30 -15.37
N GLY L 132 24.84 74.17 -14.75
CA GLY L 132 24.31 75.30 -14.01
C GLY L 132 24.62 75.45 -12.52
N GLY L 133 25.26 74.43 -11.95
CA GLY L 133 25.54 74.39 -10.53
C GLY L 133 27.00 74.20 -10.20
N ALA L 134 27.35 74.68 -9.02
CA ALA L 134 28.71 74.60 -8.53
C ALA L 134 28.79 73.70 -7.32
N SER L 135 29.87 72.94 -7.20
CA SER L 135 30.00 72.04 -6.08
C SER L 135 31.43 71.98 -5.61
N VAL L 136 31.67 72.62 -4.48
CA VAL L 136 32.99 72.60 -3.87
C VAL L 136 33.13 71.46 -2.88
N VAL L 137 33.90 70.44 -3.25
CA VAL L 137 34.09 69.26 -2.42
C VAL L 137 35.36 69.31 -1.60
N CYS L 138 35.33 68.76 -0.41
CA CYS L 138 36.50 68.88 0.43
C CYS L 138 36.60 67.66 1.34
N PHE L 139 37.48 66.72 0.98
CA PHE L 139 37.66 65.49 1.72
C PHE L 139 38.57 65.70 2.92
N LEU L 140 38.32 64.93 3.98
CA LEU L 140 39.09 64.98 5.20
C LEU L 140 39.36 63.55 5.64
N ASN L 141 40.31 62.90 4.97
CA ASN L 141 40.50 61.47 5.13
C ASN L 141 41.43 61.06 6.26
N ASN L 142 41.20 59.85 6.76
CA ASN L 142 42.08 59.15 7.68
C ASN L 142 42.51 59.99 8.89
N PHE L 143 41.63 60.02 9.90
CA PHE L 143 41.93 60.71 11.14
C PHE L 143 41.30 60.03 12.36
N TYR L 144 41.67 60.52 13.52
CA TYR L 144 41.19 60.02 14.79
C TYR L 144 41.60 61.08 15.80
N PRO L 145 40.77 61.41 16.80
CA PRO L 145 39.43 60.91 17.14
C PRO L 145 38.39 61.25 16.09
N LYS L 146 37.15 60.80 16.32
CA LYS L 146 36.07 60.90 15.34
C LYS L 146 35.69 62.36 15.08
N ASP L 147 35.65 63.11 16.19
CA ASP L 147 35.19 64.48 16.20
C ASP L 147 36.10 65.36 15.43
N ILE L 148 35.51 66.13 14.53
CA ILE L 148 36.21 67.05 13.67
C ILE L 148 35.24 68.20 13.45
N ASN L 149 35.72 69.32 12.95
CA ASN L 149 34.84 70.46 12.73
C ASN L 149 35.18 71.21 11.43
N VAL L 150 34.43 70.99 10.36
CA VAL L 150 34.69 71.69 9.10
C VAL L 150 33.98 73.05 9.10
N LYS L 151 34.69 74.07 8.61
CA LYS L 151 34.15 75.44 8.38
C LYS L 151 34.32 75.77 6.90
N TRP L 152 33.36 76.44 6.32
CA TRP L 152 33.55 76.90 4.95
C TRP L 152 33.70 78.42 4.95
N LYS L 153 34.65 78.95 4.19
CA LYS L 153 34.77 80.39 4.08
C LYS L 153 34.79 80.80 2.61
N ILE L 154 33.94 81.75 2.24
CA ILE L 154 33.97 82.28 0.90
C ILE L 154 34.38 83.75 1.02
N ASP L 155 35.59 84.05 0.54
CA ASP L 155 36.21 85.37 0.61
C ASP L 155 36.22 85.91 2.04
N GLY L 156 36.74 85.09 2.96
CA GLY L 156 36.89 85.45 4.35
C GLY L 156 35.63 85.33 5.19
N SER L 157 34.46 85.39 4.56
CA SER L 157 33.20 85.29 5.31
C SER L 157 32.68 83.85 5.33
N GLU L 158 32.30 83.40 6.53
CA GLU L 158 31.87 82.03 6.79
C GLU L 158 30.55 81.71 6.05
N ARG L 159 30.21 80.43 5.93
CA ARG L 159 28.97 79.98 5.30
C ARG L 159 28.58 78.56 5.75
N GLN L 160 27.31 78.32 6.07
CA GLN L 160 26.86 76.96 6.44
C GLN L 160 25.85 76.41 5.41
N ASN L 161 25.06 77.31 4.86
CA ASN L 161 23.97 76.88 4.02
C ASN L 161 24.43 76.40 2.66
N GLY L 162 24.14 75.13 2.36
CA GLY L 162 24.59 74.47 1.14
C GLY L 162 25.57 73.33 1.38
N VAL L 163 25.94 73.19 2.66
CA VAL L 163 26.89 72.17 3.14
C VAL L 163 26.21 70.79 3.41
N LEU L 164 26.87 69.72 2.96
CA LEU L 164 26.47 68.33 3.20
C LEU L 164 27.69 67.51 3.66
N ASN L 165 27.65 66.99 4.88
CA ASN L 165 28.76 66.21 5.45
C ASN L 165 28.48 64.71 5.48
N SER L 166 29.52 63.91 5.43
CA SER L 166 29.34 62.46 5.37
C SER L 166 30.57 61.74 5.94
N TRP L 167 30.42 61.04 7.05
CA TRP L 167 31.58 60.33 7.61
C TRP L 167 31.53 58.86 7.22
N THR L 168 32.68 58.20 7.07
CA THR L 168 32.62 56.73 6.90
C THR L 168 32.72 56.12 8.25
N ASP L 169 32.38 54.84 8.36
CA ASP L 169 32.58 54.17 9.62
C ASP L 169 34.05 53.95 9.87
N GLN L 170 34.43 53.86 11.13
CA GLN L 170 35.81 53.57 11.51
C GLN L 170 36.35 52.42 10.67
N ASP L 171 37.42 52.65 9.92
CA ASP L 171 37.91 51.63 8.99
C ASP L 171 38.37 50.39 9.75
N SER L 172 37.92 49.23 9.29
CA SER L 172 38.21 47.98 9.99
C SER L 172 39.71 47.71 10.02
N LYS L 173 40.44 48.23 9.04
CA LYS L 173 41.85 47.91 8.89
C LYS L 173 42.82 48.87 9.66
N ASP L 174 42.60 50.20 9.60
CA ASP L 174 43.53 51.15 10.26
C ASP L 174 42.91 51.94 11.41
N SER L 175 41.61 51.73 11.63
CA SER L 175 40.85 52.40 12.70
C SER L 175 40.79 53.94 12.61
N THR L 176 40.70 54.44 11.38
CA THR L 176 40.63 55.87 11.08
C THR L 176 39.37 56.26 10.32
N TYR L 177 38.76 57.38 10.72
CA TYR L 177 37.56 57.89 10.06
C TYR L 177 37.92 58.69 8.83
N SER L 178 36.95 58.95 7.97
CA SER L 178 37.17 59.83 6.83
C SER L 178 35.92 60.68 6.72
N MET L 179 36.00 61.82 6.04
CA MET L 179 34.84 62.70 5.91
C MET L 179 34.74 63.44 4.56
N SER L 180 33.54 63.53 4.00
CA SER L 180 33.28 64.35 2.83
C SER L 180 32.65 65.66 3.30
N SER L 181 32.71 66.72 2.50
CA SER L 181 32.03 67.97 2.89
C SER L 181 31.78 68.82 1.68
N THR L 182 30.69 68.52 0.99
CA THR L 182 30.34 69.18 -0.24
C THR L 182 29.66 70.49 0.04
N LEU L 183 29.90 71.48 -0.82
CA LEU L 183 29.24 72.79 -0.71
C LEU L 183 28.61 73.14 -2.08
N THR L 184 27.28 73.05 -2.19
CA THR L 184 26.61 73.24 -3.48
C THR L 184 26.04 74.68 -3.65
N LEU L 185 26.30 75.27 -4.82
CA LEU L 185 25.84 76.60 -5.23
C LEU L 185 25.44 76.60 -6.71
N THR L 186 24.76 77.66 -7.14
CA THR L 186 24.49 77.80 -8.57
C THR L 186 25.59 78.62 -9.25
N LYS L 187 25.75 78.40 -10.55
CA LYS L 187 26.83 78.99 -11.34
C LYS L 187 26.96 80.48 -11.05
N ASP L 188 25.83 81.17 -11.10
CA ASP L 188 25.74 82.62 -10.86
C ASP L 188 26.06 83.03 -9.41
N GLU L 189 25.59 82.25 -8.44
CA GLU L 189 25.88 82.44 -7.00
C GLU L 189 27.34 82.28 -6.71
N TYR L 190 27.95 81.45 -7.56
CA TYR L 190 29.35 81.02 -7.49
C TYR L 190 30.29 82.03 -8.12
N GLU L 191 29.92 82.53 -9.29
CA GLU L 191 30.74 83.46 -10.06
C GLU L 191 30.74 84.85 -9.47
N ARG L 192 30.20 84.99 -8.28
CA ARG L 192 30.11 86.29 -7.67
C ARG L 192 31.02 86.32 -6.47
N HIS L 193 32.07 85.50 -6.51
CA HIS L 193 33.08 85.45 -5.45
C HIS L 193 34.42 84.93 -6.00
N ASN L 194 35.41 84.79 -5.13
CA ASN L 194 36.73 84.37 -5.58
C ASN L 194 37.33 83.21 -4.79
N SER L 195 37.61 83.43 -3.50
CA SER L 195 38.37 82.44 -2.72
C SER L 195 37.48 81.47 -1.91
N TYR L 196 37.71 80.18 -2.10
CA TYR L 196 36.93 79.19 -1.40
C TYR L 196 37.80 78.34 -0.49
N THR L 197 37.50 78.41 0.81
CA THR L 197 38.35 77.86 1.88
C THR L 197 37.66 76.72 2.66
N CYS L 198 38.43 76.01 3.48
CA CYS L 198 37.91 74.81 4.08
C CYS L 198 38.61 74.52 5.40
N GLU L 199 38.30 75.28 6.45
CA GLU L 199 39.02 75.21 7.72
C GLU L 199 38.65 74.11 8.70
N ALA L 200 39.47 73.07 8.78
CA ALA L 200 39.19 71.94 9.67
C ALA L 200 39.87 72.08 11.01
N THR L 201 39.11 71.97 12.09
CA THR L 201 39.69 72.22 13.39
C THR L 201 39.72 70.91 14.17
N HIS L 202 40.92 70.32 14.27
CA HIS L 202 41.07 69.06 14.97
C HIS L 202 41.77 69.23 16.32
N LYS L 203 41.71 68.20 17.16
CA LYS L 203 42.44 68.18 18.42
C LYS L 203 43.92 67.92 18.12
N THR L 204 44.18 67.37 16.94
CA THR L 204 45.54 67.09 16.49
C THR L 204 46.34 68.40 16.37
N SER L 205 45.95 69.27 15.44
CA SER L 205 46.61 70.58 15.26
C SER L 205 45.96 71.62 16.17
N THR L 206 46.77 72.37 16.90
CA THR L 206 46.17 73.39 17.77
C THR L 206 45.69 74.61 16.95
N SER L 207 46.04 74.61 15.67
CA SER L 207 45.66 75.67 14.75
C SER L 207 45.01 75.06 13.51
N PRO L 208 43.95 75.72 13.03
CA PRO L 208 43.13 75.19 11.92
C PRO L 208 43.91 74.81 10.64
N ILE L 209 43.67 73.58 10.19
CA ILE L 209 44.19 73.10 8.91
C ILE L 209 43.34 73.72 7.83
N VAL L 210 43.99 74.28 6.83
CA VAL L 210 43.29 75.01 5.80
C VAL L 210 43.67 74.48 4.42
N LYS L 211 42.74 74.52 3.50
CA LYS L 211 43.08 74.29 2.12
C LYS L 211 42.09 75.11 1.35
N SER L 212 42.55 75.93 0.42
CA SER L 212 41.66 76.79 -0.33
C SER L 212 42.09 76.90 -1.78
N PHE L 213 41.22 77.48 -2.60
CA PHE L 213 41.56 77.70 -3.98
C PHE L 213 40.86 78.96 -4.48
N ASN L 214 41.46 79.67 -5.43
CA ASN L 214 40.86 80.88 -5.96
C ASN L 214 40.22 80.64 -7.31
N ARG L 215 39.08 81.29 -7.52
CA ARG L 215 38.24 80.99 -8.67
C ARG L 215 38.95 81.14 -10.00
N ASN L 216 39.57 82.30 -10.21
CA ASN L 216 40.28 82.55 -11.45
C ASN L 216 41.78 82.35 -11.23
N GLU L 217 42.37 81.44 -12.02
CA GLU L 217 43.80 81.11 -11.97
C GLU L 217 44.37 81.06 -13.38
N ASP M 1 -1.06 -48.13 2.11
CA ASP M 1 -0.10 -47.91 1.04
C ASP M 1 -0.34 -46.57 0.33
N ILE M 2 0.73 -45.79 0.11
CA ILE M 2 0.65 -44.54 -0.63
C ILE M 2 1.02 -44.79 -2.09
N VAL M 3 0.03 -45.04 -2.94
CA VAL M 3 0.34 -45.39 -4.31
C VAL M 3 0.93 -44.18 -5.07
N LEU M 4 2.13 -44.39 -5.59
CA LEU M 4 2.82 -43.38 -6.37
C LEU M 4 2.71 -43.72 -7.85
N THR M 5 2.19 -42.76 -8.62
CA THR M 5 1.97 -42.88 -10.07
C THR M 5 2.70 -41.80 -10.86
N GLN M 6 3.74 -42.17 -11.62
CA GLN M 6 4.52 -41.22 -12.40
C GLN M 6 3.92 -41.01 -13.79
N SER M 7 4.10 -39.81 -14.34
CA SER M 7 3.58 -39.54 -15.67
C SER M 7 4.43 -38.49 -16.38
N PRO M 8 4.75 -38.74 -17.66
CA PRO M 8 4.33 -39.88 -18.48
C PRO M 8 5.24 -41.10 -18.33
N GLY M 9 4.82 -42.24 -18.89
CA GLY M 9 5.60 -43.45 -18.76
C GLY M 9 6.94 -43.43 -19.47
N SER M 10 6.90 -42.86 -20.67
CA SER M 10 8.10 -42.71 -21.50
C SER M 10 8.11 -41.31 -22.10
N LEU M 11 9.28 -40.72 -22.11
CA LEU M 11 9.40 -39.36 -22.51
C LEU M 11 10.59 -39.25 -23.41
N THR M 12 10.35 -38.74 -24.61
CA THR M 12 11.43 -38.47 -25.55
C THR M 12 11.54 -36.98 -25.71
N VAL M 13 12.72 -36.45 -25.39
CA VAL M 13 12.94 -35.02 -25.44
C VAL M 13 14.19 -34.73 -26.25
N SER M 14 14.17 -33.61 -26.99
CA SER M 14 15.25 -33.22 -27.88
C SER M 14 16.46 -32.88 -27.04
N LEU M 15 17.66 -33.05 -27.57
CA LEU M 15 18.85 -32.71 -26.81
C LEU M 15 18.85 -31.21 -26.50
N GLY M 16 19.39 -30.81 -25.35
CA GLY M 16 19.46 -29.39 -24.99
C GLY M 16 18.12 -28.73 -24.67
N GLN M 17 17.09 -29.54 -24.46
CA GLN M 17 15.76 -29.01 -24.10
C GLN M 17 15.37 -29.30 -22.62
N ARG M 18 14.07 -29.39 -22.36
CA ARG M 18 13.61 -29.62 -21.00
C ARG M 18 12.78 -30.89 -20.87
N ALA M 19 13.24 -31.78 -20.01
CA ALA M 19 12.46 -32.95 -19.63
C ALA M 19 11.68 -32.58 -18.37
N THR M 20 10.40 -32.96 -18.35
CA THR M 20 9.52 -32.66 -17.22
C THR M 20 8.72 -33.90 -16.86
N ILE M 21 9.20 -34.60 -15.82
CA ILE M 21 8.56 -35.83 -15.31
C ILE M 21 7.73 -35.60 -14.04
N SER M 22 6.51 -36.08 -14.04
CA SER M 22 5.63 -35.82 -12.91
C SER M 22 5.45 -37.03 -12.00
N CYS M 23 5.05 -36.73 -10.76
CA CYS M 23 4.73 -37.73 -9.76
C CYS M 23 3.42 -37.32 -9.09
N ARG M 24 2.59 -38.30 -8.76
CA ARG M 24 1.31 -38.02 -8.12
C ARG M 24 1.08 -39.01 -6.98
N ALA M 25 0.87 -38.52 -5.76
CA ALA M 25 0.66 -39.43 -4.63
C ALA M 25 -0.81 -39.62 -4.32
N SER M 26 -1.21 -40.85 -3.98
CA SER M 26 -2.61 -41.13 -3.68
C SER M 26 -3.07 -40.29 -2.48
N GLU M 27 -2.30 -40.28 -1.41
CA GLU M 27 -2.55 -39.38 -0.29
C GLU M 27 -1.31 -38.48 -0.14
N SER M 28 -1.39 -37.43 0.67
CA SER M 28 -0.25 -36.52 0.79
C SER M 28 0.97 -37.25 1.34
N VAL M 29 2.13 -36.70 1.03
CA VAL M 29 3.44 -37.21 1.45
C VAL M 29 4.21 -36.03 2.09
N ASP M 30 3.51 -35.29 2.93
CA ASP M 30 3.91 -33.92 3.16
C ASP M 30 3.54 -33.45 4.53
N ASN M 31 4.15 -33.98 5.58
CA ASN M 31 3.92 -33.28 6.85
C ASN M 31 5.22 -32.81 7.48
N PHE M 32 5.16 -32.16 8.65
CA PHE M 32 6.30 -31.44 9.24
C PHE M 32 6.73 -30.26 8.38
N GLY M 33 5.89 -29.91 7.42
CA GLY M 33 6.18 -28.79 6.56
C GLY M 33 7.07 -29.13 5.38
N LYS M 34 7.69 -30.31 5.40
CA LYS M 34 8.54 -30.75 4.29
C LYS M 34 7.88 -31.88 3.50
N SER M 35 8.25 -32.04 2.23
CA SER M 35 7.72 -33.11 1.39
C SER M 35 8.65 -34.31 1.48
N PHE M 36 8.16 -35.52 1.77
CA PHE M 36 9.08 -36.66 1.88
C PHE M 36 9.10 -37.51 0.60
N MET M 37 9.45 -36.84 -0.50
CA MET M 37 9.55 -37.42 -1.82
C MET M 37 10.99 -37.54 -2.23
N HIS M 38 11.32 -38.53 -3.02
CA HIS M 38 12.71 -38.63 -3.46
C HIS M 38 12.81 -39.02 -4.91
N TRP M 39 13.76 -38.44 -5.60
CA TRP M 39 13.92 -38.86 -6.97
C TRP M 39 15.18 -39.71 -7.14
N TYR M 40 15.03 -40.77 -7.94
CA TYR M 40 16.11 -41.67 -8.26
C TYR M 40 16.35 -41.86 -9.75
N GLN M 41 17.62 -41.95 -10.11
CA GLN M 41 18.02 -42.14 -11.49
C GLN M 41 18.69 -43.50 -11.74
N GLN M 42 18.11 -44.27 -12.64
CA GLN M 42 18.72 -45.52 -13.02
C GLN M 42 19.21 -45.44 -14.44
N LYS M 43 20.48 -45.11 -14.60
CA LYS M 43 21.12 -45.19 -15.89
C LYS M 43 21.12 -46.68 -16.28
N PRO M 44 20.89 -46.99 -17.57
CA PRO M 44 20.70 -48.38 -18.00
C PRO M 44 21.82 -49.29 -17.56
N GLY M 45 21.47 -50.49 -17.16
CA GLY M 45 22.50 -51.48 -16.87
C GLY M 45 23.25 -51.28 -15.57
N GLN M 46 22.71 -50.45 -14.69
CA GLN M 46 23.33 -50.31 -13.37
C GLN M 46 22.25 -49.95 -12.34
N SER M 47 22.66 -50.05 -11.08
CA SER M 47 21.77 -49.79 -9.93
C SER M 47 21.28 -48.35 -9.97
N PRO M 48 20.13 -48.09 -9.33
CA PRO M 48 19.62 -46.72 -9.23
C PRO M 48 20.55 -45.80 -8.43
N LYS M 49 20.34 -44.51 -8.62
CA LYS M 49 21.19 -43.45 -8.10
C LYS M 49 20.31 -42.39 -7.45
N LEU M 50 20.80 -41.79 -6.36
CA LEU M 50 20.02 -40.80 -5.65
C LEU M 50 20.17 -39.41 -6.27
N LEU M 51 19.07 -38.79 -6.69
CA LEU M 51 19.15 -37.43 -7.21
C LEU M 51 18.72 -36.39 -6.17
N ILE M 52 17.43 -36.43 -5.82
CA ILE M 52 16.83 -35.43 -4.95
C ILE M 52 16.28 -36.07 -3.68
N TYR M 53 16.60 -35.46 -2.52
CA TYR M 53 15.93 -35.82 -1.28
C TYR M 53 14.96 -34.74 -0.86
N ARG M 54 13.95 -35.17 -0.10
CA ARG M 54 12.76 -34.42 0.31
C ARG M 54 12.32 -33.41 -0.75
N ALA M 55 12.19 -33.94 -1.97
CA ALA M 55 11.46 -33.35 -3.09
C ALA M 55 12.11 -32.13 -3.75
N SER M 56 13.09 -31.50 -3.10
CA SER M 56 13.61 -30.27 -3.66
C SER M 56 15.12 -30.13 -3.65
N ASN M 57 15.82 -30.78 -2.71
CA ASN M 57 17.28 -30.53 -2.58
C ASN M 57 18.14 -31.61 -3.25
N ARG M 58 19.14 -31.16 -3.99
CA ARG M 58 20.04 -32.05 -4.72
C ARG M 58 21.02 -32.74 -3.78
N GLU M 59 21.26 -34.03 -4.04
CA GLU M 59 22.30 -34.78 -3.35
C GLU M 59 23.63 -34.31 -3.87
N GLY M 61 26.95 -33.71 -5.53
CA GLY M 61 27.51 -34.25 -6.75
C GLY M 61 26.42 -34.43 -7.79
N ILE M 62 25.37 -33.64 -7.70
CA ILE M 62 24.36 -33.72 -8.73
C ILE M 62 24.32 -32.36 -9.39
N PRO M 63 24.41 -32.34 -10.73
CA PRO M 63 24.40 -31.08 -11.50
C PRO M 63 23.07 -30.33 -11.35
N ALA M 64 23.14 -29.01 -11.53
CA ALA M 64 21.99 -28.17 -11.27
C ALA M 64 20.87 -28.36 -12.26
N ARG M 65 21.18 -29.03 -13.37
CA ARG M 65 20.21 -29.30 -14.44
C ARG M 65 18.94 -29.98 -13.91
N PHE M 66 19.07 -30.59 -12.73
CA PHE M 66 17.94 -31.29 -12.11
C PHE M 66 17.17 -30.40 -11.13
N ASN M 67 15.94 -30.12 -11.51
CA ASN M 67 15.12 -29.27 -10.68
C ASN M 67 14.06 -30.12 -10.00
N GLY M 68 14.25 -30.25 -8.71
CA GLY M 68 13.27 -30.91 -7.87
C GLY M 68 12.23 -29.89 -7.46
N SER M 69 10.97 -30.18 -7.71
CA SER M 69 9.91 -29.26 -7.36
C SER M 69 8.68 -30.03 -7.00
N GLY M 70 7.79 -29.34 -6.29
CA GLY M 70 6.51 -29.90 -5.88
C GLY M 70 6.18 -29.81 -4.39
N SER M 71 4.94 -30.14 -4.05
CA SER M 71 4.49 -30.13 -2.68
C SER M 71 3.18 -30.90 -2.54
N GLY M 72 3.09 -31.72 -1.50
CA GLY M 72 1.82 -32.34 -1.19
C GLY M 72 1.46 -33.65 -1.89
N THR M 73 0.67 -33.53 -2.94
CA THR M 73 0.20 -34.71 -3.59
C THR M 73 0.93 -34.92 -4.92
N ASP M 74 1.41 -33.84 -5.55
CA ASP M 74 2.09 -33.96 -6.86
C ASP M 74 3.38 -33.21 -6.93
N PHE M 75 4.36 -33.82 -7.60
CA PHE M 75 5.69 -33.22 -7.73
C PHE M 75 6.20 -33.33 -9.13
N ALA M 76 7.42 -32.85 -9.31
CA ALA M 76 8.01 -32.87 -10.63
C ALA M 76 9.50 -32.75 -10.62
N LEU M 77 10.13 -33.68 -11.32
CA LEU M 77 11.55 -33.63 -11.58
C LEU M 77 11.72 -32.97 -12.93
N THR M 78 12.46 -31.88 -12.95
CA THR M 78 12.70 -31.13 -14.18
C THR M 78 14.17 -31.22 -14.57
N ILE M 79 14.43 -31.83 -15.72
CA ILE M 79 15.79 -31.88 -16.23
C ILE M 79 15.91 -30.90 -17.36
N ASN M 80 16.75 -29.89 -17.17
CA ASN M 80 16.87 -28.81 -18.13
C ASN M 80 18.10 -27.95 -17.84
N PRO M 81 19.08 -27.93 -18.77
CA PRO M 81 19.07 -28.56 -20.10
C PRO M 81 19.32 -30.08 -20.11
N VAL M 82 18.69 -30.81 -21.04
CA VAL M 82 18.87 -32.26 -21.15
C VAL M 82 20.22 -32.54 -21.81
N GLU M 83 21.04 -33.39 -21.19
CA GLU M 83 22.33 -33.72 -21.78
C GLU M 83 22.31 -35.12 -22.37
N ALA M 84 23.47 -35.57 -22.84
CA ALA M 84 23.53 -36.86 -23.51
C ALA M 84 23.38 -38.00 -22.53
N ASP M 85 24.18 -37.95 -21.46
CA ASP M 85 24.22 -38.94 -20.36
C ASP M 85 23.07 -38.82 -19.35
N ASP M 86 21.87 -38.71 -19.87
CA ASP M 86 20.67 -38.54 -19.06
C ASP M 86 19.69 -39.62 -19.44
N VAL M 87 20.08 -40.49 -20.37
CA VAL M 87 19.24 -41.63 -20.66
C VAL M 87 19.22 -42.49 -19.45
N ALA M 88 18.02 -42.62 -18.91
CA ALA M 88 17.83 -43.40 -17.73
C ALA M 88 16.34 -43.50 -17.50
N THR M 89 15.99 -44.35 -16.55
CA THR M 89 14.64 -44.40 -16.03
C THR M 89 14.69 -43.73 -14.67
N TYR M 90 13.77 -42.79 -14.47
CA TYR M 90 13.72 -41.98 -13.25
C TYR M 90 12.59 -42.42 -12.31
N PHE M 91 12.90 -42.55 -11.03
CA PHE M 91 11.92 -43.01 -10.06
C PHE M 91 11.69 -42.03 -8.94
N CYS M 92 10.44 -41.83 -8.58
CA CYS M 92 10.09 -41.11 -7.38
C CYS M 92 9.61 -42.14 -6.34
N GLN M 93 10.04 -41.93 -5.10
CA GLN M 93 9.69 -42.79 -3.98
C GLN M 93 9.42 -41.95 -2.73
N GLN M 94 8.36 -42.30 -2.02
CA GLN M 94 7.98 -41.55 -0.82
C GLN M 94 8.49 -42.24 0.49
N SER M 95 8.76 -41.44 1.54
CA SER M 95 9.25 -41.98 2.81
C SER M 95 8.34 -41.54 3.94
N ASN M 96 7.33 -40.77 3.59
CA ASN M 96 6.34 -40.24 4.51
C ASN M 96 5.68 -41.32 5.36
N GLU M 97 5.53 -42.51 4.80
CA GLU M 97 4.77 -43.54 5.51
C GLU M 97 5.01 -44.95 4.96
N ASP M 98 5.52 -45.86 5.78
CA ASP M 98 5.67 -47.25 5.37
C ASP M 98 4.31 -47.78 4.94
N PRO M 99 4.29 -48.71 3.99
CA PRO M 99 5.52 -49.29 3.45
C PRO M 99 6.06 -48.40 2.34
N ARG M 100 7.39 -48.20 2.31
CA ARG M 100 8.06 -47.36 1.33
C ARG M 100 7.59 -47.76 -0.03
N THR M 101 7.11 -46.80 -0.79
CA THR M 101 6.58 -47.14 -2.08
C THR M 101 7.28 -46.27 -3.16
N PHE M 102 7.50 -46.88 -4.33
CA PHE M 102 8.14 -46.21 -5.48
C PHE M 102 7.12 -45.91 -6.57
N GLY M 103 7.53 -45.07 -7.52
CA GLY M 103 6.74 -44.84 -8.71
C GLY M 103 6.91 -45.96 -9.74
N GLY M 104 6.12 -45.91 -10.83
CA GLY M 104 6.28 -46.90 -11.88
C GLY M 104 7.66 -46.70 -12.45
N GLY M 105 8.03 -45.43 -12.64
CA GLY M 105 9.31 -45.10 -13.21
C GLY M 105 9.04 -44.47 -14.56
N THR M 106 9.90 -43.54 -14.96
CA THR M 106 9.78 -42.91 -16.27
C THR M 106 11.06 -43.05 -17.07
N LYS M 107 10.97 -43.65 -18.26
CA LYS M 107 12.14 -43.80 -19.13
C LYS M 107 12.29 -42.61 -20.06
N LEU M 108 13.49 -42.05 -20.04
CA LEU M 108 13.84 -40.87 -20.81
C LEU M 108 14.66 -41.20 -22.03
N GLU M 109 14.25 -40.67 -23.19
CA GLU M 109 14.98 -40.93 -24.44
C GLU M 109 15.40 -39.60 -25.06
N ILE M 110 16.56 -39.59 -25.70
CA ILE M 110 17.10 -38.39 -26.32
C ILE M 110 16.82 -38.36 -27.83
N LYS M 111 16.24 -37.27 -28.33
CA LYS M 111 16.03 -37.10 -29.77
C LYS M 111 17.31 -36.48 -30.33
N ARG M 112 17.91 -37.16 -31.31
CA ARG M 112 19.11 -36.67 -31.95
C ARG M 112 18.97 -36.75 -33.47
N ALA M 113 20.10 -36.52 -34.12
CA ALA M 113 20.17 -36.53 -35.58
C ALA M 113 19.98 -37.93 -36.11
N ASP M 114 19.06 -38.08 -37.07
CA ASP M 114 18.81 -39.38 -37.67
C ASP M 114 20.08 -39.95 -38.22
N ALA M 115 20.54 -41.04 -37.64
CA ALA M 115 21.75 -41.68 -38.13
C ALA M 115 21.36 -42.97 -38.87
N ALA M 116 22.21 -43.39 -39.79
CA ALA M 116 21.95 -44.59 -40.60
C ALA M 116 22.69 -45.82 -40.04
N PRO M 117 22.04 -46.97 -40.12
CA PRO M 117 22.53 -48.23 -39.55
C PRO M 117 23.77 -48.78 -40.25
N THR M 118 24.84 -48.98 -39.52
CA THR M 118 26.02 -49.55 -40.13
C THR M 118 25.95 -51.10 -40.15
N VAL M 119 25.24 -51.60 -41.16
CA VAL M 119 24.97 -53.02 -41.33
C VAL M 119 26.23 -53.79 -41.64
N SER M 120 26.29 -55.03 -41.22
CA SER M 120 27.42 -55.88 -41.53
C SER M 120 26.99 -57.32 -41.33
N ILE M 121 27.10 -58.15 -42.39
CA ILE M 121 26.62 -59.56 -42.36
C ILE M 121 27.75 -60.58 -42.16
N PHE M 122 27.45 -61.65 -41.44
CA PHE M 122 28.48 -62.60 -41.07
C PHE M 122 28.01 -64.03 -41.31
N PRO M 123 28.86 -64.83 -41.96
CA PRO M 123 28.61 -66.25 -42.14
C PRO M 123 28.90 -67.00 -40.86
N PRO M 124 28.29 -68.16 -40.70
CA PRO M 124 28.48 -69.03 -39.55
C PRO M 124 29.90 -69.52 -39.41
N SER M 125 30.34 -69.72 -38.18
CA SER M 125 31.70 -70.17 -37.96
C SER M 125 31.90 -71.57 -38.45
N SER M 126 33.13 -71.86 -38.86
CA SER M 126 33.48 -73.21 -39.28
C SER M 126 33.41 -74.17 -38.10
N GLU M 127 33.82 -73.68 -36.93
CA GLU M 127 33.83 -74.47 -35.69
C GLU M 127 32.42 -74.84 -35.28
N GLN M 128 31.50 -73.90 -35.50
CA GLN M 128 30.08 -74.13 -35.21
C GLN M 128 29.51 -75.16 -36.18
N LEU M 129 29.91 -75.06 -37.44
CA LEU M 129 29.38 -75.94 -38.50
C LEU M 129 29.81 -77.39 -38.30
N THR M 130 31.00 -77.59 -37.74
CA THR M 130 31.46 -78.94 -37.39
C THR M 130 30.67 -79.49 -36.20
N GLY M 132 27.37 -78.74 -36.02
CA GLY M 132 26.13 -79.11 -36.69
C GLY M 132 25.11 -78.04 -37.04
N GLY M 133 25.37 -76.83 -36.58
CA GLY M 133 24.44 -75.73 -36.75
C GLY M 133 25.05 -74.52 -37.43
N ALA M 134 24.16 -73.76 -38.07
CA ALA M 134 24.54 -72.57 -38.79
C ALA M 134 23.98 -71.34 -38.14
N SER M 135 24.73 -70.25 -38.12
CA SER M 135 24.24 -69.04 -37.50
C SER M 135 24.68 -67.83 -38.28
N VAL M 136 23.73 -67.24 -38.99
CA VAL M 136 23.98 -66.03 -39.73
C VAL M 136 23.68 -64.79 -38.91
N VAL M 137 24.73 -64.09 -38.49
CA VAL M 137 24.60 -62.89 -37.66
C VAL M 137 24.65 -61.60 -38.45
N CYS M 138 23.90 -60.62 -38.01
CA CYS M 138 23.84 -59.41 -38.81
C CYS M 138 23.61 -58.21 -37.90
N PHE M 139 24.68 -57.48 -37.61
CA PHE M 139 24.65 -56.32 -36.72
C PHE M 139 24.13 -55.09 -37.44
N LEU M 140 23.46 -54.22 -36.71
CA LEU M 140 22.91 -52.98 -37.23
C LEU M 140 23.21 -51.88 -36.22
N ASN M 141 24.46 -51.43 -36.21
CA ASN M 141 24.93 -50.56 -35.14
C ASN M 141 24.71 -49.07 -35.37
N ASN M 142 24.62 -48.34 -34.25
CA ASN M 142 24.63 -46.90 -34.22
C ASN M 142 23.64 -46.23 -35.19
N PHE M 143 22.39 -46.15 -34.75
CA PHE M 143 21.36 -45.48 -35.53
C PHE M 143 20.31 -44.78 -34.66
N TYR M 144 19.44 -44.04 -35.32
CA TYR M 144 18.37 -43.30 -34.67
C TYR M 144 17.47 -42.88 -35.81
N PRO M 145 16.14 -42.91 -35.63
CA PRO M 145 15.32 -43.28 -34.49
C PRO M 145 15.45 -44.76 -34.13
N LYS M 146 14.76 -45.18 -33.08
CA LYS M 146 14.88 -46.52 -32.51
C LYS M 146 14.37 -47.58 -33.49
N ASP M 147 13.25 -47.24 -34.12
CA ASP M 147 12.52 -48.14 -34.98
C ASP M 147 13.32 -48.47 -36.20
N ILE M 148 13.41 -49.76 -36.47
CA ILE M 148 14.14 -50.28 -37.60
C ILE M 148 13.39 -51.55 -37.98
N ASN M 149 13.66 -52.08 -39.16
CA ASN M 149 12.96 -53.29 -39.60
C ASN M 149 13.88 -54.25 -40.36
N VAL M 150 14.38 -55.30 -39.71
CA VAL M 150 15.24 -56.26 -40.39
C VAL M 150 14.41 -57.33 -41.11
N LYS M 151 14.81 -57.66 -42.33
CA LYS M 151 14.23 -58.75 -43.14
C LYS M 151 15.34 -59.75 -43.46
N TRP M 152 15.04 -61.03 -43.46
CA TRP M 152 16.03 -61.98 -43.90
C TRP M 152 15.60 -62.59 -45.23
N LYS M 153 16.52 -62.71 -46.18
CA LYS M 153 16.18 -63.37 -47.43
C LYS M 153 17.18 -64.48 -47.73
N ILE M 154 16.67 -65.68 -48.02
CA ILE M 154 17.55 -66.76 -48.42
C ILE M 154 17.18 -67.10 -49.86
N ASP M 155 18.09 -66.79 -50.78
CA ASP M 155 17.91 -66.96 -52.23
C ASP M 155 16.65 -66.28 -52.73
N GLY M 156 16.50 -65.00 -52.38
CA GLY M 156 15.39 -64.18 -52.82
C GLY M 156 14.12 -64.37 -52.02
N SER M 157 13.94 -65.53 -51.39
CA SER M 157 12.72 -65.78 -50.61
C SER M 157 12.91 -65.45 -49.13
N GLU M 158 11.93 -64.70 -48.59
CA GLU M 158 11.96 -64.18 -47.23
C GLU M 158 11.92 -65.32 -46.19
N VAL M 163 14.95 -66.49 -36.45
CA VAL M 163 15.44 -65.14 -36.16
C VAL M 163 15.33 -64.75 -34.66
N LEU M 164 16.40 -64.14 -34.13
CA LEU M 164 16.47 -63.60 -32.77
C LEU M 164 17.06 -62.18 -32.81
N ASN M 165 16.27 -61.19 -32.39
CA ASN M 165 16.70 -59.79 -32.39
C ASN M 165 17.04 -59.27 -31.01
N SER M 166 17.91 -58.28 -30.93
CA SER M 166 18.36 -57.78 -29.64
C SER M 166 18.82 -56.33 -29.75
N TRP M 167 18.14 -55.38 -29.13
CA TRP M 167 18.58 -53.99 -29.23
C TRP M 167 19.36 -53.59 -27.98
N THR M 168 20.33 -52.68 -28.07
CA THR M 168 20.92 -52.17 -26.84
C THR M 168 20.14 -50.96 -26.43
N ASP M 169 20.32 -50.52 -25.19
CA ASP M 169 19.68 -49.28 -24.79
C ASP M 169 20.37 -48.13 -25.46
N GLN M 170 19.63 -47.03 -25.65
CA GLN M 170 20.17 -45.81 -26.20
C GLN M 170 21.52 -45.49 -25.53
N ASP M 171 22.59 -45.40 -26.30
CA ASP M 171 23.91 -45.23 -25.71
C ASP M 171 24.01 -43.90 -24.97
N SER M 172 24.51 -43.95 -23.74
CA SER M 172 24.57 -42.75 -22.91
C SER M 172 25.45 -41.66 -23.54
N LYS M 173 26.42 -42.08 -24.35
CA LYS M 173 27.41 -41.17 -24.88
C LYS M 173 27.00 -40.51 -26.24
N ASP M 174 26.48 -41.28 -27.20
CA ASP M 174 26.16 -40.72 -28.54
C ASP M 174 24.67 -40.72 -28.87
N SER M 175 23.86 -41.29 -27.98
CA SER M 175 22.40 -41.39 -28.12
C SER M 175 21.92 -42.18 -29.36
N THR M 176 22.64 -43.25 -29.67
CA THR M 176 22.35 -44.13 -30.80
C THR M 176 22.11 -45.57 -30.38
N TYR M 177 21.09 -46.20 -30.97
CA TYR M 177 20.78 -47.61 -30.70
C TYR M 177 21.65 -48.53 -31.52
N SER M 178 21.68 -49.80 -31.15
CA SER M 178 22.38 -50.79 -31.96
C SER M 178 21.49 -52.03 -31.95
N MET M 179 21.68 -52.93 -32.91
CA MET M 179 20.85 -54.13 -32.97
C MET M 179 21.57 -55.39 -33.48
N SER M 180 21.33 -56.53 -32.85
CA SER M 180 21.81 -57.82 -33.34
C SER M 180 20.65 -58.51 -34.08
N SER M 181 20.94 -59.45 -34.95
CA SER M 181 19.86 -60.20 -35.62
C SER M 181 20.35 -61.52 -36.13
N THR M 182 20.39 -62.50 -35.24
CA THR M 182 20.93 -63.79 -35.55
C THR M 182 19.88 -64.63 -36.25
N LEU M 183 20.34 -65.48 -37.17
CA LEU M 183 19.45 -66.42 -37.87
C LEU M 183 20.04 -67.85 -37.76
N THR M 184 19.43 -68.70 -36.93
CA THR M 184 20.00 -70.03 -36.66
C THR M 184 19.33 -71.13 -37.51
N LEU M 185 20.17 -71.99 -38.10
CA LEU M 185 19.78 -73.14 -38.93
C LEU M 185 20.69 -74.35 -38.65
N THR M 186 20.30 -75.52 -39.12
CA THR M 186 21.20 -76.67 -39.04
C THR M 186 22.04 -76.80 -40.30
N LYS M 187 23.21 -77.42 -40.17
CA LYS M 187 24.19 -77.53 -41.25
C LYS M 187 23.53 -77.93 -42.55
N ASP M 188 22.72 -78.99 -42.48
CA ASP M 188 22.00 -79.54 -43.64
C ASP M 188 20.92 -78.60 -44.19
N GLU M 189 20.18 -77.91 -43.32
CA GLU M 189 19.18 -76.91 -43.71
C GLU M 189 19.79 -75.73 -44.40
N TYR M 190 21.06 -75.53 -44.03
CA TYR M 190 21.90 -74.43 -44.48
C TYR M 190 22.56 -74.69 -45.82
N GLU M 191 23.08 -75.90 -45.98
CA GLU M 191 23.80 -76.30 -47.17
C GLU M 191 22.88 -76.56 -48.35
N ARG M 192 21.62 -76.19 -48.20
CA ARG M 192 20.66 -76.45 -49.24
C ARG M 192 20.23 -75.13 -49.82
N HIS M 193 21.10 -74.14 -49.75
CA HIS M 193 20.85 -72.81 -50.31
C HIS M 193 22.18 -72.10 -50.62
N ASN M 194 22.09 -70.86 -51.10
CA ASN M 194 23.30 -70.14 -51.49
C ASN M 194 23.41 -68.74 -50.90
N SER M 195 22.51 -67.84 -51.29
CA SER M 195 22.65 -66.42 -50.92
C SER M 195 21.88 -66.02 -49.64
N TYR M 196 22.58 -65.40 -48.70
CA TYR M 196 21.97 -64.99 -47.47
C TYR M 196 22.02 -63.48 -47.30
N THR M 197 20.85 -62.87 -47.25
CA THR M 197 20.67 -61.41 -47.31
C THR M 197 20.09 -60.82 -46.00
N CYS M 198 20.12 -59.50 -45.87
CA CYS M 198 19.79 -58.89 -44.62
C CYS M 198 19.25 -57.48 -44.82
N GLU M 199 18.01 -57.36 -45.30
CA GLU M 199 17.45 -56.05 -45.71
C GLU M 199 16.87 -55.16 -44.61
N ALA M 200 17.61 -54.13 -44.23
CA ALA M 200 17.16 -53.23 -43.16
C ALA M 200 16.46 -52.01 -43.72
N THR M 201 15.26 -51.74 -43.24
CA THR M 201 14.49 -50.65 -43.81
C THR M 201 14.35 -49.55 -42.79
N HIS M 202 15.12 -48.48 -42.97
CA HIS M 202 15.10 -47.35 -42.04
C HIS M 202 14.38 -46.13 -42.63
N LYS M 203 14.05 -45.17 -41.78
CA LYS M 203 13.49 -43.91 -42.22
C LYS M 203 14.61 -43.06 -42.83
N THR M 204 15.85 -43.41 -42.49
CA THR M 204 17.02 -42.72 -43.02
C THR M 204 17.10 -42.89 -44.54
N SER M 205 17.31 -44.12 -45.01
CA SER M 205 17.37 -44.42 -46.44
C SER M 205 15.96 -44.72 -46.97
N THR M 206 15.57 -44.09 -48.07
CA THR M 206 14.24 -44.38 -48.60
C THR M 206 14.18 -45.74 -49.31
N SER M 207 15.35 -46.35 -49.46
CA SER M 207 15.50 -47.65 -50.08
C SER M 207 16.29 -48.57 -49.16
N PRO M 208 15.88 -49.84 -49.10
CA PRO M 208 16.46 -50.81 -48.17
C PRO M 208 18.00 -50.97 -48.24
N ILE M 209 18.63 -50.85 -47.08
CA ILE M 209 20.06 -51.12 -46.94
C ILE M 209 20.21 -52.64 -46.92
N VAL M 210 21.15 -53.12 -47.72
CA VAL M 210 21.31 -54.56 -47.89
C VAL M 210 22.75 -54.96 -47.63
N LYS M 211 22.95 -56.14 -47.10
CA LYS M 211 24.27 -56.71 -47.05
C LYS M 211 24.04 -58.19 -47.14
N SER M 212 24.72 -58.86 -48.04
CA SER M 212 24.52 -60.29 -48.22
C SER M 212 25.84 -61.00 -48.50
N PHE M 213 25.80 -62.32 -48.46
CA PHE M 213 26.98 -63.09 -48.79
C PHE M 213 26.54 -64.42 -49.41
N ASN M 214 27.35 -64.98 -50.31
CA ASN M 214 27.02 -66.24 -50.95
C ASN M 214 27.79 -67.38 -50.33
N ARG M 215 27.13 -68.52 -50.21
CA ARG M 215 27.64 -69.65 -49.45
C ARG M 215 29.00 -70.13 -49.93
N ASN M 216 29.10 -70.41 -51.23
CA ASN M 216 30.35 -70.87 -51.79
C ASN M 216 31.07 -69.70 -52.49
N GLU M 217 32.29 -69.44 -52.04
CA GLU M 217 33.15 -68.37 -52.58
C GLU M 217 34.57 -68.89 -52.82
N ASP N 1 10.12 -20.89 -42.81
CA ASP N 1 9.36 -21.94 -42.17
C ASP N 1 9.47 -21.85 -40.63
N ILE N 2 8.33 -21.95 -39.94
CA ILE N 2 8.31 -21.98 -38.48
C ILE N 2 8.27 -23.43 -38.01
N VAL N 3 9.43 -24.01 -37.74
CA VAL N 3 9.45 -25.42 -37.36
C VAL N 3 8.79 -25.65 -35.99
N LEU N 4 7.77 -26.49 -36.00
CA LEU N 4 7.06 -26.87 -34.79
C LEU N 4 7.51 -28.25 -34.34
N THR N 5 7.96 -28.33 -33.09
CA THR N 5 8.48 -29.56 -32.46
C THR N 5 7.71 -29.91 -31.19
N GLN N 6 6.93 -30.99 -31.22
CA GLN N 6 6.14 -31.41 -30.05
C GLN N 6 6.94 -32.34 -29.15
N SER N 7 6.63 -32.29 -27.85
CA SER N 7 7.33 -33.16 -26.92
C SER N 7 6.44 -33.50 -25.72
N PRO N 8 6.41 -34.78 -25.32
CA PRO N 8 7.19 -35.90 -25.88
C PRO N 8 6.53 -36.58 -27.07
N GLY N 9 7.26 -37.47 -27.74
CA GLY N 9 6.71 -38.12 -28.92
C GLY N 9 5.55 -39.05 -28.64
N SER N 10 5.69 -39.80 -27.56
CA SER N 10 4.66 -40.73 -27.12
C SER N 10 4.51 -40.60 -25.60
N LEU N 11 3.27 -40.64 -25.17
CA LEU N 11 2.97 -40.38 -23.81
C LEU N 11 1.97 -41.39 -23.36
N THR N 12 2.32 -42.11 -22.29
CA THR N 12 1.40 -43.06 -21.68
C THR N 12 1.04 -42.53 -20.32
N VAL N 13 -0.25 -42.32 -20.12
CA VAL N 13 -0.73 -41.75 -18.88
C VAL N 13 -1.85 -42.63 -18.31
N SER N 14 -1.89 -42.73 -16.97
CA SER N 14 -2.85 -43.58 -16.28
C SER N 14 -4.24 -43.02 -16.49
N LEU N 15 -5.26 -43.86 -16.46
CA LEU N 15 -6.62 -43.36 -16.64
C LEU N 15 -6.96 -42.40 -15.50
N GLY N 16 -7.77 -41.38 -15.76
CA GLY N 16 -8.18 -40.43 -14.72
C GLY N 16 -7.08 -39.51 -14.22
N GLN N 17 -5.96 -39.44 -14.94
CA GLN N 17 -4.86 -38.55 -14.56
C GLN N 17 -4.69 -37.34 -15.51
N ARG N 18 -3.48 -36.81 -15.61
CA ARG N 18 -3.25 -35.65 -16.45
C ARG N 18 -2.22 -35.92 -17.56
N ALA N 19 -2.65 -35.72 -18.79
CA ALA N 19 -1.75 -35.75 -19.93
C ALA N 19 -1.31 -34.31 -20.18
N THR N 20 -0.01 -34.13 -20.41
CA THR N 20 0.57 -32.81 -20.65
C THR N 20 1.51 -32.87 -21.84
N ILE N 21 0.99 -32.45 -23.00
CA ILE N 21 1.75 -32.42 -24.26
C ILE N 21 2.27 -31.01 -24.63
N SER N 22 3.54 -30.92 -24.96
CA SER N 22 4.12 -29.62 -25.23
C SER N 22 4.37 -29.36 -26.72
N CYS N 23 4.46 -28.08 -27.03
CA CYS N 23 4.78 -27.61 -28.37
C CYS N 23 5.83 -26.52 -28.24
N ARG N 24 6.76 -26.48 -29.19
CA ARG N 24 7.81 -25.48 -29.18
C ARG N 24 8.02 -24.91 -30.59
N ALA N 25 7.90 -23.60 -30.75
CA ALA N 25 8.05 -23.01 -32.08
C ALA N 25 9.46 -22.45 -32.28
N SER N 26 10.01 -22.63 -33.48
CA SER N 26 11.36 -22.14 -33.77
C SER N 26 11.42 -20.61 -33.60
N GLU N 27 10.48 -19.90 -34.19
CA GLU N 27 10.33 -18.47 -33.95
C GLU N 27 8.94 -18.25 -33.34
N SER N 28 8.66 -17.06 -32.84
CA SER N 28 7.37 -16.83 -32.19
C SER N 28 6.23 -17.01 -33.18
N VAL N 29 5.06 -17.33 -32.64
CA VAL N 29 3.82 -17.53 -33.39
C VAL N 29 2.73 -16.65 -32.75
N ASP N 30 3.10 -15.40 -32.47
CA ASP N 30 2.42 -14.68 -31.43
C ASP N 30 2.42 -13.20 -31.67
N ASN N 31 1.75 -12.71 -32.70
CA ASN N 31 1.60 -11.26 -32.70
C ASN N 31 0.13 -10.84 -32.71
N PHE N 32 -0.14 -9.53 -32.72
CA PHE N 32 -1.50 -8.98 -32.48
C PHE N 32 -1.97 -9.27 -31.07
N GLY N 33 -1.06 -9.71 -30.23
CA GLY N 33 -1.39 -10.01 -28.86
C GLY N 33 -1.96 -11.38 -28.62
N LYS N 34 -2.34 -12.07 -29.70
CA LYS N 34 -2.87 -13.44 -29.61
C LYS N 34 -1.86 -14.46 -30.14
N SER N 35 -1.96 -15.71 -29.67
CA SER N 35 -1.08 -16.78 -30.13
C SER N 35 -1.77 -17.50 -31.29
N PHE N 36 -1.11 -17.68 -32.44
CA PHE N 36 -1.80 -18.37 -33.55
C PHE N 36 -1.42 -19.84 -33.66
N MET N 37 -1.68 -20.56 -32.57
CA MET N 37 -1.41 -21.98 -32.42
C MET N 37 -2.70 -22.74 -32.42
N HIS N 38 -2.68 -23.96 -32.90
CA HIS N 38 -3.92 -24.73 -32.88
C HIS N 38 -3.67 -26.16 -32.51
N TRP N 39 -4.57 -26.74 -31.73
CA TRP N 39 -4.39 -28.13 -31.43
C TRP N 39 -5.41 -28.99 -32.18
N TYR N 40 -4.91 -30.12 -32.69
CA TYR N 40 -5.72 -31.09 -33.40
C TYR N 40 -5.64 -32.49 -32.83
N GLN N 41 -6.78 -33.17 -32.84
CA GLN N 41 -6.87 -34.53 -32.34
C GLN N 41 -7.20 -35.55 -33.45
N GLN N 42 -6.32 -36.52 -33.61
CA GLN N 42 -6.60 -37.57 -34.55
C GLN N 42 -6.82 -38.88 -33.82
N LYS N 43 -8.08 -39.18 -33.56
CA LYS N 43 -8.44 -40.48 -33.03
C LYS N 43 -8.08 -41.50 -34.12
N PRO N 44 -7.56 -42.68 -33.72
CA PRO N 44 -7.03 -43.64 -34.70
C PRO N 44 -8.03 -43.97 -35.79
N GLY N 45 -7.53 -44.11 -37.01
CA GLY N 45 -8.37 -44.59 -38.08
C GLY N 45 -9.39 -43.58 -38.60
N GLN N 46 -9.19 -42.30 -38.29
CA GLN N 46 -10.06 -41.28 -38.87
C GLN N 46 -9.28 -39.97 -39.00
N SER N 47 -9.89 -39.04 -39.74
CA SER N 47 -9.31 -37.73 -40.02
C SER N 47 -9.09 -36.97 -38.71
N PRO N 48 -8.17 -36.00 -38.72
CA PRO N 48 -7.95 -35.15 -37.54
C PRO N 48 -9.17 -34.29 -37.22
N LYS N 49 -9.17 -33.79 -35.98
CA LYS N 49 -10.31 -33.09 -35.40
C LYS N 49 -9.78 -31.81 -34.75
N LEU N 50 -10.57 -30.74 -34.79
CA LEU N 50 -10.13 -29.48 -34.23
C LEU N 50 -10.44 -29.39 -32.73
N LEU N 51 -9.41 -29.19 -31.91
CA LEU N 51 -9.66 -29.01 -30.47
C LEU N 51 -9.63 -27.54 -30.05
N ILE N 52 -8.45 -26.93 -30.17
CA ILE N 52 -8.24 -25.58 -29.69
C ILE N 52 -7.82 -24.64 -30.83
N TYR N 53 -8.45 -23.46 -30.90
CA TYR N 53 -7.96 -22.41 -31.79
C TYR N 53 -7.32 -21.30 -30.98
N ARG N 54 -6.41 -20.59 -31.65
CA ARG N 54 -5.48 -19.60 -31.12
C ARG N 54 -5.05 -19.92 -29.69
N ALA N 55 -4.60 -21.16 -29.53
CA ALA N 55 -3.81 -21.65 -28.41
C ALA N 55 -4.54 -21.82 -27.08
N SER N 56 -5.72 -21.23 -26.92
CA SER N 56 -6.36 -21.25 -25.62
C SER N 56 -7.84 -21.57 -25.63
N ASN N 57 -8.58 -21.25 -26.70
CA ASN N 57 -10.04 -21.41 -26.67
C ASN N 57 -10.54 -22.69 -27.33
N ARG N 58 -11.46 -23.37 -26.65
CA ARG N 58 -12.01 -24.62 -27.13
C ARG N 58 -13.00 -24.41 -28.27
N GLU N 59 -12.93 -25.29 -29.27
CA GLU N 59 -13.91 -25.32 -30.34
C GLU N 59 -15.20 -25.88 -29.78
N GLY N 61 -18.20 -27.86 -28.70
CA GLY N 61 -18.40 -29.29 -28.59
C GLY N 61 -17.13 -29.97 -28.15
N ILE N 62 -16.29 -29.26 -27.42
CA ILE N 62 -15.12 -29.91 -26.91
C ILE N 62 -15.21 -29.83 -25.40
N PRO N 63 -15.05 -30.98 -24.73
CA PRO N 63 -15.13 -31.04 -23.25
C PRO N 63 -14.03 -30.24 -22.58
N ALA N 64 -14.31 -29.79 -21.35
CA ALA N 64 -13.42 -28.88 -20.67
C ALA N 64 -12.11 -29.52 -20.26
N ARG N 65 -12.07 -30.86 -20.30
CA ARG N 65 -10.89 -31.64 -19.93
C ARG N 65 -9.64 -31.18 -20.69
N PHE N 66 -9.86 -30.51 -21.82
CA PHE N 66 -8.76 -30.00 -22.64
C PHE N 66 -8.38 -28.57 -22.30
N ASN N 67 -7.17 -28.43 -21.78
CA ASN N 67 -6.69 -27.13 -21.39
C ASN N 67 -5.64 -26.69 -22.38
N GLY N 68 -6.02 -25.69 -23.15
CA GLY N 68 -5.11 -25.03 -24.06
C GLY N 68 -4.39 -23.95 -23.30
N SER N 69 -3.07 -23.97 -23.34
CA SER N 69 -2.29 -22.97 -22.63
C SER N 69 -1.03 -22.71 -23.39
N GLY N 70 -0.44 -21.55 -23.08
CA GLY N 70 0.83 -21.14 -23.66
C GLY N 70 0.85 -19.76 -24.31
N SER N 71 2.05 -19.31 -24.66
CA SER N 71 2.22 -18.02 -25.29
C SER N 71 3.61 -17.92 -25.94
N GLY N 72 3.66 -17.40 -27.15
CA GLY N 72 4.94 -17.10 -27.75
C GLY N 72 5.66 -18.20 -28.50
N THR N 73 6.59 -18.83 -27.82
CA THR N 73 7.41 -19.82 -28.48
C THR N 73 6.99 -21.23 -28.06
N ASP N 74 6.44 -21.39 -26.85
CA ASP N 74 6.05 -22.72 -26.35
C ASP N 74 4.67 -22.77 -25.77
N PHE N 75 3.98 -23.87 -26.03
CA PHE N 75 2.61 -24.03 -25.56
C PHE N 75 2.40 -25.41 -24.99
N ALA N 76 1.17 -25.65 -24.58
CA ALA N 76 0.84 -26.93 -23.98
C ALA N 76 -0.63 -27.25 -23.99
N LEU N 77 -0.92 -28.45 -24.51
CA LEU N 77 -2.25 -29.00 -24.44
C LEU N 77 -2.28 -29.88 -23.21
N THR N 78 -3.21 -29.59 -22.30
CA THR N 78 -3.36 -30.35 -21.08
C THR N 78 -4.68 -31.09 -21.07
N ILE N 79 -4.60 -32.42 -21.05
CA ILE N 79 -5.80 -33.22 -20.94
C ILE N 79 -5.89 -33.76 -19.54
N ASN N 80 -6.93 -33.34 -18.84
CA ASN N 80 -7.07 -33.68 -17.43
C ASN N 80 -8.49 -33.35 -16.92
N PRO N 81 -9.25 -34.38 -16.51
CA PRO N 81 -8.87 -35.81 -16.41
C PRO N 81 -8.83 -36.58 -17.73
N VAL N 82 -7.90 -37.54 -17.85
CA VAL N 82 -7.79 -38.36 -19.06
C VAL N 82 -8.90 -39.39 -19.08
N GLU N 83 -9.64 -39.48 -20.18
CA GLU N 83 -10.71 -40.45 -20.27
C GLU N 83 -10.32 -41.60 -21.19
N ALA N 84 -11.26 -42.51 -21.44
CA ALA N 84 -10.95 -43.69 -22.23
C ALA N 84 -10.76 -43.35 -23.69
N ASP N 85 -11.74 -42.61 -24.24
CA ASP N 85 -11.80 -42.16 -25.65
C ASP N 85 -10.90 -40.94 -25.95
N ASP N 86 -9.67 -41.03 -25.51
CA ASP N 86 -8.69 -39.97 -25.67
C ASP N 86 -7.47 -40.53 -26.35
N VAL N 87 -7.51 -41.83 -26.66
CA VAL N 87 -6.43 -42.38 -27.45
C VAL N 87 -6.47 -41.74 -28.78
N ALA N 88 -5.40 -41.04 -29.07
CA ALA N 88 -5.27 -40.36 -30.32
C ALA N 88 -3.87 -39.83 -30.41
N THR N 89 -3.54 -39.33 -31.59
CA THR N 89 -2.33 -38.56 -31.79
C THR N 89 -2.75 -37.10 -31.90
N TYR N 90 -2.09 -36.26 -31.11
CA TYR N 90 -2.42 -34.85 -31.00
C TYR N 90 -1.43 -33.96 -31.76
N PHE N 91 -1.94 -33.02 -32.54
CA PHE N 91 -1.09 -32.16 -33.34
C PHE N 91 -1.27 -30.70 -33.02
N CYS N 92 -0.16 -29.98 -32.95
CA CYS N 92 -0.20 -28.53 -32.89
C CYS N 92 0.27 -28.01 -34.24
N GLN N 93 -0.41 -26.97 -34.72
CA GLN N 93 -0.12 -26.33 -35.99
C GLN N 93 -0.25 -24.82 -35.87
N GLN N 94 0.70 -24.09 -36.44
CA GLN N 94 0.71 -22.64 -36.36
C GLN N 94 0.10 -21.97 -37.64
N SER N 95 -0.51 -20.79 -37.49
CA SER N 95 -1.11 -20.09 -38.63
C SER N 95 -0.54 -18.68 -38.74
N ASN N 96 0.36 -18.37 -37.83
CA ASN N 96 1.04 -17.09 -37.75
C ASN N 96 1.73 -16.70 -39.05
N GLU N 97 2.20 -17.68 -39.80
CA GLU N 97 2.99 -17.38 -40.98
C GLU N 97 3.14 -18.56 -41.95
N ASP N 98 2.67 -18.41 -43.17
CA ASP N 98 2.87 -19.43 -44.20
C ASP N 98 4.36 -19.70 -44.33
N PRO N 99 4.74 -20.93 -44.67
CA PRO N 99 3.77 -21.97 -44.99
C PRO N 99 3.27 -22.65 -43.70
N ARG N 100 1.96 -22.92 -43.62
CA ARG N 100 1.34 -23.53 -42.46
C ARG N 100 2.13 -24.75 -42.10
N THR N 101 2.55 -24.83 -40.85
CA THR N 101 3.36 -25.94 -40.46
C THR N 101 2.71 -26.63 -39.23
N PHE N 102 2.84 -27.97 -39.19
CA PHE N 102 2.32 -28.80 -38.10
C PHE N 102 3.44 -29.32 -37.21
N GLY N 103 3.06 -29.84 -36.05
CA GLY N 103 4.00 -30.54 -35.19
C GLY N 103 4.25 -31.98 -35.67
N GLY N 104 5.19 -32.66 -35.02
CA GLY N 104 5.44 -34.05 -35.37
C GLY N 104 4.17 -34.81 -35.02
N GLY N 105 3.61 -34.47 -33.86
CA GLY N 105 2.42 -35.13 -33.38
C GLY N 105 2.80 -35.91 -32.15
N THR N 106 1.88 -36.04 -31.21
CA THR N 106 2.12 -36.83 -30.01
C THR N 106 1.05 -37.90 -29.82
N LYS N 107 1.47 -39.16 -29.75
CA LYS N 107 0.55 -40.28 -29.54
C LYS N 107 0.35 -40.55 -28.05
N LEU N 108 -0.93 -40.57 -27.67
CA LEU N 108 -1.34 -40.77 -26.30
C LEU N 108 -1.84 -42.18 -26.04
N GLU N 109 -1.33 -42.81 -24.98
CA GLU N 109 -1.75 -44.18 -24.63
C GLU N 109 -2.29 -44.19 -23.20
N ILE N 110 -3.30 -45.03 -22.98
CA ILE N 110 -3.93 -45.13 -21.67
C ILE N 110 -3.39 -46.33 -20.88
N LYS N 111 -2.94 -46.10 -19.64
CA LYS N 111 -2.51 -47.19 -18.76
C LYS N 111 -3.75 -47.70 -18.03
N ARG N 112 -4.01 -48.99 -18.19
CA ARG N 112 -5.15 -49.63 -17.53
C ARG N 112 -4.71 -50.91 -16.84
N ALA N 113 -5.72 -51.65 -16.41
CA ALA N 113 -5.52 -52.90 -15.69
C ALA N 113 -4.96 -53.96 -16.62
N ASP N 114 -3.88 -54.61 -16.20
CA ASP N 114 -3.27 -55.65 -17.01
C ASP N 114 -4.28 -56.70 -17.33
N ALA N 115 -4.62 -56.85 -18.60
CA ALA N 115 -5.58 -57.86 -19.00
C ALA N 115 -4.82 -58.98 -19.72
N ALA N 116 -5.38 -60.19 -19.69
CA ALA N 116 -4.75 -61.35 -20.30
C ALA N 116 -5.33 -61.64 -21.70
N PRO N 117 -4.46 -62.08 -22.61
CA PRO N 117 -4.81 -62.30 -24.02
C PRO N 117 -5.76 -63.47 -24.24
N THR N 118 -6.89 -63.21 -24.85
CA THR N 118 -7.80 -64.31 -25.13
C THR N 118 -7.43 -65.02 -26.46
N VAL N 119 -6.46 -65.92 -26.34
CA VAL N 119 -5.90 -66.66 -27.46
C VAL N 119 -6.91 -67.61 -28.07
N SER N 120 -6.81 -67.84 -29.37
CA SER N 120 -7.68 -68.79 -30.03
C SER N 120 -7.02 -69.19 -31.34
N ILE N 121 -6.77 -70.49 -31.54
CA ILE N 121 -6.05 -70.99 -32.73
C ILE N 121 -6.98 -71.58 -33.81
N PHE N 122 -6.62 -71.40 -35.06
CA PHE N 122 -7.49 -71.79 -36.14
C PHE N 122 -6.72 -72.54 -37.22
N PRO N 123 -7.26 -73.68 -37.67
CA PRO N 123 -6.72 -74.43 -38.78
C PRO N 123 -7.10 -73.77 -40.09
N PRO N 124 -6.31 -74.01 -41.12
CA PRO N 124 -6.54 -73.48 -42.46
C PRO N 124 -7.85 -73.96 -43.06
N SER N 125 -8.46 -73.12 -43.89
CA SER N 125 -9.72 -73.49 -44.48
C SER N 125 -9.56 -74.61 -45.46
N SER N 126 -10.61 -75.41 -45.61
CA SER N 126 -10.60 -76.48 -46.59
C SER N 126 -10.58 -75.90 -48.01
N GLU N 127 -11.28 -74.79 -48.20
CA GLU N 127 -11.37 -74.11 -49.48
C GLU N 127 -10.02 -73.57 -49.89
N GLN N 128 -9.26 -73.09 -48.91
CA GLN N 128 -7.91 -72.58 -49.15
C GLN N 128 -6.98 -73.73 -49.51
N LEU N 129 -7.16 -74.87 -48.84
CA LEU N 129 -6.28 -76.04 -49.03
C LEU N 129 -6.46 -76.65 -50.41
N THR N 130 -7.67 -76.57 -50.96
CA THR N 130 -7.92 -77.02 -52.33
C THR N 130 -7.27 -76.06 -53.34
N SER N 131 -6.93 -74.86 -52.88
CA SER N 131 -6.24 -73.88 -53.69
C SER N 131 -4.72 -74.04 -53.58
N GLY N 132 -4.27 -74.72 -52.53
CA GLY N 132 -2.88 -75.13 -52.42
C GLY N 132 -2.03 -74.67 -51.24
N GLY N 133 -2.60 -73.79 -50.44
CA GLY N 133 -1.89 -73.19 -49.34
C GLY N 133 -2.58 -73.36 -48.00
N ALA N 134 -1.75 -73.32 -46.96
CA ALA N 134 -2.22 -73.47 -45.60
C ALA N 134 -2.02 -72.20 -44.81
N SER N 135 -2.96 -71.88 -43.94
CA SER N 135 -2.83 -70.66 -43.17
C SER N 135 -3.35 -70.88 -41.77
N VAL N 136 -2.40 -70.96 -40.84
CA VAL N 136 -2.75 -71.09 -39.43
C VAL N 136 -2.84 -69.74 -38.75
N VAL N 137 -4.08 -69.34 -38.43
CA VAL N 137 -4.33 -68.04 -37.80
C VAL N 137 -4.48 -68.12 -36.29
N CYS N 138 -4.03 -67.10 -35.60
CA CYS N 138 -4.06 -67.20 -34.16
C CYS N 138 -4.24 -65.81 -33.56
N PHE N 139 -5.47 -65.50 -33.14
CA PHE N 139 -5.82 -64.20 -32.58
C PHE N 139 -5.43 -64.12 -31.12
N LEU N 140 -5.08 -62.91 -30.68
CA LEU N 140 -4.69 -62.64 -29.31
C LEU N 140 -5.38 -61.35 -28.89
N ASN N 141 -6.67 -61.45 -28.59
CA ASN N 141 -7.50 -60.26 -28.41
C ASN N 141 -7.52 -59.71 -26.98
N ASN N 142 -7.78 -58.41 -26.90
CA ASN N 142 -8.07 -57.71 -25.67
C ASN N 142 -7.07 -57.96 -24.54
N PHE N 143 -5.96 -57.24 -24.60
CA PHE N 143 -4.95 -57.32 -23.55
C PHE N 143 -4.24 -55.99 -23.29
N TYR N 144 -3.42 -55.98 -22.26
CA TYR N 144 -2.66 -54.81 -21.86
C TYR N 144 -1.65 -55.36 -20.87
N PRO N 145 -0.40 -54.88 -20.87
CA PRO N 145 0.25 -53.87 -21.71
C PRO N 145 0.34 -54.28 -23.17
N LYS N 146 0.89 -53.41 -24.01
CA LYS N 146 0.93 -53.58 -25.46
C LYS N 146 1.79 -54.77 -25.85
N ASP N 147 2.93 -54.86 -25.16
CA ASP N 147 3.97 -55.83 -25.45
C ASP N 147 3.49 -57.21 -25.19
N ILE N 148 3.70 -58.06 -26.18
CA ILE N 148 3.31 -59.45 -26.13
C ILE N 148 4.35 -60.17 -26.97
N ASN N 149 4.41 -61.48 -26.88
CA ASN N 149 5.40 -62.24 -27.65
C ASN N 149 4.83 -63.56 -28.17
N VAL N 150 4.44 -63.63 -29.44
CA VAL N 150 3.91 -64.88 -29.99
C VAL N 150 5.06 -65.77 -30.49
N LYS N 151 4.97 -67.06 -30.21
CA LYS N 151 5.89 -68.11 -30.71
C LYS N 151 5.06 -69.13 -31.50
N TRP N 152 5.60 -69.64 -32.58
CA TRP N 152 4.91 -70.71 -33.26
C TRP N 152 5.69 -72.00 -33.09
N LYS N 153 5.01 -73.10 -32.81
CA LYS N 153 5.69 -74.39 -32.72
C LYS N 153 5.00 -75.41 -33.61
N ILE N 154 5.76 -76.08 -34.46
CA ILE N 154 5.22 -77.15 -35.27
C ILE N 154 5.91 -78.42 -34.81
N ASP N 155 5.13 -79.29 -34.15
CA ASP N 155 5.60 -80.55 -33.58
C ASP N 155 6.79 -80.34 -32.65
N GLY N 156 6.62 -79.42 -31.71
CA GLY N 156 7.60 -79.12 -30.69
C GLY N 156 8.73 -78.20 -31.15
N SER N 157 9.00 -78.16 -32.45
CA SER N 157 10.09 -77.32 -32.96
C SER N 157 9.56 -75.94 -33.42
N GLU N 158 10.25 -74.90 -32.97
CA GLU N 158 9.88 -73.51 -33.20
C GLU N 158 9.94 -73.15 -34.71
N ARG N 159 9.30 -72.04 -35.09
CA ARG N 159 9.33 -71.55 -36.48
C ARG N 159 9.00 -70.04 -36.55
N GLN N 160 9.76 -69.28 -37.35
CA GLN N 160 9.45 -67.84 -37.52
C GLN N 160 9.04 -67.53 -38.98
N ASN N 161 9.63 -68.27 -39.90
CA ASN N 161 9.45 -67.95 -41.30
C ASN N 161 8.07 -68.33 -41.81
N GLY N 162 7.32 -67.33 -42.28
CA GLY N 162 5.94 -67.52 -42.72
C GLY N 162 4.92 -66.79 -41.86
N VAL N 163 5.43 -66.20 -40.77
CA VAL N 163 4.64 -65.46 -39.79
C VAL N 163 4.39 -63.98 -40.19
N LEU N 164 3.14 -63.52 -40.02
CA LEU N 164 2.72 -62.13 -40.22
C LEU N 164 1.89 -61.66 -39.03
N ASN N 165 2.37 -60.65 -38.31
CA ASN N 165 1.70 -60.11 -37.13
C ASN N 165 1.01 -58.78 -37.39
N SER N 166 -0.03 -58.48 -36.64
CA SER N 166 -0.80 -57.27 -36.88
C SER N 166 -1.51 -56.81 -35.61
N TRP N 167 -1.15 -55.67 -35.05
CA TRP N 167 -1.82 -55.21 -33.83
C TRP N 167 -2.88 -54.17 -34.17
N THR N 168 -3.97 -54.08 -33.40
CA THR N 168 -4.87 -52.95 -33.61
C THR N 168 -4.43 -51.84 -32.71
N ASP N 169 -4.91 -50.63 -32.96
CA ASP N 169 -4.61 -49.55 -32.04
C ASP N 169 -5.36 -49.76 -30.76
N GLN N 170 -4.83 -49.21 -29.66
CA GLN N 170 -5.50 -49.26 -28.37
C GLN N 170 -6.97 -48.89 -28.53
N ASP N 171 -7.88 -49.78 -28.15
CA ASP N 171 -9.30 -49.54 -28.41
C ASP N 171 -9.79 -48.31 -27.63
N SER N 172 -10.48 -47.42 -28.31
CA SER N 172 -10.92 -46.18 -27.70
C SER N 172 -11.86 -46.43 -26.53
N LYS N 173 -12.56 -47.56 -26.55
CA LYS N 173 -13.60 -47.84 -25.56
C LYS N 173 -13.08 -48.59 -24.29
N ASP N 174 -12.24 -49.63 -24.44
CA ASP N 174 -11.80 -50.42 -23.27
C ASP N 174 -10.30 -50.32 -23.00
N SER N 175 -9.58 -49.61 -23.86
CA SER N 175 -8.13 -49.41 -23.77
C SER N 175 -7.27 -50.70 -23.80
N THR N 176 -7.71 -51.65 -24.63
CA THR N 176 -7.04 -52.94 -24.80
C THR N 176 -6.62 -53.20 -26.25
N TYR N 177 -5.41 -53.73 -26.42
CA TYR N 177 -4.89 -54.06 -27.75
C TYR N 177 -5.40 -55.41 -28.20
N SER N 178 -5.26 -55.71 -29.48
CA SER N 178 -5.59 -57.02 -29.99
C SER N 178 -4.49 -57.35 -31.00
N MET N 179 -4.32 -58.64 -31.32
CA MET N 179 -3.28 -59.03 -32.26
C MET N 179 -3.63 -60.23 -33.16
N SER N 180 -3.30 -60.17 -34.43
CA SER N 180 -3.43 -61.30 -35.34
C SER N 180 -2.05 -61.95 -35.48
N SER N 181 -1.97 -63.21 -35.88
CA SER N 181 -0.66 -63.84 -36.12
C SER N 181 -0.79 -65.01 -37.04
N THR N 182 -0.81 -64.71 -38.33
CA THR N 182 -1.02 -65.72 -39.34
C THR N 182 0.28 -66.44 -39.64
N LEU N 183 0.18 -67.73 -39.95
CA LEU N 183 1.34 -68.52 -40.35
C LEU N 183 1.03 -69.25 -41.68
N THR N 184 1.62 -68.78 -42.79
CA THR N 184 1.27 -69.32 -44.12
C THR N 184 2.30 -70.38 -44.59
N LEU N 185 1.76 -71.50 -45.10
CA LEU N 185 2.50 -72.63 -45.67
C LEU N 185 1.82 -73.19 -46.91
N THR N 186 2.51 -74.04 -47.66
CA THR N 186 1.84 -74.73 -48.77
C THR N 186 1.30 -76.08 -48.31
N LYS N 187 0.26 -76.55 -49.01
CA LYS N 187 -0.46 -77.76 -48.65
C LYS N 187 0.50 -78.88 -48.29
N ASP N 188 1.47 -79.11 -49.18
CA ASP N 188 2.48 -80.16 -49.03
C ASP N 188 3.45 -79.93 -47.85
N GLU N 189 3.87 -78.68 -47.64
CA GLU N 189 4.71 -78.27 -46.51
C GLU N 189 4.01 -78.48 -45.19
N TYR N 190 2.69 -78.40 -45.29
CA TYR N 190 1.75 -78.48 -44.18
C TYR N 190 1.42 -79.91 -43.79
N GLU N 191 1.17 -80.73 -44.81
CA GLU N 191 0.79 -82.12 -44.62
C GLU N 191 1.95 -83.01 -44.19
N ARG N 192 3.06 -82.38 -43.85
CA ARG N 192 4.22 -83.13 -43.48
C ARG N 192 4.49 -82.91 -42.01
N HIS N 193 3.45 -82.61 -41.26
CA HIS N 193 3.53 -82.41 -39.81
C HIS N 193 2.19 -82.68 -39.14
N ASN N 194 2.12 -82.49 -37.83
CA ASN N 194 0.89 -82.79 -37.10
C ASN N 194 0.40 -81.67 -36.19
N SER N 195 1.18 -81.35 -35.15
CA SER N 195 0.70 -80.41 -34.12
C SER N 195 1.13 -78.95 -34.34
N TYR N 196 0.15 -78.05 -34.33
CA TYR N 196 0.43 -76.66 -34.54
C TYR N 196 0.05 -75.82 -33.32
N THR N 197 1.07 -75.19 -32.74
CA THR N 197 0.97 -74.53 -31.43
C THR N 197 1.17 -72.99 -31.53
N CYS N 198 0.86 -72.27 -30.45
CA CYS N 198 0.83 -70.84 -30.51
C CYS N 198 1.12 -70.22 -29.16
N GLU N 199 2.37 -70.25 -28.72
CA GLU N 199 2.74 -69.85 -27.35
C GLU N 199 2.93 -68.37 -27.07
N ALA N 200 1.94 -67.74 -26.42
CA ALA N 200 2.00 -66.31 -26.15
C ALA N 200 2.56 -66.04 -24.77
N THR N 201 3.57 -65.21 -24.67
CA THR N 201 4.21 -64.98 -23.39
C THR N 201 3.93 -63.57 -22.93
N HIS N 202 3.02 -63.42 -21.97
CA HIS N 202 2.66 -62.12 -21.46
C HIS N 202 3.22 -61.85 -20.05
N LYS N 203 3.20 -60.60 -19.62
CA LYS N 203 3.57 -60.24 -18.26
C LYS N 203 2.45 -60.66 -17.32
N THR N 204 1.25 -60.84 -17.89
CA THR N 204 0.10 -61.28 -17.12
C THR N 204 0.33 -62.66 -16.51
N SER N 205 0.45 -63.68 -17.36
CA SER N 205 0.73 -65.06 -16.92
C SER N 205 2.24 -65.28 -16.80
N THR N 206 2.70 -65.82 -15.68
CA THR N 206 4.14 -66.06 -15.56
C THR N 206 4.58 -67.29 -16.40
N SER N 207 3.60 -68.00 -16.92
CA SER N 207 3.83 -69.17 -17.75
C SER N 207 3.07 -69.01 -19.07
N PRO N 208 3.69 -69.43 -20.16
CA PRO N 208 3.14 -69.25 -21.51
C PRO N 208 1.71 -69.78 -21.74
N ILE N 209 0.86 -68.91 -22.25
CA ILE N 209 -0.49 -69.27 -22.67
C ILE N 209 -0.35 -70.01 -23.99
N VAL N 210 -1.00 -71.15 -24.10
CA VAL N 210 -0.86 -71.99 -25.26
C VAL N 210 -2.22 -72.33 -25.85
N LYS N 211 -2.28 -72.48 -27.15
CA LYS N 211 -3.45 -73.05 -27.76
C LYS N 211 -2.93 -73.75 -28.98
N SER N 212 -3.29 -75.00 -29.16
CA SER N 212 -2.79 -75.75 -30.30
C SER N 212 -3.88 -76.67 -30.87
N PHE N 213 -3.59 -77.24 -32.03
CA PHE N 213 -4.51 -78.18 -32.63
C PHE N 213 -3.72 -79.21 -33.44
N ASN N 214 -4.22 -80.43 -33.53
CA ASN N 214 -3.54 -81.48 -34.29
C ASN N 214 -4.19 -81.68 -35.63
N ARG N 215 -3.33 -81.94 -36.63
CA ARG N 215 -3.77 -81.96 -38.01
C ARG N 215 -4.90 -82.93 -38.31
N ASN N 216 -4.70 -84.19 -37.91
CA ASN N 216 -5.72 -85.20 -38.12
C ASN N 216 -6.49 -85.44 -36.82
N GLU N 217 -7.81 -85.24 -36.90
CA GLU N 217 -8.73 -85.42 -35.78
C GLU N 217 -9.96 -86.24 -36.22
N ASP O 1 -56.26 39.57 -63.21
CA ASP O 1 -57.23 38.51 -63.10
C ASP O 1 -56.75 37.23 -63.80
N ILE O 2 -56.89 36.08 -63.14
CA ILE O 2 -56.56 34.78 -63.73
C ILE O 2 -57.83 34.16 -64.28
N VAL O 3 -58.11 34.37 -65.56
CA VAL O 3 -59.36 33.87 -66.12
C VAL O 3 -59.36 32.33 -66.18
N LEU O 4 -60.35 31.75 -65.51
CA LEU O 4 -60.54 30.32 -65.51
C LEU O 4 -61.66 29.94 -66.46
N THR O 5 -61.34 29.03 -67.40
CA THR O 5 -62.26 28.55 -68.44
C THR O 5 -62.43 27.03 -68.40
N GLN O 6 -63.62 26.55 -68.01
CA GLN O 6 -63.87 25.11 -67.92
C GLN O 6 -64.38 24.56 -69.24
N SER O 7 -64.08 23.29 -69.51
CA SER O 7 -64.55 22.68 -70.73
C SER O 7 -64.73 21.17 -70.55
N PRO O 8 -65.86 20.63 -71.04
CA PRO O 8 -66.92 21.32 -71.80
C PRO O 8 -67.98 21.98 -70.90
N GLY O 9 -68.86 22.77 -71.50
CA GLY O 9 -69.86 23.46 -70.72
C GLY O 9 -70.90 22.55 -70.08
N SER O 10 -71.32 21.56 -70.86
CA SER O 10 -72.29 20.57 -70.41
C SER O 10 -71.81 19.19 -70.86
N LEU O 11 -71.99 18.24 -69.97
CA LEU O 11 -71.45 16.94 -70.21
C LEU O 11 -72.50 15.95 -69.82
N THR O 12 -72.85 15.08 -70.75
CA THR O 12 -73.77 13.99 -70.46
C THR O 12 -73.00 12.70 -70.57
N VAL O 13 -72.98 11.96 -69.47
CA VAL O 13 -72.23 10.72 -69.42
C VAL O 13 -73.12 9.59 -68.93
N SER O 14 -72.90 8.39 -69.47
CA SER O 14 -73.72 7.22 -69.16
C SER O 14 -73.49 6.85 -67.72
N LEU O 15 -74.47 6.23 -67.06
CA LEU O 15 -74.28 5.83 -65.68
C LEU O 15 -73.15 4.80 -65.59
N GLY O 16 -72.39 4.80 -64.50
CA GLY O 16 -71.32 3.83 -64.32
C GLY O 16 -70.11 4.02 -65.24
N GLN O 17 -70.01 5.18 -65.88
CA GLN O 17 -68.87 5.47 -66.75
C GLN O 17 -67.92 6.54 -66.17
N ARG O 18 -67.23 7.27 -67.05
CA ARG O 18 -66.28 8.28 -66.57
C ARG O 18 -66.62 9.67 -67.08
N ALA O 19 -66.81 10.58 -66.14
CA ALA O 19 -66.96 12.01 -66.46
C ALA O 19 -65.57 12.61 -66.34
N THR O 20 -65.22 13.45 -67.33
CA THR O 20 -63.91 14.10 -67.37
C THR O 20 -64.09 15.58 -67.70
N ILE O 21 -64.07 16.42 -66.66
CA ILE O 21 -64.20 17.87 -66.78
C ILE O 21 -62.87 18.63 -66.70
N SER O 22 -62.63 19.51 -67.65
CA SER O 22 -61.35 20.19 -67.68
C SER O 22 -61.42 21.64 -67.21
N CYS O 23 -60.26 22.14 -66.80
CA CYS O 23 -60.10 23.53 -66.39
C CYS O 23 -58.82 24.06 -67.06
N ARG O 24 -58.84 25.32 -67.46
CA ARG O 24 -57.70 25.93 -68.10
C ARG O 24 -57.47 27.33 -67.55
N ALA O 25 -56.28 27.60 -67.02
CA ALA O 25 -56.02 28.92 -66.44
C ALA O 25 -55.28 29.83 -67.43
N SER O 26 -55.64 31.11 -67.46
CA SER O 26 -55.00 32.05 -68.37
C SER O 26 -53.49 32.14 -68.08
N GLU O 27 -53.14 32.31 -66.81
CA GLU O 27 -51.73 32.23 -66.41
C GLU O 27 -51.64 31.09 -65.39
N SER O 28 -50.43 30.67 -65.03
CA SER O 28 -50.30 29.55 -64.11
C SER O 28 -50.91 29.87 -62.76
N VAL O 29 -51.29 28.81 -62.05
CA VAL O 29 -51.90 28.87 -60.73
C VAL O 29 -51.09 27.92 -59.81
N ASP O 30 -49.78 28.03 -59.90
CA ASP O 30 -48.95 26.89 -59.55
C ASP O 30 -47.60 27.31 -59.04
N ASN O 31 -47.52 27.97 -57.90
CA ASN O 31 -46.16 28.10 -57.36
C ASN O 31 -46.03 27.48 -55.97
N PHE O 32 -44.84 27.55 -55.37
CA PHE O 32 -44.51 26.78 -54.15
C PHE O 32 -44.52 25.29 -54.40
N GLY O 33 -44.57 24.92 -55.67
CA GLY O 33 -44.57 23.52 -56.03
C GLY O 33 -45.93 22.87 -56.00
N LYS O 34 -46.93 23.54 -55.42
CA LYS O 34 -48.29 23.02 -55.37
C LYS O 34 -49.22 23.81 -56.31
N SER O 35 -50.30 23.19 -56.76
CA SER O 35 -51.27 23.85 -57.62
C SER O 35 -52.38 24.45 -56.73
N PHE O 36 -52.71 25.74 -56.88
CA PHE O 36 -53.76 26.29 -56.02
C PHE O 36 -55.12 26.36 -56.70
N MET O 37 -55.58 25.19 -57.12
CA MET O 37 -56.84 24.99 -57.80
C MET O 37 -57.81 24.28 -56.89
N HIS O 38 -59.09 24.56 -57.03
CA HIS O 38 -60.04 23.86 -56.18
C HIS O 38 -61.27 23.46 -56.95
N TRP O 39 -61.79 22.28 -56.64
CA TRP O 39 -63.00 21.91 -57.31
C TRP O 39 -64.20 21.98 -56.35
N TYR O 40 -65.31 22.49 -56.89
CA TYR O 40 -66.54 22.60 -56.15
C TYR O 40 -67.74 21.95 -56.85
N GLN O 41 -68.59 21.33 -56.04
CA GLN O 41 -69.78 20.68 -56.54
C GLN O 41 -71.08 21.35 -56.06
N GLN O 42 -71.89 21.77 -57.03
CA GLN O 42 -73.18 22.32 -56.68
C GLN O 42 -74.27 21.40 -57.15
N LYS O 43 -74.72 20.54 -56.25
CA LYS O 43 -75.90 19.73 -56.51
C LYS O 43 -77.07 20.71 -56.65
N PRO O 44 -78.00 20.45 -57.59
CA PRO O 44 -79.06 21.43 -57.91
C PRO O 44 -79.83 21.87 -56.68
N GLY O 45 -80.16 23.14 -56.64
CA GLY O 45 -81.03 23.63 -55.59
C GLY O 45 -80.39 23.76 -54.23
N GLN O 46 -79.07 23.75 -54.18
CA GLN O 46 -78.40 24.00 -52.91
C GLN O 46 -77.03 24.65 -53.17
N SER O 47 -76.44 25.14 -52.08
CA SER O 47 -75.15 25.83 -52.12
C SER O 47 -74.06 24.89 -52.63
N PRO O 48 -72.98 25.46 -53.17
CA PRO O 48 -71.84 24.65 -53.61
C PRO O 48 -71.16 23.91 -52.45
N LYS O 49 -70.40 22.90 -52.82
CA LYS O 49 -69.79 21.96 -51.89
C LYS O 49 -68.32 21.81 -52.27
N LEU O 50 -67.45 21.62 -51.27
CA LEU O 50 -66.03 21.51 -51.53
C LEU O 50 -65.64 20.07 -51.87
N LEU O 51 -65.05 19.85 -53.05
CA LEU O 51 -64.58 18.50 -53.37
C LEU O 51 -63.06 18.36 -53.17
N ILE O 52 -62.30 19.09 -53.98
CA ILE O 52 -60.85 18.95 -54.00
C ILE O 52 -60.17 20.27 -53.63
N TYR O 53 -59.17 20.20 -52.73
CA TYR O 53 -58.30 21.35 -52.50
C TYR O 53 -56.93 21.09 -53.08
N ARG O 54 -56.26 22.19 -53.40
CA ARG O 54 -55.00 22.30 -54.15
C ARG O 54 -54.88 21.20 -55.22
N ALA O 55 -55.94 21.10 -56.01
CA ALA O 55 -55.99 20.42 -57.30
C ALA O 55 -55.96 18.89 -57.26
N SER O 56 -55.57 18.29 -56.13
CA SER O 56 -55.38 16.84 -56.13
C SER O 56 -55.97 16.12 -54.93
N ASN O 57 -56.06 16.78 -53.76
CA ASN O 57 -56.47 16.04 -52.54
C ASN O 57 -57.95 16.21 -52.19
N ARG O 58 -58.59 15.09 -51.86
CA ARG O 58 -60.01 15.09 -51.53
C ARG O 58 -60.26 15.66 -50.13
N GLU O 59 -61.34 16.45 -50.02
CA GLU O 59 -61.80 16.93 -48.73
C GLU O 59 -62.43 15.76 -48.00
N GLY O 61 -64.60 13.16 -46.40
CA GLY O 61 -65.98 12.78 -46.65
C GLY O 61 -66.29 12.88 -48.12
N ILE O 62 -65.27 12.74 -48.96
CA ILE O 62 -65.54 12.74 -50.37
C ILE O 62 -65.13 11.39 -50.88
N PRO O 63 -66.03 10.72 -51.62
CA PRO O 63 -65.73 9.38 -52.19
C PRO O 63 -64.59 9.40 -53.20
N ALA O 64 -63.92 8.27 -53.33
CA ALA O 64 -62.73 8.20 -54.15
C ALA O 64 -63.01 8.35 -55.63
N ARG O 65 -64.27 8.23 -56.00
CA ARG O 65 -64.71 8.35 -57.40
C ARG O 65 -64.24 9.65 -58.05
N PHE O 66 -63.90 10.63 -57.21
CA PHE O 66 -63.43 11.92 -57.67
C PHE O 66 -61.91 12.00 -57.76
N ASN O 67 -61.43 12.12 -58.99
CA ASN O 67 -60.01 12.18 -59.20
C ASN O 67 -59.63 13.59 -59.59
N GLY O 68 -58.95 14.23 -58.65
CA GLY O 68 -58.38 15.53 -58.89
C GLY O 68 -57.03 15.35 -59.54
N SER O 69 -56.82 15.99 -60.67
CA SER O 69 -55.56 15.87 -61.36
C SER O 69 -55.25 17.15 -62.08
N GLY O 70 -53.97 17.30 -62.41
CA GLY O 70 -53.49 18.46 -63.15
C GLY O 70 -52.33 19.24 -62.52
N SER O 71 -51.77 20.16 -63.30
CA SER O 71 -50.66 20.97 -62.84
C SER O 71 -50.48 22.18 -63.74
N GLY O 72 -50.27 23.34 -63.14
CA GLY O 72 -49.90 24.50 -63.92
C GLY O 72 -50.99 25.34 -64.54
N THR O 73 -51.27 25.08 -65.80
CA THR O 73 -52.21 25.91 -66.50
C THR O 73 -53.53 25.15 -66.70
N ASP O 74 -53.47 23.82 -66.76
CA ASP O 74 -54.70 23.02 -66.99
C ASP O 74 -54.86 21.86 -66.06
N PHE O 75 -56.09 21.62 -65.64
CA PHE O 75 -56.39 20.55 -64.69
C PHE O 75 -57.60 19.77 -65.12
N ALA O 76 -57.95 18.80 -64.30
CA ALA O 76 -59.08 17.96 -64.61
C ALA O 76 -59.66 17.24 -63.42
N LEU O 77 -60.96 17.39 -63.28
CA LEU O 77 -61.73 16.65 -62.30
C LEU O 77 -62.28 15.43 -63.03
N THR O 78 -61.93 14.25 -62.52
CA THR O 78 -62.39 13.01 -63.10
C THR O 78 -63.34 12.29 -62.17
N ILE O 79 -64.58 12.11 -62.61
CA ILE O 79 -65.54 11.36 -61.82
C ILE O 79 -65.71 10.02 -62.48
N ASN O 80 -65.34 8.97 -61.75
CA ASN O 80 -65.35 7.63 -62.31
C ASN O 80 -65.16 6.58 -61.21
N PRO O 81 -66.19 5.73 -60.99
CA PRO O 81 -67.44 5.61 -61.75
C PRO O 81 -68.50 6.69 -61.46
N VAL O 82 -69.27 7.08 -62.47
CA VAL O 82 -70.33 8.09 -62.30
C VAL O 82 -71.53 7.45 -61.60
N GLU O 83 -72.01 8.07 -60.52
CA GLU O 83 -73.16 7.51 -59.83
C GLU O 83 -74.40 8.34 -60.10
N ALA O 84 -75.50 8.00 -59.43
CA ALA O 84 -76.76 8.67 -59.69
C ALA O 84 -76.76 10.09 -59.16
N ASP O 85 -76.38 10.21 -57.88
CA ASP O 85 -76.30 11.49 -57.12
C ASP O 85 -75.05 12.33 -57.44
N ASP O 86 -74.81 12.51 -58.73
CA ASP O 86 -73.65 13.24 -59.21
C ASP O 86 -74.13 14.32 -60.14
N VAL O 87 -75.45 14.40 -60.32
CA VAL O 87 -75.97 15.52 -61.10
C VAL O 87 -75.70 16.76 -60.33
N ALA O 88 -74.91 17.60 -60.95
CA ALA O 88 -74.54 18.84 -60.35
C ALA O 88 -73.80 19.65 -61.39
N THR O 89 -73.54 20.90 -61.04
CA THR O 89 -72.65 21.73 -61.80
C THR O 89 -71.36 21.82 -61.00
N TYR O 90 -70.25 21.56 -61.67
CA TYR O 90 -68.94 21.51 -61.04
C TYR O 90 -68.11 22.77 -61.35
N PHE O 91 -67.49 23.33 -60.31
CA PHE O 91 -66.71 24.54 -60.49
C PHE O 91 -65.27 24.38 -60.06
N CYS O 92 -64.37 24.93 -60.87
CA CYS O 92 -62.98 25.06 -60.45
C CYS O 92 -62.73 26.54 -60.16
N GLN O 93 -61.98 26.79 -59.09
CA GLN O 93 -61.63 28.12 -58.63
C GLN O 93 -60.19 28.16 -58.15
N GLN O 94 -59.46 29.19 -58.55
CA GLN O 94 -58.06 29.33 -58.18
C GLN O 94 -57.84 30.27 -56.95
N SER O 95 -56.80 30.01 -56.15
CA SER O 95 -56.51 30.83 -54.96
C SER O 95 -55.10 31.38 -55.03
N ASN O 96 -54.42 31.04 -56.12
CA ASN O 96 -53.05 31.46 -56.38
C ASN O 96 -52.87 32.97 -56.33
N GLU O 97 -53.92 33.71 -56.69
CA GLU O 97 -53.76 35.15 -56.81
C GLU O 97 -55.11 35.90 -56.87
N ASP O 98 -55.35 36.78 -55.91
CA ASP O 98 -56.54 37.63 -55.94
C ASP O 98 -56.55 38.40 -57.24
N PRO O 99 -57.73 38.70 -57.78
CA PRO O 99 -58.99 38.40 -57.09
C PRO O 99 -59.40 36.95 -57.37
N ARG O 100 -59.88 36.24 -56.34
CA ARG O 100 -60.29 34.84 -56.45
C ARG O 100 -61.21 34.72 -57.62
N THR O 101 -60.91 33.82 -58.52
CA THR O 101 -61.72 33.70 -59.70
C THR O 101 -62.20 32.22 -59.84
N PHE O 102 -63.44 32.07 -60.33
CA PHE O 102 -64.05 30.76 -60.55
C PHE O 102 -64.13 30.42 -62.04
N GLY O 103 -64.40 29.15 -62.33
CA GLY O 103 -64.69 28.75 -63.69
C GLY O 103 -66.13 29.08 -64.10
N GLY O 104 -66.46 28.85 -65.39
CA GLY O 104 -67.82 29.07 -65.82
C GLY O 104 -68.68 28.08 -65.08
N GLY O 105 -68.19 26.85 -64.98
CA GLY O 105 -68.90 25.79 -64.32
C GLY O 105 -69.28 24.79 -65.38
N THR O 106 -69.34 23.52 -65.01
CA THR O 106 -69.76 22.47 -65.93
C THR O 106 -70.92 21.67 -65.37
N LYS O 107 -72.03 21.62 -66.12
CA LYS O 107 -73.20 20.85 -65.70
C LYS O 107 -73.13 19.43 -66.22
N LEU O 108 -73.30 18.51 -65.28
CA LEU O 108 -73.22 17.07 -65.54
C LEU O 108 -74.60 16.42 -65.61
N GLU O 109 -74.84 15.65 -66.66
CA GLU O 109 -76.13 14.96 -66.82
C GLU O 109 -75.89 13.46 -66.94
N ILE O 110 -76.82 12.68 -66.39
CA ILE O 110 -76.71 11.22 -66.41
C ILE O 110 -77.55 10.63 -67.54
N LYS O 111 -76.95 9.78 -68.38
CA LYS O 111 -77.70 9.06 -69.41
C LYS O 111 -78.23 7.78 -68.78
N ARG O 112 -79.54 7.62 -68.84
CA ARG O 112 -80.20 6.43 -68.31
C ARG O 112 -81.17 5.84 -69.32
N ALA O 113 -81.95 4.89 -68.83
CA ALA O 113 -82.93 4.19 -69.64
C ALA O 113 -84.06 5.12 -70.02
N ASP O 114 -84.38 5.17 -71.32
CA ASP O 114 -85.47 6.01 -71.80
C ASP O 114 -86.73 5.68 -71.07
N ALA O 115 -87.24 6.61 -70.29
CA ALA O 115 -88.48 6.38 -69.57
C ALA O 115 -89.58 7.21 -70.25
N ALA O 116 -90.82 6.76 -70.09
CA ALA O 116 -91.97 7.43 -70.71
C ALA O 116 -92.70 8.34 -69.70
N PRO O 117 -93.17 9.48 -70.19
CA PRO O 117 -93.81 10.53 -69.38
C PRO O 117 -95.14 10.13 -68.78
N THR O 118 -95.25 10.17 -67.47
CA THR O 118 -96.52 9.84 -66.86
C THR O 118 -97.46 11.08 -66.83
N VAL O 119 -98.12 11.30 -67.97
CA VAL O 119 -98.99 12.44 -68.19
C VAL O 119 -100.23 12.37 -67.32
N SER O 120 -100.75 13.52 -66.94
CA SER O 120 -101.97 13.58 -66.16
C SER O 120 -102.55 14.97 -66.30
N ILE O 121 -103.79 15.09 -66.79
CA ILE O 121 -104.44 16.40 -67.06
C ILE O 121 -105.44 16.82 -65.98
N PHE O 122 -105.49 18.12 -65.72
CA PHE O 122 -106.30 18.61 -64.61
C PHE O 122 -107.14 19.81 -65.04
N PRO O 123 -108.42 19.78 -64.69
CA PRO O 123 -109.32 20.91 -64.91
C PRO O 123 -109.08 21.97 -63.86
N PRO O 124 -109.42 23.21 -64.18
CA PRO O 124 -109.29 24.35 -63.28
C PRO O 124 -110.13 24.21 -62.03
N SER O 125 -109.64 24.76 -60.93
CA SER O 125 -110.37 24.65 -59.68
C SER O 125 -111.65 25.43 -59.72
N SER O 126 -112.63 24.96 -58.97
CA SER O 126 -113.91 25.68 -58.86
C SER O 126 -113.69 27.01 -58.15
N GLU O 127 -112.81 27.00 -57.14
CA GLU O 127 -112.50 28.19 -56.35
C GLU O 127 -111.82 29.25 -57.19
N GLN O 128 -110.99 28.79 -58.14
CA GLN O 128 -110.33 29.69 -59.07
C GLN O 128 -111.34 30.29 -60.05
N LEU O 129 -112.29 29.46 -60.49
CA LEU O 129 -113.28 29.87 -61.48
C LEU O 129 -114.23 30.92 -60.93
N THR O 130 -114.53 30.85 -59.63
CA THR O 130 -115.33 31.88 -58.96
C THR O 130 -114.55 33.19 -58.85
N SER O 131 -113.23 33.10 -59.00
CA SER O 131 -112.36 34.27 -58.99
C SER O 131 -112.22 34.86 -60.40
N GLY O 132 -112.52 34.04 -61.41
CA GLY O 132 -112.63 34.55 -62.78
C GLY O 132 -111.75 33.96 -63.87
N GLY O 133 -110.81 33.12 -63.47
CA GLY O 133 -109.84 32.56 -64.39
C GLY O 133 -109.81 31.04 -64.39
N ALA O 134 -109.36 30.53 -65.53
CA ALA O 134 -109.26 29.10 -65.74
C ALA O 134 -107.82 28.67 -65.88
N SER O 135 -107.47 27.52 -65.34
CA SER O 135 -106.10 27.07 -65.43
C SER O 135 -106.05 25.57 -65.62
N VAL O 136 -105.74 25.18 -66.85
CA VAL O 136 -105.57 23.79 -67.16
C VAL O 136 -104.13 23.32 -67.00
N VAL O 137 -103.89 22.52 -65.96
CA VAL O 137 -102.56 22.03 -65.64
C VAL O 137 -102.29 20.64 -66.16
N CYS O 138 -101.06 20.37 -66.56
CA CYS O 138 -100.82 19.08 -67.17
C CYS O 138 -99.37 18.66 -66.87
N PHE O 139 -99.21 17.78 -65.89
CA PHE O 139 -97.90 17.30 -65.47
C PHE O 139 -97.38 16.21 -66.39
N LEU O 140 -96.07 16.15 -66.54
CA LEU O 140 -95.40 15.18 -67.38
C LEU O 140 -94.20 14.66 -66.60
N ASN O 141 -94.46 13.79 -65.63
CA ASN O 141 -93.43 13.41 -64.67
C ASN O 141 -92.56 12.23 -65.09
N ASN O 142 -91.34 12.22 -64.53
CA ASN O 142 -90.42 11.10 -64.60
C ASN O 142 -90.20 10.54 -66.01
N PHE O 143 -89.33 11.19 -66.76
CA PHE O 143 -88.97 10.73 -68.09
C PHE O 143 -87.51 11.02 -68.44
N TYR O 144 -87.09 10.50 -69.57
CA TYR O 144 -85.74 10.66 -70.08
C TYR O 144 -85.84 10.18 -71.52
N PRO O 145 -85.15 10.83 -72.47
CA PRO O 145 -84.28 12.00 -72.42
C PRO O 145 -85.02 13.26 -72.00
N LYS O 146 -84.29 14.38 -71.89
CA LYS O 146 -84.80 15.63 -71.37
C LYS O 146 -85.87 16.21 -72.29
N ASP O 147 -85.57 16.12 -73.58
CA ASP O 147 -86.38 16.72 -74.63
C ASP O 147 -87.72 16.08 -74.70
N ILE O 148 -88.73 16.93 -74.70
CA ILE O 148 -90.12 16.52 -74.77
C ILE O 148 -90.82 17.64 -75.50
N ASN O 149 -92.03 17.40 -75.97
CA ASN O 149 -92.76 18.43 -76.71
C ASN O 149 -94.26 18.45 -76.37
N VAL O 150 -94.70 19.36 -75.51
CA VAL O 150 -96.12 19.44 -75.17
C VAL O 150 -96.88 20.29 -76.20
N LYS O 151 -98.07 19.81 -76.59
CA LYS O 151 -99.01 20.53 -77.46
C LYS O 151 -100.32 20.70 -76.70
N TRP O 152 -100.99 21.83 -76.86
CA TRP O 152 -102.30 21.96 -76.27
C TRP O 152 -103.34 22.00 -77.37
N LYS O 153 -104.45 21.27 -77.20
CA LYS O 153 -105.52 21.34 -78.18
C LYS O 153 -106.84 21.66 -77.49
N ILE O 154 -107.54 22.68 -77.99
CA ILE O 154 -108.87 22.98 -77.47
C ILE O 154 -109.84 22.72 -78.61
N ASP O 155 -110.65 21.67 -78.45
CA ASP O 155 -111.62 21.21 -79.43
C ASP O 155 -110.97 20.97 -80.80
N GLY O 156 -109.89 20.19 -80.78
CA GLY O 156 -109.18 19.81 -81.99
C GLY O 156 -108.22 20.84 -82.52
N SER O 157 -108.44 22.12 -82.21
CA SER O 157 -107.57 23.18 -82.71
C SER O 157 -106.47 23.54 -81.68
N GLU O 158 -105.24 23.61 -82.18
CA GLU O 158 -104.03 23.82 -81.38
C GLU O 158 -104.06 25.22 -80.71
N ARG O 159 -103.21 25.42 -79.70
CA ARG O 159 -103.08 26.71 -79.01
C ARG O 159 -101.73 26.83 -78.28
N GLN O 160 -101.05 27.98 -78.39
CA GLN O 160 -99.78 28.18 -77.67
C GLN O 160 -99.92 29.31 -76.62
N ASN O 161 -100.74 30.30 -76.94
CA ASN O 161 -100.81 31.48 -76.12
C ASN O 161 -101.56 31.24 -74.82
N GLY O 162 -100.86 31.44 -73.71
CA GLY O 162 -101.39 31.16 -72.37
C GLY O 162 -100.67 30.04 -71.64
N VAL O 163 -99.75 29.40 -72.38
CA VAL O 163 -98.95 28.28 -71.90
C VAL O 163 -97.68 28.72 -71.11
N LEU O 164 -97.43 28.05 -69.98
CA LEU O 164 -96.24 28.23 -69.14
C LEU O 164 -95.64 26.85 -68.78
N ASN O 165 -94.42 26.59 -69.23
CA ASN O 165 -93.74 25.32 -68.98
C ASN O 165 -92.66 25.42 -67.91
N SER O 166 -92.38 24.32 -67.23
CA SER O 166 -91.43 24.35 -66.13
C SER O 166 -90.81 22.96 -65.93
N TRP O 167 -89.52 22.79 -66.16
CA TRP O 167 -88.92 21.48 -65.96
C TRP O 167 -88.19 21.42 -64.62
N THR O 168 -88.12 20.27 -63.96
CA THR O 168 -87.26 20.19 -62.78
C THR O 168 -85.89 19.75 -63.24
N ASP O 169 -84.90 19.91 -62.38
CA ASP O 169 -83.59 19.39 -62.73
C ASP O 169 -83.61 17.89 -62.66
N GLN O 170 -82.73 17.26 -63.43
CA GLN O 170 -82.57 15.82 -63.40
C GLN O 170 -82.53 15.32 -61.95
N ASP O 171 -83.45 14.45 -61.57
CA ASP O 171 -83.54 14.04 -60.16
C ASP O 171 -82.27 13.30 -59.73
N SER O 172 -81.72 13.71 -58.59
CA SER O 172 -80.46 13.14 -58.12
C SER O 172 -80.60 11.64 -57.87
N LYS O 173 -81.80 11.18 -57.56
CA LYS O 173 -82.01 9.81 -57.15
C LYS O 173 -82.31 8.83 -58.33
N ASP O 174 -83.19 9.20 -59.27
CA ASP O 174 -83.57 8.26 -60.37
C ASP O 174 -83.14 8.73 -61.76
N SER O 175 -82.55 9.93 -61.82
CA SER O 175 -82.08 10.54 -63.07
C SER O 175 -83.15 10.79 -64.15
N THR O 176 -84.33 11.17 -63.69
CA THR O 176 -85.48 11.47 -64.55
C THR O 176 -86.00 12.89 -64.39
N TYR O 177 -86.34 13.52 -65.51
CA TYR O 177 -86.88 14.89 -65.50
C TYR O 177 -88.37 14.86 -65.24
N SER O 178 -88.94 16.01 -64.92
CA SER O 178 -90.37 16.13 -64.78
C SER O 178 -90.74 17.47 -65.40
N MET O 179 -92.01 17.64 -65.76
CA MET O 179 -92.43 18.90 -66.39
C MET O 179 -93.86 19.35 -66.04
N SER O 180 -94.05 20.64 -65.78
CA SER O 180 -95.37 21.22 -65.61
C SER O 180 -95.77 21.89 -66.93
N SER O 181 -97.06 22.11 -67.16
CA SER O 181 -97.47 22.84 -68.37
C SER O 181 -98.84 23.43 -68.20
N THR O 182 -98.88 24.58 -67.57
CA THR O 182 -100.12 25.24 -67.24
C THR O 182 -100.65 26.00 -68.44
N LEU O 183 -101.97 26.04 -68.58
CA LEU O 183 -102.61 26.82 -69.64
C LEU O 183 -103.68 27.74 -69.01
N THR O 184 -103.40 29.05 -68.94
CA THR O 184 -104.31 29.99 -68.24
C THR O 184 -105.25 30.74 -69.21
N LEU O 185 -106.53 30.78 -68.85
CA LEU O 185 -107.61 31.45 -69.57
C LEU O 185 -108.58 32.15 -68.61
N THR O 186 -109.43 33.02 -69.12
CA THR O 186 -110.49 33.58 -68.28
C THR O 186 -111.76 32.74 -68.36
N LYS O 187 -112.58 32.81 -67.30
CA LYS O 187 -113.77 31.99 -67.17
C LYS O 187 -114.58 31.97 -68.45
N ASP O 188 -114.84 33.16 -68.98
CA ASP O 188 -115.61 33.36 -70.21
C ASP O 188 -114.92 32.80 -71.47
N GLU O 189 -113.60 32.98 -71.59
CA GLU O 189 -112.78 32.43 -72.68
C GLU O 189 -112.79 30.94 -72.68
N TYR O 190 -112.98 30.42 -71.46
CA TYR O 190 -112.96 29.00 -71.13
C TYR O 190 -114.28 28.32 -71.40
N GLU O 191 -115.36 28.98 -70.99
CA GLU O 191 -116.71 28.43 -71.11
C GLU O 191 -117.23 28.47 -72.53
N ARG O 192 -116.34 28.78 -73.48
CA ARG O 192 -116.76 28.90 -74.84
C ARG O 192 -116.14 27.76 -75.63
N HIS O 193 -115.86 26.66 -74.94
CA HIS O 193 -115.29 25.46 -75.56
C HIS O 193 -115.63 24.21 -74.75
N ASN O 194 -115.14 23.06 -75.19
CA ASN O 194 -115.47 21.81 -74.50
C ASN O 194 -114.27 20.94 -74.14
N SER O 195 -113.57 20.43 -75.16
CA SER O 195 -112.51 19.44 -74.92
C SER O 195 -111.10 20.03 -74.80
N TYR O 196 -110.42 19.69 -73.71
CA TYR O 196 -109.09 20.20 -73.48
C TYR O 196 -108.07 19.06 -73.44
N THR O 197 -107.14 19.11 -74.38
CA THR O 197 -106.19 18.01 -74.65
C THR O 197 -104.73 18.40 -74.37
N CYS O 198 -103.84 17.41 -74.35
CA CYS O 198 -102.50 17.65 -73.92
C CYS O 198 -101.52 16.68 -74.56
N GLU O 199 -101.21 16.87 -75.84
CA GLU O 199 -100.42 15.90 -76.61
C GLU O 199 -98.90 15.94 -76.48
N ALA O 200 -98.33 15.01 -75.72
CA ALA O 200 -96.89 14.98 -75.50
C ALA O 200 -96.19 14.07 -76.48
N THR O 201 -95.19 14.57 -77.17
CA THR O 201 -94.55 13.77 -78.19
C THR O 201 -93.13 13.44 -77.75
N HIS O 202 -92.93 12.20 -77.33
CA HIS O 202 -91.63 11.75 -76.86
C HIS O 202 -90.93 10.83 -77.86
N LYS O 203 -89.64 10.62 -77.67
CA LYS O 203 -88.89 9.64 -78.47
C LYS O 203 -89.26 8.24 -78.00
N THR O 204 -89.80 8.16 -76.78
CA THR O 204 -90.23 6.89 -76.21
C THR O 204 -91.36 6.27 -77.04
N SER O 205 -92.52 6.93 -77.07
CA SER O 205 -93.66 6.49 -77.87
C SER O 205 -93.57 7.06 -79.29
N SER O 207 -95.94 7.42 -81.17
CA SER O 207 -97.22 8.09 -81.34
C SER O 207 -97.54 8.90 -80.09
N PRO O 208 -98.09 10.10 -80.30
CA PRO O 208 -98.35 11.05 -79.21
C PRO O 208 -99.17 10.51 -78.02
N ILE O 209 -98.62 10.70 -76.83
CA ILE O 209 -99.32 10.39 -75.59
C ILE O 209 -100.31 11.51 -75.36
N VAL O 210 -101.55 11.14 -75.06
CA VAL O 210 -102.61 12.12 -74.94
C VAL O 210 -103.32 11.95 -73.60
N LYS O 211 -103.80 13.05 -73.06
CA LYS O 211 -104.70 12.96 -71.94
C LYS O 211 -105.56 14.18 -72.08
N SER O 212 -106.88 13.99 -72.03
CA SER O 212 -107.78 15.12 -72.20
C SER O 212 -108.99 15.00 -71.27
N PHE O 213 -109.76 16.06 -71.21
CA PHE O 213 -110.97 16.04 -70.41
C PHE O 213 -112.00 16.96 -71.04
N ASN O 214 -113.29 16.64 -70.90
CA ASN O 214 -114.34 17.47 -71.46
C ASN O 214 -114.99 18.34 -70.40
N ARG O 215 -115.33 19.56 -70.79
CA ARG O 215 -115.75 20.57 -69.85
C ARG O 215 -116.97 20.17 -69.02
N ASN O 216 -118.02 19.74 -69.70
CA ASN O 216 -119.22 19.33 -69.00
C ASN O 216 -119.28 17.79 -68.94
N GLU O 217 -119.35 17.28 -67.70
CA GLU O 217 -119.42 15.84 -67.42
C GLU O 217 -120.52 15.55 -66.40
N ASP P 1 -19.02 41.71 16.75
CA ASP P 1 -20.19 41.09 17.34
C ASP P 1 -21.49 41.62 16.69
N ILE P 2 -22.40 40.71 16.34
CA ILE P 2 -23.71 41.08 15.81
C ILE P 2 -24.72 41.08 16.95
N VAL P 3 -24.95 42.22 17.57
CA VAL P 3 -25.83 42.26 18.72
C VAL P 3 -27.28 41.99 18.30
N LEU P 4 -27.85 40.95 18.91
CA LEU P 4 -29.24 40.58 18.67
C LEU P 4 -30.09 41.04 19.84
N THR P 5 -31.13 41.81 19.52
CA THR P 5 -32.08 42.39 20.48
C THR P 5 -33.51 41.97 20.20
N GLN P 6 -34.11 41.15 21.07
CA GLN P 6 -35.48 40.68 20.88
C GLN P 6 -36.49 41.63 21.52
N SER P 7 -37.68 41.69 20.94
CA SER P 7 -38.70 42.56 21.50
C SER P 7 -40.10 42.01 21.21
N PRO P 8 -40.98 42.01 22.22
CA PRO P 8 -40.77 42.53 23.58
C PRO P 8 -40.14 41.53 24.53
N GLY P 9 -39.74 41.98 25.72
CA GLY P 9 -39.08 41.10 26.66
C GLY P 9 -39.97 40.00 27.21
N SER P 10 -41.20 40.38 27.51
CA SER P 10 -42.21 39.46 28.02
C SER P 10 -43.53 39.72 27.30
N LEU P 11 -44.20 38.65 26.98
CA LEU P 11 -45.37 38.76 26.17
C LEU P 11 -46.40 37.85 26.76
N THR P 12 -47.56 38.44 27.07
CA THR P 12 -48.69 37.65 27.55
C THR P 12 -49.76 37.71 26.50
N VAL P 13 -50.15 36.54 26.01
CA VAL P 13 -51.13 36.45 24.95
C VAL P 13 -52.24 35.49 25.34
N SER P 14 -53.47 35.80 24.93
CA SER P 14 -54.65 35.02 25.29
C SER P 14 -54.54 33.66 24.61
N LEU P 15 -55.13 32.62 25.20
CA LEU P 15 -55.08 31.32 24.57
C LEU P 15 -55.79 31.36 23.22
N GLY P 16 -55.31 30.57 22.24
CA GLY P 16 -55.94 30.53 20.92
C GLY P 16 -55.77 31.80 20.08
N GLN P 17 -54.86 32.66 20.48
CA GLN P 17 -54.58 33.89 19.71
C GLN P 17 -53.21 33.87 18.98
N ARG P 18 -52.63 35.05 18.76
CA ARG P 18 -51.36 35.12 18.05
C ARG P 18 -50.27 35.77 18.89
N ALA P 19 -49.18 35.04 19.08
CA ALA P 19 -47.98 35.59 19.70
C ALA P 19 -47.09 36.04 18.56
N THR P 20 -46.51 37.24 18.70
CA THR P 20 -45.64 37.81 17.68
C THR P 20 -44.39 38.39 18.34
N ILE P 21 -43.31 37.61 18.31
CA ILE P 21 -42.01 37.99 18.88
C ILE P 21 -41.00 38.48 17.83
N SER P 22 -40.39 39.61 18.08
CA SER P 22 -39.48 40.19 17.10
C SER P 22 -38.02 40.03 17.46
N CYS P 23 -37.19 40.12 16.43
CA CYS P 23 -35.74 40.08 16.55
C CYS P 23 -35.17 41.20 15.69
N ARG P 24 -34.10 41.84 16.16
CA ARG P 24 -33.47 42.92 15.42
C ARG P 24 -31.95 42.77 15.48
N ALA P 25 -31.30 42.69 14.31
CA ALA P 25 -29.85 42.52 14.30
C ALA P 25 -29.13 43.86 14.11
N SER P 26 -28.01 44.04 14.82
CA SER P 26 -27.25 45.29 14.71
C SER P 26 -26.78 45.50 13.26
N GLU P 27 -26.18 44.48 12.67
CA GLU P 27 -25.84 44.50 11.25
C GLU P 27 -26.61 43.34 10.59
N SER P 28 -26.63 43.30 9.27
CA SER P 28 -27.40 42.25 8.60
C SER P 28 -26.85 40.87 8.94
N VAL P 29 -27.72 39.88 8.82
CA VAL P 29 -27.41 38.47 9.09
C VAL P 29 -27.87 37.67 7.85
N ASP P 30 -27.53 38.17 6.68
CA ASP P 30 -28.32 37.85 5.51
C ASP P 30 -27.49 37.89 4.25
N ASN P 31 -26.54 36.99 4.08
CA ASN P 31 -25.97 36.94 2.73
C ASN P 31 -26.13 35.56 2.10
N PHE P 32 -25.65 35.38 0.87
CA PHE P 32 -25.95 34.18 0.05
C PHE P 32 -27.42 34.10 -0.30
N GLY P 33 -28.14 35.18 -0.05
CA GLY P 33 -29.55 35.21 -0.35
C GLY P 33 -30.44 34.63 0.71
N LYS P 34 -29.85 33.93 1.67
CA LYS P 34 -30.61 33.36 2.80
C LYS P 34 -30.32 34.12 4.10
N SER P 35 -31.26 34.07 5.05
CA SER P 35 -31.09 34.71 6.34
C SER P 35 -30.52 33.68 7.32
N PHE P 36 -29.42 33.98 8.03
CA PHE P 36 -28.88 32.98 8.94
C PHE P 36 -29.30 33.22 10.41
N MET P 37 -30.61 33.22 10.59
CA MET P 37 -31.26 33.41 11.88
C MET P 37 -31.85 32.12 12.36
N HIS P 38 -31.91 31.93 13.66
CA HIS P 38 -32.52 30.70 14.14
C HIS P 38 -33.37 30.94 15.35
N TRP P 39 -34.50 30.26 15.43
CA TRP P 39 -35.30 30.42 16.61
C TRP P 39 -35.22 29.18 17.51
N TYR P 40 -35.11 29.45 18.81
CA TYR P 40 -35.05 28.41 19.82
C TYR P 40 -36.11 28.56 20.91
N GLN P 41 -36.64 27.42 21.32
CA GLN P 41 -37.64 27.37 22.37
C GLN P 41 -37.16 26.68 23.65
N GLN P 42 -37.20 27.41 24.75
CA GLN P 42 -36.87 26.82 26.02
C GLN P 42 -38.09 26.72 26.90
N LYS P 43 -38.73 25.56 26.85
CA LYS P 43 -39.80 25.28 27.77
C LYS P 43 -39.17 25.25 29.18
N PRO P 44 -39.88 25.78 30.19
CA PRO P 44 -39.28 25.95 31.53
C PRO P 44 -38.68 24.68 32.07
N GLY P 45 -37.55 24.81 32.74
CA GLY P 45 -36.99 23.68 33.42
C GLY P 45 -36.33 22.63 32.53
N GLN P 46 -36.05 23.00 31.29
CA GLN P 46 -35.31 22.07 30.43
C GLN P 46 -34.50 22.86 29.41
N SER P 47 -33.60 22.15 28.74
CA SER P 47 -32.69 22.72 27.75
C SER P 47 -33.49 23.33 26.59
N PRO P 48 -32.89 24.28 25.88
CA PRO P 48 -33.53 24.86 24.69
C PRO P 48 -33.74 23.85 23.58
N LYS P 49 -34.64 24.21 22.67
CA LYS P 49 -35.12 23.33 21.61
C LYS P 49 -35.06 24.10 20.30
N LEU P 50 -34.77 23.39 19.20
CA LEU P 50 -34.65 24.05 17.91
C LEU P 50 -36.01 24.18 17.22
N LEU P 51 -36.43 25.40 16.90
CA LEU P 51 -37.68 25.56 16.16
C LEU P 51 -37.45 25.80 14.66
N ILE P 52 -36.83 26.95 14.35
CA ILE P 52 -36.66 27.38 12.98
C ILE P 52 -35.18 27.52 12.63
N TYR P 53 -34.79 26.98 11.47
CA TYR P 53 -33.47 27.28 10.93
C TYR P 53 -33.58 28.19 9.72
N ARG P 54 -32.49 28.92 9.49
CA ARG P 54 -32.35 30.02 8.53
C ARG P 54 -33.65 30.81 8.37
N ALA P 55 -34.20 31.20 9.52
CA ALA P 55 -35.21 32.24 9.68
C ALA P 55 -36.62 31.88 9.20
N SER P 56 -36.78 30.83 8.40
CA SER P 56 -38.09 30.58 7.82
C SER P 56 -38.55 29.13 7.87
N ASN P 57 -37.63 28.16 7.86
CA ASN P 57 -38.05 26.75 7.74
C ASN P 57 -38.10 26.00 9.08
N ARG P 58 -39.19 25.26 9.27
CA ARG P 58 -39.39 24.52 10.51
C ARG P 58 -38.52 23.27 10.57
N GLU P 59 -37.98 23.01 11.76
CA GLU P 59 -37.26 21.76 12.02
C GLU P 59 -38.27 20.65 12.10
N GLY P 61 -40.71 17.94 13.00
CA GLY P 61 -41.42 17.68 14.22
C GLY P 61 -41.81 18.97 14.90
N ILE P 62 -41.97 20.03 14.13
CA ILE P 62 -42.43 21.25 14.71
C ILE P 62 -43.76 21.58 14.07
N PRO P 63 -44.78 21.84 14.89
CA PRO P 63 -46.13 22.15 14.38
C PRO P 63 -46.16 23.46 13.58
N ALA P 64 -47.12 23.55 12.66
CA ALA P 64 -47.16 24.65 11.73
C ALA P 64 -47.50 25.97 12.39
N ARG P 65 -47.97 25.91 13.62
CA ARG P 65 -48.37 27.09 14.40
C ARG P 65 -47.23 28.12 14.48
N PHE P 66 -46.01 27.65 14.24
CA PHE P 66 -44.83 28.51 14.28
C PHE P 66 -44.46 29.07 12.91
N ASN P 67 -44.59 30.38 12.80
CA ASN P 67 -44.30 31.02 11.55
C ASN P 67 -43.01 31.80 11.68
N GLY P 68 -42.00 31.27 11.01
CA GLY P 68 -40.74 31.94 10.91
C GLY P 68 -40.81 32.92 9.76
N SER P 69 -40.48 34.18 10.01
CA SER P 69 -40.52 35.18 8.97
C SER P 69 -39.47 36.21 9.23
N GLY P 70 -39.15 36.93 8.16
CA GLY P 70 -38.17 38.01 8.21
C GLY P 70 -37.03 37.96 7.21
N SER P 71 -36.27 39.04 7.13
CA SER P 71 -35.14 39.12 6.22
C SER P 71 -34.23 40.28 6.61
N GLY P 72 -32.93 40.02 6.59
CA GLY P 72 -31.98 41.11 6.77
C GLY P 72 -31.61 41.53 8.18
N THR P 73 -32.26 42.57 8.66
CA THR P 73 -31.89 43.11 9.94
C THR P 73 -32.93 42.72 10.99
N ASP P 74 -34.19 42.52 10.58
CA ASP P 74 -35.26 42.19 11.55
C ASP P 74 -36.10 41.02 11.15
N PHE P 75 -36.47 40.21 12.13
CA PHE P 75 -37.26 39.02 11.88
C PHE P 75 -38.38 38.87 12.88
N ALA P 76 -39.11 37.79 12.73
CA ALA P 76 -40.24 37.56 13.62
C ALA P 76 -40.68 36.13 13.67
N LEU P 77 -40.78 35.63 14.89
CA LEU P 77 -41.36 34.33 15.15
C LEU P 77 -42.82 34.57 15.49
N THR P 78 -43.71 33.96 14.72
CA THR P 78 -45.14 34.10 14.93
C THR P 78 -45.73 32.78 15.38
N ILE P 79 -46.28 32.77 16.59
CA ILE P 79 -46.97 31.59 17.08
C ILE P 79 -48.45 31.86 17.03
N ASN P 80 -49.14 31.08 16.21
CA ASN P 80 -50.55 31.31 15.97
C ASN P 80 -51.20 30.11 15.24
N PRO P 81 -52.14 29.42 15.89
CA PRO P 81 -52.73 29.72 17.22
C PRO P 81 -51.86 29.35 18.42
N VAL P 82 -51.94 30.14 19.50
CA VAL P 82 -51.17 29.87 20.72
C VAL P 82 -51.83 28.72 21.48
N GLU P 83 -51.05 27.70 21.84
CA GLU P 83 -51.61 26.59 22.59
C GLU P 83 -51.17 26.63 24.04
N ALA P 84 -51.53 25.61 24.80
CA ALA P 84 -51.24 25.61 26.23
C ALA P 84 -49.77 25.41 26.50
N ASP P 85 -49.20 24.37 25.87
CA ASP P 85 -47.79 23.96 25.97
C ASP P 85 -46.82 24.82 25.13
N ASP P 86 -46.97 26.12 25.26
CA ASP P 86 -46.17 27.08 24.51
C ASP P 86 -45.53 28.03 25.49
N VAL P 87 -45.78 27.82 26.77
CA VAL P 87 -45.07 28.60 27.76
C VAL P 87 -43.64 28.24 27.68
N ALA P 88 -42.85 29.25 27.33
CA ALA P 88 -41.44 29.07 27.20
C ALA P 88 -40.83 30.42 26.98
N THR P 89 -39.51 30.44 27.02
CA THR P 89 -38.76 31.61 26.60
C THR P 89 -38.17 31.27 25.24
N TYR P 90 -38.38 32.18 24.30
CA TYR P 90 -37.96 31.98 22.91
C TYR P 90 -36.71 32.79 22.56
N PHE P 91 -35.75 32.13 21.90
CA PHE P 91 -34.50 32.80 21.56
C PHE P 91 -34.22 32.80 20.08
N CYS P 92 -33.76 33.95 19.59
CA CYS P 92 -33.23 34.02 18.24
C CYS P 92 -31.71 34.13 18.35
N GLN P 93 -31.02 33.43 17.47
CA GLN P 93 -29.56 33.39 17.41
C GLN P 93 -29.09 33.40 15.96
N GLN P 94 -28.08 34.21 15.68
CA GLN P 94 -27.56 34.32 14.32
C GLN P 94 -26.28 33.44 14.09
N SER P 95 -26.08 32.97 12.86
CA SER P 95 -24.91 32.13 12.54
C SER P 95 -24.12 32.75 11.40
N ASN P 96 -24.61 33.88 10.92
CA ASN P 96 -24.00 34.63 9.84
C ASN P 96 -22.53 34.96 10.08
N GLU P 97 -22.17 35.15 11.35
CA GLU P 97 -20.82 35.60 11.64
C GLU P 97 -20.41 35.40 13.11
N ASP P 98 -19.36 34.62 13.36
CA ASP P 98 -18.83 34.47 14.71
C ASP P 98 -18.48 35.85 15.25
N PRO P 99 -18.60 36.03 16.57
CA PRO P 99 -18.96 34.95 17.47
C PRO P 99 -20.49 34.78 17.52
N ARG P 100 -20.95 33.52 17.51
CA ARG P 100 -22.38 33.21 17.53
C ARG P 100 -23.01 33.98 18.64
N THR P 101 -24.05 34.72 18.31
CA THR P 101 -24.67 35.53 19.32
C THR P 101 -26.19 35.21 19.39
N PHE P 102 -26.73 35.25 20.61
CA PHE P 102 -28.15 34.99 20.86
C PHE P 102 -28.91 36.28 21.20
N GLY P 103 -30.23 36.19 21.17
CA GLY P 103 -31.06 37.28 21.64
C GLY P 103 -31.18 37.29 23.17
N GLY P 104 -31.80 38.33 23.72
CA GLY P 104 -32.01 38.38 25.16
C GLY P 104 -32.91 37.20 25.49
N GLY P 105 -33.92 37.01 24.66
CA GLY P 105 -34.88 35.95 24.88
C GLY P 105 -36.21 36.61 25.20
N THR P 106 -37.30 35.97 24.81
CA THR P 106 -38.62 36.47 25.12
C THR P 106 -39.47 35.43 25.84
N LYS P 107 -39.96 35.78 27.03
CA LYS P 107 -40.80 34.87 27.81
C LYS P 107 -42.26 35.06 27.47
N LEU P 108 -42.90 33.95 27.14
CA LEU P 108 -44.30 33.91 26.72
C LEU P 108 -45.20 33.40 27.84
N GLU P 109 -46.29 34.14 28.10
CA GLU P 109 -47.24 33.75 29.14
C GLU P 109 -48.63 33.61 28.52
N ILE P 110 -49.41 32.65 29.03
CA ILE P 110 -50.74 32.39 28.53
C ILE P 110 -51.81 33.07 29.41
N LYS P 111 -52.71 33.85 28.82
CA LYS P 111 -53.84 34.42 29.55
C LYS P 111 -54.96 33.39 29.53
N ARG P 112 -55.41 33.02 30.73
CA ARG P 112 -56.51 32.07 30.87
C ARG P 112 -57.55 32.59 31.86
N ALA P 113 -58.46 31.69 32.19
CA ALA P 113 -59.55 32.00 33.09
C ALA P 113 -59.03 32.20 34.51
N ASP P 114 -59.42 33.32 35.13
CA ASP P 114 -58.99 33.61 36.49
C ASP P 114 -59.36 32.48 37.39
N ALA P 115 -58.37 31.79 37.94
CA ALA P 115 -58.65 30.70 38.85
C ALA P 115 -58.30 31.17 40.27
N ALA P 116 -58.93 30.55 41.27
CA ALA P 116 -58.73 30.90 42.66
C ALA P 116 -57.73 29.95 43.35
N PRO P 117 -56.92 30.50 44.23
CA PRO P 117 -55.83 29.78 44.91
C PRO P 117 -56.32 28.72 45.90
N THR P 118 -55.93 27.48 45.70
CA THR P 118 -56.33 26.46 46.65
C THR P 118 -55.36 26.40 47.85
N VAL P 119 -55.62 27.31 48.80
CA VAL P 119 -54.79 27.49 49.98
C VAL P 119 -54.88 26.29 50.91
N SER P 120 -53.79 26.02 51.63
CA SER P 120 -53.79 24.93 52.59
C SER P 120 -52.64 25.19 53.55
N ILE P 121 -52.93 25.29 54.86
CA ILE P 121 -51.92 25.62 55.89
C ILE P 121 -51.42 24.40 56.68
N PHE P 122 -50.15 24.42 57.03
CA PHE P 122 -49.55 23.24 57.64
C PHE P 122 -48.72 23.64 58.86
N PRO P 123 -48.91 22.93 59.97
CA PRO P 123 -48.10 23.09 61.17
C PRO P 123 -46.76 22.42 60.99
N PRO P 124 -45.77 22.87 61.73
CA PRO P 124 -44.42 22.32 61.72
C PRO P 124 -44.37 20.87 62.16
N SER P 125 -43.44 20.12 61.59
CA SER P 125 -43.34 18.71 61.94
C SER P 125 -42.90 18.53 63.36
N SER P 126 -43.34 17.42 63.96
CA SER P 126 -42.90 17.09 65.31
C SER P 126 -41.40 16.77 65.31
N GLU P 127 -40.94 16.10 64.26
CA GLU P 127 -39.54 15.72 64.11
C GLU P 127 -38.65 16.93 63.99
N GLN P 128 -39.16 17.97 63.31
CA GLN P 128 -38.44 19.23 63.17
C GLN P 128 -38.38 19.95 64.51
N LEU P 129 -39.48 19.89 65.26
CA LEU P 129 -39.59 20.60 66.55
C LEU P 129 -38.65 20.01 67.59
N THR P 130 -38.41 18.71 67.53
CA THR P 130 -37.43 18.06 68.41
C THR P 130 -36.00 18.47 68.02
N SER P 131 -35.85 19.00 66.81
CA SER P 131 -34.56 19.51 66.33
C SER P 131 -34.39 20.98 66.70
N GLY P 132 -35.50 21.66 67.00
CA GLY P 132 -35.43 23.00 67.58
C GLY P 132 -36.11 24.16 66.86
N GLY P 133 -36.60 23.90 65.66
CA GLY P 133 -37.17 24.92 64.81
C GLY P 133 -38.58 24.62 64.35
N ALA P 134 -39.30 25.69 64.07
CA ALA P 134 -40.67 25.61 63.63
C ALA P 134 -40.81 26.10 62.20
N SER P 135 -41.66 25.46 61.41
CA SER P 135 -41.82 25.86 60.04
C SER P 135 -43.26 25.75 59.62
N VAL P 136 -43.91 26.89 59.51
CA VAL P 136 -45.28 26.95 59.05
C VAL P 136 -45.37 27.12 57.55
N VAL P 137 -45.75 26.06 56.84
CA VAL P 137 -45.85 26.08 55.38
C VAL P 137 -47.24 26.34 54.87
N CYS P 138 -47.35 27.03 53.76
CA CYS P 138 -48.67 27.39 53.31
C CYS P 138 -48.68 27.47 51.78
N PHE P 139 -49.20 26.43 51.14
CA PHE P 139 -49.25 26.33 49.68
C PHE P 139 -50.42 27.11 49.12
N LEU P 140 -50.24 27.64 47.92
CA LEU P 140 -51.26 28.42 47.22
C LEU P 140 -51.26 27.95 45.78
N ASN P 141 -51.85 26.79 45.54
CA ASN P 141 -51.72 26.13 44.24
C ASN P 141 -52.75 26.53 43.20
N ASN P 142 -52.36 26.39 41.94
CA ASN P 142 -53.24 26.49 40.79
C ASN P 142 -54.11 27.75 40.77
N PHE P 143 -53.52 28.85 40.31
CA PHE P 143 -54.25 30.10 40.18
C PHE P 143 -53.78 30.93 38.98
N TYR P 144 -54.51 32.01 38.72
CA TYR P 144 -54.21 32.92 37.64
C TYR P 144 -55.10 34.13 37.94
N PRO P 145 -54.61 35.35 37.72
CA PRO P 145 -53.32 35.81 37.22
C PRO P 145 -52.17 35.48 38.16
N LYS P 146 -50.96 35.83 37.77
CA LYS P 146 -49.73 35.46 38.48
C LYS P 146 -49.68 36.11 39.85
N ASP P 147 -50.06 37.38 39.87
CA ASP P 147 -49.97 38.24 41.04
C ASP P 147 -50.87 37.76 42.13
N ILE P 148 -50.29 37.63 43.30
CA ILE P 148 -50.99 37.17 44.48
C ILE P 148 -50.29 37.88 45.63
N ASN P 149 -50.90 37.89 46.80
CA ASN P 149 -50.30 38.58 47.94
C ASN P 149 -50.50 37.80 49.25
N VAL P 150 -49.50 37.08 49.72
CA VAL P 150 -49.63 36.34 50.98
C VAL P 150 -49.29 37.24 52.17
N LYS P 151 -50.09 37.15 53.23
CA LYS P 151 -49.86 37.82 54.52
C LYS P 151 -49.78 36.74 55.61
N TRP P 152 -48.89 36.92 56.57
CA TRP P 152 -48.88 36.00 57.69
C TRP P 152 -49.38 36.71 58.93
N LYS P 153 -50.24 36.06 59.72
CA LYS P 153 -50.68 36.66 60.97
C LYS P 153 -50.45 35.68 62.12
N ILE P 154 -49.79 36.14 63.18
CA ILE P 154 -49.65 35.32 64.36
C ILE P 154 -50.41 36.02 65.47
N ASP P 155 -51.53 35.40 65.88
CA ASP P 155 -52.44 35.92 66.90
C ASP P 155 -52.92 37.34 66.56
N GLY P 156 -53.41 37.49 65.33
CA GLY P 156 -53.97 38.74 64.85
C GLY P 156 -52.94 39.75 64.38
N GLU P 158 -49.63 40.93 62.31
CA GLU P 158 -48.95 40.60 61.06
C GLU P 158 -47.46 40.27 61.31
N ARG P 159 -46.81 39.64 60.34
CA ARG P 159 -45.37 39.32 60.41
C ARG P 159 -44.78 39.08 59.02
N GLN P 160 -43.58 39.64 58.74
CA GLN P 160 -42.92 39.39 57.45
C GLN P 160 -41.60 38.61 57.64
N ASN P 161 -40.95 38.88 58.75
CA ASN P 161 -39.62 38.34 58.96
C ASN P 161 -39.62 36.87 59.27
N GLY P 162 -38.98 36.08 58.40
CA GLY P 162 -38.97 34.62 58.50
C GLY P 162 -39.67 33.92 57.33
N VAL P 163 -40.28 34.76 56.48
CA VAL P 163 -41.02 34.31 55.30
C VAL P 163 -40.12 34.06 54.06
N LEU P 164 -40.38 32.94 53.37
CA LEU P 164 -39.72 32.57 52.11
C LEU P 164 -40.78 32.13 51.09
N ASN P 165 -40.89 32.87 49.98
CA ASN P 165 -41.87 32.58 48.93
C ASN P 165 -41.25 31.94 47.70
N SER P 166 -42.02 31.16 46.97
CA SER P 166 -41.49 30.43 45.82
C SER P 166 -42.60 30.13 44.81
N TRP P 167 -42.55 30.70 43.62
CA TRP P 167 -43.59 30.42 42.64
C TRP P 167 -43.11 29.39 41.63
N THR P 168 -43.99 28.56 41.08
CA THR P 168 -43.55 27.72 39.97
C THR P 168 -43.80 28.46 38.69
N ASP P 169 -43.19 28.01 37.61
CA ASP P 169 -43.50 28.61 36.33
C ASP P 169 -44.89 28.22 35.91
N GLN P 170 -45.52 29.07 35.10
CA GLN P 170 -46.83 28.79 34.54
C GLN P 170 -46.87 27.35 34.00
N ASP P 171 -47.77 26.52 34.53
CA ASP P 171 -47.77 25.11 34.16
C ASP P 171 -48.08 24.94 32.67
N SER P 172 -47.26 24.14 31.99
CA SER P 172 -47.39 23.97 30.55
C SER P 172 -48.76 23.38 30.19
N LYS P 173 -49.34 22.61 31.10
CA LYS P 173 -50.57 21.88 30.81
C LYS P 173 -51.88 22.67 31.11
N ASP P 174 -51.98 23.37 32.25
CA ASP P 174 -53.24 24.07 32.60
C ASP P 174 -53.11 25.58 32.67
N SER P 175 -51.89 26.07 32.48
CA SER P 175 -51.57 27.51 32.51
C SER P 175 -51.87 28.23 33.83
N THR P 176 -51.62 27.53 34.94
CA THR P 176 -51.84 28.03 36.29
C THR P 176 -50.57 28.03 37.13
N TYR P 177 -50.36 29.11 37.89
CA TYR P 177 -49.20 29.22 38.78
C TYR P 177 -49.46 28.53 40.10
N SER P 178 -48.42 28.29 40.87
CA SER P 178 -48.57 27.74 42.21
C SER P 178 -47.57 28.50 43.07
N MET P 179 -47.76 28.48 44.38
CA MET P 179 -46.86 29.20 45.28
C MET P 179 -46.64 28.54 46.65
N SER P 180 -45.39 28.51 47.13
CA SER P 180 -45.08 28.07 48.48
C SER P 180 -44.92 29.31 49.35
N SER P 181 -45.05 29.19 50.67
CA SER P 181 -44.80 30.34 51.55
C SER P 181 -44.50 29.88 52.95
N THR P 182 -43.24 29.53 53.15
CA THR P 182 -42.79 28.99 54.41
C THR P 182 -42.53 30.11 55.41
N LEU P 183 -42.80 29.83 56.68
CA LEU P 183 -42.52 30.78 57.75
C LEU P 183 -41.69 30.07 58.85
N THR P 184 -40.40 30.37 58.95
CA THR P 184 -39.52 29.65 59.88
C THR P 184 -39.29 30.42 61.20
N LEU P 185 -39.41 29.70 62.31
CA LEU P 185 -39.21 30.18 63.69
C LEU P 185 -38.49 29.14 64.54
N THR P 186 -38.01 29.54 65.71
CA THR P 186 -37.46 28.56 66.64
C THR P 186 -38.53 28.06 67.61
N LYS P 187 -38.34 26.85 68.12
CA LYS P 187 -39.32 26.18 68.97
C LYS P 187 -39.87 27.13 70.03
N ASP P 188 -38.96 27.79 70.72
CA ASP P 188 -39.28 28.73 71.79
C ASP P 188 -40.02 30.00 71.31
N GLU P 189 -39.60 30.54 70.16
CA GLU P 189 -40.26 31.69 69.51
C GLU P 189 -41.66 31.37 69.09
N TYR P 190 -41.84 30.08 68.83
CA TYR P 190 -43.07 29.48 68.33
C TYR P 190 -44.06 29.17 69.44
N GLU P 191 -43.56 28.59 70.52
CA GLU P 191 -44.39 28.18 71.64
C GLU P 191 -44.85 29.35 72.48
N HIS P 193 -46.96 31.62 71.29
CA HIS P 193 -48.14 32.12 70.57
C HIS P 193 -49.14 30.98 70.34
N ASN P 194 -50.24 31.30 69.66
CA ASN P 194 -51.28 30.29 69.45
C ASN P 194 -51.75 30.15 68.01
N SER P 195 -52.36 31.19 67.46
CA SER P 195 -53.00 31.08 66.14
C SER P 195 -52.12 31.53 64.97
N TYR P 196 -51.97 30.66 63.97
CA TYR P 196 -51.16 30.97 62.83
C TYR P 196 -51.99 31.00 61.55
N THR P 197 -52.02 32.16 60.93
CA THR P 197 -52.94 32.47 59.81
C THR P 197 -52.18 32.74 58.49
N CYS P 198 -52.92 32.79 57.37
CA CYS P 198 -52.28 32.84 56.09
C CYS P 198 -53.17 33.53 55.06
N GLU P 199 -53.29 34.84 55.14
CA GLU P 199 -54.26 35.61 54.32
C GLU P 199 -53.86 35.95 52.89
N ALA P 200 -54.40 35.23 51.92
CA ALA P 200 -54.05 35.46 50.52
C ALA P 200 -55.04 36.39 49.85
N THR P 201 -54.55 37.43 49.22
CA THR P 201 -55.45 38.42 48.65
C THR P 201 -55.35 38.38 47.14
N HIS P 202 -56.34 37.77 46.50
CA HIS P 202 -56.35 37.65 45.04
C HIS P 202 -57.35 38.59 44.38
N LYS P 203 -57.23 38.76 43.07
CA LYS P 203 -58.22 39.53 42.30
C LYS P 203 -59.47 38.67 42.13
N THR P 204 -59.31 37.37 42.31
CA THR P 204 -60.43 36.43 42.22
C THR P 204 -61.47 36.73 43.30
N SER P 205 -61.11 36.55 44.57
CA SER P 205 -62.00 36.84 45.70
C SER P 205 -61.85 38.31 46.12
N THR P 206 -62.96 39.02 46.27
CA THR P 206 -62.84 40.42 46.68
C THR P 206 -62.51 40.54 48.19
N SER P 207 -62.54 39.40 48.87
CA SER P 207 -62.22 39.31 50.28
C SER P 207 -61.18 38.23 50.51
N PRO P 208 -60.24 38.50 51.42
CA PRO P 208 -59.09 37.62 51.66
C PRO P 208 -59.43 36.16 51.98
N ILE P 209 -58.80 35.26 51.23
CA ILE P 209 -58.89 33.82 51.50
C ILE P 209 -57.98 33.54 52.68
N VAL P 210 -58.50 32.81 53.64
CA VAL P 210 -57.78 32.58 54.88
C VAL P 210 -57.71 31.08 55.18
N LYS P 211 -56.62 30.67 55.79
CA LYS P 211 -56.58 29.33 56.33
C LYS P 211 -55.66 29.46 57.52
N SER P 212 -56.09 28.97 58.67
CA SER P 212 -55.28 29.09 59.87
C SER P 212 -55.38 27.84 60.74
N PHE P 213 -54.53 27.75 61.74
CA PHE P 213 -54.58 26.65 62.66
C PHE P 213 -54.11 27.11 64.04
N ASN P 214 -54.64 26.52 65.10
CA ASN P 214 -54.24 26.90 66.45
C ASN P 214 -53.27 25.90 67.03
N ARG P 215 -52.31 26.42 67.78
CA ARG P 215 -51.18 25.63 68.24
C ARG P 215 -51.57 24.40 69.05
N ASN P 216 -52.39 24.62 70.07
CA ASN P 216 -52.84 23.52 70.91
C ASN P 216 -54.26 23.11 70.51
N GLU P 217 -54.41 21.84 70.14
CA GLU P 217 -55.69 21.25 69.73
C GLU P 217 -55.90 19.90 70.42
N GLY Q 1 -2.49 -22.40 58.28
CA GLY Q 1 -2.13 -21.51 57.21
C GLY Q 1 -2.58 -20.08 57.45
N LEU Q 2 -2.53 -19.26 56.40
CA LEU Q 2 -2.79 -17.83 56.52
C LEU Q 2 -4.19 -17.48 56.95
N PHE Q 3 -5.13 -18.37 56.67
CA PHE Q 3 -6.53 -18.05 56.88
C PHE Q 3 -7.21 -18.89 57.97
N GLY Q 4 -6.45 -19.74 58.64
CA GLY Q 4 -6.89 -20.48 59.80
C GLY Q 4 -7.84 -21.66 59.59
N ALA Q 5 -8.18 -21.96 58.33
CA ALA Q 5 -9.12 -23.07 58.02
C ALA Q 5 -8.45 -24.44 57.82
N ILE Q 6 -7.82 -24.64 56.66
CA ILE Q 6 -7.13 -25.90 56.40
C ILE Q 6 -6.08 -26.13 57.49
N ALA Q 7 -6.17 -27.29 58.14
CA ALA Q 7 -5.33 -27.62 59.30
C ALA Q 7 -5.40 -26.53 60.37
N GLY Q 8 -6.59 -25.95 60.51
CA GLY Q 8 -6.81 -24.88 61.44
C GLY Q 8 -8.02 -25.19 62.27
N PHE Q 9 -9.05 -24.36 62.17
CA PHE Q 9 -10.25 -24.65 62.93
C PHE Q 9 -10.98 -25.86 62.38
N ILE Q 10 -10.73 -26.15 61.11
CA ILE Q 10 -11.15 -27.45 60.56
C ILE Q 10 -9.95 -28.38 60.59
N GLU Q 11 -9.78 -29.14 61.66
CA GLU Q 11 -8.57 -29.94 61.85
C GLU Q 11 -8.53 -31.25 61.05
N GLY Q 12 -8.31 -31.18 59.75
CA GLY Q 12 -8.20 -32.39 58.97
C GLY Q 12 -9.08 -32.37 57.74
N GLY Q 13 -8.66 -33.09 56.72
CA GLY Q 13 -9.43 -33.21 55.50
C GLY Q 13 -10.17 -34.54 55.50
N TRP Q 14 -11.05 -34.70 54.51
CA TRP Q 14 -11.87 -35.89 54.43
C TRP Q 14 -11.42 -36.76 53.26
N GLN Q 15 -10.95 -37.96 53.57
CA GLN Q 15 -10.68 -38.95 52.54
C GLN Q 15 -12.00 -39.22 51.79
N GLY Q 16 -13.13 -39.05 52.49
CA GLY Q 16 -14.45 -39.40 51.98
C GLY Q 16 -14.98 -38.52 50.85
N MET Q 17 -14.64 -37.24 50.86
CA MET Q 17 -15.07 -36.39 49.75
C MET Q 17 -14.08 -36.52 48.60
N VAL Q 18 -14.54 -37.01 47.47
CA VAL Q 18 -13.60 -37.35 46.42
C VAL Q 18 -13.92 -36.67 45.10
N ASP Q 19 -15.08 -36.02 45.02
CA ASP Q 19 -15.49 -35.40 43.77
C ASP Q 19 -15.11 -33.92 43.73
N GLY Q 20 -14.24 -33.50 44.64
CA GLY Q 20 -13.82 -32.11 44.69
C GLY Q 20 -12.85 -31.81 45.81
N TRP Q 21 -12.40 -30.56 45.87
CA TRP Q 21 -11.43 -30.10 46.87
C TRP Q 21 -12.10 -29.62 48.16
N TYR Q 22 -13.17 -28.84 47.99
CA TYR Q 22 -13.92 -28.29 49.12
C TYR Q 22 -15.36 -28.75 49.02
N GLY Q 23 -15.99 -28.95 50.17
CA GLY Q 23 -17.40 -29.31 50.17
C GLY Q 23 -18.02 -29.49 51.53
N TYR Q 24 -19.09 -30.29 51.57
CA TYR Q 24 -19.89 -30.42 52.78
C TYR Q 24 -20.02 -31.87 53.22
N HIS Q 25 -20.16 -32.08 54.52
CA HIS Q 25 -20.70 -33.35 55.00
C HIS Q 25 -21.96 -33.04 55.80
N HIS Q 26 -23.10 -33.54 55.32
CA HIS Q 26 -24.33 -33.31 56.04
C HIS Q 26 -24.72 -34.53 56.85
N SER Q 27 -25.64 -34.32 57.78
CA SER Q 27 -26.16 -35.39 58.63
C SER Q 27 -27.56 -35.04 59.13
N ASN Q 28 -28.56 -35.67 58.51
CA ASN Q 28 -29.94 -35.55 58.98
C ASN Q 28 -30.61 -36.92 59.18
N GLU Q 29 -31.94 -36.91 59.28
CA GLU Q 29 -32.74 -38.11 59.52
C GLU Q 29 -32.76 -39.02 58.31
N GLN Q 30 -32.76 -38.41 57.13
CA GLN Q 30 -32.76 -39.15 55.86
C GLN Q 30 -31.41 -39.83 55.60
N GLY Q 31 -30.39 -39.41 56.34
CA GLY Q 31 -29.07 -40.01 56.25
C GLY Q 31 -27.97 -39.01 55.99
N SER Q 32 -26.72 -39.48 56.07
CA SER Q 32 -25.54 -38.61 55.91
C SER Q 32 -24.77 -38.93 54.62
N GLY Q 33 -23.84 -38.04 54.26
CA GLY Q 33 -23.02 -38.22 53.07
C GLY Q 33 -22.19 -37.01 52.71
N TYR Q 34 -21.11 -37.21 51.93
CA TYR Q 34 -20.24 -36.12 51.46
C TYR Q 34 -20.71 -35.55 50.12
N ALA Q 35 -20.43 -34.28 49.88
CA ALA Q 35 -20.72 -33.66 48.58
C ALA Q 35 -19.82 -32.46 48.39
N ALA Q 36 -19.32 -32.31 47.17
CA ALA Q 36 -18.38 -31.25 46.88
C ALA Q 36 -19.13 -30.00 46.47
N ASP Q 37 -18.65 -28.84 46.89
CA ASP Q 37 -19.21 -27.58 46.39
C ASP Q 37 -18.64 -27.35 45.00
N LYS Q 38 -19.45 -27.58 43.98
CA LYS Q 38 -18.99 -27.54 42.60
C LYS Q 38 -18.49 -26.16 42.22
N GLU Q 39 -19.16 -25.15 42.73
CA GLU Q 39 -18.84 -23.78 42.37
C GLU Q 39 -17.46 -23.36 42.88
N SER Q 40 -17.22 -23.54 44.17
CA SER Q 40 -15.97 -23.05 44.72
C SER Q 40 -14.83 -23.93 44.24
N THR Q 41 -15.14 -25.19 43.93
CA THR Q 41 -14.12 -26.09 43.43
C THR Q 41 -13.73 -25.68 42.03
N GLN Q 42 -14.72 -25.39 41.20
CA GLN Q 42 -14.40 -25.03 39.82
C GLN Q 42 -13.61 -23.71 39.79
N LYS Q 43 -13.98 -22.77 40.65
CA LYS Q 43 -13.26 -21.51 40.73
C LYS Q 43 -11.77 -21.75 41.04
N ALA Q 44 -11.50 -22.65 41.98
CA ALA Q 44 -10.15 -22.92 42.39
C ALA Q 44 -9.38 -23.61 41.26
N ILE Q 45 -10.04 -24.58 40.62
CA ILE Q 45 -9.46 -25.27 39.49
C ILE Q 45 -9.09 -24.30 38.37
N ASP Q 46 -9.99 -23.37 38.08
CA ASP Q 46 -9.72 -22.36 37.07
C ASP Q 46 -8.53 -21.48 37.49
N GLY Q 47 -8.47 -21.14 38.78
CA GLY Q 47 -7.45 -20.23 39.28
C GLY Q 47 -6.07 -20.87 39.22
N VAL Q 48 -5.99 -22.11 39.68
CA VAL Q 48 -4.75 -22.85 39.72
C VAL Q 48 -4.28 -23.19 38.31
N THR Q 49 -5.23 -23.54 37.46
CA THR Q 49 -4.89 -23.87 36.08
C THR Q 49 -4.35 -22.66 35.32
N ASN Q 50 -5.01 -21.52 35.48
CA ASN Q 50 -4.52 -20.28 34.89
C ASN Q 50 -3.16 -19.91 35.45
N LYS Q 51 -2.94 -20.20 36.74
CA LYS Q 51 -1.67 -19.92 37.40
C LYS Q 51 -0.58 -20.77 36.79
N VAL Q 52 -0.85 -22.06 36.64
CA VAL Q 52 0.15 -22.94 36.06
C VAL Q 52 0.45 -22.51 34.64
N ASN Q 53 -0.60 -22.26 33.87
CA ASN Q 53 -0.44 -21.83 32.49
C ASN Q 53 0.27 -20.47 32.40
N SER Q 54 0.01 -19.57 33.34
CA SER Q 54 0.70 -18.27 33.36
C SER Q 54 2.19 -18.39 33.66
N ILE Q 55 2.56 -19.36 34.50
CA ILE Q 55 3.96 -19.52 34.86
C ILE Q 55 4.76 -20.02 33.66
N ILE Q 56 4.24 -21.05 33.01
CA ILE Q 56 4.79 -21.61 31.77
C ILE Q 56 4.81 -20.59 30.62
N ASP Q 57 3.81 -19.72 30.60
CA ASP Q 57 3.73 -18.67 29.57
C ASP Q 57 4.82 -17.60 29.76
N LYS Q 58 4.98 -17.13 30.99
CA LYS Q 58 5.96 -16.07 31.29
C LYS Q 58 7.39 -16.47 30.97
N MET Q 59 7.62 -17.77 30.76
CA MET Q 59 8.96 -18.29 30.54
C MET Q 59 9.31 -18.55 29.08
N ASN Q 60 8.49 -18.13 28.13
CA ASN Q 60 8.77 -18.45 26.72
C ASN Q 60 9.89 -17.61 26.12
N THR Q 61 10.09 -16.42 26.67
CA THR Q 61 11.17 -15.57 26.23
C THR Q 61 12.43 -15.78 27.10
N GLN Q 62 12.65 -17.01 27.56
CA GLN Q 62 13.81 -17.30 28.38
C GLN Q 62 15.11 -17.39 27.56
N PHE Q 63 16.26 -17.26 28.22
CA PHE Q 63 17.56 -17.37 27.53
C PHE Q 63 17.80 -18.78 26.95
N GLU Q 64 18.39 -18.85 25.76
CA GLU Q 64 18.76 -20.11 25.11
C GLU Q 64 20.25 -20.08 24.72
N ALA Q 65 21.02 -20.96 25.33
CA ALA Q 65 22.46 -21.00 25.14
C ALA Q 65 22.79 -21.48 23.74
N VAL Q 66 23.84 -20.88 23.18
CA VAL Q 66 24.30 -21.19 21.83
C VAL Q 66 25.75 -21.63 21.84
N GLY Q 67 26.06 -22.68 21.09
CA GLY Q 67 27.44 -23.10 20.95
C GLY Q 67 28.27 -22.06 20.23
N ARG Q 68 29.37 -21.64 20.85
CA ARG Q 68 30.31 -20.75 20.17
C ARG Q 68 31.73 -21.16 20.43
N GLU Q 69 32.54 -21.11 19.37
CA GLU Q 69 33.92 -21.55 19.49
C GLU Q 69 34.93 -20.45 19.45
N PHE Q 70 36.01 -20.64 20.19
CA PHE Q 70 37.09 -19.66 20.25
C PHE Q 70 38.48 -20.29 20.27
N ASN Q 71 39.50 -19.57 19.79
CA ASN Q 71 40.86 -20.10 19.77
C ASN Q 71 41.73 -19.65 20.95
N ASN Q 72 42.99 -20.11 20.99
CA ASN Q 72 43.88 -19.87 22.14
C ASN Q 72 44.18 -18.42 22.36
N LEU Q 73 43.91 -17.57 21.38
CA LEU Q 73 44.18 -16.16 21.62
C LEU Q 73 42.90 -15.33 21.74
N GLU Q 74 41.81 -16.06 21.99
CA GLU Q 74 40.50 -15.48 22.23
C GLU Q 74 39.97 -15.95 23.58
N ARG Q 75 40.88 -16.13 24.54
CA ARG Q 75 40.49 -16.66 25.84
C ARG Q 75 39.60 -15.69 26.62
N ARG Q 76 39.82 -14.41 26.40
CA ARG Q 76 39.07 -13.36 27.08
C ARG Q 76 37.62 -13.35 26.66
N ILE Q 77 37.35 -13.33 25.37
CA ILE Q 77 35.98 -13.29 24.95
C ILE Q 77 35.35 -14.66 25.13
N GLU Q 78 36.20 -15.69 25.19
CA GLU Q 78 35.67 -17.03 25.46
C GLU Q 78 35.05 -17.04 26.84
N ASN Q 79 35.80 -16.48 27.78
CA ASN Q 79 35.45 -16.42 29.19
C ASN Q 79 34.29 -15.47 29.37
N LEU Q 80 34.33 -14.34 28.67
CA LEU Q 80 33.22 -13.38 28.69
C LEU Q 80 31.93 -14.07 28.25
N ASN Q 81 32.03 -14.83 27.15
CA ASN Q 81 30.92 -15.58 26.59
C ASN Q 81 30.40 -16.63 27.57
N LYS Q 82 31.33 -17.25 28.30
CA LYS Q 82 30.93 -18.28 29.24
C LYS Q 82 30.18 -17.61 30.41
N GLN Q 83 30.70 -16.49 30.89
CA GLN Q 83 30.15 -15.77 32.04
C GLN Q 83 28.78 -15.27 31.65
N MET Q 84 28.64 -14.89 30.39
CA MET Q 84 27.37 -14.39 29.93
C MET Q 84 26.37 -15.51 29.94
N GLU Q 85 26.77 -16.67 29.43
CA GLU Q 85 25.84 -17.81 29.38
C GLU Q 85 25.46 -18.32 30.76
N ASP Q 86 26.45 -18.53 31.60
CA ASP Q 86 26.18 -18.95 32.95
C ASP Q 86 25.38 -17.88 33.67
N GLY Q 87 25.66 -16.63 33.31
CA GLY Q 87 25.03 -15.50 33.95
C GLY Q 87 23.53 -15.57 33.77
N PHE Q 88 23.10 -15.78 32.53
CA PHE Q 88 21.68 -15.85 32.25
C PHE Q 88 21.08 -17.16 32.75
N LEU Q 89 21.85 -18.24 32.67
CA LEU Q 89 21.37 -19.53 33.13
C LEU Q 89 21.09 -19.45 34.64
N ASP Q 90 21.96 -18.76 35.38
CA ASP Q 90 21.76 -18.62 36.82
C ASP Q 90 20.58 -17.72 37.14
N VAL Q 91 20.38 -16.68 36.34
CA VAL Q 91 19.26 -15.77 36.56
C VAL Q 91 17.94 -16.48 36.35
N TRP Q 92 17.84 -17.18 35.23
CA TRP Q 92 16.59 -17.84 34.90
C TRP Q 92 16.29 -19.04 35.77
N THR Q 93 17.33 -19.64 36.35
CA THR Q 93 17.13 -20.75 37.27
C THR Q 93 16.57 -20.18 38.57
N TYR Q 94 17.13 -19.07 39.02
CA TYR Q 94 16.58 -18.35 40.16
C TYR Q 94 15.12 -17.97 39.87
N ASN Q 95 14.86 -17.38 38.72
CA ASN Q 95 13.50 -16.97 38.42
C ASN Q 95 12.46 -18.10 38.45
N ALA Q 96 12.84 -19.28 37.97
CA ALA Q 96 11.95 -20.41 37.92
C ALA Q 96 11.78 -21.00 39.32
N GLU Q 97 12.89 -21.18 40.02
CA GLU Q 97 12.84 -21.70 41.37
C GLU Q 97 12.03 -20.83 42.33
N LEU Q 98 12.21 -19.52 42.23
CA LEU Q 98 11.61 -18.57 43.15
C LEU Q 98 10.15 -18.42 42.85
N LEU Q 99 9.82 -18.40 41.58
CA LEU Q 99 8.46 -18.24 41.15
C LEU Q 99 7.65 -19.42 41.66
N VAL Q 100 8.22 -20.61 41.53
CA VAL Q 100 7.55 -21.82 42.00
C VAL Q 100 7.39 -21.80 43.50
N LEU Q 101 8.46 -21.45 44.22
CA LEU Q 101 8.35 -21.35 45.69
C LEU Q 101 7.28 -20.33 46.14
N MET Q 102 7.28 -19.16 45.51
CA MET Q 102 6.37 -18.09 45.90
C MET Q 102 4.93 -18.44 45.59
N GLU Q 103 4.68 -18.94 44.39
CA GLU Q 103 3.31 -19.25 44.02
C GLU Q 103 2.78 -20.53 44.69
N ASN Q 104 3.68 -21.40 45.12
CA ASN Q 104 3.28 -22.56 45.89
C ASN Q 104 2.70 -22.10 47.20
N GLU Q 105 3.41 -21.20 47.85
CA GLU Q 105 2.98 -20.68 49.13
C GLU Q 105 1.64 -19.97 48.95
N ARG Q 106 1.49 -19.20 47.88
CA ARG Q 106 0.23 -18.52 47.70
C ARG Q 106 -0.90 -19.50 47.39
N THR Q 107 -0.57 -20.59 46.72
CA THR Q 107 -1.55 -21.60 46.35
C THR Q 107 -2.11 -22.31 47.55
N LEU Q 108 -1.23 -22.68 48.48
CA LEU Q 108 -1.69 -23.33 49.68
C LEU Q 108 -2.63 -22.40 50.48
N ASP Q 109 -2.25 -21.13 50.58
CA ASP Q 109 -3.06 -20.14 51.28
C ASP Q 109 -4.34 -19.81 50.50
N PHE Q 110 -4.30 -19.99 49.18
CA PHE Q 110 -5.46 -19.78 48.31
C PHE Q 110 -6.54 -20.81 48.61
N HIS Q 111 -6.11 -22.06 48.78
CA HIS Q 111 -7.04 -23.11 49.13
C HIS Q 111 -7.60 -22.82 50.53
N ASP Q 112 -6.72 -22.44 51.46
CA ASP Q 112 -7.11 -22.11 52.83
C ASP Q 112 -8.19 -21.04 52.77
N SER Q 113 -7.98 -20.03 51.93
CA SER Q 113 -8.94 -18.95 51.78
C SER Q 113 -10.27 -19.39 51.16
N ASN Q 114 -10.23 -20.33 50.23
CA ASN Q 114 -11.46 -20.78 49.57
C ASN Q 114 -12.32 -21.53 50.60
N VAL Q 115 -11.65 -22.27 51.46
CA VAL Q 115 -12.33 -23.04 52.48
C VAL Q 115 -12.97 -22.10 53.49
N LYS Q 116 -12.17 -21.18 54.02
CA LYS Q 116 -12.65 -20.23 55.01
C LYS Q 116 -13.83 -19.41 54.45
N ASN Q 117 -13.81 -19.13 53.15
CA ASN Q 117 -14.91 -18.41 52.50
C ASN Q 117 -16.17 -19.30 52.41
N LEU Q 118 -15.95 -20.59 52.19
CA LEU Q 118 -17.06 -21.51 52.04
C LEU Q 118 -17.77 -21.65 53.38
N TYR Q 119 -16.96 -21.77 54.44
CA TYR Q 119 -17.50 -21.86 55.79
C TYR Q 119 -18.28 -20.60 56.09
N ASP Q 120 -17.73 -19.44 55.74
CA ASP Q 120 -18.40 -18.18 55.99
C ASP Q 120 -19.69 -18.05 55.18
N LYS Q 121 -19.71 -18.66 53.99
CA LYS Q 121 -20.88 -18.61 53.08
C LYS Q 121 -22.10 -19.26 53.75
N VAL Q 122 -21.84 -20.39 54.42
CA VAL Q 122 -22.85 -21.13 55.15
C VAL Q 122 -23.23 -20.41 56.42
N ARG Q 123 -22.20 -20.01 57.18
CA ARG Q 123 -22.40 -19.31 58.43
C ARG Q 123 -23.27 -18.08 58.24
N LEU Q 124 -23.01 -17.30 57.19
CA LEU Q 124 -23.73 -16.04 57.02
C LEU Q 124 -25.17 -16.28 56.59
N GLN Q 125 -25.43 -17.48 56.08
CA GLN Q 125 -26.78 -17.85 55.74
C GLN Q 125 -27.51 -18.32 57.00
N LEU Q 126 -26.89 -19.19 57.77
CA LEU Q 126 -27.58 -19.82 58.89
C LEU Q 126 -27.85 -18.88 60.04
N ARG Q 127 -26.89 -18.01 60.35
CA ARG Q 127 -27.05 -17.05 61.45
C ARG Q 127 -27.46 -17.76 62.74
N ASP Q 128 -28.50 -17.25 63.39
CA ASP Q 128 -28.95 -17.88 64.64
C ASP Q 128 -29.82 -19.13 64.42
N ASN Q 129 -30.08 -19.48 63.18
CA ASN Q 129 -30.80 -20.72 62.89
C ASN Q 129 -29.99 -22.01 63.11
N ALA Q 130 -28.71 -21.83 63.47
CA ALA Q 130 -27.81 -22.95 63.75
C ALA Q 130 -26.71 -22.51 64.69
N LYS Q 131 -26.04 -23.49 65.31
CA LYS Q 131 -25.02 -23.27 66.33
C LYS Q 131 -23.62 -23.58 65.73
N GLU Q 132 -22.67 -22.68 65.91
CA GLU Q 132 -21.32 -22.93 65.44
C GLU Q 132 -20.60 -23.92 66.36
N LEU Q 133 -20.41 -25.16 65.92
CA LEU Q 133 -19.73 -26.13 66.77
C LEU Q 133 -18.25 -25.76 66.91
N GLY Q 134 -17.71 -25.05 65.92
CA GLY Q 134 -16.36 -24.55 66.00
C GLY Q 134 -15.31 -25.47 65.39
N ASN Q 135 -15.76 -26.38 64.55
CA ASN Q 135 -14.90 -27.36 63.92
C ASN Q 135 -15.25 -27.47 62.43
N GLY Q 136 -15.97 -26.47 61.94
CA GLY Q 136 -16.37 -26.47 60.55
C GLY Q 136 -17.81 -26.94 60.45
N CYS Q 137 -18.38 -27.36 61.59
CA CYS Q 137 -19.75 -27.85 61.60
C CYS Q 137 -20.72 -26.89 62.28
N PHE Q 138 -21.92 -26.85 61.73
CA PHE Q 138 -22.99 -26.07 62.28
C PHE Q 138 -24.06 -27.04 62.70
N GLU Q 139 -24.47 -27.01 63.97
CA GLU Q 139 -25.61 -27.80 64.46
C GLU Q 139 -26.84 -26.97 64.30
N PHE Q 140 -27.82 -27.49 63.57
CA PHE Q 140 -29.06 -26.78 63.28
C PHE Q 140 -30.00 -26.69 64.47
N TYR Q 141 -30.69 -25.55 64.58
CA TYR Q 141 -31.75 -25.38 65.59
C TYR Q 141 -33.12 -25.76 65.02
N HIS Q 142 -33.14 -26.43 63.87
CA HIS Q 142 -34.40 -26.85 63.26
C HIS Q 142 -34.21 -28.11 62.43
N LYS Q 143 -35.26 -28.51 61.73
CA LYS Q 143 -35.18 -29.73 60.95
C LYS Q 143 -34.68 -29.35 59.59
N CYS Q 144 -33.63 -30.01 59.16
CA CYS Q 144 -33.12 -29.71 57.85
C CYS Q 144 -33.14 -30.97 57.02
N ASP Q 145 -34.17 -31.12 56.19
CA ASP Q 145 -34.22 -32.29 55.32
C ASP Q 145 -33.21 -32.15 54.19
N ASN Q 146 -33.12 -33.19 53.37
CA ASN Q 146 -32.23 -33.19 52.23
C ASN Q 146 -32.40 -31.97 51.33
N GLU Q 147 -33.65 -31.52 51.12
CA GLU Q 147 -33.87 -30.35 50.27
C GLU Q 147 -33.36 -29.08 50.92
N CYS Q 148 -33.48 -29.02 52.24
CA CYS Q 148 -32.97 -27.92 53.04
C CYS Q 148 -31.44 -27.94 53.01
N MET Q 149 -30.87 -29.14 53.15
CA MET Q 149 -29.41 -29.29 53.01
C MET Q 149 -28.96 -28.75 51.66
N GLU Q 150 -29.72 -29.08 50.61
CA GLU Q 150 -29.38 -28.62 49.28
C GLU Q 150 -29.48 -27.09 49.16
N SER Q 151 -30.36 -26.45 49.93
CA SER Q 151 -30.49 -25.00 49.83
C SER Q 151 -29.31 -24.32 50.51
N VAL Q 152 -28.75 -24.97 51.52
CA VAL Q 152 -27.62 -24.35 52.17
C VAL Q 152 -26.47 -24.48 51.21
N LYS Q 153 -26.35 -25.64 50.57
CA LYS Q 153 -25.24 -25.90 49.67
C LYS Q 153 -25.28 -25.01 48.41
N ASN Q 154 -26.46 -24.66 47.90
CA ASN Q 154 -26.49 -23.80 46.70
C ASN Q 154 -26.85 -22.31 46.95
N GLY Q 155 -26.73 -21.90 48.21
CA GLY Q 155 -26.90 -20.50 48.58
C GLY Q 155 -28.32 -19.95 48.48
N THR Q 156 -29.32 -20.80 48.71
CA THR Q 156 -30.72 -20.41 48.61
C THR Q 156 -31.49 -20.69 49.91
N TYR Q 157 -30.77 -20.76 51.03
CA TYR Q 157 -31.35 -20.99 52.33
C TYR Q 157 -32.40 -19.92 52.60
N ASP Q 158 -33.60 -20.34 52.99
CA ASP Q 158 -34.64 -19.37 53.31
C ASP Q 158 -34.61 -19.18 54.81
N TYR Q 159 -33.75 -18.29 55.29
CA TYR Q 159 -33.62 -18.08 56.73
C TYR Q 159 -34.95 -17.88 57.46
N PRO Q 160 -35.80 -16.93 57.01
CA PRO Q 160 -37.02 -16.70 57.80
C PRO Q 160 -38.00 -17.87 57.85
N GLN Q 161 -37.97 -18.77 56.86
CA GLN Q 161 -38.85 -19.95 56.83
C GLN Q 161 -38.64 -20.84 58.05
N TYR Q 162 -37.40 -20.90 58.52
CA TYR Q 162 -37.06 -21.77 59.63
C TYR Q 162 -36.81 -20.93 60.86
N SER Q 163 -36.92 -19.61 60.69
CA SER Q 163 -36.57 -18.67 61.76
C SER Q 163 -37.36 -18.96 63.04
N GLU Q 164 -38.68 -19.17 62.90
CA GLU Q 164 -39.52 -19.36 64.05
C GLU Q 164 -39.23 -20.69 64.74
N GLU Q 165 -39.20 -21.78 63.97
CA GLU Q 165 -38.94 -23.06 64.64
C GLU Q 165 -37.54 -23.06 65.20
N ALA Q 166 -36.63 -22.27 64.63
CA ALA Q 166 -35.28 -22.22 65.19
C ALA Q 166 -35.32 -21.49 66.52
N ARG Q 167 -35.91 -20.30 66.51
CA ARG Q 167 -35.99 -19.46 67.71
C ARG Q 167 -36.64 -20.20 68.87
N LEU Q 168 -37.71 -20.92 68.60
CA LEU Q 168 -38.36 -21.66 69.67
C LEU Q 168 -37.39 -22.71 70.25
N ASN Q 169 -36.64 -23.41 69.39
CA ASN Q 169 -35.71 -24.45 69.86
C ASN Q 169 -34.54 -23.87 70.59
N ARG Q 170 -34.20 -22.61 70.31
CA ARG Q 170 -33.07 -21.99 71.01
C ARG Q 170 -33.50 -21.69 72.43
N GLU Q 171 -34.73 -21.22 72.57
CA GLU Q 171 -35.19 -20.73 73.86
C GLU Q 171 -35.57 -21.81 74.90
N GLU Q 172 -35.86 -23.05 74.51
CA GLU Q 172 -36.09 -24.08 75.56
C GLU Q 172 -34.69 -24.46 76.06
N ILE Q 173 -33.66 -24.11 75.27
CA ILE Q 173 -32.25 -24.24 75.66
C ILE Q 173 -31.82 -22.94 76.37
N GLY R 1 9.51 34.65 -35.36
CA GLY R 1 8.07 34.63 -35.42
C GLY R 1 7.53 35.25 -36.70
N LEU R 2 6.23 35.53 -36.71
CA LEU R 2 5.54 35.98 -37.92
C LEU R 2 6.01 37.32 -38.44
N PHE R 3 6.54 38.14 -37.54
CA PHE R 3 6.85 39.51 -37.91
C PHE R 3 8.35 39.85 -37.90
N GLY R 4 9.18 38.83 -37.65
CA GLY R 4 10.62 38.94 -37.75
C GLY R 4 11.37 39.71 -36.68
N ALA R 5 10.66 40.24 -35.67
CA ALA R 5 11.30 41.03 -34.59
C ALA R 5 11.79 40.21 -33.39
N ILE R 6 10.87 39.77 -32.54
CA ILE R 6 11.23 38.96 -31.38
C ILE R 6 11.96 37.70 -31.87
N ALA R 7 13.17 37.48 -31.35
CA ALA R 7 14.05 36.41 -31.80
C ALA R 7 14.26 36.45 -33.31
N GLY R 8 14.30 37.66 -33.84
CA GLY R 8 14.45 37.87 -35.27
C GLY R 8 15.56 38.84 -35.51
N PHE R 9 15.25 39.99 -36.08
CA PHE R 9 16.30 40.97 -36.32
C PHE R 9 16.76 41.58 -35.00
N ILE R 10 15.89 41.55 -33.99
CA ILE R 10 16.32 41.85 -32.63
C ILE R 10 16.60 40.52 -31.92
N GLU R 11 17.85 40.05 -31.97
CA GLU R 11 18.16 38.72 -31.47
C GLU R 11 18.32 38.62 -29.95
N GLY R 12 17.21 38.67 -29.22
CA GLY R 12 17.30 38.51 -27.78
C GLY R 12 16.55 39.60 -27.04
N GLY R 13 16.07 39.25 -25.85
CA GLY R 13 15.40 40.21 -25.00
C GLY R 13 16.35 40.71 -23.93
N TRP R 14 15.89 41.72 -23.20
CA TRP R 14 16.72 42.35 -22.20
C TRP R 14 16.24 41.99 -20.80
N GLN R 15 17.06 41.28 -20.04
CA GLN R 15 16.78 41.06 -18.64
C GLN R 15 16.68 42.44 -17.95
N GLY R 16 17.40 43.44 -18.49
CA GLY R 16 17.53 44.76 -17.89
C GLY R 16 16.27 45.61 -17.88
N MET R 17 15.44 45.49 -18.92
CA MET R 17 14.19 46.24 -18.91
C MET R 17 13.14 45.47 -18.13
N VAL R 18 12.66 46.05 -17.03
CA VAL R 18 11.82 45.28 -16.14
C VAL R 18 10.48 45.94 -15.88
N ASP R 19 10.32 47.18 -16.33
CA ASP R 19 9.10 47.91 -16.06
C ASP R 19 8.10 47.78 -17.20
N GLY R 20 8.34 46.83 -18.11
CA GLY R 20 7.46 46.64 -19.25
C GLY R 20 7.90 45.54 -20.18
N TRP R 21 7.12 45.29 -21.21
CA TRP R 21 7.38 44.23 -22.20
C TRP R 21 8.26 44.72 -23.36
N TYR R 22 7.95 45.92 -23.86
CA TYR R 22 8.66 46.52 -24.97
C TYR R 22 9.21 47.85 -24.53
N GLY R 23 10.37 48.23 -25.07
CA GLY R 23 10.91 49.52 -24.76
C GLY R 23 12.23 49.86 -25.44
N TYR R 24 12.98 50.75 -24.82
CA TYR R 24 14.19 51.30 -25.43
C TYR R 24 15.41 51.11 -24.54
N HIS R 25 16.56 50.97 -25.17
CA HIS R 25 17.82 51.20 -24.45
C HIS R 25 18.55 52.34 -25.16
N HIS R 26 18.75 53.45 -24.47
CA HIS R 26 19.47 54.55 -25.07
C HIS R 26 20.92 54.58 -24.59
N SER R 27 21.73 55.35 -25.31
CA SER R 27 23.14 55.53 -24.97
C SER R 27 23.65 56.84 -25.53
N ASN R 28 23.79 57.83 -24.65
CA ASN R 28 24.42 59.09 -25.00
C ASN R 28 25.54 59.49 -24.03
N GLU R 29 25.93 60.77 -24.09
CA GLU R 29 27.02 61.30 -23.27
C GLU R 29 26.62 61.41 -21.81
N GLN R 30 25.35 61.73 -21.58
CA GLN R 30 24.80 61.85 -20.22
C GLN R 30 24.68 60.47 -19.53
N GLY R 31 24.76 59.41 -20.33
CA GLY R 31 24.72 58.07 -19.82
C GLY R 31 23.67 57.19 -20.46
N SER R 32 23.70 55.90 -20.16
CA SER R 32 22.78 54.92 -20.76
C SER R 32 21.79 54.36 -19.74
N GLY R 33 20.76 53.66 -20.23
CA GLY R 33 19.76 53.06 -19.37
C GLY R 33 18.56 52.50 -20.14
N TYR R 34 17.81 51.58 -19.51
CA TYR R 34 16.60 50.99 -20.10
C TYR R 34 15.35 51.77 -19.73
N ALA R 35 14.34 51.75 -20.60
CA ALA R 35 13.05 52.37 -20.30
C ALA R 35 11.98 51.71 -21.13
N ALA R 36 10.83 51.49 -20.53
CA ALA R 36 9.75 50.79 -21.20
C ALA R 36 8.88 51.79 -21.94
N ASP R 37 8.41 51.43 -23.13
CA ASP R 37 7.42 52.26 -23.81
C ASP R 37 6.07 52.00 -23.15
N LYS R 38 5.62 52.94 -22.34
CA LYS R 38 4.41 52.76 -21.54
C LYS R 38 3.19 52.55 -22.41
N GLU R 39 3.15 53.27 -23.52
CA GLU R 39 1.99 53.24 -24.39
C GLU R 39 1.80 51.87 -25.05
N SER R 40 2.84 51.37 -25.69
CA SER R 40 2.68 50.13 -26.43
C SER R 40 2.55 48.97 -25.45
N THR R 41 3.12 49.14 -24.26
CA THR R 41 3.02 48.10 -23.25
C THR R 41 1.61 48.05 -22.73
N GLN R 42 1.02 49.21 -22.45
CA GLN R 42 -0.32 49.21 -21.90
C GLN R 42 -1.30 48.65 -22.94
N LYS R 43 -1.10 49.01 -24.20
CA LYS R 43 -1.96 48.48 -25.25
C LYS R 43 -1.94 46.94 -25.28
N ALA R 44 -0.75 46.37 -25.13
CA ALA R 44 -0.61 44.94 -25.19
C ALA R 44 -1.25 44.30 -23.97
N ILE R 45 -1.01 44.90 -22.81
CA ILE R 45 -1.63 44.43 -21.57
C ILE R 45 -3.15 44.44 -21.67
N ASP R 46 -3.71 45.50 -22.21
CA ASP R 46 -5.15 45.59 -22.41
C ASP R 46 -5.62 44.50 -23.37
N GLY R 47 -4.85 44.26 -24.43
CA GLY R 47 -5.23 43.32 -25.46
C GLY R 47 -5.24 41.90 -24.96
N VAL R 48 -4.18 41.53 -24.24
CA VAL R 48 -4.02 40.20 -23.69
C VAL R 48 -5.01 39.95 -22.57
N THR R 49 -5.24 40.98 -21.76
CA THR R 49 -6.18 40.84 -20.67
C THR R 49 -7.61 40.66 -21.18
N ASN R 50 -8.00 41.45 -22.16
CA ASN R 50 -9.30 41.27 -22.79
C ASN R 50 -9.42 39.91 -23.45
N LYS R 51 -8.31 39.42 -24.00
CA LYS R 51 -8.26 38.10 -24.64
C LYS R 51 -8.51 37.02 -23.61
N VAL R 52 -7.80 37.11 -22.49
CA VAL R 52 -7.97 36.11 -21.46
C VAL R 52 -9.40 36.14 -20.94
N ASN R 53 -9.88 37.35 -20.65
CA ASN R 53 -11.24 37.50 -20.16
C ASN R 53 -12.28 37.06 -21.19
N SER R 54 -12.01 37.28 -22.48
CA SER R 54 -12.93 36.81 -23.52
C SER R 54 -12.98 35.29 -23.64
N ILE R 55 -11.87 34.62 -23.38
CA ILE R 55 -11.82 33.17 -23.49
C ILE R 55 -12.65 32.53 -22.37
N ILE R 56 -12.42 33.00 -21.15
CA ILE R 56 -13.18 32.61 -19.95
C ILE R 56 -14.67 32.96 -20.07
N ASP R 57 -14.97 34.07 -20.74
CA ASP R 57 -16.36 34.51 -20.94
C ASP R 57 -17.10 33.58 -21.91
N LYS R 58 -16.47 33.27 -23.05
CA LYS R 58 -17.10 32.44 -24.07
C LYS R 58 -17.44 31.04 -23.58
N MET R 59 -16.91 30.67 -22.43
CA MET R 59 -17.09 29.32 -21.90
C MET R 59 -18.15 29.20 -20.80
N ASN R 60 -18.94 30.24 -20.55
CA ASN R 60 -19.89 30.18 -19.44
C ASN R 60 -21.13 29.33 -19.76
N THR R 61 -21.46 29.23 -21.04
CA THR R 61 -22.56 28.38 -21.46
C THR R 61 -22.06 26.98 -21.84
N GLN R 62 -21.04 26.49 -21.15
CA GLN R 62 -20.51 25.16 -21.44
C GLN R 62 -21.42 24.03 -20.88
N PHE R 63 -21.26 22.82 -21.40
CA PHE R 63 -22.03 21.67 -20.90
C PHE R 63 -21.72 21.32 -19.44
N GLU R 64 -22.74 20.96 -18.66
CA GLU R 64 -22.59 20.53 -17.28
C GLU R 64 -23.27 19.16 -17.07
N ALA R 65 -22.46 18.16 -16.76
CA ALA R 65 -22.94 16.79 -16.63
C ALA R 65 -23.81 16.64 -15.41
N VAL R 66 -24.86 15.83 -15.55
CA VAL R 66 -25.83 15.59 -14.48
C VAL R 66 -25.91 14.11 -14.16
N GLY R 67 -25.95 13.78 -12.87
CA GLY R 67 -26.13 12.40 -12.48
C GLY R 67 -27.51 11.90 -12.88
N ARG R 68 -27.54 10.77 -13.59
CA ARG R 68 -28.82 10.13 -13.90
C ARG R 68 -28.73 8.64 -13.75
N GLU R 69 -29.76 8.06 -13.17
CA GLU R 69 -29.74 6.64 -12.89
C GLU R 69 -30.67 5.82 -13.76
N PHE R 70 -30.26 4.61 -14.07
CA PHE R 70 -31.04 3.72 -14.90
C PHE R 70 -30.99 2.26 -14.43
N ASN R 71 -32.04 1.48 -14.72
CA ASN R 71 -32.06 0.06 -14.31
C ASN R 71 -31.63 -0.93 -15.39
N ASN R 72 -31.62 -2.23 -15.06
CA ASN R 72 -31.10 -3.26 -15.97
C ASN R 72 -31.85 -3.37 -17.26
N LEU R 73 -33.04 -2.79 -17.33
CA LEU R 73 -33.76 -2.87 -18.60
C LEU R 73 -33.84 -1.53 -19.31
N GLU R 74 -32.95 -0.63 -18.88
CA GLU R 74 -32.79 0.68 -19.46
C GLU R 74 -31.35 0.87 -19.90
N ARG R 75 -30.72 -0.20 -20.36
CA ARG R 75 -29.31 -0.15 -20.72
C ARG R 75 -29.07 0.72 -21.95
N ARG R 76 -30.04 0.74 -22.85
CA ARG R 76 -29.95 1.52 -24.07
C ARG R 76 -29.92 3.00 -23.82
N ILE R 77 -30.87 3.51 -23.03
CA ILE R 77 -30.89 4.93 -22.80
C ILE R 77 -29.79 5.27 -21.82
N GLU R 78 -29.34 4.29 -21.04
CA GLU R 78 -28.22 4.54 -20.14
C GLU R 78 -26.99 4.88 -20.97
N ASN R 79 -26.77 4.07 -21.99
CA ASN R 79 -25.64 4.16 -22.88
C ASN R 79 -25.78 5.40 -23.74
N LEU R 80 -27.00 5.67 -24.21
CA LEU R 80 -27.28 6.89 -24.97
C LEU R 80 -26.89 8.11 -24.12
N ASN R 81 -27.33 8.11 -22.87
CA ASN R 81 -27.05 9.17 -21.92
C ASN R 81 -25.55 9.32 -21.68
N LYS R 82 -24.85 8.20 -21.64
CA LYS R 82 -23.42 8.25 -21.39
C LYS R 82 -22.72 8.85 -22.62
N GLN R 83 -23.14 8.43 -23.81
CA GLN R 83 -22.54 8.87 -25.06
C GLN R 83 -22.81 10.35 -25.22
N MET R 84 -23.97 10.79 -24.75
CA MET R 84 -24.32 12.17 -24.85
C MET R 84 -23.42 12.97 -23.95
N GLU R 85 -23.21 12.49 -22.73
CA GLU R 85 -22.36 13.23 -21.78
C GLU R 85 -20.90 13.26 -22.21
N ASP R 86 -20.37 12.11 -22.57
CA ASP R 86 -19.01 12.05 -23.04
C ASP R 86 -18.89 12.88 -24.32
N GLY R 87 -19.97 12.86 -25.10
CA GLY R 87 -19.99 13.53 -26.38
C GLY R 87 -19.72 15.00 -26.20
N PHE R 88 -20.45 15.62 -25.27
CA PHE R 88 -20.28 17.04 -25.03
C PHE R 88 -18.99 17.33 -24.29
N LEU R 89 -18.60 16.41 -23.39
CA LEU R 89 -17.37 16.60 -22.64
C LEU R 89 -16.18 16.61 -23.63
N ASP R 90 -16.23 15.74 -24.62
CA ASP R 90 -15.16 15.68 -25.61
C ASP R 90 -15.15 16.91 -26.50
N VAL R 91 -16.33 17.42 -26.85
CA VAL R 91 -16.42 18.60 -27.69
C VAL R 91 -15.85 19.82 -26.97
N TRP R 92 -16.27 20.02 -25.73
CA TRP R 92 -15.85 21.18 -25.00
C TRP R 92 -14.38 21.12 -24.58
N THR R 93 -13.84 19.90 -24.46
CA THR R 93 -12.44 19.76 -24.14
C THR R 93 -11.63 20.15 -25.37
N TYR R 94 -12.06 19.70 -26.54
CA TYR R 94 -11.48 20.13 -27.79
C TYR R 94 -11.57 21.66 -27.89
N ASN R 95 -12.74 22.22 -27.66
CA ASN R 95 -12.89 23.66 -27.80
C ASN R 95 -11.95 24.49 -26.90
N ALA R 96 -11.72 24.02 -25.69
CA ALA R 96 -10.87 24.72 -24.74
C ALA R 96 -9.40 24.53 -25.12
N GLU R 97 -9.03 23.30 -25.42
CA GLU R 97 -7.66 23.02 -25.82
C GLU R 97 -7.24 23.76 -27.09
N LEU R 98 -8.14 23.80 -28.06
CA LEU R 98 -7.84 24.38 -29.36
C LEU R 98 -7.79 25.86 -29.29
N LEU R 99 -8.71 26.42 -28.52
CA LEU R 99 -8.81 27.85 -28.38
C LEU R 99 -7.53 28.34 -27.74
N VAL R 100 -7.06 27.63 -26.73
CA VAL R 100 -5.84 28.01 -26.05
C VAL R 100 -4.64 27.89 -26.97
N LEU R 101 -4.54 26.79 -27.70
CA LEU R 101 -3.46 26.62 -28.67
C LEU R 101 -3.45 27.74 -29.74
N MET R 102 -4.63 28.04 -30.29
CA MET R 102 -4.72 29.02 -31.36
C MET R 102 -4.41 30.42 -30.89
N GLU R 103 -4.97 30.81 -29.75
CA GLU R 103 -4.76 32.15 -29.26
C GLU R 103 -3.36 32.34 -28.64
N ASN R 104 -2.74 31.26 -28.22
CA ASN R 104 -1.36 31.32 -27.77
C ASN R 104 -0.48 31.71 -28.92
N GLU R 105 -0.68 31.05 -30.04
CA GLU R 105 0.10 31.31 -31.23
C GLU R 105 -0.12 32.76 -31.67
N ARG R 106 -1.37 33.21 -31.62
CA ARG R 106 -1.60 34.58 -32.05
C ARG R 106 -0.98 35.57 -31.06
N THR R 107 -0.94 35.21 -29.79
CA THR R 107 -0.40 36.07 -28.75
C THR R 107 1.08 36.27 -28.91
N LEU R 108 1.80 35.20 -29.20
CA LEU R 108 3.23 35.32 -29.40
C LEU R 108 3.51 36.23 -30.62
N ASP R 109 2.76 36.04 -31.69
CA ASP R 109 2.91 36.85 -32.89
C ASP R 109 2.43 38.29 -32.66
N PHE R 110 1.50 38.46 -31.72
CA PHE R 110 1.00 39.79 -31.34
C PHE R 110 2.09 40.61 -30.69
N HIS R 111 2.85 39.97 -29.81
CA HIS R 111 3.97 40.65 -29.18
C HIS R 111 5.01 40.97 -30.25
N ASP R 112 5.29 40.01 -31.12
CA ASP R 112 6.25 40.19 -32.21
C ASP R 112 5.83 41.41 -33.01
N SER R 113 4.55 41.53 -33.30
CA SER R 113 4.02 42.65 -34.07
C SER R 113 4.12 43.99 -33.33
N ASN R 114 3.95 43.98 -32.01
CA ASN R 114 4.01 45.22 -31.24
C ASN R 114 5.44 45.75 -31.27
N VAL R 115 6.39 44.81 -31.20
CA VAL R 115 7.79 45.18 -31.20
C VAL R 115 8.17 45.75 -32.56
N LYS R 116 7.85 45.02 -33.62
CA LYS R 116 8.17 45.46 -34.97
C LYS R 116 7.54 46.83 -35.26
N ASN R 117 6.36 47.09 -34.69
CA ASN R 117 5.71 48.39 -34.86
C ASN R 117 6.46 49.49 -34.08
N LEU R 118 7.01 49.11 -32.93
CA LEU R 118 7.70 50.08 -32.10
C LEU R 118 8.98 50.49 -32.79
N TYR R 119 9.67 49.50 -33.34
CA TYR R 119 10.89 49.76 -34.09
C TYR R 119 10.59 50.66 -35.26
N ASP R 120 9.50 50.37 -35.98
CA ASP R 120 9.11 51.18 -37.12
C ASP R 120 8.72 52.59 -36.71
N LYS R 121 8.17 52.75 -35.51
CA LYS R 121 7.72 54.05 -34.98
C LYS R 121 8.92 55.01 -34.85
N VAL R 122 10.02 54.45 -34.37
CA VAL R 122 11.26 55.19 -34.21
C VAL R 122 11.92 55.42 -35.56
N ARG R 123 12.03 54.36 -36.34
CA ARG R 123 12.63 54.43 -37.66
C ARG R 123 11.96 55.50 -38.51
N LEU R 124 10.63 55.56 -38.49
CA LEU R 124 9.93 56.49 -39.38
C LEU R 124 10.09 57.92 -38.91
N GLN R 125 10.47 58.09 -37.65
CA GLN R 125 10.75 59.40 -37.13
C GLN R 125 12.18 59.80 -37.51
N LEU R 126 13.13 58.91 -37.30
CA LEU R 126 14.53 59.28 -37.46
C LEU R 126 14.92 59.48 -38.91
N ARG R 127 14.43 58.63 -39.80
CA ARG R 127 14.75 58.72 -41.24
C ARG R 127 16.26 58.78 -41.45
N ASP R 128 16.72 59.75 -42.23
CA ASP R 128 18.16 59.85 -42.49
C ASP R 128 18.94 60.55 -41.36
N ASN R 129 18.24 60.96 -40.31
CA ASN R 129 18.93 61.53 -39.15
C ASN R 129 19.66 60.49 -38.27
N ALA R 130 19.53 59.22 -38.64
CA ALA R 130 20.18 58.12 -37.94
C ALA R 130 20.38 56.94 -38.87
N LYS R 131 21.27 56.04 -38.48
CA LYS R 131 21.68 54.88 -39.28
C LYS R 131 21.07 53.59 -38.70
N GLU R 132 20.44 52.78 -39.54
CA GLU R 132 19.91 51.50 -39.05
C GLU R 132 21.02 50.50 -38.84
N LEU R 133 21.36 50.20 -37.59
CA LEU R 133 22.42 49.23 -37.35
C LEU R 133 21.96 47.83 -37.75
N GLY R 134 20.65 47.60 -37.71
CA GLY R 134 20.10 46.35 -38.17
C GLY R 134 19.90 45.30 -37.09
N ASN R 135 19.90 45.75 -35.85
CA ASN R 135 19.78 44.87 -34.70
C ASN R 135 18.78 45.47 -33.71
N GLY R 136 17.98 46.41 -34.19
CA GLY R 136 17.01 47.06 -33.33
C GLY R 136 17.56 48.41 -32.89
N CYS R 137 18.82 48.68 -33.24
CA CYS R 137 19.46 49.92 -32.84
C CYS R 137 19.66 50.90 -34.00
N PHE R 138 19.49 52.17 -33.68
CA PHE R 138 19.71 53.23 -34.63
C PHE R 138 20.86 54.04 -34.09
N GLU R 139 21.92 54.21 -34.89
CA GLU R 139 23.05 55.09 -34.54
C GLU R 139 22.74 56.45 -35.09
N PHE R 140 22.71 57.45 -34.23
CA PHE R 140 22.37 58.82 -34.60
C PHE R 140 23.46 59.52 -35.38
N TYR R 141 23.05 60.35 -36.34
CA TYR R 141 23.98 61.22 -37.07
C TYR R 141 24.09 62.60 -36.41
N HIS R 142 23.60 62.72 -35.18
CA HIS R 142 23.70 63.99 -34.46
C HIS R 142 23.74 63.78 -32.96
N LYS R 143 23.69 64.85 -32.20
CA LYS R 143 23.78 64.72 -30.76
C LYS R 143 22.39 64.56 -30.25
N CYS R 144 22.18 63.51 -29.47
CA CYS R 144 20.88 63.29 -28.92
C CYS R 144 20.99 63.28 -27.41
N ASP R 145 20.68 64.41 -26.78
CA ASP R 145 20.71 64.44 -25.32
C ASP R 145 19.51 63.68 -24.75
N ASN R 146 19.47 63.59 -23.42
CA ASN R 146 18.38 62.94 -22.75
C ASN R 146 17.00 63.46 -23.17
N GLU R 147 16.88 64.77 -23.38
CA GLU R 147 15.58 65.32 -23.79
C GLU R 147 15.22 64.92 -25.20
N CYS R 148 16.23 64.80 -26.04
CA CYS R 148 16.08 64.33 -27.42
C CYS R 148 15.70 62.84 -27.39
N MET R 149 16.37 62.07 -26.54
CA MET R 149 16.01 60.67 -26.36
C MET R 149 14.54 60.57 -25.96
N GLU R 150 14.10 61.44 -25.06
CA GLU R 150 12.72 61.43 -24.62
C GLU R 150 11.74 61.79 -25.76
N SER R 151 12.18 62.60 -26.72
CA SER R 151 11.29 62.98 -27.82
C SER R 151 11.12 61.80 -28.79
N VAL R 152 12.15 60.97 -28.89
CA VAL R 152 12.03 59.85 -29.78
C VAL R 152 11.07 58.90 -29.11
N LYS R 153 11.23 58.72 -27.80
CA LYS R 153 10.42 57.76 -27.06
C LYS R 153 8.94 58.18 -27.00
N ASN R 154 8.62 59.47 -26.95
CA ASN R 154 7.20 59.85 -26.92
C ASN R 154 6.61 60.39 -28.23
N GLY R 155 7.31 60.11 -29.34
CA GLY R 155 6.81 60.42 -30.67
C GLY R 155 6.75 61.91 -31.03
N THR R 156 7.67 62.70 -30.48
CA THR R 156 7.70 64.14 -30.72
C THR R 156 9.06 64.60 -31.26
N TYR R 157 9.78 63.69 -31.90
CA TYR R 157 11.07 63.97 -32.50
C TYR R 157 10.90 65.10 -33.51
N ASP R 158 11.73 66.14 -33.40
CA ASP R 158 11.67 67.23 -34.34
C ASP R 158 12.71 66.96 -35.40
N TYR R 159 12.34 66.18 -36.42
CA TYR R 159 13.30 65.82 -37.46
C TYR R 159 14.07 67.01 -38.05
N PRO R 160 13.37 68.06 -38.52
CA PRO R 160 14.14 69.13 -39.17
C PRO R 160 15.11 69.89 -38.25
N GLN R 161 14.85 69.91 -36.94
CA GLN R 161 15.74 70.57 -35.98
C GLN R 161 17.15 70.01 -36.01
N TYR R 162 17.26 68.71 -36.26
CA TYR R 162 18.54 68.03 -36.25
C TYR R 162 18.94 67.70 -37.68
N SER R 163 18.07 68.05 -38.62
CA SER R 163 18.26 67.67 -40.01
C SER R 163 19.60 68.15 -40.55
N GLU R 164 19.92 69.41 -40.29
CA GLU R 164 21.14 69.99 -40.83
C GLU R 164 22.38 69.37 -40.19
N GLU R 165 22.42 69.32 -38.86
CA GLU R 165 23.62 68.74 -38.25
C GLU R 165 23.71 67.27 -38.61
N ALA R 166 22.60 66.63 -38.89
CA ALA R 166 22.68 65.22 -39.30
C ALA R 166 23.29 65.13 -40.69
N ARG R 167 22.71 65.89 -41.63
CA ARG R 167 23.16 65.88 -43.01
C ARG R 167 24.66 66.17 -43.13
N LEU R 168 25.14 67.14 -42.37
CA LEU R 168 26.54 67.46 -42.42
C LEU R 168 27.38 66.26 -41.95
N ASN R 169 26.94 65.57 -40.88
CA ASN R 169 27.68 64.42 -40.36
C ASN R 169 27.62 63.25 -41.28
N ARG R 170 26.59 63.15 -42.11
CA ARG R 170 26.49 62.03 -43.05
C ARG R 170 27.52 62.23 -44.14
N GLU R 171 27.65 63.47 -44.59
CA GLU R 171 28.47 63.76 -45.76
C GLU R 171 29.99 63.77 -45.53
N GLU R 172 30.50 63.92 -44.31
CA GLU R 172 31.97 63.80 -44.13
C GLU R 172 32.24 62.29 -44.14
N ILE R 173 31.17 61.49 -43.94
CA ILE R 173 31.21 60.03 -44.10
C ILE R 173 30.89 59.68 -45.57
N GLU S 1 68.30 -5.26 45.73
CA GLU S 1 68.42 -6.54 46.44
C GLU S 1 67.72 -6.45 47.81
N VAL S 2 67.67 -7.53 48.59
CA VAL S 2 66.93 -7.45 49.85
C VAL S 2 67.79 -7.41 51.08
N HIS S 3 68.99 -6.86 50.97
CA HIS S 3 70.00 -6.98 52.03
C HIS S 3 69.63 -6.42 53.41
N LEU S 4 69.95 -7.20 54.44
CA LEU S 4 69.82 -6.75 55.81
C LEU S 4 71.17 -6.62 56.53
N GLN S 5 71.68 -5.39 56.68
CA GLN S 5 72.98 -5.23 57.31
C GLN S 5 72.85 -5.03 58.78
N GLN S 6 73.42 -5.92 59.58
CA GLN S 6 73.24 -5.69 61.00
C GLN S 6 74.53 -5.37 61.75
N SER S 7 74.35 -5.02 63.03
CA SER S 7 75.40 -4.60 63.96
C SER S 7 76.59 -5.55 64.07
N GLY S 8 77.72 -5.05 64.59
CA GLY S 8 78.91 -5.90 64.72
C GLY S 8 78.99 -6.66 66.03
N PRO S 9 79.66 -7.83 66.03
CA PRO S 9 79.71 -8.65 67.24
C PRO S 9 80.04 -7.88 68.49
N GLU S 10 79.37 -8.24 69.58
CA GLU S 10 79.45 -7.49 70.84
C GLU S 10 79.70 -8.33 72.08
N LEU S 11 80.25 -7.64 73.09
CA LEU S 11 80.63 -8.20 74.38
C LEU S 11 79.97 -7.44 75.50
N VAL S 12 79.31 -8.13 76.43
CA VAL S 12 78.69 -7.40 77.52
C VAL S 12 78.95 -8.00 78.85
N LYS S 13 79.29 -7.14 79.80
CA LYS S 13 79.45 -7.55 81.17
C LYS S 13 78.12 -8.07 81.64
N PRO S 14 78.13 -9.19 82.37
CA PRO S 14 76.88 -9.74 82.89
C PRO S 14 76.16 -8.73 83.77
N GLY S 15 74.89 -8.51 83.46
CA GLY S 15 74.05 -7.57 84.15
C GLY S 15 73.80 -6.32 83.34
N ALA S 16 74.64 -6.08 82.33
CA ALA S 16 74.52 -4.90 81.48
C ALA S 16 73.48 -5.09 80.38
N SER S 17 73.55 -4.25 79.35
CA SER S 17 72.56 -4.30 78.29
C SER S 17 73.15 -4.06 76.90
N VAL S 18 72.59 -4.70 75.88
CA VAL S 18 73.07 -4.50 74.51
C VAL S 18 72.02 -3.92 73.62
N LYS S 19 72.46 -3.30 72.55
CA LYS S 19 71.54 -2.80 71.54
C LYS S 19 72.11 -2.98 70.17
N MET S 20 71.81 -4.14 69.60
CA MET S 20 72.23 -4.45 68.26
C MET S 20 71.22 -3.89 67.28
N SER S 21 71.70 -3.44 66.14
CA SER S 21 70.86 -2.80 65.14
C SER S 21 70.86 -3.61 63.86
N CYS S 22 69.78 -3.47 63.09
CA CYS S 22 69.66 -4.08 61.78
C CYS S 22 69.15 -3.06 60.77
N LYS S 23 69.97 -2.79 59.77
CA LYS S 23 69.66 -1.78 58.76
C LYS S 23 69.07 -2.39 57.50
N THR S 24 67.84 -2.01 57.18
CA THR S 24 67.09 -2.54 56.04
C THR S 24 67.47 -1.81 54.76
N SER S 25 67.38 -2.50 53.63
CA SER S 25 67.76 -1.90 52.36
C SER S 25 67.26 -2.72 51.17
N GLY S 26 66.69 -2.05 50.18
CA GLY S 26 66.34 -2.73 48.96
C GLY S 26 64.87 -3.03 48.72
N TYR S 27 64.09 -2.79 49.76
CA TYR S 27 62.65 -2.98 49.66
C TYR S 27 62.00 -1.88 50.51
N THR S 28 60.67 -1.88 50.59
CA THR S 28 60.00 -0.88 51.39
C THR S 28 59.87 -1.30 52.81
N PHE S 29 60.69 -0.68 53.65
CA PHE S 29 60.71 -0.95 55.09
C PHE S 29 59.33 -1.22 55.71
N THR S 30 58.36 -0.39 55.32
CA THR S 30 57.04 -0.29 55.93
C THR S 30 56.01 -1.32 55.45
N GLU S 31 56.45 -2.30 54.69
CA GLU S 31 55.55 -3.31 54.14
C GLU S 31 55.72 -4.63 54.79
N TYR S 32 56.75 -4.77 55.59
CA TYR S 32 56.91 -6.09 56.16
C TYR S 32 57.37 -5.98 57.61
N THR S 33 56.93 -6.94 58.39
CA THR S 33 57.27 -7.06 59.78
C THR S 33 58.69 -7.60 59.87
N ILE S 34 59.51 -7.01 60.75
CA ILE S 34 60.89 -7.48 60.92
C ILE S 34 60.91 -8.27 62.25
N HIS S 35 61.72 -9.32 62.33
CA HIS S 35 61.74 -10.15 63.53
C HIS S 35 63.16 -10.46 64.02
N TRP S 36 63.26 -11.01 65.22
CA TRP S 36 64.57 -11.36 65.73
C TRP S 36 64.56 -12.80 66.19
N MET S 37 65.64 -13.49 65.86
CA MET S 37 65.82 -14.89 66.21
C MET S 37 67.12 -15.05 67.00
N LYS S 38 67.07 -15.87 68.05
CA LYS S 38 68.22 -16.21 68.86
C LYS S 38 68.62 -17.65 68.63
N GLN S 39 69.91 -17.89 68.39
CA GLN S 39 70.38 -19.24 68.24
C GLN S 39 71.46 -19.54 69.27
N SER S 40 71.12 -20.34 70.29
CA SER S 40 72.10 -20.87 71.24
C SER S 40 73.18 -21.68 70.54
N HIS S 41 74.44 -21.27 70.64
CA HIS S 41 75.54 -21.79 69.77
C HIS S 41 75.41 -23.25 69.31
N GLY S 42 75.11 -23.40 68.01
CA GLY S 42 74.93 -24.68 67.34
C GLY S 42 73.93 -25.60 68.05
N LYS S 43 72.68 -25.16 68.12
CA LYS S 43 71.69 -25.93 68.86
C LYS S 43 70.34 -25.75 68.16
N SER S 44 69.56 -24.78 68.64
CA SER S 44 68.19 -24.57 68.19
C SER S 44 67.84 -23.10 68.05
N LEU S 45 66.96 -22.83 67.08
CA LEU S 45 66.48 -21.49 66.84
C LEU S 45 65.26 -21.15 67.70
N GLU S 46 65.32 -19.98 68.33
CA GLU S 46 64.24 -19.46 69.16
C GLU S 46 63.70 -18.17 68.59
N TRP S 47 62.38 -18.04 68.58
CA TRP S 47 61.81 -16.80 68.11
C TRP S 47 61.73 -15.77 69.25
N ILE S 48 62.24 -14.55 68.99
CA ILE S 48 62.17 -13.49 70.00
C ILE S 48 60.95 -12.63 69.79
N GLY S 49 60.92 -11.88 68.70
CA GLY S 49 59.78 -11.02 68.48
C GLY S 49 59.61 -10.49 67.08
N GLY S 50 58.64 -9.60 66.89
CA GLY S 50 58.43 -8.96 65.61
C GLY S 50 57.97 -7.53 65.78
N ILE S 51 58.26 -6.69 64.80
CA ILE S 51 57.80 -5.31 64.83
C ILE S 51 57.45 -4.86 63.40
N PHE S 52 56.33 -4.16 63.25
CA PHE S 52 55.96 -3.65 61.93
C PHE S 52 56.30 -2.17 61.91
N PRO S 53 57.27 -1.79 61.05
CA PRO S 53 57.82 -0.43 60.95
C PRO S 53 56.80 0.67 60.81
N ASN S 54 55.99 0.58 59.78
CA ASN S 54 55.00 1.58 59.45
C ASN S 54 54.19 2.19 60.65
N ASN S 55 53.95 1.43 61.72
CA ASN S 55 53.25 1.98 62.87
C ASN S 55 53.86 1.58 64.22
N GLY S 56 54.84 0.69 64.16
CA GLY S 56 55.60 0.27 65.33
C GLY S 56 54.87 -0.68 66.28
N ASP S 57 54.10 -1.60 65.73
CA ASP S 57 53.42 -2.56 66.59
C ASP S 57 54.35 -3.73 66.85
N THR S 58 54.39 -4.19 68.09
CA THR S 58 55.32 -5.26 68.46
C THR S 58 54.58 -6.55 68.81
N THR S 59 55.24 -7.68 68.62
CA THR S 59 54.69 -8.98 68.95
C THR S 59 55.82 -9.87 69.59
N TYR S 60 55.71 -10.18 70.89
CA TYR S 60 56.83 -10.87 71.59
C TYR S 60 56.55 -12.33 71.92
N ASN S 61 57.63 -13.07 72.14
CA ASN S 61 57.58 -14.42 72.68
C ASN S 61 57.40 -14.34 74.17
N GLN S 62 56.75 -15.33 74.78
CA GLN S 62 56.65 -15.33 76.24
C GLN S 62 58.01 -15.13 76.91
N LYS S 63 58.97 -15.94 76.48
CA LYS S 63 60.32 -16.05 77.03
C LYS S 63 61.09 -14.73 77.09
N PHE S 64 60.84 -13.86 76.13
CA PHE S 64 61.70 -12.69 75.94
C PHE S 64 60.99 -11.39 76.24
N LYS S 65 59.70 -11.51 76.58
CA LYS S 65 58.85 -10.36 76.82
C LYS S 65 59.56 -9.28 77.62
N VAL S 66 60.23 -9.72 78.69
CA VAL S 66 60.86 -8.85 79.65
C VAL S 66 62.19 -8.25 79.15
N ARG S 67 63.07 -9.15 78.75
CA ARG S 67 64.45 -8.83 78.46
C ARG S 67 64.61 -8.15 77.13
N ALA S 68 63.59 -8.20 76.30
CA ALA S 68 63.74 -7.71 74.95
C ALA S 68 62.85 -6.52 74.65
N THR S 69 63.22 -5.79 73.61
CA THR S 69 62.54 -4.57 73.24
C THR S 69 62.80 -4.19 71.78
N LEU S 70 61.86 -4.51 70.91
CA LEU S 70 62.05 -4.15 69.51
C LEU S 70 61.63 -2.69 69.24
N THR S 71 62.45 -1.95 68.52
CA THR S 71 62.13 -0.56 68.18
C THR S 71 62.49 -0.31 66.74
N VAL S 72 61.95 0.74 66.14
CA VAL S 72 62.19 0.98 64.71
C VAL S 72 62.40 2.46 64.38
N GLY S 73 63.42 2.75 63.59
CA GLY S 73 63.67 4.11 63.15
C GLY S 73 63.28 4.28 61.69
N ARG S 74 62.06 4.77 61.45
CA ARG S 74 61.52 4.84 60.09
C ARG S 74 62.36 5.63 59.09
N SER S 75 62.84 6.82 59.48
CA SER S 75 63.70 7.63 58.59
C SER S 75 64.97 6.86 58.31
N SER S 76 65.39 6.10 59.32
CA SER S 76 66.68 5.39 59.28
C SER S 76 66.55 4.10 58.50
N SER S 77 65.32 3.66 58.27
CA SER S 77 65.04 2.37 57.65
C SER S 77 65.74 1.26 58.44
N THR S 78 65.68 1.39 59.77
CA THR S 78 66.43 0.53 60.68
C THR S 78 65.59 -0.03 61.83
N ALA S 79 65.81 -1.31 62.11
CA ALA S 79 65.15 -2.00 63.22
C ALA S 79 66.17 -2.22 64.30
N TYR S 80 65.76 -2.05 65.54
CA TYR S 80 66.70 -2.24 66.65
C TYR S 80 66.09 -3.27 67.58
N MET S 81 66.96 -3.97 68.31
CA MET S 81 66.58 -4.82 69.43
C MET S 81 67.44 -4.46 70.61
N ASP S 82 66.91 -4.60 71.82
CA ASP S 82 67.65 -4.24 73.01
C ASP S 82 67.48 -5.37 74.02
N LEU S 83 68.59 -5.92 74.51
CA LEU S 83 68.54 -6.94 75.53
C LEU S 83 69.01 -6.36 76.85
N ARG S 84 68.15 -6.40 77.86
CA ARG S 84 68.46 -5.79 79.15
C ARG S 84 68.79 -6.86 80.21
N SER S 85 69.77 -6.53 81.05
CA SER S 85 70.33 -7.35 82.14
C SER S 85 70.61 -8.78 81.72
N LEU S 86 71.76 -8.93 81.05
CA LEU S 86 72.14 -10.21 80.45
C LEU S 86 72.79 -11.24 81.36
N THR S 87 72.81 -12.46 80.88
CA THR S 87 73.44 -13.53 81.61
C THR S 87 74.20 -14.40 80.63
N SER S 88 74.78 -15.49 81.12
CA SER S 88 75.47 -16.39 80.22
C SER S 88 74.48 -16.96 79.22
N GLU S 89 73.24 -17.06 79.65
CA GLU S 89 72.13 -17.57 78.85
C GLU S 89 72.05 -16.87 77.50
N ASP S 90 72.17 -15.55 77.50
CA ASP S 90 71.99 -14.76 76.31
C ASP S 90 73.21 -14.77 75.38
N SER S 91 74.29 -15.40 75.81
CA SER S 91 75.43 -15.51 74.93
C SER S 91 75.12 -16.45 73.77
N ALA S 92 74.79 -15.85 72.63
CA ALA S 92 74.48 -16.63 71.44
C ALA S 92 74.38 -15.67 70.27
N VAL S 93 73.90 -16.14 69.13
CA VAL S 93 73.83 -15.28 67.95
C VAL S 93 72.43 -14.76 67.69
N TYR S 94 72.35 -13.50 67.25
CA TYR S 94 71.03 -12.93 67.03
C TYR S 94 70.84 -12.49 65.58
N TYR S 95 69.78 -13.01 64.96
CA TYR S 95 69.51 -12.74 63.55
C TYR S 95 68.36 -11.79 63.39
N CYS S 96 68.62 -10.73 62.64
CA CYS S 96 67.60 -9.81 62.21
C CYS S 96 66.99 -10.32 60.89
N VAL S 97 65.70 -10.65 60.91
CA VAL S 97 65.07 -11.37 59.82
C VAL S 97 63.78 -10.75 59.32
N ARG S 98 63.61 -10.64 58.00
CA ARG S 98 62.34 -10.16 57.44
C ARG S 98 61.40 -11.34 57.19
N ASN S 99 60.25 -11.30 57.85
CA ASN S 99 59.13 -12.21 57.67
C ASN S 99 58.22 -11.66 56.59
N TYR S 100 57.67 -12.55 55.77
CA TYR S 100 56.90 -12.10 54.60
C TYR S 100 55.54 -11.51 55.03
N GLY S 101 54.53 -12.33 55.21
CA GLY S 101 53.23 -11.74 55.51
C GLY S 101 52.61 -12.07 56.86
N SER S 103 50.97 -12.79 60.69
CA SER S 103 50.96 -13.81 61.73
C SER S 103 51.23 -15.18 61.20
N TYR S 104 50.83 -15.37 59.94
CA TYR S 104 51.02 -16.64 59.25
C TYR S 104 52.03 -16.54 58.12
N GLY S 105 53.26 -16.20 58.46
CA GLY S 105 54.23 -15.92 57.44
C GLY S 105 55.54 -16.63 57.61
N TYR S 106 56.26 -16.65 56.50
CA TYR S 106 57.56 -17.26 56.47
C TYR S 106 58.65 -16.19 56.43
N PHE S 107 59.78 -16.48 57.10
CA PHE S 107 60.95 -15.62 57.16
C PHE S 107 61.79 -15.86 55.91
N ASP S 108 61.75 -14.96 54.95
CA ASP S 108 62.40 -15.22 53.65
C ASP S 108 63.83 -14.67 53.56
N VAL S 109 64.05 -13.48 54.12
CA VAL S 109 65.38 -12.88 54.05
C VAL S 109 65.98 -12.79 55.45
N TRP S 110 67.04 -13.56 55.68
CA TRP S 110 67.73 -13.59 56.98
C TRP S 110 69.00 -12.77 56.89
N GLY S 111 69.23 -11.96 57.91
CA GLY S 111 70.41 -11.11 58.01
C GLY S 111 71.65 -11.92 58.35
N ALA S 112 72.79 -11.26 58.52
CA ALA S 112 74.05 -11.96 58.79
C ALA S 112 74.06 -12.70 60.12
N GLY S 113 73.87 -11.96 61.20
CA GLY S 113 73.90 -12.46 62.57
C GLY S 113 74.82 -11.62 63.45
N THR S 114 74.26 -10.91 64.43
CA THR S 114 75.09 -10.19 65.43
C THR S 114 75.35 -11.18 66.57
N THR S 115 76.63 -11.45 66.83
CA THR S 115 76.94 -12.45 67.83
C THR S 115 77.40 -11.77 69.15
N VAL S 116 76.67 -12.05 70.23
CA VAL S 116 76.89 -11.43 71.54
C VAL S 116 77.65 -12.34 72.52
N THR S 117 78.66 -11.80 73.20
CA THR S 117 79.45 -12.59 74.13
C THR S 117 79.36 -11.96 75.51
N VAL S 118 78.82 -12.69 76.49
CA VAL S 118 78.64 -12.13 77.82
C VAL S 118 79.66 -12.67 78.78
N SER S 119 80.69 -11.87 79.03
CA SER S 119 81.71 -12.25 79.98
C SER S 119 82.38 -11.01 80.57
N SER S 120 82.73 -11.18 81.84
CA SER S 120 83.41 -10.18 82.66
C SER S 120 84.85 -9.96 82.21
N ALA S 121 85.33 -10.88 81.36
CA ALA S 121 86.71 -10.90 80.87
C ALA S 121 87.11 -9.66 80.12
N LYS S 122 88.42 -9.40 80.09
CA LYS S 122 88.95 -8.20 79.44
C LYS S 122 89.23 -8.52 77.97
N THR S 123 89.33 -7.48 77.15
CA THR S 123 89.61 -7.65 75.74
C THR S 123 91.10 -7.95 75.55
N THR S 124 91.42 -9.00 74.84
CA THR S 124 92.83 -9.39 74.73
C THR S 124 93.28 -9.65 73.27
N PRO S 125 94.27 -8.86 72.80
CA PRO S 125 94.82 -9.07 71.44
C PRO S 125 95.55 -10.40 71.34
N PRO S 126 95.60 -11.00 70.16
CA PRO S 126 96.15 -12.36 69.99
C PRO S 126 97.66 -12.36 69.92
N SER S 127 98.23 -13.47 69.46
CA SER S 127 99.65 -13.56 69.20
C SER S 127 99.78 -14.51 68.03
N VAL S 128 100.49 -14.13 66.98
CA VAL S 128 100.51 -14.96 65.78
C VAL S 128 101.84 -15.60 65.54
N TYR S 129 101.83 -16.91 65.31
CA TYR S 129 103.07 -17.64 65.09
C TYR S 129 103.09 -18.46 63.78
N PRO S 130 104.08 -18.21 62.91
CA PRO S 130 104.18 -18.97 61.65
C PRO S 130 104.54 -20.42 61.87
N LEU S 131 104.10 -21.31 60.97
CA LEU S 131 104.35 -22.77 61.07
C LEU S 131 105.07 -23.32 59.85
N ALA S 132 106.41 -23.28 59.90
CA ALA S 132 107.30 -23.84 58.86
C ALA S 132 107.56 -25.29 59.21
N PRO S 133 107.56 -26.18 58.21
CA PRO S 133 107.70 -27.63 58.38
C PRO S 133 109.05 -28.03 59.01
N GLY S 134 109.22 -29.29 59.40
CA GLY S 134 110.47 -29.73 59.99
C GLY S 134 111.65 -29.59 59.02
N SER S 135 112.84 -29.32 59.56
CA SER S 135 114.02 -29.06 58.72
C SER S 135 114.39 -30.24 57.84
N ALA S 136 114.01 -31.44 58.27
CA ALA S 136 114.37 -32.65 57.55
C ALA S 136 113.18 -33.58 57.40
N ALA S 137 112.17 -33.10 56.69
CA ALA S 137 110.98 -33.86 56.36
C ALA S 137 110.20 -33.03 55.36
N GLN S 138 109.71 -33.66 54.29
CA GLN S 138 108.93 -32.93 53.30
C GLN S 138 107.76 -33.81 52.82
N THR S 139 106.52 -33.29 52.91
CA THR S 139 105.29 -33.96 52.40
C THR S 139 105.38 -33.87 50.83
N ASN S 140 105.28 -35.01 50.14
CA ASN S 140 105.76 -35.22 48.75
C ASN S 140 105.48 -34.16 47.64
N SER S 141 104.29 -34.24 47.01
CA SER S 141 103.93 -33.35 45.90
C SER S 141 103.49 -31.99 46.43
N MET S 142 102.91 -31.96 47.64
CA MET S 142 102.38 -30.74 48.26
C MET S 142 102.87 -30.45 49.66
N VAL S 143 103.24 -29.20 49.90
CA VAL S 143 103.75 -28.74 51.20
C VAL S 143 102.64 -28.08 52.02
N THR S 144 102.37 -28.56 53.24
CA THR S 144 101.36 -27.91 54.07
C THR S 144 102.02 -26.82 54.95
N LEU S 145 101.49 -25.60 54.91
CA LEU S 145 102.01 -24.49 55.73
C LEU S 145 100.96 -24.03 56.72
N GLY S 146 101.36 -23.28 57.73
CA GLY S 146 100.44 -22.89 58.79
C GLY S 146 100.54 -21.52 59.44
N CYS S 147 99.57 -21.26 60.30
CA CYS S 147 99.55 -20.02 61.04
C CYS S 147 98.82 -20.29 62.34
N LEU S 148 99.36 -19.82 63.45
CA LEU S 148 98.80 -20.12 64.77
C LEU S 148 98.36 -18.87 65.50
N VAL S 149 97.08 -18.77 65.85
CA VAL S 149 96.59 -17.64 66.64
C VAL S 149 96.22 -18.06 68.06
N LYS S 150 96.92 -17.52 69.06
CA LYS S 150 96.78 -17.98 70.44
C LYS S 150 96.59 -16.84 71.43
N GLY S 151 95.70 -17.08 72.41
CA GLY S 151 95.48 -16.18 73.52
C GLY S 151 94.83 -14.85 73.22
N TYR S 152 93.56 -14.93 72.82
CA TYR S 152 92.79 -13.72 72.51
C TYR S 152 91.35 -13.86 72.95
N PHE S 153 90.72 -12.71 73.16
CA PHE S 153 89.34 -12.62 73.61
C PHE S 153 88.81 -11.23 73.30
N PRO S 154 87.57 -11.13 72.78
CA PRO S 154 86.70 -12.27 72.52
C PRO S 154 86.69 -12.60 71.06
N GLU S 155 85.93 -13.62 70.69
CA GLU S 155 85.73 -13.97 69.29
C GLU S 155 85.19 -12.75 68.54
N PRO S 156 85.44 -12.66 67.23
CA PRO S 156 86.17 -13.63 66.43
C PRO S 156 87.42 -13.07 65.82
N VAL S 157 88.07 -13.88 64.99
CA VAL S 157 89.20 -13.40 64.21
C VAL S 157 89.13 -13.93 62.78
N THR S 158 89.72 -13.19 61.85
CA THR S 158 89.69 -13.53 60.45
C THR S 158 91.10 -13.86 59.98
N VAL S 159 91.23 -14.98 59.31
CA VAL S 159 92.53 -15.43 58.84
C VAL S 159 92.53 -15.50 57.31
N THR S 160 93.49 -14.83 56.69
CA THR S 160 93.61 -14.85 55.25
C THR S 160 95.02 -15.22 54.80
N TRP S 161 95.12 -15.71 53.57
CA TRP S 161 96.44 -16.07 53.04
C TRP S 161 96.78 -15.29 51.76
N ASN S 162 97.90 -14.54 51.83
CA ASN S 162 98.30 -13.60 50.77
C ASN S 162 97.23 -12.54 50.55
N SER S 163 96.82 -11.92 51.65
CA SER S 163 95.81 -10.87 51.66
C SER S 163 94.47 -11.31 51.06
N GLY S 164 94.36 -12.61 50.81
CA GLY S 164 93.11 -13.21 50.34
C GLY S 164 93.20 -13.90 49.00
N SER S 165 94.26 -13.64 48.25
CA SER S 165 94.39 -14.16 46.89
C SER S 165 94.51 -15.68 46.85
N LEU S 166 94.98 -16.28 47.95
CA LEU S 166 95.03 -17.74 48.08
C LEU S 166 93.82 -18.20 48.88
N SER S 167 92.99 -19.03 48.26
CA SER S 167 91.70 -19.38 48.84
C SER S 167 91.40 -20.82 48.57
N SER S 168 92.46 -21.58 48.32
CA SER S 168 92.28 -22.90 47.77
C SER S 168 92.43 -23.98 48.82
N GLY S 169 93.67 -24.34 49.08
CA GLY S 169 94.01 -25.37 50.05
C GLY S 169 93.84 -24.97 51.50
N VAL S 170 93.09 -23.90 51.73
CA VAL S 170 93.04 -23.29 53.05
C VAL S 170 91.93 -23.86 53.95
N HIS S 171 92.32 -24.15 55.18
CA HIS S 171 91.40 -24.54 56.24
C HIS S 171 91.63 -23.66 57.42
N THR S 172 90.61 -22.95 57.88
CA THR S 172 90.72 -22.25 59.15
C THR S 172 89.85 -22.97 60.19
N PHE S 173 90.51 -23.56 61.18
CA PHE S 173 89.85 -24.38 62.17
C PHE S 173 89.13 -23.51 63.19
N PRO S 174 88.06 -24.06 63.80
CA PRO S 174 87.37 -23.30 64.84
C PRO S 174 88.24 -23.05 66.10
N ALA S 175 88.05 -21.89 66.73
CA ALA S 175 88.77 -21.56 67.95
C ALA S 175 88.41 -22.51 69.10
N VAL S 176 89.29 -22.61 70.08
CA VAL S 176 89.01 -23.36 71.30
C VAL S 176 89.42 -22.58 72.57
N LEU S 177 88.86 -22.98 73.71
CA LEU S 177 89.15 -22.30 74.99
C LEU S 177 90.28 -22.95 75.78
N GLN S 178 91.33 -22.18 75.97
CA GLN S 178 92.56 -22.61 76.65
C GLN S 178 92.93 -21.56 77.68
N SER S 179 92.84 -21.90 78.95
CA SER S 179 93.06 -20.95 80.04
C SER S 179 92.20 -19.71 79.81
N ASP S 180 90.92 -19.91 79.51
CA ASP S 180 89.97 -18.80 79.34
C ASP S 180 90.35 -17.85 78.22
N LEU S 181 91.11 -18.33 77.24
CA LEU S 181 91.36 -17.56 76.02
C LEU S 181 91.14 -18.41 74.76
N TYR S 182 90.93 -17.76 73.63
CA TYR S 182 90.69 -18.51 72.42
C TYR S 182 92.01 -18.72 71.72
N THR S 183 92.02 -19.79 70.94
CA THR S 183 93.17 -20.24 70.18
C THR S 183 92.74 -20.99 68.93
N LEU S 184 93.26 -20.57 67.78
CA LEU S 184 92.98 -21.29 66.57
C LEU S 184 94.15 -21.27 65.61
N SER S 185 94.02 -22.13 64.62
CA SER S 185 95.06 -22.38 63.65
C SER S 185 94.51 -22.47 62.21
N SER S 186 95.37 -22.12 61.26
CA SER S 186 95.06 -22.16 59.83
C SER S 186 96.08 -23.01 59.04
N SER S 187 95.65 -23.61 57.93
CA SER S 187 96.53 -24.47 57.16
C SER S 187 96.44 -24.23 55.64
N VAL S 188 97.38 -23.47 55.07
CA VAL S 188 97.39 -23.30 53.63
C VAL S 188 98.24 -24.43 52.97
N THR S 189 97.75 -24.98 51.87
CA THR S 189 98.45 -26.08 51.18
C THR S 189 98.75 -25.71 49.73
N VAL S 190 100.03 -25.51 49.43
CA VAL S 190 100.51 -25.16 48.09
C VAL S 190 101.41 -26.27 47.53
N PRO S 191 101.56 -26.34 46.19
CA PRO S 191 102.46 -27.31 45.55
C PRO S 191 103.91 -27.17 45.98
N SER S 192 104.58 -28.29 46.21
CA SER S 192 105.94 -28.29 46.74
C SER S 192 106.90 -27.32 46.03
N SER S 193 106.76 -27.16 44.71
CA SER S 193 107.65 -26.27 43.95
C SER S 193 107.46 -24.79 44.29
N THR S 194 106.22 -24.38 44.61
CA THR S 194 105.91 -22.97 44.86
C THR S 194 106.64 -22.47 46.11
N TRP S 195 106.83 -23.32 47.13
CA TRP S 195 107.50 -22.85 48.37
C TRP S 195 108.88 -23.48 48.56
N PRO S 196 109.85 -22.73 49.11
CA PRO S 196 109.80 -21.36 49.66
C PRO S 196 109.91 -20.21 48.65
N SER S 197 109.81 -20.50 47.36
CA SER S 197 109.94 -19.46 46.35
C SER S 197 108.79 -18.46 46.51
N GLU S 198 107.59 -18.94 46.78
CA GLU S 198 106.43 -18.07 46.82
C GLU S 198 106.27 -17.41 48.20
N THR S 199 105.93 -16.12 48.17
CA THR S 199 105.68 -15.34 49.38
C THR S 199 104.36 -15.83 50.00
N VAL S 200 104.46 -16.57 51.10
CA VAL S 200 103.28 -17.02 51.82
C VAL S 200 103.15 -16.19 53.11
N THR S 201 102.19 -15.28 53.13
CA THR S 201 102.02 -14.41 54.29
C THR S 201 100.69 -14.74 54.95
N CYS S 202 100.68 -14.72 56.27
CA CYS S 202 99.45 -14.97 57.02
C CYS S 202 98.84 -13.66 57.53
N ASN S 203 97.65 -13.32 57.08
CA ASN S 203 97.01 -12.06 57.48
C ASN S 203 95.86 -12.28 58.48
N VAL S 204 96.09 -11.89 59.73
CA VAL S 204 95.11 -12.11 60.80
C VAL S 204 94.56 -10.78 61.32
N ALA S 205 93.26 -10.75 61.60
CA ALA S 205 92.61 -9.53 62.08
C ALA S 205 91.71 -9.82 63.28
N HIS S 206 91.85 -8.97 64.30
CA HIS S 206 91.03 -9.03 65.50
C HIS S 206 90.45 -7.65 65.78
N PRO S 207 89.18 -7.46 65.42
CA PRO S 207 88.50 -6.17 65.47
C PRO S 207 88.42 -5.65 66.88
N ALA S 208 88.07 -6.55 67.79
CA ALA S 208 87.78 -6.20 69.16
C ALA S 208 88.91 -5.45 69.86
N SER S 209 90.13 -5.59 69.34
CA SER S 209 91.30 -4.93 69.91
C SER S 209 91.96 -3.95 68.92
N SER S 210 91.33 -3.76 67.76
CA SER S 210 91.87 -2.95 66.65
C SER S 210 93.26 -3.42 66.25
N THR S 211 93.39 -4.72 66.06
CA THR S 211 94.66 -5.35 65.76
C THR S 211 94.65 -6.01 64.38
N LYS S 212 95.67 -5.76 63.57
CA LYS S 212 95.82 -6.43 62.29
C LYS S 212 97.28 -6.80 62.18
N VAL S 213 97.56 -8.09 62.01
CA VAL S 213 98.93 -8.58 62.03
C VAL S 213 99.26 -9.39 60.76
N ASP S 214 100.50 -9.30 60.28
CA ASP S 214 100.94 -10.18 59.19
C ASP S 214 102.19 -10.99 59.61
N LYS S 215 102.22 -12.29 59.24
CA LYS S 215 103.36 -13.20 59.50
C LYS S 215 103.72 -13.98 58.23
N LYS S 216 104.99 -13.90 57.85
CA LYS S 216 105.48 -14.57 56.66
C LYS S 216 106.13 -15.89 57.04
N ILE S 217 105.75 -16.97 56.36
CA ILE S 217 106.30 -18.30 56.64
C ILE S 217 107.73 -18.46 56.06
N VAL S 218 108.74 -18.31 56.94
CA VAL S 218 110.16 -18.49 56.62
C VAL S 218 110.54 -19.95 56.92
N PRO S 219 111.10 -20.66 55.93
CA PRO S 219 111.52 -22.06 56.05
C PRO S 219 112.45 -22.31 57.22
N ARG S 220 112.57 -23.56 57.67
CA ARG S 220 113.32 -23.84 58.89
C ARG S 220 114.83 -23.59 58.79
N ASP S 221 115.25 -22.47 59.40
CA ASP S 221 116.64 -21.99 59.45
C ASP S 221 117.57 -23.06 60.03
N CYS S 222 117.99 -23.97 59.17
CA CYS S 222 118.90 -25.04 59.58
C CYS S 222 119.66 -25.56 58.37
N GLU T 1 28.16 24.99 -1.04
CA GLU T 1 28.19 26.09 -0.08
C GLU T 1 26.77 26.36 0.45
N VAL T 2 26.57 27.30 1.38
CA VAL T 2 25.24 27.49 1.94
C VAL T 2 24.54 28.73 1.48
N HIS T 3 24.83 29.19 0.27
CA HIS T 3 24.38 30.51 -0.18
C HIS T 3 22.87 30.77 -0.21
N LEU T 4 22.50 31.95 0.27
CA LEU T 4 21.12 32.41 0.16
C LEU T 4 20.99 33.65 -0.74
N GLN T 5 20.51 33.47 -1.97
CA GLN T 5 20.41 34.60 -2.88
C GLN T 5 19.06 35.24 -2.79
N GLN T 6 19.01 36.51 -2.39
CA GLN T 6 17.68 37.08 -2.31
C GLN T 6 17.40 38.20 -3.30
N SER T 7 16.14 38.63 -3.32
CA SER T 7 15.58 39.64 -4.21
C SER T 7 16.35 40.96 -4.26
N GLY T 8 16.13 41.75 -5.31
CA GLY T 8 16.83 43.03 -5.44
C GLY T 8 16.13 44.20 -4.78
N PRO T 9 16.89 45.23 -4.35
CA PRO T 9 16.27 46.35 -3.63
C PRO T 9 15.03 46.88 -4.29
N GLU T 10 14.05 47.23 -3.47
CA GLU T 10 12.73 47.63 -3.95
C GLU T 10 12.15 48.90 -3.35
N LEU T 11 11.24 49.49 -4.12
CA LEU T 11 10.57 50.76 -3.81
C LEU T 11 9.07 50.58 -3.82
N VAL T 12 8.37 51.01 -2.78
CA VAL T 12 6.92 50.85 -2.83
C VAL T 12 6.20 52.07 -2.38
N LYS T 13 5.17 52.40 -3.15
CA LYS T 13 4.30 53.49 -2.80
C LYS T 13 3.64 53.14 -1.50
N PRO T 14 3.53 54.10 -0.59
CA PRO T 14 2.89 53.84 0.70
C PRO T 14 1.45 53.36 0.50
N GLY T 15 1.15 52.24 1.14
CA GLY T 15 -0.15 51.59 1.05
C GLY T 15 -0.13 50.35 0.19
N ALA T 16 0.90 50.24 -0.65
CA ALA T 16 1.04 49.08 -1.55
C ALA T 16 1.64 47.87 -0.85
N SER T 17 2.14 46.93 -1.64
CA SER T 17 2.67 45.69 -1.06
C SER T 17 3.92 45.19 -1.78
N VAL T 18 4.83 44.56 -1.05
CA VAL T 18 6.04 44.00 -1.65
C VAL T 18 6.12 42.52 -1.49
N LYS T 19 6.90 41.89 -2.36
CA LYS T 19 7.16 40.48 -2.24
C LYS T 19 8.56 40.18 -2.63
N MET T 20 9.43 40.22 -1.63
CA MET T 20 10.82 39.91 -1.81
C MET T 20 11.00 38.40 -1.67
N SER T 21 11.93 37.86 -2.45
CA SER T 21 12.15 36.42 -2.48
C SER T 21 13.55 36.09 -2.01
N CYS T 22 13.72 34.88 -1.49
CA CYS T 22 15.01 34.36 -1.10
C CYS T 22 15.19 32.95 -1.64
N LYS T 23 16.21 32.79 -2.50
CA LYS T 23 16.47 31.52 -3.16
C LYS T 23 17.57 30.72 -2.44
N THR T 24 17.20 29.53 -1.96
CA THR T 24 18.09 28.66 -1.19
C THR T 24 18.95 27.84 -2.13
N SER T 25 20.14 27.46 -1.67
CA SER T 25 21.07 26.71 -2.51
C SER T 25 22.21 26.12 -1.69
N GLY T 26 22.52 24.85 -1.94
CA GLY T 26 23.69 24.26 -1.32
C GLY T 26 23.46 23.30 -0.17
N TYR T 27 22.22 23.25 0.28
CA TYR T 27 21.85 22.34 1.34
C TYR T 27 20.44 21.85 1.04
N THR T 28 19.88 21.01 1.91
CA THR T 28 18.53 20.52 1.68
C THR T 28 17.51 21.45 2.23
N PHE T 29 16.85 22.16 1.32
CA PHE T 29 15.80 23.11 1.66
C PHE T 29 14.89 22.69 2.83
N THR T 30 14.49 21.41 2.79
CA THR T 30 13.46 20.83 3.65
C THR T 30 13.92 20.39 5.04
N GLU T 31 15.15 20.74 5.41
CA GLU T 31 15.70 20.32 6.69
C GLU T 31 15.81 21.46 7.65
N TYR T 32 15.59 22.67 7.17
CA TYR T 32 15.76 23.74 8.11
C TYR T 32 14.69 24.81 7.88
N THR T 33 14.32 25.43 8.98
CA THR T 33 13.36 26.50 9.00
C THR T 33 14.05 27.75 8.48
N ILE T 34 13.37 28.50 7.60
CA ILE T 34 13.96 29.74 7.08
C ILE T 34 13.22 30.91 7.79
N HIS T 35 13.91 32.00 8.07
CA HIS T 35 13.30 33.10 8.80
C HIS T 35 13.56 34.46 8.17
N TRP T 36 12.85 35.48 8.64
CA TRP T 36 13.07 36.80 8.11
C TRP T 36 13.34 37.76 9.25
N MET T 37 14.31 38.65 9.03
CA MET T 37 14.69 39.64 9.99
C MET T 37 14.60 41.03 9.36
N LYS T 38 14.08 41.99 10.12
CA LYS T 38 13.99 43.39 9.70
C LYS T 38 14.96 44.24 10.50
N GLN T 39 15.74 45.06 9.82
CA GLN T 39 16.63 45.96 10.51
C GLN T 39 16.31 47.40 10.14
N SER T 40 15.71 48.15 11.07
CA SER T 40 15.53 49.61 10.94
C SER T 40 16.85 50.32 10.77
N HIS T 41 17.06 51.00 9.65
CA HIS T 41 18.40 51.49 9.23
C HIS T 41 19.37 51.88 10.36
N GLY T 42 20.39 51.02 10.53
CA GLY T 42 21.43 51.16 11.54
C GLY T 42 20.88 51.34 12.95
N LYS T 43 20.17 50.34 13.44
CA LYS T 43 19.54 50.47 14.74
C LYS T 43 19.52 49.10 15.42
N SER T 44 18.42 48.38 15.25
CA SER T 44 18.19 47.12 15.94
C SER T 44 17.53 46.07 15.04
N LEU T 45 17.88 44.82 15.31
CA LEU T 45 17.31 43.70 14.59
C LEU T 45 16.01 43.21 15.22
N GLU T 46 15.00 43.02 14.37
CA GLU T 46 13.69 42.52 14.76
C GLU T 46 13.39 41.21 14.09
N TRP T 47 12.85 40.26 14.85
CA TRP T 47 12.48 39.01 14.24
C TRP T 47 11.07 39.09 13.64
N ILE T 48 10.92 38.68 12.37
CA ILE T 48 9.62 38.68 11.72
C ILE T 48 8.97 37.33 11.85
N GLY T 49 9.52 36.33 11.18
CA GLY T 49 8.90 35.02 11.26
C GLY T 49 9.76 33.85 10.82
N GLY T 50 9.16 32.67 10.76
CA GLY T 50 9.85 31.49 10.28
C GLY T 50 8.91 30.58 9.53
N ILE T 51 9.45 29.80 8.61
CA ILE T 51 8.66 28.83 7.87
C ILE T 51 9.49 27.58 7.61
N PHE T 52 8.90 26.40 7.80
CA PHE T 52 9.61 25.16 7.52
C PHE T 52 9.12 24.65 6.18
N PRO T 53 10.01 24.61 5.17
CA PRO T 53 9.70 24.26 3.78
C PRO T 53 8.95 22.95 3.59
N ASN T 54 9.54 21.89 4.09
CA ASN T 54 9.00 20.55 3.94
C ASN T 54 7.45 20.38 4.15
N ASN T 55 6.83 21.20 4.99
CA ASN T 55 5.37 21.12 5.14
C ASN T 55 4.68 22.48 5.19
N GLY T 56 5.48 23.54 5.22
CA GLY T 56 4.98 24.90 5.18
C GLY T 56 4.36 25.42 6.45
N ASP T 57 4.92 25.06 7.59
CA ASP T 57 4.39 25.57 8.84
C ASP T 57 5.03 26.91 9.14
N THR T 58 4.22 27.87 9.60
CA THR T 58 4.74 29.21 9.84
C THR T 58 4.74 29.56 11.32
N THR T 59 5.65 30.45 11.72
CA THR T 59 5.74 30.91 13.09
C THR T 59 6.01 32.45 13.10
N TYR T 60 5.05 33.28 13.53
CA TYR T 60 5.19 34.75 13.40
C TYR T 60 5.47 35.48 14.72
N ASN T 61 5.99 36.68 14.58
CA ASN T 61 6.14 37.61 15.69
C ASN T 61 4.81 38.30 15.91
N GLN T 62 4.50 38.71 17.15
CA GLN T 62 3.27 39.46 17.37
C GLN T 62 3.14 40.63 16.41
N LYS T 63 4.20 41.43 16.34
CA LYS T 63 4.30 42.69 15.60
C LYS T 63 3.95 42.57 14.12
N PHE T 64 4.28 41.43 13.52
CA PHE T 64 4.23 41.32 12.06
C PHE T 64 3.14 40.39 11.58
N LYS T 65 2.45 39.78 12.55
CA LYS T 65 1.44 38.78 12.26
C LYS T 65 0.57 39.17 11.07
N VAL T 66 0.14 40.43 11.08
CA VAL T 66 -0.80 40.97 10.12
C VAL T 66 -0.16 41.27 8.75
N ARG T 67 0.89 42.07 8.81
CA ARG T 67 1.50 42.66 7.64
C ARG T 67 2.35 41.68 6.87
N ALA T 68 2.68 40.55 7.50
CA ALA T 68 3.63 39.65 6.88
C ALA T 68 3.01 38.31 6.54
N THR T 69 3.68 37.61 5.64
CA THR T 69 3.19 36.34 5.12
C THR T 69 4.33 35.51 4.51
N LEU T 70 4.82 34.55 5.27
CA LEU T 70 5.89 33.72 4.72
C LEU T 70 5.31 32.57 3.88
N THR T 71 5.89 32.33 2.71
CA THR T 71 5.43 31.25 1.84
C THR T 71 6.64 30.55 1.27
N VAL T 72 6.47 29.33 0.75
CA VAL T 72 7.62 28.57 0.27
C VAL T 72 7.33 27.79 -1.01
N GLY T 73 8.23 27.87 -1.98
CA GLY T 73 8.09 27.12 -3.21
C GLY T 73 9.05 25.95 -3.24
N ARG T 74 8.59 24.78 -2.84
CA ARG T 74 9.46 23.62 -2.68
C ARG T 74 10.24 23.21 -3.92
N SER T 75 9.59 23.17 -5.09
CA SER T 75 10.28 22.84 -6.36
C SER T 75 11.33 23.89 -6.64
N SER T 76 11.00 25.12 -6.23
CA SER T 76 11.81 26.29 -6.54
C SER T 76 12.97 26.42 -5.57
N SER T 77 12.88 25.69 -4.47
CA SER T 77 13.86 25.78 -3.39
C SER T 77 13.95 27.24 -2.92
N THR T 78 12.79 27.88 -2.83
CA THR T 78 12.69 29.32 -2.58
C THR T 78 11.68 29.70 -1.49
N ALA T 79 12.11 30.63 -0.64
CA ALA T 79 11.25 31.16 0.42
C ALA T 79 10.85 32.54 0.04
N TYR T 80 9.59 32.90 0.32
CA TYR T 80 9.12 34.23 -0.04
C TYR T 80 8.58 34.87 1.23
N MET T 81 8.61 36.20 1.27
CA MET T 81 7.93 37.01 2.28
C MET T 81 7.12 38.06 1.57
N ASP T 82 6.00 38.46 2.15
CA ASP T 82 5.15 39.44 1.53
C ASP T 82 4.74 40.46 2.59
N LEU T 83 5.00 41.73 2.33
CA LEU T 83 4.58 42.78 3.25
C LEU T 83 3.43 43.55 2.64
N ARG T 84 2.30 43.58 3.34
CA ARG T 84 1.10 44.20 2.81
C ARG T 84 0.81 45.54 3.52
N SER T 85 0.35 46.51 2.71
CA SER T 85 0.01 47.90 3.08
C SER T 85 1.09 48.55 3.92
N LEU T 86 2.13 49.01 3.24
CA LEU T 86 3.33 49.55 3.88
C LEU T 86 3.27 51.00 4.33
N THR T 87 4.21 51.35 5.18
CA THR T 87 4.31 52.71 5.65
C THR T 87 5.78 53.09 5.71
N SER T 88 6.07 54.28 6.19
CA SER T 88 7.45 54.69 6.33
C SER T 88 8.16 53.75 7.30
N GLU T 89 7.39 53.21 8.23
CA GLU T 89 7.86 52.28 9.24
C GLU T 89 8.62 51.12 8.63
N ASP T 90 8.09 50.55 7.56
CA ASP T 90 8.66 49.37 6.96
C ASP T 90 9.87 49.65 6.07
N SER T 91 10.19 50.92 5.89
CA SER T 91 11.39 51.23 5.13
C SER T 91 12.63 50.83 5.91
N ALA T 92 13.18 49.68 5.56
CA ALA T 92 14.38 49.19 6.22
C ALA T 92 14.88 47.99 5.43
N VAL T 93 15.85 47.26 5.98
CA VAL T 93 16.41 46.13 5.26
C VAL T 93 15.88 44.79 5.74
N TYR T 94 15.66 43.87 4.81
CA TYR T 94 15.09 42.59 5.21
C TYR T 94 16.02 41.43 4.86
N TYR T 95 16.36 40.64 5.87
CA TYR T 95 17.29 39.54 5.69
C TYR T 95 16.59 38.21 5.72
N CYS T 96 16.83 37.44 4.67
CA CYS T 96 16.41 36.06 4.60
C CYS T 96 17.49 35.17 5.24
N VAL T 97 17.13 34.49 6.32
CA VAL T 97 18.10 33.81 7.16
C VAL T 97 17.77 32.36 7.48
N ARG T 98 18.73 31.46 7.37
CA ARG T 98 18.52 30.08 7.78
C ARG T 98 18.88 29.88 9.24
N ASN T 99 17.90 29.47 10.03
CA ASN T 99 18.03 29.09 11.43
C ASN T 99 18.33 27.60 11.50
N TYR T 100 19.20 27.21 12.43
CA TYR T 100 19.67 25.82 12.47
C TYR T 100 18.56 24.87 12.95
N GLY T 101 18.38 24.71 14.26
CA GLY T 101 17.41 23.73 14.69
C GLY T 101 16.21 24.25 15.48
N SER T 102 15.02 24.28 14.89
CA SER T 102 13.83 24.49 15.73
C SER T 102 13.72 25.76 16.56
N SER T 103 12.78 25.67 17.50
CA SER T 103 12.37 26.74 18.38
C SER T 103 13.51 27.30 19.18
N TYR T 104 14.48 26.44 19.45
CA TYR T 104 15.67 26.79 20.21
C TYR T 104 16.92 26.77 19.35
N GLY T 105 16.95 27.61 18.34
CA GLY T 105 18.02 27.53 17.38
C GLY T 105 18.68 28.85 17.08
N TYR T 106 19.87 28.71 16.51
CA TYR T 106 20.64 29.86 16.12
C TYR T 106 20.61 30.04 14.59
N PHE T 107 20.61 31.30 14.15
CA PHE T 107 20.61 31.68 12.75
C PHE T 107 22.05 31.66 12.25
N ASP T 108 22.44 30.63 11.50
CA ASP T 108 23.85 30.46 11.14
C ASP T 108 24.22 31.09 9.78
N VAL T 109 23.32 30.97 8.80
CA VAL T 109 23.61 31.51 7.48
C VAL T 109 22.64 32.66 7.16
N TRP T 110 23.19 33.87 7.08
CA TRP T 110 22.40 35.07 6.80
C TRP T 110 22.58 35.45 5.35
N GLY T 111 21.47 35.78 4.68
CA GLY T 111 21.45 36.20 3.30
C GLY T 111 21.99 37.62 3.14
N ALA T 112 21.98 38.13 1.91
CA ALA T 112 22.54 39.46 1.65
C ALA T 112 21.78 40.60 2.33
N GLY T 113 20.49 40.71 2.01
CA GLY T 113 19.61 41.74 2.51
C GLY T 113 18.87 42.43 1.37
N THR T 114 17.53 42.27 1.32
CA THR T 114 16.71 43.02 0.35
C THR T 114 16.30 44.33 1.03
N THR T 115 16.69 45.45 0.45
CA THR T 115 16.42 46.71 1.09
C THR T 115 15.22 47.44 0.42
N VAL T 116 14.19 47.70 1.22
CA VAL T 116 12.92 48.28 0.75
C VAL T 116 12.80 49.78 1.05
N THR T 117 12.38 50.57 0.06
CA THR T 117 12.26 52.01 0.24
C THR T 117 10.82 52.40 -0.03
N VAL T 118 10.14 52.96 0.97
CA VAL T 118 8.73 53.32 0.81
C VAL T 118 8.56 54.81 0.65
N SER T 119 8.39 55.23 -0.59
CA SER T 119 8.15 56.64 -0.88
C SER T 119 7.37 56.80 -2.17
N SER T 120 6.54 57.83 -2.15
CA SER T 120 5.69 58.24 -3.24
C SER T 120 6.50 58.83 -4.40
N ALA T 121 7.77 59.13 -4.12
CA ALA T 121 8.70 59.78 -5.04
C ALA T 121 8.92 59.01 -6.32
N LYS T 122 9.30 59.72 -7.37
CA LYS T 122 9.52 59.12 -8.68
C LYS T 122 10.96 58.64 -8.79
N THR T 123 11.21 57.72 -9.72
CA THR T 123 12.55 57.21 -9.92
C THR T 123 13.38 58.22 -10.69
N THR T 124 14.55 58.56 -10.18
CA THR T 124 15.33 59.61 -10.82
C THR T 124 16.81 59.22 -11.07
N PRO T 125 17.21 59.22 -12.35
CA PRO T 125 18.62 58.92 -12.71
C PRO T 125 19.55 60.01 -12.21
N PRO T 126 20.81 59.66 -11.89
CA PRO T 126 21.75 60.61 -11.26
C PRO T 126 22.36 61.57 -12.25
N SER T 127 23.43 62.23 -11.83
CA SER T 127 24.22 63.07 -12.72
C SER T 127 25.64 62.97 -12.21
N VAL T 128 26.60 62.65 -13.08
CA VAL T 128 27.95 62.40 -12.59
C VAL T 128 28.93 63.47 -13.00
N TYR T 129 29.67 63.98 -12.04
CA TYR T 129 30.64 65.04 -12.32
C TYR T 129 32.07 64.71 -11.85
N PRO T 130 33.05 64.75 -12.77
CA PRO T 130 34.45 64.48 -12.41
C PRO T 130 35.03 65.56 -11.53
N LEU T 131 36.00 65.21 -10.67
CA LEU T 131 36.65 66.14 -9.73
C LEU T 131 38.17 66.21 -9.91
N ALA T 132 38.60 67.10 -10.81
CA ALA T 132 40.02 67.38 -11.08
C ALA T 132 40.46 68.47 -10.12
N PRO T 133 41.67 68.34 -9.56
CA PRO T 133 42.22 69.24 -8.54
C PRO T 133 42.39 70.68 -9.05
N GLY T 134 42.68 71.63 -8.17
CA GLY T 134 42.86 73.02 -8.59
C GLY T 134 44.03 73.18 -9.56
N SER T 135 43.91 74.14 -10.49
CA SER T 135 44.91 74.32 -11.55
C SER T 135 46.30 74.65 -10.99
N ALA T 136 46.32 75.24 -9.80
CA ALA T 136 47.58 75.66 -9.20
C ALA T 136 47.67 75.25 -7.75
N ALA T 137 47.66 73.95 -7.53
CA ALA T 137 47.82 73.35 -6.21
C ALA T 137 47.99 71.86 -6.43
N GLN T 138 48.96 71.24 -5.74
CA GLN T 138 49.16 69.81 -5.90
C GLN T 138 49.51 69.20 -4.53
N THR T 139 48.74 68.18 -4.09
CA THR T 139 49.00 67.40 -2.85
C THR T 139 50.27 66.53 -3.14
N ASN T 140 51.31 66.65 -2.30
CA ASN T 140 52.72 66.27 -2.60
C ASN T 140 53.06 64.93 -3.32
N SER T 141 53.17 63.84 -2.56
CA SER T 141 53.55 62.53 -3.11
C SER T 141 52.35 61.86 -3.80
N MET T 142 51.14 62.15 -3.31
CA MET T 142 49.91 61.54 -3.82
C MET T 142 48.80 62.52 -4.21
N VAL T 143 48.20 62.28 -5.36
CA VAL T 143 47.13 63.13 -5.90
C VAL T 143 45.75 62.53 -5.59
N THR T 144 44.87 63.27 -4.92
CA THR T 144 43.53 62.75 -4.66
C THR T 144 42.58 63.14 -5.82
N LEU T 145 41.87 62.17 -6.39
CA LEU T 145 40.92 62.44 -7.48
C LEU T 145 39.51 62.06 -7.03
N GLY T 146 38.50 62.54 -7.75
CA GLY T 146 37.13 62.32 -7.33
C GLY T 146 36.03 62.09 -8.35
N CYS T 147 34.84 61.80 -7.83
CA CYS T 147 33.69 61.58 -8.67
C CYS T 147 32.47 61.97 -7.85
N LEU T 148 31.56 62.73 -8.45
CA LEU T 148 30.40 63.25 -7.72
C LEU T 148 29.09 62.76 -8.29
N VAL T 149 28.29 62.05 -7.49
CA VAL T 149 26.96 61.62 -7.94
C VAL T 149 25.85 62.37 -7.23
N LYS T 150 25.06 63.15 -7.98
CA LYS T 150 24.07 64.06 -7.39
C LYS T 150 22.69 63.92 -8.02
N GLY T 151 21.68 64.01 -7.16
CA GLY T 151 20.28 64.05 -7.57
C GLY T 151 19.70 62.78 -8.19
N TYR T 152 19.59 61.75 -7.34
CA TYR T 152 19.02 60.48 -7.78
C TYR T 152 18.20 59.84 -6.69
N PHE T 153 17.29 58.97 -7.11
CA PHE T 153 16.37 58.26 -6.24
C PHE T 153 15.81 57.04 -6.97
N PRO T 154 15.73 55.89 -6.29
CA PRO T 154 16.12 55.72 -4.89
C PRO T 154 17.46 55.07 -4.80
N GLU T 155 17.93 54.86 -3.58
CA GLU T 155 19.15 54.11 -3.33
C GLU T 155 19.02 52.73 -3.98
N PRO T 156 20.16 52.10 -4.35
CA PRO T 156 21.51 52.62 -4.18
C PRO T 156 22.23 52.83 -5.48
N VAL T 157 23.50 53.20 -5.39
CA VAL T 157 24.36 53.26 -6.57
C VAL T 157 25.73 52.67 -6.27
N THR T 158 26.39 52.17 -7.31
CA THR T 158 27.68 51.53 -7.19
C THR T 158 28.72 52.35 -7.91
N VAL T 159 29.80 52.63 -7.21
CA VAL T 159 30.87 53.44 -7.77
C VAL T 159 32.15 52.61 -7.88
N THR T 160 32.72 52.57 -9.09
CA THR T 160 33.97 51.84 -9.30
C THR T 160 35.02 52.71 -9.99
N TRP T 161 36.27 52.32 -9.82
CA TRP T 161 37.35 53.06 -10.46
C TRP T 161 38.19 52.19 -11.41
N ASN T 162 38.22 52.59 -12.69
CA ASN T 162 38.82 51.81 -13.77
C ASN T 162 38.15 50.45 -13.89
N SER T 163 36.82 50.49 -13.97
CA SER T 163 35.98 49.31 -14.11
C SER T 163 36.17 48.30 -12.97
N GLY T 164 36.90 48.72 -11.94
CA GLY T 164 37.08 47.93 -10.74
C GLY T 164 38.52 47.57 -10.40
N SER T 165 39.41 47.73 -11.39
CA SER T 165 40.80 47.30 -11.21
C SER T 165 41.55 48.12 -10.16
N LEU T 166 41.08 49.34 -9.90
CA LEU T 166 41.62 50.16 -8.82
C LEU T 166 40.73 50.04 -7.59
N SER T 167 41.29 49.55 -6.49
CA SER T 167 40.48 49.20 -5.34
C SER T 167 41.23 49.57 -4.08
N SER T 168 42.16 50.49 -4.23
CA SER T 168 43.12 50.72 -3.19
C SER T 168 42.79 51.94 -2.36
N GLY T 169 43.19 53.10 -2.87
CA GLY T 169 42.98 54.37 -2.21
C GLY T 169 41.56 54.88 -2.25
N VAL T 170 40.62 53.98 -2.54
CA VAL T 170 39.25 54.38 -2.82
C VAL T 170 38.36 54.45 -1.58
N HIS T 171 37.61 55.54 -1.47
CA HIS T 171 36.58 55.72 -0.48
C HIS T 171 35.31 56.11 -1.16
N THR T 172 34.25 55.33 -0.97
CA THR T 172 32.94 55.79 -1.45
C THR T 172 32.08 56.15 -0.22
N PHE T 173 31.78 57.44 -0.10
CA PHE T 173 31.06 57.96 1.05
C PHE T 173 29.58 57.64 0.98
N PRO T 174 28.93 57.54 2.14
CA PRO T 174 27.49 57.29 2.13
C PRO T 174 26.66 58.45 1.51
N ALA T 175 25.58 58.11 0.83
CA ALA T 175 24.71 59.11 0.25
C ALA T 175 24.04 59.99 1.32
N VAL T 176 23.61 61.18 0.92
CA VAL T 176 22.84 62.05 1.81
C VAL T 176 21.62 62.66 1.08
N LEU T 177 20.64 63.12 1.86
CA LEU T 177 19.40 63.69 1.31
C LEU T 177 19.46 65.22 1.15
N GLN T 178 19.36 65.64 -0.10
CA GLN T 178 19.45 67.04 -0.50
C GLN T 178 18.28 67.35 -1.43
N SER T 179 17.35 68.18 -0.98
CA SER T 179 16.13 68.47 -1.72
C SER T 179 15.47 67.16 -2.12
N ASP T 180 15.31 66.24 -1.17
CA ASP T 180 14.61 64.98 -1.39
C ASP T 180 15.25 64.13 -2.48
N LEU T 181 16.55 64.32 -2.72
CA LEU T 181 17.31 63.40 -3.59
C LEU T 181 18.62 62.97 -2.94
N TYR T 182 19.19 61.87 -3.41
CA TYR T 182 20.42 61.41 -2.82
C TYR T 182 21.58 61.97 -3.60
N THR T 183 22.69 62.08 -2.89
CA THR T 183 23.94 62.63 -3.38
C THR T 183 25.13 62.01 -2.66
N LEU T 184 26.07 61.50 -3.43
CA LEU T 184 27.29 60.99 -2.85
C LEU T 184 28.48 61.22 -3.72
N SER T 185 29.63 60.99 -3.10
CA SER T 185 30.92 61.24 -3.70
C SER T 185 31.93 60.13 -3.42
N SER T 186 32.88 60.00 -4.34
CA SER T 186 33.95 58.99 -4.26
C SER T 186 35.35 59.64 -4.38
N SER T 187 36.36 59.02 -3.77
CA SER T 187 37.70 59.59 -3.77
C SER T 187 38.80 58.57 -4.06
N VAL T 188 39.28 58.48 -5.29
CA VAL T 188 40.41 57.60 -5.60
C VAL T 188 41.74 58.35 -5.37
N THR T 189 42.71 57.68 -4.75
CA THR T 189 44.00 58.30 -4.46
C THR T 189 45.14 57.48 -5.08
N VAL T 190 45.78 58.07 -6.09
CA VAL T 190 46.90 57.46 -6.81
C VAL T 190 48.19 58.29 -6.62
N PRO T 191 49.36 57.67 -6.81
CA PRO T 191 50.65 58.38 -6.74
C PRO T 191 50.78 59.51 -7.74
N SER T 192 51.33 60.64 -7.31
CA SER T 192 51.38 61.85 -8.14
C SER T 192 51.91 61.60 -9.57
N SER T 193 52.86 60.68 -9.73
CA SER T 193 53.42 60.39 -11.07
C SER T 193 52.42 59.74 -12.02
N THR T 194 51.53 58.89 -11.50
CA THR T 194 50.59 58.14 -12.32
C THR T 194 49.62 59.08 -13.04
N TRP T 195 49.23 60.19 -12.41
CA TRP T 195 48.26 61.10 -13.07
C TRP T 195 48.88 62.44 -13.47
N PRO T 196 48.46 63.01 -14.62
CA PRO T 196 47.40 62.62 -15.55
C PRO T 196 47.76 61.56 -16.59
N SER T 197 48.91 60.91 -16.43
CA SER T 197 49.33 59.90 -17.42
C SER T 197 48.34 58.75 -17.41
N GLU T 198 47.87 58.34 -16.23
CA GLU T 198 47.03 57.16 -16.12
C GLU T 198 45.56 57.51 -16.38
N THR T 199 44.89 56.63 -17.13
CA THR T 199 43.47 56.76 -17.42
C THR T 199 42.68 56.48 -16.13
N VAL T 200 42.15 57.54 -15.52
CA VAL T 200 41.32 57.39 -14.33
C VAL T 200 39.85 57.62 -14.73
N THR T 201 39.08 56.54 -14.79
CA THR T 201 37.68 56.66 -15.21
C THR T 201 36.79 56.30 -14.02
N CYS T 202 35.70 57.04 -13.89
CA CYS T 202 34.73 56.78 -12.83
C CYS T 202 33.51 56.00 -13.36
N ASN T 203 33.30 54.79 -12.88
CA ASN T 203 32.17 53.98 -13.37
C ASN T 203 31.03 53.88 -12.35
N VAL T 204 29.92 54.55 -12.66
CA VAL T 204 28.78 54.62 -11.75
C VAL T 204 27.57 53.89 -12.33
N ALA T 205 26.84 53.16 -11.47
CA ALA T 205 25.67 52.41 -11.92
C ALA T 205 24.48 52.62 -11.00
N HIS T 206 23.32 52.87 -11.60
CA HIS T 206 22.06 53.04 -10.89
C HIS T 206 21.02 52.13 -11.53
N PRO T 207 20.75 51.00 -10.89
CA PRO T 207 19.90 49.94 -11.41
C PRO T 207 18.49 50.43 -11.61
N ALA T 208 18.01 51.15 -10.60
CA ALA T 208 16.62 51.56 -10.52
C ALA T 208 16.14 52.34 -11.74
N SER T 209 17.08 52.91 -12.49
CA SER T 209 16.75 53.68 -13.69
C SER T 209 17.38 53.07 -14.97
N THR T 211 20.60 52.79 -15.61
CA THR T 211 21.58 53.78 -16.01
C THR T 211 23.01 53.31 -15.65
N LYS T 212 23.93 53.41 -16.59
CA LYS T 212 25.33 53.12 -16.32
C LYS T 212 26.13 54.21 -17.00
N VAL T 213 26.93 54.94 -16.23
CA VAL T 213 27.64 56.09 -16.76
C VAL T 213 29.15 55.99 -16.50
N ASP T 214 29.97 56.50 -17.43
CA ASP T 214 31.41 56.61 -17.16
C ASP T 214 31.90 58.07 -17.33
N LYS T 215 32.76 58.53 -16.41
CA LYS T 215 33.38 59.88 -16.44
C LYS T 215 34.90 59.78 -16.23
N LYS T 216 35.64 60.37 -17.14
CA LYS T 216 37.09 60.35 -17.08
C LYS T 216 37.60 61.66 -16.48
N ILE T 217 38.49 61.55 -15.50
CA ILE T 217 39.05 62.73 -14.82
C ILE T 217 40.12 63.42 -15.70
N VAL T 218 39.70 64.51 -16.37
CA VAL T 218 40.57 65.37 -17.19
C VAL T 218 41.10 66.51 -16.32
N PRO T 219 42.44 66.67 -16.25
CA PRO T 219 43.12 67.71 -15.46
C PRO T 219 42.60 69.11 -15.76
N ARG T 220 42.83 70.06 -14.85
CA ARG T 220 42.24 71.38 -15.00
C ARG T 220 42.77 72.21 -16.18
N ASP T 221 41.93 72.27 -17.23
CA ASP T 221 42.20 72.98 -18.49
C ASP T 221 42.53 74.44 -18.23
N CYS T 222 43.80 74.69 -17.91
CA CYS T 222 44.27 76.05 -17.66
C CYS T 222 45.77 76.13 -17.88
N GLU U 1 36.09 -44.46 2.03
CA GLU U 1 34.93 -44.39 1.13
C GLU U 1 33.74 -45.15 1.74
N VAL U 2 32.58 -45.16 1.10
CA VAL U 2 31.42 -45.81 1.73
C VAL U 2 31.03 -47.12 1.10
N HIS U 3 31.98 -47.84 0.53
CA HIS U 3 31.67 -49.00 -0.30
C HIS U 3 30.89 -50.16 0.36
N LEU U 4 29.92 -50.66 -0.39
CA LEU U 4 29.19 -51.86 0.02
C LEU U 4 29.43 -53.04 -0.93
N GLN U 5 30.27 -53.99 -0.54
CA GLN U 5 30.56 -55.11 -1.41
C GLN U 5 29.62 -56.25 -1.16
N GLN U 6 28.83 -56.64 -2.16
CA GLN U 6 27.94 -57.74 -1.86
C GLN U 6 28.22 -59.01 -2.64
N SER U 7 27.48 -60.06 -2.28
CA SER U 7 27.59 -61.43 -2.80
C SER U 7 27.54 -61.54 -4.31
N GLY U 8 28.00 -62.67 -4.86
CA GLY U 8 27.99 -62.85 -6.31
C GLY U 8 26.72 -63.47 -6.85
N PRO U 9 26.36 -63.17 -8.11
CA PRO U 9 25.10 -63.67 -8.67
C PRO U 9 24.86 -65.14 -8.40
N GLU U 10 23.60 -65.47 -8.11
CA GLU U 10 23.23 -66.82 -7.69
C GLU U 10 22.04 -67.43 -8.39
N LEU U 11 22.02 -68.76 -8.36
CA LEU U 11 21.01 -69.60 -9.00
C LEU U 11 20.38 -70.53 -7.99
N VAL U 12 19.05 -70.58 -7.92
CA VAL U 12 18.46 -71.51 -6.96
C VAL U 12 17.34 -72.30 -7.53
N LYS U 13 17.36 -73.59 -7.23
CA LYS U 13 16.28 -74.46 -7.61
C LYS U 13 15.04 -73.97 -6.92
N PRO U 14 13.91 -73.95 -7.63
CA PRO U 14 12.65 -73.51 -7.02
C PRO U 14 12.31 -74.36 -5.80
N GLY U 15 12.05 -73.69 -4.69
CA GLY U 15 11.73 -74.32 -3.43
C GLY U 15 12.88 -74.24 -2.44
N ALA U 16 14.09 -73.99 -2.95
CA ALA U 16 15.28 -73.90 -2.12
C ALA U 16 15.42 -72.53 -1.45
N SER U 17 16.64 -72.23 -0.98
CA SER U 17 16.84 -70.97 -0.26
C SER U 17 18.19 -70.33 -0.58
N VAL U 18 18.24 -69.00 -0.57
CA VAL U 18 19.49 -68.30 -0.82
C VAL U 18 19.93 -67.47 0.34
N LYS U 19 21.22 -67.18 0.39
CA LYS U 19 21.74 -66.29 1.41
C LYS U 19 22.82 -65.43 0.84
N MET U 20 22.40 -64.29 0.33
CA MET U 20 23.31 -63.31 -0.23
C MET U 20 23.81 -62.43 0.91
N SER U 21 25.07 -62.03 0.81
CA SER U 21 25.71 -61.25 1.85
C SER U 21 26.09 -59.88 1.32
N CYS U 22 26.19 -58.91 2.24
CA CYS U 22 26.66 -57.57 1.92
C CYS U 22 27.68 -57.13 2.95
N LYS U 23 28.90 -56.87 2.49
CA LYS U 23 30.01 -56.51 3.37
C LYS U 23 30.22 -54.99 3.40
N THR U 24 30.07 -54.41 4.59
CA THR U 24 30.18 -52.98 4.81
C THR U 24 31.63 -52.57 4.97
N SER U 25 31.96 -51.33 4.60
CA SER U 25 33.33 -50.86 4.67
C SER U 25 33.42 -49.34 4.51
N GLY U 26 34.20 -48.70 5.36
CA GLY U 26 34.46 -47.29 5.19
C GLY U 26 33.75 -46.33 6.14
N TYR U 27 32.83 -46.87 6.89
CA TYR U 27 32.12 -46.09 7.88
C TYR U 27 31.87 -46.99 9.08
N THR U 28 31.20 -46.47 10.11
CA THR U 28 30.91 -47.28 11.27
C THR U 28 29.67 -48.07 11.11
N PHE U 29 29.84 -49.36 10.89
CA PHE U 29 28.73 -50.31 10.72
C PHE U 29 27.51 -50.03 11.62
N THR U 30 27.80 -49.74 12.88
CA THR U 30 26.82 -49.66 13.98
C THR U 30 26.07 -48.34 14.10
N GLU U 31 26.23 -47.47 13.13
CA GLU U 31 25.59 -46.16 13.17
C GLU U 31 24.47 -46.04 12.19
N TYR U 32 24.33 -47.01 11.32
CA TYR U 32 23.28 -46.84 10.36
C TYR U 32 22.58 -48.17 10.10
N THR U 33 21.29 -48.06 9.82
CA THR U 33 20.45 -49.18 9.50
C THR U 33 20.76 -49.59 8.07
N ILE U 34 20.90 -50.90 7.83
CA ILE U 34 21.15 -51.39 6.46
C ILE U 34 19.83 -51.98 5.96
N HIS U 35 19.54 -51.85 4.67
CA HIS U 35 18.28 -52.34 4.13
C HIS U 35 18.43 -53.15 2.86
N TRP U 36 17.37 -53.82 2.44
CA TRP U 36 17.43 -54.58 1.21
C TRP U 36 16.29 -54.18 0.30
N MET U 37 16.62 -54.07 -0.98
CA MET U 37 15.68 -53.69 -2.00
C MET U 37 15.66 -54.75 -3.10
N LYS U 38 14.45 -55.09 -3.56
CA LYS U 38 14.27 -56.03 -4.67
C LYS U 38 13.77 -55.30 -5.90
N GLN U 39 14.41 -55.56 -7.04
CA GLN U 39 13.96 -54.96 -8.27
C GLN U 39 13.60 -56.05 -9.28
N SER U 40 12.30 -56.24 -9.52
CA SER U 40 11.81 -57.11 -10.61
C SER U 40 12.32 -56.64 -11.96
N HIS U 41 13.09 -57.48 -12.67
CA HIS U 41 13.88 -57.05 -13.85
C HIS U 41 13.29 -55.91 -14.69
N GLY U 42 13.93 -54.73 -14.57
CA GLY U 42 13.55 -53.51 -15.26
C GLY U 42 12.09 -53.14 -15.08
N LYS U 43 11.71 -52.86 -13.83
CA LYS U 43 10.31 -52.59 -13.55
C LYS U 43 10.23 -51.58 -12.41
N SER U 44 10.11 -52.08 -11.19
CA SER U 44 9.89 -51.26 -10.01
C SER U 44 10.67 -51.75 -8.79
N LEU U 45 11.05 -50.79 -7.97
CA LEU U 45 11.76 -51.08 -6.73
C LEU U 45 10.81 -51.36 -5.57
N GLU U 46 11.08 -52.46 -4.86
CA GLU U 46 10.32 -52.86 -3.69
C GLU U 46 11.19 -52.87 -2.45
N TRP U 47 10.66 -52.36 -1.35
CA TRP U 47 11.41 -52.38 -0.12
C TRP U 47 11.20 -53.72 0.61
N ILE U 48 12.31 -54.38 1.00
CA ILE U 48 12.22 -55.63 1.73
C ILE U 48 12.28 -55.37 3.23
N GLY U 49 13.44 -54.94 3.71
CA GLY U 49 13.54 -54.72 5.14
C GLY U 49 14.71 -53.87 5.59
N GLY U 50 14.89 -53.76 6.91
CA GLY U 50 16.02 -53.05 7.46
C GLY U 50 16.50 -53.70 8.74
N ILE U 51 17.78 -53.53 9.04
CA ILE U 51 18.34 -54.04 10.27
C ILE U 51 19.38 -53.07 10.82
N PHE U 52 19.37 -52.82 12.12
CA PHE U 52 20.35 -51.94 12.72
C PHE U 52 21.40 -52.82 13.41
N PRO U 53 22.64 -52.81 12.90
CA PRO U 53 23.75 -53.66 13.35
C PRO U 53 24.00 -53.67 14.83
N ASN U 54 24.25 -52.50 15.38
CA ASN U 54 24.59 -52.34 16.78
C ASN U 54 23.75 -53.19 17.80
N ASN U 55 22.49 -53.49 17.51
CA ASN U 55 21.71 -54.33 18.42
C ASN U 55 20.87 -55.39 17.70
N GLY U 56 20.85 -55.32 16.38
CA GLY U 56 20.17 -56.30 15.55
C GLY U 56 18.66 -56.20 15.50
N ASP U 57 18.14 -55.00 15.50
CA ASP U 57 16.69 -54.85 15.42
C ASP U 57 16.27 -54.86 13.96
N THR U 58 15.19 -55.57 13.64
CA THR U 58 14.77 -55.69 12.25
C THR U 58 13.45 -54.98 11.99
N THR U 59 13.24 -54.55 10.76
CA THR U 59 12.00 -53.88 10.35
C THR U 59 11.59 -54.39 8.94
N TYR U 60 10.50 -55.16 8.82
CA TYR U 60 10.16 -55.82 7.53
C TYR U 60 8.96 -55.20 6.80
N ASN U 61 8.91 -55.46 5.52
CA ASN U 61 7.75 -55.14 4.70
C ASN U 61 6.70 -56.22 4.90
N GLN U 62 5.41 -55.89 4.77
CA GLN U 62 4.39 -56.92 4.86
C GLN U 62 4.70 -58.11 3.96
N LYS U 63 4.97 -57.79 2.70
CA LYS U 63 5.17 -58.74 1.60
C LYS U 63 6.25 -59.79 1.86
N PHE U 64 7.28 -59.40 2.60
CA PHE U 64 8.49 -60.24 2.69
C PHE U 64 8.69 -60.82 4.06
N LYS U 65 7.80 -60.45 4.98
CA LYS U 65 7.91 -60.84 6.36
C LYS U 65 8.32 -62.29 6.52
N VAL U 66 7.66 -63.15 5.73
CA VAL U 66 7.82 -64.59 5.82
C VAL U 66 9.13 -65.10 5.19
N ARG U 67 9.28 -64.72 3.93
CA ARG U 67 10.31 -65.27 3.06
C ARG U 67 11.67 -64.71 3.37
N ALA U 68 11.72 -63.61 4.11
CA ALA U 68 12.98 -62.92 4.29
C ALA U 68 13.44 -62.93 5.73
N THR U 69 14.73 -62.68 5.90
CA THR U 69 15.36 -62.73 7.20
C THR U 69 16.67 -61.96 7.23
N LEU U 70 16.64 -60.74 7.74
CA LEU U 70 17.87 -59.97 7.80
C LEU U 70 18.69 -60.33 9.06
N THR U 71 19.98 -60.52 8.90
CA THR U 71 20.86 -60.85 10.03
C THR U 71 22.13 -60.05 9.89
N VAL U 72 22.89 -59.91 10.98
CA VAL U 72 24.10 -59.08 10.93
C VAL U 72 25.27 -59.67 11.71
N GLY U 73 26.45 -59.68 11.11
CA GLY U 73 27.63 -60.15 11.78
C GLY U 73 28.53 -58.99 12.17
N ARG U 74 28.41 -58.54 13.42
CA ARG U 74 29.09 -57.32 13.87
C ARG U 74 30.61 -57.35 13.72
N SER U 75 31.26 -58.45 14.11
CA SER U 75 32.72 -58.57 13.97
C SER U 75 33.07 -58.52 12.49
N SER U 76 32.16 -59.07 11.67
CA SER U 76 32.38 -59.23 10.25
C SER U 76 32.09 -57.95 9.51
N SER U 77 31.41 -57.02 10.17
CA SER U 77 30.97 -55.77 9.55
C SER U 77 30.12 -56.10 8.31
N THR U 78 29.28 -57.13 8.46
CA THR U 78 28.53 -57.70 7.35
C THR U 78 27.05 -57.91 7.64
N ALA U 79 26.22 -57.55 6.65
CA ALA U 79 24.77 -57.74 6.73
C ALA U 79 24.40 -58.87 5.82
N TYR U 80 23.47 -59.70 6.25
CA TYR U 80 23.06 -60.84 5.43
C TYR U 80 21.56 -60.74 5.24
N MET U 81 21.07 -61.30 4.13
CA MET U 81 19.66 -61.54 3.89
C MET U 81 19.49 -62.98 3.48
N ASP U 82 18.34 -63.57 3.81
CA ASP U 82 18.10 -64.95 3.48
C ASP U 82 16.69 -65.07 2.90
N LEU U 83 16.57 -65.63 1.71
CA LEU U 83 15.27 -65.85 1.11
C LEU U 83 14.95 -67.31 1.13
N ARG U 84 13.84 -67.68 1.77
CA ARG U 84 13.49 -69.08 1.94
C ARG U 84 12.31 -69.46 1.02
N SER U 85 12.40 -70.69 0.48
CA SER U 85 11.46 -71.32 -0.45
C SER U 85 11.05 -70.41 -1.60
N LEU U 86 11.96 -70.32 -2.58
CA LEU U 86 11.80 -69.38 -3.70
C LEU U 86 10.89 -69.83 -4.85
N THR U 87 10.53 -68.85 -5.65
CA THR U 87 9.72 -69.15 -6.82
C THR U 87 10.23 -68.29 -7.97
N SER U 88 9.56 -68.35 -9.11
CA SER U 88 9.96 -67.52 -10.23
C SER U 88 9.84 -66.07 -9.84
N GLU U 89 8.90 -65.79 -8.94
CA GLU U 89 8.63 -64.45 -8.43
C GLU U 89 9.90 -63.77 -7.93
N ASP U 90 10.71 -64.50 -7.18
CA ASP U 90 11.88 -63.93 -6.55
C ASP U 90 13.06 -63.77 -7.50
N SER U 91 12.93 -64.24 -8.73
CA SER U 91 14.00 -64.03 -9.68
C SER U 91 14.08 -62.55 -10.05
N ALA U 92 15.03 -61.87 -9.43
CA ALA U 92 15.23 -60.45 -9.71
C ALA U 92 16.52 -60.04 -9.04
N VAL U 93 16.80 -58.74 -8.98
CA VAL U 93 18.04 -58.26 -8.39
C VAL U 93 17.87 -57.73 -6.98
N TYR U 94 18.84 -58.00 -6.12
CA TYR U 94 18.69 -57.56 -4.74
C TYR U 94 19.83 -56.62 -4.33
N TYR U 95 19.45 -55.44 -3.86
CA TYR U 95 20.41 -54.42 -3.49
C TYR U 95 20.53 -54.27 -1.99
N CYS U 96 21.77 -54.37 -1.53
CA CYS U 96 22.10 -54.08 -0.16
C CYS U 96 22.41 -52.57 -0.04
N VAL U 97 21.60 -51.86 0.74
CA VAL U 97 21.62 -50.41 0.76
C VAL U 97 21.71 -49.79 2.14
N ARG U 98 22.56 -48.79 2.33
CA ARG U 98 22.62 -48.07 3.59
C ARG U 98 21.68 -46.88 3.57
N ASN U 99 20.72 -46.89 4.48
CA ASN U 99 19.79 -45.80 4.75
C ASN U 99 20.39 -44.88 5.80
N TYR U 100 20.18 -43.58 5.64
CA TYR U 100 20.86 -42.60 6.50
C TYR U 100 20.27 -42.63 7.93
N GLY U 101 19.20 -41.92 8.18
CA GLY U 101 18.73 -41.87 9.56
C GLY U 101 17.35 -42.44 9.83
N SER U 102 17.25 -43.59 10.48
CA SER U 102 15.93 -43.99 11.01
C SER U 102 14.77 -44.15 10.05
N SER U 103 13.60 -44.19 10.69
CA SER U 103 12.31 -44.44 10.06
C SER U 103 12.00 -43.47 8.97
N TYR U 104 12.54 -42.26 9.12
CA TYR U 104 12.37 -41.19 8.16
C TYR U 104 13.66 -40.84 7.44
N GLY U 105 14.20 -41.80 6.72
CA GLY U 105 15.50 -41.61 6.14
C GLY U 105 15.60 -41.94 4.69
N TYR U 106 16.67 -41.42 4.11
CA TYR U 106 16.94 -41.65 2.71
C TYR U 106 18.10 -42.66 2.56
N PHE U 107 18.02 -43.48 1.51
CA PHE U 107 19.02 -44.48 1.17
C PHE U 107 20.11 -43.80 0.36
N ASP U 108 21.27 -43.51 0.96
CA ASP U 108 22.28 -42.71 0.27
C ASP U 108 23.33 -43.54 -0.47
N VAL U 109 23.75 -44.66 0.12
CA VAL U 109 24.76 -45.49 -0.51
C VAL U 109 24.16 -46.84 -0.90
N TRP U 110 24.05 -47.08 -2.21
CA TRP U 110 23.50 -48.32 -2.74
C TRP U 110 24.62 -49.22 -3.19
N GLY U 111 24.51 -50.50 -2.84
CA GLY U 111 25.48 -51.52 -3.20
C GLY U 111 25.37 -51.91 -4.67
N ALA U 112 26.19 -52.86 -5.11
CA ALA U 112 26.20 -53.24 -6.53
C ALA U 112 24.88 -53.87 -7.00
N GLY U 113 24.49 -54.97 -6.36
CA GLY U 113 23.30 -55.74 -6.69
C GLY U 113 23.64 -57.22 -6.84
N THR U 114 23.12 -58.07 -5.96
CA THR U 114 23.25 -59.54 -6.12
C THR U 114 22.05 -59.99 -6.94
N THR U 115 22.31 -60.60 -8.09
CA THR U 115 21.21 -60.98 -8.96
C THR U 115 20.94 -62.50 -8.87
N VAL U 116 19.72 -62.84 -8.48
CA VAL U 116 19.29 -64.23 -8.23
C VAL U 116 18.47 -64.81 -9.40
N THR U 117 18.79 -66.04 -9.81
CA THR U 117 18.08 -66.67 -10.91
C THR U 117 17.49 -67.97 -10.42
N VAL U 118 16.16 -68.09 -10.46
CA VAL U 118 15.51 -69.30 -9.96
C VAL U 118 15.03 -70.18 -11.07
N SER U 119 15.80 -71.21 -11.35
CA SER U 119 15.44 -72.18 -12.36
C SER U 119 16.06 -73.54 -12.08
N SER U 120 15.28 -74.55 -12.44
CA SER U 120 15.63 -75.95 -12.31
C SER U 120 16.74 -76.35 -13.28
N ALA U 121 17.01 -75.47 -14.25
CA ALA U 121 17.97 -75.68 -15.33
C ALA U 121 19.37 -75.94 -14.86
N LYS U 122 20.16 -76.63 -15.69
CA LYS U 122 21.53 -76.98 -15.35
C LYS U 122 22.47 -75.86 -15.78
N THR U 123 23.65 -75.81 -15.18
CA THR U 123 24.64 -74.81 -15.54
C THR U 123 25.29 -75.17 -16.86
N THR U 124 25.31 -74.24 -17.80
CA THR U 124 25.82 -74.57 -19.13
C THR U 124 26.85 -73.55 -19.66
N PRO U 126 29.26 -71.55 -22.34
CA PRO U 126 28.84 -70.99 -23.63
C PRO U 126 29.60 -71.59 -24.80
N SER U 127 29.53 -70.92 -25.94
CA SER U 127 30.33 -71.30 -27.10
C SER U 127 30.62 -70.01 -27.82
N VAL U 128 31.89 -69.74 -28.13
CA VAL U 128 32.22 -68.44 -28.69
C VAL U 128 32.64 -68.50 -30.13
N TYR U 129 32.03 -67.67 -30.96
CA TYR U 129 32.34 -67.67 -32.39
C TYR U 129 32.76 -66.28 -32.94
N PRO U 130 33.95 -66.19 -33.54
CA PRO U 130 34.40 -64.92 -34.12
C PRO U 130 33.58 -64.49 -35.32
N LEU U 131 33.47 -63.19 -35.58
CA LEU U 131 32.69 -62.63 -36.70
C LEU U 131 33.53 -61.75 -37.63
N ALA U 132 34.15 -62.40 -38.63
CA ALA U 132 34.93 -61.73 -39.67
C ALA U 132 33.99 -61.36 -40.80
N PRO U 133 34.15 -60.17 -41.38
CA PRO U 133 33.26 -59.62 -42.41
C PRO U 133 33.25 -60.46 -43.69
N GLY U 134 32.34 -60.18 -44.63
CA GLY U 134 32.28 -60.94 -45.87
C GLY U 134 33.56 -60.80 -46.69
N SER U 135 33.92 -61.86 -47.42
CA SER U 135 35.19 -61.89 -48.17
C SER U 135 35.27 -60.80 -49.22
N ALA U 136 34.11 -60.34 -49.70
CA ALA U 136 34.07 -59.34 -50.75
C ALA U 136 33.08 -58.24 -50.45
N ALA U 137 33.35 -57.52 -49.37
CA ALA U 137 32.57 -56.38 -48.94
C ALA U 137 33.35 -55.70 -47.82
N GLN U 138 33.47 -54.38 -47.86
CA GLN U 138 34.19 -53.68 -46.81
C GLN U 138 33.46 -52.36 -46.48
N THR U 139 33.10 -52.16 -45.20
CA THR U 139 32.50 -50.90 -44.68
C THR U 139 33.63 -49.83 -44.71
N ASN U 140 33.40 -48.69 -45.38
CA ASN U 140 34.43 -47.75 -45.89
C ASN U 140 35.66 -47.34 -45.00
N SER U 141 35.47 -46.32 -44.16
CA SER U 141 36.55 -45.79 -43.31
C SER U 141 36.78 -46.68 -42.10
N MET U 142 35.71 -47.35 -41.63
CA MET U 142 35.76 -48.20 -40.43
C MET U 142 35.21 -49.60 -40.60
N VAL U 143 35.95 -50.58 -40.08
CA VAL U 143 35.57 -51.99 -40.17
C VAL U 143 34.89 -52.47 -38.89
N THR U 144 33.68 -53.00 -38.97
CA THR U 144 33.01 -53.51 -37.77
C THR U 144 33.36 -55.01 -37.57
N LEU U 145 33.83 -55.37 -36.38
CA LEU U 145 34.17 -56.77 -36.07
C LEU U 145 33.29 -57.27 -34.95
N GLY U 146 33.23 -58.58 -34.77
CA GLY U 146 32.30 -59.16 -33.80
C GLY U 146 32.70 -60.39 -32.99
N CYS U 147 31.82 -60.75 -32.07
CA CYS U 147 32.03 -61.91 -31.25
C CYS U 147 30.66 -62.42 -30.85
N LEU U 148 30.45 -63.73 -30.95
CA LEU U 148 29.12 -64.31 -30.70
C LEU U 148 29.15 -65.30 -29.55
N VAL U 149 28.37 -65.05 -28.50
CA VAL U 149 28.25 -66.00 -27.39
C VAL U 149 26.90 -66.68 -27.36
N LYS U 150 26.87 -67.99 -27.55
CA LYS U 150 25.61 -68.73 -27.72
C LYS U 150 25.51 -69.96 -26.82
N GLY U 151 24.31 -70.17 -26.29
CA GLY U 151 23.97 -71.37 -25.53
C GLY U 151 24.64 -71.53 -24.17
N TYR U 152 24.26 -70.65 -23.25
CA TYR U 152 24.79 -70.71 -21.89
C TYR U 152 23.74 -70.32 -20.87
N PHE U 153 23.97 -70.79 -19.65
CA PHE U 153 23.07 -70.56 -18.52
C PHE U 153 23.83 -70.82 -17.23
N PRO U 154 23.64 -69.94 -16.22
CA PRO U 154 22.76 -68.79 -16.29
C PRO U 154 23.55 -67.54 -16.50
N GLU U 155 22.85 -66.40 -16.58
CA GLU U 155 23.49 -65.10 -16.67
C GLU U 155 24.43 -64.94 -15.48
N PRO U 156 25.48 -64.12 -15.62
CA PRO U 156 25.81 -63.35 -16.82
C PRO U 156 27.12 -63.72 -17.43
N VAL U 157 27.51 -62.99 -18.46
CA VAL U 157 28.85 -63.13 -19.03
C VAL U 157 29.46 -61.77 -19.32
N THR U 158 30.80 -61.72 -19.32
CA THR U 158 31.53 -60.49 -19.53
C THR U 158 32.32 -60.59 -20.82
N VAL U 159 32.17 -59.58 -21.66
CA VAL U 159 32.84 -59.56 -22.94
C VAL U 159 33.83 -58.39 -23.00
N THR U 160 35.08 -58.70 -23.32
CA THR U 160 36.09 -57.65 -23.44
C THR U 160 36.85 -57.75 -24.77
N TRP U 161 37.43 -56.64 -25.18
CA TRP U 161 38.19 -56.63 -26.41
C TRP U 161 39.67 -56.23 -26.20
N ASN U 162 40.58 -57.15 -26.57
CA ASN U 162 42.01 -57.02 -26.29
C ASN U 162 42.26 -56.93 -24.80
N SER U 163 41.69 -57.89 -24.07
CA SER U 163 41.82 -57.99 -22.61
C SER U 163 41.33 -56.72 -21.88
N GLY U 164 40.70 -55.82 -22.63
CA GLY U 164 40.09 -54.64 -22.06
C GLY U 164 40.63 -53.32 -22.59
N SER U 165 41.78 -53.37 -23.25
CA SER U 165 42.44 -52.14 -23.69
C SER U 165 41.66 -51.39 -24.77
N LEU U 166 40.81 -52.11 -25.50
CA LEU U 166 39.90 -51.49 -26.46
C LEU U 166 38.53 -51.32 -25.83
N SER U 167 38.08 -50.07 -25.71
CA SER U 167 36.88 -49.76 -24.94
C SER U 167 36.08 -48.70 -25.65
N SER U 168 36.32 -48.59 -26.94
CA SER U 168 35.85 -47.43 -27.66
C SER U 168 34.59 -47.73 -28.45
N GLY U 169 34.79 -48.28 -29.64
CA GLY U 169 33.72 -48.62 -30.55
C GLY U 169 32.89 -49.83 -30.14
N VAL U 170 32.99 -50.22 -28.89
CA VAL U 170 32.44 -51.48 -28.42
C VAL U 170 31.00 -51.38 -27.94
N HIS U 171 30.18 -52.31 -28.40
CA HIS U 171 28.82 -52.50 -27.94
C HIS U 171 28.64 -53.93 -27.54
N THR U 172 28.26 -54.18 -26.30
CA THR U 172 27.87 -55.53 -25.92
C THR U 172 26.34 -55.56 -25.70
N PHE U 173 25.65 -56.28 -26.59
CA PHE U 173 24.20 -56.32 -26.58
C PHE U 173 23.68 -57.20 -25.46
N PRO U 174 22.46 -56.91 -24.99
CA PRO U 174 21.88 -57.77 -23.95
C PRO U 174 21.58 -59.21 -24.44
N ALA U 175 21.74 -60.18 -23.55
CA ALA U 175 21.46 -61.57 -23.88
C ALA U 175 19.96 -61.78 -24.20
N VAL U 176 19.66 -62.86 -24.93
CA VAL U 176 18.28 -63.25 -25.18
C VAL U 176 18.08 -64.77 -24.99
N LEU U 177 16.82 -65.17 -24.79
CA LEU U 177 16.49 -66.59 -24.57
C LEU U 177 16.11 -67.33 -25.85
N GLN U 178 16.93 -68.33 -26.16
CA GLN U 178 16.80 -69.13 -27.37
C GLN U 178 16.90 -70.60 -26.96
N SER U 179 15.80 -71.34 -27.11
CA SER U 179 15.73 -72.72 -26.65
C SER U 179 16.19 -72.81 -25.21
N ASP U 180 15.67 -71.93 -24.34
CA ASP U 180 15.98 -71.96 -22.91
C ASP U 180 17.45 -71.78 -22.60
N LEU U 181 18.18 -71.14 -23.51
CA LEU U 181 19.57 -70.73 -23.22
C LEU U 181 19.82 -69.27 -23.61
N TYR U 182 20.85 -68.66 -23.04
CA TYR U 182 21.11 -67.28 -23.35
C TYR U 182 22.09 -67.22 -24.50
N THR U 183 21.99 -66.11 -25.21
CA THR U 183 22.79 -65.81 -26.39
C THR U 183 23.00 -64.32 -26.56
N LEU U 184 24.24 -63.90 -26.69
CA LEU U 184 24.50 -62.51 -26.96
C LEU U 184 25.70 -62.33 -27.86
N SER U 185 25.82 -61.09 -28.32
CA SER U 185 26.81 -60.70 -29.27
C SER U 185 27.47 -59.35 -28.94
N SER U 186 28.70 -59.20 -29.39
CA SER U 186 29.49 -57.98 -29.18
C SER U 186 30.02 -57.39 -30.51
N SER U 187 30.22 -56.08 -30.59
CA SER U 187 30.66 -55.45 -31.82
C SER U 187 31.76 -54.41 -31.63
N VAL U 188 33.02 -54.78 -31.86
CA VAL U 188 34.11 -53.80 -31.78
C VAL U 188 34.29 -53.12 -33.16
N THR U 189 34.48 -51.81 -33.15
CA THR U 189 34.63 -51.04 -34.39
C THR U 189 35.96 -50.27 -34.40
N VAL U 190 36.87 -50.71 -35.26
CA VAL U 190 38.19 -50.11 -35.43
C VAL U 190 38.36 -49.51 -36.84
N PRO U 191 39.28 -48.55 -37.01
CA PRO U 191 39.58 -47.97 -38.33
C PRO U 191 40.06 -48.99 -39.35
N SER U 192 39.57 -48.88 -40.58
CA SER U 192 39.85 -49.88 -41.61
C SER U 192 41.34 -50.25 -41.75
N SER U 193 42.24 -49.29 -41.54
CA SER U 193 43.68 -49.58 -41.65
C SER U 193 44.22 -50.50 -40.56
N THR U 194 43.66 -50.40 -39.35
CA THR U 194 44.16 -51.17 -38.21
C THR U 194 43.95 -52.67 -38.43
N TRP U 195 42.87 -53.08 -39.11
CA TRP U 195 42.63 -54.52 -39.31
C TRP U 195 42.78 -54.95 -40.77
N PRO U 196 43.29 -56.17 -41.02
CA PRO U 196 43.69 -57.24 -40.11
C PRO U 196 45.09 -57.13 -39.47
N SER U 197 45.73 -55.97 -39.59
CA SER U 197 47.07 -55.81 -39.03
C SER U 197 47.00 -55.94 -37.51
N GLU U 198 45.97 -55.38 -36.90
CA GLU U 198 45.90 -55.34 -35.44
C GLU U 198 45.29 -56.63 -34.89
N THR U 199 45.89 -57.13 -33.80
CA THR U 199 45.41 -58.31 -33.09
C THR U 199 44.09 -57.95 -32.39
N VAL U 200 42.98 -58.43 -32.92
CA VAL U 200 41.68 -58.22 -32.31
C VAL U 200 41.23 -59.54 -31.66
N THR U 201 41.29 -59.61 -30.33
CA THR U 201 40.94 -60.83 -29.63
C THR U 201 39.68 -60.57 -28.81
N CYS U 202 38.80 -61.56 -28.78
CA CYS U 202 37.58 -61.47 -27.99
C CYS U 202 37.70 -62.24 -26.67
N ASN U 203 37.64 -61.56 -25.54
CA ASN U 203 37.80 -62.22 -24.24
C ASN U 203 36.47 -62.34 -23.49
N VAL U 204 35.96 -63.57 -23.40
CA VAL U 204 34.65 -63.84 -22.78
C VAL U 204 34.81 -64.66 -21.50
N ALA U 205 34.03 -64.32 -20.47
CA ALA U 205 34.11 -65.01 -19.20
C ALA U 205 32.72 -65.36 -18.67
N HIS U 206 32.58 -66.61 -18.22
CA HIS U 206 31.35 -67.12 -17.62
C HIS U 206 31.69 -67.77 -16.29
N PRO U 207 31.45 -67.06 -15.20
CA PRO U 207 31.84 -67.45 -13.85
C PRO U 207 31.16 -68.73 -13.44
N ALA U 208 29.87 -68.79 -13.73
CA ALA U 208 29.01 -69.86 -13.26
C ALA U 208 29.50 -71.26 -13.66
N SER U 209 30.35 -71.32 -14.67
CA SER U 209 30.89 -72.59 -15.14
C SER U 209 32.44 -72.65 -15.03
N SER U 210 33.02 -71.60 -14.44
CA SER U 210 34.48 -71.43 -14.35
C SER U 210 35.12 -71.50 -15.72
N THR U 211 34.57 -70.74 -16.66
CA THR U 211 35.01 -70.77 -18.05
C THR U 211 35.55 -69.39 -18.48
N LYS U 212 36.71 -69.38 -19.11
CA LYS U 212 37.25 -68.15 -19.67
C LYS U 212 37.80 -68.50 -21.03
N VAL U 213 37.30 -67.84 -22.07
CA VAL U 213 37.66 -68.21 -23.44
C VAL U 213 38.20 -67.00 -24.22
N ASP U 214 39.16 -67.22 -25.12
CA ASP U 214 39.58 -66.16 -26.03
C ASP U 214 39.43 -66.60 -27.51
N LYS U 215 38.94 -65.68 -28.36
CA LYS U 215 38.78 -65.90 -29.82
C LYS U 215 39.35 -64.72 -30.62
N LYS U 216 40.24 -65.03 -31.55
CA LYS U 216 40.88 -64.01 -32.37
C LYS U 216 40.18 -63.91 -33.70
N ILE U 217 39.83 -62.69 -34.12
CA ILE U 217 39.14 -62.46 -35.38
C ILE U 217 40.11 -62.57 -36.59
N VAL U 218 40.07 -63.74 -37.25
CA VAL U 218 40.85 -64.04 -38.47
C VAL U 218 39.99 -63.68 -39.69
N PRO U 219 40.51 -62.83 -40.59
CA PRO U 219 39.82 -62.38 -41.80
C PRO U 219 39.33 -63.53 -42.67
N ARG U 220 38.36 -63.28 -43.55
CA ARG U 220 37.75 -64.36 -44.30
C ARG U 220 38.67 -65.08 -45.30
N ASP U 221 39.09 -66.28 -44.89
CA ASP U 221 40.00 -67.16 -45.65
C ASP U 221 39.42 -67.45 -47.04
N CYS U 222 39.67 -66.54 -47.96
CA CYS U 222 39.22 -66.70 -49.34
C CYS U 222 40.08 -65.87 -50.27
N GLU V 1 -25.77 -29.02 -43.34
CA GLU V 1 -24.55 -29.47 -42.67
C GLU V 1 -23.32 -29.01 -43.48
N VAL V 2 -22.10 -29.28 -43.03
CA VAL V 2 -20.94 -28.77 -43.75
C VAL V 2 -20.17 -29.82 -44.52
N HIS V 3 -20.83 -30.88 -44.96
CA HIS V 3 -20.15 -32.04 -45.50
C HIS V 3 -19.24 -31.83 -46.71
N LEU V 4 -18.07 -32.46 -46.65
CA LEU V 4 -17.16 -32.50 -47.78
C LEU V 4 -16.98 -33.91 -48.35
N GLN V 5 -17.62 -34.22 -49.47
CA GLN V 5 -17.51 -35.57 -50.02
C GLN V 5 -16.39 -35.65 -51.00
N GLN V 6 -15.40 -36.49 -50.74
CA GLN V 6 -14.33 -36.52 -51.71
C GLN V 6 -14.19 -37.86 -52.44
N SER V 7 -13.30 -37.85 -53.45
CA SER V 7 -13.02 -38.96 -54.36
C SER V 7 -12.71 -40.29 -53.68
N GLY V 8 -12.81 -41.39 -54.43
CA GLY V 8 -12.54 -42.71 -53.86
C GLY V 8 -11.10 -43.14 -53.96
N PRO V 9 -10.63 -43.99 -53.02
CA PRO V 9 -9.21 -44.40 -53.01
C PRO V 9 -8.69 -44.80 -54.37
N GLU V 10 -7.46 -44.40 -54.65
CA GLU V 10 -6.85 -44.57 -55.97
C GLU V 10 -5.45 -45.16 -55.99
N LEU V 11 -5.13 -45.75 -57.14
CA LEU V 11 -3.88 -46.44 -57.41
C LEU V 11 -3.22 -45.86 -58.63
N VAL V 12 -1.94 -45.50 -58.55
CA VAL V 12 -1.30 -44.98 -59.75
C VAL V 12 0.04 -45.55 -60.00
N LYS V 13 0.27 -45.90 -61.25
CA LYS V 13 1.56 -46.37 -61.69
C LYS V 13 2.54 -45.25 -61.46
N PRO V 14 3.73 -45.57 -60.95
CA PRO V 14 4.74 -44.54 -60.73
C PRO V 14 5.09 -43.82 -62.01
N GLY V 15 5.03 -42.50 -61.96
CA GLY V 15 5.27 -41.64 -63.10
C GLY V 15 4.01 -41.04 -63.67
N ALA V 16 2.86 -41.65 -63.35
CA ALA V 16 1.56 -41.19 -63.85
C ALA V 16 1.02 -40.02 -63.03
N SER V 17 -0.28 -39.77 -63.15
CA SER V 17 -0.88 -38.63 -62.47
C SER V 17 -2.27 -38.93 -61.93
N VAL V 18 -2.62 -38.31 -60.80
CA VAL V 18 -3.96 -38.51 -60.23
C VAL V 18 -4.74 -37.23 -60.16
N LYS V 19 -6.06 -37.37 -60.09
CA LYS V 19 -6.91 -36.22 -59.91
C LYS V 19 -8.05 -36.57 -59.02
N MET V 20 -7.83 -36.38 -57.73
CA MET V 20 -8.85 -36.61 -56.73
C MET V 20 -9.71 -35.36 -56.61
N SER V 21 -10.99 -35.55 -56.37
CA SER V 21 -11.94 -34.45 -56.31
C SER V 21 -12.55 -34.37 -54.93
N CYS V 22 -12.99 -33.16 -54.57
CA CYS V 22 -13.71 -32.92 -53.32
C CYS V 22 -14.94 -32.09 -53.59
N LYS V 23 -16.10 -32.66 -53.28
CA LYS V 23 -17.38 -32.01 -53.55
C LYS V 23 -17.94 -31.33 -52.30
N THR V 24 -18.12 -30.01 -52.39
CA THR V 24 -18.57 -29.17 -51.28
C THR V 24 -20.09 -29.21 -51.19
N SER V 25 -20.63 -29.03 -49.99
CA SER V 25 -22.07 -29.08 -49.79
C SER V 25 -22.47 -28.53 -48.43
N GLY V 26 -23.50 -27.70 -48.41
CA GLY V 26 -24.05 -27.25 -47.15
C GLY V 26 -23.73 -25.83 -46.71
N TYR V 27 -22.83 -25.21 -47.44
CA TYR V 27 -22.47 -23.84 -47.17
C TYR V 27 -22.20 -23.17 -48.52
N THR V 28 -21.84 -21.89 -48.51
CA THR V 28 -21.55 -21.20 -49.75
C THR V 28 -20.14 -21.41 -50.19
N PHE V 29 -19.99 -22.24 -51.22
CA PHE V 29 -18.69 -22.55 -51.80
C PHE V 29 -17.70 -21.37 -51.85
N THR V 30 -18.24 -20.22 -52.28
CA THR V 30 -17.49 -19.02 -52.65
C THR V 30 -17.08 -18.11 -51.49
N GLU V 31 -17.28 -18.58 -50.26
CA GLU V 31 -16.98 -17.78 -49.08
C GLU V 31 -15.78 -18.28 -48.36
N TYR V 32 -15.30 -19.44 -48.74
CA TYR V 32 -14.17 -19.91 -47.97
C TYR V 32 -13.17 -20.60 -48.89
N THR V 33 -11.91 -20.47 -48.50
CA THR V 33 -10.79 -21.05 -49.18
C THR V 33 -10.78 -22.54 -48.86
N ILE V 34 -10.57 -23.39 -49.87
CA ILE V 34 -10.51 -24.83 -49.64
C ILE V 34 -9.01 -25.23 -49.73
N HIS V 35 -8.57 -26.19 -48.94
CA HIS V 35 -7.17 -26.56 -48.92
C HIS V 35 -6.94 -28.07 -49.00
N TRP V 36 -5.69 -28.47 -49.22
CA TRP V 36 -5.40 -29.88 -49.28
C TRP V 36 -4.26 -30.20 -48.32
N MET V 37 -4.41 -31.31 -47.62
CA MET V 37 -3.43 -31.78 -46.67
C MET V 37 -3.00 -33.21 -47.02
N LYS V 38 -1.71 -33.46 -46.94
CA LYS V 38 -1.15 -34.79 -47.16
C LYS V 38 -0.66 -35.38 -45.85
N GLN V 39 -1.03 -36.62 -45.57
CA GLN V 39 -0.55 -37.28 -44.39
C GLN V 39 0.21 -38.56 -44.77
N SER V 40 1.53 -38.54 -44.65
CA SER V 40 2.36 -39.75 -44.79
C SER V 40 1.97 -40.81 -43.77
N HIS V 41 1.53 -41.98 -44.22
CA HIS V 41 0.85 -42.97 -43.36
C HIS V 41 1.29 -43.03 -41.89
N GLY V 42 0.38 -42.53 -41.02
CA GLY V 42 0.56 -42.45 -39.57
C GLY V 42 1.86 -41.77 -39.17
N LYS V 43 1.98 -40.49 -39.52
CA LYS V 43 3.23 -39.78 -39.25
C LYS V 43 2.88 -38.32 -38.96
N SER V 44 2.94 -37.49 -39.98
CA SER V 44 2.79 -36.05 -39.85
C SER V 44 1.97 -35.43 -40.97
N LEU V 45 1.25 -34.37 -40.62
CA LEU V 45 0.45 -33.63 -41.58
C LEU V 45 1.26 -32.54 -42.28
N GLU V 46 1.13 -32.51 -43.61
CA GLU V 46 1.78 -31.52 -44.46
C GLU V 46 0.76 -30.69 -45.19
N TRP V 47 0.99 -29.38 -45.23
CA TRP V 47 0.08 -28.53 -45.97
C TRP V 47 0.47 -28.48 -47.46
N ILE V 48 -0.49 -28.73 -48.35
CA ILE V 48 -0.24 -28.66 -49.78
C ILE V 48 -0.58 -27.29 -50.32
N GLY V 49 -1.86 -26.95 -50.34
CA GLY V 49 -2.22 -25.65 -50.87
C GLY V 49 -3.60 -25.16 -50.53
N GLY V 50 -4.00 -24.04 -51.12
CA GLY V 50 -5.33 -23.52 -50.92
C GLY V 50 -5.84 -22.85 -52.18
N ILE V 51 -7.16 -22.82 -52.35
CA ILE V 51 -7.76 -22.14 -53.48
C ILE V 51 -9.08 -21.48 -53.05
N PHE V 52 -9.31 -20.26 -53.49
CA PHE V 52 -10.56 -19.58 -53.16
C PHE V 52 -11.46 -19.66 -54.39
N PRO V 53 -12.58 -20.38 -54.28
CA PRO V 53 -13.52 -20.68 -55.37
C PRO V 53 -13.99 -19.48 -56.17
N ASN V 54 -14.57 -18.52 -55.47
CA ASN V 54 -15.14 -17.35 -56.07
C ASN V 54 -14.30 -16.65 -57.21
N ASN V 55 -12.98 -16.74 -57.16
CA ASN V 55 -12.17 -16.18 -58.24
C ASN V 55 -11.00 -17.07 -58.69
N GLY V 56 -10.81 -18.17 -57.96
CA GLY V 56 -9.81 -19.16 -58.29
C GLY V 56 -8.38 -18.78 -58.00
N ASP V 57 -8.14 -18.10 -56.90
CA ASP V 57 -6.77 -17.74 -56.55
C ASP V 57 -6.14 -18.89 -55.78
N THR V 58 -4.90 -19.22 -56.09
CA THR V 58 -4.26 -20.36 -55.44
C THR V 58 -3.10 -19.93 -54.54
N THR V 59 -2.81 -20.73 -53.52
CA THR V 59 -1.72 -20.46 -52.61
C THR V 59 -0.99 -21.81 -52.27
N TYR V 60 0.25 -22.00 -52.74
CA TYR V 60 0.93 -23.31 -52.61
C TYR V 60 2.04 -23.34 -51.56
N ASN V 61 2.35 -24.56 -51.13
CA ASN V 61 3.52 -24.81 -50.30
C ASN V 61 4.74 -24.89 -51.20
N GLN V 62 5.92 -24.54 -50.68
CA GLN V 62 7.12 -24.69 -51.50
C GLN V 62 7.23 -26.08 -52.10
N LYS V 63 7.09 -27.08 -51.22
CA LYS V 63 7.28 -28.51 -51.50
C LYS V 63 6.45 -29.04 -52.67
N PHE V 64 5.25 -28.49 -52.83
CA PHE V 64 4.27 -29.09 -53.74
C PHE V 64 4.00 -28.25 -54.95
N LYS V 65 4.63 -27.07 -54.99
CA LYS V 65 4.42 -26.09 -56.04
C LYS V 65 4.32 -26.74 -57.41
N VAL V 66 5.26 -27.65 -57.66
CA VAL V 66 5.43 -28.28 -58.96
C VAL V 66 4.39 -29.39 -59.24
N ARG V 67 4.33 -30.31 -58.30
CA ARG V 67 3.61 -31.55 -58.46
C ARG V 67 2.12 -31.36 -58.30
N ALA V 68 1.71 -30.24 -57.74
CA ALA V 68 0.32 -30.06 -57.40
C ALA V 68 -0.35 -28.96 -58.18
N THR V 69 -1.66 -29.00 -58.22
CA THR V 69 -2.46 -28.08 -59.00
C THR V 69 -3.90 -28.01 -58.52
N LEU V 70 -4.22 -27.01 -57.73
CA LEU V 70 -5.59 -26.88 -57.25
C LEU V 70 -6.49 -26.20 -58.29
N THR V 71 -7.67 -26.73 -58.54
CA THR V 71 -8.60 -26.14 -59.49
C THR V 71 -10.00 -26.19 -58.90
N VAL V 72 -10.92 -25.39 -59.41
CA VAL V 72 -12.26 -25.34 -58.83
C VAL V 72 -13.37 -25.23 -59.88
N GLY V 73 -14.41 -26.04 -59.72
CA GLY V 73 -15.55 -25.97 -60.62
C GLY V 73 -16.73 -25.31 -59.92
N ARG V 74 -16.90 -24.01 -60.15
CA ARG V 74 -17.90 -23.24 -59.42
C ARG V 74 -19.34 -23.74 -59.56
N SER V 75 -19.77 -24.08 -60.78
CA SER V 75 -21.12 -24.62 -60.99
C SER V 75 -21.25 -25.93 -60.25
N SER V 76 -20.13 -26.65 -60.19
CA SER V 76 -20.08 -28.00 -59.65
C SER V 76 -19.99 -27.96 -58.13
N SER V 77 -19.65 -26.80 -57.59
CA SER V 77 -19.41 -26.64 -56.16
C SER V 77 -18.33 -27.65 -55.72
N THR V 78 -17.31 -27.79 -56.55
CA THR V 78 -16.30 -28.82 -56.40
C THR V 78 -14.86 -28.31 -56.53
N ALA V 79 -14.00 -28.78 -55.63
CA ALA V 79 -12.58 -28.46 -55.65
C ALA V 79 -11.83 -29.65 -56.11
N TYR V 80 -10.81 -29.45 -56.93
CA TYR V 80 -10.03 -30.58 -57.44
C TYR V 80 -8.58 -30.33 -57.07
N MET V 81 -7.83 -31.42 -56.93
CA MET V 81 -6.36 -31.39 -56.84
C MET V 81 -5.81 -32.37 -57.84
N ASP V 82 -4.63 -32.09 -58.37
CA ASP V 82 -4.02 -32.95 -59.36
C ASP V 82 -2.56 -33.15 -58.99
N LEU V 83 -2.14 -34.40 -58.85
CA LEU V 83 -0.74 -34.69 -58.57
C LEU V 83 -0.11 -35.28 -59.82
N ARG V 84 0.94 -34.64 -60.31
CA ARG V 84 1.59 -35.06 -61.54
C ARG V 84 2.94 -35.73 -61.26
N SER V 85 3.22 -36.78 -62.05
CA SER V 85 4.41 -37.64 -62.01
C SER V 85 4.76 -38.09 -60.60
N LEU V 86 4.03 -39.12 -60.14
CA LEU V 86 4.12 -39.59 -58.77
C LEU V 86 5.27 -40.55 -58.44
N THR V 87 5.53 -40.69 -57.16
CA THR V 87 6.54 -41.62 -56.72
C THR V 87 6.03 -42.32 -55.48
N SER V 88 6.86 -43.15 -54.88
CA SER V 88 6.46 -43.82 -53.66
C SER V 88 6.18 -42.79 -52.58
N GLU V 89 6.89 -41.67 -52.69
CA GLU V 89 6.76 -40.54 -51.77
C GLU V 89 5.32 -40.11 -51.60
N ASP V 90 4.59 -40.01 -52.69
CA ASP V 90 3.24 -39.49 -52.67
C ASP V 90 2.20 -40.51 -52.20
N SER V 91 2.63 -41.74 -51.97
CA SER V 91 1.70 -42.72 -51.44
C SER V 91 1.33 -42.36 -50.00
N ALA V 92 0.16 -41.75 -49.85
CA ALA V 92 -0.30 -41.37 -48.52
C ALA V 92 -1.74 -40.92 -48.66
N VAL V 93 -2.31 -40.33 -47.61
CA VAL V 93 -3.70 -39.92 -47.66
C VAL V 93 -3.86 -38.44 -47.89
N TYR V 94 -4.87 -38.06 -48.68
CA TYR V 94 -5.04 -36.64 -48.98
C TYR V 94 -6.41 -36.14 -48.53
N TYR V 95 -6.38 -35.09 -47.70
CA TYR V 95 -7.60 -34.54 -47.13
C TYR V 95 -7.97 -33.23 -47.77
N CYS V 96 -9.20 -33.18 -48.24
CA CYS V 96 -9.80 -31.96 -48.72
C CYS V 96 -10.47 -31.22 -47.54
N VAL V 97 -9.97 -30.03 -47.22
CA VAL V 97 -10.32 -29.36 -45.98
C VAL V 97 -10.75 -27.91 -46.17
N ARG V 98 -11.83 -27.49 -45.51
CA ARG V 98 -12.24 -26.10 -45.54
C ARG V 98 -11.60 -25.33 -44.38
N ASN V 99 -10.82 -24.32 -44.74
CA ASN V 99 -10.20 -23.36 -43.83
C ASN V 99 -11.15 -22.18 -43.65
N TYR V 100 -11.22 -21.66 -42.42
CA TYR V 100 -12.22 -20.64 -42.12
C TYR V 100 -11.87 -19.30 -42.78
N GLY V 101 -11.03 -18.49 -42.16
CA GLY V 101 -10.81 -17.18 -42.76
C GLY V 101 -9.39 -16.87 -43.22
N SER V 102 -9.13 -16.84 -44.52
CA SER V 102 -7.85 -16.26 -44.97
C SER V 102 -6.55 -16.86 -44.47
N SER V 103 -5.51 -16.06 -44.68
CA SER V 103 -4.12 -16.39 -44.42
C SER V 103 -3.88 -16.79 -43.00
N TYR V 104 -4.71 -16.23 -42.11
CA TYR V 104 -4.63 -16.51 -40.68
C TYR V 104 -5.84 -17.27 -40.18
N GLY V 105 -6.04 -18.46 -40.71
CA GLY V 105 -7.24 -19.18 -40.42
C GLY V 105 -7.03 -20.60 -39.98
N TYR V 106 -8.11 -21.11 -39.37
CA TYR V 106 -8.11 -22.47 -38.91
C TYR V 106 -8.97 -23.35 -39.83
N PHE V 107 -8.53 -24.60 -40.00
CA PHE V 107 -9.23 -25.61 -40.81
C PHE V 107 -10.31 -26.24 -39.95
N ASP V 108 -11.57 -25.88 -40.15
CA ASP V 108 -12.63 -26.33 -39.24
C ASP V 108 -13.34 -27.62 -39.70
N VAL V 109 -13.57 -27.73 -41.00
CA VAL V 109 -14.26 -28.90 -41.53
C VAL V 109 -13.32 -29.72 -42.41
N TRP V 110 -12.97 -30.92 -41.94
CA TRP V 110 -12.06 -31.82 -42.67
C TRP V 110 -12.88 -32.88 -43.36
N GLY V 111 -12.53 -33.16 -44.62
CA GLY V 111 -13.18 -34.17 -45.43
C GLY V 111 -12.77 -35.58 -45.00
N ALA V 112 -13.26 -36.60 -45.69
CA ALA V 112 -12.97 -37.97 -45.31
C ALA V 112 -11.49 -38.36 -45.44
N GLY V 113 -10.96 -38.23 -46.66
CA GLY V 113 -9.60 -38.57 -47.00
C GLY V 113 -9.55 -39.49 -48.24
N THR V 114 -8.99 -39.00 -49.35
CA THR V 114 -8.76 -39.85 -50.53
C THR V 114 -7.38 -40.46 -50.37
N THR V 115 -7.32 -41.79 -50.34
CA THR V 115 -6.05 -42.43 -50.07
C THR V 115 -5.45 -43.00 -51.41
N VAL V 116 -4.25 -42.53 -51.73
CA VAL V 116 -3.57 -42.87 -52.99
C VAL V 116 -2.47 -43.93 -52.80
N THR V 117 -2.45 -44.93 -53.69
CA THR V 117 -1.45 -45.99 -53.58
C THR V 117 -0.65 -46.03 -54.87
N VAL V 118 0.65 -45.80 -54.78
CA VAL V 118 1.48 -45.78 -55.99
C VAL V 118 2.31 -47.02 -56.12
N SER V 119 1.85 -47.92 -56.97
CA SER V 119 2.57 -49.14 -57.24
C SER V 119 2.23 -49.69 -58.61
N SER V 120 3.27 -50.27 -59.20
CA SER V 120 3.24 -50.90 -60.50
C SER V 120 2.41 -52.18 -60.51
N ALA V 121 2.10 -52.67 -59.30
CA ALA V 121 1.39 -53.92 -59.06
C ALA V 121 0.02 -53.97 -59.69
N LYS V 122 -0.46 -55.19 -59.95
CA LYS V 122 -1.74 -55.40 -60.59
C LYS V 122 -2.83 -55.47 -59.53
N THR V 123 -4.08 -55.24 -59.93
CA THR V 123 -5.20 -55.30 -59.02
C THR V 123 -5.55 -56.76 -58.74
N THR V 124 -5.64 -57.13 -57.47
CA THR V 124 -5.85 -58.54 -57.15
C THR V 124 -7.00 -58.77 -56.15
N PRO V 125 -8.05 -59.51 -56.57
CA PRO V 125 -9.17 -59.85 -55.68
C PRO V 125 -8.71 -60.77 -54.56
N PRO V 126 -9.36 -60.70 -53.39
CA PRO V 126 -8.91 -61.44 -52.19
C PRO V 126 -9.31 -62.90 -52.22
N SER V 127 -9.23 -63.55 -51.06
CA SER V 127 -9.73 -64.91 -50.91
C SER V 127 -10.20 -64.98 -49.47
N VAL V 128 -11.43 -65.42 -49.24
CA VAL V 128 -11.97 -65.38 -47.88
C VAL V 128 -12.14 -66.75 -47.27
N TYR V 129 -11.62 -66.91 -46.06
CA TYR V 129 -11.70 -68.19 -45.39
C TYR V 129 -12.33 -68.12 -43.97
N PRO V 130 -13.41 -68.89 -43.74
CA PRO V 130 -14.04 -68.89 -42.41
C PRO V 130 -13.17 -69.52 -41.34
N LEU V 131 -13.32 -69.10 -40.08
CA LEU V 131 -12.53 -69.60 -38.95
C LEU V 131 -13.40 -70.19 -37.83
N ALA V 132 -13.69 -71.49 -37.96
CA ALA V 132 -14.45 -72.25 -36.96
C ALA V 132 -13.45 -72.81 -35.96
N PRO V 133 -13.79 -72.79 -34.67
CA PRO V 133 -12.91 -73.20 -33.56
C PRO V 133 -12.51 -74.67 -33.64
N GLY V 134 -11.56 -75.13 -32.82
CA GLY V 134 -11.13 -76.52 -32.84
C GLY V 134 -12.27 -77.46 -32.46
N SER V 135 -12.27 -78.67 -33.04
CA SER V 135 -13.37 -79.63 -32.85
C SER V 135 -13.54 -80.03 -31.39
N ALA V 136 -12.45 -79.94 -30.62
CA ALA V 136 -12.49 -80.36 -29.23
C ALA V 136 -11.83 -79.35 -28.31
N ALA V 137 -12.42 -78.16 -28.29
CA ALA V 137 -11.99 -77.07 -27.42
C ALA V 137 -13.07 -76.01 -27.51
N GLN V 138 -13.48 -75.45 -26.37
CA GLN V 138 -14.50 -74.40 -26.39
C GLN V 138 -14.13 -73.33 -25.33
N SER V 141 -17.80 -69.04 -21.58
CA SER V 141 -19.08 -68.34 -21.69
C SER V 141 -19.28 -67.77 -23.10
N MET V 142 -18.18 -67.43 -23.77
CA MET V 142 -18.21 -66.80 -25.11
C MET V 142 -17.33 -67.47 -26.15
N VAL V 143 -17.90 -67.66 -27.35
CA VAL V 143 -17.21 -68.31 -28.46
C VAL V 143 -16.64 -67.27 -29.43
N THR V 144 -15.33 -67.30 -29.68
CA THR V 144 -14.76 -66.34 -30.65
C THR V 144 -14.78 -66.96 -32.08
N LEU V 145 -15.34 -66.22 -33.04
CA LEU V 145 -15.39 -66.70 -34.43
C LEU V 145 -14.59 -65.76 -35.32
N GLY V 146 -14.26 -66.21 -36.53
CA GLY V 146 -13.38 -65.43 -37.40
C GLY V 146 -13.61 -65.41 -38.90
N CYS V 147 -12.82 -64.58 -39.56
CA CYS V 147 -12.88 -64.47 -41.00
C CYS V 147 -11.51 -64.03 -41.46
N LEU V 148 -10.99 -64.68 -42.50
CA LEU V 148 -9.63 -64.42 -42.96
C LEU V 148 -9.59 -63.91 -44.40
N VAL V 149 -9.06 -62.70 -44.62
CA VAL V 149 -8.91 -62.18 -45.97
C VAL V 149 -7.45 -62.12 -46.39
N LYS V 150 -7.09 -62.90 -47.43
CA LYS V 150 -5.68 -63.08 -47.82
C LYS V 150 -5.44 -62.87 -49.30
N GLY V 151 -4.32 -62.22 -49.60
CA GLY V 151 -3.84 -62.04 -50.96
C GLY V 151 -4.64 -61.13 -51.87
N TYR V 152 -4.63 -59.85 -51.54
CA TYR V 152 -5.32 -58.85 -52.33
C TYR V 152 -4.56 -57.54 -52.39
N PHE V 153 -4.85 -56.77 -53.43
CA PHE V 153 -4.21 -55.50 -53.70
C PHE V 153 -5.08 -54.69 -54.65
N PRO V 154 -5.25 -53.39 -54.39
CA PRO V 154 -4.65 -52.68 -53.26
C PRO V 154 -5.67 -52.48 -52.18
N GLU V 155 -5.24 -51.85 -51.09
CA GLU V 155 -6.14 -51.47 -50.02
C GLU V 155 -7.27 -50.62 -50.59
N PRO V 156 -8.43 -50.61 -49.94
CA PRO V 156 -8.75 -51.35 -48.72
C PRO V 156 -9.83 -52.36 -48.90
N VAL V 157 -10.23 -52.99 -47.79
CA VAL V 157 -11.40 -53.87 -47.80
C VAL V 157 -12.25 -53.63 -46.56
N THR V 158 -13.54 -53.93 -46.69
CA THR V 158 -14.50 -53.71 -45.62
C THR V 158 -15.03 -55.05 -45.16
N VAL V 159 -15.00 -55.26 -43.86
CA VAL V 159 -15.45 -56.50 -43.26
C VAL V 159 -16.66 -56.25 -42.36
N THR V 160 -17.74 -56.97 -42.61
CA THR V 160 -18.94 -56.84 -41.79
C THR V 160 -19.43 -58.20 -41.30
N TRP V 161 -20.19 -58.17 -40.21
CA TRP V 161 -20.74 -59.39 -39.68
C TRP V 161 -22.30 -59.39 -39.63
N ASN V 162 -22.89 -60.35 -40.33
CA ASN V 162 -24.35 -60.41 -40.54
C ASN V 162 -24.83 -59.15 -41.24
N SER V 163 -24.18 -58.84 -42.36
CA SER V 163 -24.50 -57.68 -43.19
C SER V 163 -24.43 -56.36 -42.43
N GLY V 164 -23.91 -56.42 -41.20
CA GLY V 164 -23.67 -55.23 -40.40
C GLY V 164 -24.41 -55.20 -39.07
N SER V 165 -25.42 -56.06 -38.92
CA SER V 165 -26.27 -56.03 -37.74
C SER V 165 -25.51 -56.41 -36.45
N LEU V 166 -24.42 -57.15 -36.60
CA LEU V 166 -23.54 -57.46 -35.46
C LEU V 166 -22.36 -56.50 -35.47
N SER V 167 -22.23 -55.73 -34.40
CA SER V 167 -21.26 -54.63 -34.38
C SER V 167 -20.64 -54.54 -33.03
N SER V 168 -20.70 -55.65 -32.30
CA SER V 168 -20.40 -55.60 -30.89
C SER V 168 -19.00 -56.10 -30.59
N GLY V 169 -18.88 -57.43 -30.49
CA GLY V 169 -17.63 -58.09 -30.19
C GLY V 169 -16.63 -58.11 -31.32
N VAL V 170 -16.83 -57.25 -32.31
CA VAL V 170 -16.08 -57.32 -33.55
C VAL V 170 -14.78 -56.50 -33.52
N HIS V 171 -13.71 -57.14 -34.00
CA HIS V 171 -12.43 -56.49 -34.22
C HIS V 171 -12.00 -56.77 -35.63
N THR V 172 -11.76 -55.74 -36.42
CA THR V 172 -11.13 -55.96 -37.71
C THR V 172 -9.69 -55.41 -37.66
N PHE V 173 -8.73 -56.33 -37.74
CA PHE V 173 -7.33 -55.99 -37.60
C PHE V 173 -6.79 -55.32 -38.85
N PRO V 174 -5.76 -54.48 -38.69
CA PRO V 174 -5.16 -53.86 -39.88
C PRO V 174 -4.47 -54.88 -40.82
N ALA V 175 -4.54 -54.61 -42.12
CA ALA V 175 -3.90 -55.47 -43.10
C ALA V 175 -2.36 -55.47 -42.95
N VAL V 176 -1.72 -56.52 -43.46
CA VAL V 176 -0.26 -56.58 -43.49
C VAL V 176 0.24 -57.08 -44.86
N LEU V 177 1.52 -56.79 -45.16
CA LEU V 177 2.13 -57.17 -46.44
C LEU V 177 2.86 -58.52 -46.39
N GLN V 178 2.34 -59.45 -47.18
CA GLN V 178 2.83 -60.83 -47.25
C GLN V 178 3.02 -61.19 -48.72
N SER V 179 4.26 -61.38 -49.14
CA SER V 179 4.57 -61.62 -50.54
C SER V 179 3.92 -60.55 -51.40
N ASP V 180 4.09 -59.27 -51.02
CA ASP V 180 3.59 -58.14 -51.81
C ASP V 180 2.09 -58.16 -51.98
N LEU V 181 1.37 -58.81 -51.07
CA LEU V 181 -0.10 -58.70 -51.04
C LEU V 181 -0.61 -58.42 -49.63
N TYR V 182 -1.82 -57.91 -49.52
CA TYR V 182 -2.34 -57.60 -48.22
C TYR V 182 -3.13 -58.78 -47.71
N THR V 183 -3.19 -58.85 -46.39
CA THR V 183 -3.84 -59.90 -45.64
C THR V 183 -4.35 -59.40 -44.30
N LEU V 184 -5.63 -59.62 -44.03
CA LEU V 184 -6.15 -59.26 -42.74
C LEU V 184 -7.22 -60.24 -42.27
N SER V 185 -7.54 -60.09 -41.00
CA SER V 185 -8.44 -60.96 -40.31
C SER V 185 -9.42 -60.20 -39.40
N SER V 186 -10.59 -60.81 -39.20
CA SER V 186 -11.66 -60.27 -38.35
C SER V 186 -12.09 -61.26 -37.26
N SER V 187 -12.57 -60.75 -36.12
CA SER V 187 -12.95 -61.61 -35.01
C SER V 187 -14.28 -61.23 -34.37
N VAL V 188 -15.36 -61.91 -34.71
CA VAL V 188 -16.64 -61.65 -34.05
C VAL V 188 -16.77 -62.55 -32.79
N THR V 189 -17.25 -61.98 -31.70
CA THR V 189 -17.38 -62.72 -30.44
C THR V 189 -18.83 -62.69 -29.94
N VAL V 190 -19.48 -63.86 -29.99
CA VAL V 190 -20.87 -64.03 -29.56
C VAL V 190 -20.95 -65.00 -28.35
N PRO V 191 -22.04 -64.91 -27.56
CA PRO V 191 -22.25 -65.84 -26.44
C PRO V 191 -22.32 -67.30 -26.86
N SER V 192 -21.70 -68.18 -26.09
CA SER V 192 -21.58 -69.59 -26.46
C SER V 192 -22.91 -70.23 -26.89
N SER V 193 -24.03 -69.84 -26.28
CA SER V 193 -25.33 -70.42 -26.64
C SER V 193 -25.80 -70.05 -28.05
N THR V 194 -25.48 -68.83 -28.51
CA THR V 194 -25.95 -68.35 -29.82
C THR V 194 -25.37 -69.18 -30.95
N TRP V 195 -24.14 -69.69 -30.83
CA TRP V 195 -23.54 -70.46 -31.93
C TRP V 195 -23.37 -71.95 -31.57
N PRO V 196 -23.56 -72.86 -32.56
CA PRO V 196 -23.83 -72.67 -33.99
C PRO V 196 -25.29 -72.42 -34.37
N SER V 197 -26.16 -72.15 -33.41
CA SER V 197 -27.57 -71.92 -33.72
C SER V 197 -27.70 -70.67 -34.58
N GLU V 198 -26.93 -69.63 -34.29
CA GLU V 198 -27.09 -68.36 -34.98
C GLU V 198 -26.29 -68.33 -36.29
N THR V 199 -26.92 -67.78 -37.32
CA THR V 199 -26.30 -67.62 -38.64
C THR V 199 -25.22 -66.53 -38.52
N VAL V 200 -23.96 -66.94 -38.52
CA VAL V 200 -22.85 -66.00 -38.50
C VAL V 200 -22.21 -65.96 -39.90
N THR V 201 -22.46 -64.87 -40.63
CA THR V 201 -21.95 -64.77 -41.99
C THR V 201 -20.91 -63.64 -42.03
N CYS V 202 -19.85 -63.85 -42.77
CA CYS V 202 -18.82 -62.84 -42.94
C CYS V 202 -18.95 -62.11 -44.29
N ASN V 203 -19.22 -60.81 -44.26
CA ASN V 203 -19.41 -60.07 -45.50
C ASN V 203 -18.22 -59.16 -45.83
N VAL V 204 -17.46 -59.53 -46.85
CA VAL V 204 -16.24 -58.81 -47.23
C VAL V 204 -16.40 -58.13 -48.60
N ALA V 205 -15.88 -56.91 -48.72
CA ALA V 205 -15.99 -56.17 -49.97
C ALA V 205 -14.66 -55.55 -50.37
N HIS V 206 -14.31 -55.70 -51.64
CA HIS V 206 -13.10 -55.14 -52.23
C HIS V 206 -13.48 -54.38 -53.50
N PRO V 207 -13.57 -53.07 -53.41
CA PRO V 207 -14.07 -52.21 -54.47
C PRO V 207 -13.18 -52.29 -55.68
N ALA V 208 -11.87 -52.24 -55.44
CA ALA V 208 -10.88 -52.14 -56.47
C ALA V 208 -10.97 -53.24 -57.53
N SER V 209 -11.62 -54.34 -57.17
CA SER V 209 -11.78 -55.46 -58.10
C SER V 209 -13.27 -55.77 -58.39
N SER V 210 -14.16 -54.93 -57.86
CA SER V 210 -15.62 -55.13 -57.94
C SER V 210 -16.02 -56.48 -57.40
N THR V 211 -15.52 -56.79 -56.21
CA THR V 211 -15.72 -58.10 -55.58
C THR V 211 -16.49 -57.94 -54.26
N LYS V 212 -17.53 -58.76 -54.07
CA LYS V 212 -18.23 -58.79 -52.80
C LYS V 212 -18.48 -60.25 -52.49
N VAL V 213 -17.99 -60.71 -51.34
CA VAL V 213 -18.04 -62.13 -51.01
C VAL V 213 -18.71 -62.36 -49.65
N ASP V 214 -19.45 -63.47 -49.50
CA ASP V 214 -19.97 -63.85 -48.18
C ASP V 214 -19.50 -65.28 -47.80
N LYS V 215 -19.10 -65.46 -46.52
CA LYS V 215 -18.68 -66.76 -45.96
C LYS V 215 -19.38 -67.02 -44.62
N LYS V 216 -20.03 -68.18 -44.53
CA LYS V 216 -20.76 -68.55 -43.33
C LYS V 216 -19.90 -69.48 -42.47
N ILE V 217 -19.78 -69.18 -41.18
CA ILE V 217 -18.97 -69.97 -40.27
C ILE V 217 -19.71 -71.29 -39.87
N VAL V 218 -19.30 -72.39 -40.53
CA VAL V 218 -19.79 -73.76 -40.26
C VAL V 218 -18.86 -74.41 -39.25
N PRO V 219 -19.42 -74.90 -38.12
CA PRO V 219 -18.67 -75.56 -37.04
C PRO V 219 -17.81 -76.73 -37.54
N ARG V 220 -16.81 -77.12 -36.76
CA ARG V 220 -15.85 -78.11 -37.24
C ARG V 220 -16.43 -79.52 -37.45
N ASP V 221 -16.62 -79.84 -38.74
CA ASP V 221 -17.18 -81.11 -39.22
C ASP V 221 -16.35 -82.28 -38.70
N CYS V 222 -16.66 -82.71 -37.48
CA CYS V 222 -15.98 -83.83 -36.87
C CYS V 222 -16.86 -84.45 -35.79
N GLU W 1 -70.77 22.31 -34.26
CA GLU W 1 -70.81 22.27 -35.72
C GLU W 1 -70.31 23.61 -36.29
N VAL W 2 -70.23 23.76 -37.62
CA VAL W 2 -69.68 25.01 -38.15
C VAL W 2 -70.71 25.93 -38.77
N HIS W 3 -71.95 25.88 -38.31
CA HIS W 3 -73.05 26.54 -38.98
C HIS W 3 -72.95 28.06 -39.18
N LEU W 4 -73.32 28.49 -40.38
CA LEU W 4 -73.43 29.91 -40.68
C LEU W 4 -74.88 30.33 -40.99
N GLN W 5 -75.56 30.96 -40.03
CA GLN W 5 -76.94 31.35 -40.26
C GLN W 5 -77.04 32.73 -40.82
N GLN W 6 -77.58 32.87 -42.02
CA GLN W 6 -77.63 34.23 -42.52
C GLN W 6 -79.04 34.79 -42.69
N SER W 7 -79.10 36.08 -43.02
CA SER W 7 -80.31 36.88 -43.17
C SER W 7 -81.36 36.31 -44.10
N GLY W 8 -82.60 36.78 -43.99
CA GLY W 8 -83.67 36.26 -44.85
C GLY W 8 -83.83 36.99 -46.16
N PRO W 9 -84.33 36.30 -47.21
CA PRO W 9 -84.44 36.93 -48.53
C PRO W 9 -85.04 38.31 -48.49
N GLU W 10 -84.48 39.19 -49.33
CA GLU W 10 -84.84 40.61 -49.32
C GLU W 10 -85.13 41.22 -50.67
N LEU W 11 -85.90 42.31 -50.61
CA LEU W 11 -86.37 43.08 -51.77
C LEU W 11 -85.98 44.51 -51.64
N VAL W 12 -85.36 45.10 -52.67
CA VAL W 12 -85.02 46.51 -52.55
C VAL W 12 -85.35 47.29 -53.76
N LYS W 13 -85.94 48.46 -53.51
CA LYS W 13 -86.23 49.39 -54.56
C LYS W 13 -84.92 49.80 -55.18
N PRO W 14 -84.88 49.88 -56.51
CA PRO W 14 -83.65 50.28 -57.19
C PRO W 14 -83.19 51.66 -56.72
N GLY W 15 -81.93 51.73 -56.32
CA GLY W 15 -81.32 52.94 -55.81
C GLY W 15 -81.13 52.89 -54.31
N ALA W 16 -81.86 52.00 -53.64
CA ALA W 16 -81.78 51.86 -52.18
C ALA W 16 -80.59 51.02 -51.74
N SER W 17 -80.63 50.55 -50.51
CA SER W 17 -79.51 49.80 -49.98
C SER W 17 -79.93 48.62 -49.09
N VAL W 18 -79.15 47.53 -49.11
CA VAL W 18 -79.47 46.38 -48.27
C VAL W 18 -78.39 46.09 -47.28
N LYS W 19 -78.76 45.39 -46.22
CA LYS W 19 -77.79 44.95 -45.25
C LYS W 19 -78.14 43.59 -44.74
N MET W 20 -77.60 42.59 -45.44
CA MET W 20 -77.80 41.21 -45.06
C MET W 20 -76.74 40.84 -44.03
N SER W 21 -77.13 39.99 -43.09
CA SER W 21 -76.25 39.61 -42.00
C SER W 21 -75.96 38.12 -42.06
N CYS W 22 -74.82 37.74 -41.50
CA CYS W 22 -74.44 36.33 -41.35
C CYS W 22 -73.95 36.07 -39.95
N LYS W 23 -74.65 35.19 -39.24
CA LYS W 23 -74.34 34.88 -37.86
C LYS W 23 -73.51 33.60 -37.72
N THR W 24 -72.30 33.75 -37.17
CA THR W 24 -71.34 32.66 -37.03
C THR W 24 -71.64 31.85 -35.77
N SER W 25 -71.30 30.57 -35.78
CA SER W 25 -71.58 29.70 -34.65
C SER W 25 -70.83 28.38 -34.74
N GLY W 26 -70.23 27.97 -33.64
CA GLY W 26 -69.61 26.65 -33.60
C GLY W 26 -68.10 26.58 -33.66
N TYR W 27 -67.49 27.73 -33.94
CA TYR W 27 -66.06 27.82 -33.98
C TYR W 27 -65.68 29.19 -33.44
N THR W 28 -64.38 29.51 -33.41
CA THR W 28 -63.96 30.80 -32.91
C THR W 28 -63.99 31.83 -33.99
N PHE W 29 -64.98 32.70 -33.91
CA PHE W 29 -65.17 33.79 -34.86
C PHE W 29 -63.86 34.45 -35.35
N THR W 30 -62.97 34.70 -34.39
CA THR W 30 -61.76 35.51 -34.54
C THR W 30 -60.55 34.79 -35.14
N GLU W 31 -60.75 33.58 -35.62
CA GLU W 31 -59.66 32.80 -36.18
C GLU W 31 -59.73 32.67 -37.66
N TYR W 32 -60.83 33.10 -38.23
CA TYR W 32 -60.90 32.91 -39.65
C TYR W 32 -61.56 34.12 -40.31
N THR W 33 -61.10 34.39 -41.52
CA THR W 33 -61.61 35.46 -42.34
C THR W 33 -62.95 35.01 -42.90
N ILE W 34 -63.95 35.90 -42.88
CA ILE W 34 -65.26 35.56 -43.45
C ILE W 34 -65.37 36.31 -44.80
N HIS W 35 -66.02 35.72 -45.78
CA HIS W 35 -66.10 36.34 -47.09
C HIS W 35 -67.51 36.35 -47.68
N TRP W 36 -67.71 37.08 -48.76
CA TRP W 36 -69.01 37.11 -49.38
C TRP W 36 -68.87 36.80 -50.86
N MET W 37 -69.80 35.98 -51.35
CA MET W 37 -69.83 35.57 -52.73
C MET W 37 -71.19 35.92 -53.34
N LYS W 38 -71.17 36.44 -54.56
CA LYS W 38 -72.38 36.74 -55.31
C LYS W 38 -72.55 35.78 -56.47
N GLN W 39 -73.74 35.22 -56.60
CA GLN W 39 -74.01 34.34 -57.72
C GLN W 39 -75.17 34.89 -58.55
N SER W 40 -74.87 35.42 -59.74
CA SER W 40 -75.88 35.80 -60.73
C SER W 40 -76.74 34.61 -61.13
N HIS W 41 -78.05 34.66 -60.88
CA HIS W 41 -78.94 33.47 -60.94
C HIS W 41 -78.56 32.39 -61.97
N GLY W 42 -78.07 31.26 -61.43
CA GLY W 42 -77.63 30.10 -62.19
C GLY W 42 -76.62 30.44 -63.28
N LYS W 43 -75.46 30.94 -62.89
CA LYS W 43 -74.48 31.38 -63.87
C LYS W 43 -73.09 31.13 -63.31
N SER W 44 -72.52 32.15 -62.67
CA SER W 44 -71.14 32.12 -62.20
C SER W 44 -70.97 32.78 -60.83
N LEU W 45 -70.02 32.24 -60.08
CA LEU W 45 -69.69 32.77 -58.77
C LEU W 45 -68.65 33.90 -58.86
N GLU W 46 -68.94 35.00 -58.17
CA GLU W 46 -68.08 36.16 -58.08
C GLU W 46 -67.64 36.40 -56.66
N TRP W 47 -66.36 36.70 -56.47
CA TRP W 47 -65.89 37.01 -55.14
C TRP W 47 -66.11 38.50 -54.81
N ILE W 48 -66.74 38.78 -53.67
CA ILE W 48 -66.96 40.17 -53.25
C ILE W 48 -65.84 40.62 -52.34
N GLY W 49 -65.78 40.07 -51.14
CA GLY W 49 -64.73 40.51 -50.24
C GLY W 49 -64.44 39.59 -49.06
N GLY W 50 -63.58 40.05 -48.16
CA GLY W 50 -63.30 39.30 -46.95
C GLY W 50 -63.06 40.23 -45.78
N ILE W 51 -63.32 39.74 -44.58
CA ILE W 51 -63.05 40.53 -43.38
C ILE W 51 -62.57 39.59 -42.26
N PHE W 52 -61.55 40.00 -41.52
CA PHE W 52 -61.07 39.21 -40.41
C PHE W 52 -61.60 39.83 -39.14
N PRO W 53 -62.48 39.12 -38.42
CA PRO W 53 -63.19 39.59 -37.22
C PRO W 53 -62.32 40.19 -36.15
N ASN W 54 -61.37 39.41 -35.68
CA ASN W 54 -60.49 39.80 -34.60
C ASN W 54 -59.93 41.27 -34.63
N ASN W 55 -59.75 41.85 -35.82
CA ASN W 55 -59.29 43.24 -35.88
C ASN W 55 -60.03 44.08 -36.93
N GLY W 56 -60.85 43.42 -37.73
CA GLY W 56 -61.70 44.08 -38.72
C GLY W 56 -60.99 44.55 -39.97
N ASP W 57 -60.04 43.78 -40.45
CA ASP W 57 -59.35 44.17 -41.68
C ASP W 57 -60.15 43.66 -42.87
N THR W 58 -60.30 44.49 -43.89
CA THR W 58 -61.11 44.11 -45.05
C THR W 58 -60.27 43.92 -46.30
N THR W 59 -60.75 43.08 -47.21
CA THR W 59 -60.08 42.83 -48.47
C THR W 59 -61.13 42.74 -49.62
N TYR W 60 -61.19 43.72 -50.53
CA TYR W 60 -62.27 43.78 -51.53
C TYR W 60 -61.85 43.40 -52.95
N ASN W 61 -62.85 43.03 -53.74
CA ASN W 61 -62.68 42.84 -55.17
C ASN W 61 -62.73 44.19 -55.85
N GLN W 62 -62.04 44.34 -56.98
CA GLN W 62 -62.13 45.61 -57.71
C GLN W 62 -63.58 46.03 -57.93
N LYS W 63 -64.36 45.08 -58.47
CA LYS W 63 -65.74 45.26 -58.90
C LYS W 63 -66.68 45.82 -57.82
N PHE W 64 -66.43 45.45 -56.58
CA PHE W 64 -67.40 45.71 -55.52
C PHE W 64 -66.92 46.73 -54.52
N LYS W 65 -65.69 47.20 -54.73
CA LYS W 65 -65.04 48.11 -53.81
C LYS W 65 -65.99 49.19 -53.31
N VAL W 66 -66.74 49.77 -54.26
CA VAL W 66 -67.60 50.90 -54.02
C VAL W 66 -68.91 50.53 -53.31
N ARG W 67 -69.60 49.58 -53.94
CA ARG W 67 -70.96 49.23 -53.58
C ARG W 67 -71.03 48.40 -52.33
N ALA W 68 -69.90 47.85 -51.91
CA ALA W 68 -69.94 46.91 -50.82
C ALA W 68 -69.19 47.40 -49.60
N THR W 69 -69.50 46.79 -48.46
CA THR W 69 -68.94 47.20 -47.19
C THR W 69 -69.06 46.09 -46.14
N LEU W 70 -67.97 45.36 -45.93
CA LEU W 70 -68.01 44.31 -44.93
C LEU W 70 -67.76 44.87 -43.52
N THR W 71 -68.56 44.46 -42.55
CA THR W 71 -68.40 44.91 -41.18
C THR W 71 -68.58 43.73 -40.25
N VAL W 72 -68.11 43.82 -39.01
CA VAL W 72 -68.19 42.67 -38.10
C VAL W 72 -68.54 43.07 -36.67
N GLY W 73 -69.48 42.35 -36.07
CA GLY W 73 -69.84 42.60 -34.68
C GLY W 73 -69.28 41.51 -33.78
N ARG W 74 -68.12 41.77 -33.18
CA ARG W 74 -67.41 40.74 -32.42
C ARG W 74 -68.20 40.11 -31.27
N SER W 75 -68.89 40.94 -30.47
CA SER W 75 -69.71 40.41 -29.36
C SER W 75 -70.82 39.56 -29.94
N SER W 76 -71.29 39.97 -31.13
CA SER W 76 -72.43 39.36 -31.78
C SER W 76 -72.03 38.08 -32.50
N SER W 77 -70.73 37.91 -32.71
CA SER W 77 -70.20 36.79 -33.48
C SER W 77 -70.85 36.80 -34.89
N THR W 78 -70.99 38.01 -35.44
CA THR W 78 -71.74 38.24 -36.66
C THR W 78 -71.00 39.10 -37.69
N ALA W 79 -71.08 38.67 -38.95
CA ALA W 79 -70.50 39.40 -40.07
C ALA W 79 -71.60 40.04 -40.84
N TYR W 80 -71.40 41.26 -41.32
CA TYR W 80 -72.44 41.94 -42.07
C TYR W 80 -71.85 42.34 -43.40
N MET W 81 -72.69 42.47 -44.42
CA MET W 81 -72.37 43.08 -45.70
C MET W 81 -73.42 44.10 -46.01
N ASP W 82 -73.04 45.16 -46.71
CA ASP W 82 -73.98 46.22 -47.04
C ASP W 82 -73.80 46.57 -48.51
N LEU W 83 -74.88 46.51 -49.28
CA LEU W 83 -74.83 46.90 -50.68
C LEU W 83 -75.54 48.22 -50.86
N ARG W 84 -74.84 49.23 -51.37
CA ARG W 84 -75.40 50.56 -51.49
C ARG W 84 -75.72 50.89 -52.97
N SER W 85 -76.86 51.58 -53.15
CA SER W 85 -77.43 52.02 -54.44
C SER W 85 -77.47 50.91 -55.47
N LEU W 86 -78.48 50.05 -55.33
CA LEU W 86 -78.60 48.83 -56.14
C LEU W 86 -79.22 49.00 -57.52
N THR W 87 -79.01 47.99 -58.34
CA THR W 87 -79.60 47.98 -59.65
C THR W 87 -80.09 46.58 -59.95
N SER W 88 -80.58 46.36 -61.17
CA SER W 88 -81.02 45.02 -61.53
C SER W 88 -79.84 44.08 -61.47
N GLU W 89 -78.64 44.63 -61.71
CA GLU W 89 -77.39 43.89 -61.69
C GLU W 89 -77.22 43.10 -60.41
N ASP W 90 -77.51 43.72 -59.28
CA ASP W 90 -77.28 43.12 -57.98
C ASP W 90 -78.35 42.10 -57.58
N SER W 91 -79.38 41.96 -58.40
CA SER W 91 -80.37 40.94 -58.09
C SER W 91 -79.78 39.56 -58.32
N ALA W 92 -79.39 38.93 -57.22
CA ALA W 92 -78.81 37.60 -57.27
C ALA W 92 -78.70 37.08 -55.85
N VAL W 93 -78.00 35.96 -55.66
CA VAL W 93 -77.89 35.40 -54.33
C VAL W 93 -76.55 35.68 -53.67
N TYR W 94 -76.56 35.93 -52.37
CA TYR W 94 -75.32 36.27 -51.70
C TYR W 94 -75.00 35.28 -50.58
N TYR W 95 -73.80 34.69 -50.67
CA TYR W 95 -73.38 33.68 -49.72
C TYR W 95 -72.35 34.21 -48.76
N CYS W 96 -72.65 34.03 -47.48
CA CYS W 96 -71.71 34.29 -46.43
C CYS W 96 -70.87 33.03 -46.17
N VAL W 97 -69.56 33.14 -46.40
CA VAL W 97 -68.70 31.96 -46.45
C VAL W 97 -67.45 32.07 -45.60
N ARG W 98 -67.11 31.04 -44.83
CA ARG W 98 -65.86 31.02 -44.09
C ARG W 98 -64.74 30.40 -44.92
N ASN W 99 -63.71 31.21 -45.16
CA ASN W 99 -62.47 30.81 -45.81
C ASN W 99 -61.48 30.33 -44.75
N TYR W 100 -60.72 29.29 -45.08
CA TYR W 100 -59.87 28.65 -44.06
C TYR W 100 -58.68 29.56 -43.70
N GLY W 101 -57.59 29.51 -44.47
CA GLY W 101 -56.44 30.28 -44.04
C GLY W 101 -55.98 31.39 -44.97
N SER W 103 -54.78 34.61 -47.44
CA SER W 103 -54.77 35.01 -48.83
C SER W 103 -54.79 33.84 -49.76
N TYR W 104 -54.20 32.74 -49.28
CA TYR W 104 -54.12 31.50 -50.04
C TYR W 104 -54.97 30.40 -49.44
N GLY W 105 -56.27 30.63 -49.37
CA GLY W 105 -57.12 29.71 -48.67
C GLY W 105 -58.33 29.28 -49.43
N TYR W 106 -58.89 28.18 -48.92
CA TYR W 106 -60.08 27.62 -49.50
C TYR W 106 -61.30 27.92 -48.60
N PHE W 107 -62.45 28.13 -49.24
CA PHE W 107 -63.73 28.39 -48.58
C PHE W 107 -64.35 27.05 -48.21
N ASP W 108 -64.30 26.66 -46.93
CA ASP W 108 -64.73 25.32 -46.54
C ASP W 108 -66.19 25.24 -46.09
N VAL W 109 -66.65 26.26 -45.36
CA VAL W 109 -68.01 26.24 -44.87
C VAL W 109 -68.81 27.38 -45.52
N TRP W 110 -69.78 26.99 -46.36
CA TRP W 110 -70.63 27.96 -47.07
C TRP W 110 -71.95 28.05 -46.37
N GLY W 111 -72.44 29.28 -46.20
CA GLY W 111 -73.73 29.57 -45.57
C GLY W 111 -74.88 29.24 -46.51
N ALA W 112 -76.11 29.48 -46.07
CA ALA W 112 -77.29 29.14 -46.87
C ALA W 112 -77.40 29.92 -48.19
N GLY W 113 -77.44 31.24 -48.07
CA GLY W 113 -77.59 32.16 -49.19
C GLY W 113 -78.73 33.14 -48.94
N THR W 114 -78.41 34.43 -48.81
CA THR W 114 -79.45 35.48 -48.72
C THR W 114 -79.74 35.93 -50.16
N THR W 115 -80.98 35.78 -50.59
CA THR W 115 -81.29 36.09 -51.97
C THR W 115 -82.02 37.46 -52.07
N VAL W 116 -81.42 38.38 -52.82
CA VAL W 116 -81.89 39.77 -52.95
C VAL W 116 -82.65 40.01 -54.27
N THR W 117 -83.80 40.68 -54.19
CA THR W 117 -84.60 40.94 -55.38
C THR W 117 -84.78 42.44 -55.52
N VAL W 118 -84.29 43.02 -56.61
CA VAL W 118 -84.37 44.47 -56.79
C VAL W 118 -85.43 44.84 -57.79
N SER W 119 -86.58 45.25 -57.28
CA SER W 119 -87.66 45.69 -58.12
C SER W 119 -88.56 46.67 -57.39
N SER W 120 -89.06 47.61 -58.19
CA SER W 120 -89.96 48.66 -57.76
C SER W 120 -91.34 48.12 -57.41
N ALA W 121 -91.59 46.87 -57.80
CA ALA W 121 -92.87 46.17 -57.65
C ALA W 121 -93.33 46.06 -56.21
N LYS W 122 -94.64 45.93 -56.04
CA LYS W 122 -95.23 45.85 -54.71
C LYS W 122 -95.27 44.40 -54.25
N THR W 123 -95.38 44.18 -52.95
CA THR W 123 -95.45 42.84 -52.40
C THR W 123 -96.85 42.27 -52.62
N THR W 124 -96.92 41.08 -53.20
CA THR W 124 -98.23 40.54 -53.55
C THR W 124 -98.45 39.09 -53.07
N PRO W 125 -99.45 38.88 -52.19
CA PRO W 125 -99.79 37.53 -51.71
C PRO W 125 -100.33 36.66 -52.84
N PRO W 126 -100.12 35.34 -52.78
CA PRO W 126 -100.45 34.44 -53.89
C PRO W 126 -101.94 34.10 -53.94
N SER W 127 -102.27 33.07 -54.69
CA SER W 127 -103.63 32.53 -54.70
C SER W 127 -103.47 31.05 -54.94
N VAL W 128 -104.07 30.21 -54.11
CA VAL W 128 -103.82 28.78 -54.23
C VAL W 128 -105.02 28.01 -54.73
N TYR W 129 -104.80 27.19 -55.74
CA TYR W 129 -105.88 26.41 -56.33
C TYR W 129 -105.61 24.89 -56.37
N PRO W 130 -106.49 24.08 -55.76
CA PRO W 130 -106.33 22.62 -55.80
C PRO W 130 -106.50 22.04 -57.18
N LEU W 131 -105.84 20.92 -57.47
CA LEU W 131 -105.91 20.24 -58.79
C LEU W 131 -106.38 18.80 -58.69
N ALA W 132 -107.71 18.61 -58.75
CA ALA W 132 -108.36 17.30 -58.74
C ALA W 132 -108.47 16.85 -60.19
N PRO W 133 -108.21 15.56 -60.46
CA PRO W 133 -108.18 14.97 -61.80
C PRO W 133 -109.53 15.06 -62.52
N GLY W 134 -109.58 14.75 -63.82
CA GLY W 134 -110.84 14.80 -64.56
C GLY W 134 -111.88 13.83 -64.01
N SER W 135 -113.16 14.20 -64.10
CA SER W 135 -114.23 13.40 -63.50
C SER W 135 -114.32 12.00 -64.11
N ALA W 136 -113.85 11.86 -65.34
CA ALA W 136 -113.95 10.59 -66.03
C ALA W 136 -112.64 10.22 -66.70
N ALA W 137 -111.62 10.04 -65.88
CA ALA W 137 -110.30 9.61 -66.32
C ALA W 137 -109.50 9.29 -65.07
N GLN W 138 -108.79 8.17 -65.06
CA GLN W 138 -107.99 7.82 -63.88
C GLN W 138 -106.66 7.20 -64.35
N THR W 139 -105.52 7.76 -63.90
CA THR W 139 -104.16 7.23 -64.15
C THR W 139 -104.05 5.92 -63.30
N ASN W 140 -103.71 4.79 -63.93
CA ASN W 140 -103.95 3.40 -63.43
C ASN W 140 -103.66 3.02 -61.94
N SER W 141 -102.41 2.66 -61.64
CA SER W 141 -102.02 2.22 -60.30
C SER W 141 -101.84 3.42 -59.36
N MET W 142 -101.45 4.57 -59.92
CA MET W 142 -101.17 5.79 -59.15
C MET W 142 -101.88 7.05 -59.63
N VAL W 143 -102.44 7.79 -58.68
CA VAL W 143 -103.18 9.02 -58.97
C VAL W 143 -102.30 10.25 -58.75
N THR W 144 -102.13 11.10 -59.77
CA THR W 144 -101.33 12.32 -59.57
C THR W 144 -102.25 13.48 -59.10
N LEU W 145 -101.88 14.14 -58.01
CA LEU W 145 -102.66 15.27 -57.50
C LEU W 145 -101.81 16.53 -57.53
N GLY W 146 -102.46 17.69 -57.42
CA GLY W 146 -101.74 18.95 -57.57
C GLY W 146 -102.11 20.16 -56.72
N CYS W 147 -101.32 21.21 -56.88
CA CYS W 147 -101.55 22.45 -56.17
C CYS W 147 -100.98 23.55 -57.04
N LEU W 148 -101.73 24.63 -57.20
CA LEU W 148 -101.33 25.71 -58.10
C LEU W 148 -101.16 27.03 -57.36
N VAL W 149 -99.95 27.61 -57.39
CA VAL W 149 -99.73 28.93 -56.79
C VAL W 149 -99.51 30.00 -57.85
N LYS W 150 -100.41 30.99 -57.92
CA LYS W 150 -100.40 31.97 -59.01
C LYS W 150 -100.49 33.41 -58.51
N GLY W 151 -99.73 34.28 -59.16
CA GLY W 151 -99.78 35.72 -58.94
C GLY W 151 -99.26 36.23 -57.60
N TYR W 152 -97.96 36.08 -57.40
CA TYR W 152 -97.32 36.56 -56.18
C TYR W 152 -95.95 37.12 -56.44
N PHE W 153 -95.51 37.98 -55.53
CA PHE W 153 -94.22 38.66 -55.61
C PHE W 153 -93.85 39.16 -54.23
N PRO W 154 -92.58 39.00 -53.83
CA PRO W 154 -91.53 38.38 -54.64
C PRO W 154 -91.28 36.99 -54.18
N GLU W 155 -90.35 36.30 -54.84
CA GLU W 155 -89.92 34.98 -54.43
C GLU W 155 -89.45 35.04 -52.98
N PRO W 156 -89.52 33.91 -52.25
CA PRO W 156 -90.00 32.63 -52.72
C PRO W 156 -91.22 32.14 -52.00
N VAL W 157 -91.65 30.93 -52.32
CA VAL W 157 -92.71 30.27 -51.55
C VAL W 157 -92.37 28.81 -51.29
N THR W 158 -92.93 28.28 -50.21
CA THR W 158 -92.67 26.91 -49.80
C THR W 158 -93.93 26.10 -49.92
N VAL W 159 -93.82 24.95 -50.57
CA VAL W 159 -94.97 24.09 -50.77
C VAL W 159 -94.76 22.74 -50.07
N THR W 160 -95.71 22.38 -49.23
CA THR W 160 -95.63 21.10 -48.53
C THR W 160 -96.90 20.28 -48.69
N TRP W 161 -96.78 18.98 -48.50
CA TRP W 161 -97.94 18.11 -48.60
C TRP W 161 -98.21 17.33 -47.29
N ASN W 162 -99.42 17.55 -46.73
CA ASN W 162 -99.79 17.02 -45.42
C ASN W 162 -98.85 17.55 -44.35
N SER W 163 -98.68 18.87 -44.34
CA SER W 163 -97.83 19.57 -43.38
C SER W 163 -96.37 19.09 -43.41
N GLY W 164 -96.05 18.26 -44.39
CA GLY W 164 -94.70 17.81 -44.62
C GLY W 164 -94.49 16.30 -44.55
N SER W 165 -95.48 15.60 -43.99
CA SER W 165 -95.35 14.16 -43.77
C SER W 165 -95.26 13.35 -45.07
N LEU W 166 -95.80 13.93 -46.15
CA LEU W 166 -95.66 13.32 -47.48
C LEU W 166 -94.52 13.99 -48.23
N SER W 167 -93.51 13.22 -48.59
CA SER W 167 -92.27 13.78 -49.12
C SER W 167 -91.75 12.92 -50.22
N SER W 168 -92.66 12.13 -50.79
CA SER W 168 -92.23 11.04 -51.65
C SER W 168 -92.37 11.39 -53.12
N GLY W 169 -93.58 11.21 -53.63
CA GLY W 169 -93.91 11.47 -55.01
C GLY W 169 -93.99 12.94 -55.39
N VAL W 170 -93.43 13.79 -54.55
CA VAL W 170 -93.64 15.23 -54.67
C VAL W 170 -92.60 15.92 -55.57
N HIS W 171 -93.11 16.76 -56.46
CA HIS W 171 -92.30 17.65 -57.28
C HIS W 171 -92.81 19.05 -57.12
N THR W 172 -91.96 19.97 -56.69
CA THR W 172 -92.35 21.37 -56.74
C THR W 172 -91.53 22.07 -57.84
N PHE W 173 -92.24 22.50 -58.88
CA PHE W 173 -91.61 23.09 -60.05
C PHE W 173 -91.15 24.51 -59.78
N PRO W 174 -90.11 24.96 -60.50
CA PRO W 174 -89.69 26.34 -60.33
C PRO W 174 -90.73 27.38 -60.79
N ALA W 175 -90.79 28.51 -60.10
CA ALA W 175 -91.71 29.58 -60.46
C ALA W 175 -91.38 30.17 -61.85
N VAL W 176 -92.37 30.80 -62.47
CA VAL W 176 -92.16 31.52 -63.71
C VAL W 176 -92.85 32.90 -63.70
N LEU W 177 -92.39 33.80 -64.58
CA LEU W 177 -92.93 35.16 -64.65
C LEU W 177 -94.07 35.32 -65.67
N GLN W 178 -95.23 35.65 -65.15
CA GLN W 178 -96.47 35.80 -65.92
C GLN W 178 -97.12 37.13 -65.54
N SER W 179 -97.16 38.06 -66.48
CA SER W 179 -97.64 39.41 -66.21
C SER W 179 -96.94 39.96 -64.98
N ASP W 180 -95.62 39.86 -64.93
CA ASP W 180 -94.81 40.43 -63.85
C ASP W 180 -95.16 39.87 -62.50
N LEU W 181 -95.71 38.65 -62.44
CA LEU W 181 -95.89 37.95 -61.18
C LEU W 181 -95.39 36.50 -61.28
N TYR W 182 -95.11 35.89 -60.13
CA TYR W 182 -94.61 34.54 -60.17
C TYR W 182 -95.77 33.59 -60.05
N THR W 183 -95.55 32.39 -60.59
CA THR W 183 -96.52 31.31 -60.65
C THR W 183 -95.82 29.96 -60.65
N LEU W 184 -96.22 29.10 -59.73
CA LEU W 184 -95.69 27.75 -59.74
C LEU W 184 -96.71 26.73 -59.31
N SER W 185 -96.34 25.49 -59.54
CA SER W 185 -97.19 24.35 -59.30
C SER W 185 -96.44 23.18 -58.64
N SER W 186 -97.20 22.38 -57.90
CA SER W 186 -96.70 21.20 -57.21
C SER W 186 -97.48 19.92 -57.59
N SER W 187 -96.82 18.76 -57.52
CA SER W 187 -97.47 17.52 -57.92
C SER W 187 -97.22 16.36 -56.96
N VAL W 188 -98.15 16.07 -56.06
CA VAL W 188 -98.00 14.91 -55.17
C VAL W 188 -98.59 13.64 -55.87
N THR W 189 -97.90 12.53 -55.77
CA THR W 189 -98.34 11.28 -56.41
C THR W 189 -98.48 10.16 -55.37
N VAL W 190 -99.73 9.77 -55.11
CA VAL W 190 -100.06 8.71 -54.17
C VAL W 190 -100.72 7.51 -54.88
N PRO W 191 -100.67 6.31 -54.27
CA PRO W 191 -101.34 5.13 -54.83
C PRO W 191 -102.84 5.30 -55.00
N SER W 192 -103.38 4.82 -56.11
CA SER W 192 -104.79 5.04 -56.44
C SER W 192 -105.76 4.71 -55.30
N SER W 193 -105.45 3.69 -54.49
CA SER W 193 -106.34 3.32 -53.38
C SER W 193 -106.41 4.37 -52.27
N THR W 194 -105.29 5.06 -52.00
CA THR W 194 -105.21 6.01 -50.90
C THR W 194 -106.17 7.19 -51.14
N TRP W 195 -106.38 7.62 -52.39
CA TRP W 195 -107.26 8.78 -52.64
C TRP W 195 -108.57 8.38 -53.35
N PRO W 196 -109.69 9.04 -53.01
CA PRO W 196 -109.89 10.18 -52.11
C PRO W 196 -110.02 9.86 -50.62
N SER W 197 -109.71 8.62 -50.22
CA SER W 197 -109.83 8.25 -48.81
C SER W 197 -108.87 9.09 -47.97
N GLU W 198 -107.65 9.30 -48.47
CA GLU W 198 -106.63 9.98 -47.68
C GLU W 198 -106.76 11.51 -47.81
N THR W 199 -106.60 12.17 -46.65
CA THR W 199 -106.61 13.63 -46.57
C THR W 199 -105.34 14.16 -47.24
N VAL W 200 -105.49 14.72 -48.45
CA VAL W 200 -104.37 15.34 -49.14
C VAL W 200 -104.53 16.87 -49.06
N THR W 201 -103.71 17.50 -48.25
CA THR W 201 -103.82 18.94 -48.06
C THR W 201 -102.55 19.60 -48.61
N CYS W 202 -102.72 20.74 -49.27
CA CYS W 202 -101.59 21.49 -49.79
C CYS W 202 -101.24 22.68 -48.89
N ASN W 203 -100.04 22.66 -48.30
CA ASN W 203 -99.65 23.75 -47.40
C ASN W 203 -98.62 24.70 -48.04
N VAL W 204 -99.07 25.92 -48.33
CA VAL W 204 -98.22 26.91 -49.01
C VAL W 204 -97.93 28.10 -48.10
N ALA W 205 -96.69 28.59 -48.15
CA ALA W 205 -96.29 29.71 -47.31
C ALA W 205 -95.53 30.76 -48.11
N HIS W 206 -95.91 32.02 -47.90
CA HIS W 206 -95.27 33.17 -48.53
C HIS W 206 -94.92 34.18 -47.44
N PRO W 207 -93.65 34.21 -47.04
CA PRO W 207 -93.17 35.00 -45.91
C PRO W 207 -93.35 36.47 -46.16
N ALA W 208 -93.00 36.88 -47.39
CA ALA W 208 -92.95 38.27 -47.76
C ALA W 208 -94.26 39.03 -47.52
N SER W 209 -95.36 38.29 -47.43
CA SER W 209 -96.67 38.88 -47.20
C SER W 209 -97.32 38.39 -45.89
N SER W 210 -96.57 37.60 -45.11
CA SER W 210 -97.05 36.95 -43.89
C SER W 210 -98.30 36.13 -44.17
N THR W 211 -98.23 35.30 -45.19
CA THR W 211 -99.37 34.52 -45.65
C THR W 211 -99.07 33.01 -45.52
N LYS W 212 -100.00 32.26 -44.95
CA LYS W 212 -99.88 30.81 -44.90
C LYS W 212 -101.24 30.26 -45.22
N VAL W 213 -101.32 29.45 -46.27
CA VAL W 213 -102.61 28.96 -46.76
C VAL W 213 -102.65 27.43 -46.84
N ASP W 214 -103.82 26.83 -46.58
CA ASP W 214 -103.98 25.39 -46.82
C ASP W 214 -105.16 25.11 -47.78
N LYS W 215 -104.96 24.18 -48.72
CA LYS W 215 -106.00 23.74 -49.69
C LYS W 215 -106.08 22.21 -49.74
N LYS W 216 -107.28 21.69 -49.55
CA LYS W 216 -107.50 20.26 -49.56
C LYS W 216 -108.03 19.82 -50.92
N ILE W 217 -107.42 18.78 -51.49
CA ILE W 217 -107.81 18.28 -52.80
C ILE W 217 -109.12 17.43 -52.71
N VAL W 218 -110.24 18.08 -53.08
CA VAL W 218 -111.57 17.46 -53.15
C VAL W 218 -111.80 16.95 -54.57
N PRO W 219 -112.12 15.64 -54.72
CA PRO W 219 -112.35 14.97 -56.01
C PRO W 219 -113.40 15.69 -56.86
N ARG W 220 -113.41 15.44 -58.16
CA ARG W 220 -114.28 16.21 -59.06
C ARG W 220 -115.78 15.97 -58.85
N ASP W 221 -116.42 16.96 -58.22
CA ASP W 221 -117.85 16.97 -57.89
C ASP W 221 -118.70 16.77 -59.15
N CYS W 222 -118.89 15.52 -59.53
CA CYS W 222 -119.69 15.19 -60.70
C CYS W 222 -120.20 13.75 -60.58
N GLU X 1 -30.72 5.86 17.52
CA GLU X 1 -31.16 7.20 17.89
C GLU X 1 -29.94 8.15 17.96
N VAL X 2 -30.13 9.44 18.23
CA VAL X 2 -28.99 10.35 18.21
C VAL X 2 -28.53 10.80 19.57
N HIS X 3 -28.74 9.99 20.60
CA HIS X 3 -28.55 10.43 21.98
C HIS X 3 -27.15 10.93 22.37
N LEU X 4 -27.15 12.04 23.11
CA LEU X 4 -25.93 12.56 23.71
C LEU X 4 -25.94 12.49 25.23
N GLN X 5 -25.25 11.53 25.83
CA GLN X 5 -25.27 11.41 27.28
C GLN X 5 -24.15 12.17 27.90
N GLN X 6 -24.46 13.16 28.74
CA GLN X 6 -23.33 13.88 29.29
C GLN X 6 -23.17 13.73 30.80
N SER X 7 -22.06 14.27 31.29
CA SER X 7 -21.62 14.22 32.70
C SER X 7 -22.66 14.66 33.71
N GLY X 8 -22.47 14.28 34.98
CA GLY X 8 -23.43 14.66 36.02
C GLY X 8 -23.13 15.98 36.69
N PRO X 9 -24.17 16.67 37.21
CA PRO X 9 -23.96 18.00 37.80
C PRO X 9 -22.80 18.07 38.75
N GLU X 10 -22.07 19.18 38.68
CA GLU X 10 -20.81 19.34 39.41
C GLU X 10 -20.67 20.65 40.18
N LEU X 11 -19.81 20.57 41.20
CA LEU X 11 -19.51 21.66 42.13
C LEU X 11 -18.04 21.95 42.15
N VAL X 12 -17.63 23.20 41.99
CA VAL X 12 -16.20 23.47 42.05
C VAL X 12 -15.87 24.66 42.87
N LYS X 13 -14.84 24.47 43.70
CA LYS X 13 -14.31 25.56 44.49
C LYS X 13 -13.82 26.60 43.54
N PRO X 14 -14.08 27.87 43.84
CA PRO X 14 -13.60 28.96 42.97
C PRO X 14 -12.08 28.93 42.84
N GLY X 15 -11.62 28.94 41.59
CA GLY X 15 -10.22 28.87 41.26
C GLY X 15 -9.81 27.52 40.73
N ALA X 16 -10.63 26.50 40.98
CA ALA X 16 -10.35 25.14 40.53
C ALA X 16 -10.75 24.93 39.08
N SER X 17 -10.89 23.65 38.69
CA SER X 17 -11.19 23.35 37.29
C SER X 17 -12.14 22.16 37.15
N VAL X 18 -12.99 22.20 36.11
CA VAL X 18 -13.91 21.09 35.87
C VAL X 18 -13.68 20.44 34.55
N LYS X 19 -14.13 19.19 34.45
CA LYS X 19 -14.06 18.48 33.19
C LYS X 19 -15.28 17.64 33.00
N MET X 20 -16.28 18.25 32.38
CA MET X 20 -17.51 17.58 32.08
C MET X 20 -17.35 16.86 30.74
N SER X 21 -17.98 15.69 30.64
CA SER X 21 -17.84 14.86 29.45
C SER X 21 -19.18 14.71 28.76
N CYS X 22 -19.13 14.45 27.46
CA CYS X 22 -20.33 14.15 26.67
C CYS X 22 -20.09 12.93 25.80
N LYS X 23 -20.88 11.89 26.04
CA LYS X 23 -20.73 10.62 25.33
C LYS X 23 -21.70 10.50 24.15
N THR X 24 -21.14 10.37 22.95
CA THR X 24 -21.91 10.31 21.71
C THR X 24 -22.40 8.88 21.47
N SER X 25 -23.52 8.74 20.77
CA SER X 25 -24.09 7.43 20.52
C SER X 25 -25.17 7.48 19.45
N GLY X 26 -25.13 6.55 18.52
CA GLY X 26 -26.21 6.43 17.56
C GLY X 26 -25.95 6.93 16.15
N TYR X 27 -24.83 7.59 15.99
CA TYR X 27 -24.42 8.08 14.69
C TYR X 27 -22.91 7.95 14.61
N THR X 28 -22.32 8.37 13.50
CA THR X 28 -20.87 8.29 13.37
C THR X 28 -20.20 9.48 13.94
N PHE X 29 -19.59 9.29 15.10
CA PHE X 29 -18.86 10.34 15.80
C PHE X 29 -18.08 11.32 14.90
N THR X 30 -17.39 10.72 13.92
CA THR X 30 -16.40 11.39 13.07
C THR X 30 -16.95 12.17 11.88
N GLU X 31 -18.27 12.33 11.82
CA GLU X 31 -18.91 13.01 10.71
C GLU X 31 -19.44 14.35 11.09
N TYR X 32 -19.44 14.64 12.38
CA TYR X 32 -20.01 15.92 12.71
C TYR X 32 -19.20 16.56 13.83
N THR X 33 -19.16 17.88 13.77
CA THR X 33 -18.50 18.71 14.74
C THR X 33 -19.38 18.75 15.98
N ILE X 34 -18.77 18.61 17.16
CA ILE X 34 -19.53 18.68 18.41
C ILE X 34 -19.22 20.06 19.04
N HIS X 35 -20.18 20.67 19.71
CA HIS X 35 -19.98 22.00 20.27
C HIS X 35 -20.45 22.12 21.72
N TRP X 36 -20.09 23.22 22.37
CA TRP X 36 -20.52 23.42 23.72
C TRP X 36 -21.19 24.78 23.85
N MET X 37 -22.29 24.79 24.59
CA MET X 37 -23.05 26.00 24.82
C MET X 37 -23.20 26.23 26.33
N LYS X 38 -23.04 27.48 26.74
CA LYS X 38 -23.23 27.89 28.13
C LYS X 38 -24.48 28.73 28.28
N GLN X 39 -25.30 28.39 29.25
CA GLN X 39 -26.49 29.17 29.50
C GLN X 39 -26.47 29.72 30.93
N SER X 40 -26.22 31.03 31.09
CA SER X 40 -26.36 31.72 32.38
C SER X 40 -27.78 31.61 32.91
N HIS X 41 -27.96 30.99 34.09
CA HIS X 41 -29.29 30.56 34.57
C HIS X 41 -30.50 31.41 34.15
N GLY X 42 -31.29 30.84 33.23
CA GLY X 42 -32.49 31.45 32.67
C GLY X 42 -32.23 32.84 32.09
N LYS X 43 -31.39 32.91 31.07
CA LYS X 43 -31.02 34.21 30.52
C LYS X 43 -30.80 34.04 29.02
N SER X 44 -29.54 33.82 28.64
CA SER X 44 -29.13 33.78 27.25
C SER X 44 -28.11 32.69 26.96
N LEU X 45 -28.19 32.16 25.74
CA LEU X 45 -27.27 31.15 25.29
C LEU X 45 -26.00 31.75 24.66
N GLU X 46 -24.86 31.23 25.11
CA GLU X 46 -23.54 31.64 24.62
C GLU X 46 -22.83 30.48 23.95
N TRP X 47 -22.22 30.75 22.81
CA TRP X 47 -21.46 29.71 22.16
C TRP X 47 -20.04 29.63 22.71
N ILE X 48 -19.60 28.42 23.11
CA ILE X 48 -18.24 28.24 23.62
C ILE X 48 -17.31 27.82 22.50
N GLY X 49 -17.50 26.61 22.00
CA GLY X 49 -16.61 26.16 20.94
C GLY X 49 -17.08 24.97 20.14
N GLY X 50 -16.22 24.47 19.26
CA GLY X 50 -16.53 23.27 18.50
C GLY X 50 -15.29 22.44 18.27
N ILE X 51 -15.48 21.15 18.09
CA ILE X 51 -14.36 20.25 17.79
C ILE X 51 -14.83 19.16 16.82
N PHE X 52 -14.02 18.86 15.82
CA PHE X 52 -14.36 17.81 14.88
C PHE X 52 -13.55 16.57 15.25
N PRO X 53 -14.23 15.51 15.70
CA PRO X 53 -13.62 14.27 16.22
C PRO X 53 -12.57 13.64 15.33
N ASN X 54 -12.96 13.33 14.11
CA ASN X 54 -12.11 12.66 13.16
C ASN X 54 -10.62 13.15 13.08
N ASN X 55 -10.35 14.43 13.35
CA ASN X 55 -8.96 14.89 13.35
C ASN X 55 -8.62 15.82 14.51
N GLY X 56 -9.64 16.19 15.29
CA GLY X 56 -9.48 16.99 16.48
C GLY X 56 -9.22 18.46 16.26
N ASP X 57 -9.85 19.04 15.27
CA ASP X 57 -9.66 20.48 15.03
C ASP X 57 -10.63 21.25 15.90
N THR X 58 -10.16 22.32 16.51
CA THR X 58 -11.02 23.09 17.43
C THR X 58 -11.34 24.47 16.89
N THR X 59 -12.48 25.01 17.30
CA THR X 59 -12.91 26.35 16.89
C THR X 59 -13.54 27.08 18.12
N TYR X 60 -12.87 28.11 18.66
CA TYR X 60 -13.34 28.74 19.92
C TYR X 60 -13.99 30.11 19.75
N ASN X 61 -14.76 30.48 20.76
CA ASN X 61 -15.29 31.83 20.89
C ASN X 61 -14.22 32.72 21.47
N GLN X 62 -14.22 34.01 21.14
CA GLN X 62 -13.25 34.91 21.77
C GLN X 62 -13.25 34.77 23.29
N LYS X 63 -14.45 34.86 23.86
CA LYS X 63 -14.72 34.88 25.30
C LYS X 63 -14.11 33.71 26.08
N PHE X 64 -14.06 32.55 25.45
CA PHE X 64 -13.76 31.32 26.18
C PHE X 64 -12.42 30.73 25.79
N LYS X 65 -11.76 31.38 24.83
CA LYS X 65 -10.51 30.90 24.29
C LYS X 65 -9.58 30.37 25.37
N VAL X 66 -9.47 31.14 26.44
CA VAL X 66 -8.54 30.88 27.52
C VAL X 66 -9.00 29.76 28.46
N ARG X 67 -10.21 29.94 28.97
CA ARG X 67 -10.75 29.14 30.05
C ARG X 67 -11.21 27.79 29.58
N ALA X 68 -11.36 27.62 28.28
CA ALA X 68 -11.95 26.40 27.78
C ALA X 68 -10.99 25.58 26.94
N THR X 69 -11.32 24.32 26.79
CA THR X 69 -10.48 23.37 26.10
C THR X 69 -11.26 22.14 25.64
N LEU X 70 -11.63 22.12 24.36
CA LEU X 70 -12.37 20.97 23.86
C LEU X 70 -11.40 19.83 23.47
N THR X 71 -11.71 18.61 23.86
CA THR X 71 -10.87 17.47 23.51
C THR X 71 -11.79 16.31 23.13
N VAL X 72 -11.25 15.31 22.43
CA VAL X 72 -12.10 14.22 21.95
C VAL X 72 -11.43 12.85 22.06
N GLY X 73 -12.15 11.86 22.58
CA GLY X 73 -11.63 10.51 22.67
C GLY X 73 -12.28 9.63 21.62
N ARG X 74 -11.62 9.46 20.48
CA ARG X 74 -12.21 8.76 19.34
C ARG X 74 -12.66 7.33 19.63
N SER X 75 -11.84 6.53 20.31
CA SER X 75 -12.22 5.15 20.67
C SER X 75 -13.42 5.20 21.59
N SER X 76 -13.46 6.25 22.41
CA SER X 76 -14.47 6.40 23.46
C SER X 76 -15.77 6.94 22.88
N SER X 77 -15.69 7.48 21.67
CA SER X 77 -16.82 8.15 21.03
C SER X 77 -17.34 9.26 21.96
N THR X 78 -16.39 9.97 22.57
CA THR X 78 -16.67 10.94 23.62
C THR X 78 -15.97 12.29 23.42
N ALA X 79 -16.72 13.37 23.67
CA ALA X 79 -16.21 14.73 23.60
C ALA X 79 -16.08 15.24 24.99
N TYR X 80 -15.01 15.98 25.27
CA TYR X 80 -14.82 16.51 26.61
C TYR X 80 -14.66 18.01 26.49
N MET X 81 -15.01 18.74 27.55
CA MET X 81 -14.70 20.14 27.72
C MET X 81 -14.07 20.34 29.07
N ASP X 82 -13.18 21.31 29.19
CA ASP X 82 -12.50 21.54 30.44
C ASP X 82 -12.52 23.05 30.72
N LEU X 83 -13.03 23.43 31.89
CA LEU X 83 -13.02 24.83 32.28
C LEU X 83 -12.00 25.03 33.38
N ARG X 84 -11.03 25.92 33.13
CA ARG X 84 -9.95 26.13 34.07
C ARG X 84 -10.11 27.48 34.81
N SER X 85 -9.76 27.45 36.10
CA SER X 85 -9.83 28.56 37.06
C SER X 85 -11.15 29.30 37.02
N LEU X 86 -12.15 28.70 37.66
CA LEU X 86 -13.53 29.19 37.62
C LEU X 86 -13.89 30.33 38.56
N THR X 87 -15.01 30.96 38.26
CA THR X 87 -15.50 32.01 39.11
C THR X 87 -17.00 31.87 39.22
N SER X 88 -17.65 32.80 39.91
CA SER X 88 -19.10 32.75 40.01
C SER X 88 -19.70 32.87 38.62
N GLU X 89 -18.98 33.55 37.74
CA GLU X 89 -19.38 33.77 36.35
C GLU X 89 -19.73 32.46 35.66
N ASP X 90 -18.92 31.44 35.86
CA ASP X 90 -19.09 30.18 35.16
C ASP X 90 -20.17 29.29 35.76
N SER X 91 -20.75 29.72 36.87
CA SER X 91 -21.85 28.94 37.41
C SER X 91 -23.07 29.04 36.51
N ALA X 92 -23.28 28.01 35.71
CA ALA X 92 -24.41 27.98 34.81
C ALA X 92 -24.48 26.59 34.22
N VAL X 93 -25.32 26.39 33.20
CA VAL X 93 -25.48 25.06 32.61
C VAL X 93 -24.73 24.90 31.31
N TYR X 94 -24.15 23.73 31.09
CA TYR X 94 -23.37 23.55 29.87
C TYR X 94 -23.92 22.41 29.02
N TYR X 95 -24.23 22.73 27.77
CA TYR X 95 -24.83 21.76 26.86
C TYR X 95 -23.84 21.28 25.84
N CYS X 96 -23.72 19.96 25.76
CA CYS X 96 -22.98 19.30 24.72
C CYS X 96 -23.91 19.06 23.51
N VAL X 97 -23.58 19.68 22.39
CA VAL X 97 -24.49 19.76 21.26
C VAL X 97 -23.86 19.36 19.93
N ARG X 98 -24.56 18.54 19.14
CA ARG X 98 -24.10 18.21 17.80
C ARG X 98 -24.63 19.20 16.77
N ASN X 99 -23.72 19.89 16.11
CA ASN X 99 -23.99 20.79 14.99
C ASN X 99 -23.92 20.00 13.70
N TYR X 100 -24.82 20.32 12.75
CA TYR X 100 -24.95 19.51 11.55
C TYR X 100 -23.74 19.71 10.62
N GLY X 101 -23.74 20.72 9.77
CA GLY X 101 -22.64 20.81 8.84
C GLY X 101 -21.74 22.04 8.94
N SER X 102 -20.52 21.90 9.43
CA SER X 102 -19.55 23.01 9.26
C SER X 102 -19.89 24.37 9.84
N SER X 103 -19.13 25.33 9.35
CA SER X 103 -19.13 26.72 9.78
C SER X 103 -20.47 27.36 9.66
N TYR X 104 -21.24 26.87 8.69
CA TYR X 104 -22.59 27.36 8.44
C TYR X 104 -23.64 26.32 8.77
N GLY X 105 -23.71 25.93 10.03
CA GLY X 105 -24.57 24.83 10.38
C GLY X 105 -25.46 25.09 11.55
N TYR X 106 -26.47 24.24 11.63
CA TYR X 106 -27.43 24.31 12.71
C TYR X 106 -27.18 23.17 13.71
N PHE X 107 -27.41 23.47 15.00
CA PHE X 107 -27.28 22.53 16.10
C PHE X 107 -28.58 21.73 16.20
N ASP X 108 -28.58 20.48 15.74
CA ASP X 108 -29.84 19.73 15.65
C ASP X 108 -30.12 18.86 16.89
N VAL X 109 -29.08 18.22 17.43
CA VAL X 109 -29.26 17.37 18.59
C VAL X 109 -28.56 17.96 19.81
N TRP X 110 -29.35 18.38 20.80
CA TRP X 110 -28.84 18.98 22.02
C TRP X 110 -28.87 17.95 23.13
N GLY X 111 -27.78 17.89 23.89
CA GLY X 111 -27.64 16.98 25.02
C GLY X 111 -28.46 17.44 26.21
N ALA X 112 -28.38 16.71 27.33
CA ALA X 112 -29.19 17.05 28.50
C ALA X 112 -28.84 18.39 29.13
N GLY X 113 -27.58 18.54 29.54
CA GLY X 113 -27.06 19.72 30.20
C GLY X 113 -26.32 19.35 31.49
N THR X 114 -25.01 19.57 31.54
CA THR X 114 -24.24 19.38 32.78
C THR X 114 -24.27 20.73 33.52
N THR X 115 -24.81 20.73 34.73
CA THR X 115 -24.96 21.99 35.43
C THR X 115 -23.86 22.13 36.53
N VAL X 116 -23.07 23.19 36.42
CA VAL X 116 -21.91 23.45 37.28
C VAL X 116 -22.21 24.50 38.36
N THR X 117 -21.83 24.22 39.61
CA THR X 117 -22.08 25.15 40.71
C THR X 117 -20.75 25.52 41.34
N VAL X 118 -20.39 26.79 41.30
CA VAL X 118 -19.11 27.22 41.86
C VAL X 118 -19.27 27.92 43.17
N SER X 119 -19.01 27.17 44.23
CA SER X 119 -19.06 27.73 45.57
C SER X 119 -18.14 26.97 46.52
N SER X 120 -17.60 27.75 47.44
CA SER X 120 -16.71 27.29 48.48
C SER X 120 -17.43 26.45 49.52
N ALA X 121 -18.77 26.50 49.48
CA ALA X 121 -19.66 25.84 50.44
C ALA X 121 -19.49 24.34 50.49
N LYS X 122 -19.85 23.76 51.63
CA LYS X 122 -19.71 22.33 51.85
C LYS X 122 -20.95 21.60 51.34
N THR X 123 -20.83 20.31 51.09
CA THR X 123 -21.95 19.51 50.63
C THR X 123 -22.87 19.20 51.81
N THR X 124 -24.15 19.48 51.67
CA THR X 124 -25.05 19.31 52.81
C THR X 124 -26.32 18.50 52.47
N PRO X 125 -26.52 17.35 53.14
CA PRO X 125 -27.73 16.54 52.95
C PRO X 125 -28.96 17.27 53.46
N PRO X 126 -30.14 17.01 52.87
CA PRO X 126 -31.36 17.77 53.18
C PRO X 126 -32.02 17.31 54.45
N SER X 127 -33.27 17.70 54.64
CA SER X 127 -34.08 17.22 55.75
C SER X 127 -35.50 17.19 55.22
N VAL X 128 -36.19 16.07 55.35
CA VAL X 128 -37.52 15.97 54.73
C VAL X 128 -38.63 15.93 55.73
N TYR X 129 -39.63 16.78 55.52
CA TYR X 129 -40.76 16.86 56.44
C TYR X 129 -42.13 16.69 55.76
N PRO X 130 -42.92 15.69 56.20
CA PRO X 130 -44.26 15.48 55.62
C PRO X 130 -45.23 16.61 55.94
N LEU X 131 -46.20 16.86 55.07
CA LEU X 131 -47.20 17.94 55.25
C LEU X 131 -48.64 17.43 55.24
N ALA X 132 -49.12 17.06 56.43
CA ALA X 132 -50.50 16.60 56.65
C ALA X 132 -51.33 17.82 56.95
N PRO X 133 -52.56 17.89 56.41
CA PRO X 133 -53.46 19.05 56.52
C PRO X 133 -53.88 19.34 57.96
N GLY X 134 -54.53 20.47 58.22
CA GLY X 134 -54.96 20.80 59.58
C GLY X 134 -55.96 19.79 60.13
N SER X 135 -55.92 19.56 61.45
CA SER X 135 -56.76 18.53 62.07
C SER X 135 -58.25 18.79 61.90
N ALA X 136 -58.60 20.05 61.70
CA ALA X 136 -60.01 20.42 61.58
C ALA X 136 -60.23 21.37 60.41
N ALA X 137 -59.95 20.87 59.21
CA ALA X 137 -60.18 21.59 57.98
C ALA X 137 -59.95 20.59 56.85
N GLN X 138 -60.84 20.58 55.86
CA GLN X 138 -60.67 19.64 54.75
C GLN X 138 -61.08 20.35 53.44
N THR X 139 -60.17 20.38 52.44
CA THR X 139 -60.43 20.91 51.08
C THR X 139 -61.40 19.89 50.39
N ASN X 140 -62.56 20.37 49.90
CA ASN X 140 -63.77 19.55 49.61
C ASN X 140 -63.66 18.16 48.88
N SER X 141 -63.63 18.20 47.54
CA SER X 141 -63.60 16.97 46.73
C SER X 141 -62.18 16.38 46.69
N MET X 142 -61.17 17.25 46.81
CA MET X 142 -59.76 16.84 46.71
C MET X 142 -58.87 17.33 47.85
N VAL X 143 -58.05 16.42 48.37
CA VAL X 143 -57.14 16.71 49.48
C VAL X 143 -55.73 17.01 48.97
N THR X 144 -55.16 18.18 49.30
CA THR X 144 -53.79 18.47 48.88
C THR X 144 -52.79 17.99 49.95
N LEU X 145 -51.80 17.21 49.54
CA LEU X 145 -50.77 16.72 50.47
C LEU X 145 -49.41 17.25 50.07
N GLY X 146 -48.44 17.18 50.97
CA GLY X 146 -47.14 17.78 50.71
C GLY X 146 -45.87 17.12 51.21
N CYS X 147 -44.74 17.70 50.82
CA CYS X 147 -43.45 17.23 51.23
C CYS X 147 -42.51 18.41 51.22
N LEU X 148 -41.72 18.57 52.28
CA LEU X 148 -40.85 19.73 52.42
C LEU X 148 -39.38 19.35 52.48
N VAL X 149 -38.57 19.85 51.54
CA VAL X 149 -37.13 19.62 51.58
C VAL X 149 -36.36 20.88 51.92
N LYS X 150 -35.66 20.88 53.06
CA LYS X 150 -35.02 22.09 53.59
C LYS X 150 -33.57 21.88 53.98
N GLY X 151 -32.75 22.88 53.68
CA GLY X 151 -31.36 22.94 54.09
C GLY X 151 -30.41 21.94 53.46
N TYR X 152 -30.19 22.11 52.16
CA TYR X 152 -29.28 21.25 51.42
C TYR X 152 -28.51 22.02 50.36
N PHE X 153 -27.36 21.46 49.99
CA PHE X 153 -26.45 22.06 49.02
C PHE X 153 -25.52 20.97 48.50
N PRO X 154 -25.28 20.95 47.18
CA PRO X 154 -25.84 21.89 46.22
C PRO X 154 -26.98 21.27 45.47
N GLU X 155 -27.57 22.03 44.56
CA GLU X 155 -28.61 21.51 43.69
C GLU X 155 -28.07 20.30 42.93
N PRO X 156 -28.94 19.38 42.49
CA PRO X 156 -30.38 19.42 42.68
C PRO X 156 -30.91 18.29 43.50
N VAL X 157 -32.24 18.22 43.62
CA VAL X 157 -32.88 17.07 44.23
C VAL X 157 -34.09 16.63 43.43
N THR X 158 -34.44 15.36 43.54
CA THR X 158 -35.54 14.78 42.80
C THR X 158 -36.62 14.35 43.77
N VAL X 159 -37.85 14.77 43.49
CA VAL X 159 -38.97 14.46 44.35
C VAL X 159 -39.99 13.60 43.60
N THR X 160 -40.33 12.45 44.17
CA THR X 160 -41.31 11.57 43.56
C THR X 160 -42.41 11.18 44.54
N TRP X 161 -43.56 10.78 44.00
CA TRP X 161 -44.65 10.37 44.84
C TRP X 161 -45.09 8.91 44.57
N ASN X 162 -45.01 8.08 45.61
CA ASN X 162 -45.22 6.63 45.52
C ASN X 162 -44.25 6.01 44.54
N SER X 163 -42.96 6.31 44.76
CA SER X 163 -41.86 5.80 43.95
C SER X 163 -41.99 6.17 42.47
N GLY X 164 -42.96 7.02 42.15
CA GLY X 164 -43.14 7.55 40.82
C GLY X 164 -44.48 7.24 40.18
N SER X 165 -45.22 6.30 40.76
CA SER X 165 -46.47 5.85 40.17
C SER X 165 -47.55 6.93 40.16
N LEU X 166 -47.43 7.89 41.07
CA LEU X 166 -48.32 9.06 41.07
C LEU X 166 -47.64 10.24 40.39
N SER X 167 -48.23 10.71 39.31
CA SER X 167 -47.56 11.69 38.46
C SER X 167 -48.56 12.70 37.98
N SER X 168 -49.65 12.81 38.72
CA SER X 168 -50.79 13.52 38.21
C SER X 168 -50.90 14.92 38.78
N GLY X 169 -51.48 15.01 39.97
CA GLY X 169 -51.69 16.25 40.68
C GLY X 169 -50.43 16.87 41.27
N VAL X 170 -49.28 16.41 40.80
CA VAL X 170 -48.01 16.75 41.44
C VAL X 170 -47.37 18.04 40.90
N HIS X 171 -46.94 18.88 41.81
CA HIS X 171 -46.15 20.06 41.51
C HIS X 171 -44.91 20.03 42.35
N THR X 172 -43.74 20.07 41.73
CA THR X 172 -42.53 20.27 42.51
C THR X 172 -41.97 21.68 42.21
N PHE X 173 -42.02 22.52 43.24
CA PHE X 173 -41.65 23.92 43.09
C PHE X 173 -40.13 24.09 43.02
N PRO X 174 -39.67 25.15 42.36
CA PRO X 174 -38.24 25.39 42.33
C PRO X 174 -37.62 25.71 43.70
N ALA X 175 -36.39 25.27 43.94
CA ALA X 175 -35.69 25.55 45.18
C ALA X 175 -35.44 27.06 45.37
N VAL X 176 -35.24 27.47 46.62
CA VAL X 176 -34.85 28.84 46.92
C VAL X 176 -33.71 28.89 47.96
N LEU X 177 -33.00 30.03 48.00
CA LEU X 177 -31.86 30.20 48.92
C LEU X 177 -32.26 30.85 50.26
N GLN X 178 -32.07 30.08 51.32
CA GLN X 178 -32.42 30.46 52.68
C GLN X 178 -31.21 30.18 53.58
N SER X 179 -30.60 31.22 54.11
CA SER X 179 -29.37 31.09 54.88
C SER X 179 -28.36 30.26 54.12
N ASP X 180 -28.15 30.59 52.84
CA ASP X 180 -27.14 29.94 52.02
C ASP X 180 -27.39 28.45 51.84
N LEU X 181 -28.63 28.00 51.99
CA LEU X 181 -28.99 26.63 51.65
C LEU X 181 -30.27 26.58 50.80
N TYR X 182 -30.47 25.47 50.10
CA TYR X 182 -31.64 25.39 49.25
C TYR X 182 -32.76 24.74 50.02
N THR X 183 -33.96 25.08 49.59
CA THR X 183 -35.21 24.65 50.18
C THR X 183 -36.32 24.58 49.14
N LEU X 184 -36.97 23.44 49.05
CA LEU X 184 -38.10 23.34 48.17
C LEU X 184 -39.18 22.43 48.72
N SER X 185 -40.32 22.51 48.07
CA SER X 185 -41.52 21.82 48.46
C SER X 185 -42.27 21.19 47.28
N SER X 186 -42.99 20.12 47.58
CA SER X 186 -43.80 19.38 46.61
C SER X 186 -45.27 19.26 47.04
N SER X 187 -46.19 19.16 46.08
CA SER X 187 -47.60 19.10 46.42
C SER X 187 -48.38 18.04 45.61
N VAL X 188 -48.62 16.88 46.20
CA VAL X 188 -49.43 15.86 45.51
C VAL X 188 -50.93 16.09 45.85
N THR X 189 -51.80 15.99 44.85
CA THR X 189 -53.23 16.21 45.05
C THR X 189 -54.03 14.98 44.61
N VAL X 190 -54.62 14.29 45.59
CA VAL X 190 -55.43 13.09 45.37
C VAL X 190 -56.89 13.33 45.80
N PRO X 191 -57.84 12.54 45.27
CA PRO X 191 -59.25 12.62 45.68
C PRO X 191 -59.48 12.37 47.16
N SER X 192 -60.34 13.16 47.78
CA SER X 192 -60.55 13.10 49.22
C SER X 192 -60.77 11.67 49.76
N SER X 193 -61.44 10.81 49.00
CA SER X 193 -61.69 9.43 49.46
C SER X 193 -60.42 8.57 49.56
N THR X 194 -59.46 8.80 48.66
CA THR X 194 -58.24 7.98 48.62
C THR X 194 -57.42 8.15 49.89
N TRP X 195 -57.40 9.34 50.51
CA TRP X 195 -56.59 9.54 51.72
C TRP X 195 -57.44 9.74 52.99
N PRO X 196 -56.99 9.22 54.14
CA PRO X 196 -55.73 8.54 54.45
C PRO X 196 -55.66 7.05 54.12
N SER X 197 -56.63 6.53 53.39
CA SER X 197 -56.64 5.10 53.06
C SER X 197 -55.41 4.76 52.21
N GLU X 198 -55.06 5.64 51.27
CA GLU X 198 -53.99 5.33 50.33
C GLU X 198 -52.62 5.71 50.92
N THR X 199 -51.66 4.81 50.69
CA THR X 199 -50.26 5.02 51.12
C THR X 199 -49.66 6.13 50.25
N VAL X 200 -49.49 7.31 50.82
CA VAL X 200 -48.85 8.42 50.13
C VAL X 200 -47.44 8.60 50.71
N THR X 201 -46.43 8.20 49.95
CA THR X 201 -45.05 8.28 50.41
C THR X 201 -44.30 9.30 49.56
N CYS X 202 -43.45 10.08 50.20
CA CYS X 202 -42.64 11.06 49.50
C CYS X 202 -41.20 10.55 49.30
N ASN X 203 -40.78 10.37 48.06
CA ASN X 203 -39.44 9.84 47.79
C ASN X 203 -38.49 10.92 47.27
N VAL X 204 -37.53 11.31 48.11
CA VAL X 204 -36.59 12.40 47.78
C VAL X 204 -35.17 11.86 47.63
N ALA X 205 -34.44 12.37 46.64
CA ALA X 205 -33.07 11.93 46.40
C ALA X 205 -32.14 13.11 46.19
N HIS X 206 -30.98 13.05 46.86
CA HIS X 206 -29.92 14.05 46.74
C HIS X 206 -28.60 13.34 46.46
N PRO X 207 -28.19 13.34 45.20
CA PRO X 207 -27.04 12.59 44.71
C PRO X 207 -25.77 13.06 45.37
N ALA X 208 -25.64 14.38 45.46
CA ALA X 208 -24.42 15.02 45.89
C ALA X 208 -23.94 14.55 47.28
N SER X 209 -24.86 14.00 48.06
CA SER X 209 -24.54 13.51 49.40
C SER X 209 -24.79 12.00 49.55
N THR X 211 -27.71 10.47 49.33
CA THR X 211 -28.83 10.41 50.26
C THR X 211 -30.13 10.07 49.51
N LYS X 212 -30.89 9.12 50.03
CA LYS X 212 -32.20 8.83 49.48
C LYS X 212 -33.11 8.62 50.67
N VAL X 213 -34.18 9.41 50.74
CA VAL X 213 -35.06 9.39 51.92
C VAL X 213 -36.52 9.15 51.52
N ASP X 214 -37.28 8.44 52.37
CA ASP X 214 -38.72 8.34 52.16
C ASP X 214 -39.51 8.83 53.40
N LYS X 215 -40.59 9.59 53.16
CA LYS X 215 -41.50 10.09 54.22
C LYS X 215 -42.96 9.83 53.87
N LYS X 216 -43.67 9.19 54.79
CA LYS X 216 -45.07 8.84 54.57
C LYS X 216 -45.96 9.87 55.25
N ILE X 217 -46.95 10.38 54.51
CA ILE X 217 -47.87 11.39 55.04
C ILE X 217 -48.92 10.75 55.98
N VAL X 218 -48.67 10.89 57.30
CA VAL X 218 -49.57 10.44 58.38
C VAL X 218 -50.49 11.60 58.75
N PRO X 219 -51.81 11.39 58.71
CA PRO X 219 -52.84 12.39 59.04
C PRO X 219 -52.64 13.02 60.42
N ARG X 220 -53.21 14.19 60.66
CA ARG X 220 -52.94 14.91 61.90
C ARG X 220 -53.45 14.23 63.18
N ASP X 221 -52.50 13.64 63.91
CA ASP X 221 -52.73 12.91 65.16
C ASP X 221 -53.44 13.80 66.18
N CYS X 222 -54.76 13.85 66.07
CA CYS X 222 -55.56 14.64 67.00
C CYS X 222 -56.98 14.09 67.02
#